data_6QXL
#
_entry.id   6QXL
#
_cell.length_a   182.477
_cell.length_b   182.477
_cell.length_c   405.044
_cell.angle_alpha   90.000
_cell.angle_beta   90.000
_cell.angle_gamma   120.000
#
_symmetry.space_group_name_H-M   'P 31 2 1'
#
loop_
_entity.id
_entity.type
_entity.pdbx_description
1 polymer 'Pyruvate kinase'
2 non-polymer 6-O-phosphono-alpha-D-glucopyranose
3 non-polymer 'MAGNESIUM ION'
4 non-polymer 'MALONATE ION'
5 non-polymer GLYCEROL
6 water water
#
_entity_poly.entity_id   1
_entity_poly.type   'polypeptide(L)'
_entity_poly.pdbx_seq_one_letter_code
;MSVRRTKIVATLGPASNSPEVLEQLILAGIDVARLNFSHGTPDEHRARARLVRELAAKHGRFVALLGDLQGPKIRIAKFA
NKRIELQVGDKFRFSTSHARDAGTQEVVGIDYPDLVKDCGVGDELLLDDGRVVMVVEEVAADELRCRVLIGGPLSDHKGI
NRRGGGLTAPALTDKDKADIKLAADMDLDYVAVSFPRDAKDMEYARRLLTEAGGKAWLVAKIERAEAVADDDALDGLIRA
SDAVMVARGDLGVEIGDAELVGIQKKIILHARRNNKVVITATQMMESMIHSPMPTRAEVSDVANAVLDYTDAVMLSAESA
AGEYPVEAVKAMARVCQGAEKHPTSQKSSHRLGQTFDRCDESIALASMYTANHFPGIKAIICLTESGFTPLIMSRIRSSV
PIYAYSPHRETQARVAMFRGVETIPFDPAALPAEKVSQAAVDELLKRGVVTKGDWVILTKGDSYTAQGGTNTMKVLHVGD
LLV
;
_entity_poly.pdbx_strand_id   A,B,C,D,E,F,G,H,I,J,K,L
#
loop_
_chem_comp.id
_chem_comp.type
_chem_comp.name
_chem_comp.formula
G6P D-saccharide, alpha linking 6-O-phosphono-alpha-D-glucopyranose 'C6 H13 O9 P'
GOL non-polymer GLYCEROL 'C3 H8 O3'
MG non-polymer 'MAGNESIUM ION' 'Mg 2'
MLI non-polymer 'MALONATE ION' 'C3 H2 O4 -2'
#
# COMPACT_ATOMS: atom_id res chain seq x y z
N MET A 1 -45.43 39.87 48.61
CA MET A 1 -45.45 38.45 49.06
C MET A 1 -46.29 37.55 48.14
N SER A 2 -45.99 36.26 48.11
CA SER A 2 -46.75 35.30 47.31
C SER A 2 -47.95 34.76 48.08
N VAL A 3 -48.87 34.17 47.35
CA VAL A 3 -49.99 33.51 47.97
C VAL A 3 -49.52 32.42 48.90
N ARG A 4 -50.06 32.43 50.12
CA ARG A 4 -49.70 31.44 51.13
C ARG A 4 -50.00 30.03 50.61
N ARG A 5 -49.10 29.10 50.88
CA ARG A 5 -49.23 27.72 50.48
C ARG A 5 -49.65 26.79 51.58
N THR A 6 -49.18 27.05 52.81
CA THR A 6 -49.53 26.19 53.93
C THR A 6 -50.96 26.47 54.34
N LYS A 7 -51.71 25.42 54.64
CA LYS A 7 -53.14 25.57 54.88
C LYS A 7 -53.44 25.67 56.36
N ILE A 8 -54.54 26.33 56.69
CA ILE A 8 -54.93 26.62 58.08
C ILE A 8 -56.22 25.91 58.43
N VAL A 9 -56.17 25.07 59.46
CA VAL A 9 -57.35 24.43 60.01
C VAL A 9 -57.76 25.17 61.27
N ALA A 10 -59.02 25.63 61.31
CA ALA A 10 -59.55 26.40 62.45
C ALA A 10 -60.68 25.63 63.07
N THR A 11 -60.56 25.32 64.36
CA THR A 11 -61.63 24.67 65.08
C THR A 11 -62.71 25.68 65.43
N LEU A 12 -63.96 25.29 65.24
CA LEU A 12 -65.10 26.15 65.60
C LEU A 12 -65.61 25.85 66.99
N GLY A 13 -66.22 26.87 67.59
CA GLY A 13 -66.79 26.77 68.93
C GLY A 13 -67.52 28.04 69.33
N PRO A 14 -67.82 28.18 70.63
CA PRO A 14 -68.55 29.36 71.13
C PRO A 14 -68.04 30.71 70.63
N ALA A 15 -66.74 30.87 70.51
CA ALA A 15 -66.16 32.14 70.06
C ALA A 15 -66.28 32.34 68.54
N SER A 16 -66.63 31.29 67.81
CA SER A 16 -66.68 31.34 66.35
C SER A 16 -67.96 30.67 65.85
N ASN A 17 -69.06 31.06 66.46
CA ASN A 17 -70.36 30.43 66.17
C ASN A 17 -71.29 31.37 65.42
N SER A 18 -71.10 32.68 65.54
CA SER A 18 -71.95 33.64 64.88
C SER A 18 -71.57 33.82 63.40
N PRO A 19 -72.54 34.25 62.58
CA PRO A 19 -72.22 34.56 61.20
C PRO A 19 -71.19 35.67 61.03
N GLU A 20 -71.16 36.65 61.94
CA GLU A 20 -70.20 37.74 61.79
C GLU A 20 -68.75 37.26 61.94
N VAL A 21 -68.51 36.36 62.89
CA VAL A 21 -67.16 35.90 63.15
C VAL A 21 -66.74 34.90 62.07
N LEU A 22 -67.63 33.98 61.72
CA LEU A 22 -67.34 33.03 60.65
C LEU A 22 -67.01 33.75 59.34
N GLU A 23 -67.78 34.78 59.00
CA GLU A 23 -67.44 35.54 57.82
C GLU A 23 -66.02 36.11 57.91
N GLN A 24 -65.66 36.65 59.08
CA GLN A 24 -64.33 37.20 59.28
C GLN A 24 -63.20 36.16 59.21
N LEU A 25 -63.48 34.95 59.70
CA LEU A 25 -62.53 33.85 59.60
C LEU A 25 -62.32 33.41 58.15
N ILE A 26 -63.40 33.33 57.40
CA ILE A 26 -63.35 33.02 55.98
C ILE A 26 -62.48 34.05 55.26
N LEU A 27 -62.73 35.32 55.54
CA LEU A 27 -61.96 36.39 54.90
C LEU A 27 -60.52 36.42 55.36
N ALA A 28 -60.25 35.98 56.59
CA ALA A 28 -58.89 35.96 57.10
C ALA A 28 -58.07 34.82 56.49
N GLY A 29 -58.74 33.85 55.90
CA GLY A 29 -58.09 32.84 55.10
C GLY A 29 -58.19 31.41 55.57
N ILE A 30 -59.12 31.04 56.43
CA ILE A 30 -59.16 29.64 56.84
C ILE A 30 -59.39 28.74 55.63
N ASP A 31 -58.73 27.60 55.61
CA ASP A 31 -58.90 26.64 54.53
C ASP A 31 -59.73 25.42 54.97
N VAL A 32 -59.80 25.15 56.27
CA VAL A 32 -60.57 24.00 56.79
C VAL A 32 -61.17 24.39 58.13
N ALA A 33 -62.46 24.07 58.31
CA ALA A 33 -63.13 24.26 59.57
C ALA A 33 -63.27 22.90 60.23
N ARG A 34 -62.82 22.81 61.47
CA ARG A 34 -62.88 21.55 62.22
C ARG A 34 -64.07 21.62 63.18
N LEU A 35 -64.88 20.58 63.17
CA LEU A 35 -66.03 20.47 64.02
C LEU A 35 -65.70 19.37 65.00
N ASN A 36 -65.48 19.75 66.27
CA ASN A 36 -65.06 18.79 67.28
C ASN A 36 -66.29 18.16 67.89
N PHE A 37 -66.52 16.89 67.60
CA PHE A 37 -67.71 16.22 68.12
C PHE A 37 -67.67 15.96 69.61
N SER A 38 -66.53 16.12 70.27
CA SER A 38 -66.48 16.01 71.73
C SER A 38 -67.45 16.99 72.43
N HIS A 39 -67.73 18.14 71.81
CA HIS A 39 -68.63 19.11 72.37
C HIS A 39 -69.68 19.52 71.34
N GLY A 40 -70.74 20.14 71.81
CA GLY A 40 -71.82 20.62 70.98
C GLY A 40 -72.85 19.56 70.61
N THR A 41 -74.01 20.03 70.18
CA THR A 41 -75.11 19.19 69.76
C THR A 41 -75.06 19.02 68.23
N PRO A 42 -75.63 17.91 67.74
CA PRO A 42 -75.75 17.74 66.29
C PRO A 42 -76.24 18.97 65.52
N ASP A 43 -77.22 19.69 66.05
CA ASP A 43 -77.75 20.85 65.33
C ASP A 43 -76.84 22.03 65.36
N GLU A 44 -76.07 22.18 66.43
CA GLU A 44 -75.03 23.22 66.50
C GLU A 44 -74.00 23.01 65.38
N HIS A 45 -73.62 21.75 65.16
CA HIS A 45 -72.66 21.44 64.10
C HIS A 45 -73.29 21.70 62.74
N ARG A 46 -74.51 21.20 62.52
CA ARG A 46 -75.20 21.42 61.24
C ARG A 46 -75.30 22.90 60.89
N ALA A 47 -75.62 23.72 61.89
CA ALA A 47 -75.79 25.14 61.65
C ALA A 47 -74.47 25.78 61.22
N ARG A 48 -73.40 25.44 61.93
CA ARG A 48 -72.07 25.93 61.59
C ARG A 48 -71.62 25.43 60.20
N ALA A 49 -71.84 24.14 59.94
CA ALA A 49 -71.46 23.56 58.65
C ALA A 49 -72.12 24.29 57.48
N ARG A 50 -73.42 24.55 57.62
CA ARG A 50 -74.17 25.25 56.57
C ARG A 50 -73.63 26.68 56.40
N LEU A 51 -73.31 27.31 57.51
CA LEU A 51 -72.91 28.71 57.50
C LEU A 51 -71.53 28.89 56.87
N VAL A 52 -70.61 27.98 57.14
CA VAL A 52 -69.26 28.09 56.59
C VAL A 52 -69.33 27.88 55.09
N ARG A 53 -70.08 26.89 54.65
CA ARG A 53 -70.20 26.63 53.22
C ARG A 53 -70.85 27.78 52.47
N GLU A 54 -71.86 28.39 53.08
CA GLU A 54 -72.54 29.55 52.50
C GLU A 54 -71.59 30.73 52.39
N LEU A 55 -70.91 31.03 53.48
CA LEU A 55 -70.01 32.18 53.53
C LEU A 55 -68.77 31.99 52.66
N ALA A 56 -68.27 30.75 52.58
CA ALA A 56 -67.17 30.46 51.67
C ALA A 56 -67.58 30.76 50.22
N ALA A 57 -68.71 30.18 49.80
CA ALA A 57 -69.24 30.43 48.45
C ALA A 57 -69.47 31.93 48.21
N LYS A 58 -69.98 32.63 49.20
CA LYS A 58 -70.18 34.07 49.08
C LYS A 58 -68.90 34.80 48.70
N HIS A 59 -67.75 34.32 49.16
CA HIS A 59 -66.46 34.98 48.88
C HIS A 59 -65.55 34.19 47.97
N GLY A 60 -66.10 33.24 47.21
CA GLY A 60 -65.31 32.52 46.21
C GLY A 60 -64.14 31.74 46.79
N ARG A 61 -64.38 31.11 47.94
CA ARG A 61 -63.39 30.35 48.64
C ARG A 61 -63.88 28.92 48.79
N PHE A 62 -62.92 28.03 48.97
CA PHE A 62 -63.20 26.61 49.07
C PHE A 62 -62.66 26.14 50.40
N VAL A 63 -63.57 25.98 51.35
CA VAL A 63 -63.23 25.58 52.70
C VAL A 63 -63.77 24.17 52.95
N ALA A 64 -62.88 23.25 53.31
CA ALA A 64 -63.29 21.91 53.66
C ALA A 64 -63.87 21.89 55.08
N LEU A 65 -64.62 20.85 55.36
CA LEU A 65 -65.14 20.58 56.67
C LEU A 65 -64.59 19.29 57.18
N LEU A 66 -64.00 19.35 58.37
CA LEU A 66 -63.40 18.21 59.01
C LEU A 66 -64.19 17.95 60.28
N GLY A 67 -64.59 16.69 60.46
CA GLY A 67 -65.32 16.26 61.63
C GLY A 67 -64.43 15.39 62.48
N ASP A 68 -64.27 15.77 63.74
CA ASP A 68 -63.31 15.12 64.63
C ASP A 68 -64.06 14.25 65.63
N LEU A 69 -63.90 12.95 65.51
CA LEU A 69 -64.52 11.99 66.42
C LEU A 69 -63.89 12.06 67.80
N GLN A 70 -64.71 11.99 68.84
CA GLN A 70 -64.18 12.09 70.21
C GLN A 70 -63.27 10.94 70.56
N GLY A 71 -63.64 9.74 70.16
CA GLY A 71 -62.78 8.57 70.43
C GLY A 71 -63.00 8.07 71.83
N PRO A 72 -62.17 7.11 72.27
CA PRO A 72 -62.17 6.59 73.63
C PRO A 72 -61.33 7.47 74.62
N LYS A 73 -61.66 8.73 74.59
CA LYS A 73 -61.17 9.65 75.59
C LYS A 73 -61.85 9.34 76.92
N ILE A 74 -61.01 9.20 77.96
CA ILE A 74 -61.54 8.79 79.26
C ILE A 74 -61.71 10.08 80.05
N ARG A 75 -62.90 10.29 80.61
CA ARG A 75 -63.18 11.50 81.36
C ARG A 75 -63.65 11.14 82.76
N ILE A 76 -63.44 12.09 83.67
CA ILE A 76 -64.06 12.02 84.98
C ILE A 76 -65.54 12.40 84.92
N ALA A 77 -66.23 12.12 86.00
CA ALA A 77 -67.66 12.46 86.15
C ALA A 77 -67.87 13.91 86.62
N LYS A 78 -69.06 14.25 87.11
CA LYS A 78 -69.34 15.60 87.60
C LYS A 78 -69.02 15.79 89.07
N PHE A 79 -68.96 17.05 89.47
CA PHE A 79 -68.72 17.49 90.83
C PHE A 79 -69.98 18.14 91.35
N ALA A 80 -70.19 18.16 92.67
CA ALA A 80 -71.39 18.74 93.26
C ALA A 80 -71.55 20.23 93.05
N ASN A 81 -70.47 20.93 93.23
CA ASN A 81 -70.35 22.36 93.00
C ASN A 81 -69.47 22.22 91.84
N LYS A 82 -69.74 22.79 90.71
CA LYS A 82 -69.05 22.38 89.49
C LYS A 82 -67.54 22.28 89.35
N ARG A 83 -66.78 22.91 90.20
CA ARG A 83 -65.37 22.85 90.09
C ARG A 83 -64.71 22.80 91.44
N ILE A 84 -63.52 22.27 91.51
CA ILE A 84 -62.73 22.28 92.73
C ILE A 84 -61.32 22.76 92.41
N GLU A 85 -60.55 23.03 93.44
CA GLU A 85 -59.15 23.43 93.34
C GLU A 85 -58.32 22.51 94.21
N LEU A 86 -57.20 22.06 93.68
CA LEU A 86 -56.33 21.09 94.35
C LEU A 86 -54.94 21.64 94.48
N GLN A 87 -54.32 21.34 95.63
CA GLN A 87 -52.98 21.79 95.95
C GLN A 87 -52.01 20.60 95.97
N VAL A 88 -50.75 20.90 95.73
CA VAL A 88 -49.72 19.89 95.76
C VAL A 88 -49.74 19.20 97.12
N GLY A 89 -49.67 17.86 97.11
CA GLY A 89 -49.68 17.07 98.33
C GLY A 89 -51.05 16.59 98.76
N ASP A 90 -52.12 17.20 98.23
CA ASP A 90 -53.47 16.76 98.52
C ASP A 90 -53.71 15.32 98.08
N LYS A 91 -54.67 14.68 98.74
CA LYS A 91 -55.07 13.32 98.40
C LYS A 91 -56.36 13.38 97.60
N PHE A 92 -56.48 12.49 96.63
CA PHE A 92 -57.63 12.51 95.75
C PHE A 92 -57.88 11.12 95.19
N ARG A 93 -59.16 10.82 94.95
CA ARG A 93 -59.57 9.48 94.54
C ARG A 93 -60.45 9.51 93.31
N PHE A 94 -60.25 8.50 92.47
CA PHE A 94 -61.10 8.25 91.31
C PHE A 94 -61.82 6.92 91.58
N SER A 95 -63.16 6.95 91.64
CA SER A 95 -63.91 5.77 92.09
C SER A 95 -65.02 5.42 91.14
N THR A 96 -65.09 4.15 90.78
CA THR A 96 -66.20 3.65 89.98
C THR A 96 -67.46 3.48 90.78
N SER A 97 -67.37 3.43 92.09
CA SER A 97 -68.56 3.29 92.95
C SER A 97 -69.04 4.64 93.52
N HIS A 98 -68.30 5.73 93.34
CA HIS A 98 -68.77 7.06 93.61
C HIS A 98 -69.78 7.61 92.62
N ALA A 99 -70.82 8.23 93.15
CA ALA A 99 -71.94 8.75 92.30
C ALA A 99 -71.39 9.82 91.31
N ARG A 100 -71.90 9.76 90.14
CA ARG A 100 -71.50 10.57 89.02
C ARG A 100 -71.78 12.07 89.17
N ASP A 101 -72.77 12.41 90.03
CA ASP A 101 -73.11 13.80 90.23
C ASP A 101 -72.51 14.40 91.50
N ALA A 102 -71.91 13.57 92.39
CA ALA A 102 -71.55 13.99 93.71
C ALA A 102 -70.07 14.18 93.99
N GLY A 103 -69.32 14.66 92.99
CA GLY A 103 -67.89 14.80 93.17
C GLY A 103 -67.59 15.82 94.25
N THR A 104 -66.55 15.56 95.04
CA THR A 104 -66.19 16.43 96.13
C THR A 104 -64.73 16.81 96.00
N GLN A 105 -64.23 17.51 97.00
CA GLN A 105 -62.83 17.88 97.10
C GLN A 105 -61.90 16.67 97.28
N GLU A 106 -62.46 15.50 97.63
CA GLU A 106 -61.65 14.32 97.92
C GLU A 106 -61.82 13.18 96.93
N VAL A 107 -62.92 13.15 96.18
CA VAL A 107 -63.18 12.05 95.29
C VAL A 107 -64.10 12.49 94.17
N VAL A 108 -63.93 11.88 93.00
CA VAL A 108 -64.85 12.03 91.88
C VAL A 108 -65.08 10.64 91.28
N GLY A 109 -66.24 10.46 90.67
CA GLY A 109 -66.56 9.26 89.99
C GLY A 109 -65.99 9.17 88.60
N ILE A 110 -66.02 7.97 88.02
CA ILE A 110 -65.56 7.78 86.66
C ILE A 110 -66.32 6.59 86.05
N ASP A 111 -66.81 6.82 84.83
CA ASP A 111 -67.63 5.79 84.19
C ASP A 111 -66.83 4.74 83.38
N TYR A 112 -65.57 4.45 83.78
CA TYR A 112 -64.70 3.62 83.02
C TYR A 112 -63.96 2.61 83.94
N PRO A 113 -64.54 1.40 84.06
CA PRO A 113 -63.98 0.42 84.99
C PRO A 113 -62.55 0.00 84.69
N ASP A 114 -62.22 -0.22 83.40
CA ASP A 114 -60.84 -0.57 83.07
C ASP A 114 -59.71 0.47 83.38
N LEU A 115 -60.12 1.69 83.71
CA LEU A 115 -59.13 2.67 84.21
C LEU A 115 -58.42 2.13 85.48
N VAL A 116 -59.19 1.63 86.40
CA VAL A 116 -58.67 1.15 87.67
C VAL A 116 -57.93 -0.17 87.51
N LYS A 117 -58.33 -0.97 86.53
CA LYS A 117 -57.69 -2.24 86.27
C LYS A 117 -56.32 -2.08 85.63
N ASP A 118 -56.19 -1.13 84.75
CA ASP A 118 -54.95 -0.91 83.98
C ASP A 118 -53.92 -0.10 84.74
N CYS A 119 -54.32 0.68 85.79
CA CYS A 119 -53.41 1.40 86.58
C CYS A 119 -52.83 0.64 87.80
N GLY A 120 -51.61 1.05 88.18
CA GLY A 120 -50.91 0.50 89.27
C GLY A 120 -50.17 1.60 90.09
N VAL A 121 -49.74 1.20 91.28
CA VAL A 121 -49.02 2.09 92.16
C VAL A 121 -47.80 2.65 91.43
N GLY A 122 -47.62 3.96 91.51
CA GLY A 122 -46.52 4.63 90.81
C GLY A 122 -46.92 5.33 89.52
N ASP A 123 -47.99 4.87 88.87
CA ASP A 123 -48.45 5.49 87.62
C ASP A 123 -48.75 6.98 87.83
N GLU A 124 -48.40 7.82 86.87
CA GLU A 124 -48.74 9.24 86.90
C GLU A 124 -49.93 9.47 85.98
N LEU A 125 -50.94 10.17 86.48
CA LEU A 125 -52.15 10.48 85.73
C LEU A 125 -52.18 11.96 85.44
N LEU A 126 -52.55 12.31 84.22
CA LEU A 126 -52.59 13.68 83.76
C LEU A 126 -54.02 14.05 83.39
N LEU A 127 -54.50 15.13 83.99
CA LEU A 127 -55.87 15.59 83.79
C LEU A 127 -55.87 16.96 83.13
N ASP A 128 -56.92 17.23 82.34
CA ASP A 128 -57.07 18.50 81.65
C ASP A 128 -55.81 18.82 80.80
N ASP A 129 -55.50 17.88 79.89
CA ASP A 129 -54.38 18.07 78.94
C ASP A 129 -53.04 18.27 79.65
N GLY A 130 -52.86 17.67 80.83
CA GLY A 130 -51.63 17.82 81.58
C GLY A 130 -51.58 18.90 82.64
N ARG A 131 -52.64 19.71 82.76
CA ARG A 131 -52.66 20.83 83.71
C ARG A 131 -52.52 20.40 85.16
N VAL A 132 -53.15 19.28 85.50
CA VAL A 132 -53.08 18.68 86.83
C VAL A 132 -52.42 17.32 86.68
N VAL A 133 -51.55 16.98 87.62
CA VAL A 133 -50.84 15.71 87.58
C VAL A 133 -50.92 15.03 88.95
N MET A 134 -51.19 13.73 88.94
CA MET A 134 -51.27 12.94 90.16
C MET A 134 -50.49 11.65 90.01
N VAL A 135 -50.10 11.10 91.15
CA VAL A 135 -49.46 9.79 91.19
C VAL A 135 -50.34 8.83 92.00
N VAL A 136 -50.45 7.60 91.53
CA VAL A 136 -51.26 6.58 92.19
C VAL A 136 -50.49 6.03 93.39
N GLU A 137 -51.08 6.18 94.58
CA GLU A 137 -50.46 5.68 95.82
C GLU A 137 -50.99 4.31 96.23
N GLU A 138 -52.28 4.05 95.99
CA GLU A 138 -52.92 2.80 96.36
C GLU A 138 -53.97 2.44 95.31
N VAL A 139 -54.13 1.15 95.07
CA VAL A 139 -55.12 0.63 94.16
C VAL A 139 -56.03 -0.32 94.95
N ALA A 140 -57.33 -0.18 94.74
CA ALA A 140 -58.34 -1.10 95.24
C ALA A 140 -59.17 -1.56 94.06
N ALA A 141 -60.11 -2.47 94.28
CA ALA A 141 -60.89 -3.02 93.17
C ALA A 141 -61.71 -1.96 92.43
N ASP A 142 -62.12 -0.91 93.12
CA ASP A 142 -63.03 0.08 92.60
C ASP A 142 -62.49 1.53 92.56
N GLU A 143 -61.22 1.76 92.91
CA GLU A 143 -60.75 3.11 92.96
C GLU A 143 -59.24 3.22 92.93
N LEU A 144 -58.77 4.40 92.53
CA LEU A 144 -57.36 4.74 92.59
C LEU A 144 -57.21 5.87 93.61
N ARG A 145 -56.28 5.70 94.55
CA ARG A 145 -56.02 6.68 95.58
C ARG A 145 -54.72 7.38 95.28
N CYS A 146 -54.78 8.69 95.09
CA CYS A 146 -53.68 9.44 94.52
C CYS A 146 -53.21 10.60 95.38
N ARG A 147 -52.00 11.05 95.09
CA ARG A 147 -51.44 12.28 95.62
C ARG A 147 -51.24 13.26 94.47
N VAL A 148 -51.58 14.53 94.69
CA VAL A 148 -51.41 15.55 93.67
C VAL A 148 -49.93 15.97 93.61
N LEU A 149 -49.37 15.89 92.41
CA LEU A 149 -47.99 16.34 92.14
C LEU A 149 -48.00 17.79 91.64
N ILE A 150 -48.94 18.12 90.77
CA ILE A 150 -49.09 19.47 90.25
C ILE A 150 -50.55 19.85 90.38
N GLY A 151 -50.78 20.93 91.12
CA GLY A 151 -52.11 21.37 91.43
C GLY A 151 -52.76 22.17 90.33
N GLY A 152 -54.00 22.57 90.60
CA GLY A 152 -54.79 23.36 89.68
C GLY A 152 -56.26 23.06 89.83
N PRO A 153 -57.09 23.62 88.97
CA PRO A 153 -58.51 23.34 89.03
C PRO A 153 -58.92 22.05 88.35
N LEU A 154 -60.06 21.52 88.75
CA LEU A 154 -60.66 20.35 88.12
C LEU A 154 -62.14 20.60 88.01
N SER A 155 -62.75 20.21 86.91
CA SER A 155 -64.17 20.45 86.70
C SER A 155 -64.81 19.26 85.96
N ASP A 156 -66.13 19.32 85.80
CA ASP A 156 -66.89 18.21 85.25
C ASP A 156 -66.31 17.75 83.90
N HIS A 157 -66.27 16.44 83.74
CA HIS A 157 -65.92 15.79 82.48
C HIS A 157 -64.54 16.10 81.93
N LYS A 158 -63.58 16.52 82.76
CA LYS A 158 -62.25 16.72 82.28
C LYS A 158 -61.57 15.40 81.93
N GLY A 159 -60.70 15.47 80.93
CA GLY A 159 -60.02 14.28 80.42
C GLY A 159 -58.93 13.83 81.37
N ILE A 160 -58.68 12.54 81.33
CA ILE A 160 -57.61 11.93 82.10
C ILE A 160 -56.87 10.93 81.21
N ASN A 161 -55.57 10.88 81.35
CA ASN A 161 -54.76 9.85 80.70
C ASN A 161 -53.59 9.48 81.59
N ARG A 162 -52.94 8.38 81.28
CA ARG A 162 -51.77 7.93 81.94
C ARG A 162 -50.50 8.30 81.17
N ARG A 163 -49.51 8.82 81.91
CA ARG A 163 -48.22 9.11 81.35
C ARG A 163 -47.66 7.73 80.89
N GLY A 164 -47.28 7.66 79.62
CA GLY A 164 -46.81 6.47 79.01
C GLY A 164 -47.84 5.77 78.16
N GLY A 165 -49.13 6.11 78.30
CA GLY A 165 -50.19 5.44 77.62
C GLY A 165 -50.47 4.06 78.14
N GLY A 166 -50.85 3.16 77.23
CA GLY A 166 -51.08 1.76 77.53
C GLY A 166 -52.42 1.40 78.17
N LEU A 167 -53.38 2.32 78.11
CA LEU A 167 -54.70 2.05 78.67
C LEU A 167 -55.53 1.28 77.67
N THR A 168 -56.25 0.29 78.10
CA THR A 168 -57.25 -0.39 77.33
C THR A 168 -58.39 0.53 76.93
N ALA A 169 -58.75 0.48 75.67
CA ALA A 169 -59.99 1.13 75.23
C ALA A 169 -60.33 0.64 73.84
N PRO A 170 -61.61 0.62 73.47
CA PRO A 170 -61.93 0.45 72.04
C PRO A 170 -61.70 1.73 71.22
N ALA A 171 -61.28 1.55 69.97
CA ALA A 171 -61.00 2.70 69.08
C ALA A 171 -62.30 3.47 68.76
N LEU A 172 -63.35 2.72 68.42
CA LEU A 172 -64.66 3.31 68.16
C LEU A 172 -65.61 3.05 69.32
N THR A 173 -66.14 4.15 69.84
CA THR A 173 -67.21 4.09 70.83
C THR A 173 -68.56 4.14 70.13
N ASP A 174 -69.63 3.99 70.91
CA ASP A 174 -70.98 4.09 70.33
C ASP A 174 -71.27 5.51 69.89
N LYS A 175 -70.83 6.48 70.67
CA LYS A 175 -70.91 7.88 70.25
C LYS A 175 -70.26 8.08 68.88
N ASP A 176 -69.07 7.52 68.69
CA ASP A 176 -68.35 7.70 67.43
C ASP A 176 -69.11 7.10 66.24
N LYS A 177 -69.69 5.93 66.44
CA LYS A 177 -70.51 5.32 65.39
C LYS A 177 -71.66 6.21 64.99
N ALA A 178 -72.29 6.84 65.98
CA ALA A 178 -73.36 7.82 65.70
C ALA A 178 -72.82 9.04 64.98
N ASP A 179 -71.66 9.51 65.40
CA ASP A 179 -71.06 10.69 64.78
C ASP A 179 -70.57 10.40 63.36
N ILE A 180 -70.14 9.17 63.09
CA ILE A 180 -69.78 8.79 61.73
C ILE A 180 -70.99 8.96 60.80
N LYS A 181 -72.15 8.50 61.26
CA LYS A 181 -73.40 8.67 60.51
C LYS A 181 -73.73 10.15 60.34
N LEU A 182 -73.55 10.91 61.41
CA LEU A 182 -73.79 12.34 61.34
C LEU A 182 -72.86 12.99 60.30
N ALA A 183 -71.60 12.57 60.28
CA ALA A 183 -70.63 13.13 59.34
C ALA A 183 -71.04 12.82 57.90
N ALA A 184 -71.38 11.56 57.66
CA ALA A 184 -71.89 11.17 56.34
C ALA A 184 -73.11 11.99 55.93
N ASP A 185 -74.02 12.19 56.87
CA ASP A 185 -75.25 12.93 56.61
C ASP A 185 -74.97 14.39 56.28
N MET A 186 -73.93 14.96 56.87
CA MET A 186 -73.57 16.35 56.59
C MET A 186 -72.66 16.51 55.38
N ASP A 187 -72.29 15.41 54.72
CA ASP A 187 -71.35 15.42 53.57
C ASP A 187 -70.01 16.06 53.94
N LEU A 188 -69.46 15.66 55.07
CA LEU A 188 -68.19 16.21 55.50
C LEU A 188 -67.08 15.74 54.57
N ASP A 189 -66.11 16.63 54.35
CA ASP A 189 -64.99 16.35 53.47
C ASP A 189 -63.92 15.47 54.13
N TYR A 190 -63.71 15.67 55.43
CA TYR A 190 -62.73 14.89 56.19
C TYR A 190 -63.35 14.44 57.50
N VAL A 191 -62.96 13.25 57.93
CA VAL A 191 -63.31 12.73 59.24
C VAL A 191 -62.03 12.27 59.93
N ALA A 192 -61.84 12.71 61.17
CA ALA A 192 -60.63 12.37 61.93
C ALA A 192 -60.93 11.37 63.01
N VAL A 193 -60.14 10.31 63.06
CA VAL A 193 -60.27 9.27 64.06
C VAL A 193 -59.29 9.55 65.20
N SER A 194 -59.80 9.52 66.44
CA SER A 194 -58.98 9.75 67.62
C SER A 194 -58.47 8.44 68.19
N PHE A 195 -57.25 8.50 68.70
CA PHE A 195 -56.59 7.41 69.43
C PHE A 195 -56.49 6.09 68.69
N PRO A 196 -56.34 6.10 67.36
CA PRO A 196 -56.12 4.81 66.71
C PRO A 196 -54.73 4.27 67.05
N ARG A 197 -54.62 2.94 67.11
CA ARG A 197 -53.37 2.27 67.42
C ARG A 197 -52.78 1.56 66.21
N ASP A 198 -53.57 1.12 65.27
CA ASP A 198 -53.00 0.45 64.09
C ASP A 198 -53.96 0.52 62.93
N ALA A 199 -53.52 0.06 61.78
CA ALA A 199 -54.33 0.09 60.57
C ALA A 199 -55.73 -0.49 60.77
N LYS A 200 -55.89 -1.49 61.63
CA LYS A 200 -57.22 -2.09 61.83
C LYS A 200 -58.25 -1.04 62.29
N ASP A 201 -57.87 -0.20 63.21
CA ASP A 201 -58.75 0.84 63.76
C ASP A 201 -59.23 1.78 62.65
N MET A 202 -58.34 2.11 61.72
CA MET A 202 -58.69 2.97 60.60
C MET A 202 -59.54 2.26 59.56
N GLU A 203 -59.27 0.97 59.32
CA GLU A 203 -60.07 0.19 58.38
C GLU A 203 -61.50 0.04 58.88
N TYR A 204 -61.66 -0.21 60.19
CA TYR A 204 -62.96 -0.28 60.79
C TYR A 204 -63.74 1.03 60.60
N ALA A 205 -63.07 2.15 60.86
CA ALA A 205 -63.72 3.45 60.69
C ALA A 205 -64.11 3.69 59.24
N ARG A 206 -63.28 3.23 58.31
CA ARG A 206 -63.57 3.38 56.88
C ARG A 206 -64.78 2.55 56.48
N ARG A 207 -64.88 1.34 57.01
CA ARG A 207 -66.04 0.47 56.78
C ARG A 207 -67.31 1.18 57.20
N LEU A 208 -67.35 1.65 58.44
CA LEU A 208 -68.53 2.32 58.97
C LEU A 208 -68.89 3.56 58.17
N LEU A 209 -67.88 4.29 57.71
CA LEU A 209 -68.15 5.50 56.95
C LEU A 209 -68.74 5.18 55.58
N THR A 210 -68.18 4.19 54.90
CA THR A 210 -68.74 3.79 53.59
C THR A 210 -70.14 3.19 53.76
N GLU A 211 -70.31 2.31 54.75
CA GLU A 211 -71.64 1.78 55.10
C GLU A 211 -72.68 2.87 55.29
N ALA A 212 -72.30 4.01 55.86
CA ALA A 212 -73.22 5.14 55.99
C ALA A 212 -73.28 6.03 54.77
N GLY A 213 -72.65 5.61 53.67
CA GLY A 213 -72.65 6.40 52.44
C GLY A 213 -71.79 7.66 52.46
N GLY A 214 -70.78 7.70 53.34
CA GLY A 214 -69.91 8.87 53.46
C GLY A 214 -68.78 8.83 52.45
N LYS A 215 -68.51 9.98 51.84
CA LYS A 215 -67.42 10.10 50.87
C LYS A 215 -66.18 10.76 51.44
N ALA A 216 -66.17 11.04 52.74
CA ALA A 216 -65.06 11.76 53.36
C ALA A 216 -63.78 10.97 53.32
N TRP A 217 -62.67 11.71 53.30
CA TRP A 217 -61.35 11.14 53.50
C TRP A 217 -61.05 11.07 54.99
N LEU A 218 -60.28 10.07 55.37
CA LEU A 218 -60.01 9.77 56.77
C LEU A 218 -58.67 10.33 57.25
N VAL A 219 -58.70 10.98 58.42
CA VAL A 219 -57.51 11.49 59.06
C VAL A 219 -57.18 10.68 60.30
N ALA A 220 -56.00 10.09 60.33
CA ALA A 220 -55.52 9.40 61.52
C ALA A 220 -54.81 10.36 62.44
N LYS A 221 -55.32 10.51 63.65
CA LYS A 221 -54.67 11.33 64.66
C LYS A 221 -53.63 10.50 65.39
N ILE A 222 -52.37 10.91 65.30
CA ILE A 222 -51.27 10.18 65.94
C ILE A 222 -51.16 10.70 67.38
N GLU A 223 -51.83 10.04 68.30
CA GLU A 223 -51.90 10.36 69.72
C GLU A 223 -51.53 9.22 70.67
N ARG A 224 -51.20 8.04 70.20
CA ARG A 224 -50.94 6.90 71.08
C ARG A 224 -49.52 6.49 71.04
N ALA A 225 -48.94 6.15 72.17
CA ALA A 225 -47.58 5.64 72.21
C ALA A 225 -47.34 4.48 71.26
N GLU A 226 -48.36 3.61 71.14
CA GLU A 226 -48.24 2.40 70.30
C GLU A 226 -48.13 2.77 68.83
N ALA A 227 -48.74 3.87 68.44
CA ALA A 227 -48.71 4.32 67.04
C ALA A 227 -47.33 4.76 66.56
N VAL A 228 -46.43 5.14 67.49
CA VAL A 228 -45.10 5.62 67.13
C VAL A 228 -44.00 4.75 67.73
N ALA A 229 -44.37 3.57 68.24
CA ALA A 229 -43.42 2.65 68.85
C ALA A 229 -42.29 2.27 67.90
N ASP A 230 -42.58 2.16 66.61
CA ASP A 230 -41.57 1.85 65.63
C ASP A 230 -42.11 2.23 64.25
N ASP A 231 -41.23 2.17 63.25
CA ASP A 231 -41.59 2.60 61.90
C ASP A 231 -42.73 1.78 61.30
N ASP A 232 -42.78 0.47 61.57
CA ASP A 232 -43.87 -0.36 61.02
C ASP A 232 -45.21 0.03 61.58
N ALA A 233 -45.28 0.26 62.88
CA ALA A 233 -46.53 0.72 63.50
C ALA A 233 -47.01 2.02 62.85
N LEU A 234 -46.13 3.00 62.76
CA LEU A 234 -46.49 4.30 62.21
C LEU A 234 -46.84 4.20 60.74
N ASP A 235 -45.98 3.58 59.95
CA ASP A 235 -46.21 3.48 58.51
C ASP A 235 -47.48 2.69 58.17
N GLY A 236 -47.79 1.68 58.99
CA GLY A 236 -49.01 0.92 58.83
C GLY A 236 -50.23 1.80 59.00
N LEU A 237 -50.21 2.58 60.06
CA LEU A 237 -51.30 3.50 60.35
C LEU A 237 -51.43 4.58 59.29
N ILE A 238 -50.31 5.09 58.81
CA ILE A 238 -50.33 6.11 57.76
C ILE A 238 -50.92 5.54 56.46
N ARG A 239 -50.52 4.34 56.10
CA ARG A 239 -50.94 3.77 54.81
C ARG A 239 -52.43 3.47 54.77
N ALA A 240 -53.01 3.23 55.93
CA ALA A 240 -54.44 3.00 56.07
C ALA A 240 -55.27 4.26 56.07
N SER A 241 -54.65 5.43 55.94
CA SER A 241 -55.35 6.69 56.03
C SER A 241 -55.17 7.50 54.78
N ASP A 242 -55.89 8.59 54.68
CA ASP A 242 -55.69 9.55 53.62
C ASP A 242 -54.88 10.73 54.12
N ALA A 243 -54.93 10.98 55.43
CA ALA A 243 -54.21 12.08 56.04
C ALA A 243 -53.90 11.73 57.48
N VAL A 244 -52.93 12.42 58.05
CA VAL A 244 -52.58 12.22 59.44
C VAL A 244 -52.46 13.56 60.14
N MET A 245 -52.66 13.53 61.46
CA MET A 245 -52.55 14.72 62.28
C MET A 245 -51.53 14.44 63.39
N VAL A 246 -50.59 15.35 63.55
CA VAL A 246 -49.66 15.31 64.67
C VAL A 246 -50.37 15.95 65.86
N ALA A 247 -50.95 15.09 66.69
CA ALA A 247 -51.85 15.54 67.75
C ALA A 247 -51.03 15.69 69.03
N ARG A 248 -50.40 16.86 69.18
CA ARG A 248 -49.32 16.97 70.13
C ARG A 248 -49.77 17.00 71.58
N GLY A 249 -51.02 17.38 71.82
CA GLY A 249 -51.59 17.37 73.16
C GLY A 249 -51.56 15.95 73.75
N ASP A 250 -52.38 15.07 73.21
CA ASP A 250 -52.44 13.73 73.73
C ASP A 250 -51.14 12.96 73.50
N LEU A 251 -50.49 13.18 72.36
CA LEU A 251 -49.25 12.48 72.06
C LEU A 251 -48.17 12.81 73.08
N GLY A 252 -48.07 14.09 73.44
CA GLY A 252 -47.08 14.53 74.42
C GLY A 252 -47.29 13.89 75.79
N VAL A 253 -48.54 13.73 76.19
CA VAL A 253 -48.84 13.03 77.42
C VAL A 253 -48.35 11.59 77.34
N GLU A 254 -48.61 10.93 76.21
CA GLU A 254 -48.33 9.51 76.08
C GLU A 254 -46.79 9.20 75.96
N ILE A 255 -46.06 10.04 75.24
CA ILE A 255 -44.63 9.77 75.04
C ILE A 255 -43.69 10.76 75.70
N GLY A 256 -44.24 11.83 76.27
CA GLY A 256 -43.44 12.89 76.90
C GLY A 256 -43.11 14.04 75.97
N ASP A 257 -43.27 15.26 76.43
CA ASP A 257 -43.04 16.42 75.57
C ASP A 257 -41.61 16.49 74.98
N ALA A 258 -40.62 16.00 75.72
CA ALA A 258 -39.25 16.00 75.23
C ALA A 258 -38.99 15.13 74.00
N GLU A 259 -39.92 14.25 73.65
CA GLU A 259 -39.79 13.44 72.46
C GLU A 259 -40.56 13.97 71.26
N LEU A 260 -41.34 15.03 71.45
CA LEU A 260 -42.19 15.51 70.37
C LEU A 260 -41.43 15.99 69.13
N VAL A 261 -40.37 16.73 69.31
CA VAL A 261 -39.71 17.34 68.19
C VAL A 261 -39.30 16.34 67.11
N GLY A 262 -38.73 15.22 67.53
CA GLY A 262 -38.27 14.20 66.61
C GLY A 262 -39.42 13.49 65.93
N ILE A 263 -40.47 13.23 66.69
CA ILE A 263 -41.61 12.49 66.20
C ILE A 263 -42.46 13.37 65.25
N GLN A 264 -42.64 14.65 65.57
CA GLN A 264 -43.32 15.53 64.67
C GLN A 264 -42.67 15.48 63.29
N LYS A 265 -41.34 15.56 63.27
CA LYS A 265 -40.62 15.55 62.01
C LYS A 265 -40.73 14.22 61.30
N LYS A 266 -40.70 13.12 62.05
CA LYS A 266 -40.83 11.81 61.45
C LYS A 266 -42.20 11.61 60.83
N ILE A 267 -43.23 11.97 61.59
CA ILE A 267 -44.60 11.78 61.11
C ILE A 267 -44.81 12.55 59.80
N ILE A 268 -44.40 13.81 59.76
CA ILE A 268 -44.60 14.62 58.57
C ILE A 268 -43.89 13.98 57.39
N LEU A 269 -42.63 13.60 57.58
CA LEU A 269 -41.86 13.02 56.50
C LEU A 269 -42.44 11.69 56.02
N HIS A 270 -42.77 10.80 56.95
CA HIS A 270 -43.32 9.50 56.55
C HIS A 270 -44.67 9.67 55.86
N ALA A 271 -45.47 10.61 56.33
CA ALA A 271 -46.74 10.90 55.66
C ALA A 271 -46.51 11.29 54.21
N ARG A 272 -45.63 12.26 53.99
CA ARG A 272 -45.38 12.72 52.63
C ARG A 272 -44.81 11.59 51.76
N ARG A 273 -43.93 10.78 52.31
CA ARG A 273 -43.36 9.67 51.53
C ARG A 273 -44.42 8.68 51.08
N ASN A 274 -45.43 8.45 51.91
CA ASN A 274 -46.54 7.59 51.55
C ASN A 274 -47.68 8.33 50.85
N ASN A 275 -47.42 9.53 50.35
CA ASN A 275 -48.41 10.30 49.58
C ASN A 275 -49.69 10.60 50.34
N LYS A 276 -49.54 10.97 51.61
CA LYS A 276 -50.65 11.40 52.45
C LYS A 276 -50.48 12.84 52.86
N VAL A 277 -51.59 13.44 53.27
CA VAL A 277 -51.63 14.82 53.76
C VAL A 277 -51.32 14.80 55.25
N VAL A 278 -50.69 15.85 55.76
CA VAL A 278 -50.36 15.91 57.18
C VAL A 278 -50.67 17.26 57.80
N ILE A 279 -51.28 17.23 58.98
CA ILE A 279 -51.64 18.40 59.77
C ILE A 279 -50.82 18.42 61.06
N THR A 280 -50.29 19.59 61.43
CA THR A 280 -49.63 19.78 62.73
C THR A 280 -50.57 20.56 63.64
N ALA A 281 -50.73 20.11 64.88
CA ALA A 281 -51.77 20.66 65.76
C ALA A 281 -51.37 20.87 67.21
N THR A 282 -52.18 21.67 67.90
CA THR A 282 -52.24 21.80 69.35
C THR A 282 -51.26 22.80 69.98
N GLN A 283 -51.85 23.89 70.51
CA GLN A 283 -51.15 24.92 71.23
C GLN A 283 -50.15 25.68 70.39
N MET A 284 -50.38 25.72 69.09
CA MET A 284 -49.46 26.43 68.22
C MET A 284 -49.42 27.93 68.54
N MET A 285 -50.56 28.49 68.96
CA MET A 285 -50.62 29.90 69.32
C MET A 285 -51.43 30.15 70.58
N GLU A 286 -51.23 29.29 71.56
CA GLU A 286 -52.07 29.26 72.77
C GLU A 286 -52.22 30.63 73.47
N SER A 287 -51.16 31.41 73.51
CA SER A 287 -51.24 32.68 74.21
C SER A 287 -52.32 33.59 73.61
N MET A 288 -52.68 33.37 72.35
CA MET A 288 -53.71 34.17 71.68
C MET A 288 -55.13 33.88 72.13
N ILE A 289 -55.33 32.87 72.96
CA ILE A 289 -56.57 32.77 73.69
C ILE A 289 -56.89 34.06 74.43
N HIS A 290 -55.90 34.67 75.06
CA HIS A 290 -56.11 35.89 75.86
C HIS A 290 -55.32 37.09 75.36
N SER A 291 -54.62 36.98 74.24
CA SER A 291 -53.82 38.09 73.76
C SER A 291 -53.98 38.26 72.25
N PRO A 292 -53.96 39.51 71.77
CA PRO A 292 -54.11 39.71 70.33
C PRO A 292 -52.85 39.51 69.49
N MET A 293 -51.74 39.12 70.10
CA MET A 293 -50.52 38.79 69.37
C MET A 293 -49.87 37.54 69.95
N PRO A 294 -49.18 36.77 69.10
CA PRO A 294 -48.50 35.58 69.58
C PRO A 294 -47.13 35.88 70.21
N THR A 295 -46.66 34.93 70.97
CA THR A 295 -45.31 34.91 71.54
C THR A 295 -44.29 34.56 70.44
N ARG A 296 -43.02 34.86 70.68
CA ARG A 296 -41.98 34.47 69.76
C ARG A 296 -41.86 32.95 69.64
N ALA A 297 -42.11 32.24 70.74
CA ALA A 297 -42.08 30.79 70.67
C ALA A 297 -43.18 30.26 69.76
N GLU A 298 -44.33 30.89 69.81
CA GLU A 298 -45.45 30.49 68.97
C GLU A 298 -45.16 30.76 67.49
N VAL A 299 -44.60 31.93 67.19
CA VAL A 299 -44.18 32.21 65.84
C VAL A 299 -43.18 31.16 65.35
N SER A 300 -42.20 30.85 66.19
CA SER A 300 -41.20 29.86 65.84
C SER A 300 -41.81 28.48 65.61
N ASP A 301 -42.76 28.09 66.44
CA ASP A 301 -43.38 26.78 66.35
C ASP A 301 -44.06 26.60 64.99
N VAL A 302 -44.82 27.61 64.59
CA VAL A 302 -45.57 27.55 63.36
C VAL A 302 -44.59 27.54 62.19
N ALA A 303 -43.65 28.47 62.22
CA ALA A 303 -42.69 28.58 61.13
C ALA A 303 -41.90 27.29 60.94
N ASN A 304 -41.52 26.67 62.05
CA ASN A 304 -40.76 25.43 61.94
C ASN A 304 -41.61 24.32 61.40
N ALA A 305 -42.90 24.32 61.69
CA ALA A 305 -43.80 23.32 61.09
C ALA A 305 -43.87 23.52 59.57
N VAL A 306 -43.85 24.77 59.14
CA VAL A 306 -43.86 25.07 57.72
C VAL A 306 -42.57 24.58 57.06
N LEU A 307 -41.43 24.77 57.71
CA LEU A 307 -40.17 24.28 57.18
C LEU A 307 -40.07 22.75 57.23
N ASP A 308 -40.71 22.11 58.22
CA ASP A 308 -40.83 20.66 58.19
C ASP A 308 -41.68 20.16 57.01
N TYR A 309 -42.35 21.09 56.31
CA TYR A 309 -43.20 20.80 55.16
C TYR A 309 -44.52 20.09 55.52
N THR A 310 -45.13 20.56 56.61
CA THR A 310 -46.49 20.19 56.93
C THR A 310 -47.42 20.75 55.87
N ASP A 311 -48.55 20.07 55.65
CA ASP A 311 -49.56 20.58 54.75
C ASP A 311 -50.34 21.71 55.40
N ALA A 312 -50.68 21.50 56.67
CA ALA A 312 -51.51 22.46 57.37
C ALA A 312 -51.11 22.57 58.82
N VAL A 313 -51.45 23.71 59.38
CA VAL A 313 -51.32 23.99 60.80
C VAL A 313 -52.71 24.25 61.32
N MET A 314 -52.93 23.92 62.60
CA MET A 314 -54.26 23.93 63.20
C MET A 314 -54.33 24.87 64.40
N LEU A 315 -55.53 25.43 64.59
CA LEU A 315 -55.90 26.15 65.79
C LEU A 315 -57.01 25.38 66.49
N SER A 316 -56.96 25.29 67.83
CA SER A 316 -58.07 24.67 68.56
C SER A 316 -58.83 25.63 69.45
N ALA A 317 -58.32 25.96 70.62
CA ALA A 317 -59.02 26.87 71.51
C ALA A 317 -58.82 28.28 71.01
N GLU A 318 -57.70 28.54 70.34
CA GLU A 318 -57.40 29.89 69.84
C GLU A 318 -58.56 30.40 68.98
N SER A 319 -59.12 29.53 68.15
CA SER A 319 -60.22 29.91 67.27
C SER A 319 -61.61 29.53 67.80
N ALA A 320 -61.68 28.49 68.63
CA ALA A 320 -62.97 27.96 69.11
C ALA A 320 -63.51 28.66 70.35
N ALA A 321 -62.63 28.97 71.31
CA ALA A 321 -63.06 29.52 72.60
C ALA A 321 -62.44 30.86 72.99
N GLY A 322 -61.40 31.30 72.30
CA GLY A 322 -60.57 32.40 72.81
C GLY A 322 -61.15 33.77 72.49
N GLU A 323 -60.47 34.80 72.94
CA GLU A 323 -60.93 36.16 72.75
C GLU A 323 -60.56 36.75 71.40
N TYR A 324 -59.66 36.12 70.65
CA TYR A 324 -59.15 36.73 69.40
C TYR A 324 -59.03 35.69 68.27
N PRO A 325 -60.13 34.99 67.96
CA PRO A 325 -60.06 33.99 66.90
C PRO A 325 -59.63 34.52 65.53
N VAL A 326 -60.11 35.68 65.15
CA VAL A 326 -59.76 36.21 63.84
C VAL A 326 -58.29 36.63 63.79
N GLU A 327 -57.84 37.28 64.85
CA GLU A 327 -56.45 37.74 64.90
C GLU A 327 -55.48 36.56 64.91
N ALA A 328 -55.88 35.44 65.53
CA ALA A 328 -55.06 34.24 65.51
C ALA A 328 -54.87 33.72 64.09
N VAL A 329 -55.96 33.60 63.34
CA VAL A 329 -55.87 33.13 61.96
C VAL A 329 -54.98 34.08 61.14
N LYS A 330 -55.21 35.38 61.28
CA LYS A 330 -54.39 36.36 60.56
C LYS A 330 -52.90 36.20 60.87
N ALA A 331 -52.59 36.04 62.16
CA ALA A 331 -51.19 35.92 62.58
C ALA A 331 -50.58 34.64 62.02
N MET A 332 -51.30 33.54 62.15
CA MET A 332 -50.83 32.27 61.66
C MET A 332 -50.56 32.34 60.16
N ALA A 333 -51.47 32.95 59.42
CA ALA A 333 -51.31 33.09 57.97
C ALA A 333 -50.06 33.91 57.61
N ARG A 334 -49.80 34.95 58.38
CA ARG A 334 -48.66 35.82 58.10
C ARG A 334 -47.34 35.07 58.36
N VAL A 335 -47.31 34.26 59.40
CA VAL A 335 -46.10 33.53 59.74
C VAL A 335 -45.82 32.48 58.67
N CYS A 336 -46.87 31.84 58.18
CA CYS A 336 -46.72 30.87 57.10
C CYS A 336 -46.10 31.51 55.86
N GLN A 337 -46.62 32.68 55.47
CA GLN A 337 -46.09 33.36 54.32
C GLN A 337 -44.61 33.67 54.45
N GLY A 338 -44.20 34.07 55.65
CA GLY A 338 -42.80 34.42 55.88
C GLY A 338 -41.90 33.21 55.78
N ALA A 339 -42.29 32.11 56.42
CA ALA A 339 -41.50 30.91 56.39
C ALA A 339 -41.38 30.31 54.98
N GLU A 340 -42.40 30.53 54.14
CA GLU A 340 -42.39 30.00 52.78
C GLU A 340 -41.37 30.68 51.86
N LYS A 341 -40.87 31.87 52.23
CA LYS A 341 -39.81 32.52 51.48
C LYS A 341 -38.43 31.85 51.65
N HIS A 342 -38.26 31.06 52.69
CA HIS A 342 -36.99 30.36 52.94
C HIS A 342 -36.60 29.51 51.71
N PRO A 343 -35.29 29.46 51.39
CA PRO A 343 -34.84 28.61 50.27
C PRO A 343 -35.17 27.13 50.33
N THR A 344 -35.20 26.55 51.54
CA THR A 344 -35.55 25.13 51.68
C THR A 344 -37.03 24.80 51.36
N SER A 345 -37.89 25.82 51.36
CA SER A 345 -39.31 25.59 51.01
C SER A 345 -39.56 25.33 49.51
N GLN A 346 -38.60 25.65 48.66
CA GLN A 346 -38.78 25.61 47.20
C GLN A 346 -37.86 24.62 46.46
N LYS A 347 -36.86 24.04 47.13
CA LYS A 347 -35.89 23.15 46.49
C LYS A 347 -36.16 21.69 46.86
N SER A 348 -36.16 20.82 45.86
CA SER A 348 -36.48 19.40 46.04
C SER A 348 -35.37 18.50 45.46
N SER A 349 -35.18 17.34 46.08
CA SER A 349 -34.36 16.28 45.50
C SER A 349 -35.13 15.41 44.45
N HIS A 350 -36.45 15.60 44.37
CA HIS A 350 -37.29 14.99 43.34
C HIS A 350 -37.33 13.46 43.34
N ARG A 351 -37.16 12.88 44.53
CA ARG A 351 -37.16 11.44 44.73
C ARG A 351 -36.19 10.69 43.81
N LEU A 352 -35.02 11.32 43.55
CA LEU A 352 -33.98 10.70 42.74
C LEU A 352 -33.56 9.35 43.31
N GLY A 353 -33.34 8.41 42.41
CA GLY A 353 -32.96 7.04 42.77
C GLY A 353 -34.11 6.13 43.17
N GLN A 354 -35.32 6.67 43.34
CA GLN A 354 -36.45 5.86 43.80
C GLN A 354 -37.19 5.20 42.64
N THR A 355 -38.12 4.32 42.98
CA THR A 355 -38.91 3.59 42.00
C THR A 355 -40.35 4.05 42.08
N PHE A 356 -40.91 4.43 40.96
CA PHE A 356 -42.31 4.85 40.88
C PHE A 356 -43.19 3.63 40.61
N ASP A 357 -44.43 3.72 41.06
CA ASP A 357 -45.35 2.58 41.00
C ASP A 357 -46.35 2.74 39.85
N ARG A 358 -46.89 3.94 39.68
CA ARG A 358 -47.99 4.15 38.79
C ARG A 358 -47.65 5.14 37.73
N CYS A 359 -48.51 5.20 36.72
CA CYS A 359 -48.35 6.11 35.63
C CYS A 359 -48.75 7.54 36.00
N ASP A 360 -49.87 7.69 36.71
CA ASP A 360 -50.33 9.05 37.06
C ASP A 360 -49.41 9.67 38.10
N GLU A 361 -48.90 8.83 39.02
CA GLU A 361 -47.82 9.24 39.92
C GLU A 361 -46.66 9.83 39.10
N SER A 362 -46.28 9.14 38.03
CA SER A 362 -45.15 9.58 37.20
C SER A 362 -45.32 10.93 36.54
N ILE A 363 -46.53 11.20 36.06
CA ILE A 363 -46.79 12.48 35.43
C ILE A 363 -46.77 13.59 36.46
N ALA A 364 -47.31 13.32 37.64
CA ALA A 364 -47.25 14.32 38.72
C ALA A 364 -45.80 14.66 39.05
N LEU A 365 -45.00 13.62 39.31
CA LEU A 365 -43.61 13.85 39.65
C LEU A 365 -42.85 14.55 38.54
N ALA A 366 -43.13 14.14 37.29
CA ALA A 366 -42.45 14.73 36.15
C ALA A 366 -42.77 16.21 36.00
N SER A 367 -44.00 16.59 36.37
CA SER A 367 -44.40 17.99 36.30
C SER A 367 -43.71 18.82 37.34
N MET A 368 -43.60 18.30 38.57
CA MET A 368 -42.89 19.04 39.61
C MET A 368 -41.42 19.21 39.25
N TYR A 369 -40.81 18.15 38.74
CA TYR A 369 -39.45 18.25 38.21
C TYR A 369 -39.35 19.34 37.15
N THR A 370 -40.25 19.31 36.18
CA THR A 370 -40.18 20.27 35.10
C THR A 370 -40.37 21.70 35.61
N ALA A 371 -41.38 21.90 36.46
CA ALA A 371 -41.69 23.23 36.97
C ALA A 371 -40.56 23.80 37.83
N ASN A 372 -39.96 22.95 38.65
CA ASN A 372 -38.85 23.41 39.49
C ASN A 372 -37.60 23.77 38.72
N HIS A 373 -37.48 23.36 37.46
CA HIS A 373 -36.27 23.67 36.68
C HIS A 373 -36.45 24.62 35.51
N PHE A 374 -37.67 24.74 34.96
CA PHE A 374 -37.93 25.70 33.89
C PHE A 374 -38.68 26.88 34.54
N PRO A 375 -37.96 27.93 34.93
CA PRO A 375 -38.58 28.98 35.75
C PRO A 375 -39.62 29.84 35.02
N GLY A 376 -39.64 29.77 33.69
CA GLY A 376 -40.71 30.36 32.91
C GLY A 376 -42.10 29.81 33.25
N ILE A 377 -42.16 28.61 33.83
CA ILE A 377 -43.41 28.03 34.25
C ILE A 377 -43.92 28.72 35.51
N LYS A 378 -45.12 29.29 35.43
CA LYS A 378 -45.69 30.06 36.50
C LYS A 378 -46.87 29.38 37.16
N ALA A 379 -47.35 28.28 36.61
CA ALA A 379 -48.47 27.56 37.20
C ALA A 379 -48.61 26.17 36.64
N ILE A 380 -49.29 25.32 37.38
CA ILE A 380 -49.62 23.98 36.93
C ILE A 380 -51.11 23.81 36.91
N ILE A 381 -51.65 23.54 35.72
CA ILE A 381 -53.07 23.30 35.50
C ILE A 381 -53.24 21.79 35.54
N CYS A 382 -53.80 21.31 36.64
CA CYS A 382 -53.98 19.88 36.81
C CYS A 382 -55.47 19.56 36.71
N LEU A 383 -55.88 19.01 35.58
CA LEU A 383 -57.25 18.57 35.40
C LEU A 383 -57.41 17.28 36.16
N THR A 384 -58.27 17.29 37.18
CA THR A 384 -58.40 16.14 38.05
C THR A 384 -59.86 15.89 38.39
N GLU A 385 -60.17 14.62 38.56
CA GLU A 385 -61.50 14.16 38.89
C GLU A 385 -61.66 14.10 40.41
N SER A 386 -60.75 13.41 41.08
CA SER A 386 -60.83 13.17 42.51
C SER A 386 -59.82 13.92 43.36
N GLY A 387 -58.91 14.65 42.72
CA GLY A 387 -57.83 15.35 43.44
C GLY A 387 -56.56 14.53 43.67
N PHE A 388 -56.53 13.28 43.23
CA PHE A 388 -55.37 12.43 43.42
C PHE A 388 -54.10 12.95 42.74
N THR A 389 -54.21 13.41 41.52
CA THR A 389 -53.04 13.89 40.83
C THR A 389 -52.38 15.08 41.54
N PRO A 390 -53.14 16.11 41.94
CA PRO A 390 -52.49 17.22 42.66
C PRO A 390 -52.08 16.86 44.10
N LEU A 391 -52.65 15.79 44.67
CA LEU A 391 -52.11 15.27 45.92
C LEU A 391 -50.65 14.87 45.74
N ILE A 392 -50.34 14.13 44.68
CA ILE A 392 -48.98 13.68 44.43
C ILE A 392 -48.09 14.87 44.11
N MET A 393 -48.55 15.77 43.25
CA MET A 393 -47.74 16.93 42.92
C MET A 393 -47.30 17.67 44.19
N SER A 394 -48.22 17.81 45.16
CA SER A 394 -47.96 18.64 46.32
C SER A 394 -47.13 17.97 47.40
N ARG A 395 -46.81 16.67 47.23
CA ARG A 395 -45.80 16.03 48.06
C ARG A 395 -44.38 16.49 47.77
N ILE A 396 -44.15 17.19 46.67
CA ILE A 396 -42.82 17.59 46.27
C ILE A 396 -42.60 19.04 46.63
N ARG A 397 -41.46 19.34 47.24
CA ARG A 397 -41.18 20.71 47.61
C ARG A 397 -41.13 21.56 46.37
N SER A 398 -41.84 22.68 46.39
CA SER A 398 -41.83 23.63 45.31
C SER A 398 -42.45 24.93 45.77
N SER A 399 -42.27 25.99 44.99
CA SER A 399 -43.07 27.20 45.19
C SER A 399 -44.02 27.51 44.01
N VAL A 400 -44.15 26.59 43.05
CA VAL A 400 -45.02 26.82 41.90
C VAL A 400 -46.49 26.56 42.30
N PRO A 401 -47.41 27.46 41.94
CA PRO A 401 -48.83 27.21 42.24
C PRO A 401 -49.40 26.02 41.51
N ILE A 402 -50.05 25.13 42.25
CA ILE A 402 -50.74 23.97 41.71
C ILE A 402 -52.24 24.24 41.73
N TYR A 403 -52.86 24.25 40.55
CA TYR A 403 -54.31 24.47 40.43
C TYR A 403 -55.03 23.19 40.12
N ALA A 404 -55.92 22.77 41.02
CA ALA A 404 -56.76 21.59 40.81
C ALA A 404 -58.06 22.03 40.10
N TYR A 405 -58.14 21.71 38.82
CA TYR A 405 -59.32 21.93 37.99
C TYR A 405 -60.24 20.72 38.12
N SER A 406 -61.42 20.94 38.68
CA SER A 406 -62.36 19.86 38.83
C SER A 406 -63.78 20.37 38.73
N PRO A 407 -64.68 19.54 38.22
CA PRO A 407 -66.08 19.93 38.20
C PRO A 407 -66.79 19.59 39.51
N HIS A 408 -66.27 18.63 40.27
CA HIS A 408 -66.95 18.12 41.44
C HIS A 408 -66.71 18.95 42.70
N ARG A 409 -67.75 19.09 43.53
CA ARG A 409 -67.63 19.84 44.77
C ARG A 409 -66.80 19.08 45.80
N GLU A 410 -67.00 17.77 45.87
CA GLU A 410 -66.22 16.88 46.74
C GLU A 410 -64.71 17.16 46.56
N THR A 411 -64.28 17.25 45.31
CA THR A 411 -62.88 17.47 45.00
C THR A 411 -62.48 18.90 45.25
N GLN A 412 -63.33 19.85 44.86
CA GLN A 412 -63.02 21.27 45.06
C GLN A 412 -62.73 21.60 46.54
N ALA A 413 -63.41 20.90 47.45
CA ALA A 413 -63.18 21.10 48.87
C ALA A 413 -61.99 20.30 49.40
N ARG A 414 -61.90 19.05 48.98
CA ARG A 414 -60.82 18.17 49.41
C ARG A 414 -59.45 18.83 49.34
N VAL A 415 -59.16 19.42 48.19
CA VAL A 415 -57.82 19.95 47.97
C VAL A 415 -57.52 21.19 48.79
N ALA A 416 -58.51 21.73 49.49
CA ALA A 416 -58.27 22.88 50.35
C ALA A 416 -57.23 22.60 51.45
N MET A 417 -57.10 21.35 51.86
CA MET A 417 -56.08 20.98 52.82
C MET A 417 -54.71 20.63 52.21
N PHE A 418 -54.57 20.62 50.89
CA PHE A 418 -53.32 20.24 50.23
C PHE A 418 -52.40 21.46 50.15
N ARG A 419 -51.18 21.34 50.62
CA ARG A 419 -50.27 22.47 50.58
C ARG A 419 -50.00 22.91 49.14
N GLY A 420 -50.16 24.21 48.89
CA GLY A 420 -49.82 24.81 47.61
C GLY A 420 -50.87 24.64 46.51
N VAL A 421 -52.00 24.00 46.80
CA VAL A 421 -53.02 23.71 45.81
C VAL A 421 -54.21 24.68 45.96
N GLU A 422 -54.65 25.25 44.85
CA GLU A 422 -55.85 26.07 44.81
C GLU A 422 -56.88 25.42 43.90
N THR A 423 -58.15 25.57 44.24
CA THR A 423 -59.22 25.01 43.41
C THR A 423 -59.64 26.00 42.32
N ILE A 424 -59.80 25.47 41.12
CA ILE A 424 -60.42 26.20 40.02
C ILE A 424 -61.58 25.34 39.50
N PRO A 425 -62.84 25.75 39.74
CA PRO A 425 -63.95 24.93 39.23
C PRO A 425 -63.97 24.97 37.70
N PHE A 426 -64.15 23.80 37.09
CA PHE A 426 -63.93 23.63 35.67
C PHE A 426 -64.44 22.26 35.25
N ASP A 427 -65.15 22.25 34.11
CA ASP A 427 -65.72 21.03 33.56
C ASP A 427 -65.24 20.85 32.12
N PRO A 428 -64.16 20.08 31.92
CA PRO A 428 -63.66 19.93 30.56
C PRO A 428 -64.61 19.11 29.64
N ALA A 429 -65.33 18.12 30.18
CA ALA A 429 -66.24 17.28 29.39
C ALA A 429 -67.35 18.09 28.70
N ALA A 430 -67.77 19.19 29.31
CA ALA A 430 -68.81 20.03 28.74
C ALA A 430 -68.27 21.09 27.80
N LEU A 431 -67.11 20.86 27.19
CA LEU A 431 -66.54 21.80 26.23
C LEU A 431 -66.11 21.06 24.96
N PRO A 432 -66.03 21.78 23.84
CA PRO A 432 -65.40 21.18 22.66
C PRO A 432 -63.92 20.85 22.92
N ALA A 433 -63.58 19.56 22.81
CA ALA A 433 -62.24 19.09 23.11
C ALA A 433 -61.08 20.01 22.73
N GLU A 434 -61.14 20.57 21.54
CA GLU A 434 -60.05 21.42 21.02
C GLU A 434 -59.94 22.76 21.74
N LYS A 435 -60.96 23.15 22.49
CA LYS A 435 -60.95 24.44 23.21
C LYS A 435 -60.57 24.35 24.70
N VAL A 436 -60.44 23.14 25.23
CA VAL A 436 -60.15 22.92 26.66
C VAL A 436 -58.89 23.66 27.14
N SER A 437 -57.78 23.47 26.47
CA SER A 437 -56.52 24.10 26.93
C SER A 437 -56.66 25.60 27.07
N GLN A 438 -57.16 26.28 26.06
CA GLN A 438 -57.25 27.75 26.16
C GLN A 438 -58.32 28.17 27.17
N ALA A 439 -59.33 27.32 27.39
CA ALA A 439 -60.34 27.59 28.38
C ALA A 439 -59.73 27.57 29.79
N ALA A 440 -58.93 26.54 30.06
CA ALA A 440 -58.19 26.45 31.32
C ALA A 440 -57.23 27.63 31.50
N VAL A 441 -56.49 27.97 30.48
CA VAL A 441 -55.59 29.11 30.58
C VAL A 441 -56.37 30.40 30.81
N ASP A 442 -57.58 30.50 30.28
CA ASP A 442 -58.41 31.70 30.50
C ASP A 442 -58.71 31.93 31.97
N GLU A 443 -59.06 30.85 32.67
CA GLU A 443 -59.33 30.90 34.11
C GLU A 443 -58.17 31.53 34.90
N LEU A 444 -56.94 31.26 34.51
CA LEU A 444 -55.80 31.90 35.18
C LEU A 444 -55.57 33.33 34.73
N LEU A 445 -55.84 33.61 33.46
CA LEU A 445 -55.75 35.00 32.97
C LEU A 445 -56.79 35.90 33.65
N LYS A 446 -58.02 35.40 33.82
CA LYS A 446 -59.05 36.13 34.58
C LYS A 446 -58.52 36.56 35.95
N ARG A 447 -57.85 35.65 36.63
CA ARG A 447 -57.42 35.89 38.01
C ARG A 447 -56.10 36.60 38.10
N GLY A 448 -55.46 36.90 36.97
CA GLY A 448 -54.20 37.63 36.98
C GLY A 448 -53.01 36.82 37.45
N VAL A 449 -53.13 35.50 37.48
CA VAL A 449 -52.04 34.61 37.92
C VAL A 449 -50.97 34.47 36.84
N VAL A 450 -51.38 34.50 35.57
CA VAL A 450 -50.46 34.42 34.47
C VAL A 450 -50.79 35.51 33.45
N THR A 451 -49.77 35.92 32.71
CA THR A 451 -49.96 36.88 31.63
C THR A 451 -49.34 36.35 30.33
N LYS A 452 -49.56 37.07 29.25
CA LYS A 452 -49.01 36.68 27.96
C LYS A 452 -47.47 36.63 28.08
N GLY A 453 -46.87 35.54 27.62
CA GLY A 453 -45.42 35.36 27.72
C GLY A 453 -45.00 34.33 28.76
N ASP A 454 -45.81 34.16 29.81
CA ASP A 454 -45.57 33.12 30.78
C ASP A 454 -45.86 31.74 30.18
N TRP A 455 -45.26 30.73 30.77
CA TRP A 455 -45.50 29.33 30.42
C TRP A 455 -46.27 28.63 31.52
N VAL A 456 -46.83 27.48 31.18
CA VAL A 456 -47.71 26.77 32.08
C VAL A 456 -47.61 25.27 31.79
N ILE A 457 -47.90 24.47 32.78
CA ILE A 457 -47.96 23.02 32.59
C ILE A 457 -49.41 22.60 32.70
N LEU A 458 -49.85 21.76 31.76
CA LEU A 458 -51.17 21.18 31.85
C LEU A 458 -51.02 19.68 31.91
N THR A 459 -51.75 19.05 32.84
CA THR A 459 -51.79 17.60 32.91
C THR A 459 -53.21 17.12 32.78
N LYS A 460 -53.38 15.96 32.16
CA LYS A 460 -54.69 15.37 31.96
C LYS A 460 -54.52 13.93 31.53
N GLY A 461 -55.65 13.28 31.30
CA GLY A 461 -55.68 11.94 30.73
C GLY A 461 -56.39 11.98 29.38
N ASP A 462 -56.78 10.81 28.91
CA ASP A 462 -57.36 10.68 27.56
C ASP A 462 -58.83 11.08 27.54
N SER A 463 -59.64 10.49 28.44
CA SER A 463 -61.04 10.85 28.56
C SER A 463 -61.20 11.96 29.60
N TYR A 464 -62.40 12.53 29.69
CA TYR A 464 -62.73 13.50 30.73
C TYR A 464 -63.80 12.99 31.70
N THR A 465 -63.95 11.67 31.78
CA THR A 465 -65.04 11.05 32.54
C THR A 465 -64.51 10.10 33.63
N ALA A 466 -63.52 9.25 33.32
CA ALA A 466 -62.94 8.32 34.27
C ALA A 466 -61.93 9.02 35.18
N GLN A 467 -61.66 8.40 36.32
CA GLN A 467 -60.63 8.84 37.27
C GLN A 467 -59.42 7.90 37.17
N GLY A 468 -58.29 8.37 37.69
CA GLY A 468 -57.08 7.55 37.77
C GLY A 468 -56.31 7.32 36.46
N GLY A 469 -56.61 8.09 35.41
CA GLY A 469 -55.95 7.95 34.13
C GLY A 469 -55.15 9.17 33.70
N THR A 470 -54.61 10.00 34.62
CA THR A 470 -53.71 11.06 34.18
C THR A 470 -52.50 10.42 33.50
N ASN A 471 -52.21 10.84 32.27
CA ASN A 471 -51.09 10.28 31.53
C ASN A 471 -50.40 11.24 30.58
N THR A 472 -50.63 12.55 30.69
CA THR A 472 -50.12 13.48 29.72
C THR A 472 -49.64 14.73 30.41
N MET A 473 -48.55 15.31 29.92
CA MET A 473 -48.03 16.55 30.45
C MET A 473 -47.72 17.42 29.26
N LYS A 474 -48.25 18.63 29.25
CA LYS A 474 -48.00 19.58 28.16
C LYS A 474 -47.41 20.83 28.75
N VAL A 475 -46.53 21.48 28.02
CA VAL A 475 -45.96 22.75 28.41
C VAL A 475 -46.41 23.77 27.37
N LEU A 476 -47.19 24.76 27.81
CA LEU A 476 -47.89 25.68 26.92
C LEU A 476 -47.46 27.10 27.16
N HIS A 477 -47.39 27.87 26.09
CA HIS A 477 -46.95 29.27 26.14
C HIS A 477 -48.21 30.14 26.09
N VAL A 478 -48.43 30.93 27.13
CA VAL A 478 -49.61 31.76 27.23
C VAL A 478 -49.49 32.90 26.21
N GLY A 479 -50.42 32.90 25.25
CA GLY A 479 -50.33 33.76 24.07
C GLY A 479 -50.42 32.99 22.77
N ASP A 480 -49.92 31.76 22.75
CA ASP A 480 -49.97 30.95 21.53
C ASP A 480 -51.37 30.39 21.29
N LEU A 481 -51.56 29.85 20.10
CA LEU A 481 -52.77 29.14 19.76
C LEU A 481 -52.69 27.75 20.36
N LEU A 482 -53.52 27.45 21.32
CA LEU A 482 -53.43 26.17 22.04
C LEU A 482 -54.45 25.22 21.48
N VAL A 483 -54.02 24.03 21.09
CA VAL A 483 -54.95 22.97 20.68
C VAL A 483 -55.41 22.37 21.98
N MET B 1 -15.81 19.90 -29.97
CA MET B 1 -16.36 18.57 -30.30
C MET B 1 -16.92 17.80 -29.05
N SER B 2 -17.85 16.90 -29.30
CA SER B 2 -18.75 16.36 -28.28
C SER B 2 -18.14 15.11 -27.64
N VAL B 3 -18.72 14.72 -26.52
CA VAL B 3 -18.33 13.52 -25.86
C VAL B 3 -18.54 12.32 -26.81
N ARG B 4 -17.52 11.47 -26.88
CA ARG B 4 -17.57 10.28 -27.70
C ARG B 4 -18.77 9.40 -27.35
N ARG B 5 -19.42 8.89 -28.39
CA ARG B 5 -20.57 8.04 -28.24
C ARG B 5 -20.27 6.57 -28.48
N THR B 6 -19.38 6.26 -29.41
CA THR B 6 -19.05 4.87 -29.72
C THR B 6 -18.17 4.33 -28.61
N LYS B 7 -18.44 3.09 -28.20
CA LYS B 7 -17.78 2.54 -27.03
C LYS B 7 -16.58 1.69 -27.43
N ILE B 8 -15.62 1.59 -26.52
CA ILE B 8 -14.36 0.89 -26.78
C ILE B 8 -14.20 -0.32 -25.88
N VAL B 9 -14.05 -1.49 -26.49
CA VAL B 9 -13.74 -2.71 -25.78
C VAL B 9 -12.26 -3.01 -25.90
N ALA B 10 -11.59 -3.16 -24.76
CA ALA B 10 -10.14 -3.42 -24.72
C ALA B 10 -9.89 -4.77 -24.08
N THR B 11 -9.21 -5.65 -24.81
CA THR B 11 -8.84 -6.93 -24.27
C THR B 11 -7.63 -6.76 -23.35
N LEU B 12 -7.67 -7.43 -22.20
CA LEU B 12 -6.54 -7.41 -21.26
C LEU B 12 -5.61 -8.58 -21.47
N GLY B 13 -4.36 -8.38 -21.09
CA GLY B 13 -3.34 -9.40 -21.19
C GLY B 13 -2.02 -8.97 -20.58
N PRO B 14 -0.92 -9.68 -20.90
CA PRO B 14 0.41 -9.35 -20.35
C PRO B 14 0.79 -7.88 -20.41
N ALA B 15 0.45 -7.20 -21.50
CA ALA B 15 0.80 -5.78 -21.65
C ALA B 15 -0.08 -4.86 -20.85
N SER B 16 -1.20 -5.38 -20.32
CA SER B 16 -2.17 -4.56 -19.60
C SER B 16 -2.60 -5.26 -18.32
N ASN B 17 -1.61 -5.71 -17.58
CA ASN B 17 -1.83 -6.50 -16.37
C ASN B 17 -1.50 -5.73 -15.10
N SER B 18 -0.63 -4.73 -15.18
CA SER B 18 -0.24 -3.97 -14.03
C SER B 18 -1.27 -2.89 -13.67
N PRO B 19 -1.28 -2.48 -12.39
CA PRO B 19 -2.15 -1.36 -12.02
C PRO B 19 -1.82 -0.05 -12.73
N GLU B 20 -0.56 0.18 -13.06
CA GLU B 20 -0.20 1.44 -13.71
C GLU B 20 -0.81 1.53 -15.12
N VAL B 21 -0.80 0.43 -15.86
CA VAL B 21 -1.28 0.45 -17.22
C VAL B 21 -2.82 0.44 -17.22
N LEU B 22 -3.42 -0.38 -16.38
CA LEU B 22 -4.88 -0.39 -16.25
C LEU B 22 -5.42 0.99 -15.88
N GLU B 23 -4.77 1.65 -14.94
CA GLU B 23 -5.19 3.00 -14.62
C GLU B 23 -5.14 3.91 -15.88
N GLN B 24 -4.07 3.78 -16.65
CA GLN B 24 -3.93 4.58 -17.86
C GLN B 24 -4.97 4.26 -18.94
N LEU B 25 -5.36 2.98 -19.04
CA LEU B 25 -6.40 2.56 -19.96
C LEU B 25 -7.77 3.13 -19.53
N ILE B 26 -8.05 3.10 -18.24
CA ILE B 26 -9.26 3.69 -17.70
C ILE B 26 -9.29 5.18 -18.04
N LEU B 27 -8.20 5.87 -17.82
CA LEU B 27 -8.15 7.31 -18.10
C LEU B 27 -8.20 7.60 -19.60
N ALA B 28 -7.72 6.67 -20.42
CA ALA B 28 -7.75 6.88 -21.86
C ALA B 28 -9.17 6.68 -22.43
N GLY B 29 -10.05 6.05 -21.66
CA GLY B 29 -11.44 5.96 -21.98
C GLY B 29 -12.03 4.60 -22.27
N ILE B 30 -11.42 3.51 -21.85
CA ILE B 30 -12.04 2.22 -22.14
C ILE B 30 -13.42 2.13 -21.50
N ASP B 31 -14.35 1.54 -22.20
CA ASP B 31 -15.70 1.36 -21.66
C ASP B 31 -15.97 -0.10 -21.26
N VAL B 32 -15.23 -1.05 -21.83
CA VAL B 32 -15.40 -2.47 -21.52
C VAL B 32 -14.04 -3.15 -21.55
N ALA B 33 -13.76 -3.95 -20.52
CA ALA B 33 -12.56 -4.77 -20.48
C ALA B 33 -12.95 -6.19 -20.81
N ARG B 34 -12.27 -6.78 -21.79
CA ARG B 34 -12.52 -8.16 -22.22
C ARG B 34 -11.49 -9.06 -21.60
N LEU B 35 -11.96 -10.15 -20.99
CA LEU B 35 -11.11 -11.13 -20.36
C LEU B 35 -11.22 -12.36 -21.22
N ASN B 36 -10.14 -12.68 -21.94
CA ASN B 36 -10.18 -13.77 -22.90
C ASN B 36 -9.81 -15.04 -22.18
N PHE B 37 -10.76 -15.93 -22.00
CA PHE B 37 -10.50 -17.17 -21.25
C PHE B 37 -9.64 -18.16 -22.02
N SER B 38 -9.39 -17.94 -23.31
CA SER B 38 -8.44 -18.81 -24.04
C SER B 38 -7.04 -18.82 -23.39
N HIS B 39 -6.65 -17.74 -22.73
CA HIS B 39 -5.35 -17.65 -22.07
C HIS B 39 -5.52 -17.18 -20.64
N GLY B 40 -4.48 -17.36 -19.84
CA GLY B 40 -4.45 -16.93 -18.46
C GLY B 40 -5.08 -17.89 -17.48
N THR B 41 -4.76 -17.70 -16.21
CA THR B 41 -5.27 -18.54 -15.14
C THR B 41 -6.47 -17.84 -14.49
N PRO B 42 -7.36 -18.63 -13.88
CA PRO B 42 -8.49 -18.03 -13.16
C PRO B 42 -8.10 -16.88 -12.21
N ASP B 43 -6.98 -16.98 -11.52
CA ASP B 43 -6.60 -15.93 -10.59
C ASP B 43 -6.08 -14.69 -11.28
N GLU B 44 -5.44 -14.87 -12.43
CA GLU B 44 -5.04 -13.71 -13.24
C GLU B 44 -6.27 -12.90 -13.68
N HIS B 45 -7.33 -13.60 -14.06
CA HIS B 45 -8.56 -12.91 -14.46
C HIS B 45 -9.18 -12.21 -13.25
N ARG B 46 -9.31 -12.93 -12.14
CA ARG B 46 -9.88 -12.33 -10.93
C ARG B 46 -9.17 -11.07 -10.51
N ALA B 47 -7.84 -11.10 -10.57
CA ALA B 47 -7.05 -9.95 -10.14
C ALA B 47 -7.29 -8.76 -11.05
N ARG B 48 -7.29 -9.00 -12.36
CA ARG B 48 -7.58 -7.95 -13.33
C ARG B 48 -9.00 -7.40 -13.17
N ALA B 49 -9.98 -8.31 -13.00
CA ALA B 49 -11.37 -7.90 -12.84
C ALA B 49 -11.54 -6.95 -11.65
N ARG B 50 -10.92 -7.31 -10.53
CA ARG B 50 -11.00 -6.49 -9.33
C ARG B 50 -10.34 -5.14 -9.55
N LEU B 51 -9.23 -5.15 -10.26
CA LEU B 51 -8.43 -3.96 -10.45
C LEU B 51 -9.12 -2.96 -11.37
N VAL B 52 -9.78 -3.44 -12.41
CA VAL B 52 -10.46 -2.55 -13.35
C VAL B 52 -11.62 -1.89 -12.63
N ARG B 53 -12.39 -2.68 -11.87
CA ARG B 53 -13.53 -2.12 -11.16
C ARG B 53 -13.11 -1.08 -10.12
N GLU B 54 -12.00 -1.36 -9.42
CA GLU B 54 -11.48 -0.44 -8.44
C GLU B 54 -11.02 0.87 -9.09
N LEU B 55 -10.24 0.73 -10.14
CA LEU B 55 -9.68 1.89 -10.81
C LEU B 55 -10.73 2.71 -11.57
N ALA B 56 -11.73 2.02 -12.12
CA ALA B 56 -12.86 2.75 -12.72
C ALA B 56 -13.56 3.63 -11.68
N ALA B 57 -13.95 3.01 -10.56
CA ALA B 57 -14.58 3.75 -9.47
C ALA B 57 -13.70 4.92 -9.00
N LYS B 58 -12.41 4.68 -8.89
CA LYS B 58 -11.48 5.74 -8.49
C LYS B 58 -11.59 6.98 -9.38
N HIS B 59 -11.88 6.79 -10.65
CA HIS B 59 -11.97 7.91 -11.61
C HIS B 59 -13.37 8.18 -12.13
N GLY B 60 -14.38 7.71 -11.42
CA GLY B 60 -15.77 8.06 -11.76
C GLY B 60 -16.19 7.58 -13.13
N ARG B 61 -15.78 6.36 -13.45
CA ARG B 61 -16.08 5.75 -14.74
C ARG B 61 -16.79 4.44 -14.50
N PHE B 62 -17.54 4.01 -15.49
CA PHE B 62 -18.34 2.80 -15.38
C PHE B 62 -17.92 1.87 -16.50
N VAL B 63 -17.09 0.90 -16.16
CA VAL B 63 -16.51 -0.03 -17.10
C VAL B 63 -17.11 -1.43 -16.91
N ALA B 64 -17.70 -1.97 -17.95
CA ALA B 64 -18.20 -3.33 -17.91
C ALA B 64 -17.07 -4.33 -18.06
N LEU B 65 -17.34 -5.56 -17.65
CA LEU B 65 -16.44 -6.67 -17.83
C LEU B 65 -17.09 -7.71 -18.70
N LEU B 66 -16.38 -8.09 -19.75
CA LEU B 66 -16.84 -9.08 -20.68
C LEU B 66 -15.90 -10.27 -20.60
N GLY B 67 -16.48 -11.46 -20.46
CA GLY B 67 -15.74 -12.71 -20.41
C GLY B 67 -15.95 -13.48 -21.67
N ASP B 68 -14.86 -13.81 -22.36
CA ASP B 68 -14.92 -14.42 -23.67
C ASP B 68 -14.57 -15.90 -23.56
N LEU B 69 -15.55 -16.75 -23.80
CA LEU B 69 -15.35 -18.21 -23.79
C LEU B 69 -14.52 -18.67 -24.97
N GLN B 70 -13.61 -19.59 -24.75
CA GLN B 70 -12.72 -20.05 -25.82
C GLN B 70 -13.45 -20.75 -26.91
N GLY B 71 -14.42 -21.58 -26.56
CA GLY B 71 -15.21 -22.31 -27.56
C GLY B 71 -14.44 -23.51 -28.09
N PRO B 72 -14.98 -24.15 -29.15
CA PRO B 72 -14.38 -25.29 -29.80
C PRO B 72 -13.32 -24.93 -30.86
N LYS B 73 -12.37 -24.19 -30.39
CA LYS B 73 -11.20 -23.84 -31.19
C LYS B 73 -10.32 -25.09 -31.32
N ILE B 74 -9.96 -25.40 -32.58
CA ILE B 74 -9.18 -26.60 -32.83
C ILE B 74 -7.72 -26.17 -32.90
N ARG B 75 -6.87 -26.80 -32.09
CA ARG B 75 -5.45 -26.45 -32.10
C ARG B 75 -4.60 -27.66 -32.36
N ILE B 76 -3.41 -27.41 -32.88
CA ILE B 76 -2.38 -28.44 -32.98
C ILE B 76 -1.73 -28.70 -31.61
N ALA B 77 -0.98 -29.77 -31.55
CA ALA B 77 -0.23 -30.15 -30.34
C ALA B 77 1.13 -29.44 -30.24
N LYS B 78 2.04 -29.93 -29.40
CA LYS B 78 3.34 -29.32 -29.24
C LYS B 78 4.39 -29.88 -30.21
N PHE B 79 5.45 -29.12 -30.38
CA PHE B 79 6.62 -29.47 -31.18
C PHE B 79 7.76 -29.70 -30.20
N ALA B 80 8.72 -30.55 -30.55
CA ALA B 80 9.83 -30.84 -29.66
C ALA B 80 10.69 -29.62 -29.36
N ASN B 81 11.02 -28.84 -30.37
CA ASN B 81 11.75 -27.60 -30.19
C ASN B 81 10.57 -26.78 -30.49
N LYS B 82 10.16 -25.89 -29.63
CA LYS B 82 8.82 -25.33 -29.80
C LYS B 82 8.33 -24.65 -31.05
N ARG B 83 9.17 -24.34 -32.03
CA ARG B 83 8.68 -23.75 -33.22
C ARG B 83 9.42 -24.31 -34.41
N ILE B 84 8.81 -24.28 -35.58
CA ILE B 84 9.45 -24.71 -36.79
C ILE B 84 9.13 -23.72 -37.90
N GLU B 85 9.89 -23.76 -38.97
CA GLU B 85 9.64 -22.88 -40.07
C GLU B 85 9.42 -23.70 -41.30
N LEU B 86 8.41 -23.33 -42.06
CA LEU B 86 7.96 -24.08 -43.24
C LEU B 86 8.00 -23.22 -44.47
N GLN B 87 8.39 -23.85 -45.57
CA GLN B 87 8.52 -23.17 -46.86
C GLN B 87 7.45 -23.69 -47.82
N VAL B 88 7.13 -22.83 -48.79
CA VAL B 88 6.16 -23.18 -49.80
C VAL B 88 6.64 -24.45 -50.50
N GLY B 89 5.70 -25.39 -50.70
CA GLY B 89 6.00 -26.67 -51.35
C GLY B 89 6.36 -27.79 -50.41
N ASP B 90 6.72 -27.47 -49.17
CA ASP B 90 7.02 -28.50 -48.17
C ASP B 90 5.83 -29.40 -47.92
N LYS B 91 6.12 -30.61 -47.46
CA LYS B 91 5.08 -31.57 -47.07
C LYS B 91 4.96 -31.59 -45.57
N PHE B 92 3.73 -31.73 -45.08
CA PHE B 92 3.47 -31.66 -43.67
C PHE B 92 2.22 -32.45 -43.32
N ARG B 93 2.22 -33.02 -42.12
CA ARG B 93 1.16 -33.93 -41.69
C ARG B 93 0.60 -33.55 -40.34
N PHE B 94 -0.71 -33.74 -40.23
CA PHE B 94 -1.42 -33.60 -38.97
C PHE B 94 -1.93 -35.00 -38.61
N SER B 95 -1.48 -35.54 -37.45
CA SER B 95 -1.75 -36.94 -37.14
C SER B 95 -2.30 -37.10 -35.73
N THR B 96 -3.37 -37.83 -35.59
CA THR B 96 -3.92 -38.17 -34.30
C THR B 96 -3.10 -39.23 -33.58
N SER B 97 -2.29 -39.97 -34.30
CA SER B 97 -1.45 -41.01 -33.70
C SER B 97 0.00 -40.53 -33.44
N HIS B 98 0.39 -39.34 -33.89
CA HIS B 98 1.60 -38.70 -33.46
C HIS B 98 1.59 -38.16 -32.05
N ALA B 99 2.68 -38.39 -31.34
CA ALA B 99 2.81 -37.94 -29.92
C ALA B 99 2.67 -36.43 -29.81
N ARG B 100 1.96 -36.02 -28.81
CA ARG B 100 1.59 -34.64 -28.57
C ARG B 100 2.77 -33.74 -28.21
N ASP B 101 3.86 -34.34 -27.70
CA ASP B 101 5.02 -33.55 -27.36
C ASP B 101 6.13 -33.58 -28.40
N ALA B 102 6.03 -34.46 -29.42
CA ALA B 102 7.14 -34.75 -30.31
C ALA B 102 6.98 -34.23 -31.72
N GLY B 103 6.40 -33.03 -31.88
CA GLY B 103 6.20 -32.48 -33.21
C GLY B 103 7.54 -32.23 -33.88
N THR B 104 7.59 -32.47 -35.18
CA THR B 104 8.83 -32.30 -35.93
C THR B 104 8.59 -31.40 -37.10
N GLN B 105 9.61 -31.26 -37.95
CA GLN B 105 9.52 -30.52 -39.19
C GLN B 105 8.55 -31.13 -40.21
N GLU B 106 8.15 -32.39 -40.00
CA GLU B 106 7.33 -33.11 -40.97
C GLU B 106 5.93 -33.44 -40.48
N VAL B 107 5.71 -33.45 -39.16
CA VAL B 107 4.43 -33.85 -38.61
C VAL B 107 4.24 -33.26 -37.25
N VAL B 108 2.98 -32.97 -36.91
CA VAL B 108 2.58 -32.59 -35.57
C VAL B 108 1.30 -33.36 -35.23
N GLY B 109 1.12 -33.61 -33.95
CA GLY B 109 -0.06 -34.22 -33.45
C GLY B 109 -1.23 -33.31 -33.30
N ILE B 110 -2.42 -33.87 -33.14
CA ILE B 110 -3.60 -33.12 -32.86
C ILE B 110 -4.55 -33.97 -31.99
N ASP B 111 -5.08 -33.30 -30.96
CA ASP B 111 -6.05 -33.96 -30.09
C ASP B 111 -7.50 -33.90 -30.54
N TYR B 112 -7.75 -33.85 -31.88
CA TYR B 112 -9.05 -33.70 -32.43
C TYR B 112 -9.30 -34.68 -33.58
N PRO B 113 -9.87 -35.85 -33.26
CA PRO B 113 -10.11 -36.86 -34.29
C PRO B 113 -11.05 -36.42 -35.41
N ASP B 114 -12.10 -35.70 -35.11
CA ASP B 114 -12.98 -35.21 -36.17
C ASP B 114 -12.42 -34.21 -37.22
N LEU B 115 -11.23 -33.68 -36.91
CA LEU B 115 -10.53 -32.86 -37.95
C LEU B 115 -10.25 -33.71 -39.20
N VAL B 116 -9.74 -34.87 -39.00
CA VAL B 116 -9.35 -35.77 -40.08
C VAL B 116 -10.57 -36.38 -40.77
N LYS B 117 -11.65 -36.56 -40.01
CA LYS B 117 -12.86 -37.11 -40.57
C LYS B 117 -13.61 -36.14 -41.46
N ASP B 118 -13.60 -34.88 -41.09
CA ASP B 118 -14.32 -33.82 -41.81
C ASP B 118 -13.58 -33.30 -43.00
N CYS B 119 -12.23 -33.43 -43.07
CA CYS B 119 -11.47 -32.96 -44.18
C CYS B 119 -11.28 -33.96 -45.31
N GLY B 120 -11.12 -33.40 -46.53
CA GLY B 120 -10.94 -34.17 -47.72
C GLY B 120 -9.88 -33.54 -48.64
N VAL B 121 -9.46 -34.33 -49.62
CA VAL B 121 -8.45 -33.92 -50.57
C VAL B 121 -8.91 -32.63 -51.25
N GLY B 122 -8.02 -31.65 -51.30
CA GLY B 122 -8.34 -30.33 -51.86
C GLY B 122 -8.64 -29.26 -50.85
N ASP B 123 -9.11 -29.64 -49.66
CA ASP B 123 -9.40 -28.66 -48.60
C ASP B 123 -8.18 -27.80 -48.27
N GLU B 124 -8.40 -26.53 -48.02
CA GLU B 124 -7.31 -25.64 -47.60
C GLU B 124 -7.44 -25.40 -46.10
N LEU B 125 -6.33 -25.57 -45.39
CA LEU B 125 -6.30 -25.42 -43.94
C LEU B 125 -5.50 -24.18 -43.61
N LEU B 126 -6.00 -23.39 -42.66
CA LEU B 126 -5.39 -22.14 -42.27
C LEU B 126 -5.00 -22.22 -40.82
N LEU B 127 -3.72 -21.93 -40.57
CA LEU B 127 -3.15 -22.01 -39.23
C LEU B 127 -2.69 -20.63 -38.78
N ASP B 128 -2.77 -20.39 -37.47
CA ASP B 128 -2.38 -19.12 -36.88
C ASP B 128 -3.11 -17.95 -37.55
N ASP B 129 -4.42 -18.01 -37.52
CA ASP B 129 -5.30 -16.94 -38.05
C ASP B 129 -5.04 -16.66 -39.54
N GLY B 130 -4.67 -17.68 -40.29
CA GLY B 130 -4.38 -17.52 -41.72
C GLY B 130 -2.93 -17.28 -42.12
N ARG B 131 -2.03 -17.18 -41.15
CA ARG B 131 -0.61 -16.87 -41.42
C ARG B 131 0.07 -17.94 -42.26
N VAL B 132 -0.27 -19.22 -42.01
CA VAL B 132 0.20 -20.35 -42.76
C VAL B 132 -0.98 -21.02 -43.42
N VAL B 133 -0.82 -21.47 -44.65
CA VAL B 133 -1.91 -22.10 -45.40
C VAL B 133 -1.40 -23.38 -46.04
N MET B 134 -2.21 -24.44 -45.95
CA MET B 134 -1.88 -25.73 -46.53
C MET B 134 -3.07 -26.29 -47.28
N VAL B 135 -2.77 -27.18 -48.21
CA VAL B 135 -3.81 -27.92 -48.94
C VAL B 135 -3.65 -29.41 -48.65
N VAL B 136 -4.77 -30.10 -48.47
CA VAL B 136 -4.76 -31.53 -48.17
C VAL B 136 -4.52 -32.31 -49.46
N GLU B 137 -3.46 -33.09 -49.49
CA GLU B 137 -3.11 -33.92 -50.66
C GLU B 137 -3.62 -35.37 -50.52
N GLU B 138 -3.59 -35.92 -49.31
CA GLU B 138 -4.02 -37.28 -49.04
C GLU B 138 -4.67 -37.36 -47.67
N VAL B 139 -5.66 -38.25 -47.55
CA VAL B 139 -6.36 -38.49 -46.31
C VAL B 139 -6.20 -39.95 -45.95
N ALA B 140 -5.90 -40.22 -44.69
CA ALA B 140 -5.93 -41.55 -44.10
C ALA B 140 -6.83 -41.51 -42.88
N ALA B 141 -7.05 -42.66 -42.25
CA ALA B 141 -7.96 -42.70 -41.08
C ALA B 141 -7.46 -41.85 -39.93
N ASP B 142 -6.14 -41.66 -39.80
CA ASP B 142 -5.57 -40.99 -38.65
C ASP B 142 -4.74 -39.71 -38.98
N GLU B 143 -4.70 -39.27 -40.25
CA GLU B 143 -3.90 -38.13 -40.56
C GLU B 143 -4.27 -37.46 -41.84
N LEU B 144 -3.88 -36.18 -41.96
CA LEU B 144 -4.01 -35.43 -43.20
C LEU B 144 -2.58 -35.14 -43.68
N ARG B 145 -2.33 -35.42 -44.96
CA ARG B 145 -1.04 -35.20 -45.56
C ARG B 145 -1.14 -34.02 -46.50
N CYS B 146 -0.37 -32.98 -46.24
CA CYS B 146 -0.56 -31.68 -46.86
C CYS B 146 0.66 -31.13 -47.54
N ARG B 147 0.42 -30.16 -48.41
CA ARG B 147 1.45 -29.33 -49.03
C ARG B 147 1.27 -27.89 -48.56
N VAL B 148 2.37 -27.23 -48.24
CA VAL B 148 2.32 -25.84 -47.80
C VAL B 148 2.12 -24.91 -49.00
N LEU B 149 1.08 -24.09 -48.94
CA LEU B 149 0.81 -23.07 -49.97
C LEU B 149 1.47 -21.73 -49.58
N ILE B 150 1.36 -21.37 -48.31
CA ILE B 150 1.95 -20.15 -47.79
C ILE B 150 2.72 -20.51 -46.53
N GLY B 151 4.02 -20.22 -46.56
CA GLY B 151 4.92 -20.61 -45.50
C GLY B 151 4.89 -19.67 -44.33
N GLY B 152 5.69 -20.01 -43.34
CA GLY B 152 5.80 -19.22 -42.14
C GLY B 152 6.19 -20.07 -40.96
N PRO B 153 6.20 -19.49 -39.78
CA PRO B 153 6.43 -20.28 -38.57
C PRO B 153 5.22 -21.01 -38.05
N LEU B 154 5.48 -22.07 -37.30
CA LEU B 154 4.43 -22.83 -36.63
C LEU B 154 4.93 -23.18 -35.25
N SER B 155 4.08 -23.07 -34.25
CA SER B 155 4.51 -23.29 -32.87
C SER B 155 3.39 -24.00 -32.09
N ASP B 156 3.68 -24.36 -30.85
CA ASP B 156 2.79 -25.14 -30.01
C ASP B 156 1.40 -24.50 -29.94
N HIS B 157 0.39 -25.36 -30.02
CA HIS B 157 -1.00 -24.98 -29.79
C HIS B 157 -1.57 -23.92 -30.72
N LYS B 158 -0.99 -23.72 -31.92
CA LYS B 158 -1.57 -22.78 -32.85
C LYS B 158 -2.90 -23.29 -33.38
N GLY B 159 -3.78 -22.34 -33.68
CA GLY B 159 -5.12 -22.65 -34.15
C GLY B 159 -5.10 -23.11 -35.58
N ILE B 160 -6.07 -23.94 -35.92
CA ILE B 160 -6.26 -24.43 -37.28
C ILE B 160 -7.76 -24.39 -37.61
N ASN B 161 -8.07 -24.01 -38.84
CA ASN B 161 -9.44 -24.09 -39.33
C ASN B 161 -9.41 -24.42 -40.81
N ARG B 162 -10.56 -24.77 -41.36
CA ARG B 162 -10.76 -25.00 -42.74
C ARG B 162 -11.37 -23.80 -43.44
N ARG B 163 -10.78 -23.45 -44.61
CA ARG B 163 -11.34 -22.41 -45.45
C ARG B 163 -12.75 -22.91 -45.86
N GLY B 164 -13.76 -22.10 -45.58
CA GLY B 164 -15.11 -22.45 -45.85
C GLY B 164 -15.88 -22.93 -44.63
N GLY B 165 -15.18 -23.28 -43.54
CA GLY B 165 -15.80 -23.82 -42.39
C GLY B 165 -16.31 -25.21 -42.51
N GLY B 166 -17.43 -25.48 -41.83
CA GLY B 166 -18.10 -26.79 -41.91
C GLY B 166 -17.51 -27.92 -41.07
N LEU B 167 -16.67 -27.58 -40.12
CA LEU B 167 -16.09 -28.59 -39.24
C LEU B 167 -17.06 -28.93 -38.13
N THR B 168 -17.17 -30.16 -37.78
CA THR B 168 -17.88 -30.63 -36.61
C THR B 168 -17.20 -30.14 -35.32
N ALA B 169 -18.02 -29.62 -34.44
CA ALA B 169 -17.55 -29.34 -33.07
C ALA B 169 -18.76 -29.02 -32.22
N PRO B 170 -18.69 -29.29 -30.91
CA PRO B 170 -19.72 -28.70 -30.02
C PRO B 170 -19.47 -27.23 -29.72
N ALA B 171 -20.54 -26.46 -29.56
CA ALA B 171 -20.45 -25.02 -29.23
C ALA B 171 -19.80 -24.80 -27.85
N LEU B 172 -20.26 -25.57 -26.88
CA LEU B 172 -19.70 -25.49 -25.50
C LEU B 172 -18.84 -26.70 -25.21
N THR B 173 -17.61 -26.44 -24.86
CA THR B 173 -16.69 -27.45 -24.37
C THR B 173 -16.77 -27.54 -22.85
N ASP B 174 -16.04 -28.50 -22.29
CA ASP B 174 -15.98 -28.65 -20.84
C ASP B 174 -15.27 -27.47 -20.19
N LYS B 175 -14.20 -27.01 -20.84
CA LYS B 175 -13.54 -25.78 -20.40
C LYS B 175 -14.56 -24.62 -20.30
N ASP B 176 -15.39 -24.47 -21.32
CA ASP B 176 -16.35 -23.38 -21.36
C ASP B 176 -17.37 -23.47 -20.23
N LYS B 177 -17.84 -24.67 -19.93
CA LYS B 177 -18.75 -24.89 -18.81
C LYS B 177 -18.12 -24.44 -17.50
N ALA B 178 -16.84 -24.76 -17.33
CA ALA B 178 -16.10 -24.29 -16.15
C ALA B 178 -15.96 -22.78 -16.14
N ASP B 179 -15.66 -22.20 -17.30
CA ASP B 179 -15.50 -20.75 -17.41
C ASP B 179 -16.83 -20.01 -17.23
N ILE B 180 -17.94 -20.62 -17.62
CA ILE B 180 -19.25 -20.02 -17.35
C ILE B 180 -19.43 -19.85 -15.85
N LYS B 181 -19.09 -20.87 -15.09
CA LYS B 181 -19.15 -20.80 -13.61
C LYS B 181 -18.21 -19.73 -13.09
N LEU B 182 -17.02 -19.68 -13.65
CA LEU B 182 -16.06 -18.66 -13.26
C LEU B 182 -16.62 -17.25 -13.53
N ALA B 183 -17.27 -17.08 -14.67
CA ALA B 183 -17.84 -15.79 -15.03
C ALA B 183 -18.93 -15.38 -14.06
N ALA B 184 -19.83 -16.32 -13.78
CA ALA B 184 -20.87 -16.09 -12.77
C ALA B 184 -20.28 -15.72 -11.41
N ASP B 185 -19.23 -16.43 -11.02
CA ASP B 185 -18.58 -16.19 -9.73
C ASP B 185 -17.94 -14.82 -9.66
N MET B 186 -17.45 -14.31 -10.79
CA MET B 186 -16.83 -12.98 -10.84
C MET B 186 -17.84 -11.86 -11.04
N ASP B 187 -19.13 -12.19 -11.20
CA ASP B 187 -20.20 -11.20 -11.51
C ASP B 187 -19.91 -10.41 -12.77
N LEU B 188 -19.52 -11.11 -13.83
CA LEU B 188 -19.21 -10.45 -15.08
C LEU B 188 -20.50 -9.88 -15.69
N ASP B 189 -20.38 -8.71 -16.32
CA ASP B 189 -21.49 -8.05 -16.93
C ASP B 189 -21.90 -8.66 -18.29
N TYR B 190 -20.92 -9.14 -19.05
CA TYR B 190 -21.17 -9.76 -20.36
C TYR B 190 -20.37 -11.05 -20.46
N VAL B 191 -20.95 -12.03 -21.14
CA VAL B 191 -20.27 -13.27 -21.48
C VAL B 191 -20.45 -13.50 -22.98
N ALA B 192 -19.35 -13.77 -23.67
CA ALA B 192 -19.36 -13.99 -25.11
C ALA B 192 -19.18 -15.45 -25.44
N VAL B 193 -20.07 -15.97 -26.28
CA VAL B 193 -20.02 -17.36 -26.72
C VAL B 193 -19.31 -17.41 -28.08
N SER B 194 -18.32 -18.30 -28.19
CA SER B 194 -17.58 -18.48 -29.44
C SER B 194 -18.19 -19.57 -30.29
N PHE B 195 -18.14 -19.33 -31.60
CA PHE B 195 -18.53 -20.27 -32.65
C PHE B 195 -19.94 -20.82 -32.53
N PRO B 196 -20.91 -20.03 -32.04
CA PRO B 196 -22.27 -20.55 -32.09
C PRO B 196 -22.79 -20.61 -33.53
N ARG B 197 -23.64 -21.60 -33.81
CA ARG B 197 -24.19 -21.80 -35.12
C ARG B 197 -25.66 -21.44 -35.16
N ASP B 198 -26.43 -21.75 -34.07
CA ASP B 198 -27.82 -21.33 -34.10
C ASP B 198 -28.35 -20.93 -32.75
N ALA B 199 -29.56 -20.50 -32.68
CA ALA B 199 -30.17 -20.07 -31.41
C ALA B 199 -30.03 -21.10 -30.30
N LYS B 200 -30.05 -22.38 -30.63
CA LYS B 200 -29.92 -23.44 -29.62
C LYS B 200 -28.62 -23.31 -28.84
N ASP B 201 -27.53 -23.06 -29.51
CA ASP B 201 -26.21 -22.93 -28.88
C ASP B 201 -26.22 -21.78 -27.86
N MET B 202 -26.91 -20.69 -28.17
CA MET B 202 -27.02 -19.57 -27.27
C MET B 202 -27.97 -19.84 -26.11
N GLU B 203 -29.05 -20.55 -26.38
CA GLU B 203 -30.00 -20.93 -25.32
C GLU B 203 -29.35 -21.86 -24.30
N TYR B 204 -28.55 -22.81 -24.80
CA TYR B 204 -27.80 -23.71 -23.93
C TYR B 204 -26.86 -22.91 -23.03
N ALA B 205 -26.13 -21.97 -23.61
CA ALA B 205 -25.21 -21.15 -22.83
C ALA B 205 -25.95 -20.31 -21.78
N ARG B 206 -27.14 -19.84 -22.14
CA ARG B 206 -27.95 -19.06 -21.22
C ARG B 206 -28.43 -19.91 -20.04
N ARG B 207 -28.82 -21.15 -20.33
CA ARG B 207 -29.23 -22.11 -19.30
C ARG B 207 -28.11 -22.30 -18.30
N LEU B 208 -26.92 -22.64 -18.79
CA LEU B 208 -25.77 -22.87 -17.93
C LEU B 208 -25.42 -21.64 -17.10
N LEU B 209 -25.55 -20.46 -17.70
CA LEU B 209 -25.20 -19.26 -16.97
C LEU B 209 -26.20 -18.97 -15.86
N THR B 210 -27.49 -19.11 -16.13
CA THR B 210 -28.51 -18.92 -15.09
C THR B 210 -28.39 -19.99 -14.00
N GLU B 211 -28.22 -21.24 -14.41
CA GLU B 211 -27.96 -22.35 -13.46
C GLU B 211 -26.80 -22.03 -12.51
N ALA B 212 -25.78 -21.36 -12.98
CA ALA B 212 -24.66 -20.93 -12.11
C ALA B 212 -24.92 -19.62 -11.40
N GLY B 213 -26.15 -19.09 -11.49
CA GLY B 213 -26.49 -17.82 -10.84
C GLY B 213 -25.91 -16.58 -11.46
N GLY B 214 -25.55 -16.64 -12.75
CA GLY B 214 -24.94 -15.51 -13.44
C GLY B 214 -26.01 -14.54 -13.97
N LYS B 215 -25.78 -13.24 -13.80
CA LYS B 215 -26.68 -12.22 -14.30
C LYS B 215 -26.23 -11.57 -15.60
N ALA B 216 -25.12 -12.08 -16.17
CA ALA B 216 -24.52 -11.47 -17.34
C ALA B 216 -25.44 -11.54 -18.55
N TRP B 217 -25.28 -10.56 -19.43
CA TRP B 217 -25.89 -10.57 -20.76
C TRP B 217 -24.98 -11.32 -21.71
N LEU B 218 -25.58 -12.00 -22.68
CA LEU B 218 -24.88 -12.87 -23.58
C LEU B 218 -24.55 -12.22 -24.92
N VAL B 219 -23.30 -12.40 -25.36
CA VAL B 219 -22.84 -11.92 -26.65
C VAL B 219 -22.61 -13.07 -27.59
N ALA B 220 -23.30 -13.09 -28.71
CA ALA B 220 -23.04 -14.09 -29.76
C ALA B 220 -21.98 -13.61 -30.70
N LYS B 221 -20.88 -14.35 -30.78
CA LYS B 221 -19.83 -14.05 -31.73
C LYS B 221 -20.17 -14.67 -33.08
N ILE B 222 -20.30 -13.84 -34.10
CA ILE B 222 -20.63 -14.31 -35.45
C ILE B 222 -19.31 -14.66 -36.15
N GLU B 223 -18.93 -15.94 -36.05
CA GLU B 223 -17.71 -16.44 -36.68
C GLU B 223 -17.86 -17.73 -37.51
N ARG B 224 -19.09 -18.21 -37.71
CA ARG B 224 -19.28 -19.45 -38.44
C ARG B 224 -19.98 -19.18 -39.73
N ALA B 225 -19.57 -19.83 -40.81
CA ALA B 225 -20.26 -19.71 -42.08
C ALA B 225 -21.75 -19.95 -41.98
N GLU B 226 -22.13 -20.92 -41.15
CA GLU B 226 -23.54 -21.32 -41.00
C GLU B 226 -24.36 -20.19 -40.37
N ALA B 227 -23.74 -19.39 -39.52
CA ALA B 227 -24.43 -18.29 -38.85
C ALA B 227 -24.86 -17.15 -39.81
N VAL B 228 -24.21 -17.04 -40.97
CA VAL B 228 -24.50 -15.98 -41.93
C VAL B 228 -24.96 -16.53 -43.27
N ALA B 229 -25.29 -17.83 -43.32
CA ALA B 229 -25.72 -18.49 -44.55
C ALA B 229 -26.94 -17.81 -45.16
N ASP B 230 -27.84 -17.29 -44.32
CA ASP B 230 -29.01 -16.59 -44.80
C ASP B 230 -29.58 -15.77 -43.65
N ASP B 231 -30.56 -14.94 -43.97
CA ASP B 231 -31.14 -14.05 -42.98
C ASP B 231 -31.79 -14.77 -41.80
N ASP B 232 -32.43 -15.93 -42.04
CA ASP B 232 -33.07 -16.65 -40.94
C ASP B 232 -32.05 -17.19 -39.96
N ALA B 233 -30.94 -17.75 -40.47
CA ALA B 233 -29.88 -18.22 -39.61
C ALA B 233 -29.35 -17.08 -38.71
N LEU B 234 -29.02 -15.96 -39.33
CA LEU B 234 -28.45 -14.83 -38.61
C LEU B 234 -29.46 -14.25 -37.62
N ASP B 235 -30.66 -13.96 -38.09
CA ASP B 235 -31.67 -13.33 -37.23
C ASP B 235 -32.06 -14.23 -36.06
N GLY B 236 -32.07 -15.54 -36.29
CA GLY B 236 -32.34 -16.50 -35.22
C GLY B 236 -31.30 -16.39 -34.12
N LEU B 237 -30.05 -16.38 -34.53
CA LEU B 237 -28.95 -16.28 -33.60
C LEU B 237 -28.94 -14.94 -32.86
N ILE B 238 -29.25 -13.87 -33.58
CA ILE B 238 -29.31 -12.55 -32.97
C ILE B 238 -30.42 -12.47 -31.92
N ARG B 239 -31.58 -13.02 -32.25
CA ARG B 239 -32.73 -12.90 -31.33
C ARG B 239 -32.54 -13.65 -30.04
N ALA B 240 -31.73 -14.69 -30.09
CA ALA B 240 -31.39 -15.47 -28.91
C ALA B 240 -30.31 -14.83 -28.04
N SER B 241 -29.82 -13.66 -28.40
CA SER B 241 -28.72 -13.03 -27.68
C SER B 241 -29.13 -11.67 -27.18
N ASP B 242 -28.27 -11.06 -26.38
CA ASP B 242 -28.43 -9.70 -25.98
C ASP B 242 -27.54 -8.79 -26.79
N ALA B 243 -26.45 -9.35 -27.32
CA ALA B 243 -25.50 -8.59 -28.11
C ALA B 243 -24.81 -9.51 -29.08
N VAL B 244 -24.23 -8.95 -30.12
CA VAL B 244 -23.47 -9.73 -31.10
C VAL B 244 -22.14 -9.07 -31.37
N MET B 245 -21.19 -9.89 -31.79
CA MET B 245 -19.85 -9.42 -32.13
C MET B 245 -19.53 -9.84 -33.56
N VAL B 246 -19.09 -8.89 -34.36
CA VAL B 246 -18.59 -9.20 -35.71
C VAL B 246 -17.16 -9.63 -35.54
N ALA B 247 -16.97 -10.93 -35.51
CA ALA B 247 -15.66 -11.52 -35.18
C ALA B 247 -14.92 -11.78 -36.48
N ARG B 248 -14.24 -10.77 -36.97
CA ARG B 248 -13.81 -10.80 -38.37
C ARG B 248 -12.64 -11.72 -38.62
N GLY B 249 -11.87 -12.05 -37.57
CA GLY B 249 -10.78 -13.01 -37.70
C GLY B 249 -11.30 -14.38 -38.14
N ASP B 250 -12.02 -15.05 -37.27
CA ASP B 250 -12.54 -16.36 -37.62
C ASP B 250 -13.57 -16.31 -38.74
N LEU B 251 -14.40 -15.27 -38.75
CA LEU B 251 -15.42 -15.17 -39.79
C LEU B 251 -14.79 -15.05 -41.18
N GLY B 252 -13.72 -14.28 -41.28
CA GLY B 252 -13.02 -14.10 -42.56
C GLY B 252 -12.43 -15.41 -43.07
N VAL B 253 -11.91 -16.23 -42.18
CA VAL B 253 -11.44 -17.54 -42.56
C VAL B 253 -12.59 -18.40 -43.09
N GLU B 254 -13.72 -18.34 -42.42
CA GLU B 254 -14.84 -19.23 -42.76
C GLU B 254 -15.56 -18.82 -44.06
N ILE B 255 -15.71 -17.52 -44.32
CA ILE B 255 -16.44 -17.07 -45.51
C ILE B 255 -15.57 -16.35 -46.54
N GLY B 256 -14.31 -16.08 -46.20
CA GLY B 256 -13.41 -15.34 -47.10
C GLY B 256 -13.39 -13.84 -46.85
N ASP B 257 -12.21 -13.25 -46.79
CA ASP B 257 -12.13 -11.83 -46.45
C ASP B 257 -12.88 -10.90 -47.42
N ALA B 258 -12.97 -11.28 -48.68
CA ALA B 258 -13.69 -10.48 -49.68
C ALA B 258 -15.20 -10.36 -49.43
N GLU B 259 -15.77 -11.18 -48.56
CA GLU B 259 -17.17 -11.07 -48.22
C GLU B 259 -17.43 -10.31 -46.92
N LEU B 260 -16.39 -9.94 -46.20
CA LEU B 260 -16.58 -9.32 -44.90
C LEU B 260 -17.34 -8.00 -44.92
N VAL B 261 -17.02 -7.13 -45.86
CA VAL B 261 -17.58 -5.80 -45.82
C VAL B 261 -19.10 -5.79 -45.82
N GLY B 262 -19.71 -6.63 -46.64
CA GLY B 262 -21.15 -6.69 -46.76
C GLY B 262 -21.79 -7.29 -45.53
N ILE B 263 -21.13 -8.31 -44.99
CA ILE B 263 -21.67 -9.03 -43.85
C ILE B 263 -21.51 -8.22 -42.56
N GLN B 264 -20.39 -7.53 -42.40
CA GLN B 264 -20.26 -6.62 -41.26
C GLN B 264 -21.43 -5.67 -41.22
N LYS B 265 -21.76 -5.07 -42.36
CA LYS B 265 -22.86 -4.12 -42.42
C LYS B 265 -24.20 -4.76 -42.15
N LYS B 266 -24.40 -5.97 -42.67
CA LYS B 266 -25.66 -6.68 -42.45
C LYS B 266 -25.83 -7.01 -40.95
N ILE B 267 -24.78 -7.55 -40.34
CA ILE B 267 -24.87 -7.96 -38.96
C ILE B 267 -25.20 -6.75 -38.07
N ILE B 268 -24.52 -5.63 -38.27
CA ILE B 268 -24.76 -4.46 -37.46
C ILE B 268 -26.20 -4.01 -37.60
N LEU B 269 -26.68 -3.92 -38.84
CA LEU B 269 -28.03 -3.46 -39.10
C LEU B 269 -29.07 -4.41 -38.51
N HIS B 270 -28.92 -5.71 -38.75
CA HIS B 270 -29.90 -6.66 -38.22
C HIS B 270 -29.89 -6.69 -36.70
N ALA B 271 -28.72 -6.54 -36.10
CA ALA B 271 -28.63 -6.44 -34.65
C ALA B 271 -29.46 -5.27 -34.14
N ARG B 272 -29.23 -4.09 -34.70
CA ARG B 272 -29.94 -2.91 -34.27
C ARG B 272 -31.46 -3.06 -34.48
N ARG B 273 -31.86 -3.62 -35.59
CA ARG B 273 -33.28 -3.82 -35.86
C ARG B 273 -33.95 -4.70 -34.83
N ASN B 274 -33.23 -5.71 -34.36
CA ASN B 274 -33.74 -6.58 -33.31
C ASN B 274 -33.42 -6.07 -31.88
N ASN B 275 -33.05 -4.80 -31.76
CA ASN B 275 -32.81 -4.19 -30.46
C ASN B 275 -31.72 -4.87 -29.64
N LYS B 276 -30.64 -5.23 -30.31
CA LYS B 276 -29.45 -5.78 -29.68
C LYS B 276 -28.26 -4.86 -29.85
N VAL B 277 -27.28 -5.06 -28.99
CA VAL B 277 -26.02 -4.32 -29.03
C VAL B 277 -25.08 -5.03 -29.99
N VAL B 278 -24.22 -4.27 -30.68
CA VAL B 278 -23.27 -4.89 -31.60
C VAL B 278 -21.87 -4.33 -31.47
N ILE B 279 -20.89 -5.23 -31.46
CA ILE B 279 -19.48 -4.91 -31.37
C ILE B 279 -18.78 -5.31 -32.68
N THR B 280 -17.90 -4.43 -33.19
CA THR B 280 -17.05 -4.76 -34.33
C THR B 280 -15.64 -5.03 -33.83
N ALA B 281 -15.01 -6.12 -34.31
CA ALA B 281 -13.75 -6.58 -33.74
C ALA B 281 -12.71 -7.06 -34.74
N THR B 282 -11.47 -7.16 -34.25
CA THR B 282 -10.37 -7.89 -34.85
C THR B 282 -9.53 -7.10 -35.87
N GLN B 283 -8.30 -6.80 -35.47
CA GLN B 283 -7.30 -6.15 -36.29
C GLN B 283 -7.67 -4.75 -36.70
N MET B 284 -8.48 -4.10 -35.91
CA MET B 284 -8.89 -2.74 -36.23
C MET B 284 -7.69 -1.79 -36.23
N MET B 285 -6.72 -2.03 -35.35
CA MET B 285 -5.52 -1.19 -35.31
C MET B 285 -4.25 -2.01 -35.14
N GLU B 286 -4.18 -3.13 -35.86
CA GLU B 286 -3.13 -4.13 -35.67
C GLU B 286 -1.71 -3.56 -35.70
N SER B 287 -1.45 -2.59 -36.57
CA SER B 287 -0.11 -2.05 -36.66
C SER B 287 0.38 -1.48 -35.33
N MET B 288 -0.54 -1.09 -34.47
CA MET B 288 -0.19 -0.51 -33.16
C MET B 288 0.32 -1.52 -32.15
N ILE B 289 0.29 -2.80 -32.46
CA ILE B 289 1.06 -3.74 -31.69
C ILE B 289 2.53 -3.31 -31.60
N HIS B 290 3.08 -2.85 -32.72
CA HIS B 290 4.50 -2.47 -32.78
C HIS B 290 4.74 -0.99 -33.12
N SER B 291 3.70 -0.19 -33.23
CA SER B 291 3.86 1.20 -33.60
C SER B 291 2.98 2.10 -32.74
N PRO B 292 3.47 3.31 -32.41
CA PRO B 292 2.64 4.18 -31.58
C PRO B 292 1.57 4.97 -32.32
N MET B 293 1.42 4.78 -33.63
CA MET B 293 0.35 5.41 -34.39
C MET B 293 -0.27 4.42 -35.37
N PRO B 294 -1.55 4.57 -35.68
CA PRO B 294 -2.19 3.67 -36.62
C PRO B 294 -1.94 4.08 -38.08
N THR B 295 -2.15 3.13 -38.98
CA THR B 295 -2.13 3.42 -40.41
C THR B 295 -3.41 4.08 -40.85
N ARG B 296 -3.40 4.66 -42.04
CA ARG B 296 -4.61 5.29 -42.57
C ARG B 296 -5.70 4.26 -42.82
N ALA B 297 -5.34 3.06 -43.18
CA ALA B 297 -6.34 2.00 -43.36
C ALA B 297 -7.02 1.70 -42.04
N GLU B 298 -6.26 1.68 -40.96
CA GLU B 298 -6.81 1.41 -39.64
C GLU B 298 -7.73 2.52 -39.19
N VAL B 299 -7.33 3.77 -39.40
CA VAL B 299 -8.20 4.89 -39.11
C VAL B 299 -9.51 4.75 -39.90
N SER B 300 -9.42 4.44 -41.18
CA SER B 300 -10.58 4.28 -42.02
C SER B 300 -11.48 3.15 -41.55
N ASP B 301 -10.89 2.04 -41.14
CA ASP B 301 -11.65 0.86 -40.71
C ASP B 301 -12.52 1.21 -39.50
N VAL B 302 -11.93 1.89 -38.54
CA VAL B 302 -12.63 2.23 -37.32
C VAL B 302 -13.73 3.25 -37.65
N ALA B 303 -13.37 4.28 -38.38
CA ALA B 303 -14.31 5.32 -38.72
C ALA B 303 -15.51 4.76 -39.49
N ASN B 304 -15.25 3.85 -40.40
CA ASN B 304 -16.33 3.27 -41.16
C ASN B 304 -17.22 2.41 -40.30
N ALA B 305 -16.65 1.75 -39.29
CA ALA B 305 -17.48 1.00 -38.34
C ALA B 305 -18.40 1.95 -37.56
N VAL B 306 -17.89 3.13 -37.23
CA VAL B 306 -18.69 4.12 -36.55
C VAL B 306 -19.83 4.61 -37.45
N LEU B 307 -19.56 4.84 -38.73
CA LEU B 307 -20.62 5.22 -39.65
C LEU B 307 -21.59 4.10 -39.94
N ASP B 308 -21.14 2.84 -39.90
CA ASP B 308 -22.09 1.70 -39.97
C ASP B 308 -23.02 1.66 -38.72
N TYR B 309 -22.71 2.48 -37.71
CA TYR B 309 -23.49 2.56 -36.46
C TYR B 309 -23.31 1.35 -35.55
N THR B 310 -22.09 0.87 -35.45
CA THR B 310 -21.71 -0.11 -34.45
C THR B 310 -21.83 0.54 -33.06
N ASP B 311 -22.12 -0.26 -32.06
CA ASP B 311 -22.12 0.25 -30.70
C ASP B 311 -20.73 0.43 -30.17
N ALA B 312 -19.88 -0.55 -30.46
CA ALA B 312 -18.52 -0.53 -29.94
C ALA B 312 -17.54 -1.10 -30.95
N VAL B 313 -16.30 -0.69 -30.76
CA VAL B 313 -15.18 -1.21 -31.50
C VAL B 313 -14.22 -1.82 -30.48
N MET B 314 -13.49 -2.84 -30.92
CA MET B 314 -12.68 -3.65 -30.02
C MET B 314 -11.21 -3.65 -30.38
N LEU B 315 -10.38 -3.79 -29.34
CA LEU B 315 -8.95 -4.06 -29.48
C LEU B 315 -8.66 -5.43 -28.90
N SER B 316 -7.80 -6.21 -29.54
CA SER B 316 -7.39 -7.50 -28.98
C SER B 316 -5.92 -7.57 -28.60
N ALA B 317 -5.03 -7.77 -29.55
CA ALA B 317 -3.62 -7.86 -29.21
C ALA B 317 -3.10 -6.44 -29.01
N GLU B 318 -3.71 -5.46 -29.67
CA GLU B 318 -3.25 -4.08 -29.56
C GLU B 318 -3.18 -3.65 -28.09
N SER B 319 -4.18 -4.05 -27.31
CA SER B 319 -4.26 -3.69 -25.91
C SER B 319 -3.76 -4.80 -24.95
N ALA B 320 -3.84 -6.06 -25.38
CA ALA B 320 -3.48 -7.19 -24.52
C ALA B 320 -2.01 -7.56 -24.53
N ALA B 321 -1.37 -7.53 -25.71
CA ALA B 321 0.01 -7.99 -25.85
C ALA B 321 0.99 -6.99 -26.43
N GLY B 322 0.51 -5.89 -26.99
CA GLY B 322 1.36 -5.01 -27.79
C GLY B 322 2.19 -4.06 -26.99
N GLU B 323 3.00 -3.29 -27.70
CA GLU B 323 3.90 -2.33 -27.06
C GLU B 323 3.22 -1.02 -26.71
N TYR B 324 2.03 -0.73 -27.22
CA TYR B 324 1.41 0.59 -27.05
C TYR B 324 -0.09 0.50 -26.76
N PRO B 325 -0.46 -0.26 -25.71
CA PRO B 325 -1.88 -0.41 -25.41
C PRO B 325 -2.62 0.90 -25.12
N VAL B 326 -1.99 1.81 -24.40
CA VAL B 326 -2.66 3.06 -24.04
C VAL B 326 -2.82 3.94 -25.27
N GLU B 327 -1.77 4.02 -26.09
CA GLU B 327 -1.83 4.84 -27.29
C GLU B 327 -2.88 4.33 -28.28
N ALA B 328 -3.08 3.01 -28.33
CA ALA B 328 -4.11 2.42 -29.16
C ALA B 328 -5.50 2.89 -28.74
N VAL B 329 -5.79 2.80 -27.46
CA VAL B 329 -7.08 3.25 -26.94
C VAL B 329 -7.28 4.74 -27.25
N LYS B 330 -6.26 5.55 -26.97
CA LYS B 330 -6.35 6.98 -27.26
C LYS B 330 -6.66 7.25 -28.73
N ALA B 331 -5.94 6.54 -29.62
CA ALA B 331 -6.12 6.75 -31.05
C ALA B 331 -7.53 6.35 -31.48
N MET B 332 -7.96 5.18 -31.02
CA MET B 332 -9.27 4.69 -31.37
C MET B 332 -10.35 5.69 -30.92
N ALA B 333 -10.21 6.19 -29.70
CA ALA B 333 -11.18 7.16 -29.16
C ALA B 333 -11.23 8.44 -29.99
N ARG B 334 -10.07 8.89 -30.47
CA ARG B 334 -10.00 10.12 -31.24
C ARG B 334 -10.70 9.93 -32.61
N VAL B 335 -10.51 8.77 -33.22
CA VAL B 335 -11.10 8.51 -34.51
C VAL B 335 -12.61 8.41 -34.39
N CYS B 336 -13.09 7.80 -33.31
CA CYS B 336 -14.53 7.72 -33.08
C CYS B 336 -15.14 9.11 -32.97
N GLN B 337 -14.50 9.99 -32.20
CA GLN B 337 -15.03 11.34 -32.07
C GLN B 337 -15.15 12.04 -33.40
N GLY B 338 -14.15 11.85 -34.26
CA GLY B 338 -14.15 12.52 -35.57
C GLY B 338 -15.27 12.00 -36.45
N ALA B 339 -15.43 10.69 -36.52
CA ALA B 339 -16.45 10.11 -37.35
C ALA B 339 -17.85 10.47 -36.89
N GLU B 340 -18.03 10.70 -35.58
CA GLU B 340 -19.35 11.04 -35.04
C GLU B 340 -19.82 12.44 -35.46
N LYS B 341 -18.92 13.32 -35.91
CA LYS B 341 -19.32 14.63 -36.43
C LYS B 341 -20.00 14.56 -37.80
N HIS B 342 -19.83 13.45 -38.53
CA HIS B 342 -20.48 13.29 -39.83
C HIS B 342 -22.01 13.47 -39.72
N PRO B 343 -22.62 14.12 -40.74
CA PRO B 343 -24.08 14.29 -40.73
C PRO B 343 -24.92 13.00 -40.65
N THR B 344 -24.45 11.91 -41.24
CA THR B 344 -25.19 10.64 -41.19
C THR B 344 -25.22 10.00 -39.78
N SER B 345 -24.33 10.43 -38.87
CA SER B 345 -24.34 9.91 -37.51
C SER B 345 -25.52 10.42 -36.63
N GLN B 346 -26.18 11.48 -37.05
CA GLN B 346 -27.18 12.19 -36.24
C GLN B 346 -28.60 12.20 -36.85
N LYS B 347 -28.77 11.78 -38.10
CA LYS B 347 -30.09 11.81 -38.75
C LYS B 347 -30.70 10.40 -38.84
N SER B 348 -31.97 10.30 -38.48
CA SER B 348 -32.68 9.02 -38.43
C SER B 348 -33.99 9.09 -39.24
N SER B 349 -34.36 7.95 -39.82
CA SER B 349 -35.68 7.76 -40.41
C SER B 349 -36.77 7.38 -39.36
N HIS B 350 -36.34 7.08 -38.14
CA HIS B 350 -37.24 6.84 -37.00
C HIS B 350 -38.21 5.69 -37.14
N ARG B 351 -37.76 4.67 -37.88
CA ARG B 351 -38.57 3.47 -38.12
C ARG B 351 -39.98 3.76 -38.67
N LEU B 352 -40.08 4.79 -39.50
CA LEU B 352 -41.38 5.18 -40.10
C LEU B 352 -42.02 4.06 -40.85
N GLY B 353 -43.33 3.90 -40.69
CA GLY B 353 -44.08 2.81 -41.34
C GLY B 353 -44.01 1.46 -40.63
N GLN B 354 -43.19 1.32 -39.60
CA GLN B 354 -43.08 0.06 -38.88
C GLN B 354 -44.12 -0.07 -37.76
N THR B 355 -44.19 -1.26 -37.19
CA THR B 355 -45.14 -1.57 -36.13
C THR B 355 -44.38 -1.81 -34.83
N PHE B 356 -44.77 -1.12 -33.79
CA PHE B 356 -44.15 -1.29 -32.47
C PHE B 356 -44.88 -2.40 -31.71
N ASP B 357 -44.14 -3.06 -30.82
CA ASP B 357 -44.69 -4.17 -30.06
C ASP B 357 -45.08 -3.79 -28.65
N ARG B 358 -44.26 -2.99 -27.98
CA ARG B 358 -44.43 -2.74 -26.57
C ARG B 358 -44.63 -1.31 -26.26
N CYS B 359 -45.06 -1.04 -25.05
CA CYS B 359 -45.31 0.31 -24.57
C CYS B 359 -44.00 1.01 -24.22
N ASP B 360 -43.08 0.32 -23.55
CA ASP B 360 -41.82 0.97 -23.16
C ASP B 360 -40.96 1.25 -24.38
N GLU B 361 -40.99 0.31 -25.34
CA GLU B 361 -40.40 0.54 -26.67
C GLU B 361 -40.94 1.84 -27.25
N SER B 362 -42.24 2.04 -27.17
CA SER B 362 -42.89 3.23 -27.75
C SER B 362 -42.42 4.55 -27.15
N ILE B 363 -42.23 4.57 -25.84
CA ILE B 363 -41.77 5.78 -25.18
C ILE B 363 -40.32 6.08 -25.56
N ALA B 364 -39.52 5.02 -25.66
CA ALA B 364 -38.14 5.20 -26.10
C ALA B 364 -38.09 5.82 -27.49
N LEU B 365 -38.82 5.20 -28.41
CA LEU B 365 -38.84 5.70 -29.79
C LEU B 365 -39.39 7.11 -29.87
N ALA B 366 -40.43 7.37 -29.09
CA ALA B 366 -41.05 8.70 -29.11
C ALA B 366 -40.10 9.77 -28.60
N SER B 367 -39.23 9.40 -27.66
CA SER B 367 -38.25 10.34 -27.13
C SER B 367 -37.17 10.65 -28.14
N MET B 368 -36.69 9.63 -28.83
CA MET B 368 -35.67 9.88 -29.86
C MET B 368 -36.22 10.73 -30.99
N TYR B 369 -37.47 10.43 -31.41
CA TYR B 369 -38.16 11.31 -32.35
C TYR B 369 -38.22 12.74 -31.85
N THR B 370 -38.67 12.92 -30.62
CA THR B 370 -38.80 14.27 -30.09
C THR B 370 -37.46 14.99 -30.01
N ALA B 371 -36.45 14.31 -29.48
CA ALA B 371 -35.13 14.92 -29.31
C ALA B 371 -34.48 15.29 -30.64
N ASN B 372 -34.63 14.41 -31.63
CA ASN B 372 -34.06 14.70 -32.94
C ASN B 372 -34.72 15.85 -33.66
N HIS B 373 -35.92 16.28 -33.26
CA HIS B 373 -36.61 17.37 -33.95
C HIS B 373 -36.76 18.66 -33.17
N PHE B 374 -36.72 18.61 -31.83
CA PHE B 374 -36.78 19.82 -31.02
C PHE B 374 -35.35 20.07 -30.53
N PRO B 375 -34.60 20.93 -31.24
CA PRO B 375 -33.15 21.02 -30.94
C PRO B 375 -32.82 21.70 -29.62
N GLY B 376 -33.79 22.37 -29.01
CA GLY B 376 -33.66 22.86 -27.64
C GLY B 376 -33.40 21.76 -26.62
N ILE B 377 -33.75 20.52 -26.95
CA ILE B 377 -33.47 19.38 -26.08
C ILE B 377 -32.00 19.03 -26.13
N LYS B 378 -31.35 19.07 -24.97
CA LYS B 378 -29.92 18.85 -24.87
C LYS B 378 -29.56 17.56 -24.19
N ALA B 379 -30.54 16.84 -23.64
CA ALA B 379 -30.25 15.56 -23.01
C ALA B 379 -31.52 14.77 -22.79
N ILE B 380 -31.38 13.47 -22.59
CA ILE B 380 -32.47 12.60 -22.23
C ILE B 380 -32.12 11.95 -20.88
N ILE B 381 -32.99 12.20 -19.90
CA ILE B 381 -32.88 11.62 -18.58
C ILE B 381 -33.78 10.40 -18.59
N CYS B 382 -33.17 9.23 -18.63
CA CYS B 382 -33.92 8.00 -18.70
C CYS B 382 -33.77 7.26 -17.36
N LEU B 383 -34.81 7.32 -16.54
CA LEU B 383 -34.82 6.60 -15.28
C LEU B 383 -35.08 5.14 -15.63
N THR B 384 -34.13 4.28 -15.33
CA THR B 384 -34.22 2.90 -15.71
C THR B 384 -33.72 1.98 -14.60
N GLU B 385 -34.36 0.82 -14.53
CA GLU B 385 -34.04 -0.19 -13.56
C GLU B 385 -32.97 -1.11 -14.09
N SER B 386 -33.20 -1.68 -15.28
CA SER B 386 -32.32 -2.70 -15.84
C SER B 386 -31.53 -2.23 -17.06
N GLY B 387 -31.76 -1.00 -17.52
CA GLY B 387 -31.11 -0.49 -18.72
C GLY B 387 -31.83 -0.79 -20.03
N PHE B 388 -32.96 -1.46 -19.98
CA PHE B 388 -33.72 -1.78 -21.19
C PHE B 388 -34.23 -0.55 -21.96
N THR B 389 -34.76 0.41 -21.26
CA THR B 389 -35.26 1.59 -21.94
C THR B 389 -34.16 2.33 -22.73
N PRO B 390 -33.01 2.62 -22.13
CA PRO B 390 -31.96 3.28 -22.94
C PRO B 390 -31.32 2.36 -23.99
N LEU B 391 -31.44 1.05 -23.85
CA LEU B 391 -31.08 0.17 -24.95
C LEU B 391 -31.88 0.50 -26.21
N ILE B 392 -33.19 0.65 -26.06
CA ILE B 392 -34.06 0.94 -27.19
C ILE B 392 -33.75 2.34 -27.72
N MET B 393 -33.64 3.32 -26.83
CA MET B 393 -33.35 4.68 -27.29
C MET B 393 -32.10 4.69 -28.18
N SER B 394 -31.07 3.92 -27.79
CA SER B 394 -29.79 4.01 -28.45
C SER B 394 -29.71 3.22 -29.76
N ARG B 395 -30.77 2.47 -30.10
CA ARG B 395 -30.89 1.90 -31.43
C ARG B 395 -31.18 2.95 -32.52
N ILE B 396 -31.56 4.15 -32.14
CA ILE B 396 -31.95 5.18 -33.10
C ILE B 396 -30.81 6.15 -33.30
N ARG B 397 -30.51 6.46 -34.56
CA ARG B 397 -29.43 7.39 -34.84
C ARG B 397 -29.76 8.72 -34.23
N SER B 398 -28.80 9.28 -33.51
CA SER B 398 -28.96 10.60 -32.91
C SER B 398 -27.61 11.08 -32.42
N SER B 399 -27.51 12.35 -32.11
CA SER B 399 -26.35 12.85 -31.37
C SER B 399 -26.73 13.40 -29.98
N VAL B 400 -27.96 13.18 -29.54
CA VAL B 400 -28.39 13.67 -28.24
C VAL B 400 -27.90 12.72 -27.15
N PRO B 401 -27.31 13.26 -26.06
CA PRO B 401 -26.85 12.40 -24.97
C PRO B 401 -27.95 11.66 -24.27
N ILE B 402 -27.80 10.34 -24.13
CA ILE B 402 -28.75 9.54 -23.39
C ILE B 402 -28.13 9.18 -22.04
N TYR B 403 -28.77 9.62 -20.96
CA TYR B 403 -28.29 9.33 -19.61
C TYR B 403 -29.14 8.28 -18.94
N ALA B 404 -28.53 7.15 -18.60
CA ALA B 404 -29.20 6.07 -17.88
C ALA B 404 -29.03 6.33 -16.37
N TYR B 405 -30.13 6.78 -15.74
CA TYR B 405 -30.22 6.99 -14.30
C TYR B 405 -30.66 5.67 -13.66
N SER B 406 -29.78 5.09 -12.85
CA SER B 406 -30.11 3.86 -12.19
C SER B 406 -29.44 3.81 -10.82
N PRO B 407 -30.11 3.15 -9.87
CA PRO B 407 -29.47 2.95 -8.58
C PRO B 407 -28.57 1.72 -8.56
N HIS B 408 -28.81 0.76 -9.45
CA HIS B 408 -28.14 -0.53 -9.42
C HIS B 408 -26.78 -0.48 -10.14
N ARG B 409 -25.81 -1.20 -9.59
CA ARG B 409 -24.47 -1.29 -10.16
C ARG B 409 -24.47 -2.12 -11.42
N GLU B 410 -25.19 -3.23 -11.38
CA GLU B 410 -25.41 -4.12 -12.55
C GLU B 410 -25.79 -3.28 -13.77
N THR B 411 -26.74 -2.36 -13.60
CA THR B 411 -27.23 -1.53 -14.69
C THR B 411 -26.22 -0.46 -15.04
N GLN B 412 -25.63 0.18 -14.03
CA GLN B 412 -24.64 1.21 -14.27
C GLN B 412 -23.48 0.74 -15.17
N ALA B 413 -23.11 -0.53 -15.04
CA ALA B 413 -22.06 -1.12 -15.86
C ALA B 413 -22.57 -1.59 -17.22
N ARG B 414 -23.71 -2.25 -17.23
CA ARG B 414 -24.31 -2.80 -18.44
C ARG B 414 -24.31 -1.75 -19.59
N VAL B 415 -24.80 -0.57 -19.28
CA VAL B 415 -24.99 0.41 -20.33
C VAL B 415 -23.69 0.99 -20.86
N ALA B 416 -22.56 0.65 -20.24
CA ALA B 416 -21.27 1.09 -20.74
C ALA B 416 -20.99 0.67 -22.18
N MET B 417 -21.58 -0.44 -22.62
CA MET B 417 -21.43 -0.86 -23.99
C MET B 417 -22.45 -0.27 -24.98
N PHE B 418 -23.42 0.51 -24.49
CA PHE B 418 -24.48 1.04 -25.35
C PHE B 418 -24.00 2.35 -25.98
N ARG B 419 -24.08 2.46 -27.29
CA ARG B 419 -23.64 3.68 -27.95
C ARG B 419 -24.43 4.88 -27.49
N GLY B 420 -23.71 5.93 -27.10
CA GLY B 420 -24.34 7.22 -26.77
C GLY B 420 -24.91 7.32 -25.35
N VAL B 421 -24.79 6.25 -24.55
CA VAL B 421 -25.38 6.21 -23.23
C VAL B 421 -24.32 6.43 -22.15
N GLU B 422 -24.59 7.32 -21.21
CA GLU B 422 -23.72 7.55 -20.06
C GLU B 422 -24.52 7.18 -18.80
N THR B 423 -23.80 6.66 -17.81
CA THR B 423 -24.44 6.32 -16.54
C THR B 423 -24.43 7.51 -15.59
N ILE B 424 -25.57 7.72 -14.95
CA ILE B 424 -25.69 8.65 -13.83
C ILE B 424 -26.29 7.89 -12.65
N PRO B 425 -25.49 7.63 -11.61
CA PRO B 425 -26.07 6.89 -10.45
C PRO B 425 -27.10 7.76 -9.76
N PHE B 426 -28.25 7.15 -9.43
CA PHE B 426 -29.42 7.90 -9.00
C PHE B 426 -30.47 6.93 -8.49
N ASP B 427 -31.08 7.29 -7.36
CA ASP B 427 -32.11 6.47 -6.72
C ASP B 427 -33.37 7.29 -6.52
N PRO B 428 -34.32 7.21 -7.46
CA PRO B 428 -35.53 8.01 -7.32
C PRO B 428 -36.44 7.56 -6.14
N ALA B 429 -36.48 6.27 -5.84
CA ALA B 429 -37.32 5.73 -4.75
C ALA B 429 -36.98 6.32 -3.37
N ALA B 430 -35.72 6.68 -3.17
CA ALA B 430 -35.28 7.26 -1.91
C ALA B 430 -35.41 8.78 -1.88
N LEU B 431 -36.34 9.33 -2.65
CA LEU B 431 -36.59 10.75 -2.63
C LEU B 431 -38.09 11.02 -2.49
N PRO B 432 -38.45 12.21 -1.98
CA PRO B 432 -39.85 12.64 -2.08
C PRO B 432 -40.27 12.80 -3.55
N ALA B 433 -41.28 12.03 -3.94
CA ALA B 433 -41.73 11.98 -5.35
C ALA B 433 -41.72 13.32 -6.08
N GLU B 434 -42.19 14.38 -5.43
CA GLU B 434 -42.27 15.68 -6.09
C GLU B 434 -40.91 16.34 -6.38
N LYS B 435 -39.86 15.85 -5.75
CA LYS B 435 -38.51 16.41 -5.94
C LYS B 435 -37.61 15.66 -6.95
N VAL B 436 -38.07 14.50 -7.45
CA VAL B 436 -37.30 13.68 -8.37
C VAL B 436 -36.85 14.43 -9.63
N SER B 437 -37.76 15.07 -10.31
CA SER B 437 -37.42 15.75 -11.56
C SER B 437 -36.29 16.74 -11.38
N GLN B 438 -36.40 17.63 -10.40
CA GLN B 438 -35.35 18.65 -10.23
C GLN B 438 -34.05 18.02 -9.72
N ALA B 439 -34.16 16.90 -9.00
CA ALA B 439 -32.99 16.20 -8.53
C ALA B 439 -32.20 15.64 -9.72
N ALA B 440 -32.91 15.00 -10.64
CA ALA B 440 -32.30 14.50 -11.88
C ALA B 440 -31.70 15.63 -12.71
N VAL B 441 -32.41 16.71 -12.87
CA VAL B 441 -31.87 17.84 -13.61
C VAL B 441 -30.62 18.41 -12.93
N ASP B 442 -30.58 18.34 -11.60
CA ASP B 442 -29.40 18.84 -10.86
C ASP B 442 -28.14 18.08 -11.23
N GLU B 443 -28.25 16.76 -11.34
CA GLU B 443 -27.13 15.93 -11.75
C GLU B 443 -26.49 16.38 -13.08
N LEU B 444 -27.30 16.84 -14.01
CA LEU B 444 -26.75 17.34 -15.27
C LEU B 444 -26.22 18.76 -15.14
N LEU B 445 -26.85 19.58 -14.31
CA LEU B 445 -26.31 20.91 -14.03
C LEU B 445 -24.96 20.87 -13.34
N LYS B 446 -24.80 19.95 -12.38
CA LYS B 446 -23.48 19.72 -11.73
C LYS B 446 -22.40 19.49 -12.79
N ARG B 447 -22.70 18.67 -13.78
CA ARG B 447 -21.72 18.24 -14.76
C ARG B 447 -21.57 19.22 -15.91
N GLY B 448 -22.36 20.29 -15.93
CA GLY B 448 -22.25 21.30 -16.98
C GLY B 448 -22.78 20.87 -18.32
N VAL B 449 -23.57 19.79 -18.36
CA VAL B 449 -24.16 19.27 -19.60
C VAL B 449 -25.31 20.13 -20.08
N VAL B 450 -26.07 20.69 -19.15
CA VAL B 450 -27.17 21.58 -19.48
C VAL B 450 -27.13 22.80 -18.60
N THR B 451 -27.69 23.90 -19.07
CA THR B 451 -27.75 25.15 -18.32
C THR B 451 -29.19 25.68 -18.32
N LYS B 452 -29.42 26.76 -17.56
CA LYS B 452 -30.74 27.37 -17.51
C LYS B 452 -31.12 27.82 -18.91
N GLY B 453 -32.35 27.47 -19.34
CA GLY B 453 -32.82 27.79 -20.69
C GLY B 453 -32.86 26.61 -21.64
N ASP B 454 -32.01 25.63 -21.42
CA ASP B 454 -32.06 24.38 -22.15
C ASP B 454 -33.27 23.56 -21.73
N TRP B 455 -33.68 22.67 -22.62
CA TRP B 455 -34.76 21.71 -22.38
C TRP B 455 -34.21 20.31 -22.25
N VAL B 456 -35.01 19.42 -21.67
CA VAL B 456 -34.57 18.07 -21.40
C VAL B 456 -35.78 17.14 -21.48
N ILE B 457 -35.54 15.88 -21.78
CA ILE B 457 -36.61 14.88 -21.79
C ILE B 457 -36.38 13.97 -20.60
N LEU B 458 -37.46 13.68 -19.86
CA LEU B 458 -37.38 12.72 -18.78
C LEU B 458 -38.35 11.60 -19.09
N THR B 459 -37.89 10.36 -18.93
CA THR B 459 -38.78 9.22 -19.09
C THR B 459 -38.76 8.38 -17.82
N LYS B 460 -39.90 7.79 -17.52
CA LYS B 460 -40.05 6.96 -16.33
C LYS B 460 -41.34 6.18 -16.44
N GLY B 461 -41.62 5.41 -15.41
CA GLY B 461 -42.87 4.67 -15.24
C GLY B 461 -43.61 5.20 -14.01
N ASP B 462 -44.59 4.43 -13.55
CA ASP B 462 -45.46 4.88 -12.46
C ASP B 462 -44.82 4.69 -11.10
N SER B 463 -44.34 3.49 -10.82
CA SER B 463 -43.62 3.19 -9.58
C SER B 463 -42.12 3.39 -9.80
N TYR B 464 -41.34 3.32 -8.73
CA TYR B 464 -39.89 3.35 -8.80
C TYR B 464 -39.27 2.04 -8.31
N THR B 465 -40.01 0.95 -8.39
CA THR B 465 -39.58 -0.35 -7.90
C THR B 465 -39.57 -1.42 -9.01
N ALA B 466 -40.63 -1.50 -9.80
CA ALA B 466 -40.78 -2.54 -10.84
C ALA B 466 -39.98 -2.19 -12.10
N GLN B 467 -39.66 -3.22 -12.88
CA GLN B 467 -38.97 -3.05 -14.16
C GLN B 467 -39.96 -3.30 -15.30
N GLY B 468 -39.61 -2.85 -16.50
CA GLY B 468 -40.41 -3.04 -17.70
C GLY B 468 -41.68 -2.17 -17.81
N GLY B 469 -41.82 -1.14 -16.98
CA GLY B 469 -42.98 -0.28 -16.98
C GLY B 469 -42.72 1.16 -17.36
N THR B 470 -41.70 1.48 -18.17
CA THR B 470 -41.56 2.87 -18.65
C THR B 470 -42.79 3.19 -19.48
N ASN B 471 -43.47 4.28 -19.14
CA ASN B 471 -44.69 4.67 -19.85
C ASN B 471 -44.92 6.17 -19.92
N THR B 472 -43.93 7.00 -19.63
CA THR B 472 -44.16 8.42 -19.53
C THR B 472 -42.99 9.17 -20.13
N MET B 473 -43.28 10.27 -20.82
CA MET B 473 -42.27 11.12 -21.40
C MET B 473 -42.65 12.52 -21.02
N LYS B 474 -41.71 13.27 -20.43
CA LYS B 474 -41.93 14.67 -20.09
C LYS B 474 -40.89 15.50 -20.78
N VAL B 475 -41.25 16.70 -21.16
CA VAL B 475 -40.30 17.66 -21.71
C VAL B 475 -40.25 18.84 -20.74
N LEU B 476 -39.09 19.07 -20.15
CA LEU B 476 -38.93 20.01 -19.04
C LEU B 476 -37.96 21.11 -19.39
N HIS B 477 -38.25 22.31 -18.91
CA HIS B 477 -37.43 23.50 -19.18
C HIS B 477 -36.54 23.75 -17.96
N VAL B 478 -35.23 23.71 -18.16
CA VAL B 478 -34.28 23.86 -17.07
C VAL B 478 -34.30 25.30 -16.62
N GLY B 479 -34.70 25.50 -15.36
CA GLY B 479 -35.01 26.84 -14.84
C GLY B 479 -36.41 26.95 -14.26
N ASP B 480 -37.36 26.21 -14.81
CA ASP B 480 -38.73 26.24 -14.31
C ASP B 480 -38.84 25.46 -13.00
N LEU B 481 -39.99 25.65 -12.35
CA LEU B 481 -40.34 24.87 -11.18
C LEU B 481 -40.85 23.52 -11.67
N LEU B 482 -40.10 22.46 -11.36
CA LEU B 482 -40.41 21.13 -11.87
C LEU B 482 -41.16 20.38 -10.79
N VAL B 483 -42.29 19.80 -11.13
CA VAL B 483 -43.03 18.96 -10.19
C VAL B 483 -42.31 17.60 -10.25
N MET C 1 73.74 -16.85 -28.72
CA MET C 1 72.87 -17.91 -28.18
C MET C 1 73.68 -19.18 -27.79
N SER C 2 73.09 -19.95 -26.87
CA SER C 2 73.67 -21.24 -26.48
C SER C 2 73.20 -22.36 -27.40
N VAL C 3 73.94 -23.47 -27.36
CA VAL C 3 73.55 -24.62 -28.12
C VAL C 3 72.17 -25.10 -27.68
N ARG C 4 71.30 -25.34 -28.65
CA ARG C 4 69.94 -25.81 -28.37
C ARG C 4 70.00 -27.12 -27.61
N ARG C 5 69.14 -27.27 -26.61
CA ARG C 5 69.05 -28.46 -25.80
C ARG C 5 67.87 -29.36 -26.17
N THR C 6 66.74 -28.77 -26.52
CA THR C 6 65.56 -29.56 -26.85
C THR C 6 65.75 -30.18 -28.22
N LYS C 7 65.36 -31.45 -28.34
CA LYS C 7 65.66 -32.20 -29.56
C LYS C 7 64.49 -32.18 -30.52
N ILE C 8 64.78 -32.31 -31.81
CA ILE C 8 63.78 -32.21 -32.87
C ILE C 8 63.63 -33.53 -33.60
N VAL C 9 62.41 -34.06 -33.61
CA VAL C 9 62.07 -35.24 -34.38
C VAL C 9 61.37 -34.81 -35.66
N ALA C 10 61.88 -35.24 -36.81
CA ALA C 10 61.31 -34.87 -38.12
C ALA C 10 60.86 -36.12 -38.83
N THR C 11 59.58 -36.17 -39.17
CA THR C 11 59.06 -37.29 -39.93
C THR C 11 59.44 -37.14 -41.40
N LEU C 12 59.86 -38.24 -42.00
CA LEU C 12 60.21 -38.25 -43.43
C LEU C 12 59.03 -38.69 -44.28
N GLY C 13 59.05 -38.24 -45.52
CA GLY C 13 58.02 -38.56 -46.49
C GLY C 13 58.34 -38.00 -47.88
N PRO C 14 57.34 -37.96 -48.77
CA PRO C 14 57.54 -37.46 -50.13
C PRO C 14 58.30 -36.13 -50.24
N ALA C 15 58.04 -35.20 -49.33
CA ALA C 15 58.71 -33.89 -49.38
C ALA C 15 60.13 -33.94 -48.87
N SER C 16 60.53 -35.03 -48.23
CA SER C 16 61.85 -35.15 -47.61
C SER C 16 62.46 -36.51 -47.95
N ASN C 17 62.41 -36.84 -49.23
CA ASN C 17 62.85 -38.15 -49.69
C ASN C 17 64.16 -38.08 -50.49
N SER C 18 64.46 -36.93 -51.07
CA SER C 18 65.64 -36.76 -51.87
C SER C 18 66.89 -36.52 -51.01
N PRO C 19 68.07 -36.85 -51.53
CA PRO C 19 69.30 -36.51 -50.84
C PRO C 19 69.49 -35.02 -50.62
N GLU C 20 69.02 -34.17 -51.51
CA GLU C 20 69.23 -32.73 -51.33
C GLU C 20 68.46 -32.20 -50.12
N VAL C 21 67.24 -32.67 -49.93
CA VAL C 21 66.42 -32.18 -48.83
C VAL C 21 66.89 -32.78 -47.51
N LEU C 22 67.18 -34.07 -47.50
CA LEU C 22 67.71 -34.72 -46.30
C LEU C 22 69.00 -34.06 -45.84
N GLU C 23 69.89 -33.76 -46.78
CA GLU C 23 71.10 -33.05 -46.39
C GLU C 23 70.75 -31.71 -45.71
N GLN C 24 69.78 -30.98 -46.27
CA GLN C 24 69.37 -29.71 -45.70
C GLN C 24 68.72 -29.83 -44.31
N LEU C 25 67.96 -30.92 -44.09
CA LEU C 25 67.37 -31.19 -42.80
C LEU C 25 68.45 -31.51 -41.76
N ILE C 26 69.45 -32.30 -42.14
CA ILE C 26 70.57 -32.61 -41.28
C ILE C 26 71.27 -31.31 -40.88
N LEU C 27 71.54 -30.45 -41.86
CA LEU C 27 72.21 -29.19 -41.57
C LEU C 27 71.34 -28.23 -40.76
N ALA C 28 70.02 -28.32 -40.90
CA ALA C 28 69.14 -27.46 -40.15
C ALA C 28 69.04 -27.88 -38.68
N GLY C 29 69.45 -29.11 -38.37
CA GLY C 29 69.60 -29.57 -37.02
C GLY C 29 68.70 -30.71 -36.54
N ILE C 30 68.13 -31.51 -37.44
CA ILE C 30 67.28 -32.57 -36.92
C ILE C 30 68.10 -33.52 -36.04
N ASP C 31 67.50 -34.00 -34.98
CA ASP C 31 68.17 -34.95 -34.10
C ASP C 31 67.63 -36.38 -34.27
N VAL C 32 66.41 -36.52 -34.78
CA VAL C 32 65.81 -37.85 -34.97
C VAL C 32 64.95 -37.81 -36.23
N ALA C 33 65.10 -38.83 -37.07
CA ALA C 33 64.26 -39.00 -38.24
C ALA C 33 63.24 -40.09 -37.94
N ARG C 34 61.96 -39.77 -38.14
CA ARG C 34 60.88 -40.71 -37.89
C ARG C 34 60.43 -41.32 -39.21
N LEU C 35 60.33 -42.64 -39.24
CA LEU C 35 59.89 -43.37 -40.41
C LEU C 35 58.55 -43.93 -40.07
N ASN C 36 57.51 -43.38 -40.69
CA ASN C 36 56.14 -43.74 -40.36
C ASN C 36 55.75 -44.93 -41.19
N PHE C 37 55.60 -46.09 -40.58
CA PHE C 37 55.28 -47.30 -41.33
C PHE C 37 53.84 -47.33 -41.84
N SER C 38 52.99 -46.41 -41.40
CA SER C 38 51.66 -46.28 -42.02
C SER C 38 51.69 -46.09 -43.52
N HIS C 39 52.73 -45.45 -44.04
CA HIS C 39 52.87 -45.20 -45.47
C HIS C 39 54.25 -45.65 -45.94
N GLY C 40 54.39 -45.76 -47.25
CA GLY C 40 55.65 -46.11 -47.87
C GLY C 40 55.94 -47.60 -47.94
N THR C 41 56.87 -47.94 -48.81
CA THR C 41 57.29 -49.32 -49.00
C THR C 41 58.53 -49.62 -48.17
N PRO C 42 58.73 -50.88 -47.78
CA PRO C 42 59.96 -51.24 -47.08
C PRO C 42 61.26 -50.68 -47.69
N ASP C 43 61.37 -50.67 -49.02
CA ASP C 43 62.60 -50.18 -49.63
C ASP C 43 62.72 -48.68 -49.59
N GLU C 44 61.59 -47.98 -49.64
CA GLU C 44 61.59 -46.53 -49.44
C GLU C 44 62.15 -46.16 -48.06
N HIS C 45 61.76 -46.93 -47.04
CA HIS C 45 62.26 -46.69 -45.70
C HIS C 45 63.76 -47.00 -45.63
N ARG C 46 64.15 -48.18 -46.14
CA ARG C 46 65.55 -48.55 -46.14
C ARG C 46 66.45 -47.51 -46.80
N ALA C 47 65.99 -46.98 -47.93
CA ALA C 47 66.78 -46.00 -48.67
C ALA C 47 66.96 -44.73 -47.87
N ARG C 48 65.86 -44.25 -47.28
CA ARG C 48 65.92 -43.06 -46.42
C ARG C 48 66.80 -43.29 -45.19
N ALA C 49 66.64 -44.45 -44.55
CA ALA C 49 67.43 -44.78 -43.35
C ALA C 49 68.93 -44.72 -43.65
N ARG C 50 69.33 -45.33 -44.77
CA ARG C 50 70.72 -45.33 -45.17
C ARG C 50 71.21 -43.92 -45.47
N LEU C 51 70.37 -43.14 -46.08
CA LEU C 51 70.73 -41.79 -46.53
C LEU C 51 70.90 -40.84 -45.35
N VAL C 52 70.05 -40.95 -44.34
CA VAL C 52 70.14 -40.06 -43.19
C VAL C 52 71.43 -40.39 -42.44
N ARG C 53 71.72 -41.67 -42.24
CA ARG C 53 72.92 -42.06 -41.53
C ARG C 53 74.20 -41.63 -42.27
N GLU C 54 74.18 -41.74 -43.59
CA GLU C 54 75.30 -41.32 -44.41
C GLU C 54 75.52 -39.80 -44.31
N LEU C 55 74.44 -39.06 -44.49
CA LEU C 55 74.51 -37.62 -44.49
C LEU C 55 74.80 -37.04 -43.13
N ALA C 56 74.29 -37.68 -42.08
CA ALA C 56 74.65 -37.28 -40.71
C ALA C 56 76.15 -37.41 -40.50
N ALA C 57 76.69 -38.59 -40.79
CA ALA C 57 78.14 -38.82 -40.67
C ALA C 57 78.94 -37.82 -41.51
N LYS C 58 78.46 -37.54 -42.71
CA LYS C 58 79.13 -36.57 -43.57
C LYS C 58 79.32 -35.20 -42.87
N HIS C 59 78.37 -34.82 -42.02
CA HIS C 59 78.43 -33.52 -41.34
C HIS C 59 78.65 -33.63 -39.84
N GLY C 60 79.17 -34.75 -39.36
CA GLY C 60 79.58 -34.87 -37.96
C GLY C 60 78.42 -34.73 -36.99
N ARG C 61 77.28 -35.30 -37.35
CA ARG C 61 76.08 -35.24 -36.56
C ARG C 61 75.62 -36.64 -36.24
N PHE C 62 74.84 -36.74 -35.16
CA PHE C 62 74.40 -38.03 -34.67
C PHE C 62 72.90 -38.02 -34.63
N VAL C 63 72.29 -38.63 -35.65
CA VAL C 63 70.84 -38.64 -35.79
C VAL C 63 70.28 -40.03 -35.55
N ALA C 64 69.37 -40.16 -34.63
CA ALA C 64 68.70 -41.44 -34.38
C ALA C 64 67.63 -41.66 -35.42
N LEU C 65 67.24 -42.93 -35.55
CA LEU C 65 66.15 -43.34 -36.40
C LEU C 65 65.06 -43.96 -35.58
N LEU C 66 63.86 -43.45 -35.74
CA LEU C 66 62.69 -43.91 -35.02
C LEU C 66 61.73 -44.49 -36.03
N GLY C 67 61.25 -45.69 -35.76
CA GLY C 67 60.27 -46.38 -36.59
C GLY C 67 58.95 -46.43 -35.90
N ASP C 68 57.92 -45.92 -36.56
CA ASP C 68 56.60 -45.74 -35.96
C ASP C 68 55.66 -46.79 -36.52
N LEU C 69 55.25 -47.73 -35.67
CA LEU C 69 54.29 -48.77 -36.06
C LEU C 69 52.90 -48.20 -36.28
N GLN C 70 52.22 -48.65 -37.33
CA GLN C 70 50.91 -48.09 -37.66
C GLN C 70 49.87 -48.37 -36.61
N GLY C 71 49.87 -49.57 -36.06
CA GLY C 71 48.90 -49.93 -35.04
C GLY C 71 47.54 -50.23 -35.58
N PRO C 72 46.55 -50.39 -34.69
CA PRO C 72 45.18 -50.71 -35.07
C PRO C 72 44.37 -49.43 -35.42
N LYS C 73 44.72 -48.90 -36.55
CA LYS C 73 43.89 -47.87 -37.18
C LYS C 73 42.69 -48.58 -37.81
N ILE C 74 41.49 -48.05 -37.54
CA ILE C 74 40.29 -48.53 -38.21
C ILE C 74 40.05 -47.66 -39.43
N ARG C 75 39.91 -48.29 -40.58
CA ARG C 75 39.75 -47.54 -41.83
C ARG C 75 38.49 -47.99 -42.55
N ILE C 76 37.98 -47.10 -43.39
CA ILE C 76 36.92 -47.46 -44.32
C ILE C 76 37.49 -48.24 -45.52
N ALA C 77 36.59 -48.82 -46.28
CA ALA C 77 36.93 -49.57 -47.49
C ALA C 77 37.10 -48.64 -48.73
N LYS C 78 37.09 -49.20 -49.93
CA LYS C 78 37.25 -48.42 -51.15
C LYS C 78 35.90 -47.92 -51.69
N PHE C 79 36.01 -46.87 -52.51
CA PHE C 79 34.90 -46.35 -53.30
C PHE C 79 34.99 -46.77 -54.76
N ALA C 80 33.84 -46.80 -55.43
CA ALA C 80 33.79 -47.15 -56.85
C ALA C 80 34.56 -46.14 -57.71
N ASN C 81 34.34 -44.85 -57.46
CA ASN C 81 35.13 -43.80 -58.13
C ASN C 81 36.24 -43.23 -57.27
N LYS C 82 36.80 -44.01 -56.38
CA LYS C 82 37.99 -43.64 -55.56
C LYS C 82 37.87 -42.39 -54.70
N ARG C 83 36.77 -41.65 -54.74
CA ARG C 83 36.66 -40.41 -54.00
C ARG C 83 35.24 -39.88 -54.14
N ILE C 84 34.75 -39.24 -53.08
CA ILE C 84 33.47 -38.54 -53.10
C ILE C 84 33.59 -37.26 -52.30
N GLU C 85 32.57 -36.42 -52.42
CA GLU C 85 32.49 -35.16 -51.68
C GLU C 85 31.16 -35.11 -50.95
N LEU C 86 31.19 -34.71 -49.69
CA LEU C 86 30.02 -34.70 -48.82
C LEU C 86 29.78 -33.31 -48.28
N GLN C 87 28.50 -32.94 -48.17
CA GLN C 87 28.06 -31.66 -47.68
C GLN C 87 27.36 -31.81 -46.33
N VAL C 88 27.40 -30.72 -45.57
CA VAL C 88 26.73 -30.71 -44.27
C VAL C 88 25.27 -31.06 -44.46
N GLY C 89 24.76 -31.94 -43.60
CA GLY C 89 23.36 -32.39 -43.66
C GLY C 89 23.13 -33.64 -44.47
N ASP C 90 24.09 -34.02 -45.32
CA ASP C 90 23.99 -35.26 -46.10
C ASP C 90 23.88 -36.48 -45.19
N LYS C 91 23.30 -37.54 -45.73
CA LYS C 91 23.19 -38.82 -45.05
C LYS C 91 24.23 -39.76 -45.60
N PHE C 92 24.79 -40.58 -44.72
CA PHE C 92 25.86 -41.48 -45.11
C PHE C 92 25.89 -42.69 -44.20
N ARG C 93 26.31 -43.82 -44.75
CA ARG C 93 26.27 -45.09 -44.04
C ARG C 93 27.59 -45.83 -44.10
N PHE C 94 27.91 -46.48 -42.98
CA PHE C 94 29.05 -47.37 -42.88
C PHE C 94 28.50 -48.78 -42.68
N SER C 95 28.79 -49.70 -43.60
CA SER C 95 28.15 -51.01 -43.57
C SER C 95 29.16 -52.13 -43.66
N THR C 96 29.02 -53.09 -42.75
CA THR C 96 29.85 -54.29 -42.79
C THR C 96 29.41 -55.24 -43.87
N SER C 97 28.19 -55.11 -44.38
CA SER C 97 27.71 -55.99 -45.45
C SER C 97 27.85 -55.35 -46.85
N HIS C 98 28.20 -54.06 -46.96
CA HIS C 98 28.55 -53.44 -48.19
C HIS C 98 29.90 -53.86 -48.76
N ALA C 99 29.91 -54.10 -50.08
CA ALA C 99 31.14 -54.58 -50.76
C ALA C 99 32.29 -53.56 -50.61
N ARG C 100 33.44 -54.07 -50.37
CA ARG C 100 34.65 -53.33 -50.13
C ARG C 100 35.13 -52.47 -51.30
N ASP C 101 34.75 -52.84 -52.53
CA ASP C 101 35.18 -52.08 -53.68
C ASP C 101 34.10 -51.13 -54.22
N ALA C 102 32.85 -51.22 -53.71
CA ALA C 102 31.73 -50.55 -54.33
C ALA C 102 31.16 -49.36 -53.58
N GLY C 103 32.05 -48.57 -52.93
CA GLY C 103 31.57 -47.46 -52.15
C GLY C 103 30.91 -46.42 -53.05
N THR C 104 29.86 -45.80 -52.56
CA THR C 104 29.12 -44.81 -53.33
C THR C 104 29.01 -43.52 -52.55
N GLN C 105 28.25 -42.58 -53.09
CA GLN C 105 27.97 -41.32 -52.43
C GLN C 105 27.12 -41.48 -51.15
N GLU C 106 26.51 -42.65 -50.96
CA GLU C 106 25.60 -42.88 -49.85
C GLU C 106 26.10 -43.90 -48.82
N VAL C 107 27.04 -44.76 -49.19
CA VAL C 107 27.50 -45.79 -48.31
C VAL C 107 28.89 -46.25 -48.68
N VAL C 108 29.66 -46.65 -47.67
CA VAL C 108 30.93 -47.32 -47.88
C VAL C 108 31.00 -48.51 -46.91
N GLY C 109 31.77 -49.52 -47.30
CA GLY C 109 32.03 -50.65 -46.47
C GLY C 109 33.09 -50.44 -45.45
N ILE C 110 33.14 -51.33 -44.46
CA ILE C 110 34.19 -51.28 -43.44
C ILE C 110 34.46 -52.69 -42.93
N ASP C 111 35.73 -53.08 -42.91
CA ASP C 111 36.11 -54.45 -42.56
C ASP C 111 36.32 -54.68 -41.06
N TYR C 112 35.55 -54.00 -40.19
CA TYR C 112 35.73 -54.03 -38.77
C TYR C 112 34.36 -54.20 -38.06
N PRO C 113 34.00 -55.44 -37.74
CA PRO C 113 32.65 -55.68 -37.21
C PRO C 113 32.33 -54.98 -35.90
N ASP C 114 33.26 -54.98 -34.95
CA ASP C 114 32.96 -54.26 -33.69
C ASP C 114 32.85 -52.72 -33.76
N LEU C 115 33.11 -52.13 -34.92
CA LEU C 115 32.74 -50.72 -35.13
C LEU C 115 31.23 -50.48 -34.87
N VAL C 116 30.43 -51.33 -35.47
CA VAL C 116 28.98 -51.19 -35.37
C VAL C 116 28.46 -51.57 -33.99
N LYS C 117 29.15 -52.48 -33.35
CA LYS C 117 28.81 -52.92 -31.98
C LYS C 117 29.09 -51.86 -30.94
N ASP C 118 30.20 -51.18 -31.07
CA ASP C 118 30.73 -50.21 -30.09
C ASP C 118 30.10 -48.85 -30.24
N CYS C 119 29.55 -48.47 -31.41
CA CYS C 119 28.89 -47.22 -31.60
C CYS C 119 27.38 -47.21 -31.31
N GLY C 120 26.88 -46.03 -30.93
CA GLY C 120 25.51 -45.81 -30.60
C GLY C 120 24.99 -44.45 -31.11
N VAL C 121 23.67 -44.32 -31.10
CA VAL C 121 23.02 -43.10 -31.54
C VAL C 121 23.58 -41.92 -30.74
N GLY C 122 23.96 -40.85 -31.44
CA GLY C 122 24.54 -39.68 -30.81
C GLY C 122 26.05 -39.59 -30.93
N ASP C 123 26.73 -40.73 -31.07
CA ASP C 123 28.19 -40.75 -31.20
C ASP C 123 28.64 -39.88 -32.38
N GLU C 124 29.75 -39.17 -32.21
CA GLU C 124 30.36 -38.41 -33.29
C GLU C 124 31.55 -39.19 -33.84
N LEU C 125 31.61 -39.34 -35.15
CA LEU C 125 32.68 -40.05 -35.83
C LEU C 125 33.53 -39.06 -36.60
N LEU C 126 34.85 -39.24 -36.55
CA LEU C 126 35.79 -38.36 -37.20
C LEU C 126 36.61 -39.14 -38.20
N LEU C 127 36.59 -38.68 -39.45
CA LEU C 127 37.27 -39.35 -40.54
C LEU C 127 38.38 -38.45 -41.09
N ASP C 128 39.44 -39.09 -41.59
CA ASP C 128 40.57 -38.39 -42.19
C ASP C 128 41.14 -37.32 -41.22
N ASP C 129 41.54 -37.76 -40.04
CA ASP C 129 42.13 -36.89 -39.02
C ASP C 129 41.25 -35.70 -38.63
N GLY C 130 39.94 -35.89 -38.66
CA GLY C 130 38.99 -34.85 -38.31
C GLY C 130 38.45 -34.00 -39.45
N ARG C 131 38.89 -34.26 -40.69
CA ARG C 131 38.45 -33.46 -41.84
C ARG C 131 36.96 -33.57 -42.11
N VAL C 132 36.40 -34.76 -41.89
CA VAL C 132 34.97 -35.00 -41.98
C VAL C 132 34.48 -35.43 -40.61
N VAL C 133 33.32 -34.92 -40.21
CA VAL C 133 32.72 -35.29 -38.94
C VAL C 133 31.27 -35.68 -39.16
N MET C 134 30.85 -36.78 -38.54
CA MET C 134 29.48 -37.27 -38.65
C MET C 134 28.93 -37.61 -37.29
N VAL C 135 27.59 -37.59 -37.20
CA VAL C 135 26.90 -38.06 -36.01
C VAL C 135 26.04 -39.28 -36.38
N VAL C 136 26.01 -40.27 -35.50
CA VAL C 136 25.25 -41.49 -35.74
C VAL C 136 23.77 -41.22 -35.42
N GLU C 137 22.90 -41.38 -36.42
CA GLU C 137 21.46 -41.18 -36.26
C GLU C 137 20.70 -42.47 -35.95
N GLU C 138 21.14 -43.58 -36.55
CA GLU C 138 20.49 -44.88 -36.37
C GLU C 138 21.54 -45.98 -36.39
N VAL C 139 21.30 -47.03 -35.62
CA VAL C 139 22.15 -48.20 -35.59
C VAL C 139 21.32 -49.41 -35.98
N ALA C 140 21.86 -50.24 -36.86
CA ALA C 140 21.30 -51.53 -37.24
C ALA C 140 22.34 -52.60 -36.97
N ALA C 141 22.00 -53.87 -37.19
CA ALA C 141 22.93 -54.95 -36.87
C ALA C 141 24.24 -54.88 -37.70
N ASP C 142 24.17 -54.33 -38.90
CA ASP C 142 25.28 -54.33 -39.83
C ASP C 142 25.73 -52.95 -40.30
N GLU C 143 25.19 -51.85 -39.76
CA GLU C 143 25.54 -50.55 -40.29
C GLU C 143 25.25 -49.42 -39.35
N LEU C 144 25.93 -48.29 -39.57
CA LEU C 144 25.65 -47.05 -38.88
C LEU C 144 25.12 -46.06 -39.90
N ARG C 145 23.99 -45.42 -39.58
CA ARG C 145 23.38 -44.43 -40.47
C ARG C 145 23.60 -43.06 -39.87
N CYS C 146 24.29 -42.20 -40.63
CA CYS C 146 24.82 -40.96 -40.08
C CYS C 146 24.39 -39.73 -40.85
N ARG C 147 24.53 -38.59 -40.18
CA ARG C 147 24.38 -37.27 -40.78
C ARG C 147 25.74 -36.57 -40.73
N VAL C 148 26.09 -35.89 -41.80
CA VAL C 148 27.35 -35.15 -41.88
C VAL C 148 27.22 -33.84 -41.11
N LEU C 149 28.12 -33.62 -40.15
CA LEU C 149 28.21 -32.38 -39.39
C LEU C 149 29.20 -31.41 -40.04
N ILE C 150 30.34 -31.93 -40.51
CA ILE C 150 31.33 -31.15 -41.20
C ILE C 150 31.70 -31.89 -42.47
N GLY C 151 31.50 -31.21 -43.60
CA GLY C 151 31.69 -31.80 -44.90
C GLY C 151 33.14 -31.85 -45.33
N GLY C 152 33.36 -32.47 -46.46
CA GLY C 152 34.67 -32.61 -47.04
C GLY C 152 34.78 -33.76 -47.96
N PRO C 153 35.98 -34.03 -48.46
CA PRO C 153 36.16 -35.23 -49.31
C PRO C 153 36.39 -36.49 -48.50
N LEU C 154 36.09 -37.62 -49.12
CA LEU C 154 36.32 -38.94 -48.52
C LEU C 154 36.86 -39.83 -49.61
N SER C 155 37.86 -40.63 -49.27
CA SER C 155 38.50 -41.47 -50.28
C SER C 155 38.88 -42.82 -49.66
N ASP C 156 39.39 -43.72 -50.50
CA ASP C 156 39.69 -45.09 -50.10
C ASP C 156 40.57 -45.12 -48.86
N HIS C 157 40.22 -46.04 -47.95
CA HIS C 157 41.03 -46.37 -46.79
C HIS C 157 41.29 -45.23 -45.81
N LYS C 158 40.44 -44.19 -45.79
CA LYS C 158 40.62 -43.15 -44.80
C LYS C 158 40.30 -43.63 -43.41
N GLY C 159 40.98 -43.07 -42.43
CA GLY C 159 40.82 -43.49 -41.03
C GLY C 159 39.53 -42.97 -40.45
N ILE C 160 39.01 -43.70 -39.49
CA ILE C 160 37.82 -43.32 -38.74
C ILE C 160 38.06 -43.58 -37.26
N ASN C 161 37.58 -42.68 -36.42
CA ASN C 161 37.59 -42.89 -34.98
C ASN C 161 36.33 -42.27 -34.37
N ARG C 162 36.02 -42.68 -33.17
CA ARG C 162 34.95 -42.15 -32.41
C ARG C 162 35.42 -41.15 -31.36
N ARG C 163 34.71 -40.03 -31.29
CA ARG C 163 34.97 -39.03 -30.27
C ARG C 163 34.74 -39.68 -28.92
N GLY C 164 35.75 -39.68 -28.05
CA GLY C 164 35.59 -40.39 -26.78
C GLY C 164 36.33 -41.70 -26.75
N GLY C 165 36.68 -42.24 -27.91
CA GLY C 165 37.51 -43.45 -28.00
C GLY C 165 36.67 -44.65 -27.70
N GLY C 166 37.28 -45.66 -27.07
CA GLY C 166 36.55 -46.84 -26.61
C GLY C 166 36.31 -47.94 -27.64
N LEU C 167 36.73 -47.74 -28.89
CA LEU C 167 36.62 -48.70 -29.93
C LEU C 167 37.50 -49.93 -29.73
N THR C 168 36.96 -51.07 -30.07
CA THR C 168 37.65 -52.34 -29.90
C THR C 168 38.71 -52.47 -30.96
N ALA C 169 39.93 -52.80 -30.57
CA ALA C 169 40.94 -53.19 -31.58
C ALA C 169 42.17 -53.68 -30.88
N PRO C 170 42.85 -54.69 -31.42
CA PRO C 170 44.07 -55.17 -30.72
C PRO C 170 45.28 -54.27 -30.98
N ALA C 171 46.15 -54.12 -30.00
CA ALA C 171 47.26 -53.15 -30.09
C ALA C 171 48.29 -53.61 -31.13
N LEU C 172 48.60 -54.90 -31.24
CA LEU C 172 49.53 -55.33 -32.28
C LEU C 172 48.88 -56.03 -33.44
N THR C 173 49.03 -55.46 -34.63
CA THR C 173 48.46 -56.07 -35.84
C THR C 173 49.51 -56.96 -36.48
N ASP C 174 49.10 -57.69 -37.53
CA ASP C 174 50.05 -58.49 -38.28
C ASP C 174 51.02 -57.63 -39.06
N LYS C 175 50.53 -56.54 -39.61
CA LYS C 175 51.42 -55.55 -40.22
C LYS C 175 52.52 -55.13 -39.24
N ASP C 176 52.14 -54.82 -38.01
CA ASP C 176 53.09 -54.35 -37.02
C ASP C 176 54.16 -55.40 -36.70
N LYS C 177 53.74 -56.64 -36.59
CA LYS C 177 54.69 -57.74 -36.37
C LYS C 177 55.73 -57.81 -37.49
N ALA C 178 55.27 -57.63 -38.72
CA ALA C 178 56.18 -57.57 -39.87
C ALA C 178 57.10 -56.35 -39.80
N ASP C 179 56.54 -55.21 -39.41
CA ASP C 179 57.30 -53.98 -39.31
C ASP C 179 58.31 -54.01 -38.16
N ILE C 180 57.99 -54.74 -37.09
CA ILE C 180 58.95 -54.92 -36.00
C ILE C 180 60.20 -55.63 -36.54
N LYS C 181 60.00 -56.66 -37.35
CA LYS C 181 61.11 -57.37 -37.99
C LYS C 181 61.87 -56.44 -38.92
N LEU C 182 61.14 -55.65 -39.69
CA LEU C 182 61.78 -54.69 -40.56
C LEU C 182 62.63 -53.69 -39.77
N ALA C 183 62.11 -53.24 -38.63
CA ALA C 183 62.84 -52.28 -37.80
C ALA C 183 64.12 -52.89 -37.27
N ALA C 184 64.02 -54.12 -36.74
CA ALA C 184 65.20 -54.86 -36.29
C ALA C 184 66.23 -55.03 -37.40
N ASP C 185 65.75 -55.35 -38.59
CA ASP C 185 66.61 -55.57 -39.75
C ASP C 185 67.34 -54.28 -40.15
N MET C 186 66.70 -53.13 -39.97
CA MET C 186 67.30 -51.84 -40.31
C MET C 186 68.15 -51.26 -39.18
N ASP C 187 68.23 -51.96 -38.03
CA ASP C 187 68.97 -51.49 -36.84
C ASP C 187 68.46 -50.13 -36.35
N LEU C 188 67.15 -49.99 -36.27
CA LEU C 188 66.58 -48.73 -35.84
C LEU C 188 66.89 -48.49 -34.36
N ASP C 189 67.11 -47.23 -34.01
CA ASP C 189 67.43 -46.86 -32.65
C ASP C 189 66.20 -46.81 -31.73
N TYR C 190 65.05 -46.39 -32.27
CA TYR C 190 63.80 -46.33 -31.53
C TYR C 190 62.67 -46.94 -32.34
N VAL C 191 61.75 -47.59 -31.64
CA VAL C 191 60.53 -48.10 -32.24
C VAL C 191 59.35 -47.63 -31.40
N ALA C 192 58.35 -47.06 -32.05
CA ALA C 192 57.19 -46.51 -31.37
C ALA C 192 55.97 -47.39 -31.56
N VAL C 193 55.31 -47.73 -30.47
CA VAL C 193 54.10 -48.55 -30.49
C VAL C 193 52.87 -47.64 -30.45
N SER C 194 51.93 -47.88 -31.37
CA SER C 194 50.69 -47.09 -31.42
C SER C 194 49.58 -47.75 -30.63
N PHE C 195 48.77 -46.91 -30.01
CA PHE C 195 47.58 -47.31 -29.25
C PHE C 195 47.78 -48.37 -28.19
N PRO C 196 48.92 -48.36 -27.49
CA PRO C 196 48.98 -49.26 -26.34
C PRO C 196 48.04 -48.85 -25.22
N ARG C 197 47.57 -49.82 -24.47
CA ARG C 197 46.66 -49.57 -23.35
C ARG C 197 47.27 -49.74 -21.99
N ASP C 198 48.22 -50.63 -21.85
CA ASP C 198 48.81 -50.96 -20.55
C ASP C 198 50.18 -51.58 -20.79
N ALA C 199 50.87 -51.82 -19.69
CA ALA C 199 52.20 -52.40 -19.76
C ALA C 199 52.27 -53.67 -20.59
N LYS C 200 51.21 -54.48 -20.60
CA LYS C 200 51.23 -55.73 -21.33
C LYS C 200 51.50 -55.51 -22.83
N ASP C 201 50.84 -54.49 -23.41
CA ASP C 201 51.02 -54.21 -24.83
C ASP C 201 52.46 -53.88 -25.17
N MET C 202 53.12 -53.16 -24.27
CA MET C 202 54.52 -52.80 -24.46
C MET C 202 55.46 -53.95 -24.23
N GLU C 203 55.15 -54.81 -23.26
CA GLU C 203 55.97 -56.01 -23.00
C GLU C 203 55.92 -56.96 -24.19
N TYR C 204 54.73 -57.14 -24.76
CA TYR C 204 54.57 -57.96 -25.95
C TYR C 204 55.43 -57.42 -27.10
N ALA C 205 55.36 -56.10 -27.32
CA ALA C 205 56.16 -55.49 -28.38
C ALA C 205 57.65 -55.67 -28.14
N ARG C 206 58.06 -55.61 -26.88
CA ARG C 206 59.47 -55.80 -26.51
C ARG C 206 59.92 -57.23 -26.79
N ARG C 207 59.06 -58.19 -26.47
CA ARG C 207 59.31 -59.60 -26.75
C ARG C 207 59.58 -59.79 -28.25
N LEU C 208 58.64 -59.33 -29.07
CA LEU C 208 58.77 -59.48 -30.53
C LEU C 208 60.03 -58.80 -31.06
N LEU C 209 60.38 -57.66 -30.49
CA LEU C 209 61.55 -56.95 -30.96
C LEU C 209 62.84 -57.70 -30.62
N THR C 210 62.94 -58.20 -29.38
CA THR C 210 64.11 -58.98 -28.98
C THR C 210 64.18 -60.29 -29.77
N GLU C 211 63.05 -60.99 -29.91
CA GLU C 211 62.97 -62.19 -30.76
C GLU C 211 63.49 -61.95 -32.17
N ALA C 212 63.27 -60.77 -32.72
CA ALA C 212 63.82 -60.43 -34.05
C ALA C 212 65.24 -59.89 -33.98
N GLY C 213 65.88 -59.94 -32.81
CA GLY C 213 67.24 -59.43 -32.67
C GLY C 213 67.40 -57.92 -32.68
N GLY C 214 66.33 -57.19 -32.37
CA GLY C 214 66.35 -55.73 -32.39
C GLY C 214 66.91 -55.14 -31.09
N LYS C 215 67.69 -54.12 -31.22
CA LYS C 215 68.31 -53.45 -30.06
C LYS C 215 67.62 -52.12 -29.72
N ALA C 216 66.55 -51.77 -30.44
CA ALA C 216 65.91 -50.49 -30.30
C ALA C 216 65.29 -50.31 -28.93
N TRP C 217 65.23 -49.06 -28.51
CA TRP C 217 64.44 -48.64 -27.34
C TRP C 217 63.00 -48.37 -27.78
N LEU C 218 62.07 -48.66 -26.88
CA LEU C 218 60.66 -48.62 -27.19
C LEU C 218 59.98 -47.33 -26.74
N VAL C 219 59.18 -46.75 -27.63
CA VAL C 219 58.42 -45.56 -27.33
C VAL C 219 56.95 -45.88 -27.25
N ALA C 220 56.34 -45.61 -26.10
CA ALA C 220 54.89 -45.75 -25.96
C ALA C 220 54.18 -44.48 -26.37
N LYS C 221 53.34 -44.57 -27.37
CA LYS C 221 52.52 -43.44 -27.79
C LYS C 221 51.26 -43.37 -26.94
N ILE C 222 51.09 -42.29 -26.21
CA ILE C 222 49.93 -42.11 -25.35
C ILE C 222 48.79 -41.51 -26.20
N GLU C 223 47.97 -42.38 -26.77
CA GLU C 223 46.87 -42.02 -27.64
C GLU C 223 45.49 -42.51 -27.21
N ARG C 224 45.39 -43.38 -26.22
CA ARG C 224 44.14 -44.02 -25.86
C ARG C 224 43.61 -43.45 -24.57
N ALA C 225 42.30 -43.30 -24.51
CA ALA C 225 41.65 -42.83 -23.29
C ALA C 225 42.01 -43.73 -22.10
N GLU C 226 42.14 -45.02 -22.32
CA GLU C 226 42.41 -45.97 -21.25
C GLU C 226 43.80 -45.76 -20.65
N ALA C 227 44.73 -45.29 -21.48
CA ALA C 227 46.10 -45.04 -21.03
C ALA C 227 46.24 -43.89 -20.03
N VAL C 228 45.27 -42.97 -20.01
CA VAL C 228 45.32 -41.81 -19.12
C VAL C 228 44.13 -41.78 -18.18
N ALA C 229 43.40 -42.88 -18.07
CA ALA C 229 42.22 -42.98 -17.20
C ALA C 229 42.56 -42.65 -15.75
N ASP C 230 43.76 -43.00 -15.30
CA ASP C 230 44.19 -42.66 -13.96
C ASP C 230 45.71 -42.82 -13.90
N ASP C 231 46.29 -42.39 -12.78
CA ASP C 231 47.74 -42.40 -12.64
C ASP C 231 48.37 -43.78 -12.74
N ASP C 232 47.68 -44.81 -12.22
CA ASP C 232 48.24 -46.17 -12.28
C ASP C 232 48.30 -46.68 -13.71
N ALA C 233 47.26 -46.44 -14.49
CA ALA C 233 47.27 -46.81 -15.90
C ALA C 233 48.47 -46.16 -16.63
N LEU C 234 48.60 -44.84 -16.48
CA LEU C 234 49.64 -44.10 -17.16
C LEU C 234 51.03 -44.53 -16.67
N ASP C 235 51.23 -44.54 -15.36
CA ASP C 235 52.54 -44.88 -14.80
C ASP C 235 52.97 -46.31 -15.14
N GLY C 236 52.00 -47.21 -15.21
CA GLY C 236 52.27 -48.59 -15.61
C GLY C 236 52.82 -48.65 -17.02
N LEU C 237 52.15 -47.94 -17.90
CA LEU C 237 52.55 -47.88 -19.30
C LEU C 237 53.92 -47.20 -19.46
N ILE C 238 54.16 -46.15 -18.70
CA ILE C 238 55.43 -45.44 -18.76
C ILE C 238 56.57 -46.36 -18.29
N ARG C 239 56.36 -47.07 -17.20
CA ARG C 239 57.42 -47.88 -16.61
C ARG C 239 57.85 -49.04 -17.51
N ALA C 240 56.92 -49.50 -18.35
CA ALA C 240 57.18 -50.55 -19.30
C ALA C 240 57.87 -50.07 -20.58
N SER C 241 58.19 -48.78 -20.67
CA SER C 241 58.77 -48.23 -21.88
C SER C 241 60.10 -47.59 -21.60
N ASP C 242 60.78 -47.19 -22.64
CA ASP C 242 61.98 -46.40 -22.52
C ASP C 242 61.69 -44.93 -22.78
N ALA C 243 60.64 -44.67 -23.54
CA ALA C 243 60.25 -43.32 -23.89
C ALA C 243 58.76 -43.27 -24.14
N VAL C 244 58.19 -42.08 -24.06
CA VAL C 244 56.78 -41.90 -24.36
C VAL C 244 56.59 -40.72 -25.29
N MET C 245 55.49 -40.74 -26.01
CA MET C 245 55.12 -39.71 -26.92
C MET C 245 53.75 -39.16 -26.60
N VAL C 246 53.63 -37.86 -26.47
CA VAL C 246 52.33 -37.22 -26.29
C VAL C 246 51.74 -37.06 -27.67
N ALA C 247 50.89 -38.02 -28.04
CA ALA C 247 50.38 -38.12 -29.40
C ALA C 247 49.06 -37.38 -29.48
N ARG C 248 49.13 -36.07 -29.69
CA ARG C 248 47.99 -35.23 -29.39
C ARG C 248 46.87 -35.32 -30.41
N GLY C 249 47.18 -35.78 -31.62
CA GLY C 249 46.16 -36.02 -32.63
C GLY C 249 45.14 -37.04 -32.17
N ASP C 250 45.56 -38.26 -32.05
CA ASP C 250 44.65 -39.34 -31.64
C ASP C 250 44.19 -39.15 -30.19
N LEU C 251 45.07 -38.67 -29.32
CA LEU C 251 44.70 -38.48 -27.92
C LEU C 251 43.59 -37.44 -27.78
N GLY C 252 43.68 -36.37 -28.55
CA GLY C 252 42.66 -35.32 -28.51
C GLY C 252 41.28 -35.83 -28.97
N VAL C 253 41.28 -36.69 -29.96
CA VAL C 253 40.04 -37.32 -30.38
C VAL C 253 39.47 -38.18 -29.25
N GLU C 254 40.31 -38.93 -28.57
CA GLU C 254 39.86 -39.88 -27.56
C GLU C 254 39.39 -39.20 -26.26
N ILE C 255 40.06 -38.14 -25.82
CA ILE C 255 39.69 -37.50 -24.55
C ILE C 255 39.16 -36.09 -24.70
N GLY C 256 39.18 -35.55 -25.92
CA GLY C 256 38.73 -34.18 -26.18
C GLY C 256 39.84 -33.14 -26.10
N ASP C 257 39.91 -32.24 -27.06
CA ASP C 257 41.01 -31.29 -27.09
C ASP C 257 41.11 -30.39 -25.84
N ALA C 258 39.99 -30.10 -25.21
CA ALA C 258 39.97 -29.28 -24.00
C ALA C 258 40.69 -29.91 -22.79
N GLU C 259 40.97 -31.21 -22.84
CA GLU C 259 41.71 -31.86 -21.78
C GLU C 259 43.19 -32.03 -22.06
N LEU C 260 43.65 -31.68 -23.25
CA LEU C 260 45.03 -31.94 -23.64
C LEU C 260 46.06 -31.21 -22.78
N VAL C 261 45.83 -29.95 -22.51
CA VAL C 261 46.86 -29.15 -21.85
C VAL C 261 47.32 -29.77 -20.52
N GLY C 262 46.37 -30.22 -19.72
CA GLY C 262 46.66 -30.80 -18.43
C GLY C 262 47.37 -32.14 -18.54
N ILE C 263 46.94 -32.93 -19.51
CA ILE C 263 47.45 -34.27 -19.70
C ILE C 263 48.86 -34.22 -20.34
N GLN C 264 49.07 -33.32 -21.28
CA GLN C 264 50.41 -33.14 -21.82
C GLN C 264 51.39 -32.89 -20.68
N LYS C 265 51.03 -32.00 -19.77
CA LYS C 265 51.92 -31.68 -18.66
C LYS C 265 52.11 -32.84 -17.71
N LYS C 266 51.04 -33.58 -17.46
CA LYS C 266 51.14 -34.76 -16.58
C LYS C 266 52.06 -35.82 -17.19
N ILE C 267 51.85 -36.12 -18.47
CA ILE C 267 52.62 -37.16 -19.13
C ILE C 267 54.13 -36.80 -19.10
N ILE C 268 54.46 -35.57 -19.43
CA ILE C 268 55.85 -35.16 -19.45
C ILE C 268 56.46 -35.33 -18.07
N LEU C 269 55.76 -34.83 -17.06
CA LEU C 269 56.26 -34.89 -15.70
C LEU C 269 56.42 -36.34 -15.21
N HIS C 270 55.39 -37.15 -15.40
CA HIS C 270 55.46 -38.54 -14.94
C HIS C 270 56.55 -39.31 -15.69
N ALA C 271 56.72 -39.03 -16.98
CA ALA C 271 57.80 -39.64 -17.73
C ALA C 271 59.16 -39.33 -17.11
N ARG C 272 59.41 -38.05 -16.86
CA ARG C 272 60.69 -37.64 -16.29
C ARG C 272 60.89 -38.26 -14.90
N ARG C 273 59.84 -38.30 -14.10
CA ARG C 273 59.96 -38.88 -12.76
C ARG C 273 60.35 -40.34 -12.80
N ASN C 274 59.85 -41.06 -13.79
CA ASN C 274 60.23 -42.46 -13.99
C ASN C 274 61.47 -42.65 -14.87
N ASN C 275 62.24 -41.60 -15.07
CA ASN C 275 63.49 -41.66 -15.83
C ASN C 275 63.34 -42.15 -17.26
N LYS C 276 62.30 -41.67 -17.92
CA LYS C 276 62.05 -41.94 -19.33
C LYS C 276 62.15 -40.67 -20.15
N VAL C 277 62.37 -40.86 -21.44
CA VAL C 277 62.42 -39.77 -22.42
C VAL C 277 60.99 -39.46 -22.87
N VAL C 278 60.71 -38.20 -23.18
CA VAL C 278 59.38 -37.84 -23.63
C VAL C 278 59.40 -36.91 -24.84
N ILE C 279 58.54 -37.22 -25.81
CA ILE C 279 58.37 -36.45 -27.03
C ILE C 279 56.97 -35.81 -27.06
N THR C 280 56.89 -34.54 -27.45
CA THR C 280 55.60 -33.88 -27.68
C THR C 280 55.36 -33.77 -29.19
N ALA C 281 54.16 -34.13 -29.65
CA ALA C 281 53.91 -34.27 -31.10
C ALA C 281 52.57 -33.74 -31.57
N THR C 282 52.50 -33.55 -32.89
CA THR C 282 51.28 -33.37 -33.66
C THR C 282 50.78 -31.91 -33.78
N GLN C 283 50.86 -31.38 -35.00
CA GLN C 283 50.38 -30.08 -35.37
C GLN C 283 51.08 -28.95 -34.66
N MET C 284 52.31 -29.16 -34.24
CA MET C 284 53.04 -28.13 -33.56
C MET C 284 53.27 -26.92 -34.46
N MET C 285 53.46 -27.14 -35.76
CA MET C 285 53.65 -26.05 -36.71
C MET C 285 52.88 -26.26 -38.00
N GLU C 286 51.65 -26.74 -37.87
CA GLU C 286 50.84 -27.18 -39.00
C GLU C 286 50.74 -26.15 -40.15
N SER C 287 50.64 -24.87 -39.82
CA SER C 287 50.50 -23.87 -40.86
C SER C 287 51.68 -23.89 -41.84
N MET C 288 52.83 -24.40 -41.40
CA MET C 288 54.01 -24.46 -42.25
C MET C 288 53.98 -25.54 -43.31
N ILE C 289 52.96 -26.38 -43.32
CA ILE C 289 52.69 -27.18 -44.49
C ILE C 289 52.58 -26.31 -45.75
N HIS C 290 51.90 -25.16 -45.63
CA HIS C 290 51.67 -24.27 -46.77
C HIS C 290 52.28 -22.89 -46.62
N SER C 291 53.01 -22.63 -45.55
CA SER C 291 53.56 -21.30 -45.32
C SER C 291 55.01 -21.39 -44.84
N PRO C 292 55.85 -20.44 -45.24
CA PRO C 292 57.24 -20.52 -44.81
C PRO C 292 57.53 -19.96 -43.41
N MET C 293 56.50 -19.52 -42.68
CA MET C 293 56.66 -19.09 -41.29
C MET C 293 55.51 -19.60 -40.43
N PRO C 294 55.77 -19.85 -39.15
CA PRO C 294 54.72 -20.31 -38.27
C PRO C 294 53.84 -19.17 -37.73
N THR C 295 52.66 -19.54 -37.26
CA THR C 295 51.80 -18.59 -36.56
C THR C 295 52.29 -18.39 -35.13
N ARG C 296 51.77 -17.35 -34.48
CA ARG C 296 52.12 -17.09 -33.08
C ARG C 296 51.65 -18.19 -32.16
N ALA C 297 50.53 -18.80 -32.49
CA ALA C 297 50.05 -19.94 -31.69
C ALA C 297 51.01 -21.09 -31.77
N GLU C 298 51.57 -21.33 -32.95
CA GLU C 298 52.51 -22.41 -33.15
C GLU C 298 53.82 -22.14 -32.41
N VAL C 299 54.31 -20.91 -32.47
CA VAL C 299 55.48 -20.54 -31.69
C VAL C 299 55.22 -20.79 -30.21
N SER C 300 54.07 -20.35 -29.72
CA SER C 300 53.71 -20.52 -28.32
C SER C 300 53.62 -22.00 -27.93
N ASP C 301 53.06 -22.82 -28.81
CA ASP C 301 52.86 -24.23 -28.53
C ASP C 301 54.22 -24.91 -28.29
N VAL C 302 55.17 -24.63 -29.17
CA VAL C 302 56.46 -25.24 -29.10
C VAL C 302 57.19 -24.75 -27.85
N ALA C 303 57.19 -23.45 -27.67
CA ALA C 303 57.88 -22.86 -26.54
C ALA C 303 57.32 -23.39 -25.21
N ASN C 304 56.02 -23.53 -25.12
CA ASN C 304 55.44 -24.03 -23.90
C ASN C 304 55.80 -25.49 -23.66
N ALA C 305 55.94 -26.26 -24.73
CA ALA C 305 56.42 -27.65 -24.58
C ALA C 305 57.86 -27.67 -24.03
N VAL C 306 58.68 -26.71 -24.47
CA VAL C 306 60.03 -26.60 -23.96
C VAL C 306 60.02 -26.24 -22.48
N LEU C 307 59.16 -25.33 -22.06
CA LEU C 307 59.06 -24.99 -20.64
C LEU C 307 58.44 -26.11 -19.82
N ASP C 308 57.54 -26.91 -20.40
CA ASP C 308 57.08 -28.14 -19.71
C ASP C 308 58.24 -29.16 -19.53
N TYR C 309 59.38 -28.91 -20.17
CA TYR C 309 60.57 -29.77 -20.08
C TYR C 309 60.43 -31.08 -20.84
N THR C 310 59.84 -31.01 -22.01
CA THR C 310 59.84 -32.11 -22.96
C THR C 310 61.29 -32.34 -23.42
N ASP C 311 61.60 -33.58 -23.77
CA ASP C 311 62.90 -33.89 -24.34
C ASP C 311 62.96 -33.44 -25.79
N ALA C 312 61.88 -33.70 -26.52
CA ALA C 312 61.86 -33.40 -27.93
C ALA C 312 60.49 -32.94 -28.38
N VAL C 313 60.50 -32.22 -29.49
CA VAL C 313 59.30 -31.80 -30.18
C VAL C 313 59.37 -32.40 -31.57
N MET C 314 58.21 -32.68 -32.14
CA MET C 314 58.12 -33.44 -33.38
C MET C 314 57.41 -32.66 -34.50
N LEU C 315 57.82 -32.95 -35.72
CA LEU C 315 57.12 -32.52 -36.94
C LEU C 315 56.60 -33.75 -37.65
N SER C 316 55.38 -33.68 -38.18
CA SER C 316 54.86 -34.80 -38.98
C SER C 316 54.60 -34.53 -40.45
N ALA C 317 53.58 -33.72 -40.78
CA ALA C 317 53.31 -33.46 -42.18
C ALA C 317 54.19 -32.26 -42.54
N GLU C 318 54.51 -31.42 -41.56
CA GLU C 318 55.31 -30.23 -41.82
C GLU C 318 56.61 -30.61 -42.53
N SER C 319 57.23 -31.70 -42.09
CA SER C 319 58.49 -32.17 -42.67
C SER C 319 58.32 -33.29 -43.71
N ALA C 320 57.26 -34.08 -43.61
CA ALA C 320 57.06 -35.24 -44.47
C ALA C 320 56.37 -34.93 -45.81
N ALA C 321 55.36 -34.07 -45.78
CA ALA C 321 54.55 -33.79 -46.97
C ALA C 321 54.47 -32.33 -47.39
N GLY C 322 54.91 -31.40 -46.56
CA GLY C 322 54.61 -29.99 -46.78
C GLY C 322 55.55 -29.32 -47.75
N GLU C 323 55.28 -28.05 -48.00
CA GLU C 323 56.07 -27.29 -48.96
C GLU C 323 57.36 -26.72 -48.36
N TYR C 324 57.52 -26.73 -47.03
CA TYR C 324 58.66 -26.04 -46.41
C TYR C 324 59.26 -26.86 -45.26
N PRO C 325 59.65 -28.10 -45.54
CA PRO C 325 60.21 -28.93 -44.49
C PRO C 325 61.46 -28.37 -43.80
N VAL C 326 62.35 -27.78 -44.57
CA VAL C 326 63.59 -27.27 -44.00
C VAL C 326 63.30 -26.03 -43.15
N GLU C 327 62.46 -25.15 -43.64
CA GLU C 327 62.12 -23.94 -42.92
C GLU C 327 61.39 -24.25 -41.60
N ALA C 328 60.59 -25.32 -41.58
CA ALA C 328 59.93 -25.75 -40.37
C ALA C 328 60.94 -26.17 -39.31
N VAL C 329 61.91 -27.00 -39.68
CA VAL C 329 62.95 -27.42 -38.75
C VAL C 329 63.71 -26.19 -38.21
N LYS C 330 64.11 -25.30 -39.11
CA LYS C 330 64.83 -24.10 -38.70
C LYS C 330 64.02 -23.28 -37.70
N ALA C 331 62.73 -23.10 -37.99
CA ALA C 331 61.87 -22.30 -37.12
C ALA C 331 61.73 -22.96 -35.75
N MET C 332 61.46 -24.25 -35.75
CA MET C 332 61.31 -24.99 -34.53
C MET C 332 62.57 -24.88 -33.67
N ALA C 333 63.73 -25.03 -34.31
CA ALA C 333 65.00 -24.94 -33.59
C ALA C 333 65.21 -23.55 -32.96
N ARG C 334 64.80 -22.52 -33.67
CA ARG C 334 64.97 -21.15 -33.19
C ARG C 334 64.06 -20.89 -31.96
N VAL C 335 62.85 -21.43 -31.99
CA VAL C 335 61.93 -21.22 -30.91
C VAL C 335 62.41 -21.95 -29.66
N CYS C 336 62.96 -23.14 -29.85
CA CYS C 336 63.52 -23.90 -28.73
C CYS C 336 64.64 -23.11 -28.05
N GLN C 337 65.55 -22.56 -28.85
CA GLN C 337 66.64 -21.78 -28.28
C GLN C 337 66.14 -20.62 -27.45
N GLY C 338 65.09 -19.96 -27.92
CA GLY C 338 64.55 -18.81 -27.19
C GLY C 338 63.95 -19.20 -25.86
N ALA C 339 63.13 -20.26 -25.88
CA ALA C 339 62.49 -20.70 -24.67
C ALA C 339 63.49 -21.21 -23.63
N GLU C 340 64.62 -21.75 -24.08
CA GLU C 340 65.62 -22.28 -23.16
C GLU C 340 66.34 -21.19 -22.34
N LYS C 341 66.28 -19.93 -22.79
CA LYS C 341 66.84 -18.82 -22.00
C LYS C 341 66.01 -18.48 -20.75
N HIS C 342 64.75 -18.91 -20.70
CA HIS C 342 63.90 -18.65 -19.53
C HIS C 342 64.55 -19.16 -18.24
N PRO C 343 64.40 -18.42 -17.13
CA PRO C 343 64.97 -18.89 -15.84
C PRO C 343 64.46 -20.25 -15.33
N THR C 344 63.21 -20.61 -15.61
CA THR C 344 62.69 -21.91 -15.19
C THR C 344 63.32 -23.11 -15.94
N SER C 345 63.97 -22.87 -17.08
CA SER C 345 64.66 -23.95 -17.80
C SER C 345 65.95 -24.46 -17.15
N GLN C 346 66.50 -23.70 -16.21
CA GLN C 346 67.83 -23.96 -15.62
C GLN C 346 67.82 -24.26 -14.12
N LYS C 347 66.71 -24.02 -13.42
CA LYS C 347 66.63 -24.17 -11.96
C LYS C 347 65.88 -25.46 -11.58
N SER C 348 66.43 -26.24 -10.67
CA SER C 348 65.90 -27.55 -10.27
C SER C 348 65.73 -27.63 -8.75
N SER C 349 64.71 -28.38 -8.32
CA SER C 349 64.55 -28.78 -6.92
C SER C 349 65.43 -30.00 -6.53
N HIS C 350 66.02 -30.68 -7.53
CA HIS C 350 66.98 -31.74 -7.31
C HIS C 350 66.47 -32.97 -6.54
N ARG C 351 65.18 -33.23 -6.70
CA ARG C 351 64.50 -34.35 -6.06
C ARG C 351 64.71 -34.43 -4.54
N LEU C 352 64.77 -33.25 -3.90
CA LEU C 352 64.91 -33.16 -2.45
C LEU C 352 63.81 -33.93 -1.73
N GLY C 353 64.21 -34.63 -0.66
CA GLY C 353 63.32 -35.45 0.11
C GLY C 353 63.03 -36.84 -0.44
N GLN C 354 63.47 -37.14 -1.67
CA GLN C 354 63.15 -38.42 -2.29
C GLN C 354 64.14 -39.52 -1.93
N THR C 355 63.85 -40.73 -2.36
CA THR C 355 64.67 -41.90 -2.08
C THR C 355 65.27 -42.39 -3.38
N PHE C 356 66.59 -42.53 -3.42
CA PHE C 356 67.26 -43.06 -4.60
C PHE C 356 67.36 -44.57 -4.52
N ASP C 357 67.40 -45.21 -5.67
CA ASP C 357 67.34 -46.67 -5.76
C ASP C 357 68.72 -47.25 -6.05
N ARG C 358 69.46 -46.64 -6.97
CA ARG C 358 70.67 -47.23 -7.47
C ARG C 358 71.85 -46.34 -7.22
N CYS C 359 73.02 -46.90 -7.39
CA CYS C 359 74.26 -46.18 -7.21
C CYS C 359 74.58 -45.28 -8.40
N ASP C 360 74.37 -45.78 -9.62
CA ASP C 360 74.69 -44.97 -10.80
C ASP C 360 73.71 -43.81 -10.93
N GLU C 361 72.43 -44.08 -10.60
CA GLU C 361 71.45 -43.00 -10.43
C GLU C 361 71.99 -41.92 -9.50
N SER C 362 72.55 -42.33 -8.37
CA SER C 362 73.06 -41.37 -7.37
C SER C 362 74.18 -40.48 -7.88
N ILE C 363 75.09 -41.04 -8.66
CA ILE C 363 76.18 -40.24 -9.21
C ILE C 363 75.66 -39.26 -10.24
N ALA C 364 74.69 -39.69 -11.04
CA ALA C 364 74.09 -38.78 -12.01
C ALA C 364 73.43 -37.61 -11.30
N LEU C 365 72.60 -37.91 -10.31
CA LEU C 365 71.90 -36.85 -9.57
C LEU C 365 72.89 -35.94 -8.85
N ALA C 366 73.93 -36.54 -8.27
CA ALA C 366 74.92 -35.76 -7.54
C ALA C 366 75.67 -34.81 -8.45
N SER C 367 75.87 -35.21 -9.71
CA SER C 367 76.56 -34.37 -10.67
C SER C 367 75.71 -33.19 -11.08
N MET C 368 74.42 -33.43 -11.32
CA MET C 368 73.53 -32.32 -11.67
C MET C 368 73.42 -31.32 -10.53
N TYR C 369 73.30 -31.84 -9.29
CA TYR C 369 73.36 -30.97 -8.12
C TYR C 369 74.64 -30.15 -8.10
N THR C 370 75.77 -30.81 -8.28
CA THR C 370 77.03 -30.10 -8.21
C THR C 370 77.13 -29.05 -9.30
N ALA C 371 76.80 -29.42 -10.53
CA ALA C 371 76.92 -28.50 -11.67
C ALA C 371 76.00 -27.30 -11.54
N ASN C 372 74.77 -27.53 -11.06
CA ASN C 372 73.84 -26.43 -10.89
C ASN C 372 74.24 -25.45 -9.80
N HIS C 373 75.16 -25.81 -8.89
CA HIS C 373 75.54 -24.90 -7.81
C HIS C 373 76.96 -24.37 -7.86
N PHE C 374 77.88 -25.05 -8.55
CA PHE C 374 79.24 -24.54 -8.72
C PHE C 374 79.31 -24.01 -10.16
N PRO C 375 79.09 -22.70 -10.35
CA PRO C 375 78.94 -22.17 -11.72
C PRO C 375 80.23 -22.19 -12.55
N GLY C 376 81.38 -22.38 -11.90
CA GLY C 376 82.62 -22.63 -12.61
C GLY C 376 82.59 -23.87 -13.50
N ILE C 377 81.68 -24.81 -13.22
CA ILE C 377 81.51 -25.99 -14.04
C ILE C 377 80.82 -25.64 -15.34
N LYS C 378 81.48 -25.92 -16.47
CA LYS C 378 80.99 -25.54 -17.77
C LYS C 378 80.55 -26.73 -18.61
N ALA C 379 80.81 -27.95 -18.14
CA ALA C 379 80.40 -29.13 -18.90
C ALA C 379 80.49 -30.37 -18.06
N ILE C 380 79.76 -31.40 -18.46
CA ILE C 380 79.81 -32.67 -17.79
C ILE C 380 80.24 -33.73 -18.77
N ILE C 381 81.38 -34.39 -18.47
CA ILE C 381 81.93 -35.46 -19.27
C ILE C 381 81.43 -36.75 -18.66
N CYS C 382 80.49 -37.37 -19.32
CA CYS C 382 79.90 -38.61 -18.82
C CYS C 382 80.37 -39.77 -19.69
N LEU C 383 81.31 -40.54 -19.18
CA LEU C 383 81.78 -41.73 -19.88
C LEU C 383 80.70 -42.78 -19.69
N THR C 384 80.10 -43.22 -20.78
CA THR C 384 78.98 -44.12 -20.72
C THR C 384 79.05 -45.18 -21.80
N GLU C 385 78.56 -46.37 -21.43
CA GLU C 385 78.57 -47.51 -22.32
C GLU C 385 77.27 -47.53 -23.12
N SER C 386 76.12 -47.47 -22.43
CA SER C 386 74.83 -47.60 -23.07
C SER C 386 74.02 -46.30 -23.12
N GLY C 387 74.53 -45.23 -22.51
CA GLY C 387 73.78 -43.98 -22.42
C GLY C 387 72.85 -43.85 -21.21
N PHE C 388 72.80 -44.85 -20.34
CA PHE C 388 71.96 -44.79 -19.17
C PHE C 388 72.31 -43.67 -18.18
N THR C 389 73.58 -43.48 -17.93
CA THR C 389 73.99 -42.45 -17.01
C THR C 389 73.56 -41.04 -17.45
N PRO C 390 73.81 -40.65 -18.71
CA PRO C 390 73.32 -39.33 -19.14
C PRO C 390 71.80 -39.25 -19.32
N LEU C 391 71.12 -40.38 -19.46
CA LEU C 391 69.67 -40.37 -19.38
C LEU C 391 69.21 -39.80 -18.03
N ILE C 392 69.80 -40.29 -16.95
CA ILE C 392 69.42 -39.84 -15.61
C ILE C 392 69.84 -38.38 -15.42
N MET C 393 71.04 -38.03 -15.81
CA MET C 393 71.47 -36.64 -15.67
C MET C 393 70.46 -35.69 -16.31
N SER C 394 69.96 -36.06 -17.49
CA SER C 394 69.14 -35.15 -18.28
C SER C 394 67.68 -35.08 -17.81
N ARG C 395 67.29 -35.91 -16.85
CA ARG C 395 66.00 -35.72 -16.17
C ARG C 395 65.96 -34.50 -15.26
N ILE C 396 67.10 -33.91 -14.95
CA ILE C 396 67.17 -32.81 -14.01
C ILE C 396 67.30 -31.51 -14.76
N ARG C 397 66.49 -30.52 -14.38
CA ARG C 397 66.53 -29.25 -15.06
C ARG C 397 67.91 -28.66 -14.87
N SER C 398 68.49 -28.19 -15.97
CA SER C 398 69.79 -27.53 -15.92
C SER C 398 70.04 -26.86 -17.26
N SER C 399 71.03 -25.99 -17.32
CA SER C 399 71.52 -25.50 -18.60
C SER C 399 72.97 -25.92 -18.88
N VAL C 400 73.54 -26.82 -18.06
CA VAL C 400 74.90 -27.26 -18.26
C VAL C 400 74.95 -28.32 -19.35
N PRO C 401 75.89 -28.22 -20.31
CA PRO C 401 75.99 -29.25 -21.36
C PRO C 401 76.39 -30.60 -20.82
N ILE C 402 75.62 -31.63 -21.19
CA ILE C 402 75.94 -33.00 -20.84
C ILE C 402 76.51 -33.70 -22.07
N TYR C 403 77.75 -34.16 -21.97
CA TYR C 403 78.41 -34.87 -23.08
C TYR C 403 78.48 -36.34 -22.81
N ALA C 404 77.84 -37.14 -23.67
CA ALA C 404 77.89 -38.60 -23.58
C ALA C 404 79.11 -39.09 -24.41
N TYR C 405 80.16 -39.51 -23.70
CA TYR C 405 81.35 -40.10 -24.28
C TYR C 405 81.13 -41.61 -24.38
N SER C 406 81.08 -42.11 -25.62
CA SER C 406 80.90 -43.53 -25.81
C SER C 406 81.65 -43.96 -27.07
N PRO C 407 82.13 -45.21 -27.06
CA PRO C 407 82.74 -45.73 -28.27
C PRO C 407 81.70 -46.32 -29.22
N HIS C 408 80.55 -46.73 -28.72
CA HIS C 408 79.55 -47.45 -29.48
C HIS C 408 78.64 -46.53 -30.30
N ARG C 409 78.29 -46.98 -31.51
CA ARG C 409 77.42 -46.23 -32.40
C ARG C 409 75.99 -46.25 -31.90
N GLU C 410 75.55 -47.41 -31.43
CA GLU C 410 74.23 -47.59 -30.79
C GLU C 410 73.97 -46.48 -29.76
N THR C 411 74.95 -46.23 -28.91
CA THR C 411 74.84 -45.23 -27.86
C THR C 411 74.96 -43.84 -28.42
N GLN C 412 75.90 -43.63 -29.33
CA GLN C 412 76.08 -42.30 -29.93
C GLN C 412 74.80 -41.76 -30.57
N ALA C 413 73.98 -42.66 -31.12
CA ALA C 413 72.69 -42.28 -31.71
C ALA C 413 71.59 -42.16 -30.68
N ARG C 414 71.52 -43.12 -29.78
CA ARG C 414 70.48 -43.17 -28.75
C ARG C 414 70.31 -41.80 -28.06
N VAL C 415 71.43 -41.24 -27.62
CA VAL C 415 71.34 -40.02 -26.83
C VAL C 415 70.93 -38.81 -27.62
N ALA C 416 70.83 -38.93 -28.93
CA ALA C 416 70.37 -37.82 -29.75
C ALA C 416 68.97 -37.31 -29.36
N MET C 417 68.13 -38.18 -28.81
CA MET C 417 66.84 -37.77 -28.33
C MET C 417 66.81 -37.23 -26.89
N PHE C 418 67.93 -37.27 -26.17
CA PHE C 418 67.96 -36.85 -24.76
C PHE C 418 68.17 -35.33 -24.70
N ARG C 419 67.32 -34.63 -23.98
CA ARG C 419 67.47 -33.20 -23.89
C ARG C 419 68.78 -32.80 -23.25
N GLY C 420 69.50 -31.90 -23.91
CA GLY C 420 70.74 -31.32 -23.35
C GLY C 420 71.98 -32.19 -23.52
N VAL C 421 71.87 -33.35 -24.17
CA VAL C 421 72.97 -34.28 -24.29
C VAL C 421 73.56 -34.24 -25.70
N GLU C 422 74.88 -34.13 -25.78
CA GLU C 422 75.60 -34.18 -27.06
C GLU C 422 76.51 -35.40 -27.05
N THR C 423 76.69 -36.01 -28.21
CA THR C 423 77.58 -37.18 -28.31
C THR C 423 79.01 -36.72 -28.59
N ILE C 424 79.95 -37.33 -27.88
CA ILE C 424 81.36 -37.22 -28.20
C ILE C 424 81.92 -38.65 -28.35
N PRO C 425 82.25 -39.07 -29.58
CA PRO C 425 82.81 -40.42 -29.74
C PRO C 425 84.17 -40.51 -29.06
N PHE C 426 84.37 -41.60 -28.32
CA PHE C 426 85.50 -41.71 -27.40
C PHE C 426 85.57 -43.12 -26.87
N ASP C 427 86.81 -43.66 -26.84
CA ASP C 427 87.07 -45.01 -26.36
C ASP C 427 88.10 -44.97 -25.24
N PRO C 428 87.64 -44.94 -23.98
CA PRO C 428 88.60 -44.88 -22.88
C PRO C 428 89.44 -46.17 -22.71
N ALA C 429 88.87 -47.33 -23.00
CA ALA C 429 89.59 -48.62 -22.86
C ALA C 429 90.85 -48.71 -23.72
N ALA C 430 90.85 -48.03 -24.86
CA ALA C 430 92.00 -48.04 -25.77
C ALA C 430 92.99 -46.94 -25.46
N LEU C 431 93.05 -46.48 -24.21
CA LEU C 431 94.00 -45.47 -23.81
C LEU C 431 94.73 -45.90 -22.54
N PRO C 432 95.95 -45.38 -22.32
CA PRO C 432 96.58 -45.58 -21.01
C PRO C 432 95.75 -44.92 -19.90
N ALA C 433 95.32 -45.72 -18.94
CA ALA C 433 94.43 -45.27 -17.86
C ALA C 433 94.72 -43.86 -17.34
N GLU C 434 95.98 -43.54 -17.10
CA GLU C 434 96.34 -42.23 -16.52
C GLU C 434 96.11 -41.05 -17.47
N LYS C 435 95.93 -41.32 -18.76
CA LYS C 435 95.74 -40.25 -19.76
C LYS C 435 94.27 -40.01 -20.16
N VAL C 436 93.34 -40.85 -19.68
CA VAL C 436 91.93 -40.73 -20.04
C VAL C 436 91.34 -39.33 -19.74
N SER C 437 91.51 -38.86 -18.50
CA SER C 437 90.93 -37.59 -18.13
C SER C 437 91.33 -36.46 -19.05
N GLN C 438 92.63 -36.30 -19.29
CA GLN C 438 93.06 -35.18 -20.14
C GLN C 438 92.67 -35.40 -21.60
N ALA C 439 92.53 -36.67 -22.00
CA ALA C 439 92.07 -36.98 -23.35
C ALA C 439 90.64 -36.50 -23.55
N ALA C 440 89.78 -36.82 -22.59
CA ALA C 440 88.39 -36.34 -22.60
C ALA C 440 88.31 -34.82 -22.57
N VAL C 441 89.08 -34.19 -21.71
CA VAL C 441 89.08 -32.73 -21.67
C VAL C 441 89.57 -32.14 -22.99
N ASP C 442 90.48 -32.84 -23.66
CA ASP C 442 90.98 -32.34 -24.96
C ASP C 442 89.87 -32.24 -25.99
N GLU C 443 88.99 -33.25 -26.04
CA GLU C 443 87.85 -33.23 -26.94
C GLU C 443 86.98 -31.98 -26.79
N LEU C 444 86.82 -31.49 -25.57
CA LEU C 444 86.07 -30.24 -25.39
C LEU C 444 86.89 -29.01 -25.72
N LEU C 445 88.18 -29.05 -25.44
CA LEU C 445 89.06 -27.94 -25.84
C LEU C 445 89.13 -27.77 -27.36
N LYS C 446 89.22 -28.90 -28.10
CA LYS C 446 89.15 -28.87 -29.57
C LYS C 446 87.92 -28.08 -30.05
N ARG C 447 86.78 -28.35 -29.43
CA ARG C 447 85.51 -27.81 -29.89
C ARG C 447 85.23 -26.42 -29.32
N GLY C 448 86.12 -25.91 -28.46
CA GLY C 448 85.93 -24.57 -27.91
C GLY C 448 84.83 -24.46 -26.86
N VAL C 449 84.40 -25.60 -26.31
CA VAL C 449 83.34 -25.63 -25.28
C VAL C 449 83.89 -25.20 -23.92
N VAL C 450 85.15 -25.52 -23.64
CA VAL C 450 85.79 -25.10 -22.41
C VAL C 450 87.16 -24.52 -22.73
N THR C 451 87.65 -23.66 -21.86
CA THR C 451 88.98 -23.09 -21.97
C THR C 451 89.74 -23.25 -20.66
N LYS C 452 91.03 -22.90 -20.66
CA LYS C 452 91.83 -22.99 -19.46
C LYS C 452 91.22 -22.11 -18.38
N GLY C 453 91.06 -22.66 -17.18
CA GLY C 453 90.43 -21.93 -16.08
C GLY C 453 89.02 -22.38 -15.74
N ASP C 454 88.30 -22.91 -16.73
CA ASP C 454 87.02 -23.53 -16.50
C ASP C 454 87.18 -24.85 -15.75
N TRP C 455 86.11 -25.26 -15.09
CA TRP C 455 86.02 -26.55 -14.40
C TRP C 455 85.07 -27.49 -15.16
N VAL C 456 85.18 -28.77 -14.85
CA VAL C 456 84.40 -29.76 -15.51
C VAL C 456 84.11 -30.93 -14.57
N ILE C 457 83.01 -31.64 -14.81
CA ILE C 457 82.72 -32.83 -14.06
C ILE C 457 82.95 -34.04 -14.94
N LEU C 458 83.63 -35.07 -14.41
CA LEU C 458 83.78 -36.31 -15.12
C LEU C 458 83.16 -37.41 -14.29
N THR C 459 82.37 -38.27 -14.93
CA THR C 459 81.82 -39.43 -14.26
C THR C 459 82.21 -40.69 -14.99
N LYS C 460 82.38 -41.77 -14.23
CA LYS C 460 82.78 -43.04 -14.78
C LYS C 460 82.59 -44.11 -13.73
N GLY C 461 82.96 -45.33 -14.10
CA GLY C 461 83.01 -46.47 -13.18
C GLY C 461 84.44 -46.97 -13.07
N ASP C 462 84.59 -48.18 -12.54
CA ASP C 462 85.92 -48.72 -12.24
C ASP C 462 86.60 -49.29 -13.50
N SER C 463 85.93 -50.14 -14.23
CA SER C 463 86.44 -50.67 -15.49
C SER C 463 85.89 -49.83 -16.66
N TYR C 464 86.39 -50.10 -17.85
CA TYR C 464 85.93 -49.46 -19.06
C TYR C 464 85.30 -50.48 -20.03
N THR C 465 84.82 -51.59 -19.52
CA THR C 465 84.26 -52.67 -20.33
C THR C 465 82.81 -53.00 -19.96
N ALA C 466 82.49 -53.10 -18.66
CA ALA C 466 81.14 -53.45 -18.21
C ALA C 466 80.21 -52.23 -18.25
N GLN C 467 78.91 -52.50 -18.28
CA GLN C 467 77.88 -51.44 -18.22
C GLN C 467 77.22 -51.46 -16.84
N GLY C 468 76.55 -50.35 -16.51
CA GLY C 468 75.78 -50.24 -15.26
C GLY C 468 76.58 -50.05 -13.98
N GLY C 469 77.87 -49.71 -14.07
CA GLY C 469 78.71 -49.51 -12.92
C GLY C 469 79.25 -48.10 -12.77
N THR C 470 78.55 -47.04 -13.23
CA THR C 470 79.01 -45.68 -12.92
C THR C 470 79.00 -45.51 -11.40
N ASN C 471 80.13 -45.10 -10.83
CA ASN C 471 80.22 -44.92 -9.38
C ASN C 471 81.17 -43.82 -8.94
N THR C 472 81.59 -42.93 -9.83
CA THR C 472 82.62 -41.96 -9.48
C THR C 472 82.30 -40.62 -10.09
N MET C 473 82.57 -39.56 -9.36
CA MET C 473 82.39 -38.21 -9.86
C MET C 473 83.64 -37.45 -9.52
N LYS C 474 84.25 -36.81 -10.50
CA LYS C 474 85.43 -35.98 -10.28
C LYS C 474 85.15 -34.59 -10.75
N VAL C 475 85.74 -33.62 -10.09
CA VAL C 475 85.66 -32.22 -10.52
C VAL C 475 87.07 -31.78 -10.87
N LEU C 476 87.29 -31.43 -12.12
CA LEU C 476 88.63 -31.19 -12.67
C LEU C 476 88.76 -29.78 -13.18
N HIS C 477 89.95 -29.21 -13.00
CA HIS C 477 90.24 -27.83 -13.41
C HIS C 477 90.99 -27.89 -14.74
N VAL C 478 90.42 -27.30 -15.78
CA VAL C 478 91.01 -27.34 -17.10
C VAL C 478 92.25 -26.46 -17.12
N GLY C 479 93.40 -27.11 -17.34
CA GLY C 479 94.70 -26.48 -17.18
C GLY C 479 95.61 -27.23 -16.21
N ASP C 480 95.05 -27.91 -15.22
CA ASP C 480 95.85 -28.68 -14.28
C ASP C 480 96.36 -29.97 -14.89
N LEU C 481 97.27 -30.60 -14.16
CA LEU C 481 97.73 -31.94 -14.48
C LEU C 481 96.66 -32.93 -13.99
N LEU C 482 96.00 -33.58 -14.92
CA LEU C 482 94.88 -34.46 -14.62
C LEU C 482 95.38 -35.88 -14.57
N VAL C 483 95.08 -36.59 -13.50
CA VAL C 483 95.39 -38.03 -13.45
C VAL C 483 94.30 -38.72 -14.28
N MET D 1 -68.22 0.89 -40.94
CA MET D 1 -67.40 2.09 -41.15
C MET D 1 -67.02 2.81 -39.85
N SER D 2 -65.94 3.59 -39.89
CA SER D 2 -65.47 4.34 -38.72
C SER D 2 -66.15 5.70 -38.61
N VAL D 3 -66.07 6.28 -37.44
CA VAL D 3 -66.61 7.59 -37.23
C VAL D 3 -65.94 8.59 -38.18
N ARG D 4 -66.78 9.38 -38.84
CA ARG D 4 -66.29 10.36 -39.80
C ARG D 4 -65.37 11.36 -39.10
N ARG D 5 -64.29 11.71 -39.76
CA ARG D 5 -63.32 12.65 -39.24
C ARG D 5 -63.42 14.04 -39.83
N THR D 6 -63.76 14.14 -41.10
CA THR D 6 -63.87 15.44 -41.76
C THR D 6 -65.15 16.10 -41.28
N LYS D 7 -65.08 17.40 -41.00
CA LYS D 7 -66.19 18.09 -40.38
C LYS D 7 -67.04 18.80 -41.42
N ILE D 8 -68.32 18.98 -41.11
CA ILE D 8 -69.29 19.55 -42.04
C ILE D 8 -69.82 20.88 -41.51
N VAL D 9 -69.65 21.93 -42.31
CA VAL D 9 -70.23 23.23 -42.03
C VAL D 9 -71.49 23.41 -42.87
N ALA D 10 -72.60 23.71 -42.22
CA ALA D 10 -73.90 23.87 -42.89
C ALA D 10 -74.39 25.28 -42.66
N THR D 11 -74.63 26.02 -43.76
CA THR D 11 -75.17 27.35 -43.66
C THR D 11 -76.67 27.27 -43.40
N LEU D 12 -77.16 28.10 -42.49
CA LEU D 12 -78.59 28.16 -42.18
C LEU D 12 -79.30 29.23 -42.98
N GLY D 13 -80.59 29.01 -43.18
CA GLY D 13 -81.43 29.95 -43.93
C GLY D 13 -82.90 29.52 -43.92
N PRO D 14 -83.72 30.11 -44.81
CA PRO D 14 -85.15 29.80 -44.89
C PRO D 14 -85.48 28.30 -44.90
N ALA D 15 -84.69 27.49 -45.58
CA ALA D 15 -84.94 26.05 -45.65
C ALA D 15 -84.55 25.31 -44.39
N SER D 16 -83.81 25.96 -43.51
CA SER D 16 -83.27 25.32 -42.30
C SER D 16 -83.49 26.23 -41.09
N ASN D 17 -84.71 26.73 -40.96
CA ASN D 17 -85.05 27.71 -39.95
C ASN D 17 -85.95 27.14 -38.85
N SER D 18 -86.69 26.09 -39.16
CA SER D 18 -87.60 25.49 -38.22
C SER D 18 -86.88 24.55 -37.25
N PRO D 19 -87.48 24.34 -36.07
CA PRO D 19 -86.93 23.33 -35.15
C PRO D 19 -86.89 21.91 -35.71
N GLU D 20 -87.83 21.57 -36.55
CA GLU D 20 -87.89 20.20 -37.11
C GLU D 20 -86.71 19.94 -38.02
N VAL D 21 -86.35 20.91 -38.84
CA VAL D 21 -85.26 20.72 -39.80
C VAL D 21 -83.92 20.81 -39.07
N LEU D 22 -83.76 21.77 -38.20
CA LEU D 22 -82.54 21.89 -37.40
C LEU D 22 -82.27 20.61 -36.60
N GLU D 23 -83.30 20.06 -35.98
CA GLU D 23 -83.11 18.80 -35.30
C GLU D 23 -82.59 17.71 -36.26
N GLN D 24 -83.17 17.65 -37.46
CA GLN D 24 -82.73 16.67 -38.45
C GLN D 24 -81.30 16.89 -38.95
N LEU D 25 -80.89 18.16 -39.07
CA LEU D 25 -79.52 18.49 -39.44
C LEU D 25 -78.53 18.09 -38.35
N ILE D 26 -78.88 18.33 -37.11
CA ILE D 26 -78.07 17.90 -35.96
C ILE D 26 -77.90 16.38 -36.00
N LEU D 27 -79.00 15.66 -36.21
CA LEU D 27 -78.94 14.21 -36.26
C LEU D 27 -78.21 13.69 -37.48
N ALA D 28 -78.24 14.44 -38.57
CA ALA D 28 -77.54 14.03 -39.78
C ALA D 28 -76.04 14.21 -39.68
N GLY D 29 -75.60 15.01 -38.70
CA GLY D 29 -74.21 15.11 -38.34
C GLY D 29 -73.52 16.46 -38.55
N ILE D 30 -74.24 17.56 -38.65
CA ILE D 30 -73.52 18.82 -38.85
C ILE D 30 -72.60 19.10 -37.66
N ASP D 31 -71.43 19.63 -37.93
CA ASP D 31 -70.49 19.97 -36.87
C ASP D 31 -70.40 21.48 -36.64
N VAL D 32 -70.77 22.28 -37.63
CA VAL D 32 -70.73 23.74 -37.52
C VAL D 32 -71.92 24.32 -38.29
N ALA D 33 -72.60 25.27 -37.66
CA ALA D 33 -73.67 26.01 -38.31
C ALA D 33 -73.13 27.38 -38.66
N ARG D 34 -73.27 27.77 -39.92
CA ARG D 34 -72.82 29.07 -40.40
C ARG D 34 -74.01 30.01 -40.49
N LEU D 35 -73.84 31.20 -39.90
CA LEU D 35 -74.87 32.21 -39.88
C LEU D 35 -74.35 33.31 -40.80
N ASN D 36 -74.96 33.45 -41.98
CA ASN D 36 -74.45 34.34 -42.99
C ASN D 36 -75.10 35.71 -42.74
N PHE D 37 -74.29 36.67 -42.30
CA PHE D 37 -74.85 37.97 -41.97
C PHE D 37 -75.24 38.80 -43.19
N SER D 38 -74.89 38.36 -44.41
CA SER D 38 -75.40 39.02 -45.61
C SER D 38 -76.93 39.09 -45.67
N HIS D 39 -77.61 38.11 -45.07
CA HIS D 39 -79.06 38.07 -45.08
C HIS D 39 -79.58 37.85 -43.66
N GLY D 40 -80.86 38.16 -43.48
CA GLY D 40 -81.50 37.97 -42.21
C GLY D 40 -81.35 39.10 -41.21
N THR D 41 -82.21 39.09 -40.22
CA THR D 41 -82.23 40.08 -39.16
C THR D 41 -81.46 39.55 -37.95
N PRO D 42 -80.93 40.47 -37.12
CA PRO D 42 -80.30 40.04 -35.88
C PRO D 42 -81.07 38.99 -35.07
N ASP D 43 -82.40 39.15 -34.98
CA ASP D 43 -83.18 38.22 -34.17
C ASP D 43 -83.38 36.89 -34.84
N GLU D 44 -83.42 36.87 -36.17
CA GLU D 44 -83.44 35.61 -36.92
C GLU D 44 -82.18 34.77 -36.60
N HIS D 45 -81.04 35.44 -36.54
CA HIS D 45 -79.80 34.76 -36.22
C HIS D 45 -79.82 34.27 -34.77
N ARG D 46 -80.19 35.16 -33.84
CA ARG D 46 -80.28 34.78 -32.44
C ARG D 46 -81.17 33.56 -32.22
N ALA D 47 -82.29 33.52 -32.89
CA ALA D 47 -83.25 32.43 -32.72
C ALA D 47 -82.65 31.12 -33.20
N ARG D 48 -82.02 31.16 -34.37
CA ARG D 48 -81.34 29.98 -34.92
C ARG D 48 -80.17 29.54 -34.01
N ALA D 49 -79.38 30.50 -33.56
CA ALA D 49 -78.24 30.19 -32.69
C ALA D 49 -78.69 29.46 -31.43
N ARG D 50 -79.75 29.96 -30.80
CA ARG D 50 -80.28 29.34 -29.60
C ARG D 50 -80.79 27.94 -29.88
N LEU D 51 -81.43 27.78 -31.02
CA LEU D 51 -82.07 26.51 -31.37
C LEU D 51 -81.04 25.43 -31.67
N VAL D 52 -79.95 25.80 -32.34
CA VAL D 52 -78.92 24.81 -32.68
C VAL D 52 -78.25 24.36 -31.41
N ARG D 53 -77.92 25.28 -30.53
CA ARG D 53 -77.26 24.93 -29.27
C ARG D 53 -78.14 24.06 -28.39
N GLU D 54 -79.44 24.35 -28.36
CA GLU D 54 -80.40 23.56 -27.60
C GLU D 54 -80.49 22.15 -28.14
N LEU D 55 -80.68 22.05 -29.45
CA LEU D 55 -80.86 20.76 -30.10
C LEU D 55 -79.59 19.93 -30.12
N ALA D 56 -78.44 20.58 -30.24
CA ALA D 56 -77.16 19.86 -30.12
C ALA D 56 -77.05 19.22 -28.73
N ALA D 57 -77.24 20.03 -27.69
CA ALA D 57 -77.19 19.53 -26.30
C ALA D 57 -78.20 18.39 -26.09
N LYS D 58 -79.41 18.54 -26.66
CA LYS D 58 -80.41 17.49 -26.56
C LYS D 58 -79.89 16.13 -27.05
N HIS D 59 -79.02 16.14 -28.07
CA HIS D 59 -78.51 14.91 -28.64
C HIS D 59 -77.03 14.66 -28.36
N GLY D 60 -76.47 15.32 -27.37
CA GLY D 60 -75.10 15.04 -26.94
C GLY D 60 -74.07 15.33 -28.02
N ARG D 61 -74.27 16.43 -28.73
CA ARG D 61 -73.41 16.83 -29.83
C ARG D 61 -72.87 18.22 -29.52
N PHE D 62 -71.74 18.51 -30.14
CA PHE D 62 -71.06 19.76 -29.94
C PHE D 62 -70.93 20.43 -31.29
N VAL D 63 -71.81 21.41 -31.52
CA VAL D 63 -71.85 22.13 -32.78
C VAL D 63 -71.39 23.56 -32.56
N ALA D 64 -70.36 23.96 -33.30
CA ALA D 64 -69.90 25.34 -33.23
C ALA D 64 -70.81 26.22 -34.06
N LEU D 65 -70.74 27.52 -33.77
CA LEU D 65 -71.44 28.53 -34.53
C LEU D 65 -70.42 29.46 -35.15
N LEU D 66 -70.54 29.63 -36.45
CA LEU D 66 -69.67 30.47 -37.23
C LEU D 66 -70.52 31.59 -37.78
N GLY D 67 -70.03 32.82 -37.60
CA GLY D 67 -70.69 34.02 -38.10
C GLY D 67 -69.89 34.59 -39.22
N ASP D 68 -70.53 34.75 -40.38
CA ASP D 68 -69.85 35.11 -41.61
C ASP D 68 -70.19 36.56 -41.92
N LEU D 69 -69.17 37.44 -41.81
CA LEU D 69 -69.34 38.85 -42.12
C LEU D 69 -69.53 39.06 -43.63
N GLN D 70 -70.42 39.95 -44.01
CA GLN D 70 -70.77 40.14 -45.42
C GLN D 70 -69.59 40.69 -46.22
N GLY D 71 -68.87 41.65 -45.65
CA GLY D 71 -67.78 42.26 -46.34
C GLY D 71 -68.17 43.22 -47.44
N PRO D 72 -67.17 43.66 -48.23
CA PRO D 72 -67.35 44.69 -49.24
C PRO D 72 -67.90 44.25 -50.58
N LYS D 73 -69.19 44.55 -50.83
CA LYS D 73 -69.69 44.43 -52.20
C LYS D 73 -69.67 45.81 -52.84
N ILE D 74 -69.20 45.89 -54.07
CA ILE D 74 -69.38 47.03 -54.97
C ILE D 74 -70.67 46.85 -55.76
N ARG D 75 -71.52 47.85 -55.71
CA ARG D 75 -72.90 47.69 -56.23
C ARG D 75 -73.24 48.75 -57.26
N ILE D 76 -74.18 48.40 -58.12
CA ILE D 76 -74.80 49.38 -59.02
C ILE D 76 -75.82 50.23 -58.26
N ALA D 77 -76.28 51.28 -58.92
CA ALA D 77 -77.28 52.19 -58.35
C ALA D 77 -78.72 51.68 -58.60
N LYS D 78 -79.72 52.56 -58.44
CA LYS D 78 -81.12 52.18 -58.61
C LYS D 78 -81.59 52.38 -60.07
N PHE D 79 -82.66 51.67 -60.39
CA PHE D 79 -83.40 51.81 -61.63
C PHE D 79 -84.68 52.58 -61.42
N ALA D 80 -85.17 53.23 -62.48
CA ALA D 80 -86.42 53.98 -62.45
C ALA D 80 -87.60 53.06 -62.16
N ASN D 81 -87.66 51.92 -62.86
CA ASN D 81 -88.69 50.90 -62.60
C ASN D 81 -88.28 49.78 -61.65
N LYS D 82 -87.20 49.95 -60.88
CA LYS D 82 -86.75 48.98 -59.87
C LYS D 82 -86.16 47.70 -60.43
N ARG D 83 -86.33 47.39 -61.72
CA ARG D 83 -85.87 46.11 -62.26
C ARG D 83 -85.93 46.20 -63.78
N ILE D 84 -85.02 45.48 -64.44
CA ILE D 84 -85.05 45.29 -65.88
C ILE D 84 -84.66 43.86 -66.22
N GLU D 85 -84.84 43.49 -67.47
CA GLU D 85 -84.46 42.19 -67.97
C GLU D 85 -83.57 42.41 -69.19
N LEU D 86 -82.46 41.69 -69.27
CA LEU D 86 -81.49 41.82 -70.36
C LEU D 86 -81.35 40.48 -71.08
N GLN D 87 -81.23 40.56 -72.40
CA GLN D 87 -80.99 39.41 -73.25
C GLN D 87 -79.62 39.40 -73.85
N VAL D 88 -79.17 38.20 -74.21
CA VAL D 88 -77.87 38.03 -74.83
C VAL D 88 -77.77 38.92 -76.04
N GLY D 89 -76.65 39.64 -76.17
CA GLY D 89 -76.41 40.54 -77.30
C GLY D 89 -76.82 41.97 -77.07
N ASP D 90 -77.66 42.22 -76.05
CA ASP D 90 -78.06 43.58 -75.69
C ASP D 90 -76.86 44.43 -75.31
N LYS D 91 -77.02 45.74 -75.48
CA LYS D 91 -76.00 46.71 -75.11
C LYS D 91 -76.42 47.36 -73.78
N PHE D 92 -75.45 47.63 -72.94
CA PHE D 92 -75.73 48.19 -71.63
C PHE D 92 -74.53 48.97 -71.12
N ARG D 93 -74.79 49.99 -70.32
CA ARG D 93 -73.77 50.92 -69.86
C ARG D 93 -73.78 51.12 -68.36
N PHE D 94 -72.59 51.22 -67.80
CA PHE D 94 -72.39 51.58 -66.41
C PHE D 94 -71.73 52.95 -66.37
N SER D 95 -72.38 53.92 -65.75
CA SER D 95 -71.92 55.31 -65.80
C SER D 95 -71.74 55.91 -64.41
N THR D 96 -70.60 56.54 -64.22
CA THR D 96 -70.34 57.28 -62.97
C THR D 96 -71.12 58.59 -62.95
N SER D 97 -71.55 59.10 -64.10
CA SER D 97 -72.27 60.37 -64.13
C SER D 97 -73.80 60.23 -64.14
N HIS D 98 -74.31 59.09 -64.58
CA HIS D 98 -75.74 58.89 -64.73
C HIS D 98 -76.45 58.92 -63.34
N ALA D 99 -77.68 59.47 -63.34
CA ALA D 99 -78.43 59.63 -62.13
C ALA D 99 -78.67 58.33 -61.39
N ARG D 100 -78.44 58.36 -60.09
CA ARG D 100 -78.44 57.14 -59.29
C ARG D 100 -79.84 56.55 -59.10
N ASP D 101 -80.86 57.32 -59.31
CA ASP D 101 -82.24 56.84 -59.20
C ASP D 101 -82.90 56.58 -60.54
N ALA D 102 -82.28 56.95 -61.65
CA ALA D 102 -82.92 56.91 -62.97
C ALA D 102 -82.34 55.88 -63.92
N GLY D 103 -82.07 54.69 -63.40
CA GLY D 103 -81.55 53.61 -64.25
C GLY D 103 -82.59 53.21 -65.28
N THR D 104 -82.15 52.88 -66.48
CA THR D 104 -83.04 52.51 -67.56
C THR D 104 -82.66 51.17 -68.13
N GLN D 105 -83.31 50.77 -69.20
CA GLN D 105 -83.00 49.54 -69.91
C GLN D 105 -81.61 49.60 -70.61
N GLU D 106 -81.04 50.80 -70.74
CA GLU D 106 -79.78 50.97 -71.44
C GLU D 106 -78.59 51.38 -70.57
N VAL D 107 -78.85 51.94 -69.40
CA VAL D 107 -77.77 52.42 -68.55
C VAL D 107 -78.20 52.44 -67.10
N VAL D 108 -77.23 52.22 -66.21
CA VAL D 108 -77.42 52.43 -64.78
C VAL D 108 -76.20 53.16 -64.24
N GLY D 109 -76.42 53.90 -63.16
CA GLY D 109 -75.34 54.60 -62.49
C GLY D 109 -74.58 53.68 -61.54
N ILE D 110 -73.48 54.20 -61.02
CA ILE D 110 -72.61 53.42 -60.15
C ILE D 110 -71.75 54.35 -59.32
N ASP D 111 -71.70 54.07 -58.01
CA ASP D 111 -70.87 54.79 -57.08
C ASP D 111 -69.49 54.11 -56.97
N TYR D 112 -68.78 54.13 -58.03
CA TYR D 112 -67.40 53.61 -58.09
C TYR D 112 -66.54 54.53 -58.94
N PRO D 113 -65.83 55.45 -58.28
CA PRO D 113 -65.12 56.50 -59.07
C PRO D 113 -64.05 55.96 -59.99
N ASP D 114 -63.24 55.00 -59.52
CA ASP D 114 -62.19 54.42 -60.37
C ASP D 114 -62.69 53.48 -61.47
N LEU D 115 -63.98 53.41 -61.75
CA LEU D 115 -64.55 52.46 -62.70
C LEU D 115 -63.82 52.43 -64.01
N VAL D 116 -63.55 53.59 -64.61
CA VAL D 116 -62.93 53.63 -65.93
C VAL D 116 -61.46 53.28 -65.85
N LYS D 117 -60.83 53.55 -64.72
CA LYS D 117 -59.42 53.22 -64.52
C LYS D 117 -59.23 51.69 -64.36
N ASP D 118 -60.09 51.08 -63.57
CA ASP D 118 -59.95 49.68 -63.19
C ASP D 118 -60.40 48.69 -64.24
N CYS D 119 -61.36 49.03 -65.03
CA CYS D 119 -61.87 48.12 -66.09
C CYS D 119 -61.43 48.57 -67.46
N GLY D 120 -61.41 47.65 -68.40
CA GLY D 120 -60.88 47.87 -69.76
C GLY D 120 -61.52 47.00 -70.78
N VAL D 121 -61.32 47.34 -72.04
CA VAL D 121 -61.96 46.62 -73.16
C VAL D 121 -61.59 45.16 -73.06
N GLY D 122 -62.58 44.27 -73.15
CA GLY D 122 -62.35 42.84 -73.06
C GLY D 122 -62.68 42.24 -71.70
N ASP D 123 -62.60 43.03 -70.63
CA ASP D 123 -62.96 42.57 -69.30
C ASP D 123 -64.39 42.06 -69.27
N GLU D 124 -64.59 40.98 -68.50
CA GLU D 124 -65.91 40.46 -68.23
C GLU D 124 -66.37 40.94 -66.86
N LEU D 125 -67.60 41.44 -66.79
CA LEU D 125 -68.20 41.89 -65.55
C LEU D 125 -69.31 40.95 -65.16
N LEU D 126 -69.38 40.62 -63.88
CA LEU D 126 -70.35 39.67 -63.37
C LEU D 126 -71.23 40.37 -62.35
N LEU D 127 -72.53 40.30 -62.56
CA LEU D 127 -73.50 40.96 -61.70
C LEU D 127 -74.40 39.95 -61.04
N ASP D 128 -74.84 40.26 -59.84
CA ASP D 128 -75.70 39.38 -59.04
C ASP D 128 -75.10 37.98 -58.92
N ASP D 129 -73.89 37.91 -58.38
CA ASP D 129 -73.19 36.63 -58.15
C ASP D 129 -73.03 35.79 -59.41
N GLY D 130 -72.86 36.44 -60.55
CA GLY D 130 -72.67 35.78 -61.83
C GLY D 130 -73.95 35.49 -62.64
N ARG D 131 -75.12 35.91 -62.16
CA ARG D 131 -76.38 35.69 -62.86
C ARG D 131 -76.44 36.39 -64.21
N VAL D 132 -75.85 37.58 -64.29
CA VAL D 132 -75.67 38.31 -65.53
C VAL D 132 -74.17 38.47 -65.78
N VAL D 133 -73.75 38.30 -67.02
CA VAL D 133 -72.36 38.49 -67.40
C VAL D 133 -72.29 39.38 -68.62
N MET D 134 -71.37 40.35 -68.58
CA MET D 134 -71.16 41.27 -69.68
C MET D 134 -69.70 41.39 -70.01
N VAL D 135 -69.42 41.81 -71.24
CA VAL D 135 -68.07 42.11 -71.67
C VAL D 135 -67.99 43.59 -72.05
N VAL D 136 -66.88 44.24 -71.69
CA VAL D 136 -66.68 45.65 -71.97
C VAL D 136 -66.26 45.81 -73.42
N GLU D 137 -67.05 46.55 -74.20
CA GLU D 137 -66.76 46.81 -75.62
C GLU D 137 -66.03 48.14 -75.84
N GLU D 138 -66.37 49.16 -75.04
CA GLU D 138 -65.77 50.48 -75.16
C GLU D 138 -65.63 51.10 -73.78
N VAL D 139 -64.58 51.90 -73.60
CA VAL D 139 -64.40 52.67 -72.39
C VAL D 139 -64.36 54.15 -72.76
N ALA D 140 -65.12 54.95 -72.04
CA ALA D 140 -65.12 56.41 -72.17
C ALA D 140 -64.78 57.03 -70.82
N ALA D 141 -64.68 58.34 -70.74
CA ALA D 141 -64.22 58.98 -69.51
C ALA D 141 -65.13 58.72 -68.32
N ASP D 142 -66.42 58.54 -68.56
CA ASP D 142 -67.37 58.35 -67.43
C ASP D 142 -68.18 57.05 -67.48
N GLU D 143 -67.92 56.15 -68.42
CA GLU D 143 -68.75 54.97 -68.53
C GLU D 143 -68.07 53.80 -69.20
N LEU D 144 -68.64 52.63 -68.97
CA LEU D 144 -68.26 51.40 -69.67
C LEU D 144 -69.43 50.97 -70.51
N ARG D 145 -69.17 50.69 -71.79
CA ARG D 145 -70.18 50.27 -72.74
C ARG D 145 -70.01 48.80 -73.02
N CYS D 146 -71.04 48.03 -72.71
CA CYS D 146 -70.92 46.57 -72.64
C CYS D 146 -71.93 45.84 -73.51
N ARG D 147 -71.60 44.60 -73.80
CA ARG D 147 -72.50 43.65 -74.44
C ARG D 147 -72.81 42.53 -73.47
N VAL D 148 -74.07 42.12 -73.42
CA VAL D 148 -74.48 41.03 -72.53
C VAL D 148 -74.07 39.68 -73.12
N LEU D 149 -73.34 38.90 -72.34
CA LEU D 149 -72.95 37.54 -72.71
C LEU D 149 -73.95 36.52 -72.17
N ILE D 150 -74.41 36.73 -70.94
CA ILE D 150 -75.41 35.87 -70.30
C ILE D 150 -76.47 36.77 -69.70
N GLY D 151 -77.70 36.57 -70.12
CA GLY D 151 -78.81 37.43 -69.77
C GLY D 151 -79.38 37.10 -68.41
N GLY D 152 -80.42 37.85 -68.05
CA GLY D 152 -81.09 37.71 -66.79
C GLY D 152 -81.62 39.04 -66.28
N PRO D 153 -82.17 39.04 -65.07
CA PRO D 153 -82.69 40.28 -64.51
C PRO D 153 -81.61 41.09 -63.80
N LEU D 154 -81.86 42.39 -63.67
CA LEU D 154 -81.01 43.28 -62.93
C LEU D 154 -81.89 44.20 -62.12
N SER D 155 -81.52 44.47 -60.88
CA SER D 155 -82.34 45.29 -60.00
C SER D 155 -81.45 46.18 -59.13
N ASP D 156 -82.09 47.06 -58.36
CA ASP D 156 -81.37 48.06 -57.56
C ASP D 156 -80.31 47.41 -56.69
N HIS D 157 -79.15 48.05 -56.63
CA HIS D 157 -78.06 47.69 -55.73
C HIS D 157 -77.51 46.29 -55.87
N LYS D 158 -77.64 45.68 -57.05
CA LYS D 158 -77.02 44.38 -57.24
C LYS D 158 -75.50 44.51 -57.31
N GLY D 159 -74.83 43.46 -56.87
CA GLY D 159 -73.39 43.42 -56.85
C GLY D 159 -72.77 43.31 -58.24
N ILE D 160 -71.58 43.84 -58.37
CA ILE D 160 -70.81 43.73 -59.58
C ILE D 160 -69.35 43.43 -59.21
N ASN D 161 -68.72 42.57 -60.00
CA ASN D 161 -67.30 42.34 -59.88
C ASN D 161 -66.73 42.13 -61.27
N ARG D 162 -65.42 42.32 -61.34
CA ARG D 162 -64.67 42.11 -62.54
C ARG D 162 -63.93 40.79 -62.51
N ARG D 163 -63.96 40.09 -63.61
CA ARG D 163 -63.11 38.88 -63.77
C ARG D 163 -61.68 39.27 -63.64
N GLY D 164 -60.95 38.72 -62.70
CA GLY D 164 -59.58 39.22 -62.45
C GLY D 164 -59.47 40.06 -61.21
N GLY D 165 -60.56 40.63 -60.75
CA GLY D 165 -60.64 41.35 -59.47
C GLY D 165 -60.01 42.70 -59.57
N GLY D 166 -59.34 43.14 -58.52
CA GLY D 166 -58.65 44.42 -58.46
C GLY D 166 -59.50 45.62 -58.14
N LEU D 167 -60.74 45.45 -57.72
CA LEU D 167 -61.57 46.60 -57.39
C LEU D 167 -61.28 47.05 -55.95
N THR D 168 -61.23 48.34 -55.74
CA THR D 168 -60.94 48.89 -54.45
C THR D 168 -62.13 48.76 -53.53
N ALA D 169 -61.91 48.26 -52.33
CA ALA D 169 -62.90 48.35 -51.26
C ALA D 169 -62.24 47.90 -49.96
N PRO D 170 -62.66 48.43 -48.82
CA PRO D 170 -62.06 47.97 -47.56
C PRO D 170 -62.63 46.61 -47.11
N ALA D 171 -61.82 45.81 -46.44
CA ALA D 171 -62.22 44.52 -45.93
C ALA D 171 -63.39 44.59 -44.94
N LEU D 172 -63.31 45.53 -43.99
CA LEU D 172 -64.40 45.72 -43.01
C LEU D 172 -65.23 46.94 -43.33
N THR D 173 -66.49 46.74 -43.54
CA THR D 173 -67.49 47.77 -43.71
C THR D 173 -68.09 48.17 -42.35
N ASP D 174 -68.95 49.16 -42.37
CA ASP D 174 -69.65 49.58 -41.16
C ASP D 174 -70.64 48.52 -40.71
N LYS D 175 -71.33 47.88 -41.66
CA LYS D 175 -72.16 46.75 -41.34
C LYS D 175 -71.36 45.67 -40.59
N ASP D 176 -70.17 45.37 -41.08
CA ASP D 176 -69.35 44.33 -40.48
C ASP D 176 -68.95 44.65 -39.04
N LYS D 177 -68.60 45.91 -38.79
CA LYS D 177 -68.28 46.35 -37.44
C LYS D 177 -69.48 46.13 -36.50
N ALA D 178 -70.68 46.41 -36.98
CA ALA D 178 -71.89 46.14 -36.21
C ALA D 178 -72.11 44.64 -36.00
N ASP D 179 -71.86 43.86 -37.04
CA ASP D 179 -72.01 42.41 -36.97
C ASP D 179 -70.95 41.77 -36.07
N ILE D 180 -69.76 42.35 -35.99
CA ILE D 180 -68.76 41.86 -35.07
C ILE D 180 -69.30 41.96 -33.63
N LYS D 181 -69.92 43.08 -33.31
CA LYS D 181 -70.54 43.26 -31.99
C LYS D 181 -71.67 42.27 -31.79
N LEU D 182 -72.47 42.08 -32.82
CA LEU D 182 -73.54 41.10 -32.74
C LEU D 182 -72.98 39.68 -32.48
N ALA D 183 -71.88 39.36 -33.15
CA ALA D 183 -71.27 38.03 -32.98
C ALA D 183 -70.76 37.85 -31.57
N ALA D 184 -70.06 38.86 -31.05
CA ALA D 184 -69.61 38.84 -29.66
C ALA D 184 -70.79 38.67 -28.68
N ASP D 185 -71.87 39.39 -28.95
CA ASP D 185 -73.05 39.36 -28.09
C ASP D 185 -73.71 37.96 -28.11
N MET D 186 -73.64 37.25 -29.23
CA MET D 186 -74.20 35.92 -29.33
C MET D 186 -73.25 34.81 -28.89
N ASP D 187 -72.04 35.18 -28.46
CA ASP D 187 -70.99 34.22 -28.04
C ASP D 187 -70.64 33.23 -29.15
N LEU D 188 -70.46 33.73 -30.36
CA LEU D 188 -70.15 32.86 -31.47
C LEU D 188 -68.75 32.28 -31.32
N ASP D 189 -68.59 31.04 -31.75
CA ASP D 189 -67.33 30.32 -31.65
C ASP D 189 -66.33 30.72 -32.72
N TYR D 190 -66.81 31.02 -33.92
CA TYR D 190 -65.98 31.44 -35.03
C TYR D 190 -66.60 32.65 -35.72
N VAL D 191 -65.74 33.55 -36.18
CA VAL D 191 -66.16 34.68 -37.00
C VAL D 191 -65.30 34.69 -38.25
N ALA D 192 -65.95 34.79 -39.42
CA ALA D 192 -65.24 34.77 -40.69
C ALA D 192 -65.22 36.14 -41.31
N VAL D 193 -64.02 36.58 -41.71
CA VAL D 193 -63.83 37.87 -42.34
C VAL D 193 -63.83 37.68 -43.87
N SER D 194 -64.62 38.47 -44.59
CA SER D 194 -64.68 38.41 -46.04
C SER D 194 -63.72 39.40 -46.68
N PHE D 195 -63.14 38.99 -47.79
CA PHE D 195 -62.22 39.75 -48.63
C PHE D 195 -61.06 40.43 -47.91
N PRO D 196 -60.47 39.77 -46.90
CA PRO D 196 -59.26 40.37 -46.36
C PRO D 196 -58.10 40.31 -47.35
N ARG D 197 -57.19 41.26 -47.25
CA ARG D 197 -56.06 41.34 -48.17
C ARG D 197 -54.73 40.93 -47.56
N ASP D 198 -54.55 41.14 -46.28
CA ASP D 198 -53.27 40.94 -45.62
C ASP D 198 -53.51 40.82 -44.13
N ALA D 199 -52.44 40.51 -43.41
CA ALA D 199 -52.52 40.35 -41.97
C ALA D 199 -53.18 41.54 -41.26
N LYS D 200 -52.98 42.75 -41.78
CA LYS D 200 -53.53 43.94 -41.13
C LYS D 200 -55.04 43.85 -41.00
N ASP D 201 -55.71 43.42 -42.08
CA ASP D 201 -57.18 43.32 -42.07
C ASP D 201 -57.67 42.38 -41.01
N MET D 202 -56.95 41.30 -40.78
CA MET D 202 -57.30 40.32 -39.75
C MET D 202 -56.98 40.81 -38.36
N GLU D 203 -55.88 41.54 -38.20
CA GLU D 203 -55.53 42.12 -36.89
C GLU D 203 -56.58 43.16 -36.48
N TYR D 204 -57.01 43.98 -37.42
CA TYR D 204 -58.06 44.96 -37.18
C TYR D 204 -59.34 44.26 -36.72
N ALA D 205 -59.73 43.20 -37.41
CA ALA D 205 -60.93 42.45 -37.04
C ALA D 205 -60.80 41.85 -35.65
N ARG D 206 -59.60 41.40 -35.32
CA ARG D 206 -59.34 40.82 -33.99
C ARG D 206 -59.46 41.88 -32.90
N ARG D 207 -58.94 43.06 -33.17
CA ARG D 207 -59.07 44.21 -32.26
C ARG D 207 -60.52 44.50 -31.96
N LEU D 208 -61.31 44.68 -33.01
CA LEU D 208 -62.75 44.98 -32.85
C LEU D 208 -63.46 43.88 -32.09
N LEU D 209 -63.08 42.64 -32.34
CA LEU D 209 -63.76 41.53 -31.67
C LEU D 209 -63.44 41.51 -30.19
N THR D 210 -62.16 41.69 -29.84
CA THR D 210 -61.78 41.72 -28.42
C THR D 210 -62.38 42.95 -27.73
N GLU D 211 -62.31 44.11 -28.38
CA GLU D 211 -62.99 45.33 -27.87
C GLU D 211 -64.46 45.09 -27.54
N ALA D 212 -65.15 44.27 -28.33
CA ALA D 212 -66.54 43.92 -28.05
C ALA D 212 -66.68 42.75 -27.07
N GLY D 213 -65.59 42.30 -26.48
CA GLY D 213 -65.62 41.17 -25.55
C GLY D 213 -65.86 39.80 -26.16
N GLY D 214 -65.55 39.64 -27.43
CA GLY D 214 -65.75 38.38 -28.15
C GLY D 214 -64.61 37.42 -27.97
N LYS D 215 -64.92 36.14 -27.70
CA LYS D 215 -63.89 35.11 -27.55
C LYS D 215 -63.71 34.25 -28.82
N ALA D 216 -64.41 34.58 -29.90
CA ALA D 216 -64.38 33.76 -31.10
C ALA D 216 -63.00 33.71 -31.75
N TRP D 217 -62.75 32.60 -32.42
CA TRP D 217 -61.59 32.45 -33.29
C TRP D 217 -61.94 32.99 -34.68
N LEU D 218 -60.92 33.53 -35.34
CA LEU D 218 -61.11 34.21 -36.60
C LEU D 218 -60.79 33.36 -37.82
N VAL D 219 -61.68 33.39 -38.81
CA VAL D 219 -61.49 32.68 -40.06
C VAL D 219 -61.24 33.67 -41.17
N ALA D 220 -60.08 33.55 -41.84
CA ALA D 220 -59.81 34.36 -43.01
C ALA D 220 -60.33 33.67 -44.26
N LYS D 221 -61.24 34.31 -44.95
CA LYS D 221 -61.73 33.81 -46.22
C LYS D 221 -60.80 34.24 -47.33
N ILE D 222 -60.23 33.28 -48.03
CA ILE D 222 -59.30 33.56 -49.13
C ILE D 222 -60.11 33.75 -50.40
N GLU D 223 -60.48 35.00 -50.68
CA GLU D 223 -61.26 35.33 -51.88
C GLU D 223 -60.71 36.46 -52.76
N ARG D 224 -59.61 37.09 -52.36
CA ARG D 224 -59.10 38.21 -53.11
C ARG D 224 -57.82 37.74 -53.86
N ALA D 225 -57.69 38.24 -55.11
CA ALA D 225 -56.51 37.93 -55.86
C ALA D 225 -55.21 38.29 -55.14
N GLU D 226 -55.24 39.37 -54.39
CA GLU D 226 -54.06 39.89 -53.69
C GLU D 226 -53.62 38.94 -52.59
N ALA D 227 -54.58 38.23 -51.99
CA ALA D 227 -54.28 37.27 -50.92
C ALA D 227 -53.47 36.04 -51.37
N VAL D 228 -53.52 35.72 -52.67
CA VAL D 228 -52.81 34.55 -53.21
C VAL D 228 -51.78 34.95 -54.26
N ALA D 229 -51.47 36.23 -54.35
CA ALA D 229 -50.50 36.74 -55.32
C ALA D 229 -49.13 36.07 -55.17
N ASP D 230 -48.74 35.75 -53.94
CA ASP D 230 -47.50 35.03 -53.71
C ASP D 230 -47.54 34.39 -52.34
N ASP D 231 -46.55 33.55 -52.06
CA ASP D 231 -46.51 32.83 -50.78
C ASP D 231 -46.46 33.74 -49.55
N ASP D 232 -45.75 34.87 -49.64
CA ASP D 232 -45.68 35.79 -48.50
C ASP D 232 -47.04 36.41 -48.19
N ALA D 233 -47.75 36.83 -49.22
CA ALA D 233 -49.09 37.36 -49.04
C ALA D 233 -50.00 36.33 -48.33
N LEU D 234 -50.04 35.12 -48.87
CA LEU D 234 -50.89 34.09 -48.33
C LEU D 234 -50.48 33.69 -46.92
N ASP D 235 -49.20 33.38 -46.74
CA ASP D 235 -48.71 32.93 -45.42
C ASP D 235 -48.89 34.01 -44.35
N GLY D 236 -48.75 35.28 -44.74
CA GLY D 236 -48.98 36.38 -43.81
C GLY D 236 -50.41 36.39 -43.32
N LEU D 237 -51.33 36.26 -44.26
CA LEU D 237 -52.75 36.23 -43.95
C LEU D 237 -53.12 35.01 -43.11
N ILE D 238 -52.54 33.87 -43.41
CA ILE D 238 -52.80 32.65 -42.66
C ILE D 238 -52.32 32.80 -41.23
N ARG D 239 -51.11 33.33 -41.05
CA ARG D 239 -50.52 33.39 -39.72
C ARG D 239 -51.27 34.32 -38.79
N ALA D 240 -51.94 35.32 -39.36
CA ALA D 240 -52.75 36.24 -38.60
C ALA D 240 -54.14 35.71 -38.25
N SER D 241 -54.44 34.46 -38.61
CA SER D 241 -55.77 33.91 -38.39
C SER D 241 -55.68 32.67 -37.57
N ASP D 242 -56.84 32.16 -37.17
CA ASP D 242 -56.92 30.87 -36.52
C ASP D 242 -57.34 29.81 -37.50
N ALA D 243 -58.06 30.23 -38.56
CA ALA D 243 -58.55 29.30 -39.56
C ALA D 243 -58.67 30.04 -40.88
N VAL D 244 -58.71 29.28 -41.96
CA VAL D 244 -58.91 29.87 -43.28
C VAL D 244 -59.98 29.10 -44.03
N MET D 245 -60.60 29.76 -44.98
CA MET D 245 -61.61 29.18 -45.82
C MET D 245 -61.27 29.36 -47.27
N VAL D 246 -61.31 28.29 -48.02
CA VAL D 246 -61.12 28.36 -49.46
C VAL D 246 -62.46 28.73 -50.05
N ALA D 247 -62.63 30.02 -50.31
CA ALA D 247 -63.91 30.58 -50.70
C ALA D 247 -63.97 30.60 -52.23
N ARG D 248 -64.37 29.47 -52.81
CA ARG D 248 -64.11 29.26 -54.21
C ARG D 248 -64.99 30.06 -55.13
N GLY D 249 -66.16 30.50 -54.64
CA GLY D 249 -67.03 31.38 -55.43
C GLY D 249 -66.32 32.67 -55.82
N ASP D 250 -66.08 33.51 -54.83
CA ASP D 250 -65.42 34.78 -55.13
C ASP D 250 -63.98 34.60 -55.60
N LEU D 251 -63.27 33.62 -55.06
CA LEU D 251 -61.88 33.41 -55.46
C LEU D 251 -61.80 33.04 -56.93
N GLY D 252 -62.71 32.20 -57.39
CA GLY D 252 -62.73 31.80 -58.80
C GLY D 252 -62.96 32.97 -59.74
N VAL D 253 -63.84 33.88 -59.34
CA VAL D 253 -64.04 35.09 -60.11
C VAL D 253 -62.75 35.92 -60.17
N GLU D 254 -62.07 36.03 -59.04
CA GLU D 254 -60.90 36.93 -58.95
C GLU D 254 -59.66 36.37 -59.66
N ILE D 255 -59.44 35.05 -59.61
CA ILE D 255 -58.23 34.48 -60.23
C ILE D 255 -58.53 33.56 -61.39
N GLY D 256 -59.79 33.27 -61.65
CA GLY D 256 -60.19 32.37 -62.75
C GLY D 256 -60.35 30.92 -62.32
N ASP D 257 -61.42 30.28 -62.75
CA ASP D 257 -61.68 28.92 -62.27
C ASP D 257 -60.57 27.91 -62.62
N ALA D 258 -59.88 28.11 -63.72
CA ALA D 258 -58.77 27.21 -64.11
C ALA D 258 -57.58 27.22 -63.14
N GLU D 259 -57.50 28.19 -62.26
CA GLU D 259 -56.44 28.23 -61.25
C GLU D 259 -56.85 27.71 -59.89
N LEU D 260 -58.12 27.39 -59.71
CA LEU D 260 -58.60 26.97 -58.41
C LEU D 260 -57.95 25.70 -57.87
N VAL D 261 -57.81 24.68 -58.72
CA VAL D 261 -57.36 23.41 -58.21
C VAL D 261 -56.02 23.49 -57.49
N GLY D 262 -55.08 24.22 -58.07
CA GLY D 262 -53.76 24.36 -57.51
C GLY D 262 -53.75 25.18 -56.23
N ILE D 263 -54.56 26.22 -56.22
CA ILE D 263 -54.62 27.13 -55.08
C ILE D 263 -55.38 26.50 -53.92
N GLN D 264 -56.46 25.78 -54.18
CA GLN D 264 -57.13 25.06 -53.11
C GLN D 264 -56.13 24.17 -52.39
N LYS D 265 -55.32 23.44 -53.14
CA LYS D 265 -54.35 22.54 -52.53
C LYS D 265 -53.28 23.29 -51.77
N LYS D 266 -52.83 24.41 -52.32
CA LYS D 266 -51.80 25.20 -51.64
C LYS D 266 -52.34 25.77 -50.34
N ILE D 267 -53.53 26.34 -50.38
CA ILE D 267 -54.11 26.96 -49.19
C ILE D 267 -54.24 25.91 -48.07
N ILE D 268 -54.79 24.75 -48.39
CA ILE D 268 -54.96 23.72 -47.39
C ILE D 268 -53.63 23.34 -46.78
N LEU D 269 -52.64 23.09 -47.62
CA LEU D 269 -51.34 22.67 -47.15
C LEU D 269 -50.65 23.77 -46.32
N HIS D 270 -50.64 24.99 -46.81
CA HIS D 270 -50.01 26.07 -46.05
C HIS D 270 -50.71 26.33 -44.73
N ALA D 271 -52.03 26.21 -44.72
CA ALA D 271 -52.78 26.34 -43.47
C ALA D 271 -52.31 25.29 -42.47
N ARG D 272 -52.28 24.03 -42.88
CA ARG D 272 -51.88 22.96 -41.97
C ARG D 272 -50.42 23.16 -41.49
N ARG D 273 -49.54 23.58 -42.38
CA ARG D 273 -48.16 23.80 -41.99
C ARG D 273 -48.01 24.86 -40.92
N ASN D 274 -48.85 25.90 -41.00
CA ASN D 274 -48.86 26.93 -39.98
C ASN D 274 -49.82 26.64 -38.82
N ASN D 275 -50.23 25.38 -38.67
CA ASN D 275 -51.05 24.96 -37.55
C ASN D 275 -52.39 25.70 -37.44
N LYS D 276 -53.04 25.90 -38.57
CA LYS D 276 -54.37 26.47 -38.65
C LYS D 276 -55.37 25.50 -39.20
N VAL D 277 -56.64 25.78 -38.95
CA VAL D 277 -57.76 24.97 -39.43
C VAL D 277 -58.13 25.48 -40.84
N VAL D 278 -58.60 24.58 -41.69
CA VAL D 278 -59.00 25.00 -43.03
C VAL D 278 -60.32 24.40 -43.47
N ILE D 279 -61.16 25.24 -44.06
CA ILE D 279 -62.47 24.87 -44.60
C ILE D 279 -62.47 25.00 -46.13
N THR D 280 -63.03 24.02 -46.82
CA THR D 280 -63.25 24.11 -48.28
C THR D 280 -64.72 24.39 -48.54
N ALA D 281 -65.03 25.35 -49.42
CA ALA D 281 -66.41 25.83 -49.57
C ALA D 281 -66.86 26.10 -50.98
N THR D 282 -68.19 26.20 -51.13
CA THR D 282 -68.87 26.77 -52.29
C THR D 282 -69.14 25.79 -53.45
N GLN D 283 -70.43 25.50 -53.63
CA GLN D 283 -70.93 24.68 -54.72
C GLN D 283 -70.47 23.25 -54.67
N MET D 284 -70.13 22.76 -53.49
CA MET D 284 -69.65 21.41 -53.37
C MET D 284 -70.74 20.40 -53.78
N MET D 285 -72.01 20.72 -53.51
CA MET D 285 -73.10 19.83 -53.91
C MET D 285 -74.29 20.60 -54.48
N GLU D 286 -73.98 21.59 -55.31
CA GLU D 286 -74.98 22.56 -55.80
C GLU D 286 -76.23 21.91 -56.40
N SER D 287 -76.08 20.81 -57.13
CA SER D 287 -77.23 20.20 -57.75
C SER D 287 -78.29 19.79 -56.73
N MET D 288 -77.89 19.58 -55.48
CA MET D 288 -78.82 19.18 -54.43
C MET D 288 -79.73 20.30 -53.93
N ILE D 289 -79.52 21.52 -54.39
CA ILE D 289 -80.54 22.52 -54.22
C ILE D 289 -81.89 22.04 -54.78
N HIS D 290 -81.88 21.38 -55.92
CA HIS D 290 -83.11 20.93 -56.59
C HIS D 290 -83.21 19.41 -56.75
N SER D 291 -82.24 18.65 -56.25
CA SER D 291 -82.25 17.22 -56.44
C SER D 291 -81.88 16.49 -55.14
N PRO D 292 -82.49 15.33 -54.90
CA PRO D 292 -82.18 14.63 -53.67
C PRO D 292 -80.90 13.78 -53.69
N MET D 293 -80.14 13.81 -54.79
CA MET D 293 -78.85 13.12 -54.85
C MET D 293 -77.83 14.01 -55.57
N PRO D 294 -76.55 13.89 -55.21
CA PRO D 294 -75.54 14.66 -55.88
C PRO D 294 -75.08 14.04 -57.21
N THR D 295 -74.45 14.84 -58.04
CA THR D 295 -73.82 14.36 -59.25
C THR D 295 -72.47 13.71 -58.93
N ARG D 296 -71.93 12.97 -59.88
CA ARG D 296 -70.63 12.33 -59.69
C ARG D 296 -69.53 13.37 -59.51
N ALA D 297 -69.64 14.51 -60.19
CA ALA D 297 -68.66 15.56 -60.02
C ALA D 297 -68.67 16.10 -58.60
N GLU D 298 -69.86 16.21 -58.03
CA GLU D 298 -70.00 16.70 -56.66
C GLU D 298 -69.41 15.71 -55.65
N VAL D 299 -69.69 14.42 -55.85
CA VAL D 299 -69.09 13.40 -55.02
C VAL D 299 -67.55 13.49 -55.10
N SER D 300 -67.04 13.61 -56.32
CA SER D 300 -65.60 13.70 -56.53
C SER D 300 -65.00 14.94 -55.86
N ASP D 301 -65.70 16.06 -55.95
CA ASP D 301 -65.20 17.31 -55.40
C ASP D 301 -65.00 17.20 -53.89
N VAL D 302 -65.99 16.63 -53.22
CA VAL D 302 -65.95 16.52 -51.79
C VAL D 302 -64.85 15.53 -51.40
N ALA D 303 -64.85 14.38 -52.05
CA ALA D 303 -63.86 13.36 -51.75
C ALA D 303 -62.43 13.86 -51.94
N ASN D 304 -62.22 14.62 -53.00
CA ASN D 304 -60.89 15.14 -53.25
C ASN D 304 -60.48 16.15 -52.22
N ALA D 305 -61.44 16.93 -51.71
CA ALA D 305 -61.13 17.85 -50.61
C ALA D 305 -60.71 17.07 -49.37
N VAL D 306 -61.35 15.93 -49.13
CA VAL D 306 -60.99 15.10 -48.00
C VAL D 306 -59.57 14.55 -48.17
N LEU D 307 -59.22 14.11 -49.38
CA LEU D 307 -57.85 13.64 -49.63
C LEU D 307 -56.84 14.75 -49.61
N ASP D 308 -57.21 15.98 -49.98
CA ASP D 308 -56.32 17.14 -49.77
C ASP D 308 -56.07 17.42 -48.27
N TYR D 309 -56.84 16.74 -47.40
CA TYR D 309 -56.75 16.89 -45.94
C TYR D 309 -57.29 18.23 -45.42
N THR D 310 -58.41 18.64 -45.98
CA THR D 310 -59.17 19.74 -45.43
C THR D 310 -59.74 19.33 -44.07
N ASP D 311 -59.93 20.30 -43.19
CA ASP D 311 -60.58 20.03 -41.92
C ASP D 311 -62.06 19.86 -42.09
N ALA D 312 -62.65 20.73 -42.90
CA ALA D 312 -64.09 20.72 -43.08
C ALA D 312 -64.49 21.06 -44.49
N VAL D 313 -65.67 20.61 -44.84
CA VAL D 313 -66.32 20.95 -46.10
C VAL D 313 -67.61 21.66 -45.75
N MET D 314 -68.05 22.55 -46.62
CA MET D 314 -69.16 23.45 -46.35
C MET D 314 -70.30 23.31 -47.35
N LEU D 315 -71.50 23.57 -46.87
CA LEU D 315 -72.71 23.73 -47.70
C LEU D 315 -73.21 25.15 -47.53
N SER D 316 -73.65 25.78 -48.62
CA SER D 316 -74.26 27.12 -48.53
C SER D 316 -75.73 27.19 -48.89
N ALA D 317 -76.07 27.13 -50.17
CA ALA D 317 -77.47 27.22 -50.53
C ALA D 317 -78.06 25.83 -50.37
N GLU D 318 -77.24 24.80 -50.51
CA GLU D 318 -77.71 23.42 -50.41
C GLU D 318 -78.47 23.21 -49.09
N SER D 319 -77.93 23.79 -48.01
CA SER D 319 -78.54 23.65 -46.69
C SER D 319 -79.40 24.86 -46.27
N ALA D 320 -79.11 26.04 -46.80
CA ALA D 320 -79.79 27.26 -46.40
C ALA D 320 -81.09 27.54 -47.16
N ALA D 321 -81.10 27.30 -48.46
CA ALA D 321 -82.25 27.65 -49.30
C ALA D 321 -82.87 26.51 -50.10
N GLY D 322 -82.20 25.37 -50.20
CA GLY D 322 -82.59 24.35 -51.17
C GLY D 322 -83.73 23.47 -50.70
N GLU D 323 -84.12 22.55 -51.57
CA GLU D 323 -85.22 21.65 -51.27
C GLU D 323 -84.81 20.45 -50.45
N TYR D 324 -83.52 20.16 -50.30
CA TYR D 324 -83.10 18.91 -49.64
C TYR D 324 -81.90 19.12 -48.70
N PRO D 325 -82.04 20.05 -47.75
CA PRO D 325 -80.91 20.31 -46.85
C PRO D 325 -80.45 19.11 -46.03
N VAL D 326 -81.36 18.29 -45.56
CA VAL D 326 -80.95 17.14 -44.75
C VAL D 326 -80.25 16.10 -45.60
N GLU D 327 -80.80 15.85 -46.78
CA GLU D 327 -80.22 14.85 -47.67
C GLU D 327 -78.82 15.26 -48.14
N ALA D 328 -78.60 16.58 -48.31
CA ALA D 328 -77.28 17.08 -48.66
C ALA D 328 -76.25 16.77 -47.58
N VAL D 329 -76.59 17.07 -46.34
CA VAL D 329 -75.69 16.78 -45.22
C VAL D 329 -75.40 15.27 -45.15
N LYS D 330 -76.44 14.46 -45.25
CA LYS D 330 -76.25 13.01 -45.22
C LYS D 330 -75.31 12.53 -46.32
N ALA D 331 -75.51 13.06 -47.53
CA ALA D 331 -74.69 12.64 -48.66
C ALA D 331 -73.25 13.05 -48.45
N MET D 332 -73.05 14.31 -48.05
CA MET D 332 -71.73 14.82 -47.82
C MET D 332 -71.00 13.97 -46.77
N ALA D 333 -71.70 13.65 -45.69
CA ALA D 333 -71.11 12.84 -44.61
C ALA D 333 -70.71 11.46 -45.09
N ARG D 334 -71.51 10.86 -45.97
CA ARG D 334 -71.23 9.53 -46.48
C ARG D 334 -69.98 9.55 -47.37
N VAL D 335 -69.84 10.58 -48.18
CA VAL D 335 -68.71 10.68 -49.08
C VAL D 335 -67.43 10.88 -48.28
N CYS D 336 -67.50 11.68 -47.23
CA CYS D 336 -66.34 11.87 -46.35
C CYS D 336 -65.88 10.55 -45.76
N GLN D 337 -66.83 9.77 -45.25
CA GLN D 337 -66.47 8.48 -44.65
C GLN D 337 -65.76 7.59 -45.64
N GLY D 338 -66.23 7.59 -46.88
CA GLY D 338 -65.62 6.74 -47.92
C GLY D 338 -64.21 7.15 -48.25
N ALA D 339 -64.00 8.45 -48.44
CA ALA D 339 -62.70 8.95 -48.77
C ALA D 339 -61.69 8.73 -47.63
N GLU D 340 -62.16 8.73 -46.40
CA GLU D 340 -61.27 8.53 -45.24
C GLU D 340 -60.70 7.11 -45.13
N LYS D 341 -61.30 6.14 -45.82
CA LYS D 341 -60.76 4.78 -45.87
C LYS D 341 -59.50 4.67 -46.74
N HIS D 342 -59.26 5.63 -47.63
CA HIS D 342 -58.08 5.64 -48.49
C HIS D 342 -56.79 5.53 -47.65
N PRO D 343 -55.78 4.78 -48.13
CA PRO D 343 -54.50 4.69 -47.41
C PRO D 343 -53.77 6.01 -47.15
N THR D 344 -53.87 6.97 -48.06
CA THR D 344 -53.21 8.28 -47.85
C THR D 344 -53.83 9.12 -46.72
N SER D 345 -55.06 8.79 -46.29
CA SER D 345 -55.70 9.52 -45.19
C SER D 345 -55.11 9.20 -43.80
N GLN D 346 -54.36 8.11 -43.68
CA GLN D 346 -53.89 7.61 -42.38
C GLN D 346 -52.36 7.56 -42.23
N LYS D 347 -51.60 7.77 -43.31
CA LYS D 347 -50.13 7.68 -43.25
C LYS D 347 -49.51 9.09 -43.29
N SER D 348 -48.54 9.33 -42.41
CA SER D 348 -47.89 10.63 -42.28
C SER D 348 -46.38 10.51 -42.38
N SER D 349 -45.74 11.56 -42.89
CA SER D 349 -44.28 11.70 -42.81
C SER D 349 -43.81 12.28 -41.44
N HIS D 350 -44.74 12.77 -40.62
CA HIS D 350 -44.48 13.22 -39.27
C HIS D 350 -43.48 14.37 -39.13
N ARG D 351 -43.46 15.22 -40.14
CA ARG D 351 -42.60 16.39 -40.19
C ARG D 351 -41.10 16.06 -39.97
N LEU D 352 -40.67 14.88 -40.46
CA LEU D 352 -39.28 14.46 -40.36
C LEU D 352 -38.33 15.49 -40.96
N GLY D 353 -37.21 15.69 -40.27
CA GLY D 353 -36.21 16.67 -40.67
C GLY D 353 -36.50 18.10 -40.25
N GLN D 354 -37.70 18.40 -39.75
CA GLN D 354 -38.06 19.77 -39.41
C GLN D 354 -37.65 20.14 -37.98
N THR D 355 -37.79 21.42 -37.67
CA THR D 355 -37.41 21.96 -36.38
C THR D 355 -38.67 22.40 -35.65
N PHE D 356 -38.84 21.92 -34.43
CA PHE D 356 -39.99 22.30 -33.62
C PHE D 356 -39.67 23.55 -32.81
N ASP D 357 -40.71 24.30 -32.48
CA ASP D 357 -40.54 25.59 -31.80
C ASP D 357 -40.86 25.49 -30.33
N ARG D 358 -41.93 24.78 -29.98
CA ARG D 358 -42.46 24.81 -28.64
C ARG D 358 -42.47 23.42 -28.05
N CYS D 359 -42.65 23.39 -26.74
CA CYS D 359 -42.71 22.16 -26.01
C CYS D 359 -44.06 21.45 -26.17
N ASP D 360 -45.15 22.21 -26.12
CA ASP D 360 -46.48 21.60 -26.23
C ASP D 360 -46.70 21.07 -27.65
N GLU D 361 -46.20 21.84 -28.64
CA GLU D 361 -46.13 21.34 -30.02
C GLU D 361 -45.44 19.98 -30.05
N SER D 362 -44.32 19.85 -29.36
CA SER D 362 -43.55 18.60 -29.36
C SER D 362 -44.29 17.41 -28.82
N ILE D 363 -45.05 17.60 -27.75
CA ILE D 363 -45.81 16.49 -27.18
C ILE D 363 -46.93 16.08 -28.11
N ALA D 364 -47.57 17.06 -28.75
CA ALA D 364 -48.61 16.73 -29.72
C ALA D 364 -48.03 15.90 -30.86
N LEU D 365 -46.94 16.38 -31.45
CA LEU D 365 -46.31 15.64 -32.56
C LEU D 365 -45.84 14.28 -32.13
N ALA D 366 -45.27 14.19 -30.91
CA ALA D 366 -44.77 12.93 -30.42
C ALA D 366 -45.89 11.91 -30.23
N SER D 367 -47.07 12.39 -29.86
CA SER D 367 -48.22 11.52 -29.67
C SER D 367 -48.73 10.99 -30.98
N MET D 368 -48.80 11.85 -32.00
CA MET D 368 -49.24 11.38 -33.31
C MET D 368 -48.27 10.36 -33.89
N TYR D 369 -46.97 10.63 -33.75
CA TYR D 369 -45.95 9.64 -34.10
C TYR D 369 -46.19 8.33 -33.38
N THR D 370 -46.36 8.39 -32.06
CA THR D 370 -46.53 7.17 -31.31
C THR D 370 -47.79 6.41 -31.72
N ALA D 371 -48.90 7.13 -31.84
CA ALA D 371 -50.18 6.51 -32.19
C ALA D 371 -50.17 5.88 -33.57
N ASN D 372 -49.54 6.57 -34.53
CA ASN D 372 -49.47 6.03 -35.87
C ASN D 372 -48.60 4.79 -35.99
N HIS D 373 -47.73 4.49 -35.02
CA HIS D 373 -46.86 3.33 -35.10
C HIS D 373 -47.14 2.20 -34.11
N PHE D 374 -47.79 2.49 -32.98
CA PHE D 374 -48.16 1.45 -32.02
C PHE D 374 -49.67 1.23 -32.21
N PRO D 375 -50.05 0.22 -33.02
CA PRO D 375 -51.47 0.09 -33.40
C PRO D 375 -52.39 -0.34 -32.25
N GLY D 376 -51.82 -0.85 -31.16
CA GLY D 376 -52.58 -1.07 -29.94
C GLY D 376 -53.26 0.17 -29.37
N ILE D 377 -52.75 1.36 -29.74
CA ILE D 377 -53.37 2.60 -29.33
C ILE D 377 -54.64 2.85 -30.10
N LYS D 378 -55.75 3.00 -29.38
CA LYS D 378 -57.06 3.16 -29.98
C LYS D 378 -57.63 4.56 -29.79
N ALA D 379 -56.97 5.40 -28.99
CA ALA D 379 -57.46 6.75 -28.77
C ALA D 379 -56.42 7.62 -28.14
N ILE D 380 -56.60 8.93 -28.28
CA ILE D 380 -55.75 9.91 -27.64
C ILE D 380 -56.62 10.77 -26.73
N ILE D 381 -56.32 10.74 -25.43
CA ILE D 381 -56.97 11.53 -24.42
C ILE D 381 -56.13 12.79 -24.25
N CYS D 382 -56.62 13.89 -24.78
CA CYS D 382 -55.86 15.13 -24.73
C CYS D 382 -56.58 16.09 -23.77
N LEU D 383 -56.03 16.24 -22.56
CA LEU D 383 -56.56 17.19 -21.60
C LEU D 383 -56.13 18.56 -22.04
N THR D 384 -57.09 19.41 -22.37
CA THR D 384 -56.78 20.71 -22.92
C THR D 384 -57.69 21.78 -22.35
N GLU D 385 -57.14 22.97 -22.22
CA GLU D 385 -57.82 24.12 -21.71
C GLU D 385 -58.50 24.88 -22.84
N SER D 386 -57.74 25.22 -23.86
CA SER D 386 -58.19 26.08 -24.96
C SER D 386 -58.34 25.33 -26.28
N GLY D 387 -57.99 24.06 -26.33
CA GLY D 387 -58.01 23.29 -27.58
C GLY D 387 -56.74 23.38 -28.45
N PHE D 388 -55.74 24.10 -28.00
CA PHE D 388 -54.50 24.23 -28.75
C PHE D 388 -53.75 22.92 -28.97
N THR D 389 -53.65 22.11 -27.94
CA THR D 389 -52.94 20.85 -28.08
C THR D 389 -53.57 19.93 -29.14
N PRO D 390 -54.89 19.72 -29.10
CA PRO D 390 -55.47 18.86 -30.16
C PRO D 390 -55.54 19.55 -31.53
N LEU D 391 -55.43 20.85 -31.59
CA LEU D 391 -55.24 21.51 -32.86
C LEU D 391 -53.96 21.01 -33.54
N ILE D 392 -52.86 20.96 -32.79
CA ILE D 392 -51.59 20.51 -33.33
C ILE D 392 -51.66 19.03 -33.67
N MET D 393 -52.20 18.23 -32.77
CA MET D 393 -52.32 16.80 -33.07
C MET D 393 -53.01 16.57 -34.41
N SER D 394 -54.07 17.32 -34.68
CA SER D 394 -54.90 17.07 -35.83
C SER D 394 -54.34 17.62 -37.15
N ARG D 395 -53.24 18.36 -37.09
CA ARG D 395 -52.49 18.70 -38.29
C ARG D 395 -51.76 17.50 -38.92
N ILE D 396 -51.64 16.41 -38.21
CA ILE D 396 -50.88 15.26 -38.67
C ILE D 396 -51.83 14.21 -39.20
N ARG D 397 -51.55 13.68 -40.37
CA ARG D 397 -52.41 12.67 -40.95
C ARG D 397 -52.44 11.47 -40.05
N SER D 398 -53.64 10.99 -39.76
CA SER D 398 -53.83 9.81 -38.93
C SER D 398 -55.27 9.36 -39.04
N SER D 399 -55.54 8.14 -38.60
CA SER D 399 -56.92 7.72 -38.39
C SER D 399 -57.27 7.45 -36.91
N VAL D 400 -56.39 7.80 -35.99
CA VAL D 400 -56.64 7.57 -34.56
C VAL D 400 -57.58 8.66 -34.02
N PRO D 401 -58.62 8.30 -33.27
CA PRO D 401 -59.49 9.32 -32.67
C PRO D 401 -58.76 10.19 -31.64
N ILE D 402 -58.89 11.50 -31.81
CA ILE D 402 -58.37 12.48 -30.89
C ILE D 402 -59.53 13.03 -30.05
N TYR D 403 -59.47 12.84 -28.74
CA TYR D 403 -60.51 13.35 -27.84
C TYR D 403 -60.02 14.55 -27.06
N ALA D 404 -60.68 15.69 -27.26
CA ALA D 404 -60.37 16.92 -26.52
C ALA D 404 -61.20 16.95 -25.22
N TYR D 405 -60.53 16.69 -24.10
CA TYR D 405 -61.11 16.76 -22.77
C TYR D 405 -60.98 18.20 -22.26
N SER D 406 -62.10 18.87 -22.06
CA SER D 406 -62.06 20.23 -21.57
C SER D 406 -63.27 20.50 -20.69
N PRO D 407 -63.11 21.36 -19.69
CA PRO D 407 -64.25 21.77 -18.90
C PRO D 407 -65.02 22.93 -19.54
N HIS D 408 -64.37 23.71 -20.39
CA HIS D 408 -64.95 24.92 -20.93
C HIS D 408 -65.84 24.68 -22.14
N ARG D 409 -66.89 25.48 -22.27
CA ARG D 409 -67.85 25.43 -23.35
C ARG D 409 -67.23 25.94 -24.59
N GLU D 410 -66.54 27.06 -24.47
CA GLU D 410 -65.80 27.69 -25.58
C GLU D 410 -64.94 26.65 -26.31
N THR D 411 -64.21 25.85 -25.55
CA THR D 411 -63.32 24.84 -26.10
C THR D 411 -64.09 23.67 -26.64
N GLN D 412 -65.09 23.21 -25.90
CA GLN D 412 -65.92 22.08 -26.34
C GLN D 412 -66.51 22.30 -27.74
N ALA D 413 -66.86 23.54 -28.06
CA ALA D 413 -67.42 23.88 -29.36
C ALA D 413 -66.33 24.12 -30.41
N ARG D 414 -65.29 24.83 -30.04
CA ARG D 414 -64.21 25.14 -30.94
C ARG D 414 -63.72 23.92 -31.70
N VAL D 415 -63.45 22.85 -30.97
CA VAL D 415 -62.82 21.70 -31.60
C VAL D 415 -63.75 20.95 -32.54
N ALA D 416 -65.03 21.33 -32.58
CA ALA D 416 -65.96 20.71 -33.52
C ALA D 416 -65.53 20.86 -34.98
N MET D 417 -64.80 21.93 -35.30
CA MET D 417 -64.28 22.12 -36.63
C MET D 417 -62.93 21.44 -36.90
N PHE D 418 -62.30 20.81 -35.91
CA PHE D 418 -60.98 20.21 -36.08
C PHE D 418 -61.16 18.78 -36.63
N ARG D 419 -60.49 18.46 -37.71
CA ARG D 419 -60.61 17.15 -38.29
C ARG D 419 -60.16 16.06 -37.32
N GLY D 420 -61.00 15.06 -37.11
CA GLY D 420 -60.69 13.90 -36.31
C GLY D 420 -60.79 14.08 -34.78
N VAL D 421 -61.22 15.26 -34.33
CA VAL D 421 -61.30 15.56 -32.91
C VAL D 421 -62.76 15.49 -32.41
N GLU D 422 -62.98 14.81 -31.30
CA GLU D 422 -64.28 14.76 -30.64
C GLU D 422 -64.16 15.39 -29.25
N THR D 423 -65.20 16.05 -28.79
CA THR D 423 -65.21 16.66 -27.47
C THR D 423 -65.68 15.66 -26.41
N ILE D 424 -64.97 15.63 -25.30
CA ILE D 424 -65.41 14.94 -24.09
C ILE D 424 -65.38 15.96 -22.94
N PRO D 425 -66.56 16.38 -22.44
CA PRO D 425 -66.55 17.33 -21.32
C PRO D 425 -65.98 16.69 -20.07
N PHE D 426 -65.09 17.41 -19.40
CA PHE D 426 -64.25 16.82 -18.35
C PHE D 426 -63.55 17.94 -17.61
N ASP D 427 -63.54 17.83 -16.26
CA ASP D 427 -62.89 18.80 -15.40
C ASP D 427 -61.89 18.11 -14.50
N PRO D 428 -60.61 18.07 -14.91
CA PRO D 428 -59.63 17.36 -14.09
C PRO D 428 -59.34 18.07 -12.73
N ALA D 429 -59.39 19.40 -12.69
CA ALA D 429 -59.11 20.15 -11.46
C ALA D 429 -60.06 19.80 -10.31
N ALA D 430 -61.29 19.44 -10.63
CA ALA D 430 -62.28 19.08 -9.62
C ALA D 430 -62.23 17.60 -9.25
N LEU D 431 -61.08 16.95 -9.41
CA LEU D 431 -60.93 15.56 -9.03
C LEU D 431 -59.67 15.39 -8.19
N PRO D 432 -59.64 14.34 -7.34
CA PRO D 432 -58.38 13.98 -6.69
C PRO D 432 -57.31 13.57 -7.73
N ALA D 433 -56.20 14.29 -7.74
CA ALA D 433 -55.15 14.10 -8.74
C ALA D 433 -54.88 12.64 -9.14
N GLU D 434 -54.82 11.74 -8.18
CA GLU D 434 -54.49 10.34 -8.48
C GLU D 434 -55.60 9.59 -9.22
N LYS D 435 -56.80 10.15 -9.27
CA LYS D 435 -57.94 9.51 -9.94
C LYS D 435 -58.23 10.03 -11.36
N VAL D 436 -57.54 11.09 -11.79
CA VAL D 436 -57.77 11.71 -13.10
C VAL D 436 -57.62 10.72 -14.27
N SER D 437 -56.52 10.01 -14.33
CA SER D 437 -56.29 9.09 -15.45
C SER D 437 -57.42 8.09 -15.61
N GLN D 438 -57.80 7.42 -14.54
CA GLN D 438 -58.86 6.40 -14.68
C GLN D 438 -60.21 7.05 -14.94
N ALA D 439 -60.39 8.28 -14.48
CA ALA D 439 -61.63 9.01 -14.74
C ALA D 439 -61.76 9.30 -16.23
N ALA D 440 -60.68 9.78 -16.84
CA ALA D 440 -60.64 10.00 -18.28
C ALA D 440 -60.87 8.71 -19.06
N VAL D 441 -60.21 7.65 -18.67
CA VAL D 441 -60.42 6.37 -19.35
C VAL D 441 -61.85 5.89 -19.20
N ASP D 442 -62.49 6.21 -18.07
CA ASP D 442 -63.89 5.82 -17.85
C ASP D 442 -64.82 6.42 -18.89
N GLU D 443 -64.61 7.69 -19.19
CA GLU D 443 -65.38 8.39 -20.22
C GLU D 443 -65.38 7.67 -21.56
N LEU D 444 -64.25 7.08 -21.94
CA LEU D 444 -64.20 6.31 -23.18
C LEU D 444 -64.83 4.93 -23.04
N LEU D 445 -64.67 4.31 -21.87
CA LEU D 445 -65.34 3.03 -21.60
C LEU D 445 -66.86 3.16 -21.63
N LYS D 446 -67.39 4.23 -21.02
CA LYS D 446 -68.84 4.52 -21.09
C LYS D 446 -69.33 4.49 -22.54
N ARG D 447 -68.57 5.12 -23.43
CA ARG D 447 -69.01 5.30 -24.81
C ARG D 447 -68.65 4.13 -25.70
N GLY D 448 -67.99 3.11 -25.16
CA GLY D 448 -67.64 1.93 -25.94
C GLY D 448 -66.54 2.15 -26.97
N VAL D 449 -65.77 3.23 -26.83
CA VAL D 449 -64.67 3.53 -27.75
C VAL D 449 -63.46 2.64 -27.49
N VAL D 450 -63.22 2.32 -26.22
CA VAL D 450 -62.12 1.44 -25.87
C VAL D 450 -62.64 0.37 -24.91
N THR D 451 -61.97 -0.77 -24.89
CA THR D 451 -62.30 -1.86 -23.97
C THR D 451 -61.04 -2.33 -23.25
N LYS D 452 -61.20 -3.23 -22.28
CA LYS D 452 -60.08 -3.74 -21.53
C LYS D 452 -59.12 -4.44 -22.51
N GLY D 453 -57.83 -4.11 -22.41
CA GLY D 453 -56.82 -4.64 -23.33
C GLY D 453 -56.30 -3.65 -24.35
N ASP D 454 -57.12 -2.68 -24.71
CA ASP D 454 -56.69 -1.59 -25.56
C ASP D 454 -55.73 -0.67 -24.83
N TRP D 455 -54.92 0.04 -25.62
CA TRP D 455 -54.02 1.06 -25.08
C TRP D 455 -54.49 2.44 -25.48
N VAL D 456 -54.02 3.45 -24.77
CA VAL D 456 -54.45 4.81 -24.97
C VAL D 456 -53.29 5.76 -24.68
N ILE D 457 -53.32 6.93 -25.28
CA ILE D 457 -52.33 7.96 -24.99
C ILE D 457 -53.04 9.06 -24.20
N LEU D 458 -52.42 9.52 -23.12
CA LEU D 458 -52.93 10.65 -22.39
C LEU D 458 -51.88 11.74 -22.41
N THR D 459 -52.30 12.96 -22.70
CA THR D 459 -51.40 14.10 -22.64
C THR D 459 -51.95 15.15 -21.69
N LYS D 460 -51.06 15.85 -21.02
CA LYS D 460 -51.43 16.86 -20.06
C LYS D 460 -50.21 17.69 -19.72
N GLY D 461 -50.42 18.65 -18.83
CA GLY D 461 -49.34 19.44 -18.23
C GLY D 461 -49.30 19.21 -16.74
N ASP D 462 -48.59 20.08 -16.03
CA ASP D 462 -48.35 19.87 -14.59
C ASP D 462 -49.54 20.31 -13.75
N SER D 463 -50.01 21.54 -13.96
CA SER D 463 -51.21 22.04 -13.28
C SER D 463 -52.44 21.74 -14.12
N TYR D 464 -53.62 21.97 -13.55
CA TYR D 464 -54.88 21.87 -14.27
C TYR D 464 -55.60 23.22 -14.35
N THR D 465 -54.85 24.31 -14.28
CA THR D 465 -55.41 25.66 -14.23
C THR D 465 -54.89 26.54 -15.40
N ALA D 466 -53.58 26.51 -15.67
CA ALA D 466 -52.98 27.32 -16.72
C ALA D 466 -53.20 26.69 -18.11
N GLN D 467 -53.08 27.50 -19.15
CA GLN D 467 -53.08 27.04 -20.53
C GLN D 467 -51.68 27.13 -21.10
N GLY D 468 -51.42 26.41 -22.19
CA GLY D 468 -50.15 26.42 -22.89
C GLY D 468 -49.01 25.65 -22.22
N GLY D 469 -49.30 24.80 -21.22
CA GLY D 469 -48.27 24.02 -20.55
C GLY D 469 -48.34 22.51 -20.76
N THR D 470 -48.88 22.01 -21.87
CA THR D 470 -48.83 20.57 -22.11
C THR D 470 -47.37 20.15 -22.21
N ASN D 471 -46.98 19.16 -21.39
CA ASN D 471 -45.61 18.69 -21.39
C ASN D 471 -45.41 17.21 -21.08
N THR D 472 -46.47 16.41 -21.13
CA THR D 472 -46.38 15.04 -20.68
C THR D 472 -47.16 14.14 -21.61
N MET D 473 -46.62 12.96 -21.88
CA MET D 473 -47.30 11.97 -22.69
C MET D 473 -47.21 10.67 -21.96
N LYS D 474 -48.33 10.01 -21.73
CA LYS D 474 -48.36 8.70 -21.10
C LYS D 474 -49.04 7.73 -22.02
N VAL D 475 -48.58 6.49 -21.98
CA VAL D 475 -49.21 5.41 -22.72
C VAL D 475 -49.74 4.42 -21.67
N LEU D 476 -51.06 4.25 -21.65
CA LEU D 476 -51.75 3.53 -20.59
C LEU D 476 -52.50 2.35 -21.14
N HIS D 477 -52.53 1.28 -20.36
CA HIS D 477 -53.18 0.03 -20.74
C HIS D 477 -54.55 -0.01 -20.04
N VAL D 478 -55.61 -0.06 -20.81
CA VAL D 478 -56.96 -0.01 -20.26
C VAL D 478 -57.24 -1.36 -19.58
N GLY D 479 -57.44 -1.28 -18.26
CA GLY D 479 -57.50 -2.47 -17.41
C GLY D 479 -56.53 -2.42 -16.25
N ASP D 480 -55.39 -1.77 -16.43
CA ASP D 480 -54.40 -1.68 -15.36
C ASP D 480 -54.83 -0.66 -14.31
N LEU D 481 -54.10 -0.67 -13.20
CA LEU D 481 -54.25 0.32 -12.15
C LEU D 481 -53.52 1.58 -12.61
N LEU D 482 -54.27 2.65 -12.87
CA LEU D 482 -53.71 3.87 -13.40
C LEU D 482 -53.51 4.83 -12.24
N VAL D 483 -52.30 5.38 -12.12
CA VAL D 483 -52.07 6.47 -11.18
C VAL D 483 -52.64 7.73 -11.85
N MET E 1 -26.72 -9.87 26.57
CA MET E 1 -26.51 -8.41 26.64
C MET E 1 -27.62 -7.63 25.90
N SER E 2 -27.73 -6.34 26.20
CA SER E 2 -28.64 -5.44 25.54
C SER E 2 -28.03 -4.83 24.27
N VAL E 3 -28.87 -4.20 23.47
CA VAL E 3 -28.41 -3.54 22.30
C VAL E 3 -27.40 -2.45 22.66
N ARG E 4 -26.27 -2.47 21.94
CA ARG E 4 -25.22 -1.50 22.17
C ARG E 4 -25.74 -0.08 21.98
N ARG E 5 -25.34 0.81 22.86
CA ARG E 5 -25.72 2.21 22.83
C ARG E 5 -24.64 3.12 22.29
N THR E 6 -23.38 2.85 22.58
CA THR E 6 -22.29 3.69 22.12
C THR E 6 -22.08 3.45 20.63
N LYS E 7 -21.85 4.52 19.88
CA LYS E 7 -21.81 4.41 18.42
C LYS E 7 -20.37 4.29 17.93
N ILE E 8 -20.21 3.65 16.78
CA ILE E 8 -18.90 3.36 16.21
C ILE E 8 -18.69 4.09 14.90
N VAL E 9 -17.65 4.91 14.84
CA VAL E 9 -17.24 5.58 13.62
C VAL E 9 -16.06 4.82 13.02
N ALA E 10 -16.20 4.42 11.76
CA ALA E 10 -15.16 3.64 11.05
C ALA E 10 -14.67 4.43 9.86
N THR E 11 -13.37 4.70 9.82
CA THR E 11 -12.78 5.38 8.69
C THR E 11 -12.60 4.40 7.54
N LEU E 12 -12.94 4.84 6.34
CA LEU E 12 -12.76 4.03 5.13
C LEU E 12 -11.44 4.30 4.45
N GLY E 13 -10.98 3.29 3.74
CA GLY E 13 -9.72 3.38 2.98
C GLY E 13 -9.46 2.13 2.16
N PRO E 14 -8.22 1.95 1.69
CA PRO E 14 -7.86 0.79 0.86
C PRO E 14 -8.33 -0.56 1.41
N ALA E 15 -8.26 -0.75 2.71
CA ALA E 15 -8.69 -2.02 3.32
C ALA E 15 -10.20 -2.20 3.40
N SER E 16 -10.94 -1.11 3.17
CA SER E 16 -12.39 -1.11 3.32
C SER E 16 -13.04 -0.39 2.14
N ASN E 17 -12.60 -0.78 0.95
CA ASN E 17 -13.02 -0.14 -0.29
C ASN E 17 -13.92 -1.02 -1.13
N SER E 18 -13.84 -2.32 -0.97
CA SER E 18 -14.64 -3.26 -1.73
C SER E 18 -16.06 -3.40 -1.19
N PRO E 19 -16.99 -3.79 -2.06
CA PRO E 19 -18.35 -4.09 -1.57
C PRO E 19 -18.39 -5.23 -0.57
N GLU E 20 -17.52 -6.21 -0.66
N GLU E 20 -17.51 -6.22 -0.67
CA GLU E 20 -17.54 -7.33 0.25
CA GLU E 20 -17.54 -7.33 0.26
C GLU E 20 -17.20 -6.90 1.68
C GLU E 20 -17.20 -6.90 1.68
N VAL E 21 -16.21 -6.01 1.82
CA VAL E 21 -15.78 -5.59 3.14
C VAL E 21 -16.77 -4.59 3.72
N LEU E 22 -17.22 -3.65 2.91
CA LEU E 22 -18.22 -2.69 3.37
C LEU E 22 -19.48 -3.39 3.85
N GLU E 23 -19.94 -4.40 3.10
CA GLU E 23 -21.08 -5.15 3.58
C GLU E 23 -20.81 -5.76 4.96
N GLN E 24 -19.62 -6.32 5.14
N GLN E 24 -19.62 -6.32 5.14
CA GLN E 24 -19.25 -6.92 6.42
CA GLN E 24 -19.25 -6.92 6.42
C GLN E 24 -19.15 -5.91 7.57
C GLN E 24 -19.14 -5.91 7.57
N LEU E 25 -18.68 -4.70 7.26
CA LEU E 25 -18.61 -3.63 8.24
C LEU E 25 -20.00 -3.17 8.67
N ILE E 26 -20.91 -3.05 7.69
CA ILE E 26 -22.30 -2.71 7.97
C ILE E 26 -22.90 -3.78 8.89
N LEU E 27 -22.68 -5.05 8.58
CA LEU E 27 -23.22 -6.12 9.40
C LEU E 27 -22.57 -6.20 10.77
N ALA E 28 -21.31 -5.78 10.86
CA ALA E 28 -20.61 -5.81 12.14
C ALA E 28 -21.08 -4.69 13.08
N GLY E 29 -21.75 -3.69 12.51
CA GLY E 29 -22.43 -2.67 13.28
C GLY E 29 -21.91 -1.25 13.17
N ILE E 30 -21.19 -0.88 12.13
CA ILE E 30 -20.74 0.51 12.06
C ILE E 30 -21.95 1.45 12.04
N ASP E 31 -21.85 2.56 12.72
CA ASP E 31 -22.92 3.55 12.74
C ASP E 31 -22.57 4.79 11.89
N VAL E 32 -21.29 5.04 11.66
CA VAL E 32 -20.85 6.18 10.88
C VAL E 32 -19.60 5.80 10.08
N ALA E 33 -19.59 6.15 8.80
CA ALA E 33 -18.43 5.96 7.96
C ALA E 33 -17.75 7.31 7.78
N ARG E 34 -16.46 7.37 8.07
CA ARG E 34 -15.67 8.59 7.95
C ARG E 34 -14.88 8.55 6.66
N LEU E 35 -14.98 9.62 5.89
CA LEU E 35 -14.29 9.76 4.63
C LEU E 35 -13.22 10.81 4.86
N ASN E 36 -11.96 10.39 4.90
CA ASN E 36 -10.88 11.29 5.28
C ASN E 36 -10.38 11.94 4.00
N PHE E 37 -10.64 13.24 3.86
CA PHE E 37 -10.26 13.93 2.64
C PHE E 37 -8.77 14.16 2.51
N SER E 38 -7.98 13.91 3.53
CA SER E 38 -6.52 13.93 3.40
C SER E 38 -5.99 13.01 2.29
N HIS E 39 -6.68 11.91 2.04
CA HIS E 39 -6.28 10.95 1.02
C HIS E 39 -7.45 10.64 0.11
N GLY E 40 -7.12 10.06 -1.03
CA GLY E 40 -8.13 9.63 -1.98
C GLY E 40 -8.59 10.70 -2.94
N THR E 41 -9.21 10.26 -4.01
CA THR E 41 -9.75 11.13 -5.04
C THR E 41 -11.23 11.37 -4.78
N PRO E 42 -11.75 12.52 -5.25
CA PRO E 42 -13.19 12.76 -5.12
C PRO E 42 -14.08 11.58 -5.54
N ASP E 43 -13.73 10.88 -6.62
CA ASP E 43 -14.56 9.77 -7.07
C ASP E 43 -14.43 8.55 -6.21
N GLU E 44 -13.28 8.34 -5.63
CA GLU E 44 -13.10 7.26 -4.62
C GLU E 44 -14.06 7.46 -3.43
N HIS E 45 -14.18 8.71 -2.99
CA HIS E 45 -15.08 9.01 -1.90
C HIS E 45 -16.55 8.81 -2.34
N ARG E 46 -16.90 9.38 -3.49
CA ARG E 46 -18.26 9.20 -4.00
C ARG E 46 -18.67 7.75 -4.12
N ALA E 47 -17.75 6.91 -4.60
CA ALA E 47 -18.06 5.50 -4.80
C ALA E 47 -18.31 4.81 -3.47
N ARG E 48 -17.46 5.09 -2.50
CA ARG E 48 -17.63 4.54 -1.15
C ARG E 48 -18.93 5.05 -0.50
N ALA E 49 -19.19 6.36 -0.63
CA ALA E 49 -20.40 6.95 -0.06
C ALA E 49 -21.66 6.26 -0.60
N ARG E 50 -21.71 6.05 -1.91
CA ARG E 50 -22.85 5.40 -2.54
C ARG E 50 -22.99 3.97 -2.04
N LEU E 51 -21.86 3.29 -1.89
CA LEU E 51 -21.87 1.88 -1.54
C LEU E 51 -22.32 1.66 -0.09
N VAL E 52 -21.90 2.55 0.83
CA VAL E 52 -22.29 2.38 2.21
C VAL E 52 -23.79 2.63 2.35
N ARG E 53 -24.27 3.67 1.70
CA ARG E 53 -25.72 3.97 1.77
C ARG E 53 -26.58 2.85 1.18
N GLU E 54 -26.11 2.26 0.08
CA GLU E 54 -26.81 1.15 -0.55
C GLU E 54 -26.85 -0.06 0.37
N LEU E 55 -25.69 -0.42 0.88
CA LEU E 55 -25.55 -1.60 1.71
C LEU E 55 -26.23 -1.43 3.07
N ALA E 56 -26.21 -0.22 3.61
CA ALA E 56 -26.95 0.04 4.85
C ALA E 56 -28.44 -0.19 4.63
N ALA E 57 -29.00 0.44 3.60
CA ALA E 57 -30.41 0.23 3.24
C ALA E 57 -30.73 -1.25 3.02
N LYS E 58 -29.84 -1.96 2.35
CA LYS E 58 -30.03 -3.38 2.11
C LYS E 58 -30.26 -4.15 3.42
N HIS E 59 -29.61 -3.73 4.50
CA HIS E 59 -29.74 -4.43 5.79
C HIS E 59 -30.48 -3.65 6.85
N GLY E 60 -31.28 -2.66 6.46
CA GLY E 60 -32.15 -1.97 7.40
C GLY E 60 -31.39 -1.23 8.50
N ARG E 61 -30.29 -0.61 8.10
CA ARG E 61 -29.43 0.11 9.01
C ARG E 61 -29.32 1.55 8.55
N PHE E 62 -28.99 2.41 9.48
CA PHE E 62 -28.89 3.83 9.24
C PHE E 62 -27.49 4.26 9.59
N VAL E 63 -26.67 4.43 8.55
CA VAL E 63 -25.28 4.81 8.72
C VAL E 63 -25.08 6.24 8.21
N ALA E 64 -24.57 7.10 9.08
CA ALA E 64 -24.22 8.46 8.66
C ALA E 64 -22.91 8.45 7.91
N LEU E 65 -22.67 9.51 7.17
CA LEU E 65 -21.43 9.76 6.49
C LEU E 65 -20.83 11.04 7.01
N LEU E 66 -19.58 10.93 7.44
CA LEU E 66 -18.83 12.03 8.00
C LEU E 66 -17.66 12.29 7.06
N GLY E 67 -17.49 13.55 6.69
CA GLY E 67 -16.40 13.99 5.84
C GLY E 67 -15.43 14.80 6.65
N ASP E 68 -14.17 14.37 6.65
CA ASP E 68 -13.15 14.93 7.52
C ASP E 68 -12.22 15.80 6.66
N LEU E 69 -12.28 17.12 6.88
CA LEU E 69 -11.42 18.06 6.16
C LEU E 69 -9.97 17.92 6.62
N GLN E 70 -9.03 17.97 5.70
CA GLN E 70 -7.63 17.75 6.02
C GLN E 70 -7.05 18.82 6.93
N GLY E 71 -7.41 20.07 6.67
CA GLY E 71 -6.87 21.16 7.46
C GLY E 71 -5.45 21.51 7.19
N PRO E 72 -4.87 22.38 8.04
CA PRO E 72 -3.54 22.94 7.84
C PRO E 72 -2.39 22.09 8.33
N LYS E 73 -1.52 21.58 7.45
CA LYS E 73 -0.23 21.11 7.81
C LYS E 73 0.81 22.19 7.50
N ILE E 74 1.80 22.35 8.36
CA ILE E 74 3.08 22.97 8.02
C ILE E 74 4.04 21.88 7.50
N ARG E 75 4.60 22.12 6.33
CA ARG E 75 5.42 21.10 5.69
C ARG E 75 6.82 21.58 5.38
N ILE E 76 7.74 20.63 5.31
CA ILE E 76 9.09 20.91 4.81
C ILE E 76 9.08 20.99 3.28
N ALA E 77 10.20 21.44 2.73
CA ALA E 77 10.37 21.59 1.29
C ALA E 77 10.84 20.28 0.63
N LYS E 78 11.35 20.35 -0.62
CA LYS E 78 11.78 19.14 -1.33
C LYS E 78 13.27 18.81 -1.07
N PHE E 79 13.60 17.56 -1.32
CA PHE E 79 14.96 17.05 -1.33
C PHE E 79 15.47 16.87 -2.76
N ALA E 80 16.79 16.94 -2.92
CA ALA E 80 17.43 16.74 -4.22
C ALA E 80 17.17 15.33 -4.77
N ASN E 81 17.43 14.35 -3.95
CA ASN E 81 17.08 12.98 -4.24
C ASN E 81 15.83 12.93 -3.37
N LYS E 82 14.73 12.39 -3.85
CA LYS E 82 13.43 12.54 -3.15
C LYS E 82 13.35 12.18 -1.68
N ARG E 83 14.11 11.23 -1.23
CA ARG E 83 14.05 10.85 0.13
C ARG E 83 15.41 10.68 0.71
N ILE E 84 15.47 10.81 2.01
CA ILE E 84 16.67 10.50 2.77
C ILE E 84 16.32 9.61 3.95
N GLU E 85 17.33 9.07 4.61
CA GLU E 85 17.17 8.27 5.81
C GLU E 85 18.04 8.84 6.91
N LEU E 86 17.48 8.95 8.11
CA LEU E 86 18.17 9.53 9.26
C LEU E 86 18.24 8.53 10.40
N GLN E 87 19.37 8.55 11.09
CA GLN E 87 19.64 7.65 12.21
C GLN E 87 19.74 8.41 13.50
N VAL E 88 19.45 7.71 14.59
CA VAL E 88 19.50 8.34 15.91
C VAL E 88 20.89 8.94 16.12
N GLY E 89 20.92 10.17 16.63
CA GLY E 89 22.17 10.88 16.88
C GLY E 89 22.64 11.76 15.75
N ASP E 90 22.12 11.56 14.54
CA ASP E 90 22.46 12.41 13.39
C ASP E 90 22.08 13.86 13.64
N LYS E 91 22.76 14.75 12.94
CA LYS E 91 22.49 16.18 12.97
C LYS E 91 21.72 16.56 11.73
N PHE E 92 20.78 17.49 11.89
CA PHE E 92 19.94 17.89 10.78
C PHE E 92 19.43 19.30 11.00
N ARG E 93 19.21 20.02 9.90
CA ARG E 93 18.86 21.43 9.96
C ARG E 93 17.63 21.74 9.12
N PHE E 94 16.81 22.64 9.66
CA PHE E 94 15.68 23.21 8.95
C PHE E 94 15.97 24.68 8.72
N SER E 95 16.00 25.10 7.45
CA SER E 95 16.44 26.45 7.11
C SER E 95 15.40 27.16 6.27
N THR E 96 15.10 28.40 6.70
CA THR E 96 14.21 29.27 5.95
C THR E 96 14.87 29.80 4.68
N SER E 97 16.21 29.81 4.66
CA SER E 97 16.90 30.35 3.48
C SER E 97 17.35 29.30 2.47
N HIS E 98 17.49 28.06 2.89
CA HIS E 98 18.02 27.01 2.02
C HIS E 98 17.05 26.73 0.84
N ALA E 99 17.63 26.39 -0.31
CA ALA E 99 16.88 26.17 -1.52
C ALA E 99 15.85 25.08 -1.38
N ARG E 100 14.62 25.41 -1.84
CA ARG E 100 13.45 24.58 -1.59
C ARG E 100 13.50 23.27 -2.40
N ASP E 101 14.29 23.18 -3.42
CA ASP E 101 14.42 21.96 -4.18
C ASP E 101 15.69 21.17 -3.92
N ALA E 102 16.61 21.72 -3.15
CA ALA E 102 17.95 21.12 -2.96
C ALA E 102 18.18 20.60 -1.52
N GLY E 103 17.22 19.89 -1.01
CA GLY E 103 17.39 19.28 0.31
C GLY E 103 18.45 18.19 0.26
N THR E 104 19.23 18.09 1.32
CA THR E 104 20.30 17.11 1.38
C THR E 104 20.15 16.24 2.63
N GLN E 105 21.15 15.40 2.86
CA GLN E 105 21.20 14.58 4.06
C GLN E 105 21.40 15.40 5.35
N GLU E 106 21.81 16.68 5.20
CA GLU E 106 22.09 17.52 6.36
C GLU E 106 21.13 18.68 6.59
N VAL E 107 20.39 19.09 5.56
CA VAL E 107 19.51 20.23 5.68
C VAL E 107 18.38 20.15 4.67
N VAL E 108 17.23 20.69 5.06
CA VAL E 108 16.12 20.91 4.14
C VAL E 108 15.56 22.29 4.38
N GLY E 109 14.96 22.86 3.34
CA GLY E 109 14.31 24.15 3.43
C GLY E 109 12.90 24.02 3.99
N ILE E 110 12.32 25.18 4.26
CA ILE E 110 10.98 25.24 4.82
C ILE E 110 10.39 26.61 4.58
N ASP E 111 9.15 26.64 4.09
CA ASP E 111 8.40 27.87 3.87
C ASP E 111 7.56 28.10 5.18
N TYR E 112 8.27 28.44 6.22
CA TYR E 112 7.68 28.89 7.47
C TYR E 112 8.46 30.06 8.03
N PRO E 113 8.01 31.28 7.76
CA PRO E 113 8.85 32.47 8.12
C PRO E 113 9.09 32.61 9.60
N ASP E 114 8.07 32.41 10.43
CA ASP E 114 8.25 32.50 11.90
C ASP E 114 9.03 31.36 12.54
N LEU E 115 9.67 30.48 11.78
CA LEU E 115 10.32 29.28 12.32
C LEU E 115 11.20 29.57 13.50
N VAL E 116 12.07 30.57 13.40
CA VAL E 116 13.02 30.82 14.48
C VAL E 116 12.34 31.47 15.68
N LYS E 117 11.27 32.20 15.42
CA LYS E 117 10.51 32.85 16.50
C LYS E 117 9.73 31.81 17.32
N ASP E 118 9.09 30.87 16.63
CA ASP E 118 8.20 29.91 17.25
C ASP E 118 8.90 28.76 17.96
N CYS E 119 10.05 28.36 17.49
CA CYS E 119 10.78 27.21 18.11
C CYS E 119 11.97 27.69 18.87
N GLY E 120 12.46 26.86 19.79
CA GLY E 120 13.59 27.19 20.68
C GLY E 120 14.35 26.00 21.15
N VAL E 121 15.50 26.25 21.73
CA VAL E 121 16.41 25.16 22.18
C VAL E 121 15.63 24.28 23.15
N GLY E 122 15.71 22.97 22.93
CA GLY E 122 15.00 22.01 23.77
C GLY E 122 13.70 21.49 23.17
N ASP E 123 13.06 22.27 22.29
CA ASP E 123 11.84 21.84 21.66
C ASP E 123 12.04 20.55 20.89
N GLU E 124 11.02 19.67 20.94
CA GLU E 124 11.01 18.47 20.12
C GLU E 124 10.14 18.70 18.89
N LEU E 125 10.66 18.33 17.73
CA LEU E 125 9.97 18.47 16.47
C LEU E 125 9.60 17.07 15.97
N LEU E 126 8.37 16.93 15.46
CA LEU E 126 7.87 15.67 15.00
C LEU E 126 7.51 15.78 13.54
N LEU E 127 8.06 14.87 12.74
CA LEU E 127 7.85 14.87 11.30
C LEU E 127 7.16 13.60 10.88
N ASP E 128 6.35 13.70 9.83
CA ASP E 128 5.59 12.58 9.27
C ASP E 128 4.78 11.86 10.35
N ASP E 129 3.92 12.61 11.01
CA ASP E 129 3.02 12.06 12.05
C ASP E 129 3.76 11.36 13.19
N GLY E 130 4.95 11.84 13.51
CA GLY E 130 5.75 11.27 14.59
C GLY E 130 6.75 10.20 14.18
N ARG E 131 6.85 9.86 12.89
CA ARG E 131 7.80 8.85 12.43
C ARG E 131 9.26 9.21 12.68
N VAL E 132 9.58 10.49 12.54
CA VAL E 132 10.86 11.04 12.91
C VAL E 132 10.67 12.06 14.02
N VAL E 133 11.55 12.04 15.01
CA VAL E 133 11.52 13.01 16.09
C VAL E 133 12.92 13.59 16.28
N MET E 134 12.97 14.91 16.46
CA MET E 134 14.21 15.63 16.65
C MET E 134 14.09 16.60 17.81
N VAL E 135 15.24 16.97 18.37
CA VAL E 135 15.31 18.00 19.39
C VAL E 135 16.18 19.15 18.87
N VAL E 136 15.76 20.37 19.15
CA VAL E 136 16.46 21.57 18.71
C VAL E 136 17.65 21.80 19.64
N GLU E 137 18.86 21.78 19.07
CA GLU E 137 20.10 22.01 19.84
C GLU E 137 20.56 23.47 19.79
N GLU E 138 20.37 24.12 18.63
CA GLU E 138 20.80 25.50 18.43
C GLU E 138 19.80 26.22 17.54
N VAL E 139 19.63 27.51 17.81
CA VAL E 139 18.80 28.36 16.97
C VAL E 139 19.69 29.48 16.44
N ALA E 140 19.58 29.71 15.12
CA ALA E 140 20.26 30.82 14.46
C ALA E 140 19.20 31.66 13.76
N ALA E 141 19.60 32.77 13.13
CA ALA E 141 18.63 33.67 12.54
C ALA E 141 17.81 33.04 11.43
N ASP E 142 18.37 32.06 10.71
CA ASP E 142 17.63 31.46 9.59
C ASP E 142 17.42 29.94 9.69
N GLU E 143 17.81 29.29 10.79
CA GLU E 143 17.70 27.84 10.85
C GLU E 143 17.62 27.29 12.26
N LEU E 144 17.15 26.06 12.34
CA LEU E 144 17.15 25.27 13.57
C LEU E 144 18.08 24.10 13.36
N ARG E 145 19.01 23.90 14.30
CA ARG E 145 19.99 22.84 14.24
C ARG E 145 19.62 21.79 15.24
N CYS E 146 19.38 20.57 14.75
CA CYS E 146 18.74 19.54 15.55
C CYS E 146 19.53 18.25 15.60
N ARG E 147 19.21 17.45 16.62
CA ARG E 147 19.69 16.10 16.77
C ARG E 147 18.49 15.14 16.63
N VAL E 148 18.68 14.04 15.89
CA VAL E 148 17.62 13.07 15.71
C VAL E 148 17.50 12.19 16.97
N LEU E 149 16.30 12.14 17.51
CA LEU E 149 15.97 11.27 18.67
C LEU E 149 15.42 9.93 18.21
N ILE E 150 14.57 9.95 17.19
CA ILE E 150 13.99 8.75 16.61
C ILE E 150 14.15 8.86 15.10
N GLY E 151 14.82 7.88 14.52
CA GLY E 151 15.16 7.88 13.13
C GLY E 151 14.04 7.43 12.23
N GLY E 152 14.33 7.41 10.94
CA GLY E 152 13.38 7.03 9.92
C GLY E 152 13.61 7.78 8.62
N PRO E 153 12.73 7.58 7.66
CA PRO E 153 12.85 8.28 6.40
C PRO E 153 12.22 9.67 6.42
N LEU E 154 12.70 10.54 5.53
CA LEU E 154 12.11 11.84 5.31
C LEU E 154 12.02 12.08 3.83
N SER E 155 10.94 12.67 3.38
CA SER E 155 10.74 12.90 1.96
C SER E 155 10.03 14.25 1.73
N ASP E 156 9.89 14.62 0.46
CA ASP E 156 9.37 15.93 0.08
C ASP E 156 8.03 16.19 0.75
N HIS E 157 7.87 17.42 1.23
CA HIS E 157 6.60 17.92 1.74
C HIS E 157 6.02 17.17 2.94
N LYS E 158 6.84 16.47 3.70
CA LYS E 158 6.34 15.85 4.91
C LYS E 158 5.97 16.89 5.96
N GLY E 159 4.99 16.54 6.77
CA GLY E 159 4.51 17.39 7.84
C GLY E 159 5.50 17.54 8.97
N ILE E 160 5.47 18.69 9.61
CA ILE E 160 6.27 18.95 10.79
C ILE E 160 5.40 19.68 11.82
N ASN E 161 5.58 19.33 13.08
CA ASN E 161 4.95 20.05 14.16
C ASN E 161 5.87 20.06 15.35
N ARG E 162 5.60 21.02 16.22
CA ARG E 162 6.33 21.18 17.47
C ARG E 162 5.55 20.63 18.62
N ARG E 163 6.25 19.96 19.49
CA ARG E 163 5.66 19.55 20.81
C ARG E 163 5.26 20.79 21.54
N GLY E 164 3.99 20.94 21.88
CA GLY E 164 3.55 22.24 22.46
C GLY E 164 2.73 23.05 21.50
N GLY E 165 2.88 22.82 20.21
CA GLY E 165 2.00 23.43 19.18
C GLY E 165 2.48 24.88 18.97
N GLY E 166 1.52 25.75 18.69
CA GLY E 166 1.74 27.16 18.50
C GLY E 166 2.24 27.62 17.15
N LEU E 167 2.24 26.75 16.17
CA LEU E 167 2.65 27.14 14.81
C LEU E 167 1.44 27.76 14.10
N THR E 168 1.67 28.85 13.39
CA THR E 168 0.63 29.59 12.77
C THR E 168 0.15 28.88 11.52
N ALA E 169 -1.15 28.73 11.38
CA ALA E 169 -1.76 28.30 10.15
C ALA E 169 -3.26 28.53 10.22
N PRO E 170 -3.91 28.82 9.10
CA PRO E 170 -5.36 28.99 9.16
C PRO E 170 -6.12 27.65 9.25
N ALA E 171 -7.26 27.65 9.91
CA ALA E 171 -8.07 26.45 10.08
C ALA E 171 -8.56 25.86 8.75
N LEU E 172 -9.06 26.74 7.89
CA LEU E 172 -9.51 26.30 6.54
C LEU E 172 -8.52 26.69 5.47
N THR E 173 -8.02 25.72 4.75
CA THR E 173 -7.20 25.86 3.58
C THR E 173 -8.05 25.95 2.32
N ASP E 174 -7.41 26.18 1.19
CA ASP E 174 -8.11 26.18 -0.10
C ASP E 174 -8.60 24.80 -0.46
N LYS E 175 -7.81 23.79 -0.18
CA LYS E 175 -8.29 22.40 -0.32
C LYS E 175 -9.57 22.19 0.45
N ASP E 176 -9.61 22.65 1.70
CA ASP E 176 -10.78 22.46 2.56
C ASP E 176 -12.02 23.13 1.99
N LYS E 177 -11.87 24.33 1.45
CA LYS E 177 -12.98 25.03 0.80
C LYS E 177 -13.54 24.21 -0.36
N ALA E 178 -12.64 23.60 -1.13
CA ALA E 178 -13.06 22.70 -2.21
C ALA E 178 -13.76 21.46 -1.68
N ASP E 179 -13.21 20.90 -0.61
CA ASP E 179 -13.80 19.70 0.02
C ASP E 179 -15.14 19.99 0.68
N ILE E 180 -15.34 21.21 1.18
CA ILE E 180 -16.65 21.59 1.71
C ILE E 180 -17.70 21.48 0.60
N LYS E 181 -17.36 22.00 -0.58
CA LYS E 181 -18.25 21.89 -1.75
C LYS E 181 -18.48 20.44 -2.12
N LEU E 182 -17.42 19.65 -2.10
CA LEU E 182 -17.55 18.24 -2.38
C LEU E 182 -18.48 17.55 -1.37
N ALA E 183 -18.36 17.92 -0.10
CA ALA E 183 -19.19 17.32 0.95
C ALA E 183 -20.66 17.68 0.72
N ALA E 184 -20.92 18.95 0.45
CA ALA E 184 -22.28 19.39 0.13
C ALA E 184 -22.85 18.65 -1.07
N ASP E 185 -22.01 18.46 -2.10
CA ASP E 185 -22.43 17.78 -3.31
C ASP E 185 -22.77 16.31 -3.05
N MET E 186 -22.08 15.68 -2.11
CA MET E 186 -22.33 14.28 -1.76
C MET E 186 -23.45 14.11 -0.72
N ASP E 187 -24.04 15.23 -0.24
CA ASP E 187 -25.06 15.19 0.82
C ASP E 187 -24.60 14.52 2.10
N LEU E 188 -23.40 14.88 2.53
CA LEU E 188 -22.85 14.26 3.73
C LEU E 188 -23.63 14.71 4.96
N ASP E 189 -23.76 13.81 5.91
CA ASP E 189 -24.48 14.07 7.16
C ASP E 189 -23.67 14.88 8.15
N TYR E 190 -22.36 14.66 8.20
CA TYR E 190 -21.45 15.38 9.10
C TYR E 190 -20.22 15.83 8.35
N VAL E 191 -19.71 17.00 8.72
CA VAL E 191 -18.44 17.49 8.22
C VAL E 191 -17.60 17.89 9.42
N ALA E 192 -16.35 17.43 9.45
CA ALA E 192 -15.44 17.71 10.55
C ALA E 192 -14.38 18.71 10.14
N VAL E 193 -14.22 19.75 10.95
CA VAL E 193 -13.22 20.78 10.71
C VAL E 193 -11.96 20.46 11.53
N SER E 194 -10.81 20.49 10.88
CA SER E 194 -9.54 20.24 11.54
C SER E 194 -8.87 21.53 12.01
N PHE E 195 -8.22 21.46 13.14
CA PHE E 195 -7.47 22.51 13.80
C PHE E 195 -8.19 23.85 13.96
N PRO E 196 -9.50 23.84 14.26
CA PRO E 196 -10.09 25.11 14.60
C PRO E 196 -9.58 25.66 15.93
N ARG E 197 -9.54 26.97 16.06
CA ARG E 197 -9.09 27.64 17.27
C ARG E 197 -10.22 28.26 18.07
N ASP E 198 -11.30 28.70 17.45
CA ASP E 198 -12.34 29.42 18.18
C ASP E 198 -13.62 29.38 17.38
N ALA E 199 -14.68 29.89 17.98
CA ALA E 199 -15.97 29.92 17.33
C ALA E 199 -15.95 30.48 15.91
N LYS E 200 -15.09 31.48 15.68
CA LYS E 200 -15.04 32.12 14.36
C LYS E 200 -14.71 31.11 13.25
N ASP E 201 -13.74 30.23 13.50
CA ASP E 201 -13.35 29.23 12.51
C ASP E 201 -14.51 28.31 12.13
N MET E 202 -15.33 27.97 13.11
CA MET E 202 -16.49 27.13 12.89
C MET E 202 -17.62 27.88 12.20
N GLU E 203 -17.80 29.14 12.53
CA GLU E 203 -18.84 29.96 11.86
C GLU E 203 -18.50 30.15 10.39
N TYR E 204 -17.22 30.39 10.11
CA TYR E 204 -16.76 30.49 8.73
C TYR E 204 -17.05 29.20 7.96
N ALA E 205 -16.73 28.07 8.55
CA ALA E 205 -17.00 26.78 7.91
C ALA E 205 -18.48 26.56 7.68
N ARG E 206 -19.30 27.02 8.61
CA ARG E 206 -20.76 26.90 8.47
C ARG E 206 -21.28 27.77 7.32
N ARG E 207 -20.74 28.97 7.20
CA ARG E 207 -21.06 29.88 6.10
C ARG E 207 -20.79 29.19 4.76
N LEU E 208 -19.56 28.72 4.60
CA LEU E 208 -19.17 28.06 3.35
C LEU E 208 -20.03 26.84 3.04
N LEU E 209 -20.41 26.10 4.08
CA LEU E 209 -21.19 24.91 3.85
C LEU E 209 -22.61 25.27 3.41
N THR E 210 -23.23 26.25 4.06
CA THR E 210 -24.56 26.68 3.66
C THR E 210 -24.53 27.32 2.26
N GLU E 211 -23.55 28.18 2.01
CA GLU E 211 -23.32 28.75 0.66
C GLU E 211 -23.26 27.66 -0.43
N ALA E 212 -22.68 26.51 -0.13
CA ALA E 212 -22.66 25.40 -1.08
C ALA E 212 -23.91 24.53 -1.02
N GLY E 213 -24.93 24.94 -0.27
CA GLY E 213 -26.15 24.17 -0.14
C GLY E 213 -26.07 22.90 0.69
N GLY E 214 -25.10 22.83 1.58
CA GLY E 214 -24.90 21.66 2.44
C GLY E 214 -25.77 21.67 3.67
N LYS E 215 -26.33 20.53 3.99
CA LYS E 215 -27.18 20.38 5.19
C LYS E 215 -26.47 19.71 6.35
N ALA E 216 -25.19 19.41 6.20
CA ALA E 216 -24.45 18.64 7.21
C ALA E 216 -24.33 19.40 8.51
N TRP E 217 -24.24 18.63 9.59
CA TRP E 217 -23.87 19.15 10.91
C TRP E 217 -22.37 19.18 11.03
N LEU E 218 -21.87 20.16 11.77
CA LEU E 218 -20.44 20.40 11.87
C LEU E 218 -19.81 19.81 13.11
N VAL E 219 -18.67 19.15 12.92
CA VAL E 219 -17.89 18.59 14.01
C VAL E 219 -16.63 19.37 14.20
N ALA E 220 -16.43 19.92 15.39
CA ALA E 220 -15.17 20.60 15.73
C ALA E 220 -14.18 19.58 16.30
N LYS E 221 -13.06 19.42 15.62
CA LYS E 221 -11.99 18.57 16.12
C LYS E 221 -11.13 19.36 17.08
N ILE E 222 -11.07 18.88 18.33
CA ILE E 222 -10.29 19.55 19.36
C ILE E 222 -8.85 19.02 19.28
N GLU E 223 -8.01 19.71 18.50
CA GLU E 223 -6.60 19.32 18.35
C GLU E 223 -5.56 20.42 18.58
N ARG E 224 -6.01 21.65 18.78
CA ARG E 224 -5.13 22.81 18.95
C ARG E 224 -4.95 23.22 20.39
N ALA E 225 -3.74 23.50 20.84
CA ALA E 225 -3.52 23.90 22.21
C ALA E 225 -4.42 25.09 22.62
N GLU E 226 -4.66 26.00 21.66
CA GLU E 226 -5.42 27.20 21.92
C GLU E 226 -6.88 26.88 22.22
N ALA E 227 -7.40 25.80 21.63
CA ALA E 227 -8.78 25.38 21.85
C ALA E 227 -9.08 24.91 23.28
N VAL E 228 -8.05 24.48 24.01
CA VAL E 228 -8.24 23.97 25.38
C VAL E 228 -7.46 24.80 26.40
N ALA E 229 -6.99 25.98 25.99
CA ALA E 229 -6.23 26.87 26.87
C ALA E 229 -7.01 27.23 28.12
N ASP E 230 -8.33 27.36 28.02
CA ASP E 230 -9.17 27.60 29.19
C ASP E 230 -10.60 27.23 28.84
N ASP E 231 -11.45 27.24 29.84
CA ASP E 231 -12.86 26.85 29.67
C ASP E 231 -13.60 27.73 28.66
N ASP E 232 -13.32 29.02 28.63
CA ASP E 232 -14.00 29.93 27.68
C ASP E 232 -13.63 29.60 26.24
N ALA E 233 -12.35 29.36 25.99
CA ALA E 233 -11.92 28.95 24.66
C ALA E 233 -12.66 27.68 24.20
N LEU E 234 -12.63 26.66 25.05
CA LEU E 234 -13.25 25.38 24.72
C LEU E 234 -14.75 25.51 24.56
N ASP E 235 -15.42 26.10 25.55
CA ASP E 235 -16.88 26.24 25.51
C ASP E 235 -17.34 27.08 24.31
N GLY E 236 -16.57 28.09 23.95
CA GLY E 236 -16.89 28.90 22.78
C GLY E 236 -16.89 28.07 21.51
N LEU E 237 -15.84 27.27 21.37
CA LEU E 237 -15.72 26.39 20.22
C LEU E 237 -16.80 25.32 20.20
N ILE E 238 -17.14 24.77 21.35
CA ILE E 238 -18.18 23.76 21.44
C ILE E 238 -19.55 24.35 21.06
N ARG E 239 -19.84 25.54 21.55
CA ARG E 239 -21.17 26.12 21.33
C ARG E 239 -21.41 26.46 19.85
N ALA E 240 -20.34 26.73 19.14
CA ALA E 240 -20.40 27.01 17.72
C ALA E 240 -20.50 25.77 16.85
N SER E 241 -20.57 24.58 17.45
CA SER E 241 -20.58 23.35 16.68
C SER E 241 -21.80 22.54 17.00
N ASP E 242 -22.00 21.48 16.25
CA ASP E 242 -23.04 20.51 16.56
C ASP E 242 -22.46 19.32 17.27
N ALA E 243 -21.17 19.05 17.04
CA ALA E 243 -20.49 17.92 17.64
C ALA E 243 -19.02 18.24 17.78
N VAL E 244 -18.35 17.50 18.64
CA VAL E 244 -16.91 17.66 18.81
C VAL E 244 -16.23 16.31 18.79
N MET E 245 -14.97 16.29 18.43
CA MET E 245 -14.20 15.08 18.42
C MET E 245 -12.94 15.30 19.21
N VAL E 246 -12.64 14.38 20.13
CA VAL E 246 -11.42 14.38 20.91
C VAL E 246 -10.36 13.74 20.01
N ALA E 247 -9.59 14.60 19.34
CA ALA E 247 -8.64 14.17 18.34
C ALA E 247 -7.29 13.95 18.99
N ARG E 248 -7.09 12.78 19.55
CA ARG E 248 -6.01 12.60 20.50
C ARG E 248 -4.63 12.55 19.89
N GLY E 249 -4.55 12.22 18.60
CA GLY E 249 -3.28 12.25 17.87
C GLY E 249 -2.68 13.64 17.88
N ASP E 250 -3.30 14.56 17.17
CA ASP E 250 -2.75 15.91 17.14
C ASP E 250 -2.83 16.62 18.47
N LEU E 251 -3.88 16.38 19.23
CA LEU E 251 -4.03 17.05 20.54
C LEU E 251 -2.90 16.64 21.47
N GLY E 252 -2.53 15.37 21.46
CA GLY E 252 -1.42 14.90 22.30
C GLY E 252 -0.09 15.55 21.97
N VAL E 253 0.15 15.74 20.69
CA VAL E 253 1.33 16.49 20.26
C VAL E 253 1.30 17.92 20.78
N GLU E 254 0.15 18.55 20.69
CA GLU E 254 0.04 19.98 21.03
C GLU E 254 0.07 20.24 22.53
N ILE E 255 -0.51 19.38 23.35
CA ILE E 255 -0.52 19.62 24.81
C ILE E 255 0.25 18.62 25.61
N GLY E 256 0.75 17.56 24.97
CA GLY E 256 1.48 16.48 25.66
C GLY E 256 0.60 15.33 26.09
N ASP E 257 1.04 14.09 25.85
CA ASP E 257 0.26 12.93 26.21
C ASP E 257 -0.18 12.86 27.68
N ALA E 258 0.67 13.35 28.58
CA ALA E 258 0.33 13.30 30.02
C ALA E 258 -0.86 14.18 30.41
N GLU E 259 -1.29 15.08 29.54
CA GLU E 259 -2.45 15.92 29.82
C GLU E 259 -3.73 15.40 29.18
N LEU E 260 -3.64 14.38 28.34
CA LEU E 260 -4.81 13.91 27.60
C LEU E 260 -5.95 13.41 28.47
N VAL E 261 -5.64 12.62 29.48
CA VAL E 261 -6.71 11.96 30.22
C VAL E 261 -7.70 12.97 30.81
N GLY E 262 -7.19 14.06 31.37
CA GLY E 262 -8.02 15.06 31.99
C GLY E 262 -8.82 15.84 30.97
N ILE E 263 -8.21 16.13 29.84
CA ILE E 263 -8.83 16.92 28.79
C ILE E 263 -9.88 16.09 28.04
N GLN E 264 -9.59 14.82 27.77
CA GLN E 264 -10.61 13.97 27.17
C GLN E 264 -11.88 14.01 28.01
N LYS E 265 -11.74 13.89 29.31
CA LYS E 265 -12.90 13.88 30.19
C LYS E 265 -13.60 15.24 30.22
N LYS E 266 -12.81 16.32 30.22
CA LYS E 266 -13.41 17.64 30.21
C LYS E 266 -14.18 17.90 28.92
N ILE E 267 -13.58 17.57 27.78
CA ILE E 267 -14.23 17.82 26.50
C ILE E 267 -15.56 17.07 26.43
N ILE E 268 -15.57 15.80 26.80
CA ILE E 268 -16.79 15.01 26.74
C ILE E 268 -17.87 15.65 27.61
N LEU E 269 -17.50 15.98 28.85
CA LEU E 269 -18.45 16.54 29.78
C LEU E 269 -18.97 17.91 29.30
N HIS E 270 -18.08 18.79 28.90
CA HIS E 270 -18.52 20.10 28.44
C HIS E 270 -19.38 20.01 27.18
N ALA E 271 -19.04 19.09 26.30
CA ALA E 271 -19.88 18.86 25.12
C ALA E 271 -21.30 18.48 25.54
N ARG E 272 -21.42 17.49 26.41
CA ARG E 272 -22.74 17.04 26.83
C ARG E 272 -23.51 18.15 27.55
N ARG E 273 -22.83 18.93 28.37
CA ARG E 273 -23.51 20.03 29.07
C ARG E 273 -24.08 21.06 28.11
N ASN E 274 -23.36 21.31 27.02
CA ASN E 274 -23.85 22.22 25.99
C ASN E 274 -24.69 21.52 24.91
N ASN E 275 -25.19 20.33 25.20
CA ASN E 275 -26.10 19.62 24.31
C ASN E 275 -25.52 19.33 22.91
N LYS E 276 -24.26 18.93 22.89
CA LYS E 276 -23.58 18.52 21.67
C LYS E 276 -23.17 17.07 21.72
N VAL E 277 -22.93 16.51 20.55
CA VAL E 277 -22.47 15.12 20.40
C VAL E 277 -20.95 15.10 20.52
N VAL E 278 -20.39 14.03 21.04
CA VAL E 278 -18.94 13.93 21.17
C VAL E 278 -18.40 12.58 20.75
N ILE E 279 -17.31 12.61 19.98
CA ILE E 279 -16.61 11.43 19.50
C ILE E 279 -15.21 11.35 20.14
N THR E 280 -14.80 10.17 20.57
CA THR E 280 -13.43 9.93 21.05
C THR E 280 -12.67 9.16 19.96
N ALA E 281 -11.44 9.61 19.65
CA ALA E 281 -10.72 9.08 18.49
C ALA E 281 -9.23 8.83 18.68
N THR E 282 -8.67 8.06 17.76
CA THR E 282 -7.25 7.91 17.50
C THR E 282 -6.52 6.86 18.35
N GLN E 283 -6.10 5.79 17.67
CA GLN E 283 -5.32 4.70 18.23
C GLN E 283 -6.04 3.92 19.30
N MET E 284 -7.36 3.91 19.25
CA MET E 284 -8.12 3.19 20.25
C MET E 284 -7.83 1.69 20.18
N MET E 285 -7.57 1.16 18.99
CA MET E 285 -7.26 -0.28 18.85
C MET E 285 -6.12 -0.51 17.86
N GLU E 286 -5.10 0.34 17.94
CA GLU E 286 -4.02 0.37 16.95
C GLU E 286 -3.37 -1.00 16.66
N SER E 287 -3.20 -1.81 17.68
CA SER E 287 -2.55 -3.09 17.48
C SER E 287 -3.30 -3.95 16.46
N MET E 288 -4.59 -3.71 16.28
CA MET E 288 -5.40 -4.47 15.34
C MET E 288 -5.15 -4.14 13.87
N ILE E 289 -4.35 -3.13 13.59
CA ILE E 289 -3.79 -2.99 12.27
C ILE E 289 -3.13 -4.29 11.80
N HIS E 290 -2.37 -4.93 12.68
CA HIS E 290 -1.60 -6.14 12.34
C HIS E 290 -2.02 -7.37 13.14
N SER E 291 -3.02 -7.28 14.00
CA SER E 291 -3.40 -8.41 14.83
C SER E 291 -4.92 -8.56 14.88
N PRO E 292 -5.41 -9.80 14.94
CA PRO E 292 -6.85 -9.99 14.96
C PRO E 292 -7.52 -9.81 16.33
N MET E 293 -6.76 -9.45 17.37
CA MET E 293 -7.33 -9.14 18.67
C MET E 293 -6.65 -7.92 19.28
N PRO E 294 -7.39 -7.16 20.10
CA PRO E 294 -6.80 -6.00 20.73
C PRO E 294 -5.99 -6.35 21.98
N THR E 295 -5.14 -5.43 22.39
CA THR E 295 -4.44 -5.54 23.67
C THR E 295 -5.36 -5.14 24.82
N ARG E 296 -4.96 -5.48 26.03
CA ARG E 296 -5.74 -5.12 27.21
C ARG E 296 -5.82 -3.60 27.38
N ALA E 297 -4.75 -2.89 27.01
CA ALA E 297 -4.78 -1.44 27.08
C ALA E 297 -5.84 -0.87 26.15
N GLU E 298 -5.95 -1.46 24.97
CA GLU E 298 -6.92 -1.01 23.98
C GLU E 298 -8.36 -1.29 24.45
N VAL E 299 -8.59 -2.47 25.01
CA VAL E 299 -9.88 -2.76 25.60
C VAL E 299 -10.22 -1.73 26.68
N SER E 300 -9.27 -1.46 27.55
CA SER E 300 -9.46 -0.51 28.63
C SER E 300 -9.74 0.90 28.10
N ASP E 301 -9.04 1.30 27.05
CA ASP E 301 -9.19 2.65 26.50
C ASP E 301 -10.62 2.86 26.01
N VAL E 302 -11.14 1.88 25.29
CA VAL E 302 -12.46 1.99 24.71
C VAL E 302 -13.49 1.98 25.83
N ALA E 303 -13.36 1.02 26.74
CA ALA E 303 -14.30 0.92 27.84
C ALA E 303 -14.34 2.18 28.68
N ASN E 304 -13.19 2.76 28.93
CA ASN E 304 -13.16 3.98 29.73
C ASN E 304 -13.78 5.14 29.00
N ALA E 305 -13.66 5.18 27.68
CA ALA E 305 -14.36 6.21 26.90
C ALA E 305 -15.87 6.04 27.03
N VAL E 306 -16.34 4.80 27.06
CA VAL E 306 -17.75 4.54 27.24
C VAL E 306 -18.22 4.99 28.63
N LEU E 307 -17.42 4.74 29.66
CA LEU E 307 -17.76 5.21 31.00
C LEU E 307 -17.66 6.72 31.14
N ASP E 308 -16.76 7.37 30.40
CA ASP E 308 -16.76 8.84 30.32
C ASP E 308 -18.04 9.39 29.66
N TYR E 309 -18.85 8.49 29.07
CA TYR E 309 -20.10 8.84 28.38
C TYR E 309 -19.89 9.58 27.06
N THR E 310 -18.93 9.11 26.30
CA THR E 310 -18.77 9.52 24.91
C THR E 310 -19.96 9.01 24.10
N ASP E 311 -20.31 9.73 23.05
CA ASP E 311 -21.35 9.26 22.14
C ASP E 311 -20.83 8.17 21.25
N ALA E 312 -19.62 8.36 20.74
CA ALA E 312 -19.04 7.41 19.81
C ALA E 312 -17.56 7.27 20.01
N VAL E 313 -17.08 6.13 19.55
CA VAL E 313 -15.65 5.82 19.50
C VAL E 313 -15.32 5.58 18.04
N MET E 314 -14.09 5.89 17.66
CA MET E 314 -13.66 5.91 16.27
C MET E 314 -12.51 4.95 16.00
N LEU E 315 -12.48 4.42 14.78
CA LEU E 315 -11.35 3.68 14.22
C LEU E 315 -10.80 4.47 13.05
N SER E 316 -9.48 4.53 12.90
CA SER E 316 -8.87 5.18 11.75
C SER E 316 -8.11 4.24 10.84
N ALA E 317 -6.89 3.88 11.18
CA ALA E 317 -6.13 2.99 10.32
C ALA E 317 -6.64 1.57 10.55
N GLU E 318 -7.15 1.29 11.73
CA GLU E 318 -7.62 -0.06 12.06
C GLU E 318 -8.65 -0.52 11.01
N SER E 319 -9.53 0.38 10.59
CA SER E 319 -10.56 0.07 9.61
C SER E 319 -10.21 0.49 8.17
N ALA E 320 -9.38 1.51 8.01
CA ALA E 320 -9.06 2.07 6.70
C ALA E 320 -7.90 1.37 5.98
N ALA E 321 -6.85 1.01 6.71
CA ALA E 321 -5.65 0.44 6.10
C ALA E 321 -5.22 -0.93 6.62
N GLY E 322 -5.77 -1.39 7.73
CA GLY E 322 -5.21 -2.53 8.43
C GLY E 322 -5.64 -3.86 7.87
N GLU E 323 -5.12 -4.92 8.46
CA GLU E 323 -5.39 -6.26 8.00
C GLU E 323 -6.70 -6.83 8.54
N TYR E 324 -7.32 -6.21 9.55
CA TYR E 324 -8.48 -6.80 10.22
C TYR E 324 -9.57 -5.76 10.51
N PRO E 325 -10.02 -5.03 9.50
CA PRO E 325 -11.03 -4.00 9.74
C PRO E 325 -12.34 -4.53 10.32
N VAL E 326 -12.80 -5.68 9.87
CA VAL E 326 -14.06 -6.20 10.37
C VAL E 326 -13.93 -6.66 11.81
N GLU E 327 -12.83 -7.34 12.11
CA GLU E 327 -12.60 -7.84 13.46
C GLU E 327 -12.44 -6.70 14.46
N ALA E 328 -11.85 -5.59 14.02
CA ALA E 328 -11.72 -4.40 14.86
C ALA E 328 -13.10 -3.87 15.26
N VAL E 329 -13.98 -3.69 14.29
CA VAL E 329 -15.33 -3.21 14.57
C VAL E 329 -16.05 -4.17 15.53
N LYS E 330 -15.97 -5.46 15.25
CA LYS E 330 -16.61 -6.45 16.12
C LYS E 330 -16.09 -6.35 17.56
N ALA E 331 -14.77 -6.23 17.70
CA ALA E 331 -14.17 -6.17 19.03
C ALA E 331 -14.62 -4.89 19.75
N MET E 332 -14.54 -3.77 19.06
CA MET E 332 -14.93 -2.51 19.63
C MET E 332 -16.40 -2.56 20.10
N ALA E 333 -17.27 -3.12 19.27
CA ALA E 333 -18.68 -3.24 19.61
C ALA E 333 -18.90 -4.08 20.86
N ARG E 334 -18.13 -5.14 21.00
CA ARG E 334 -18.29 -6.07 22.13
C ARG E 334 -17.84 -5.36 23.43
N VAL E 335 -16.77 -4.59 23.35
CA VAL E 335 -16.26 -3.91 24.53
C VAL E 335 -17.25 -2.83 24.98
N CYS E 336 -17.86 -2.14 24.02
CA CYS E 336 -18.89 -1.15 24.34
C CYS E 336 -20.05 -1.80 25.09
N GLN E 337 -20.53 -2.92 24.59
CA GLN E 337 -21.64 -3.61 25.26
C GLN E 337 -21.31 -3.96 26.69
N GLY E 338 -20.08 -4.41 26.92
CA GLY E 338 -19.66 -4.80 28.27
C GLY E 338 -19.62 -3.61 29.23
N ALA E 339 -19.02 -2.53 28.78
CA ALA E 339 -18.92 -1.34 29.60
C ALA E 339 -20.29 -0.73 29.92
N GLU E 340 -21.24 -0.90 29.01
CA GLU E 340 -22.59 -0.34 29.22
C GLU E 340 -23.38 -1.04 30.33
N LYS E 341 -22.97 -2.25 30.73
CA LYS E 341 -23.60 -2.94 31.86
C LYS E 341 -23.24 -2.32 33.22
N HIS E 342 -22.16 -1.54 33.28
CA HIS E 342 -21.75 -0.89 34.53
C HIS E 342 -22.90 -0.04 35.12
N PRO E 343 -23.03 -0.02 36.45
CA PRO E 343 -24.10 0.80 37.07
C PRO E 343 -24.02 2.32 36.80
N THR E 344 -22.81 2.86 36.63
CA THR E 344 -22.68 4.29 36.32
C THR E 344 -23.18 4.68 34.91
N SER E 345 -23.33 3.71 34.01
CA SER E 345 -23.86 3.98 32.67
C SER E 345 -25.36 4.30 32.61
N GLN E 346 -26.10 3.97 33.67
CA GLN E 346 -27.56 4.05 33.67
C GLN E 346 -28.14 5.04 34.70
N LYS E 347 -27.33 5.55 35.64
CA LYS E 347 -27.80 6.45 36.70
C LYS E 347 -27.42 7.88 36.43
N SER E 348 -28.36 8.80 36.59
CA SER E 348 -28.17 10.23 36.28
C SER E 348 -28.59 11.09 37.49
N SER E 349 -27.94 12.23 37.63
CA SER E 349 -28.40 13.27 38.56
C SER E 349 -29.51 14.18 37.95
N HIS E 350 -29.76 14.05 36.65
CA HIS E 350 -30.85 14.73 35.97
C HIS E 350 -30.82 16.27 36.01
N ARG E 351 -29.60 16.79 36.03
CA ARG E 351 -29.35 18.22 36.04
C ARG E 351 -30.11 18.97 37.16
N LEU E 352 -30.22 18.30 38.33
CA LEU E 352 -30.82 18.91 39.50
C LEU E 352 -30.15 20.26 39.86
N GLY E 353 -30.98 21.21 40.24
CA GLY E 353 -30.53 22.55 40.57
C GLY E 353 -30.33 23.49 39.40
N GLN E 354 -30.34 22.98 38.17
CA GLN E 354 -30.04 23.81 37.00
C GLN E 354 -31.29 24.54 36.46
N THR E 355 -31.06 25.46 35.56
CA THR E 355 -32.15 26.23 34.96
C THR E 355 -32.26 25.89 33.49
N PHE E 356 -33.43 25.51 33.05
CA PHE E 356 -33.65 25.18 31.64
C PHE E 356 -34.03 26.43 30.85
N ASP E 357 -33.72 26.39 29.55
CA ASP E 357 -33.93 27.55 28.67
C ASP E 357 -35.17 27.41 27.82
N ARG E 358 -35.42 26.21 27.29
CA ARG E 358 -36.44 26.03 26.29
C ARG E 358 -37.47 25.05 26.75
N CYS E 359 -38.60 25.06 26.05
CA CYS E 359 -39.69 24.15 26.34
C CYS E 359 -39.41 22.74 25.82
N ASP E 360 -38.88 22.63 24.62
CA ASP E 360 -38.62 21.28 24.05
C ASP E 360 -37.50 20.59 24.81
N GLU E 361 -36.48 21.39 25.21
CA GLU E 361 -35.47 20.91 26.15
C GLU E 361 -36.15 20.30 27.39
N SER E 362 -37.13 21.01 27.94
CA SER E 362 -37.81 20.56 29.16
C SER E 362 -38.53 19.23 29.02
N ILE E 363 -39.18 19.01 27.88
CA ILE E 363 -39.88 17.76 27.67
C ILE E 363 -38.90 16.62 27.52
N ALA E 364 -37.78 16.87 26.84
CA ALA E 364 -36.75 15.85 26.72
C ALA E 364 -36.23 15.45 28.11
N LEU E 365 -35.85 16.45 28.91
CA LEU E 365 -35.33 16.19 30.24
C LEU E 365 -36.36 15.50 31.12
N ALA E 366 -37.61 15.93 31.01
CA ALA E 366 -38.67 15.35 31.80
C ALA E 366 -38.91 13.88 31.47
N SER E 367 -38.71 13.53 30.20
CA SER E 367 -38.87 12.15 29.77
C SER E 367 -37.78 11.27 30.29
N MET E 368 -36.54 11.76 30.25
CA MET E 368 -35.43 10.96 30.80
C MET E 368 -35.59 10.76 32.30
N TYR E 369 -35.98 11.82 33.01
CA TYR E 369 -36.34 11.68 34.41
C TYR E 369 -37.41 10.61 34.62
N THR E 370 -38.49 10.70 33.87
CA THR E 370 -39.58 9.76 34.04
C THR E 370 -39.14 8.33 33.74
N ALA E 371 -38.44 8.14 32.63
CA ALA E 371 -38.00 6.81 32.22
C ALA E 371 -37.02 6.18 33.19
N ASN E 372 -36.11 6.99 33.71
CA ASN E 372 -35.14 6.47 34.69
C ASN E 372 -35.75 6.09 36.01
N HIS E 373 -36.97 6.52 36.32
CA HIS E 373 -37.59 6.19 37.61
C HIS E 373 -38.80 5.27 37.55
N PHE E 374 -39.50 5.20 36.42
CA PHE E 374 -40.62 4.27 36.26
C PHE E 374 -40.10 3.11 35.39
N PRO E 375 -39.65 2.03 36.03
CA PRO E 375 -38.96 0.97 35.26
C PRO E 375 -39.88 0.17 34.32
N GLY E 376 -41.20 0.30 34.48
CA GLY E 376 -42.13 -0.22 33.51
C GLY E 376 -41.96 0.35 32.11
N ILE E 377 -41.35 1.53 32.01
CA ILE E 377 -41.07 2.14 30.72
C ILE E 377 -39.92 1.42 30.03
N LYS E 378 -40.18 0.91 28.83
CA LYS E 378 -39.20 0.12 28.10
C LYS E 378 -38.67 0.83 26.87
N ALA E 379 -39.26 1.97 26.51
CA ALA E 379 -38.80 2.70 25.33
C ALA E 379 -39.33 4.10 25.32
N ILE E 380 -38.66 4.97 24.57
CA ILE E 380 -39.11 6.32 24.36
C ILE E 380 -39.33 6.53 22.86
N ILE E 381 -40.57 6.84 22.50
CA ILE E 381 -40.96 7.14 21.13
C ILE E 381 -40.90 8.65 20.99
N CYS E 382 -39.87 9.13 20.31
CA CYS E 382 -39.69 10.55 20.14
C CYS E 382 -39.97 10.92 18.69
N LEU E 383 -41.13 11.51 18.44
CA LEU E 383 -41.47 12.00 17.12
C LEU E 383 -40.70 13.28 16.90
N THR E 384 -39.81 13.29 15.93
CA THR E 384 -38.93 14.40 15.71
C THR E 384 -38.75 14.69 14.23
N GLU E 385 -38.59 15.99 13.94
CA GLU E 385 -38.40 16.46 12.59
C GLU E 385 -36.92 16.47 12.24
N SER E 386 -36.11 17.10 13.06
CA SER E 386 -34.69 17.33 12.79
C SER E 386 -33.76 16.52 13.68
N GLY E 387 -34.30 15.77 14.64
CA GLY E 387 -33.48 15.04 15.60
C GLY E 387 -33.04 15.81 16.85
N PHE E 388 -33.45 17.07 16.97
CA PHE E 388 -33.07 17.88 18.12
C PHE E 388 -33.60 17.33 19.45
N THR E 389 -34.85 16.91 19.48
CA THR E 389 -35.40 16.40 20.72
C THR E 389 -34.65 15.17 21.26
N PRO E 390 -34.39 14.16 20.42
CA PRO E 390 -33.62 13.01 20.95
C PRO E 390 -32.13 13.33 21.17
N LEU E 391 -31.61 14.38 20.57
CA LEU E 391 -30.28 14.86 20.95
C LEU E 391 -30.25 15.21 22.44
N ILE E 392 -31.24 15.97 22.90
CA ILE E 392 -31.31 16.38 24.30
C ILE E 392 -31.54 15.18 25.18
N MET E 393 -32.48 14.33 24.82
CA MET E 393 -32.73 13.13 25.63
C MET E 393 -31.44 12.36 25.88
N SER E 394 -30.61 12.22 24.84
CA SER E 394 -29.46 11.35 24.92
C SER E 394 -28.26 11.97 25.63
N ARG E 395 -28.35 13.25 25.99
CA ARG E 395 -27.37 13.85 26.91
C ARG E 395 -27.47 13.33 28.35
N ILE E 396 -28.56 12.66 28.68
CA ILE E 396 -28.80 12.22 30.05
C ILE E 396 -28.46 10.75 30.17
N ARG E 397 -27.70 10.40 31.20
CA ARG E 397 -27.33 9.01 31.39
C ARG E 397 -28.57 8.19 31.58
N SER E 398 -28.65 7.09 30.84
CA SER E 398 -29.77 6.18 30.96
C SER E 398 -29.43 4.90 30.23
N SER E 399 -30.20 3.85 30.48
CA SER E 399 -30.15 2.66 29.63
C SER E 399 -31.45 2.41 28.84
N VAL E 400 -32.39 3.35 28.86
CA VAL E 400 -33.64 3.19 28.14
C VAL E 400 -33.44 3.49 26.65
N PRO E 401 -33.95 2.64 25.75
CA PRO E 401 -33.82 2.92 24.32
C PRO E 401 -34.60 4.17 23.90
N ILE E 402 -33.92 5.05 23.18
CA ILE E 402 -34.52 6.23 22.60
C ILE E 402 -34.70 6.01 21.10
N TYR E 403 -35.95 6.05 20.65
CA TYR E 403 -36.26 5.86 19.22
C TYR E 403 -36.63 7.19 18.57
N ALA E 404 -35.84 7.61 17.58
CA ALA E 404 -36.12 8.82 16.83
C ALA E 404 -37.01 8.45 15.61
N TYR E 405 -38.29 8.81 15.72
CA TYR E 405 -39.27 8.65 14.65
C TYR E 405 -39.22 9.88 13.75
N SER E 406 -38.82 9.69 12.50
CA SER E 406 -38.75 10.80 11.58
C SER E 406 -39.07 10.33 10.17
N PRO E 407 -39.66 11.20 9.37
CA PRO E 407 -39.88 10.85 7.97
C PRO E 407 -38.65 11.17 7.10
N HIS E 408 -37.81 12.10 7.54
CA HIS E 408 -36.71 12.59 6.71
C HIS E 408 -35.47 11.71 6.78
N ARG E 409 -34.78 11.59 5.65
CA ARG E 409 -33.53 10.80 5.56
C ARG E 409 -32.40 11.51 6.29
N GLU E 410 -32.31 12.84 6.12
CA GLU E 410 -31.32 13.66 6.81
C GLU E 410 -31.33 13.35 8.30
N THR E 411 -32.51 13.28 8.91
CA THR E 411 -32.65 13.02 10.32
C THR E 411 -32.39 11.57 10.64
N GLN E 412 -32.91 10.67 9.82
CA GLN E 412 -32.71 9.22 10.06
C GLN E 412 -31.22 8.86 10.15
N ALA E 413 -30.38 9.56 9.39
CA ALA E 413 -28.94 9.32 9.41
C ALA E 413 -28.26 10.07 10.55
N ARG E 414 -28.62 11.33 10.73
CA ARG E 414 -28.02 12.17 11.76
C ARG E 414 -27.95 11.46 13.12
N VAL E 415 -29.07 10.88 13.53
CA VAL E 415 -29.14 10.32 14.88
C VAL E 415 -28.31 9.06 15.03
N ALA E 416 -27.75 8.54 13.94
CA ALA E 416 -26.89 7.36 14.03
C ALA E 416 -25.67 7.59 14.93
N MET E 417 -25.21 8.82 15.04
CA MET E 417 -24.12 9.14 15.94
C MET E 417 -24.53 9.45 17.38
N PHE E 418 -25.82 9.48 17.70
CA PHE E 418 -26.29 9.84 19.05
C PHE E 418 -26.29 8.57 19.91
N ARG E 419 -25.65 8.62 21.06
CA ARG E 419 -25.62 7.47 21.94
C ARG E 419 -27.02 7.06 22.38
N GLY E 420 -27.32 5.77 22.21
CA GLY E 420 -28.56 5.19 22.70
C GLY E 420 -29.80 5.44 21.82
N VAL E 421 -29.63 6.11 20.67
CA VAL E 421 -30.74 6.45 19.81
C VAL E 421 -30.78 5.53 18.59
N GLU E 422 -31.96 5.00 18.28
CA GLU E 422 -32.18 4.21 17.08
C GLU E 422 -33.19 4.93 16.19
N THR E 423 -33.03 4.82 14.88
CA THR E 423 -33.97 5.42 13.95
C THR E 423 -35.13 4.48 13.65
N ILE E 424 -36.33 5.04 13.66
CA ILE E 424 -37.52 4.37 13.16
C ILE E 424 -38.16 5.28 12.11
N PRO E 425 -38.11 4.91 10.82
CA PRO E 425 -38.74 5.77 9.81
C PRO E 425 -40.26 5.78 10.00
N PHE E 426 -40.84 6.97 9.94
CA PHE E 426 -42.23 7.17 10.35
C PHE E 426 -42.67 8.56 9.92
N ASP E 427 -43.89 8.62 9.38
CA ASP E 427 -44.48 9.88 8.94
C ASP E 427 -45.84 10.08 9.60
N PRO E 428 -45.86 10.81 10.72
CA PRO E 428 -47.15 10.99 11.40
C PRO E 428 -48.15 11.86 10.62
N ALA E 429 -47.68 12.85 9.86
CA ALA E 429 -48.55 13.75 9.08
C ALA E 429 -49.41 13.00 8.05
N ALA E 430 -48.92 11.90 7.52
CA ALA E 430 -49.65 11.10 6.54
C ALA E 430 -50.52 10.05 7.19
N LEU E 431 -50.97 10.28 8.42
CA LEU E 431 -51.88 9.36 9.09
C LEU E 431 -53.05 10.11 9.68
N PRO E 432 -54.18 9.42 9.87
CA PRO E 432 -55.27 10.02 10.66
C PRO E 432 -54.80 10.27 12.11
N ALA E 433 -54.85 11.55 12.51
CA ALA E 433 -54.35 11.96 13.83
C ALA E 433 -54.63 10.97 14.98
N GLU E 434 -55.83 10.44 15.05
CA GLU E 434 -56.20 9.55 16.15
C GLU E 434 -55.51 8.18 16.12
N LYS E 435 -54.90 7.83 14.99
CA LYS E 435 -54.20 6.55 14.86
C LYS E 435 -52.67 6.60 15.06
N VAL E 436 -52.11 7.80 15.18
CA VAL E 436 -50.66 7.97 15.29
C VAL E 436 -50.03 7.18 16.45
N SER E 437 -50.57 7.34 17.66
CA SER E 437 -49.97 6.68 18.81
C SER E 437 -49.86 5.18 18.62
N GLN E 438 -50.95 4.53 18.23
CA GLN E 438 -50.89 3.06 18.09
C GLN E 438 -50.03 2.65 16.88
N ALA E 439 -49.94 3.52 15.90
CA ALA E 439 -49.09 3.27 14.74
C ALA E 439 -47.62 3.24 15.16
N ALA E 440 -47.22 4.23 15.95
CA ALA E 440 -45.86 4.27 16.52
C ALA E 440 -45.59 3.07 17.41
N VAL E 441 -46.52 2.72 18.27
CA VAL E 441 -46.32 1.55 19.12
C VAL E 441 -46.21 0.27 18.28
N ASP E 442 -46.91 0.23 17.14
CA ASP E 442 -46.84 -0.94 16.27
C ASP E 442 -45.43 -1.19 15.75
N GLU E 443 -44.76 -0.12 15.35
CA GLU E 443 -43.37 -0.19 14.89
C GLU E 443 -42.44 -0.89 15.90
N LEU E 444 -42.67 -0.67 17.19
CA LEU E 444 -41.86 -1.36 18.20
C LEU E 444 -42.33 -2.79 18.44
N LEU E 445 -43.63 -3.03 18.33
CA LEU E 445 -44.15 -4.39 18.43
C LEU E 445 -43.64 -5.28 17.29
N LYS E 446 -43.62 -4.73 16.06
CA LYS E 446 -43.03 -5.44 14.91
C LYS E 446 -41.63 -5.93 15.22
N ARG E 447 -40.82 -5.07 15.82
CA ARG E 447 -39.41 -5.36 16.04
C ARG E 447 -39.16 -6.14 17.32
N GLY E 448 -40.20 -6.42 18.10
CA GLY E 448 -40.04 -7.21 19.30
C GLY E 448 -39.37 -6.48 20.45
N VAL E 449 -39.33 -5.14 20.38
CA VAL E 449 -38.73 -4.31 21.44
C VAL E 449 -39.64 -4.22 22.66
N VAL E 450 -40.95 -4.19 22.43
CA VAL E 450 -41.90 -4.07 23.52
C VAL E 450 -43.04 -5.04 23.30
N THR E 451 -43.70 -5.46 24.38
CA THR E 451 -44.82 -6.38 24.30
C THR E 451 -46.00 -5.83 25.09
N LYS E 452 -47.14 -6.52 25.00
CA LYS E 452 -48.32 -6.11 25.74
C LYS E 452 -48.00 -6.13 27.22
N GLY E 453 -48.35 -5.05 27.93
CA GLY E 453 -48.04 -4.92 29.36
C GLY E 453 -46.93 -3.95 29.67
N ASP E 454 -46.00 -3.78 28.75
CA ASP E 454 -44.97 -2.76 28.87
C ASP E 454 -45.56 -1.36 28.73
N TRP E 455 -44.86 -0.39 29.28
CA TRP E 455 -45.20 1.03 29.13
C TRP E 455 -44.19 1.71 28.24
N VAL E 456 -44.57 2.88 27.73
CA VAL E 456 -43.76 3.60 26.77
C VAL E 456 -43.99 5.08 26.94
N ILE E 457 -43.00 5.90 26.59
CA ILE E 457 -43.16 7.34 26.60
C ILE E 457 -43.25 7.80 25.15
N LEU E 458 -44.19 8.68 24.86
CA LEU E 458 -44.27 9.29 23.55
C LEU E 458 -44.14 10.79 23.73
N THR E 459 -43.31 11.42 22.89
CA THR E 459 -43.19 12.87 22.90
C THR E 459 -43.49 13.40 21.52
N LYS E 460 -44.08 14.58 21.47
CA LYS E 460 -44.44 15.23 20.24
C LYS E 460 -44.78 16.67 20.50
N GLY E 461 -45.15 17.38 19.44
CA GLY E 461 -45.68 18.74 19.50
C GLY E 461 -47.10 18.75 18.98
N ASP E 462 -47.60 19.95 18.69
CA ASP E 462 -49.02 20.10 18.30
C ASP E 462 -49.25 19.75 16.84
N SER E 463 -48.48 20.35 15.94
CA SER E 463 -48.55 20.02 14.52
C SER E 463 -47.55 18.92 14.19
N TYR E 464 -47.63 18.40 12.98
CA TYR E 464 -46.67 17.42 12.48
C TYR E 464 -45.86 17.97 11.29
N THR E 465 -45.75 19.29 11.19
CA THR E 465 -45.12 19.96 10.05
C THR E 465 -43.94 20.85 10.47
N ALA E 466 -44.11 21.65 11.53
CA ALA E 466 -43.06 22.55 12.01
C ALA E 466 -42.02 21.79 12.85
N GLN E 467 -40.84 22.40 12.97
CA GLN E 467 -39.77 21.89 13.84
C GLN E 467 -39.67 22.79 15.08
N GLY E 468 -39.02 22.29 16.12
CA GLY E 468 -38.76 23.05 17.34
C GLY E 468 -39.94 23.26 18.28
N GLY E 469 -41.05 22.54 18.10
CA GLY E 469 -42.22 22.67 18.95
C GLY E 469 -42.58 21.43 19.74
N THR E 470 -41.63 20.58 20.13
CA THR E 470 -41.97 19.47 21.04
C THR E 470 -42.47 20.08 22.35
N ASN E 471 -43.67 19.68 22.78
CA ASN E 471 -44.24 20.21 24.00
C ASN E 471 -45.13 19.24 24.78
N THR E 472 -45.08 17.94 24.48
CA THR E 472 -46.01 17.01 25.08
C THR E 472 -45.29 15.73 25.42
N MET E 473 -45.64 15.13 26.56
CA MET E 473 -45.08 13.86 26.98
C MET E 473 -46.26 13.03 27.41
N LYS E 474 -46.39 11.83 26.86
CA LYS E 474 -47.45 10.90 27.25
C LYS E 474 -46.81 9.62 27.71
N VAL E 475 -47.46 8.98 28.67
CA VAL E 475 -47.03 7.68 29.14
C VAL E 475 -48.15 6.70 28.82
N LEU E 476 -47.85 5.73 27.96
CA LEU E 476 -48.87 4.85 27.36
C LEU E 476 -48.62 3.42 27.71
N HIS E 477 -49.70 2.68 27.92
CA HIS E 477 -49.64 1.26 28.29
C HIS E 477 -49.89 0.44 27.03
N VAL E 478 -48.92 -0.37 26.65
CA VAL E 478 -49.01 -1.16 25.42
C VAL E 478 -50.03 -2.27 25.63
N GLY E 479 -51.11 -2.20 24.85
CA GLY E 479 -52.29 -3.03 25.08
C GLY E 479 -53.57 -2.23 25.23
N ASP E 480 -53.49 -1.04 25.78
CA ASP E 480 -54.67 -0.18 25.92
C ASP E 480 -55.04 0.44 24.58
N LEU E 481 -56.24 1.03 24.55
CA LEU E 481 -56.71 1.78 23.42
C LEU E 481 -56.05 3.15 23.45
N LEU E 482 -55.19 3.41 22.47
CA LEU E 482 -54.42 4.65 22.46
C LEU E 482 -55.10 5.64 21.54
N VAL E 483 -55.34 6.84 22.03
CA VAL E 483 -55.89 7.92 21.20
C VAL E 483 -54.68 8.48 20.48
N MET F 1 -16.91 -13.24 -59.15
CA MET F 1 -17.16 -13.96 -60.45
C MET F 1 -17.11 -13.04 -61.67
N SER F 2 -17.63 -11.82 -61.52
CA SER F 2 -17.65 -10.85 -62.62
C SER F 2 -16.37 -10.03 -62.70
N VAL F 3 -16.15 -9.46 -63.86
CA VAL F 3 -14.92 -8.74 -64.09
C VAL F 3 -14.86 -7.54 -63.14
N ARG F 4 -13.73 -7.37 -62.48
CA ARG F 4 -13.51 -6.25 -61.59
C ARG F 4 -13.70 -4.93 -62.31
N ARG F 5 -14.36 -4.00 -61.65
CA ARG F 5 -14.61 -2.68 -62.18
C ARG F 5 -13.72 -1.60 -61.60
N THR F 6 -13.39 -1.69 -60.33
CA THR F 6 -12.55 -0.68 -59.68
C THR F 6 -11.11 -0.87 -60.15
N LYS F 7 -10.44 0.24 -60.43
CA LYS F 7 -9.13 0.18 -61.05
C LYS F 7 -8.02 0.28 -60.02
N ILE F 8 -6.87 -0.30 -60.34
CA ILE F 8 -5.74 -0.39 -59.42
C ILE F 8 -4.54 0.39 -59.94
N VAL F 9 -4.09 1.35 -59.14
CA VAL F 9 -2.88 2.09 -59.42
C VAL F 9 -1.74 1.52 -58.59
N ALA F 10 -0.65 1.13 -59.24
CA ALA F 10 0.51 0.53 -58.56
C ALA F 10 1.71 1.42 -58.77
N THR F 11 2.32 1.88 -57.68
CA THR F 11 3.54 2.66 -57.76
C THR F 11 4.71 1.73 -58.01
N LEU F 12 5.60 2.14 -58.93
CA LEU F 12 6.81 1.36 -59.23
C LEU F 12 8.00 1.82 -58.42
N GLY F 13 8.92 0.90 -58.20
CA GLY F 13 10.14 1.18 -57.46
C GLY F 13 11.10 -0.01 -57.46
N PRO F 14 12.09 0.00 -56.57
CA PRO F 14 13.08 -1.09 -56.49
C PRO F 14 12.50 -2.50 -56.49
N ALA F 15 11.39 -2.72 -55.82
CA ALA F 15 10.77 -4.04 -55.76
C ALA F 15 10.01 -4.41 -57.02
N SER F 16 9.80 -3.44 -57.91
CA SER F 16 8.99 -3.67 -59.12
C SER F 16 9.69 -3.03 -60.31
N ASN F 17 10.97 -3.33 -60.43
CA ASN F 17 11.82 -2.71 -61.45
C ASN F 17 12.22 -3.68 -62.54
N SER F 18 12.23 -4.98 -62.24
CA SER F 18 12.66 -5.98 -63.19
C SER F 18 11.53 -6.34 -64.16
N PRO F 19 11.89 -6.84 -65.34
CA PRO F 19 10.86 -7.35 -66.25
C PRO F 19 10.06 -8.52 -65.70
N GLU F 20 10.64 -9.36 -64.86
CA GLU F 20 9.90 -10.51 -64.32
C GLU F 20 8.76 -10.05 -63.41
N VAL F 21 9.01 -9.04 -62.58
CA VAL F 21 8.01 -8.58 -61.64
C VAL F 21 6.96 -7.75 -62.35
N LEU F 22 7.39 -6.86 -63.23
CA LEU F 22 6.44 -6.06 -64.01
C LEU F 22 5.50 -6.95 -64.81
N GLU F 23 6.04 -7.99 -65.45
CA GLU F 23 5.16 -8.92 -66.13
C GLU F 23 4.11 -9.50 -65.18
N GLN F 24 4.54 -9.89 -63.99
CA GLN F 24 3.62 -10.46 -63.00
C GLN F 24 2.58 -9.46 -62.50
N LEU F 25 2.96 -8.19 -62.37
CA LEU F 25 2.03 -7.13 -61.99
C LEU F 25 0.98 -6.89 -63.07
N ILE F 26 1.42 -6.88 -64.33
CA ILE F 26 0.51 -6.77 -65.47
C ILE F 26 -0.50 -7.92 -65.45
N LEU F 27 -0.01 -9.13 -65.24
CA LEU F 27 -0.90 -10.28 -65.20
C LEU F 27 -1.79 -10.30 -63.98
N ALA F 28 -1.34 -9.71 -62.88
CA ALA F 28 -2.16 -9.65 -61.68
C ALA F 28 -3.29 -8.64 -61.79
N GLY F 29 -3.18 -7.72 -62.76
CA GLY F 29 -4.26 -6.84 -63.13
C GLY F 29 -4.04 -5.36 -62.93
N ILE F 30 -2.81 -4.86 -62.81
CA ILE F 30 -2.70 -3.42 -62.60
C ILE F 30 -3.28 -2.67 -63.80
N ASP F 31 -3.94 -1.56 -63.52
CA ASP F 31 -4.51 -0.74 -64.58
C ASP F 31 -3.71 0.55 -64.80
N VAL F 32 -2.93 0.99 -63.82
CA VAL F 32 -2.14 2.21 -63.94
C VAL F 32 -0.82 2.02 -63.17
N ALA F 33 0.29 2.39 -63.79
CA ALA F 33 1.58 2.39 -63.14
C ALA F 33 1.95 3.84 -62.80
N ARG F 34 2.28 4.08 -61.54
CA ARG F 34 2.63 5.42 -61.08
C ARG F 34 4.13 5.53 -60.96
N LEU F 35 4.67 6.60 -61.54
CA LEU F 35 6.10 6.86 -61.51
C LEU F 35 6.27 8.06 -60.62
N ASN F 36 6.83 7.86 -59.43
CA ASN F 36 6.98 8.96 -58.48
C ASN F 36 8.26 9.70 -58.75
N PHE F 37 8.18 10.92 -59.25
CA PHE F 37 9.38 11.68 -59.59
C PHE F 37 10.18 12.14 -58.41
N SER F 38 9.62 12.07 -57.19
CA SER F 38 10.43 12.38 -55.99
C SER F 38 11.71 11.53 -55.87
N HIS F 39 11.65 10.31 -56.39
CA HIS F 39 12.80 9.41 -56.34
C HIS F 39 13.09 8.83 -57.71
N GLY F 40 14.29 8.31 -57.87
CA GLY F 40 14.73 7.72 -59.13
C GLY F 40 15.28 8.74 -60.11
N THR F 41 16.00 8.22 -61.09
CA THR F 41 16.60 9.04 -62.14
C THR F 41 15.68 9.03 -63.37
N PRO F 42 15.75 10.08 -64.18
CA PRO F 42 14.98 10.08 -65.43
C PRO F 42 15.08 8.79 -66.26
N ASP F 43 16.26 8.19 -66.33
CA ASP F 43 16.43 6.98 -67.12
C ASP F 43 15.80 5.75 -66.47
N GLU F 44 15.79 5.72 -65.15
CA GLU F 44 15.07 4.66 -64.43
C GLU F 44 13.59 4.69 -64.74
N HIS F 45 13.02 5.88 -64.81
CA HIS F 45 11.61 6.02 -65.14
C HIS F 45 11.37 5.62 -66.61
N ARG F 46 12.19 6.13 -67.51
CA ARG F 46 12.05 5.76 -68.93
C ARG F 46 12.10 4.26 -69.14
N ALA F 47 13.00 3.58 -68.46
CA ALA F 47 13.16 2.15 -68.63
C ALA F 47 11.91 1.41 -68.16
N ARG F 48 11.41 1.80 -66.99
CA ARG F 48 10.18 1.22 -66.46
C ARG F 48 8.97 1.52 -67.37
N ALA F 49 8.87 2.77 -67.82
CA ALA F 49 7.76 3.16 -68.71
C ALA F 49 7.72 2.31 -69.96
N ARG F 50 8.89 2.10 -70.59
CA ARG F 50 8.98 1.31 -71.80
C ARG F 50 8.57 -0.13 -71.50
N LEU F 51 9.00 -0.64 -70.35
CA LEU F 51 8.79 -2.03 -70.02
C LEU F 51 7.32 -2.33 -69.73
N VAL F 52 6.63 -1.41 -69.05
CA VAL F 52 5.23 -1.63 -68.72
C VAL F 52 4.41 -1.61 -70.01
N ARG F 53 4.69 -0.66 -70.88
CA ARG F 53 3.94 -0.56 -72.14
C ARG F 53 4.14 -1.77 -73.03
N GLU F 54 5.39 -2.28 -73.06
CA GLU F 54 5.71 -3.48 -73.83
C GLU F 54 4.98 -4.69 -73.29
N LEU F 55 5.08 -4.88 -71.98
CA LEU F 55 4.49 -6.04 -71.34
C LEU F 55 2.97 -5.99 -71.33
N ALA F 56 2.40 -4.80 -71.21
CA ALA F 56 0.95 -4.66 -71.33
C ALA F 56 0.48 -5.12 -72.71
N ALA F 57 1.11 -4.55 -73.75
CA ALA F 57 0.79 -4.94 -75.14
C ALA F 57 0.97 -6.45 -75.35
N LYS F 58 2.03 -7.01 -74.78
CA LYS F 58 2.26 -8.44 -74.90
C LYS F 58 1.06 -9.27 -74.41
N HIS F 59 0.35 -8.78 -73.40
CA HIS F 59 -0.79 -9.51 -72.84
C HIS F 59 -2.14 -8.86 -73.10
N GLY F 60 -2.22 -7.98 -74.10
CA GLY F 60 -3.52 -7.43 -74.52
C GLY F 60 -4.20 -6.62 -73.43
N ARG F 61 -3.41 -5.84 -72.70
CA ARG F 61 -3.88 -5.04 -71.61
C ARG F 61 -3.53 -3.59 -71.89
N PHE F 62 -4.30 -2.71 -71.28
CA PHE F 62 -4.14 -1.29 -71.48
C PHE F 62 -3.88 -0.66 -70.15
N VAL F 63 -2.61 -0.35 -69.90
CA VAL F 63 -2.15 0.22 -68.66
C VAL F 63 -1.71 1.65 -68.89
N ALA F 64 -2.32 2.58 -68.16
CA ALA F 64 -1.91 3.97 -68.22
C ALA F 64 -0.64 4.18 -67.41
N LEU F 65 0.04 5.28 -67.71
CA LEU F 65 1.20 5.71 -66.98
C LEU F 65 0.90 7.06 -66.36
N LEU F 66 1.11 7.13 -65.05
CA LEU F 66 0.87 8.33 -64.30
C LEU F 66 2.20 8.79 -63.75
N GLY F 67 2.51 10.07 -63.94
CA GLY F 67 3.74 10.68 -63.45
C GLY F 67 3.40 11.63 -62.34
N ASP F 68 4.03 11.42 -61.19
CA ASP F 68 3.70 12.15 -59.98
C ASP F 68 4.78 13.19 -59.69
N LEU F 69 4.44 14.44 -59.83
CA LEU F 69 5.36 15.55 -59.53
C LEU F 69 5.63 15.66 -58.04
N GLN F 70 6.85 16.00 -57.70
CA GLN F 70 7.21 16.33 -56.33
C GLN F 70 6.45 17.45 -55.73
N GLY F 71 6.28 18.51 -56.47
CA GLY F 71 5.46 19.64 -55.95
C GLY F 71 6.29 20.53 -55.05
N PRO F 72 5.64 21.51 -54.42
CA PRO F 72 6.23 22.32 -53.37
C PRO F 72 6.21 21.70 -51.99
N LYS F 73 5.94 20.40 -51.85
CA LYS F 73 6.24 19.68 -50.67
C LYS F 73 7.74 19.70 -50.34
N ILE F 74 8.04 19.96 -49.07
CA ILE F 74 9.38 20.18 -48.61
C ILE F 74 9.97 18.84 -48.17
N ARG F 75 11.14 18.52 -48.73
CA ARG F 75 11.80 17.26 -48.47
C ARG F 75 13.19 17.49 -47.95
N ILE F 76 13.70 16.50 -47.22
CA ILE F 76 15.10 16.49 -46.83
C ILE F 76 15.98 16.04 -48.01
N ALA F 77 17.27 16.20 -47.84
CA ALA F 77 18.27 15.83 -48.83
C ALA F 77 18.65 14.33 -48.76
N LYS F 78 19.75 13.94 -49.38
CA LYS F 78 20.18 12.54 -49.39
C LYS F 78 21.11 12.23 -48.19
N PHE F 79 21.18 10.94 -47.88
CA PHE F 79 22.10 10.38 -46.92
C PHE F 79 23.25 9.67 -47.62
N ALA F 80 24.42 9.65 -47.00
CA ALA F 80 25.58 8.99 -47.60
C ALA F 80 25.21 7.53 -47.78
N ASN F 81 24.56 6.98 -46.79
CA ASN F 81 24.02 5.65 -46.91
C ASN F 81 22.56 5.99 -47.06
N LYS F 82 21.85 5.35 -47.96
CA LYS F 82 20.48 5.77 -48.28
C LYS F 82 19.47 5.89 -47.15
N ARG F 83 19.74 5.23 -46.07
CA ARG F 83 18.82 5.28 -44.99
C ARG F 83 19.51 5.10 -43.66
N ILE F 84 18.87 5.63 -42.67
CA ILE F 84 19.28 5.51 -41.28
C ILE F 84 18.09 5.11 -40.43
N GLU F 85 18.37 4.73 -39.19
CA GLU F 85 17.32 4.35 -38.24
C GLU F 85 17.50 5.16 -36.98
N LEU F 86 16.40 5.74 -36.49
CA LEU F 86 16.44 6.64 -35.35
C LEU F 86 15.55 6.09 -34.24
N GLN F 87 16.04 6.25 -33.00
CA GLN F 87 15.35 5.80 -31.81
C GLN F 87 14.87 6.97 -30.98
N VAL F 88 13.85 6.71 -30.19
CA VAL F 88 13.30 7.74 -29.31
C VAL F 88 14.42 8.27 -28.41
N GLY F 89 14.49 9.59 -28.29
CA GLY F 89 15.51 10.24 -27.47
C GLY F 89 16.77 10.64 -28.22
N ASP F 90 16.98 10.09 -29.40
CA ASP F 90 18.14 10.47 -30.23
C ASP F 90 18.10 11.94 -30.60
N LYS F 91 19.28 12.48 -30.88
CA LYS F 91 19.42 13.87 -31.34
C LYS F 91 19.65 13.86 -32.83
N PHE F 92 19.08 14.85 -33.51
CA PHE F 92 19.18 14.91 -34.96
C PHE F 92 19.03 16.35 -35.42
N ARG F 93 19.68 16.67 -36.54
CA ARG F 93 19.77 18.04 -37.02
C ARG F 93 19.38 18.14 -38.49
N PHE F 94 18.67 19.23 -38.79
CA PHE F 94 18.36 19.61 -40.16
C PHE F 94 19.12 20.88 -40.48
N SER F 95 19.98 20.84 -41.49
CA SER F 95 20.88 21.97 -41.78
C SER F 95 20.77 22.43 -43.22
N THR F 96 20.62 23.74 -43.38
CA THR F 96 20.62 24.36 -44.70
C THR F 96 22.01 24.36 -45.31
N SER F 97 23.07 24.27 -44.49
CA SER F 97 24.41 24.29 -45.02
C SER F 97 25.05 22.92 -45.25
N HIS F 98 24.57 21.91 -44.58
CA HIS F 98 25.21 20.57 -44.70
C HIS F 98 25.07 20.00 -46.14
N ALA F 99 26.09 19.26 -46.56
CA ALA F 99 26.14 18.70 -47.89
C ALA F 99 24.95 17.81 -48.21
N ARG F 100 24.38 18.01 -49.38
CA ARG F 100 23.10 17.40 -49.74
C ARG F 100 23.25 15.91 -50.03
N ASP F 101 24.43 15.43 -50.29
CA ASP F 101 24.65 13.99 -50.52
C ASP F 101 25.26 13.28 -49.33
N ALA F 102 25.68 13.98 -48.28
CA ALA F 102 26.44 13.40 -47.17
C ALA F 102 25.68 13.37 -45.85
N GLY F 103 24.42 12.99 -45.92
CA GLY F 103 23.62 12.87 -44.69
C GLY F 103 24.18 11.77 -43.82
N THR F 104 24.13 11.97 -42.52
CA THR F 104 24.69 11.00 -41.57
C THR F 104 23.62 10.61 -40.56
N GLN F 105 24.03 9.83 -39.58
CA GLN F 105 23.18 9.45 -38.48
C GLN F 105 22.78 10.64 -37.57
N GLU F 106 23.50 11.76 -37.69
CA GLU F 106 23.28 12.91 -36.83
C GLU F 106 22.72 14.15 -37.51
N VAL F 107 22.85 14.24 -38.84
CA VAL F 107 22.41 15.42 -39.54
C VAL F 107 22.09 15.09 -40.99
N VAL F 108 21.13 15.80 -41.54
CA VAL F 108 20.85 15.78 -42.98
C VAL F 108 20.64 17.21 -43.45
N GLY F 109 20.96 17.42 -44.72
CA GLY F 109 20.75 18.72 -45.33
C GLY F 109 19.31 18.90 -45.80
N ILE F 110 19.00 20.11 -46.25
CA ILE F 110 17.66 20.47 -46.64
C ILE F 110 17.70 21.71 -47.51
N ASP F 111 16.93 21.69 -48.60
CA ASP F 111 16.77 22.79 -49.50
C ASP F 111 15.55 23.62 -49.08
N TYR F 112 15.64 24.22 -47.93
CA TYR F 112 14.55 25.07 -47.41
C TYR F 112 15.14 26.31 -46.75
N PRO F 113 15.22 27.42 -47.52
CA PRO F 113 15.89 28.61 -46.97
C PRO F 113 15.24 29.20 -45.72
N ASP F 114 13.91 29.28 -45.71
CA ASP F 114 13.18 29.81 -44.56
C ASP F 114 13.17 28.90 -43.31
N LEU F 115 13.93 27.80 -43.28
CA LEU F 115 13.84 26.81 -42.23
C LEU F 115 13.90 27.41 -40.84
N VAL F 116 14.91 28.24 -40.62
CA VAL F 116 15.12 28.80 -39.28
C VAL F 116 14.09 29.88 -38.96
N LYS F 117 13.60 30.54 -39.98
CA LYS F 117 12.59 31.58 -39.79
C LYS F 117 11.24 30.99 -39.40
N ASP F 118 10.86 29.90 -40.06
CA ASP F 118 9.56 29.30 -39.86
C ASP F 118 9.43 28.44 -38.61
N CYS F 119 10.50 27.81 -38.21
CA CYS F 119 10.42 26.88 -37.05
C CYS F 119 11.07 27.50 -35.83
N GLY F 120 10.63 27.02 -34.67
CA GLY F 120 11.03 27.56 -33.37
C GLY F 120 11.07 26.47 -32.31
N VAL F 121 11.72 26.78 -31.20
CA VAL F 121 11.87 25.83 -30.10
C VAL F 121 10.49 25.37 -29.65
N GLY F 122 10.31 24.06 -29.52
CA GLY F 122 9.02 23.49 -29.14
C GLY F 122 8.21 22.92 -30.29
N ASP F 123 8.43 23.43 -31.50
CA ASP F 123 7.71 22.92 -32.67
C ASP F 123 7.97 21.44 -32.87
N GLU F 124 6.92 20.71 -33.30
CA GLU F 124 7.05 19.32 -33.66
C GLU F 124 7.13 19.22 -35.18
N LEU F 125 8.10 18.43 -35.66
CA LEU F 125 8.28 18.19 -37.08
C LEU F 125 7.89 16.76 -37.37
N LEU F 126 7.20 16.55 -38.49
CA LEU F 126 6.72 15.25 -38.88
C LEU F 126 7.34 14.88 -40.22
N LEU F 127 7.96 13.70 -40.27
CA LEU F 127 8.63 13.22 -41.46
C LEU F 127 7.95 11.94 -41.94
N ASP F 128 8.00 11.74 -43.26
CA ASP F 128 7.45 10.53 -43.88
C ASP F 128 5.96 10.33 -43.51
N ASP F 129 5.17 11.34 -43.80
CA ASP F 129 3.72 11.34 -43.56
C ASP F 129 3.35 11.08 -42.09
N GLY F 130 4.20 11.56 -41.18
CA GLY F 130 3.96 11.41 -39.76
C GLY F 130 4.61 10.21 -39.08
N ARG F 131 5.29 9.36 -39.85
CA ARG F 131 5.89 8.14 -39.27
C ARG F 131 6.94 8.45 -38.20
N VAL F 132 7.77 9.44 -38.48
CA VAL F 132 8.81 9.90 -37.55
C VAL F 132 8.41 11.29 -37.06
N VAL F 133 8.61 11.53 -35.77
CA VAL F 133 8.25 12.80 -35.17
C VAL F 133 9.41 13.31 -34.33
N MET F 134 9.70 14.60 -34.46
CA MET F 134 10.76 15.23 -33.70
C MET F 134 10.27 16.54 -33.11
N VAL F 135 10.94 16.96 -32.03
CA VAL F 135 10.69 18.27 -31.45
C VAL F 135 11.97 19.11 -31.53
N VAL F 136 11.81 20.39 -31.85
CA VAL F 136 12.92 21.30 -32.00
C VAL F 136 13.39 21.74 -30.60
N GLU F 137 14.65 21.44 -30.28
CA GLU F 137 15.23 21.79 -28.98
C GLU F 137 16.01 23.12 -29.04
N GLU F 138 16.69 23.38 -30.17
CA GLU F 138 17.46 24.59 -30.35
C GLU F 138 17.38 25.04 -31.79
N VAL F 139 17.43 26.36 -32.00
CA VAL F 139 17.52 26.92 -33.34
C VAL F 139 18.80 27.73 -33.43
N ALA F 140 19.55 27.52 -34.51
CA ALA F 140 20.76 28.27 -34.82
C ALA F 140 20.59 28.89 -36.20
N ALA F 141 21.57 29.67 -36.66
CA ALA F 141 21.37 30.41 -37.90
C ALA F 141 21.13 29.54 -39.14
N ASP F 142 21.71 28.34 -39.14
CA ASP F 142 21.59 27.47 -40.32
C ASP F 142 20.99 26.09 -40.03
N GLU F 143 20.52 25.81 -38.83
CA GLU F 143 20.01 24.48 -38.53
C GLU F 143 19.02 24.43 -37.39
N LEU F 144 18.29 23.32 -37.36
CA LEU F 144 17.40 23.00 -36.25
C LEU F 144 17.93 21.76 -35.55
N ARG F 145 18.06 21.85 -34.23
CA ARG F 145 18.56 20.74 -33.43
C ARG F 145 17.43 20.12 -32.68
N CYS F 146 17.21 18.82 -32.93
CA CYS F 146 15.96 18.17 -32.52
C CYS F 146 16.20 16.93 -31.69
N ARG F 147 15.16 16.53 -30.97
CA ARG F 147 15.07 15.28 -30.25
C ARG F 147 13.97 14.42 -30.90
N VAL F 148 14.24 13.14 -31.08
CA VAL F 148 13.25 12.24 -31.68
C VAL F 148 12.19 11.86 -30.62
N LEU F 149 10.94 12.10 -30.97
CA LEU F 149 9.80 11.70 -30.12
C LEU F 149 9.27 10.32 -30.52
N ILE F 150 9.19 10.07 -31.82
CA ILE F 150 8.76 8.79 -32.35
C ILE F 150 9.77 8.36 -33.41
N GLY F 151 10.37 7.21 -33.17
CA GLY F 151 11.44 6.72 -34.03
C GLY F 151 10.95 6.04 -35.27
N GLY F 152 11.91 5.61 -36.07
CA GLY F 152 11.64 4.90 -37.31
C GLY F 152 12.77 5.15 -38.29
N PRO F 153 12.59 4.71 -39.53
CA PRO F 153 13.63 4.94 -40.53
C PRO F 153 13.52 6.31 -41.20
N LEU F 154 14.62 6.78 -41.74
CA LEU F 154 14.65 7.99 -42.53
C LEU F 154 15.51 7.73 -43.75
N SER F 155 15.08 8.18 -44.91
CA SER F 155 15.77 7.92 -46.14
C SER F 155 15.75 9.14 -47.06
N ASP F 156 16.45 9.06 -48.18
CA ASP F 156 16.62 10.20 -49.09
C ASP F 156 15.27 10.78 -49.48
N HIS F 157 15.22 12.11 -49.49
CA HIS F 157 14.06 12.86 -49.99
C HIS F 157 12.74 12.60 -49.28
N LYS F 158 12.76 12.15 -48.05
CA LYS F 158 11.51 12.03 -47.29
C LYS F 158 10.91 13.40 -46.98
N GLY F 159 9.59 13.44 -46.94
CA GLY F 159 8.89 14.71 -46.71
C GLY F 159 8.96 15.13 -45.27
N ILE F 160 8.92 16.42 -45.05
CA ILE F 160 8.91 17.00 -43.72
C ILE F 160 7.86 18.11 -43.67
N ASN F 161 7.17 18.19 -42.55
CA ASN F 161 6.12 19.18 -42.35
C ASN F 161 6.06 19.56 -40.91
N ARG F 162 5.30 20.60 -40.61
CA ARG F 162 5.33 21.18 -39.24
C ARG F 162 3.97 20.88 -38.67
N ARG F 163 3.87 20.62 -37.35
CA ARG F 163 2.61 20.34 -36.74
C ARG F 163 1.56 21.41 -37.09
N GLY F 164 0.48 20.96 -37.70
CA GLY F 164 -0.55 21.89 -38.15
C GLY F 164 -0.49 22.06 -39.70
N GLY F 165 0.68 21.92 -40.31
CA GLY F 165 0.94 22.44 -41.58
C GLY F 165 1.55 23.84 -41.51
N GLY F 166 1.74 24.38 -42.70
CA GLY F 166 2.37 25.71 -42.90
C GLY F 166 3.85 25.63 -43.06
N LEU F 167 4.28 24.62 -43.86
CA LEU F 167 5.71 24.63 -44.38
C LEU F 167 5.61 24.26 -45.87
N THR F 168 6.14 25.09 -46.78
CA THR F 168 5.89 24.95 -48.14
C THR F 168 6.60 26.02 -48.96
N ALA F 169 6.85 25.63 -50.19
CA ALA F 169 7.40 26.49 -51.23
C ALA F 169 6.20 27.29 -51.84
N PRO F 170 6.54 28.32 -52.60
CA PRO F 170 5.44 29.11 -53.19
C PRO F 170 4.68 28.78 -54.48
N ALA F 171 5.23 28.37 -55.64
CA ALA F 171 4.43 27.81 -56.67
C ALA F 171 5.04 26.48 -56.93
N LEU F 172 4.80 25.78 -58.06
CA LEU F 172 5.64 24.82 -58.72
C LEU F 172 7.13 25.16 -58.87
N THR F 173 7.94 24.15 -58.64
CA THR F 173 9.37 24.33 -58.50
C THR F 173 10.06 24.14 -59.84
N ASP F 174 11.37 24.39 -59.86
CA ASP F 174 12.15 24.15 -61.08
C ASP F 174 12.24 22.69 -61.41
N LYS F 175 12.39 21.84 -60.38
CA LYS F 175 12.31 20.41 -60.61
C LYS F 175 11.01 20.02 -61.32
N ASP F 176 9.90 20.58 -60.87
CA ASP F 176 8.61 20.24 -61.46
C ASP F 176 8.51 20.61 -62.92
N LYS F 177 9.02 21.81 -63.24
CA LYS F 177 9.04 22.25 -64.64
C LYS F 177 9.83 21.30 -65.50
N ALA F 178 10.96 20.81 -64.99
CA ALA F 178 11.75 19.82 -65.70
C ALA F 178 11.02 18.50 -65.84
N ASP F 179 10.34 18.08 -64.76
CA ASP F 179 9.61 16.82 -64.79
C ASP F 179 8.38 16.90 -65.70
N ILE F 180 7.77 18.08 -65.82
CA ILE F 180 6.65 18.24 -66.75
C ILE F 180 7.14 17.95 -68.17
N LYS F 181 8.30 18.49 -68.52
CA LYS F 181 8.91 18.24 -69.84
C LYS F 181 9.23 16.77 -70.00
N LEU F 182 9.76 16.15 -68.95
CA LEU F 182 10.05 14.73 -69.01
C LEU F 182 8.76 13.93 -69.23
N ALA F 183 7.67 14.32 -68.58
CA ALA F 183 6.41 13.62 -68.72
C ALA F 183 5.89 13.73 -70.15
N ALA F 184 5.91 14.94 -70.69
CA ALA F 184 5.52 15.16 -72.08
C ALA F 184 6.38 14.31 -73.04
N ASP F 185 7.68 14.27 -72.78
CA ASP F 185 8.62 13.53 -73.62
C ASP F 185 8.33 12.03 -73.58
N MET F 186 7.88 11.52 -72.44
CA MET F 186 7.57 10.10 -72.30
C MET F 186 6.15 9.74 -72.76
N ASP F 187 5.36 10.74 -73.18
CA ASP F 187 3.95 10.55 -73.57
C ASP F 187 3.12 9.94 -72.44
N LEU F 188 3.28 10.48 -71.24
CA LEU F 188 2.55 9.98 -70.10
C LEU F 188 1.07 10.30 -70.24
N ASP F 189 0.24 9.37 -69.79
CA ASP F 189 -1.21 9.49 -69.88
C ASP F 189 -1.79 10.41 -68.80
N TYR F 190 -1.19 10.38 -67.60
CA TYR F 190 -1.63 11.22 -66.50
C TYR F 190 -0.44 11.86 -65.83
N VAL F 191 -0.62 13.08 -65.36
CA VAL F 191 0.36 13.78 -64.56
C VAL F 191 -0.34 14.29 -63.31
N ALA F 192 0.26 14.02 -62.15
CA ALA F 192 -0.31 14.42 -60.87
C ALA F 192 0.44 15.57 -60.27
N VAL F 193 -0.28 16.60 -59.85
CA VAL F 193 0.29 17.76 -59.18
C VAL F 193 0.20 17.58 -57.67
N SER F 194 1.30 17.78 -56.96
CA SER F 194 1.33 17.67 -55.51
C SER F 194 1.15 19.04 -54.88
N PHE F 195 0.46 19.05 -53.72
CA PHE F 195 0.23 20.23 -52.93
C PHE F 195 -0.36 21.44 -53.64
N PRO F 196 -1.25 21.23 -54.61
CA PRO F 196 -1.94 22.43 -55.12
C PRO F 196 -2.91 22.96 -54.05
N ARG F 197 -3.13 24.27 -54.09
CA ARG F 197 -4.05 24.94 -53.18
C ARG F 197 -5.30 25.42 -53.87
N ASP F 198 -5.26 25.73 -55.15
CA ASP F 198 -6.38 26.32 -55.83
C ASP F 198 -6.24 26.06 -57.31
N ALA F 199 -7.30 26.42 -58.02
CA ALA F 199 -7.35 26.19 -59.46
C ALA F 199 -6.15 26.81 -60.17
N LYS F 200 -5.60 27.93 -59.66
CA LYS F 200 -4.47 28.57 -60.33
C LYS F 200 -3.28 27.64 -60.48
N ASP F 201 -2.96 26.90 -59.41
CA ASP F 201 -1.83 25.96 -59.46
C ASP F 201 -1.99 24.91 -60.53
N MET F 202 -3.22 24.46 -60.72
CA MET F 202 -3.50 23.46 -61.75
C MET F 202 -3.50 24.06 -63.14
N GLU F 203 -3.98 25.29 -63.29
CA GLU F 203 -3.97 25.96 -64.60
C GLU F 203 -2.53 26.23 -65.04
N TYR F 204 -1.68 26.64 -64.11
CA TYR F 204 -0.26 26.83 -64.40
C TYR F 204 0.37 25.53 -64.89
N ALA F 205 0.10 24.43 -64.19
CA ALA F 205 0.65 23.15 -64.58
C ALA F 205 0.15 22.73 -65.96
N ARG F 206 -1.11 23.03 -66.25
CA ARG F 206 -1.69 22.70 -67.55
C ARG F 206 -1.02 23.51 -68.68
N ARG F 207 -0.76 24.77 -68.41
CA ARG F 207 -0.05 25.64 -69.35
C ARG F 207 1.30 25.05 -69.70
N LEU F 208 2.09 24.76 -68.68
CA LEU F 208 3.44 24.19 -68.88
C LEU F 208 3.38 22.86 -69.63
N LEU F 209 2.37 22.06 -69.35
CA LEU F 209 2.28 20.77 -70.00
C LEU F 209 1.93 20.92 -71.48
N THR F 210 0.98 21.79 -71.79
CA THR F 210 0.63 22.03 -73.20
C THR F 210 1.82 22.67 -73.94
N GLU F 211 2.45 23.67 -73.33
CA GLU F 211 3.67 24.28 -73.88
C GLU F 211 4.74 23.24 -74.23
N ALA F 212 4.86 22.19 -73.44
CA ALA F 212 5.80 21.11 -73.74
C ALA F 212 5.23 20.06 -74.68
N GLY F 213 4.04 20.30 -75.25
CA GLY F 213 3.41 19.35 -76.15
C GLY F 213 2.84 18.10 -75.52
N GLY F 214 2.55 18.15 -74.21
CA GLY F 214 2.05 16.98 -73.49
C GLY F 214 0.51 16.86 -73.66
N LYS F 215 0.04 15.64 -73.89
CA LYS F 215 -1.36 15.35 -73.99
C LYS F 215 -1.99 14.77 -72.73
N ALA F 216 -1.21 14.66 -71.66
CA ALA F 216 -1.67 14.01 -70.44
C ALA F 216 -2.82 14.76 -69.79
N TRP F 217 -3.66 13.99 -69.09
CA TRP F 217 -4.68 14.54 -68.22
C TRP F 217 -4.08 14.80 -66.84
N LEU F 218 -4.59 15.82 -66.18
CA LEU F 218 -4.04 16.28 -64.92
C LEU F 218 -4.79 15.76 -63.70
N VAL F 219 -4.04 15.27 -62.71
CA VAL F 219 -4.58 14.81 -61.45
C VAL F 219 -4.23 15.77 -60.34
N ALA F 220 -5.23 16.33 -59.67
CA ALA F 220 -5.00 17.16 -58.50
C ALA F 220 -4.97 16.30 -57.24
N LYS F 221 -3.83 16.31 -56.55
CA LYS F 221 -3.71 15.61 -55.29
C LYS F 221 -4.23 16.49 -54.18
N ILE F 222 -5.26 16.04 -53.47
CA ILE F 222 -5.85 16.82 -52.39
C ILE F 222 -5.08 16.48 -51.11
N GLU F 223 -4.09 17.30 -50.80
CA GLU F 223 -3.20 17.12 -49.68
C GLU F 223 -3.05 18.32 -48.74
N ARG F 224 -3.66 19.44 -49.07
CA ARG F 224 -3.44 20.68 -48.30
C ARG F 224 -4.67 21.07 -47.59
N ALA F 225 -4.52 21.58 -46.38
CA ALA F 225 -5.68 22.05 -45.61
C ALA F 225 -6.49 23.09 -46.37
N GLU F 226 -5.80 23.94 -47.14
CA GLU F 226 -6.49 25.01 -47.87
C GLU F 226 -7.38 24.45 -48.98
N ALA F 227 -7.01 23.32 -49.53
CA ALA F 227 -7.78 22.67 -50.58
C ALA F 227 -9.16 22.14 -50.14
N VAL F 228 -9.32 21.90 -48.84
CA VAL F 228 -10.58 21.36 -48.30
C VAL F 228 -11.20 22.30 -47.27
N ALA F 229 -10.72 23.54 -47.21
CA ALA F 229 -11.22 24.53 -46.26
C ALA F 229 -12.71 24.76 -46.38
N ASP F 230 -13.24 24.69 -47.60
CA ASP F 230 -14.68 24.83 -47.83
C ASP F 230 -15.02 24.27 -49.18
N ASP F 231 -16.31 24.15 -49.47
CA ASP F 231 -16.75 23.57 -50.75
C ASP F 231 -16.24 24.33 -51.98
N ASP F 232 -16.18 25.66 -51.91
CA ASP F 232 -15.68 26.44 -53.06
C ASP F 232 -14.23 26.17 -53.35
N ALA F 233 -13.41 26.10 -52.31
CA ALA F 233 -11.99 25.76 -52.48
C ALA F 233 -11.85 24.41 -53.17
N LEU F 234 -12.52 23.39 -52.64
CA LEU F 234 -12.42 22.05 -53.18
C LEU F 234 -12.98 21.97 -54.59
N ASP F 235 -14.19 22.46 -54.79
CA ASP F 235 -14.84 22.38 -56.10
C ASP F 235 -14.07 23.16 -57.17
N GLY F 236 -13.45 24.26 -56.78
CA GLY F 236 -12.62 25.03 -57.70
C GLY F 236 -11.44 24.22 -58.18
N LEU F 237 -10.78 23.58 -57.25
CA LEU F 237 -9.63 22.73 -57.55
C LEU F 237 -10.04 21.53 -58.40
N ILE F 238 -11.18 20.93 -58.09
CA ILE F 238 -11.67 19.79 -58.85
C ILE F 238 -11.99 20.19 -60.29
N ARG F 239 -12.64 21.32 -60.46
CA ARG F 239 -13.10 21.73 -61.80
C ARG F 239 -11.95 22.06 -62.72
N ALA F 240 -10.82 22.47 -62.15
CA ALA F 240 -9.62 22.74 -62.91
C ALA F 240 -8.82 21.51 -63.26
N SER F 241 -9.29 20.32 -62.90
CA SER F 241 -8.53 19.11 -63.12
C SER F 241 -9.33 18.14 -63.95
N ASP F 242 -8.70 17.06 -64.34
CA ASP F 242 -9.37 15.96 -64.98
C ASP F 242 -9.63 14.84 -64.00
N ALA F 243 -8.82 14.77 -62.94
CA ALA F 243 -8.94 13.74 -61.93
C ALA F 243 -8.40 14.26 -60.62
N VAL F 244 -8.81 13.62 -59.54
CA VAL F 244 -8.29 13.98 -58.21
C VAL F 244 -7.87 12.75 -57.46
N MET F 245 -6.95 12.94 -56.52
CA MET F 245 -6.45 11.87 -55.67
C MET F 245 -6.67 12.25 -54.21
N VAL F 246 -7.26 11.35 -53.45
CA VAL F 246 -7.38 11.51 -52.01
C VAL F 246 -6.06 11.05 -51.41
N ALA F 247 -5.19 12.00 -51.16
CA ALA F 247 -3.83 11.72 -50.74
C ALA F 247 -3.76 11.72 -49.23
N ARG F 248 -4.08 10.57 -48.64
CA ARG F 248 -4.41 10.56 -47.23
C ARG F 248 -3.21 10.70 -46.32
N GLY F 249 -2.02 10.40 -46.80
CA GLY F 249 -0.79 10.60 -46.04
C GLY F 249 -0.60 12.06 -45.68
N ASP F 250 -0.32 12.89 -46.67
CA ASP F 250 -0.12 14.30 -46.39
C ASP F 250 -1.39 14.98 -45.91
N LEU F 251 -2.55 14.60 -46.43
CA LEU F 251 -3.79 15.22 -46.02
C LEU F 251 -4.06 14.98 -44.54
N GLY F 252 -3.79 13.77 -44.06
CA GLY F 252 -3.99 13.43 -42.65
C GLY F 252 -3.08 14.27 -41.73
N VAL F 253 -1.85 14.52 -42.16
CA VAL F 253 -0.98 15.39 -41.42
C VAL F 253 -1.57 16.81 -41.35
N GLU F 254 -2.10 17.29 -42.47
CA GLU F 254 -2.54 18.68 -42.55
C GLU F 254 -3.86 18.92 -41.82
N ILE F 255 -4.80 17.98 -41.85
CA ILE F 255 -6.10 18.19 -41.20
C ILE F 255 -6.37 17.28 -40.04
N GLY F 256 -5.49 16.31 -39.79
CA GLY F 256 -5.66 15.34 -38.69
C GLY F 256 -6.37 14.05 -39.15
N ASP F 257 -5.85 12.89 -38.75
CA ASP F 257 -6.44 11.65 -39.22
C ASP F 257 -7.93 11.46 -38.86
N ALA F 258 -8.36 12.02 -37.74
CA ALA F 258 -9.76 11.91 -37.34
C ALA F 258 -10.76 12.61 -38.27
N GLU F 259 -10.28 13.47 -39.17
CA GLU F 259 -11.13 14.13 -40.13
C GLU F 259 -11.15 13.46 -41.50
N LEU F 260 -10.29 12.47 -41.72
CA LEU F 260 -10.16 11.88 -43.03
C LEU F 260 -11.43 11.23 -43.58
N VAL F 261 -12.13 10.49 -42.75
CA VAL F 261 -13.23 9.69 -43.23
C VAL F 261 -14.29 10.54 -43.95
N GLY F 262 -14.62 11.69 -43.37
CA GLY F 262 -15.64 12.56 -43.93
C GLY F 262 -15.18 13.21 -45.22
N ILE F 263 -13.91 13.60 -45.23
CA ILE F 263 -13.35 14.31 -46.37
C ILE F 263 -13.09 13.35 -47.54
N GLN F 264 -12.63 12.14 -47.26
CA GLN F 264 -12.51 11.14 -48.32
C GLN F 264 -13.83 11.00 -49.05
N LYS F 265 -14.91 10.88 -48.30
CA LYS F 265 -16.23 10.70 -48.92
C LYS F 265 -16.67 11.93 -49.68
N LYS F 266 -16.39 13.12 -49.14
CA LYS F 266 -16.75 14.35 -49.81
C LYS F 266 -16.00 14.50 -51.13
N ILE F 267 -14.69 14.27 -51.09
CA ILE F 267 -13.87 14.43 -52.28
C ILE F 267 -14.37 13.50 -53.40
N ILE F 268 -14.61 12.24 -53.08
CA ILE F 268 -15.05 11.28 -54.07
C ILE F 268 -16.36 11.73 -54.67
N LEU F 269 -17.31 12.10 -53.82
CA LEU F 269 -18.61 12.52 -54.30
C LEU F 269 -18.54 13.80 -55.14
N HIS F 270 -17.84 14.81 -54.67
CA HIS F 270 -17.75 16.04 -55.44
C HIS F 270 -17.02 15.84 -56.75
N ALA F 271 -16.00 14.98 -56.76
CA ALA F 271 -15.32 14.65 -58.01
C ALA F 271 -16.32 14.05 -59.01
N ARG F 272 -17.06 13.04 -58.58
CA ARG F 272 -18.01 12.39 -59.49
C ARG F 272 -19.08 13.37 -59.97
N ARG F 273 -19.56 14.23 -59.09
CA ARG F 273 -20.57 15.20 -59.48
C ARG F 273 -20.08 16.15 -60.56
N ASN F 274 -18.81 16.53 -60.48
CA ASN F 274 -18.20 17.36 -61.51
C ASN F 274 -17.59 16.55 -62.67
N ASN F 275 -17.97 15.29 -62.81
CA ASN F 275 -17.55 14.46 -63.93
C ASN F 275 -16.03 14.30 -64.05
N LYS F 276 -15.38 14.11 -62.90
CA LYS F 276 -13.96 13.82 -62.83
C LYS F 276 -13.71 12.44 -62.27
N VAL F 277 -12.51 11.93 -62.54
CA VAL F 277 -12.06 10.64 -62.03
C VAL F 277 -11.47 10.84 -60.65
N VAL F 278 -11.60 9.84 -59.78
CA VAL F 278 -11.03 9.97 -58.44
C VAL F 278 -10.30 8.71 -57.99
N ILE F 279 -9.13 8.92 -57.40
CA ILE F 279 -8.28 7.86 -56.86
C ILE F 279 -8.20 7.98 -55.32
N THR F 280 -8.31 6.85 -54.63
CA THR F 280 -8.08 6.81 -53.17
C THR F 280 -6.71 6.19 -52.91
N ALA F 281 -5.92 6.80 -52.04
CA ALA F 281 -4.51 6.40 -51.87
C ALA F 281 -4.01 6.36 -50.44
N THR F 282 -2.87 5.68 -50.28
CA THR F 282 -1.98 5.74 -49.13
C THR F 282 -2.31 4.79 -47.97
N GLN F 283 -1.43 3.80 -47.80
CA GLN F 283 -1.48 2.85 -46.70
C GLN F 283 -2.69 1.94 -46.74
N MET F 284 -3.25 1.75 -47.91
CA MET F 284 -4.42 0.91 -48.03
C MET F 284 -4.12 -0.54 -47.62
N MET F 285 -2.90 -1.01 -47.89
CA MET F 285 -2.52 -2.37 -47.52
C MET F 285 -1.11 -2.43 -46.96
N GLU F 286 -0.77 -1.46 -46.12
CA GLU F 286 0.60 -1.27 -45.64
C GLU F 286 1.25 -2.52 -45.05
N SER F 287 0.48 -3.33 -44.34
CA SER F 287 1.06 -4.51 -43.71
C SER F 287 1.70 -5.45 -44.74
N MET F 288 1.25 -5.37 -45.99
CA MET F 288 1.77 -6.23 -47.05
C MET F 288 3.16 -5.85 -47.55
N ILE F 289 3.70 -4.73 -47.07
CA ILE F 289 5.11 -4.50 -47.22
C ILE F 289 5.94 -5.68 -46.70
N HIS F 290 5.55 -6.22 -45.55
CA HIS F 290 6.30 -7.31 -44.91
C HIS F 290 5.49 -8.61 -44.76
N SER F 291 4.27 -8.65 -45.27
CA SER F 291 3.45 -9.85 -45.09
C SER F 291 2.72 -10.21 -46.39
N PRO F 292 2.54 -11.50 -46.64
CA PRO F 292 1.86 -11.88 -47.87
C PRO F 292 0.34 -11.83 -47.84
N MET F 293 -0.25 -11.39 -46.74
CA MET F 293 -1.70 -11.17 -46.66
C MET F 293 -2.02 -9.88 -45.93
N PRO F 294 -3.14 -9.25 -46.29
CA PRO F 294 -3.53 -8.01 -45.62
C PRO F 294 -4.25 -8.27 -44.30
N THR F 295 -4.29 -7.25 -43.46
CA THR F 295 -5.10 -7.29 -42.23
C THR F 295 -6.57 -7.05 -42.56
N ARG F 296 -7.43 -7.36 -41.60
CA ARG F 296 -8.87 -7.12 -41.80
C ARG F 296 -9.17 -5.62 -41.94
N ALA F 297 -8.41 -4.79 -41.25
CA ALA F 297 -8.60 -3.35 -41.41
C ALA F 297 -8.29 -2.92 -42.83
N GLU F 298 -7.25 -3.50 -43.41
CA GLU F 298 -6.85 -3.16 -44.77
C GLU F 298 -7.91 -3.63 -45.77
N VAL F 299 -8.42 -4.84 -45.60
CA VAL F 299 -9.51 -5.31 -46.42
C VAL F 299 -10.69 -4.36 -46.34
N SER F 300 -11.05 -3.97 -45.13
CA SER F 300 -12.17 -3.06 -44.90
C SER F 300 -11.94 -1.70 -45.55
N ASP F 301 -10.73 -1.20 -45.47
CA ASP F 301 -10.41 0.13 -46.00
C ASP F 301 -10.63 0.15 -47.51
N VAL F 302 -10.15 -0.87 -48.20
CA VAL F 302 -10.25 -0.94 -49.64
C VAL F 302 -11.72 -1.12 -50.02
N ALA F 303 -12.37 -2.06 -49.38
CA ALA F 303 -13.77 -2.34 -49.69
C ALA F 303 -14.65 -1.10 -49.47
N ASN F 304 -14.39 -0.36 -48.41
CA ASN F 304 -15.19 0.82 -48.17
C ASN F 304 -14.92 1.90 -49.20
N ALA F 305 -13.70 1.98 -49.71
CA ALA F 305 -13.41 2.91 -50.80
C ALA F 305 -14.20 2.51 -52.06
N VAL F 306 -14.34 1.22 -52.29
CA VAL F 306 -15.12 0.75 -53.41
C VAL F 306 -16.59 1.11 -53.24
N LEU F 307 -17.12 0.96 -52.04
CA LEU F 307 -18.52 1.35 -51.79
C LEU F 307 -18.70 2.87 -51.82
N ASP F 308 -17.69 3.65 -51.44
CA ASP F 308 -17.74 5.10 -51.65
C ASP F 308 -17.77 5.47 -53.16
N TYR F 309 -17.55 4.48 -54.04
CA TYR F 309 -17.53 4.64 -55.49
C TYR F 309 -16.32 5.43 -56.01
N THR F 310 -15.17 5.12 -55.45
CA THR F 310 -13.91 5.55 -56.01
C THR F 310 -13.69 4.90 -57.38
N ASP F 311 -12.98 5.58 -58.25
CA ASP F 311 -12.62 4.98 -59.53
C ASP F 311 -11.50 3.98 -59.36
N ALA F 312 -10.52 4.35 -58.55
CA ALA F 312 -9.35 3.53 -58.37
C ALA F 312 -8.83 3.58 -56.96
N VAL F 313 -8.11 2.54 -56.60
CA VAL F 313 -7.39 2.44 -55.34
C VAL F 313 -5.91 2.29 -55.69
N MET F 314 -5.05 2.78 -54.82
CA MET F 314 -3.62 2.89 -55.10
C MET F 314 -2.78 2.11 -54.09
N LEU F 315 -1.65 1.62 -54.58
CA LEU F 315 -0.57 1.05 -53.76
C LEU F 315 0.66 1.96 -53.89
N SER F 316 1.36 2.21 -52.81
CA SER F 316 2.62 2.96 -52.90
C SER F 316 3.85 2.14 -52.54
N ALA F 317 4.14 1.94 -51.26
CA ALA F 317 5.30 1.18 -50.89
C ALA F 317 4.98 -0.30 -51.05
N GLU F 318 3.70 -0.67 -50.93
CA GLU F 318 3.31 -2.05 -51.04
C GLU F 318 3.81 -2.66 -52.36
N SER F 319 3.71 -1.89 -53.44
CA SER F 319 4.15 -2.34 -54.76
C SER F 319 5.55 -1.85 -55.16
N ALA F 320 5.98 -0.72 -54.62
CA ALA F 320 7.25 -0.10 -55.01
C ALA F 320 8.47 -0.63 -54.25
N ALA F 321 8.33 -0.83 -52.94
CA ALA F 321 9.46 -1.22 -52.09
C ALA F 321 9.30 -2.51 -51.30
N GLY F 322 8.10 -3.07 -51.23
CA GLY F 322 7.82 -4.14 -50.28
C GLY F 322 8.25 -5.50 -50.77
N GLU F 323 8.07 -6.49 -49.92
CA GLU F 323 8.46 -7.86 -50.21
C GLU F 323 7.43 -8.61 -51.03
N TYR F 324 6.21 -8.11 -51.18
CA TYR F 324 5.14 -8.88 -51.82
C TYR F 324 4.29 -8.02 -52.76
N PRO F 325 4.93 -7.32 -53.70
CA PRO F 325 4.18 -6.44 -54.60
C PRO F 325 3.10 -7.17 -55.43
N VAL F 326 3.38 -8.37 -55.91
CA VAL F 326 2.41 -9.07 -56.73
C VAL F 326 1.22 -9.53 -55.89
N GLU F 327 1.52 -10.06 -54.71
CA GLU F 327 0.46 -10.55 -53.83
C GLU F 327 -0.45 -9.40 -53.36
N ALA F 328 0.13 -8.21 -53.17
CA ALA F 328 -0.66 -7.04 -52.82
C ALA F 328 -1.67 -6.69 -53.90
N VAL F 329 -1.23 -6.64 -55.15
CA VAL F 329 -2.13 -6.35 -56.26
C VAL F 329 -3.21 -7.41 -56.34
N LYS F 330 -2.84 -8.67 -56.25
CA LYS F 330 -3.83 -9.76 -56.29
C LYS F 330 -4.87 -9.61 -55.19
N ALA F 331 -4.41 -9.31 -53.97
CA ALA F 331 -5.31 -9.18 -52.83
C ALA F 331 -6.26 -8.00 -53.03
N MET F 332 -5.70 -6.87 -53.42
CA MET F 332 -6.48 -5.68 -53.66
C MET F 332 -7.55 -5.95 -54.71
N ALA F 333 -7.18 -6.62 -55.78
CA ALA F 333 -8.13 -6.95 -56.86
C ALA F 333 -9.26 -7.85 -56.36
N ARG F 334 -8.94 -8.79 -55.49
CA ARG F 334 -9.93 -9.74 -54.98
C ARG F 334 -10.93 -8.99 -54.07
N VAL F 335 -10.44 -8.06 -53.27
CA VAL F 335 -11.30 -7.33 -52.37
C VAL F 335 -12.24 -6.42 -53.15
N CYS F 336 -11.73 -5.81 -54.21
CA CYS F 336 -12.57 -4.99 -55.09
C CYS F 336 -13.72 -5.82 -55.67
N GLN F 337 -13.39 -7.00 -56.19
CA GLN F 337 -14.43 -7.86 -56.76
C GLN F 337 -15.52 -8.18 -55.77
N GLY F 338 -15.12 -8.44 -54.52
CA GLY F 338 -16.09 -8.80 -53.47
C GLY F 338 -17.01 -7.64 -53.14
N ALA F 339 -16.43 -6.46 -52.96
CA ALA F 339 -17.22 -5.29 -52.63
C ALA F 339 -18.17 -4.90 -53.75
N GLU F 340 -17.80 -5.19 -54.99
CA GLU F 340 -18.64 -4.85 -56.15
C GLU F 340 -19.93 -5.69 -56.23
N LYS F 341 -19.98 -6.82 -55.55
CA LYS F 341 -21.22 -7.61 -55.47
C LYS F 341 -22.30 -6.98 -54.60
N HIS F 342 -21.93 -6.05 -53.72
CA HIS F 342 -22.89 -5.37 -52.85
C HIS F 342 -24.00 -4.70 -53.69
N PRO F 343 -25.26 -4.74 -53.20
CA PRO F 343 -26.35 -4.06 -53.92
C PRO F 343 -26.18 -2.55 -54.18
N THR F 344 -25.53 -1.83 -53.28
CA THR F 344 -25.31 -0.40 -53.49
C THR F 344 -24.33 -0.07 -54.63
N SER F 345 -23.52 -1.04 -55.05
CA SER F 345 -22.58 -0.83 -56.17
C SER F 345 -23.25 -0.75 -57.56
N GLN F 346 -24.49 -1.22 -57.66
CA GLN F 346 -25.17 -1.37 -58.96
C GLN F 346 -26.45 -0.53 -59.13
N LYS F 347 -26.94 0.10 -58.05
CA LYS F 347 -28.20 0.85 -58.10
C LYS F 347 -27.90 2.35 -58.06
N SER F 348 -28.56 3.10 -58.95
CA SER F 348 -28.34 4.54 -59.10
C SER F 348 -29.68 5.29 -59.01
N SER F 349 -29.60 6.53 -58.50
CA SER F 349 -30.73 7.47 -58.61
C SER F 349 -30.81 8.18 -59.99
N HIS F 350 -29.76 8.05 -60.80
CA HIS F 350 -29.70 8.56 -62.16
C HIS F 350 -29.84 10.08 -62.29
N ARG F 351 -29.36 10.78 -61.26
CA ARG F 351 -29.39 12.23 -61.20
C ARG F 351 -30.81 12.82 -61.41
N LEU F 352 -31.83 12.11 -60.94
CA LEU F 352 -33.22 12.57 -61.00
C LEU F 352 -33.38 13.96 -60.38
N GLY F 353 -34.18 14.79 -61.05
CA GLY F 353 -34.41 16.16 -60.66
C GLY F 353 -33.35 17.16 -61.09
N GLN F 354 -32.21 16.70 -61.60
CA GLN F 354 -31.12 17.60 -61.94
C GLN F 354 -31.25 18.09 -63.39
N THR F 355 -30.40 19.06 -63.74
CA THR F 355 -30.43 19.72 -65.03
C THR F 355 -29.16 19.34 -65.78
N PHE F 356 -29.33 18.85 -67.00
CA PHE F 356 -28.19 18.50 -67.83
C PHE F 356 -27.73 19.70 -68.64
N ASP F 357 -26.45 19.71 -68.97
CA ASP F 357 -25.84 20.83 -69.67
C ASP F 357 -25.65 20.57 -71.15
N ARG F 358 -25.18 19.36 -71.49
CA ARG F 358 -24.74 19.10 -72.84
C ARG F 358 -25.54 17.98 -73.45
N CYS F 359 -25.40 17.84 -74.75
CA CYS F 359 -26.06 16.79 -75.49
C CYS F 359 -25.37 15.45 -75.31
N ASP F 360 -24.03 15.43 -75.37
CA ASP F 360 -23.29 14.16 -75.24
C ASP F 360 -23.42 13.63 -73.81
N GLU F 361 -23.40 14.55 -72.84
CA GLU F 361 -23.74 14.21 -71.45
C GLU F 361 -25.08 13.47 -71.42
N SER F 362 -26.08 14.00 -72.12
CA SER F 362 -27.42 13.42 -72.12
C SER F 362 -27.50 12.00 -72.64
N ILE F 363 -26.76 11.73 -73.71
CA ILE F 363 -26.75 10.38 -74.28
C ILE F 363 -26.07 9.41 -73.33
N ALA F 364 -24.99 9.85 -72.69
CA ALA F 364 -24.32 9.00 -71.72
C ALA F 364 -25.27 8.65 -70.58
N LEU F 365 -25.89 9.66 -70.00
CA LEU F 365 -26.82 9.44 -68.88
C LEU F 365 -27.99 8.57 -69.32
N ALA F 366 -28.51 8.81 -70.51
CA ALA F 366 -29.64 8.06 -71.00
C ALA F 366 -29.30 6.58 -71.19
N SER F 367 -28.04 6.31 -71.56
CA SER F 367 -27.61 4.92 -71.75
C SER F 367 -27.49 4.21 -70.41
N MET F 368 -26.94 4.89 -69.41
CA MET F 368 -26.84 4.26 -68.08
C MET F 368 -28.23 3.99 -67.50
N TYR F 369 -29.15 4.95 -67.65
CA TYR F 369 -30.55 4.72 -67.31
C TYR F 369 -31.11 3.49 -68.01
N THR F 370 -30.93 3.43 -69.32
CA THR F 370 -31.48 2.32 -70.07
C THR F 370 -30.88 0.99 -69.64
N ALA F 371 -29.56 0.95 -69.52
CA ALA F 371 -28.87 -0.29 -69.15
C ALA F 371 -29.23 -0.79 -67.76
N ASN F 372 -29.35 0.14 -66.83
CA ASN F 372 -29.73 -0.23 -65.45
C ASN F 372 -31.14 -0.75 -65.33
N HIS F 373 -32.02 -0.52 -66.32
CA HIS F 373 -33.41 -0.97 -66.22
C HIS F 373 -33.81 -2.07 -67.19
N PHE F 374 -33.13 -2.21 -68.32
CA PHE F 374 -33.40 -3.30 -69.26
C PHE F 374 -32.30 -4.34 -69.06
N PRO F 375 -32.54 -5.36 -68.22
CA PRO F 375 -31.44 -6.27 -67.84
C PRO F 375 -30.94 -7.17 -68.98
N GLY F 376 -31.70 -7.28 -70.07
CA GLY F 376 -31.22 -7.91 -71.29
C GLY F 376 -29.97 -7.28 -71.87
N ILE F 377 -29.71 -6.02 -71.53
CA ILE F 377 -28.50 -5.33 -71.97
C ILE F 377 -27.30 -5.83 -71.19
N LYS F 378 -26.31 -6.36 -71.92
CA LYS F 378 -25.14 -6.97 -71.31
C LYS F 378 -23.88 -6.15 -71.52
N ALA F 379 -23.94 -5.10 -72.33
CA ALA F 379 -22.77 -4.27 -72.56
C ALA F 379 -23.13 -2.96 -73.21
N ILE F 380 -22.26 -1.98 -73.07
CA ILE F 380 -22.39 -0.71 -73.73
C ILE F 380 -21.18 -0.51 -74.65
N ILE F 381 -21.44 -0.38 -75.95
CA ILE F 381 -20.43 -0.11 -76.95
C ILE F 381 -20.42 1.40 -77.15
N CYS F 382 -19.40 2.03 -76.63
CA CYS F 382 -19.31 3.48 -76.70
C CYS F 382 -18.18 3.85 -77.67
N LEU F 383 -18.55 4.27 -78.88
CA LEU F 383 -17.57 4.73 -79.84
C LEU F 383 -17.14 6.11 -79.41
N THR F 384 -15.86 6.26 -79.10
CA THR F 384 -15.37 7.51 -78.56
C THR F 384 -14.02 7.86 -79.13
N GLU F 385 -13.80 9.16 -79.27
CA GLU F 385 -12.58 9.70 -79.81
C GLU F 385 -11.59 9.95 -78.68
N SER F 386 -12.02 10.69 -77.66
CA SER F 386 -11.15 11.13 -76.58
C SER F 386 -11.43 10.46 -75.25
N GLY F 387 -12.46 9.62 -75.18
CA GLY F 387 -12.86 8.99 -73.92
C GLY F 387 -13.84 9.79 -73.06
N PHE F 388 -14.25 10.96 -73.52
CA PHE F 388 -15.18 11.79 -72.75
C PHE F 388 -16.54 11.13 -72.52
N THR F 389 -17.10 10.53 -73.55
CA THR F 389 -18.40 9.91 -73.41
C THR F 389 -18.41 8.80 -72.34
N PRO F 390 -17.46 7.86 -72.36
CA PRO F 390 -17.47 6.85 -71.30
C PRO F 390 -17.02 7.38 -69.93
N LEU F 391 -16.35 8.51 -69.88
CA LEU F 391 -16.13 9.18 -68.60
C LEU F 391 -17.48 9.50 -67.94
N ILE F 392 -18.40 10.09 -68.68
CA ILE F 392 -19.69 10.45 -68.15
C ILE F 392 -20.49 9.20 -67.80
N MET F 393 -20.51 8.21 -68.68
CA MET F 393 -21.24 6.98 -68.38
C MET F 393 -20.79 6.41 -67.03
N SER F 394 -19.49 6.43 -66.76
CA SER F 394 -18.94 5.75 -65.60
C SER F 394 -19.08 6.54 -64.29
N ARG F 395 -19.57 7.79 -64.37
CA ARG F 395 -19.98 8.50 -63.16
C ARG F 395 -21.27 7.95 -62.54
N ILE F 396 -22.00 7.10 -63.24
CA ILE F 396 -23.27 6.60 -62.77
C ILE F 396 -23.10 5.19 -62.23
N ARG F 397 -23.64 4.94 -61.04
CA ARG F 397 -23.52 3.63 -60.45
C ARG F 397 -24.17 2.61 -61.35
N SER F 398 -23.45 1.53 -61.63
CA SER F 398 -23.97 0.45 -62.44
C SER F 398 -23.07 -0.75 -62.31
N SER F 399 -23.55 -1.91 -62.75
CA SER F 399 -22.66 -3.05 -62.95
C SER F 399 -22.54 -3.48 -64.43
N VAL F 400 -23.08 -2.70 -65.35
CA VAL F 400 -23.01 -3.04 -66.78
C VAL F 400 -21.64 -2.67 -67.35
N PRO F 401 -21.00 -3.58 -68.10
CA PRO F 401 -19.68 -3.24 -68.70
C PRO F 401 -19.75 -2.12 -69.71
N ILE F 402 -18.89 -1.14 -69.55
CA ILE F 402 -18.75 -0.04 -70.50
C ILE F 402 -17.48 -0.26 -71.33
N TYR F 403 -17.64 -0.41 -72.64
CA TYR F 403 -16.50 -0.60 -73.56
C TYR F 403 -16.22 0.67 -74.34
N ALA F 404 -15.02 1.23 -74.16
CA ALA F 404 -14.58 2.40 -74.90
C ALA F 404 -13.88 1.92 -76.20
N TYR F 405 -14.59 2.08 -77.32
CA TYR F 405 -14.07 1.80 -78.66
C TYR F 405 -13.37 3.04 -79.19
N SER F 406 -12.07 2.94 -79.39
CA SER F 406 -11.32 4.09 -79.88
C SER F 406 -10.17 3.61 -80.75
N PRO F 407 -9.81 4.40 -81.76
CA PRO F 407 -8.65 4.07 -82.54
C PRO F 407 -7.36 4.60 -81.92
N HIS F 408 -7.45 5.63 -81.09
CA HIS F 408 -6.26 6.32 -80.58
C HIS F 408 -5.67 5.63 -79.34
N ARG F 409 -4.35 5.64 -79.25
CA ARG F 409 -3.63 5.06 -78.11
C ARG F 409 -3.82 5.93 -76.88
N GLU F 410 -3.76 7.27 -77.05
CA GLU F 410 -4.00 8.18 -75.95
C GLU F 410 -5.30 7.82 -75.19
N THR F 411 -6.36 7.55 -75.95
CA THR F 411 -7.65 7.24 -75.38
C THR F 411 -7.68 5.83 -74.83
N GLN F 412 -7.10 4.88 -75.57
CA GLN F 412 -7.10 3.49 -75.12
C GLN F 412 -6.46 3.34 -73.72
N ALA F 413 -5.46 4.17 -73.41
CA ALA F 413 -4.81 4.14 -72.12
C ALA F 413 -5.57 4.95 -71.07
N ARG F 414 -6.02 6.13 -71.46
CA ARG F 414 -6.72 7.04 -70.56
C ARG F 414 -7.83 6.32 -69.78
N VAL F 415 -8.66 5.58 -70.49
CA VAL F 415 -9.83 5.00 -69.85
C VAL F 415 -9.48 3.86 -68.90
N ALA F 416 -8.22 3.45 -68.87
CA ALA F 416 -7.81 2.41 -67.92
C ALA F 416 -8.06 2.79 -66.45
N MET F 417 -8.06 4.09 -66.15
CA MET F 417 -8.38 4.54 -64.82
C MET F 417 -9.88 4.76 -64.55
N PHE F 418 -10.75 4.60 -65.54
CA PHE F 418 -12.18 4.84 -65.38
C PHE F 418 -12.84 3.58 -64.82
N ARG F 419 -13.59 3.73 -63.73
CA ARG F 419 -14.24 2.57 -63.16
C ARG F 419 -15.23 1.94 -64.13
N GLY F 420 -15.11 0.63 -64.31
CA GLY F 420 -16.05 -0.15 -65.11
C GLY F 420 -15.83 -0.08 -66.62
N VAL F 421 -14.80 0.63 -67.09
CA VAL F 421 -14.57 0.81 -68.51
C VAL F 421 -13.42 -0.08 -69.00
N GLU F 422 -13.64 -0.78 -70.11
CA GLU F 422 -12.59 -1.56 -70.77
C GLU F 422 -12.33 -0.99 -72.15
N THR F 423 -11.08 -1.04 -72.61
CA THR F 423 -10.75 -0.58 -73.94
C THR F 423 -10.92 -1.67 -74.98
N ILE F 424 -11.53 -1.30 -76.09
CA ILE F 424 -11.56 -2.13 -77.30
C ILE F 424 -11.02 -1.31 -78.44
N PRO F 425 -9.80 -1.63 -78.94
CA PRO F 425 -9.27 -0.84 -80.08
C PRO F 425 -10.12 -1.08 -81.32
N PHE F 426 -10.45 0.01 -82.01
CA PHE F 426 -11.45 -0.01 -83.06
C PHE F 426 -11.42 1.31 -83.81
N ASP F 427 -11.48 1.21 -85.14
CA ASP F 427 -11.47 2.38 -86.02
C ASP F 427 -12.69 2.36 -86.92
N PRO F 428 -13.77 3.06 -86.52
CA PRO F 428 -14.98 3.02 -87.34
C PRO F 428 -14.82 3.75 -88.70
N ALA F 429 -14.02 4.82 -88.75
CA ALA F 429 -13.82 5.59 -89.99
C ALA F 429 -13.23 4.75 -91.14
N ALA F 430 -12.42 3.75 -90.80
CA ALA F 430 -11.81 2.88 -91.79
C ALA F 430 -12.68 1.67 -92.14
N LEU F 431 -13.99 1.79 -91.98
CA LEU F 431 -14.91 0.72 -92.33
C LEU F 431 -16.04 1.25 -93.19
N PRO F 432 -16.65 0.36 -94.01
CA PRO F 432 -17.89 0.78 -94.68
C PRO F 432 -19.00 1.08 -93.67
N ALA F 433 -19.50 2.32 -93.70
CA ALA F 433 -20.50 2.79 -92.74
C ALA F 433 -21.57 1.74 -92.35
N GLU F 434 -22.09 1.01 -93.32
CA GLU F 434 -23.15 0.05 -93.06
C GLU F 434 -22.72 -1.16 -92.23
N LYS F 435 -21.40 -1.38 -92.11
CA LYS F 435 -20.87 -2.55 -91.40
C LYS F 435 -20.38 -2.25 -89.97
N VAL F 436 -20.36 -0.97 -89.57
CA VAL F 436 -19.78 -0.59 -88.27
C VAL F 436 -20.43 -1.33 -87.07
N SER F 437 -21.75 -1.27 -86.99
CA SER F 437 -22.45 -1.89 -85.89
C SER F 437 -22.09 -3.35 -85.69
N GLN F 438 -22.17 -4.14 -86.74
CA GLN F 438 -21.89 -5.57 -86.59
C GLN F 438 -20.40 -5.82 -86.34
N ALA F 439 -19.55 -4.91 -86.82
CA ALA F 439 -18.12 -5.02 -86.58
C ALA F 439 -17.84 -4.84 -85.08
N ALA F 440 -18.44 -3.81 -84.48
CA ALA F 440 -18.34 -3.59 -83.04
C ALA F 440 -18.89 -4.76 -82.24
N VAL F 441 -20.05 -5.27 -82.61
CA VAL F 441 -20.60 -6.40 -81.92
C VAL F 441 -19.69 -7.64 -82.04
N ASP F 442 -19.00 -7.75 -83.18
CA ASP F 442 -18.09 -8.89 -83.39
C ASP F 442 -16.96 -8.91 -82.35
N GLU F 443 -16.40 -7.73 -82.07
CA GLU F 443 -15.34 -7.60 -81.07
C GLU F 443 -15.76 -8.16 -79.71
N LEU F 444 -17.02 -8.00 -79.32
CA LEU F 444 -17.48 -8.57 -78.05
C LEU F 444 -17.78 -10.06 -78.17
N LEU F 445 -18.26 -10.49 -79.32
CA LEU F 445 -18.47 -11.93 -79.54
C LEU F 445 -17.15 -12.70 -79.54
N LYS F 446 -16.11 -12.14 -80.16
CA LYS F 446 -14.75 -12.73 -80.10
C LYS F 446 -14.34 -13.01 -78.65
N ARG F 447 -14.59 -12.04 -77.78
CA ARG F 447 -14.11 -12.12 -76.40
C ARG F 447 -15.07 -12.87 -75.50
N GLY F 448 -16.20 -13.33 -76.01
CA GLY F 448 -17.13 -14.11 -75.21
C GLY F 448 -17.91 -13.29 -74.19
N VAL F 449 -17.94 -11.97 -74.34
CA VAL F 449 -18.68 -11.08 -73.43
C VAL F 449 -20.17 -11.12 -73.71
N VAL F 450 -20.57 -11.30 -74.96
CA VAL F 450 -21.96 -11.40 -75.33
C VAL F 450 -22.19 -12.57 -76.26
N THR F 451 -23.39 -13.07 -76.28
CA THR F 451 -23.77 -14.23 -77.11
C THR F 451 -25.06 -13.87 -77.87
N LYS F 452 -25.44 -14.73 -78.77
CA LYS F 452 -26.67 -14.52 -79.55
C LYS F 452 -27.84 -14.51 -78.57
N GLY F 453 -28.72 -13.52 -78.69
CA GLY F 453 -29.85 -13.35 -77.78
C GLY F 453 -29.70 -12.21 -76.77
N ASP F 454 -28.46 -11.89 -76.44
CA ASP F 454 -28.20 -10.74 -75.60
C ASP F 454 -28.45 -9.43 -76.38
N TRP F 455 -28.71 -8.37 -75.62
CA TRP F 455 -28.87 -7.03 -76.18
C TRP F 455 -27.69 -6.16 -75.80
N VAL F 456 -27.55 -5.06 -76.52
CA VAL F 456 -26.40 -4.18 -76.37
C VAL F 456 -26.81 -2.75 -76.68
N ILE F 457 -26.08 -1.81 -76.11
CA ILE F 457 -26.31 -0.40 -76.40
C ILE F 457 -25.09 0.09 -77.18
N LEU F 458 -25.34 0.82 -78.28
CA LEU F 458 -24.27 1.46 -79.00
C LEU F 458 -24.51 2.94 -78.99
N THR F 459 -23.46 3.71 -78.71
CA THR F 459 -23.54 5.17 -78.78
C THR F 459 -22.50 5.69 -79.74
N LYS F 460 -22.85 6.77 -80.42
CA LYS F 460 -21.95 7.40 -81.38
C LYS F 460 -22.49 8.76 -81.74
N GLY F 461 -21.79 9.43 -82.64
CA GLY F 461 -22.20 10.70 -83.23
C GLY F 461 -22.40 10.51 -84.72
N ASP F 462 -22.48 11.62 -85.44
CA ASP F 462 -22.81 11.58 -86.88
C ASP F 462 -21.59 11.22 -87.73
N SER F 463 -20.49 11.95 -87.54
CA SER F 463 -19.23 11.66 -88.22
C SER F 463 -18.38 10.71 -87.37
N TYR F 464 -17.29 10.23 -87.95
CA TYR F 464 -16.32 9.43 -87.23
C TYR F 464 -14.95 10.12 -87.13
N THR F 465 -14.95 11.44 -87.20
CA THR F 465 -13.71 12.23 -87.21
C THR F 465 -13.66 13.24 -86.05
N ALA F 466 -14.74 13.97 -85.79
CA ALA F 466 -14.77 15.02 -84.76
C ALA F 466 -14.94 14.41 -83.36
N GLN F 467 -14.64 15.22 -82.36
CA GLN F 467 -14.80 14.85 -80.95
C GLN F 467 -15.86 15.77 -80.34
N GLY F 468 -16.53 15.29 -79.29
CA GLY F 468 -17.57 16.05 -78.63
C GLY F 468 -18.95 16.05 -79.29
N GLY F 469 -19.19 15.15 -80.24
CA GLY F 469 -20.48 15.08 -80.92
C GLY F 469 -21.27 13.81 -80.72
N THR F 470 -21.10 13.10 -79.60
CA THR F 470 -21.97 11.92 -79.36
C THR F 470 -23.40 12.41 -79.25
N ASN F 471 -24.28 11.82 -80.05
CA ASN F 471 -25.69 12.24 -80.07
C ASN F 471 -26.69 11.12 -80.37
N THR F 472 -26.27 9.86 -80.31
CA THR F 472 -27.14 8.78 -80.75
C THR F 472 -27.00 7.60 -79.82
N MET F 473 -28.11 6.93 -79.54
CA MET F 473 -28.12 5.74 -78.72
C MET F 473 -28.94 4.71 -79.44
N LYS F 474 -28.40 3.54 -79.65
CA LYS F 474 -29.12 2.45 -80.32
C LYS F 474 -29.13 1.24 -79.43
N VAL F 475 -30.21 0.49 -79.46
CA VAL F 475 -30.31 -0.74 -78.70
C VAL F 475 -30.45 -1.89 -79.69
N LEU F 476 -29.47 -2.78 -79.71
CA LEU F 476 -29.32 -3.79 -80.76
C LEU F 476 -29.39 -5.19 -80.16
N HIS F 477 -29.99 -6.10 -80.92
CA HIS F 477 -30.17 -7.49 -80.50
C HIS F 477 -29.09 -8.32 -81.20
N VAL F 478 -28.22 -8.95 -80.42
CA VAL F 478 -27.12 -9.72 -80.96
C VAL F 478 -27.68 -10.99 -81.59
N GLY F 479 -27.50 -11.11 -82.91
CA GLY F 479 -28.16 -12.13 -83.71
C GLY F 479 -28.96 -11.57 -84.87
N ASP F 480 -29.49 -10.35 -84.73
CA ASP F 480 -30.23 -9.73 -85.82
C ASP F 480 -29.27 -9.20 -86.88
N LEU F 481 -29.85 -8.78 -87.99
CA LEU F 481 -29.19 -8.03 -89.01
C LEU F 481 -29.01 -6.58 -88.51
N LEU F 482 -27.77 -6.19 -88.32
CA LEU F 482 -27.50 -4.86 -87.87
C LEU F 482 -27.17 -3.94 -89.02
N VAL F 483 -27.82 -2.79 -89.03
CA VAL F 483 -27.57 -1.76 -90.02
C VAL F 483 -26.37 -1.01 -89.46
N MET G 1 -30.13 8.11 79.80
CA MET G 1 -30.11 9.50 79.13
C MET G 1 -28.74 10.18 79.35
N SER G 2 -28.29 10.92 78.33
CA SER G 2 -26.93 11.49 78.37
C SER G 2 -26.93 12.86 79.04
N VAL G 3 -25.75 13.27 79.46
CA VAL G 3 -25.59 14.59 80.03
C VAL G 3 -25.97 15.64 78.99
N ARG G 4 -26.79 16.60 79.40
CA ARG G 4 -27.20 17.69 78.54
C ARG G 4 -26.01 18.45 78.01
N ARG G 5 -26.06 18.79 76.73
CA ARG G 5 -25.01 19.55 76.08
C ARG G 5 -25.35 21.01 75.86
N THR G 6 -26.60 21.31 75.57
CA THR G 6 -27.00 22.70 75.30
C THR G 6 -27.06 23.44 76.63
N LYS G 7 -26.56 24.67 76.62
CA LYS G 7 -26.40 25.41 77.88
C LYS G 7 -27.57 26.35 78.13
N ILE G 8 -27.84 26.63 79.40
CA ILE G 8 -29.00 27.41 79.82
C ILE G 8 -28.56 28.71 80.46
N VAL G 9 -29.02 29.83 79.91
CA VAL G 9 -28.81 31.14 80.48
C VAL G 9 -30.08 31.57 81.20
N ALA G 10 -29.95 31.92 82.49
CA ALA G 10 -31.09 32.32 83.31
C ALA G 10 -30.88 33.75 83.79
N THR G 11 -31.83 34.62 83.46
CA THR G 11 -31.78 35.99 83.93
C THR G 11 -32.24 36.04 85.39
N LEU G 12 -31.52 36.81 86.20
CA LEU G 12 -31.88 36.98 87.60
C LEU G 12 -32.75 38.23 87.81
N GLY G 13 -33.55 38.17 88.86
CA GLY G 13 -34.44 39.26 89.22
C GLY G 13 -35.15 39.01 90.55
N PRO G 14 -36.19 39.80 90.84
CA PRO G 14 -36.96 39.64 92.09
C PRO G 14 -37.34 38.21 92.46
N ALA G 15 -37.72 37.40 91.47
CA ALA G 15 -38.12 36.02 91.74
C ALA G 15 -36.95 35.08 91.99
N SER G 16 -35.73 35.55 91.71
CA SER G 16 -34.53 34.71 91.82
C SER G 16 -33.43 35.49 92.51
N ASN G 17 -33.78 36.11 93.63
CA ASN G 17 -32.88 36.99 94.35
C ASN G 17 -32.40 36.38 95.68
N SER G 18 -33.18 35.48 96.25
CA SER G 18 -32.85 34.89 97.52
C SER G 18 -31.84 33.75 97.38
N PRO G 19 -31.09 33.46 98.44
CA PRO G 19 -30.22 32.30 98.42
C PRO G 19 -30.92 30.97 98.21
N GLU G 20 -32.15 30.83 98.70
CA GLU G 20 -32.85 29.55 98.53
C GLU G 20 -33.18 29.26 97.08
N VAL G 21 -33.59 30.28 96.33
CA VAL G 21 -33.98 30.08 94.94
C VAL G 21 -32.73 29.93 94.08
N LEU G 22 -31.73 30.77 94.30
CA LEU G 22 -30.49 30.64 93.55
C LEU G 22 -29.86 29.26 93.75
N GLU G 23 -29.85 28.77 94.96
CA GLU G 23 -29.35 27.42 95.18
C GLU G 23 -30.14 26.40 94.33
N GLN G 24 -31.45 26.54 94.30
CA GLN G 24 -32.29 25.64 93.51
C GLN G 24 -32.07 25.76 92.00
N LEU G 25 -31.79 26.96 91.52
CA LEU G 25 -31.45 27.18 90.12
C LEU G 25 -30.13 26.54 89.75
N ILE G 26 -29.14 26.67 90.63
CA ILE G 26 -27.84 26.04 90.44
C ILE G 26 -28.05 24.52 90.36
N LEU G 27 -28.82 23.96 91.27
CA LEU G 27 -29.06 22.53 91.25
C LEU G 27 -29.90 22.08 90.08
N ALA G 28 -30.76 22.96 89.57
CA ALA G 28 -31.59 22.61 88.41
C ALA G 28 -30.78 22.60 87.11
N GLY G 29 -29.60 23.23 87.13
CA GLY G 29 -28.65 23.13 86.06
C GLY G 29 -28.32 24.40 85.30
N ILE G 30 -28.56 25.58 85.84
CA ILE G 30 -28.21 26.76 85.06
C ILE G 30 -26.71 26.78 84.79
N ASP G 31 -26.34 27.22 83.59
CA ASP G 31 -24.93 27.32 83.24
C ASP G 31 -24.45 28.78 83.21
N VAL G 32 -25.35 29.74 83.06
CA VAL G 32 -24.99 31.16 83.02
C VAL G 32 -26.09 31.98 83.67
N ALA G 33 -25.70 32.90 84.54
CA ALA G 33 -26.63 33.85 85.15
C ALA G 33 -26.45 35.18 84.46
N ARG G 34 -27.56 35.74 83.98
CA ARG G 34 -27.56 37.02 83.28
C ARG G 34 -28.01 38.10 84.24
N LEU G 35 -27.24 39.18 84.31
CA LEU G 35 -27.54 40.31 85.16
C LEU G 35 -27.90 41.42 84.21
N ASN G 36 -29.17 41.80 84.19
CA ASN G 36 -29.65 42.82 83.27
C ASN G 36 -29.45 44.18 83.92
N PHE G 37 -28.51 44.97 83.40
CA PHE G 37 -28.24 46.27 84.00
C PHE G 37 -29.32 47.29 83.81
N SER G 38 -30.29 47.04 82.95
CA SER G 38 -31.47 47.93 82.83
C SER G 38 -32.21 48.10 84.13
N HIS G 39 -32.17 47.14 85.03
CA HIS G 39 -32.80 47.23 86.34
C HIS G 39 -31.88 46.83 87.43
N GLY G 40 -32.22 47.21 88.65
CA GLY G 40 -31.40 46.93 89.84
C GLY G 40 -30.29 47.96 90.05
N THR G 41 -29.80 48.01 91.27
CA THR G 41 -28.69 48.85 91.67
C THR G 41 -27.39 48.06 91.61
N PRO G 42 -26.27 48.78 91.46
CA PRO G 42 -24.97 48.11 91.49
C PRO G 42 -24.78 47.12 92.63
N ASP G 43 -25.25 47.44 93.84
CA ASP G 43 -25.04 46.53 94.96
C ASP G 43 -25.95 45.29 94.90
N GLU G 44 -27.14 45.46 94.33
CA GLU G 44 -28.01 44.31 94.08
C GLU G 44 -27.32 43.30 93.15
N HIS G 45 -26.65 43.80 92.11
CA HIS G 45 -25.93 42.93 91.20
C HIS G 45 -24.75 42.28 91.91
N ARG G 46 -23.95 43.07 92.61
CA ARG G 46 -22.80 42.53 93.34
C ARG G 46 -23.21 41.40 94.30
N ALA G 47 -24.32 41.60 95.00
CA ALA G 47 -24.76 40.62 95.97
C ALA G 47 -25.15 39.32 95.29
N ARG G 48 -25.90 39.43 94.19
CA ARG G 48 -26.28 38.25 93.42
C ARG G 48 -25.04 37.56 92.80
N ALA G 49 -24.13 38.35 92.25
CA ALA G 49 -22.90 37.80 91.66
C ALA G 49 -22.11 36.96 92.65
N ARG G 50 -21.95 37.50 93.86
CA ARG G 50 -21.21 36.80 94.91
C ARG G 50 -21.94 35.51 95.31
N LEU G 51 -23.27 35.58 95.36
CA LEU G 51 -24.06 34.47 95.83
C LEU G 51 -24.06 33.31 94.82
N VAL G 52 -24.11 33.63 93.53
CA VAL G 52 -24.14 32.59 92.51
C VAL G 52 -22.80 31.88 92.50
N ARG G 53 -21.72 32.65 92.57
CA ARG G 53 -20.39 32.02 92.57
C ARG G 53 -20.15 31.15 93.79
N GLU G 54 -20.64 31.58 94.94
CA GLU G 54 -20.54 30.80 96.17
C GLU G 54 -21.33 29.51 96.07
N LEU G 55 -22.56 29.63 95.65
CA LEU G 55 -23.46 28.48 95.57
C LEU G 55 -23.04 27.49 94.46
N ALA G 56 -22.53 28.02 93.35
CA ALA G 56 -21.99 27.15 92.32
C ALA G 56 -20.83 26.31 92.87
N ALA G 57 -19.85 26.99 93.47
CA ALA G 57 -18.71 26.29 94.10
C ALA G 57 -19.17 25.28 95.15
N LYS G 58 -20.17 25.63 95.93
CA LYS G 58 -20.71 24.71 96.92
C LYS G 58 -21.15 23.38 96.30
N HIS G 59 -21.64 23.42 95.06
CA HIS G 59 -22.13 22.21 94.40
C HIS G 59 -21.27 21.76 93.22
N GLY G 60 -20.03 22.22 93.16
CA GLY G 60 -19.09 21.74 92.14
C GLY G 60 -19.54 22.03 90.71
N ARG G 61 -20.09 23.22 90.52
CA ARG G 61 -20.60 23.65 89.25
C ARG G 61 -19.89 24.92 88.84
N PHE G 62 -19.88 25.16 87.53
CA PHE G 62 -19.18 26.29 86.96
C PHE G 62 -20.18 27.11 86.20
N VAL G 63 -20.61 28.20 86.82
CA VAL G 63 -21.60 29.09 86.26
C VAL G 63 -20.96 30.40 85.89
N ALA G 64 -21.08 30.78 84.61
CA ALA G 64 -20.59 32.07 84.18
C ALA G 64 -21.56 33.16 84.57
N LEU G 65 -21.06 34.40 84.59
CA LEU G 65 -21.86 35.57 84.81
C LEU G 65 -21.80 36.44 83.58
N LEU G 66 -22.98 36.79 83.08
CA LEU G 66 -23.12 37.62 81.91
C LEU G 66 -23.80 38.91 82.35
N GLY G 67 -23.21 40.03 81.96
CA GLY G 67 -23.73 41.35 82.26
C GLY G 67 -24.26 41.98 80.99
N ASP G 68 -25.53 42.37 81.02
CA ASP G 68 -26.23 42.85 79.83
C ASP G 68 -26.38 44.36 79.91
N LEU G 69 -25.68 45.07 79.05
CA LEU G 69 -25.75 46.53 78.99
C LEU G 69 -27.10 46.99 78.43
N GLN G 70 -27.63 48.05 79.01
CA GLN G 70 -28.95 48.53 78.58
C GLN G 70 -28.92 49.05 77.14
N GLY G 71 -27.88 49.76 76.78
CA GLY G 71 -27.76 50.21 75.43
C GLY G 71 -28.56 51.46 75.13
N PRO G 72 -28.55 51.88 73.87
CA PRO G 72 -29.28 53.02 73.38
C PRO G 72 -30.73 52.77 73.01
N LYS G 73 -31.31 51.63 73.45
CA LYS G 73 -32.71 51.47 73.43
C LYS G 73 -33.38 52.44 74.43
N ILE G 74 -34.46 53.06 73.94
CA ILE G 74 -35.12 54.12 74.64
C ILE G 74 -36.18 53.56 75.57
N ARG G 75 -36.11 53.96 76.84
CA ARG G 75 -36.97 53.39 77.87
C ARG G 75 -37.74 54.48 78.56
N ILE G 76 -38.90 54.09 79.09
CA ILE G 76 -39.65 54.96 79.98
C ILE G 76 -39.03 55.00 81.37
N ALA G 77 -39.49 55.93 82.17
CA ALA G 77 -39.02 56.12 83.55
C ALA G 77 -39.76 55.15 84.53
N LYS G 78 -39.67 55.45 85.83
CA LYS G 78 -40.32 54.62 86.84
C LYS G 78 -41.74 55.06 87.16
N PHE G 79 -42.50 54.13 87.72
CA PHE G 79 -43.82 54.35 88.25
C PHE G 79 -43.80 54.41 89.78
N ALA G 80 -44.78 55.10 90.35
CA ALA G 80 -44.90 55.21 91.81
C ALA G 80 -45.15 53.85 92.45
N ASN G 81 -46.11 53.15 91.95
CA ASN G 81 -46.09 51.75 92.23
C ASN G 81 -45.09 51.21 91.18
N LYS G 82 -44.74 49.95 91.27
CA LYS G 82 -43.84 49.43 90.26
C LYS G 82 -44.49 49.31 88.87
N ARG G 83 -45.75 48.91 88.84
CA ARG G 83 -46.42 48.71 87.55
C ARG G 83 -47.89 49.10 87.51
N ILE G 84 -48.37 49.29 86.29
CA ILE G 84 -49.76 49.62 86.04
C ILE G 84 -50.32 48.69 84.97
N GLU G 85 -51.63 48.74 84.78
CA GLU G 85 -52.32 47.96 83.76
C GLU G 85 -53.16 48.92 82.93
N LEU G 86 -53.10 48.75 81.61
CA LEU G 86 -53.79 49.63 80.68
C LEU G 86 -54.75 48.83 79.83
N GLN G 87 -55.89 49.47 79.53
CA GLN G 87 -56.94 48.86 78.75
C GLN G 87 -57.12 49.51 77.43
N VAL G 88 -57.64 48.79 76.45
CA VAL G 88 -57.86 49.37 75.12
C VAL G 88 -58.79 50.60 75.29
N GLY G 89 -58.44 51.71 74.64
CA GLY G 89 -59.20 52.93 74.72
C GLY G 89 -58.75 53.91 75.81
N ASP G 90 -57.99 53.44 76.79
CA ASP G 90 -57.39 54.31 77.78
C ASP G 90 -56.52 55.39 77.21
N LYS G 91 -56.41 56.48 77.96
CA LYS G 91 -55.55 57.60 77.60
C LYS G 91 -54.29 57.54 78.43
N PHE G 92 -53.18 57.89 77.82
CA PHE G 92 -51.88 57.80 78.48
C PHE G 92 -50.90 58.78 77.87
N ARG G 93 -50.00 59.27 78.69
CA ARG G 93 -49.08 60.34 78.32
C ARG G 93 -47.64 59.98 78.62
N PHE G 94 -46.76 60.37 77.70
CA PHE G 94 -45.32 60.29 77.89
C PHE G 94 -44.78 61.70 77.96
N SER G 95 -44.16 62.07 79.08
CA SER G 95 -43.73 63.44 79.32
C SER G 95 -42.25 63.55 79.64
N THR G 96 -41.60 64.48 78.96
CA THR G 96 -40.20 64.80 79.23
C THR G 96 -40.04 65.55 80.53
N SER G 97 -41.09 66.21 81.00
CA SER G 97 -40.98 67.02 82.22
C SER G 97 -41.47 66.30 83.48
N HIS G 98 -42.32 65.30 83.33
CA HIS G 98 -42.90 64.60 84.48
C HIS G 98 -41.83 63.86 85.33
N ALA G 99 -42.04 63.84 86.64
CA ALA G 99 -41.08 63.25 87.56
C ALA G 99 -40.82 61.79 87.26
N ARG G 100 -39.53 61.44 87.25
CA ARG G 100 -39.08 60.14 86.77
C ARG G 100 -39.42 59.02 87.74
N ASP G 101 -39.71 59.31 88.97
CA ASP G 101 -40.07 58.29 89.95
C ASP G 101 -41.56 58.25 90.24
N ALA G 102 -42.34 59.19 89.74
CA ALA G 102 -43.76 59.34 90.09
C ALA G 102 -44.74 58.99 88.99
N GLY G 103 -44.45 57.93 88.24
CA GLY G 103 -45.35 57.53 87.17
C GLY G 103 -46.68 57.09 87.72
N THR G 104 -47.74 57.40 86.99
CA THR G 104 -49.09 57.06 87.45
C THR G 104 -49.80 56.27 86.39
N GLN G 105 -51.08 56.00 86.62
CA GLN G 105 -51.94 55.34 85.66
C GLN G 105 -52.21 56.21 84.40
N GLU G 106 -51.88 57.49 84.45
CA GLU G 106 -52.17 58.41 83.37
C GLU G 106 -50.93 58.96 82.64
N VAL G 107 -49.78 58.94 83.29
CA VAL G 107 -48.59 59.52 82.69
C VAL G 107 -47.34 58.88 83.28
N VAL G 108 -46.31 58.80 82.44
CA VAL G 108 -44.96 58.43 82.90
C VAL G 108 -43.97 59.36 82.25
N GLY G 109 -42.85 59.55 82.93
CA GLY G 109 -41.76 60.34 82.42
C GLY G 109 -40.88 59.55 81.44
N ILE G 110 -39.97 60.25 80.80
CA ILE G 110 -39.10 59.67 79.80
C ILE G 110 -37.89 60.56 79.58
N ASP G 111 -36.71 59.96 79.57
CA ASP G 111 -35.45 60.65 79.35
C ASP G 111 -35.10 60.69 77.87
N TYR G 112 -35.93 61.27 77.07
CA TYR G 112 -35.70 61.37 75.62
C TYR G 112 -36.09 62.76 75.13
N PRO G 113 -35.12 63.66 75.01
CA PRO G 113 -35.44 65.06 74.68
C PRO G 113 -36.11 65.24 73.33
N ASP G 114 -35.62 64.54 72.28
CA ASP G 114 -36.25 64.63 70.97
C ASP G 114 -37.61 63.98 70.83
N LEU G 115 -38.26 63.54 71.90
CA LEU G 115 -39.52 62.85 71.85
C LEU G 115 -40.56 63.58 70.98
N VAL G 116 -40.71 64.86 71.21
CA VAL G 116 -41.73 65.63 70.49
C VAL G 116 -41.33 65.89 69.05
N LYS G 117 -40.03 65.95 68.80
CA LYS G 117 -39.51 66.15 67.44
C LYS G 117 -39.70 64.91 66.58
N ASP G 118 -39.44 63.73 67.15
CA ASP G 118 -39.47 62.50 66.41
C ASP G 118 -40.86 61.93 66.17
N CYS G 119 -41.77 62.17 67.06
CA CYS G 119 -43.15 61.62 66.94
C CYS G 119 -44.14 62.67 66.57
N GLY G 120 -45.26 62.23 66.01
CA GLY G 120 -46.35 63.09 65.54
C GLY G 120 -47.69 62.42 65.60
N VAL G 121 -48.74 63.20 65.44
CA VAL G 121 -50.11 62.69 65.54
C VAL G 121 -50.28 61.56 64.52
N GLY G 122 -50.84 60.44 64.96
CA GLY G 122 -51.03 59.28 64.09
C GLY G 122 -49.99 58.18 64.28
N ASP G 123 -48.78 58.54 64.73
CA ASP G 123 -47.74 57.55 64.93
C ASP G 123 -48.17 56.51 65.95
N GLU G 124 -47.77 55.26 65.71
CA GLU G 124 -47.97 54.18 66.65
C GLU G 124 -46.70 53.94 67.44
N LEU G 125 -46.85 53.82 68.76
CA LEU G 125 -45.75 53.52 69.66
C LEU G 125 -45.90 52.13 70.19
N LEU G 126 -44.79 51.42 70.30
CA LEU G 126 -44.77 50.02 70.75
C LEU G 126 -43.93 49.95 72.01
N LEU G 127 -44.44 49.31 73.04
CA LEU G 127 -43.73 49.21 74.27
C LEU G 127 -43.62 47.75 74.69
N ASP G 128 -42.53 47.41 75.35
CA ASP G 128 -42.28 46.07 75.83
C ASP G 128 -42.32 45.05 74.66
N ASP G 129 -41.44 45.30 73.68
CA ASP G 129 -41.27 44.39 72.55
C ASP G 129 -42.55 44.20 71.74
N GLY G 130 -43.39 45.25 71.70
CA GLY G 130 -44.63 45.21 70.97
C GLY G 130 -45.89 44.78 71.74
N ARG G 131 -45.73 44.46 73.00
CA ARG G 131 -46.84 43.90 73.82
C ARG G 131 -47.95 44.89 74.04
N VAL G 132 -47.58 46.15 74.21
CA VAL G 132 -48.53 47.26 74.35
C VAL G 132 -48.34 48.18 73.16
N VAL G 133 -49.44 48.66 72.61
CA VAL G 133 -49.40 49.53 71.43
C VAL G 133 -50.29 50.75 71.67
N MET G 134 -49.77 51.91 71.32
CA MET G 134 -50.50 53.16 71.46
C MET G 134 -50.41 53.97 70.18
N VAL G 135 -51.39 54.86 70.01
CA VAL G 135 -51.37 55.82 68.92
C VAL G 135 -51.34 57.23 69.51
N VAL G 136 -50.54 58.11 68.90
CA VAL G 136 -50.39 59.48 69.37
C VAL G 136 -51.62 60.29 68.89
N GLU G 137 -52.37 60.84 69.83
CA GLU G 137 -53.55 61.65 69.53
C GLU G 137 -53.23 63.15 69.49
N GLU G 138 -52.34 63.61 70.37
CA GLU G 138 -51.98 65.02 70.48
C GLU G 138 -50.51 65.13 70.82
N VAL G 139 -49.86 66.18 70.31
CA VAL G 139 -48.50 66.50 70.65
C VAL G 139 -48.46 67.88 71.26
N ALA G 140 -47.74 68.02 72.37
CA ALA G 140 -47.48 69.30 73.03
C ALA G 140 -45.97 69.46 73.13
N ALA G 141 -45.52 70.60 73.65
CA ALA G 141 -44.09 70.87 73.68
C ALA G 141 -43.29 69.88 74.54
N ASP G 142 -43.92 69.29 75.55
CA ASP G 142 -43.19 68.40 76.45
C ASP G 142 -43.80 67.00 76.58
N GLU G 143 -44.83 66.65 75.83
CA GLU G 143 -45.45 65.35 75.99
C GLU G 143 -46.20 64.86 74.78
N LEU G 144 -46.43 63.56 74.75
CA LEU G 144 -47.28 62.91 73.76
C LEU G 144 -48.50 62.35 74.47
N ARG G 145 -49.67 62.66 73.94
CA ARG G 145 -50.94 62.21 74.50
C ARG G 145 -51.50 61.12 73.61
N CYS G 146 -51.68 59.94 74.19
CA CYS G 146 -51.94 58.73 73.41
C CYS G 146 -53.21 58.02 73.83
N ARG G 147 -53.69 57.20 72.91
CA ARG G 147 -54.77 56.25 73.16
C ARG G 147 -54.17 54.83 73.03
N VAL G 148 -54.55 53.94 73.94
CA VAL G 148 -54.10 52.56 73.90
C VAL G 148 -54.88 51.79 72.84
N LEU G 149 -54.14 51.16 71.92
CA LEU G 149 -54.70 50.28 70.90
C LEU G 149 -54.73 48.82 71.37
N ILE G 150 -53.64 48.41 72.02
CA ILE G 150 -53.52 47.07 72.57
C ILE G 150 -53.04 47.20 73.99
N GLY G 151 -53.84 46.69 74.93
CA GLY G 151 -53.57 46.84 76.34
C GLY G 151 -52.55 45.87 76.87
N GLY G 152 -52.27 46.01 78.15
CA GLY G 152 -51.37 45.12 78.86
C GLY G 152 -50.71 45.86 80.01
N PRO G 153 -49.74 45.21 80.67
CA PRO G 153 -49.06 45.87 81.77
C PRO G 153 -47.91 46.75 81.31
N LEU G 154 -47.55 47.71 82.15
CA LEU G 154 -46.41 48.59 81.93
C LEU G 154 -45.69 48.73 83.24
N SER G 155 -44.38 48.70 83.23
CA SER G 155 -43.58 48.74 84.43
C SER G 155 -42.30 49.55 84.21
N ASP G 156 -41.53 49.76 85.27
CA ASP G 156 -40.36 50.64 85.22
C ASP G 156 -39.43 50.24 84.10
N HIS G 157 -38.92 51.26 83.40
CA HIS G 157 -37.87 51.08 82.38
C HIS G 157 -38.21 50.17 81.21
N LYS G 158 -39.48 49.98 80.91
CA LYS G 158 -39.83 49.24 79.69
C LYS G 158 -39.45 50.00 78.43
N GLY G 159 -39.11 49.26 77.41
CA GLY G 159 -38.68 49.83 76.13
C GLY G 159 -39.84 50.43 75.37
N ILE G 160 -39.53 51.45 74.59
CA ILE G 160 -40.49 52.07 73.70
C ILE G 160 -39.81 52.30 72.34
N ASN G 161 -40.55 52.09 71.27
CA ASN G 161 -40.10 52.41 69.93
C ASN G 161 -41.26 52.90 69.10
N ARG G 162 -40.92 53.55 68.02
CA ARG G 162 -41.91 54.05 67.07
C ARG G 162 -42.03 53.13 65.86
N ARG G 163 -43.23 52.89 65.44
CA ARG G 163 -43.47 52.03 64.26
C ARG G 163 -42.68 52.40 63.04
N GLY G 164 -42.43 53.71 62.78
CA GLY G 164 -41.59 54.13 61.67
C GLY G 164 -40.07 53.75 61.81
N GLY G 165 -39.68 53.95 63.09
CA GLY G 165 -38.31 53.61 63.50
C GLY G 165 -37.44 54.67 64.11
N GLY G 166 -37.91 55.87 64.41
CA GLY G 166 -37.09 57.03 64.63
C GLY G 166 -36.63 57.21 66.05
N LEU G 167 -36.97 56.30 67.01
CA LEU G 167 -36.39 56.44 68.32
C LEU G 167 -35.11 55.68 68.43
N THR G 168 -34.06 56.32 68.94
CA THR G 168 -32.80 55.75 69.26
C THR G 168 -31.92 56.88 69.83
N ALA G 169 -30.95 56.44 70.57
CA ALA G 169 -29.82 57.25 71.04
C ALA G 169 -28.62 56.92 70.14
N PRO G 170 -27.68 57.84 69.97
CA PRO G 170 -26.46 57.52 69.28
C PRO G 170 -25.47 56.68 70.25
N ALA G 171 -24.27 56.48 69.85
CA ALA G 171 -23.54 55.19 70.06
C ALA G 171 -23.27 54.23 71.17
N LEU G 172 -23.14 54.67 72.46
CA LEU G 172 -22.89 53.82 73.60
C LEU G 172 -23.31 54.81 74.59
N THR G 173 -24.10 54.46 75.66
CA THR G 173 -24.57 55.54 76.51
C THR G 173 -23.61 55.77 77.67
N ASP G 174 -23.84 56.84 78.43
CA ASP G 174 -23.03 57.08 79.62
C ASP G 174 -23.29 56.05 80.69
N LYS G 175 -24.55 55.65 80.84
CA LYS G 175 -24.88 54.54 81.71
C LYS G 175 -24.04 53.30 81.35
N ASP G 176 -23.96 52.97 80.08
CA ASP G 176 -23.23 51.78 79.65
C ASP G 176 -21.75 51.85 79.97
N LYS G 177 -21.16 53.03 79.78
CA LYS G 177 -19.75 53.23 80.14
C LYS G 177 -19.53 52.96 81.62
N ALA G 178 -20.46 53.43 82.45
CA ALA G 178 -20.39 53.15 83.89
C ALA G 178 -20.56 51.67 84.18
N ASP G 179 -21.51 51.02 83.48
CA ASP G 179 -21.76 49.60 83.69
C ASP G 179 -20.60 48.74 83.18
N ILE G 180 -19.89 49.19 82.15
CA ILE G 180 -18.71 48.47 81.69
C ILE G 180 -17.68 48.42 82.82
N LYS G 181 -17.48 49.54 83.49
CA LYS G 181 -16.57 49.59 84.65
C LYS G 181 -17.06 48.70 85.76
N LEU G 182 -18.36 48.73 86.01
CA LEU G 182 -18.93 47.85 87.02
C LEU G 182 -18.69 46.39 86.67
N ALA G 183 -18.85 46.03 85.40
CA ALA G 183 -18.66 44.66 84.97
C ALA G 183 -17.22 44.22 85.17
N ALA G 184 -16.29 45.07 84.76
CA ALA G 184 -14.86 44.80 84.98
C ALA G 184 -14.56 44.63 86.47
N ASP G 185 -15.14 45.49 87.30
CA ASP G 185 -14.91 45.45 88.73
C ASP G 185 -15.45 44.17 89.37
N MET G 186 -16.53 43.63 88.82
CA MET G 186 -17.12 42.38 89.32
C MET G 186 -16.49 41.14 88.72
N ASP G 187 -15.53 41.30 87.81
CA ASP G 187 -14.89 40.15 87.08
C ASP G 187 -15.91 39.31 86.32
N LEU G 188 -16.81 39.97 85.61
CA LEU G 188 -17.82 39.25 84.85
C LEU G 188 -17.18 38.49 83.70
N ASP G 189 -17.72 37.30 83.42
CA ASP G 189 -17.19 36.43 82.39
C ASP G 189 -17.63 36.87 80.99
N TYR G 190 -18.86 37.38 80.86
CA TYR G 190 -19.39 37.85 79.59
C TYR G 190 -20.06 39.20 79.77
N VAL G 191 -19.94 40.05 78.76
CA VAL G 191 -20.64 41.31 78.70
C VAL G 191 -21.36 41.40 77.36
N ALA G 192 -22.64 41.75 77.40
CA ALA G 192 -23.46 41.81 76.19
C ALA G 192 -23.74 43.25 75.81
N VAL G 193 -23.49 43.58 74.55
CA VAL G 193 -23.76 44.91 74.02
C VAL G 193 -25.12 44.91 73.32
N SER G 194 -25.96 45.88 73.65
CA SER G 194 -27.29 46.02 73.07
C SER G 194 -27.25 46.97 71.88
N PHE G 195 -28.08 46.66 70.87
CA PHE G 195 -28.26 47.47 69.68
C PHE G 195 -27.00 47.85 68.90
N PRO G 196 -26.00 46.95 68.86
CA PRO G 196 -24.89 47.27 67.99
C PRO G 196 -25.28 47.22 66.52
N ARG G 197 -24.61 48.02 65.71
CA ARG G 197 -24.89 48.13 64.28
C ARG G 197 -23.78 47.56 63.45
N ASP G 198 -22.54 47.58 63.88
CA ASP G 198 -21.43 47.12 63.06
C ASP G 198 -20.24 46.88 63.94
N ALA G 199 -19.17 46.34 63.35
CA ALA G 199 -17.97 46.04 64.07
C ALA G 199 -17.45 47.18 64.94
N LYS G 200 -17.61 48.42 64.47
CA LYS G 200 -17.10 49.58 65.22
C LYS G 200 -17.71 49.64 66.63
N ASP G 201 -19.01 49.42 66.75
CA ASP G 201 -19.69 49.49 68.04
C ASP G 201 -19.11 48.48 69.02
N MET G 202 -18.76 47.30 68.51
CA MET G 202 -18.18 46.25 69.35
C MET G 202 -16.72 46.53 69.68
N GLU G 203 -15.97 47.11 68.75
CA GLU G 203 -14.57 47.48 69.01
C GLU G 203 -14.49 48.57 70.07
N TYR G 204 -15.39 49.55 69.99
CA TYR G 204 -15.47 50.59 71.01
C TYR G 204 -15.73 49.98 72.39
N ALA G 205 -16.70 49.07 72.46
CA ALA G 205 -17.01 48.43 73.73
C ALA G 205 -15.83 47.63 74.27
N ARG G 206 -15.08 47.01 73.36
CA ARG G 206 -13.91 46.23 73.74
C ARG G 206 -12.80 47.12 74.29
N ARG G 207 -12.67 48.30 73.71
CA ARG G 207 -11.67 49.25 74.16
C ARG G 207 -11.96 49.70 75.57
N LEU G 208 -13.20 50.09 75.81
CA LEU G 208 -13.61 50.53 77.14
C LEU G 208 -13.45 49.42 78.17
N LEU G 209 -13.74 48.18 77.77
CA LEU G 209 -13.65 47.08 78.71
C LEU G 209 -12.21 46.78 79.08
N THR G 210 -11.32 46.76 78.08
CA THR G 210 -9.91 46.51 78.36
C THR G 210 -9.31 47.67 79.17
N GLU G 211 -9.62 48.92 78.78
CA GLU G 211 -9.22 50.10 79.56
C GLU G 211 -9.61 50.00 81.03
N ALA G 212 -10.76 49.41 81.33
CA ALA G 212 -11.17 49.20 82.73
C ALA G 212 -10.59 47.91 83.32
N GLY G 213 -9.69 47.24 82.62
CA GLY G 213 -9.09 46.01 83.10
C GLY G 213 -9.98 44.78 83.10
N GLY G 214 -11.03 44.79 82.27
CA GLY G 214 -11.98 43.68 82.21
C GLY G 214 -11.50 42.58 81.30
N LYS G 215 -11.64 41.33 81.75
CA LYS G 215 -11.25 40.17 80.95
C LYS G 215 -12.44 39.48 80.26
N ALA G 216 -13.63 40.06 80.37
CA ALA G 216 -14.82 39.43 79.85
C ALA G 216 -14.80 39.31 78.34
N TRP G 217 -15.48 38.26 77.85
CA TRP G 217 -15.75 38.11 76.44
C TRP G 217 -17.02 38.86 76.08
N LEU G 218 -17.07 39.37 74.86
CA LEU G 218 -18.13 40.25 74.42
C LEU G 218 -19.21 39.52 73.61
N VAL G 219 -20.48 39.79 73.95
CA VAL G 219 -21.60 39.23 73.23
C VAL G 219 -22.30 40.32 72.46
N ALA G 220 -22.40 40.15 71.14
CA ALA G 220 -23.17 41.07 70.31
C ALA G 220 -24.62 40.61 70.24
N LYS G 221 -25.53 41.44 70.70
CA LYS G 221 -26.95 41.17 70.59
C LYS G 221 -27.44 41.62 69.22
N ILE G 222 -27.97 40.68 68.44
CA ILE G 222 -28.46 40.99 67.10
C ILE G 222 -29.92 41.42 67.24
N GLU G 223 -30.13 42.73 67.38
CA GLU G 223 -31.47 43.30 67.52
C GLU G 223 -31.81 44.49 66.58
N ARG G 224 -30.91 44.82 65.65
CA ARG G 224 -31.15 45.97 64.78
C ARG G 224 -31.29 45.51 63.37
N ALA G 225 -32.24 46.11 62.64
CA ALA G 225 -32.45 45.75 61.24
C ALA G 225 -31.17 45.88 60.42
N GLU G 226 -30.35 46.88 60.74
CA GLU G 226 -29.13 47.14 59.98
C GLU G 226 -28.11 46.02 60.14
N ALA G 227 -28.13 45.37 61.30
CA ALA G 227 -27.20 44.26 61.59
C ALA G 227 -27.44 43.01 60.74
N VAL G 228 -28.66 42.85 60.21
CA VAL G 228 -29.00 41.68 59.41
C VAL G 228 -29.42 42.04 57.99
N ALA G 229 -29.15 43.29 57.58
CA ALA G 229 -29.50 43.77 56.25
C ALA G 229 -28.86 42.92 55.15
N ASP G 230 -27.65 42.41 55.39
CA ASP G 230 -27.01 41.53 54.43
C ASP G 230 -25.91 40.76 55.12
N ASP G 231 -25.35 39.79 54.41
CA ASP G 231 -24.33 38.92 55.01
C ASP G 231 -23.09 39.66 55.49
N ASP G 232 -22.67 40.70 54.77
CA ASP G 232 -21.47 41.45 55.16
C ASP G 232 -21.70 42.20 56.48
N ALA G 233 -22.87 42.83 56.62
CA ALA G 233 -23.21 43.50 57.86
C ALA G 233 -23.15 42.50 59.04
N LEU G 234 -23.85 41.39 58.90
CA LEU G 234 -23.92 40.40 59.96
C LEU G 234 -22.56 39.80 60.26
N ASP G 235 -21.87 39.31 59.23
CA ASP G 235 -20.57 38.66 59.42
C ASP G 235 -19.53 39.62 60.02
N GLY G 236 -19.60 40.90 59.66
CA GLY G 236 -18.72 41.89 60.23
C GLY G 236 -18.92 42.01 61.74
N LEU G 237 -20.19 42.10 62.12
CA LEU G 237 -20.56 42.21 63.52
C LEU G 237 -20.18 40.95 64.30
N ILE G 238 -20.37 39.79 63.69
CA ILE G 238 -20.02 38.53 64.33
C ILE G 238 -18.52 38.43 64.55
N ARG G 239 -17.74 38.80 63.54
CA ARG G 239 -16.28 38.63 63.63
C ARG G 239 -15.65 39.51 64.68
N ALA G 240 -16.29 40.64 64.96
CA ALA G 240 -15.85 41.55 66.00
C ALA G 240 -16.24 41.12 67.41
N SER G 241 -16.90 39.98 67.57
CA SER G 241 -17.39 39.56 68.86
C SER G 241 -16.82 38.22 69.23
N ASP G 242 -17.08 37.81 70.46
CA ASP G 242 -16.76 36.47 70.89
C ASP G 242 -17.99 35.59 70.86
N ALA G 243 -19.16 36.22 70.99
CA ALA G 243 -20.42 35.50 71.01
C ALA G 243 -21.51 36.40 70.50
N VAL G 244 -22.62 35.79 70.07
CA VAL G 244 -23.77 36.57 69.61
C VAL G 244 -25.02 36.02 70.25
N MET G 245 -26.02 36.90 70.34
CA MET G 245 -27.32 36.54 70.90
C MET G 245 -28.40 36.86 69.87
N VAL G 246 -29.27 35.88 69.61
CA VAL G 246 -30.42 36.10 68.77
C VAL G 246 -31.50 36.71 69.67
N ALA G 247 -31.59 38.02 69.60
CA ALA G 247 -32.41 38.77 70.55
C ALA G 247 -33.78 39.00 69.92
N ARG G 248 -34.65 38.02 70.08
CA ARG G 248 -35.81 37.95 69.21
C ARG G 248 -36.88 38.97 69.54
N GLY G 249 -36.89 39.47 70.77
CA GLY G 249 -37.80 40.54 71.16
C GLY G 249 -37.61 41.79 70.31
N ASP G 250 -36.50 42.45 70.49
CA ASP G 250 -36.22 43.66 69.74
C ASP G 250 -36.06 43.39 68.24
N LEU G 251 -35.44 42.27 67.89
CA LEU G 251 -35.21 41.95 66.48
C LEU G 251 -36.55 41.76 65.76
N GLY G 252 -37.50 41.11 66.40
CA GLY G 252 -38.82 40.90 65.81
C GLY G 252 -39.55 42.21 65.55
N VAL G 253 -39.43 43.16 66.45
CA VAL G 253 -39.98 44.48 66.24
C VAL G 253 -39.32 45.14 65.01
N GLU G 254 -38.01 45.02 64.90
CA GLU G 254 -37.28 45.72 63.86
C GLU G 254 -37.46 45.13 62.47
N ILE G 255 -37.55 43.81 62.35
CA ILE G 255 -37.69 43.17 61.03
C ILE G 255 -38.99 42.46 60.81
N GLY G 256 -39.82 42.36 61.85
CA GLY G 256 -41.13 41.66 61.77
C GLY G 256 -41.04 40.20 62.19
N ASP G 257 -41.98 39.73 62.99
CA ASP G 257 -41.88 38.36 63.50
C ASP G 257 -41.87 37.28 62.40
N ALA G 258 -42.52 37.54 61.27
CA ALA G 258 -42.54 36.59 60.17
C ALA G 258 -41.18 36.33 59.52
N GLU G 259 -40.19 37.18 59.79
CA GLU G 259 -38.86 36.99 59.25
C GLU G 259 -37.89 36.33 60.24
N LEU G 260 -38.32 36.12 61.48
CA LEU G 260 -37.41 35.62 62.50
C LEU G 260 -36.86 34.23 62.21
N VAL G 261 -37.70 33.32 61.76
CA VAL G 261 -37.28 31.93 61.63
C VAL G 261 -36.03 31.78 60.75
N GLY G 262 -36.00 32.48 59.63
CA GLY G 262 -34.90 32.38 58.71
C GLY G 262 -33.63 33.02 59.25
N ILE G 263 -33.81 34.14 59.94
CA ILE G 263 -32.69 34.89 60.46
C ILE G 263 -32.10 34.20 61.70
N GLN G 264 -32.94 33.65 62.57
CA GLN G 264 -32.43 32.87 63.68
C GLN G 264 -31.47 31.79 63.16
N LYS G 265 -31.90 31.08 62.12
CA LYS G 265 -31.08 30.01 61.60
C LYS G 265 -29.80 30.52 60.96
N LYS G 266 -29.89 31.66 60.25
CA LYS G 266 -28.72 32.22 59.63
C LYS G 266 -27.70 32.69 60.68
N ILE G 267 -28.18 33.39 61.69
CA ILE G 267 -27.29 33.91 62.72
C ILE G 267 -26.53 32.75 63.41
N ILE G 268 -27.25 31.71 63.79
CA ILE G 268 -26.63 30.59 64.47
C ILE G 268 -25.55 29.98 63.58
N LEU G 269 -25.89 29.72 62.32
CA LEU G 269 -24.96 29.09 61.40
C LEU G 269 -23.73 29.99 61.15
N HIS G 270 -23.96 31.27 60.86
CA HIS G 270 -22.83 32.16 60.60
C HIS G 270 -21.95 32.31 61.82
N ALA G 271 -22.55 32.37 63.00
CA ALA G 271 -21.77 32.42 64.22
C ALA G 271 -20.85 31.20 64.33
N ARG G 272 -21.40 30.00 64.16
CA ARG G 272 -20.60 28.79 64.28
C ARG G 272 -19.50 28.76 63.22
N ARG G 273 -19.81 29.18 62.00
CA ARG G 273 -18.81 29.18 60.95
C ARG G 273 -17.63 30.08 61.25
N ASN G 274 -17.90 31.20 61.90
CA ASN G 274 -16.84 32.11 62.35
C ASN G 274 -16.30 31.78 63.74
N ASN G 275 -16.56 30.58 64.23
CA ASN G 275 -16.02 30.10 65.51
C ASN G 275 -16.40 30.97 66.70
N LYS G 276 -17.66 31.39 66.74
CA LYS G 276 -18.22 32.12 67.85
C LYS G 276 -19.32 31.34 68.53
N VAL G 277 -19.61 31.74 69.76
CA VAL G 277 -20.66 31.13 70.56
C VAL G 277 -21.97 31.84 70.23
N VAL G 278 -23.10 31.12 70.29
CA VAL G 278 -24.37 31.75 70.00
C VAL G 278 -25.46 31.35 70.98
N ILE G 279 -26.22 32.35 71.42
CA ILE G 279 -27.34 32.19 72.35
C ILE G 279 -28.67 32.52 71.64
N THR G 280 -29.69 31.70 71.87
CA THR G 280 -31.04 32.00 71.38
C THR G 280 -31.89 32.48 72.56
N ALA G 281 -32.64 33.57 72.39
CA ALA G 281 -33.31 34.22 73.52
C ALA G 281 -34.72 34.71 73.24
N THR G 282 -35.44 34.98 74.34
CA THR G 282 -36.67 35.75 74.40
C THR G 282 -37.97 34.97 74.14
N GLN G 283 -38.75 34.84 75.22
CA GLN G 283 -40.07 34.25 75.21
C GLN G 283 -40.06 32.77 74.86
N MET G 284 -38.95 32.10 75.11
CA MET G 284 -38.86 30.70 74.80
C MET G 284 -39.86 29.87 75.62
N MET G 285 -40.13 30.29 76.85
CA MET G 285 -41.10 29.58 77.69
C MET G 285 -42.00 30.53 78.46
N GLU G 286 -42.45 31.58 77.78
CA GLU G 286 -43.17 32.69 78.40
C GLU G 286 -44.37 32.25 79.27
N SER G 287 -45.10 31.24 78.84
CA SER G 287 -46.26 30.83 79.60
C SER G 287 -45.90 30.40 81.03
N MET G 288 -44.65 30.01 81.24
CA MET G 288 -44.19 29.59 82.57
C MET G 288 -43.98 30.72 83.55
N ILE G 289 -44.10 31.97 83.12
CA ILE G 289 -44.27 33.04 84.06
C ILE G 289 -45.42 32.76 85.04
N HIS G 290 -46.54 32.25 84.54
CA HIS G 290 -47.73 32.00 85.34
C HIS G 290 -48.15 30.54 85.39
N SER G 291 -47.39 29.63 84.81
CA SER G 291 -47.79 28.23 84.79
C SER G 291 -46.58 27.33 85.08
N PRO G 292 -46.82 26.22 85.77
CA PRO G 292 -45.70 25.35 86.09
C PRO G 292 -45.28 24.38 84.97
N MET G 293 -45.90 24.46 83.80
CA MET G 293 -45.49 23.67 82.64
C MET G 293 -45.54 24.50 81.38
N PRO G 294 -44.68 24.20 80.41
CA PRO G 294 -44.70 24.94 79.16
C PRO G 294 -45.76 24.44 78.19
N THR G 295 -46.10 25.28 77.22
CA THR G 295 -46.97 24.87 76.12
C THR G 295 -46.18 24.04 75.10
N ARG G 296 -46.90 23.37 74.22
CA ARG G 296 -46.26 22.59 73.16
C ARG G 296 -45.46 23.48 72.22
N ALA G 297 -45.94 24.69 71.98
CA ALA G 297 -45.20 25.62 71.13
C ALA G 297 -43.86 25.97 71.77
N GLU G 298 -43.86 26.14 73.08
CA GLU G 298 -42.65 26.48 73.80
C GLU G 298 -41.65 25.32 73.77
N VAL G 299 -42.15 24.10 73.99
CA VAL G 299 -41.30 22.93 73.86
C VAL G 299 -40.67 22.87 72.47
N SER G 300 -41.50 23.07 71.45
CA SER G 300 -41.03 23.03 70.08
C SER G 300 -40.00 24.11 69.79
N ASP G 301 -40.20 25.31 70.33
CA ASP G 301 -39.30 26.43 70.08
C ASP G 301 -37.89 26.10 70.60
N VAL G 302 -37.83 25.58 71.81
CA VAL G 302 -36.57 25.28 72.43
C VAL G 302 -35.90 24.14 71.68
N ALA G 303 -36.65 23.08 71.44
CA ALA G 303 -36.10 21.92 70.76
C ALA G 303 -35.57 22.29 69.38
N ASN G 304 -36.29 23.13 68.67
CA ASN G 304 -35.81 23.52 67.35
C ASN G 304 -34.57 24.36 67.42
N ALA G 305 -34.42 25.16 68.47
CA ALA G 305 -33.16 25.91 68.66
C ALA G 305 -32.00 24.93 68.91
N VAL G 306 -32.27 23.85 69.62
CA VAL G 306 -31.25 22.86 69.86
C VAL G 306 -30.86 22.17 68.53
N LEU G 307 -31.83 21.86 67.70
CA LEU G 307 -31.53 21.26 66.39
C LEU G 307 -30.86 22.24 65.45
N ASP G 308 -31.17 23.54 65.55
CA ASP G 308 -30.39 24.56 64.82
C ASP G 308 -28.92 24.60 65.28
N TYR G 309 -28.60 23.93 66.39
CA TYR G 309 -27.25 23.87 66.98
C TYR G 309 -26.82 25.19 67.65
N THR G 310 -27.74 25.78 68.36
CA THR G 310 -27.42 26.89 69.25
C THR G 310 -26.55 26.37 70.40
N ASP G 311 -25.71 27.23 70.93
CA ASP G 311 -24.92 26.87 72.11
C ASP G 311 -25.77 26.89 73.35
N ALA G 312 -26.60 27.91 73.47
CA ALA G 312 -27.42 28.09 74.65
C ALA G 312 -28.77 28.64 74.35
N VAL G 313 -29.69 28.39 75.26
CA VAL G 313 -31.02 28.96 75.23
C VAL G 313 -31.19 29.76 76.52
N MET G 314 -31.99 30.80 76.46
CA MET G 314 -32.10 31.79 77.53
C MET G 314 -33.51 31.90 78.10
N LEU G 315 -33.58 32.22 79.38
CA LEU G 315 -34.81 32.61 80.06
C LEU G 315 -34.67 34.06 80.51
N SER G 316 -35.73 34.86 80.37
CA SER G 316 -35.69 36.23 80.89
C SER G 316 -36.67 36.47 82.03
N ALA G 317 -37.95 36.67 81.75
CA ALA G 317 -38.90 36.93 82.82
C ALA G 317 -39.24 35.59 83.47
N GLU G 318 -39.14 34.50 82.72
CA GLU G 318 -39.49 33.19 83.25
C GLU G 318 -38.69 32.90 84.52
N SER G 319 -37.41 33.28 84.53
CA SER G 319 -36.55 33.06 85.69
C SER G 319 -36.38 34.29 86.59
N ALA G 320 -36.53 35.48 86.03
CA ALA G 320 -36.29 36.72 86.78
C ALA G 320 -37.51 37.22 87.58
N ALA G 321 -38.69 37.14 86.99
CA ALA G 321 -39.90 37.71 87.61
C ALA G 321 -41.05 36.73 87.84
N GLY G 322 -41.01 35.55 87.26
CA GLY G 322 -42.19 34.69 87.20
C GLY G 322 -42.43 33.89 88.47
N GLU G 323 -43.51 33.14 88.45
CA GLU G 323 -43.88 32.33 89.61
C GLU G 323 -43.17 31.00 89.68
N TYR G 324 -42.51 30.56 88.61
CA TYR G 324 -41.93 29.20 88.58
C TYR G 324 -40.53 29.18 87.94
N PRO G 325 -39.61 29.99 88.46
CA PRO G 325 -38.27 30.03 87.86
C PRO G 325 -37.54 28.68 87.89
N VAL G 326 -37.67 27.91 88.94
CA VAL G 326 -36.94 26.65 89.01
C VAL G 326 -37.54 25.63 88.04
N GLU G 327 -38.86 25.59 87.99
CA GLU G 327 -39.55 24.64 87.11
C GLU G 327 -39.27 24.97 85.64
N ALA G 328 -39.12 26.25 85.31
CA ALA G 328 -38.76 26.65 83.96
C ALA G 328 -37.40 26.10 83.56
N VAL G 329 -36.40 26.28 84.41
CA VAL G 329 -35.07 25.75 84.14
C VAL G 329 -35.12 24.24 83.97
N LYS G 330 -35.80 23.56 84.89
CA LYS G 330 -35.93 22.08 84.79
C LYS G 330 -36.55 21.67 83.48
N ALA G 331 -37.62 22.34 83.08
CA ALA G 331 -38.33 22.00 81.84
C ALA G 331 -37.43 22.23 80.63
N MET G 332 -36.79 23.40 80.60
CA MET G 332 -35.89 23.72 79.51
C MET G 332 -34.79 22.67 79.39
N ALA G 333 -34.21 22.29 80.51
CA ALA G 333 -33.14 21.30 80.52
C ALA G 333 -33.62 19.94 79.99
N ARG G 334 -34.84 19.56 80.32
CA ARG G 334 -35.39 18.28 79.90
C ARG G 334 -35.62 18.29 78.36
N VAL G 335 -36.08 19.41 77.84
CA VAL G 335 -36.35 19.50 76.42
C VAL G 335 -35.06 19.46 75.63
N CYS G 336 -34.02 20.10 76.16
CA CYS G 336 -32.71 20.04 75.51
C CYS G 336 -32.21 18.60 75.43
N GLN G 337 -32.30 17.87 76.53
CA GLN G 337 -31.85 16.48 76.54
C GLN G 337 -32.56 15.66 75.49
N GLY G 338 -33.86 15.88 75.34
CA GLY G 338 -34.65 15.11 74.36
C GLY G 338 -34.24 15.40 72.94
N ALA G 339 -34.10 16.69 72.61
CA ALA G 339 -33.71 17.07 71.29
C ALA G 339 -32.30 16.59 70.92
N GLU G 340 -31.42 16.47 71.91
CA GLU G 340 -30.05 16.02 71.68
C GLU G 340 -29.93 14.55 71.27
N LYS G 341 -30.98 13.75 71.52
CA LYS G 341 -31.00 12.36 71.06
C LYS G 341 -31.22 12.24 69.55
N HIS G 342 -31.74 13.27 68.90
CA HIS G 342 -31.96 13.25 67.46
C HIS G 342 -30.67 12.91 66.70
N PRO G 343 -30.78 12.12 65.62
CA PRO G 343 -29.57 11.79 64.81
C PRO G 343 -28.81 13.00 64.22
N THR G 344 -29.51 14.08 63.88
CA THR G 344 -28.82 15.27 63.33
C THR G 344 -27.97 16.02 64.38
N SER G 345 -28.18 15.77 65.67
CA SER G 345 -27.38 16.41 66.72
C SER G 345 -25.94 15.85 66.84
N GLN G 346 -25.69 14.67 66.28
CA GLN G 346 -24.42 13.96 66.48
C GLN G 346 -23.60 13.73 65.20
N LYS G 347 -24.17 13.99 64.01
CA LYS G 347 -23.50 13.71 62.73
C LYS G 347 -23.02 15.03 62.11
N SER G 348 -21.77 15.03 61.65
CA SER G 348 -21.12 16.21 61.09
C SER G 348 -20.54 15.89 59.70
N SER G 349 -20.54 16.92 58.84
CA SER G 349 -19.80 16.87 57.59
C SER G 349 -18.30 17.24 57.76
N HIS G 350 -17.92 17.74 58.94
CA HIS G 350 -16.53 17.98 59.32
C HIS G 350 -15.80 19.01 58.48
N ARG G 351 -16.56 19.98 57.96
CA ARG G 351 -16.02 21.04 57.12
C ARG G 351 -15.19 20.54 55.93
N LEU G 352 -15.60 19.39 55.37
CA LEU G 352 -14.95 18.83 54.19
C LEU G 352 -14.88 19.83 53.04
N GLY G 353 -13.73 19.83 52.36
CA GLY G 353 -13.47 20.75 51.27
C GLY G 353 -13.01 22.13 51.67
N GLN G 354 -13.08 22.48 52.96
CA GLN G 354 -12.73 23.83 53.39
C GLN G 354 -11.23 23.96 53.71
N THR G 355 -10.79 25.18 53.93
CA THR G 355 -9.40 25.49 54.18
C THR G 355 -9.23 25.96 55.62
N PHE G 356 -8.33 25.33 56.35
CA PHE G 356 -8.06 25.74 57.73
C PHE G 356 -6.98 26.81 57.75
N ASP G 357 -7.01 27.65 58.77
CA ASP G 357 -6.04 28.74 58.90
C ASP G 357 -4.94 28.45 59.88
N ARG G 358 -5.26 27.84 61.01
CA ARG G 358 -4.31 27.76 62.11
C ARG G 358 -4.03 26.31 62.45
N CYS G 359 -2.98 26.12 63.20
CA CYS G 359 -2.56 24.81 63.65
C CYS G 359 -3.44 24.30 64.80
N ASP G 360 -3.74 25.16 65.77
CA ASP G 360 -4.56 24.71 66.91
C ASP G 360 -5.98 24.43 66.47
N GLU G 361 -6.50 25.26 65.54
CA GLU G 361 -7.75 24.95 64.85
C GLU G 361 -7.71 23.54 64.27
N SER G 362 -6.62 23.19 63.62
CA SER G 362 -6.49 21.87 62.98
C SER G 362 -6.55 20.70 63.93
N ILE G 363 -5.93 20.84 65.09
CA ILE G 363 -5.96 19.77 66.08
C ILE G 363 -7.35 19.62 66.65
N ALA G 364 -8.03 20.74 66.87
CA ALA G 364 -9.42 20.67 67.35
C ALA G 364 -10.29 19.93 66.35
N LEU G 365 -10.23 20.35 65.09
CA LEU G 365 -11.04 19.71 64.05
C LEU G 365 -10.69 18.25 63.89
N ALA G 366 -9.39 17.94 63.95
CA ALA G 366 -8.94 16.57 63.79
C ALA G 366 -9.44 15.68 64.90
N SER G 367 -9.58 16.24 66.11
CA SER G 367 -10.08 15.48 67.25
C SER G 367 -11.55 15.18 67.10
N MET G 368 -12.32 16.17 66.67
CA MET G 368 -13.76 15.93 66.46
C MET G 368 -13.99 14.90 65.36
N TYR G 369 -13.23 14.99 64.27
CA TYR G 369 -13.24 13.95 63.25
C TYR G 369 -12.94 12.59 63.84
N THR G 370 -11.87 12.49 64.61
CA THR G 370 -11.47 11.21 65.16
C THR G 370 -12.54 10.66 66.09
N ALA G 371 -13.03 11.51 67.00
CA ALA G 371 -14.02 11.07 67.98
C ALA G 371 -15.33 10.65 67.35
N ASN G 372 -15.77 11.38 66.33
CA ASN G 372 -17.01 11.01 65.64
C ASN G 372 -16.92 9.71 64.87
N HIS G 373 -15.73 9.20 64.59
CA HIS G 373 -15.60 7.97 63.81
C HIS G 373 -15.06 6.77 64.56
N PHE G 374 -14.31 6.96 65.65
CA PHE G 374 -13.83 5.86 66.47
C PHE G 374 -14.72 5.84 67.73
N PRO G 375 -15.78 5.01 67.73
CA PRO G 375 -16.78 5.11 68.81
C PRO G 375 -16.28 4.63 70.18
N GLY G 376 -15.14 3.92 70.21
CA GLY G 376 -14.47 3.62 71.46
C GLY G 376 -14.06 4.83 72.27
N ILE G 377 -13.93 6.00 71.60
CA ILE G 377 -13.62 7.24 72.28
C ILE G 377 -14.83 7.75 73.04
N LYS G 378 -14.67 7.92 74.35
CA LYS G 378 -15.77 8.31 75.21
C LYS G 378 -15.63 9.71 75.76
N ALA G 379 -14.48 10.35 75.54
CA ALA G 379 -14.29 11.71 76.02
C ALA G 379 -13.12 12.36 75.35
N ILE G 380 -13.10 13.69 75.40
CA ILE G 380 -11.98 14.47 74.90
C ILE G 380 -11.43 15.30 76.06
N ILE G 381 -10.17 15.06 76.41
CA ILE G 381 -9.46 15.78 77.43
C ILE G 381 -8.70 16.88 76.71
N CYS G 382 -9.18 18.11 76.84
CA CYS G 382 -8.59 19.23 76.16
C CYS G 382 -7.91 20.12 77.20
N LEU G 383 -6.58 20.04 77.28
CA LEU G 383 -5.81 20.92 78.13
C LEU G 383 -5.77 22.29 77.47
N THR G 384 -6.34 23.27 78.14
CA THR G 384 -6.46 24.60 77.56
C THR G 384 -6.18 25.68 78.58
N GLU G 385 -5.59 26.75 78.11
CA GLU G 385 -5.26 27.90 78.91
C GLU G 385 -6.43 28.88 78.94
N SER G 386 -6.91 29.27 77.77
CA SER G 386 -7.92 30.31 77.63
C SER G 386 -9.29 29.78 77.18
N GLY G 387 -9.39 28.49 76.89
CA GLY G 387 -10.63 27.91 76.36
C GLY G 387 -10.80 27.96 74.85
N PHE G 388 -9.83 28.51 74.13
CA PHE G 388 -9.92 28.60 72.68
C PHE G 388 -10.00 27.24 71.98
N THR G 389 -9.19 26.31 72.39
CA THR G 389 -9.21 25.00 71.75
C THR G 389 -10.57 24.31 71.86
N PRO G 390 -11.18 24.24 73.05
CA PRO G 390 -12.51 23.60 73.10
C PRO G 390 -13.63 24.46 72.50
N LEU G 391 -13.40 25.76 72.33
CA LEU G 391 -14.32 26.55 71.53
C LEU G 391 -14.43 26.00 70.11
N ILE G 392 -13.28 25.72 69.49
CA ILE G 392 -13.26 25.20 68.12
C ILE G 392 -13.84 23.79 68.09
N MET G 393 -13.45 22.94 69.02
CA MET G 393 -13.99 21.59 69.05
C MET G 393 -15.53 21.62 69.05
N SER G 394 -16.10 22.53 69.83
CA SER G 394 -17.54 22.52 70.05
C SER G 394 -18.35 23.18 68.93
N ARG G 395 -17.66 23.77 67.94
CA ARG G 395 -18.34 24.17 66.71
C ARG G 395 -18.75 23.00 65.82
N ILE G 396 -18.25 21.80 66.08
CA ILE G 396 -18.51 20.66 65.24
C ILE G 396 -19.57 19.79 65.87
N ARG G 397 -20.56 19.39 65.07
CA ARG G 397 -21.63 18.57 65.61
C ARG G 397 -21.06 17.28 66.11
N SER G 398 -21.42 16.91 67.33
CA SER G 398 -20.99 15.67 67.93
C SER G 398 -21.81 15.38 69.17
N SER G 399 -21.75 14.16 69.67
CA SER G 399 -22.26 13.86 70.99
C SER G 399 -21.17 13.45 72.01
N VAL G 400 -19.90 13.56 71.64
CA VAL G 400 -18.82 13.18 72.53
C VAL G 400 -18.58 14.29 73.58
N PRO G 401 -18.45 13.94 74.86
CA PRO G 401 -18.16 14.97 75.87
C PRO G 401 -16.81 15.62 75.70
N ILE G 402 -16.78 16.94 75.70
CA ILE G 402 -15.57 17.74 75.61
C ILE G 402 -15.27 18.31 77.01
N TYR G 403 -14.14 17.92 77.59
CA TYR G 403 -13.71 18.42 78.90
C TYR G 403 -12.60 19.45 78.77
N ALA G 404 -12.88 20.68 79.21
CA ALA G 404 -11.88 21.75 79.23
C ALA G 404 -11.12 21.71 80.57
N TYR G 405 -9.88 21.22 80.50
CA TYR G 405 -8.95 21.18 81.64
C TYR G 405 -8.20 22.51 81.69
N SER G 406 -8.42 23.27 82.75
CA SER G 406 -7.75 24.55 82.88
C SER G 406 -7.48 24.84 84.35
N PRO G 407 -6.38 25.55 84.63
CA PRO G 407 -6.14 25.97 85.98
C PRO G 407 -6.83 27.29 86.32
N HIS G 408 -7.14 28.09 85.30
CA HIS G 408 -7.65 29.45 85.52
C HIS G 408 -9.16 29.46 85.74
N ARG G 409 -9.61 30.35 86.63
CA ARG G 409 -11.02 30.52 86.91
C ARG G 409 -11.74 31.18 85.75
N GLU G 410 -11.11 32.20 85.17
CA GLU G 410 -11.64 32.87 83.97
C GLU G 410 -12.07 31.85 82.91
N THR G 411 -11.21 30.87 82.67
CA THR G 411 -11.47 29.86 81.66
C THR G 411 -12.49 28.86 82.14
N GLN G 412 -12.38 28.43 83.40
CA GLN G 412 -13.32 27.46 83.96
C GLN G 412 -14.78 27.93 83.84
N ALA G 413 -15.00 29.24 83.96
CA ALA G 413 -16.33 29.81 83.82
C ALA G 413 -16.73 30.05 82.36
N ARG G 414 -15.80 30.59 81.59
CA ARG G 414 -16.04 30.91 80.18
C ARG G 414 -16.69 29.75 79.44
N VAL G 415 -16.13 28.57 79.59
CA VAL G 415 -16.58 27.44 78.80
C VAL G 415 -17.97 26.93 79.23
N ALA G 416 -18.51 27.46 80.31
CA ALA G 416 -19.85 27.08 80.74
C ALA G 416 -20.92 27.38 79.67
N MET G 417 -20.68 28.38 78.84
CA MET G 417 -21.58 28.68 77.74
C MET G 417 -21.33 27.89 76.44
N PHE G 418 -20.28 27.06 76.39
CA PHE G 418 -19.93 26.33 75.17
C PHE G 418 -20.74 25.03 75.13
N ARG G 419 -21.44 24.79 74.02
CA ARG G 419 -22.22 23.57 73.93
C ARG G 419 -21.33 22.33 74.03
N GLY G 420 -21.72 21.41 74.91
CA GLY G 420 -21.06 20.12 75.05
C GLY G 420 -19.77 20.11 75.88
N VAL G 421 -19.37 21.25 76.41
CA VAL G 421 -18.11 21.37 77.14
C VAL G 421 -18.35 21.41 78.66
N GLU G 422 -17.60 20.62 79.40
CA GLU G 422 -17.62 20.64 80.86
C GLU G 422 -16.23 21.05 81.37
N THR G 423 -16.20 21.76 82.48
CA THR G 423 -14.94 22.18 83.09
C THR G 423 -14.41 21.11 84.03
N ILE G 424 -13.11 20.85 83.92
CA ILE G 424 -12.38 20.06 84.90
C ILE G 424 -11.19 20.90 85.37
N PRO G 425 -11.21 21.40 86.63
CA PRO G 425 -10.06 22.21 87.09
C PRO G 425 -8.82 21.32 87.20
N PHE G 426 -7.70 21.84 86.69
CA PHE G 426 -6.50 21.03 86.48
C PHE G 426 -5.35 21.94 86.14
N ASP G 427 -4.19 21.66 86.76
CA ASP G 427 -2.97 22.43 86.53
C ASP G 427 -1.84 21.51 86.11
N PRO G 428 -1.63 21.37 84.79
CA PRO G 428 -0.59 20.45 84.34
C PRO G 428 0.84 20.93 84.68
N ALA G 429 1.08 22.25 84.68
CA ALA G 429 2.42 22.80 84.96
C ALA G 429 2.94 22.43 86.37
N ALA G 430 2.04 22.25 87.32
CA ALA G 430 2.40 21.89 88.68
C ALA G 430 2.48 20.39 88.89
N LEU G 431 2.75 19.64 87.84
CA LEU G 431 2.90 18.19 87.94
C LEU G 431 4.17 17.74 87.24
N PRO G 432 4.72 16.58 87.65
CA PRO G 432 5.81 15.99 86.85
C PRO G 432 5.32 15.63 85.44
N ALA G 433 5.95 16.24 84.43
CA ALA G 433 5.52 16.09 83.03
C ALA G 433 5.06 14.68 82.64
N GLU G 434 5.80 13.66 83.07
CA GLU G 434 5.48 12.28 82.69
C GLU G 434 4.20 11.74 83.32
N LYS G 435 3.67 12.42 84.34
CA LYS G 435 2.46 11.96 85.04
C LYS G 435 1.17 12.67 84.61
N VAL G 436 1.28 13.71 83.77
CA VAL G 436 0.13 14.52 83.37
C VAL G 436 -1.01 13.69 82.75
N SER G 437 -0.70 12.87 81.75
CA SER G 437 -1.72 12.09 81.08
C SER G 437 -2.56 11.26 82.03
N GLN G 438 -1.91 10.49 82.88
CA GLN G 438 -2.67 9.63 83.80
C GLN G 438 -3.39 10.44 84.86
N ALA G 439 -2.86 11.61 85.19
CA ALA G 439 -3.51 12.50 86.13
C ALA G 439 -4.83 13.00 85.56
N ALA G 440 -4.80 13.45 84.31
CA ALA G 440 -6.01 13.86 83.60
C ALA G 440 -7.01 12.72 83.48
N VAL G 441 -6.55 11.54 83.11
CA VAL G 441 -7.47 10.41 83.01
C VAL G 441 -8.07 10.07 84.37
N ASP G 442 -7.31 10.30 85.44
CA ASP G 442 -7.83 10.03 86.79
C ASP G 442 -9.05 10.87 87.12
N GLU G 443 -9.00 12.15 86.76
CA GLU G 443 -10.13 13.05 86.96
C GLU G 443 -11.43 12.53 86.35
N LEU G 444 -11.35 11.87 85.20
CA LEU G 444 -12.56 11.29 84.61
C LEU G 444 -12.95 9.97 85.26
N LEU G 445 -11.96 9.19 85.68
CA LEU G 445 -12.25 7.95 86.42
C LEU G 445 -12.93 8.24 87.77
N LYS G 446 -12.45 9.27 88.49
CA LYS G 446 -13.11 9.72 89.72
C LYS G 446 -14.61 9.95 89.50
N ARG G 447 -14.94 10.62 88.39
CA ARG G 447 -16.31 11.03 88.15
C ARG G 447 -17.14 9.96 87.47
N GLY G 448 -16.54 8.81 87.15
CA GLY G 448 -17.28 7.72 86.55
C GLY G 448 -17.66 7.94 85.09
N VAL G 449 -17.01 8.91 84.43
CA VAL G 449 -17.28 9.20 83.02
C VAL G 449 -16.66 8.17 82.09
N VAL G 450 -15.49 7.63 82.47
CA VAL G 450 -14.85 6.61 81.69
C VAL G 450 -14.41 5.47 82.61
N THR G 451 -14.29 4.29 82.05
CA THR G 451 -13.82 3.12 82.81
C THR G 451 -12.67 2.45 82.06
N LYS G 452 -12.04 1.48 82.71
CA LYS G 452 -10.95 0.74 82.08
C LYS G 452 -11.49 0.06 80.81
N GLY G 453 -10.79 0.22 79.70
CA GLY G 453 -11.22 -0.34 78.41
C GLY G 453 -11.72 0.72 77.43
N ASP G 454 -12.26 1.80 77.95
CA ASP G 454 -12.61 2.95 77.11
C ASP G 454 -11.36 3.65 76.59
N TRP G 455 -11.53 4.37 75.49
CA TRP G 455 -10.48 5.19 74.90
C TRP G 455 -10.81 6.67 75.09
N VAL G 456 -9.80 7.51 74.93
CA VAL G 456 -9.94 8.92 75.18
C VAL G 456 -8.99 9.69 74.28
N ILE G 457 -9.33 10.94 73.97
CA ILE G 457 -8.45 11.80 73.21
C ILE G 457 -7.89 12.85 74.16
N LEU G 458 -6.58 13.10 74.09
CA LEU G 458 -5.98 14.17 74.83
C LEU G 458 -5.34 15.13 73.86
N THR G 459 -5.57 16.42 74.04
CA THR G 459 -4.92 17.44 73.24
C THR G 459 -4.16 18.40 74.12
N LYS G 460 -3.04 18.89 73.61
CA LYS G 460 -2.20 19.82 74.34
C LYS G 460 -1.19 20.43 73.40
N GLY G 461 -0.34 21.28 73.95
CA GLY G 461 0.81 21.85 73.25
C GLY G 461 2.09 21.38 73.91
N ASP G 462 3.20 22.06 73.56
CA ASP G 462 4.51 21.67 74.06
C ASP G 462 4.78 22.13 75.48
N SER G 463 4.57 23.43 75.73
CA SER G 463 4.71 23.99 77.09
C SER G 463 3.36 23.94 77.80
N TYR G 464 3.37 24.23 79.09
CA TYR G 464 2.12 24.34 79.86
C TYR G 464 1.88 25.75 80.38
N THR G 465 2.49 26.74 79.72
CA THR G 465 2.54 28.12 80.22
C THR G 465 1.94 29.11 79.20
N ALA G 466 2.27 28.99 77.91
CA ALA G 466 1.76 29.90 76.90
C ALA G 466 0.37 29.47 76.43
N GLN G 467 -0.31 30.38 75.74
CA GLN G 467 -1.62 30.11 75.13
C GLN G 467 -1.44 30.13 73.61
N GLY G 468 -2.38 29.53 72.89
CA GLY G 468 -2.36 29.49 71.43
C GLY G 468 -1.42 28.49 70.79
N GLY G 469 -0.85 27.54 71.55
CA GLY G 469 0.06 26.56 70.98
C GLY G 469 -0.42 25.12 71.06
N THR G 470 -1.74 24.84 71.04
CA THR G 470 -2.18 23.44 70.96
C THR G 470 -1.67 22.87 69.63
N ASN G 471 -0.96 21.74 69.71
CA ASN G 471 -0.42 21.13 68.50
C ASN G 471 -0.32 19.61 68.53
N THR G 472 -0.98 18.95 69.49
CA THR G 472 -0.78 17.52 69.66
C THR G 472 -2.10 16.86 69.96
N MET G 473 -2.30 15.67 69.43
CA MET G 473 -3.50 14.88 69.68
C MET G 473 -3.03 13.49 69.98
N LYS G 474 -3.46 12.93 71.10
CA LYS G 474 -3.12 11.57 71.48
C LYS G 474 -4.38 10.80 71.68
N VAL G 475 -4.37 9.52 71.34
CA VAL G 475 -5.48 8.63 71.59
C VAL G 475 -4.99 7.57 72.56
N LEU G 476 -5.61 7.55 73.76
CA LEU G 476 -5.11 6.76 74.89
C LEU G 476 -6.13 5.77 75.34
N HIS G 477 -5.66 4.60 75.76
CA HIS G 477 -6.50 3.51 76.21
C HIS G 477 -6.50 3.53 77.74
N VAL G 478 -7.68 3.70 78.33
CA VAL G 478 -7.80 3.79 79.79
C VAL G 478 -7.54 2.40 80.38
N GLY G 479 -6.48 2.30 81.16
CA GLY G 479 -5.93 1.01 81.62
C GLY G 479 -4.45 0.89 81.32
N ASP G 480 -3.99 1.44 80.21
CA ASP G 480 -2.59 1.31 79.82
C ASP G 480 -1.69 2.21 80.65
N LEU G 481 -0.39 2.00 80.53
CA LEU G 481 0.59 2.87 81.16
C LEU G 481 0.75 4.11 80.27
N LEU G 482 0.32 5.25 80.75
CA LEU G 482 0.31 6.47 79.94
C LEU G 482 1.52 7.30 80.24
N VAL G 483 2.26 7.68 79.21
CA VAL G 483 3.42 8.55 79.39
C VAL G 483 2.84 9.93 79.40
N MET H 1 6.29 20.32 38.04
CA MET H 1 5.54 19.05 38.35
C MET H 1 5.93 18.50 39.74
N SER H 2 4.99 17.81 40.39
CA SER H 2 5.26 17.20 41.70
C SER H 2 5.87 15.81 41.56
N VAL H 3 6.44 15.35 42.64
CA VAL H 3 6.98 14.01 42.68
C VAL H 3 5.86 13.00 42.40
N ARG H 4 6.13 12.08 41.48
CA ARG H 4 5.19 11.03 41.14
C ARG H 4 4.82 10.21 42.36
N ARG H 5 3.54 9.90 42.49
CA ARG H 5 3.03 9.10 43.58
C ARG H 5 2.74 7.68 43.24
N THR H 6 2.26 7.42 42.03
CA THR H 6 1.93 6.06 41.62
C THR H 6 3.23 5.31 41.36
N LYS H 7 3.28 4.05 41.79
CA LYS H 7 4.53 3.31 41.75
C LYS H 7 4.60 2.43 40.52
N ILE H 8 5.82 2.15 40.08
CA ILE H 8 6.07 1.42 38.83
C ILE H 8 6.75 0.08 39.15
N VAL H 9 6.12 -1.01 38.74
CA VAL H 9 6.71 -2.33 38.82
C VAL H 9 7.25 -2.71 37.45
N ALA H 10 8.54 -3.06 37.38
CA ALA H 10 9.20 -3.42 36.12
C ALA H 10 9.68 -4.84 36.19
N THR H 11 9.22 -5.67 35.25
CA THR H 11 9.69 -7.04 35.19
C THR H 11 11.06 -7.09 34.54
N LEU H 12 11.96 -7.88 35.11
CA LEU H 12 13.31 -8.05 34.55
C LEU H 12 13.39 -9.25 33.62
N GLY H 13 14.32 -9.18 32.69
CA GLY H 13 14.54 -10.24 31.73
C GLY H 13 15.74 -9.97 30.84
N PRO H 14 15.88 -10.71 29.73
CA PRO H 14 17.02 -10.53 28.81
C PRO H 14 17.33 -9.09 28.44
N ALA H 15 16.32 -8.26 28.23
CA ALA H 15 16.54 -6.86 27.85
C ALA H 15 16.97 -5.97 29.00
N SER H 16 16.85 -6.48 30.23
CA SER H 16 17.15 -5.69 31.42
C SER H 16 17.97 -6.52 32.40
N ASN H 17 19.02 -7.13 31.87
CA ASN H 17 19.85 -8.06 32.63
C ASN H 17 21.23 -7.47 32.94
N SER H 18 21.70 -6.53 32.12
CA SER H 18 23.00 -5.95 32.31
C SER H 18 23.01 -4.87 33.38
N PRO H 19 24.18 -4.62 34.00
CA PRO H 19 24.28 -3.50 34.94
C PRO H 19 23.98 -2.13 34.32
N GLU H 20 24.32 -1.94 33.04
CA GLU H 20 24.07 -0.63 32.43
C GLU H 20 22.59 -0.34 32.30
N VAL H 21 21.80 -1.33 31.94
CA VAL H 21 20.37 -1.11 31.74
C VAL H 21 19.66 -1.00 33.10
N LEU H 22 20.01 -1.89 34.03
CA LEU H 22 19.44 -1.80 35.37
C LEU H 22 19.72 -0.46 36.00
N GLU H 23 20.93 0.03 35.89
CA GLU H 23 21.22 1.37 36.40
C GLU H 23 20.29 2.41 35.77
N GLN H 24 20.08 2.32 34.46
CA GLN H 24 19.19 3.25 33.76
C GLN H 24 17.73 3.14 34.19
N LEU H 25 17.28 1.92 34.48
CA LEU H 25 15.93 1.70 34.98
C LEU H 25 15.76 2.29 36.39
N ILE H 26 16.77 2.11 37.25
CA ILE H 26 16.76 2.68 38.58
C ILE H 26 16.66 4.21 38.46
N LEU H 27 17.46 4.80 37.58
CA LEU H 27 17.44 6.25 37.42
C LEU H 27 16.16 6.74 36.77
N ALA H 28 15.53 5.90 35.94
CA ALA H 28 14.28 6.30 35.29
C ALA H 28 13.10 6.25 36.27
N GLY H 29 13.28 5.59 37.41
CA GLY H 29 12.35 5.65 38.51
C GLY H 29 11.62 4.36 38.88
N ILE H 30 12.11 3.19 38.51
CA ILE H 30 11.38 1.99 38.92
C ILE H 30 11.32 1.90 40.45
N ASP H 31 10.19 1.48 40.98
CA ASP H 31 10.02 1.32 42.41
C ASP H 31 10.03 -0.15 42.85
N VAL H 32 9.74 -1.07 41.94
CA VAL H 32 9.73 -2.51 42.25
C VAL H 32 10.23 -3.28 41.04
N ALA H 33 11.13 -4.21 41.27
CA ALA H 33 11.61 -5.12 40.23
C ALA H 33 10.94 -6.46 40.43
N ARG H 34 10.32 -6.97 39.37
CA ARG H 34 9.62 -8.25 39.43
C ARG H 34 10.51 -9.31 38.80
N LEU H 35 10.67 -10.41 39.52
CA LEU H 35 11.49 -11.52 39.08
C LEU H 35 10.52 -12.64 38.79
N ASN H 36 10.36 -12.95 37.51
CA ASN H 36 9.33 -13.89 37.10
C ASN H 36 9.97 -15.29 37.13
N PHE H 37 9.53 -16.12 38.06
CA PHE H 37 10.12 -17.45 38.19
C PHE H 37 9.73 -18.40 37.08
N SER H 38 8.76 -18.04 36.24
CA SER H 38 8.48 -18.84 35.05
C SER H 38 9.68 -19.06 34.15
N HIS H 39 10.62 -18.11 34.12
CA HIS H 39 11.82 -18.22 33.30
C HIS H 39 13.05 -17.93 34.15
N GLY H 40 14.20 -18.33 33.63
CA GLY H 40 15.48 -18.10 34.27
C GLY H 40 15.85 -19.14 35.30
N THR H 41 17.15 -19.18 35.61
CA THR H 41 17.69 -20.08 36.61
C THR H 41 17.80 -19.35 37.95
N PRO H 42 17.77 -20.11 39.06
CA PRO H 42 18.00 -19.51 40.36
C PRO H 42 19.18 -18.52 40.44
N ASP H 43 20.28 -18.81 39.78
CA ASP H 43 21.43 -17.89 39.87
C ASP H 43 21.25 -16.63 39.05
N GLU H 44 20.52 -16.74 37.94
CA GLU H 44 20.15 -15.54 37.18
C GLU H 44 19.31 -14.57 38.03
N HIS H 45 18.39 -15.13 38.81
CA HIS H 45 17.59 -14.30 39.71
C HIS H 45 18.44 -13.70 40.81
N ARG H 46 19.25 -14.53 41.45
CA ARG H 46 20.14 -14.03 42.51
C ARG H 46 21.02 -12.88 42.04
N ALA H 47 21.57 -13.02 40.84
CA ALA H 47 22.47 -12.00 40.31
C ALA H 47 21.73 -10.69 40.09
N ARG H 48 20.55 -10.77 39.50
CA ARG H 48 19.71 -9.59 39.28
C ARG H 48 19.29 -8.97 40.61
N ALA H 49 18.86 -9.81 41.56
CA ALA H 49 18.44 -9.31 42.87
C ALA H 49 19.54 -8.50 43.55
N ARG H 50 20.76 -9.04 43.53
CA ARG H 50 21.90 -8.38 44.14
C ARG H 50 22.19 -7.05 43.43
N LEU H 51 22.07 -7.07 42.12
CA LEU H 51 22.44 -5.93 41.30
C LEU H 51 21.48 -4.77 41.46
N VAL H 52 20.16 -5.07 41.58
CA VAL H 52 19.20 -4.00 41.72
C VAL H 52 19.37 -3.37 43.08
N ARG H 53 19.55 -4.18 44.10
CA ARG H 53 19.75 -3.62 45.46
C ARG H 53 21.01 -2.77 45.56
N GLU H 54 22.07 -3.20 44.91
CA GLU H 54 23.33 -2.44 44.88
C GLU H 54 23.16 -1.11 44.17
N LEU H 55 22.57 -1.17 42.98
CA LEU H 55 22.40 0.03 42.18
C LEU H 55 21.37 1.00 42.78
N ALA H 56 20.33 0.46 43.40
CA ALA H 56 19.39 1.33 44.10
C ALA H 56 20.10 2.10 45.22
N ALA H 57 20.81 1.37 46.08
CA ALA H 57 21.59 2.00 47.17
C ALA H 57 22.58 3.03 46.62
N LYS H 58 23.24 2.71 45.51
CA LYS H 58 24.16 3.65 44.89
C LYS H 58 23.51 4.99 44.60
N HIS H 59 22.23 5.00 44.25
CA HIS H 59 21.53 6.25 43.93
C HIS H 59 20.47 6.66 44.94
N GLY H 60 20.56 6.14 46.16
CA GLY H 60 19.66 6.60 47.24
C GLY H 60 18.19 6.34 46.96
N ARG H 61 17.93 5.16 46.42
CA ARG H 61 16.57 4.76 46.05
C ARG H 61 16.25 3.47 46.79
N PHE H 62 14.96 3.25 46.96
CA PHE H 62 14.47 2.10 47.66
C PHE H 62 13.57 1.33 46.72
N VAL H 63 14.12 0.26 46.18
CA VAL H 63 13.43 -0.60 45.23
C VAL H 63 13.13 -1.94 45.87
N ALA H 64 11.86 -2.31 45.92
CA ALA H 64 11.47 -3.62 46.41
C ALA H 64 11.73 -4.67 45.35
N LEU H 65 11.79 -5.92 45.80
CA LEU H 65 11.87 -7.07 44.93
C LEU H 65 10.67 -7.92 45.11
N LEU H 66 10.02 -8.21 44.00
CA LEU H 66 8.83 -9.04 43.97
C LEU H 66 9.18 -10.29 43.19
N GLY H 67 8.86 -11.44 43.78
CA GLY H 67 9.08 -12.73 43.16
C GLY H 67 7.74 -13.33 42.77
N ASP H 68 7.61 -13.66 41.49
CA ASP H 68 6.34 -14.06 40.92
C ASP H 68 6.39 -15.57 40.68
N LEU H 69 5.61 -16.32 41.44
CA LEU H 69 5.52 -17.77 41.30
C LEU H 69 4.81 -18.14 39.99
N GLN H 70 5.31 -19.15 39.29
CA GLN H 70 4.79 -19.51 37.98
C GLN H 70 3.36 -20.04 38.09
N GLY H 71 3.09 -20.86 39.09
CA GLY H 71 1.77 -21.40 39.20
C GLY H 71 1.45 -22.54 38.23
N PRO H 72 0.20 -22.97 38.22
CA PRO H 72 -0.24 -24.13 37.46
C PRO H 72 -0.57 -23.93 36.01
N LYS H 73 0.44 -24.10 35.16
CA LYS H 73 0.19 -23.91 33.70
C LYS H 73 -0.22 -25.21 33.07
N ILE H 74 -1.35 -25.25 32.38
CA ILE H 74 -1.73 -26.42 31.58
C ILE H 74 -1.24 -26.22 30.17
N ARG H 75 -0.48 -27.15 29.65
CA ARG H 75 0.16 -26.96 28.32
C ARG H 75 -0.13 -28.09 27.39
N ILE H 76 -0.08 -27.81 26.11
CA ILE H 76 -0.11 -28.86 25.07
C ILE H 76 1.25 -29.56 24.96
N ALA H 77 1.26 -30.65 24.21
CA ALA H 77 2.49 -31.40 23.93
C ALA H 77 3.28 -30.83 22.73
N LYS H 78 4.19 -31.59 22.15
CA LYS H 78 5.05 -31.14 21.06
C LYS H 78 4.47 -31.40 19.69
N PHE H 79 4.99 -30.66 18.72
CA PHE H 79 4.63 -30.87 17.27
C PHE H 79 5.84 -31.49 16.57
N ALA H 80 5.49 -32.26 15.54
CA ALA H 80 6.48 -33.18 14.88
C ALA H 80 7.53 -32.35 14.14
N ASN H 81 7.00 -31.42 13.37
CA ASN H 81 7.79 -30.33 12.87
C ASN H 81 7.74 -29.31 14.05
N LYS H 82 8.62 -28.34 14.01
CA LYS H 82 8.68 -27.42 15.13
C LYS H 82 7.45 -26.56 15.44
N ARG H 83 6.79 -26.06 14.41
CA ARG H 83 5.64 -25.19 14.61
C ARG H 83 4.57 -25.41 13.54
N ILE H 84 3.32 -25.18 13.87
CA ILE H 84 2.29 -25.29 12.82
C ILE H 84 1.45 -24.02 12.75
N GLU H 85 0.71 -23.92 11.68
CA GLU H 85 -0.04 -22.66 11.39
C GLU H 85 -1.49 -23.05 11.11
N LEU H 86 -2.41 -22.34 11.75
CA LEU H 86 -3.84 -22.61 11.61
C LEU H 86 -4.58 -21.42 11.13
N GLN H 87 -5.59 -21.67 10.31
CA GLN H 87 -6.45 -20.63 9.72
C GLN H 87 -7.85 -20.77 10.27
N VAL H 88 -8.57 -19.65 10.26
CA VAL H 88 -9.95 -19.64 10.74
C VAL H 88 -10.76 -20.68 9.97
N GLY H 89 -11.55 -21.47 10.70
CA GLY H 89 -12.36 -22.52 10.10
C GLY H 89 -11.73 -23.90 10.06
N ASP H 90 -10.40 -23.96 10.21
CA ASP H 90 -9.70 -25.24 10.26
C ASP H 90 -10.16 -26.10 11.43
N LYS H 91 -9.97 -27.40 11.29
CA LYS H 91 -10.30 -28.38 12.31
C LYS H 91 -9.05 -28.82 13.02
N PHE H 92 -9.16 -29.07 14.32
CA PHE H 92 -8.00 -29.47 15.11
C PHE H 92 -8.45 -30.22 16.35
N ARG H 93 -7.60 -31.12 16.83
CA ARG H 93 -7.95 -32.01 17.92
C ARG H 93 -6.91 -32.02 19.02
N PHE H 94 -7.40 -32.10 20.26
CA PHE H 94 -6.57 -32.29 21.43
C PHE H 94 -6.85 -33.68 21.99
N SER H 95 -5.83 -34.53 22.07
CA SER H 95 -6.05 -35.91 22.49
C SER H 95 -5.19 -36.32 23.67
N THR H 96 -5.82 -36.92 24.65
CA THR H 96 -5.09 -37.41 25.82
C THR H 96 -4.30 -38.69 25.44
N SER H 97 -4.78 -39.41 24.40
CA SER H 97 -4.22 -40.70 24.09
C SER H 97 -3.19 -40.68 22.95
N HIS H 98 -3.20 -39.58 22.15
CA HIS H 98 -2.22 -39.43 21.09
C HIS H 98 -0.81 -39.28 21.69
N ALA H 99 0.18 -39.79 20.95
CA ALA H 99 1.58 -39.71 21.41
C ALA H 99 2.02 -38.29 21.54
N ARG H 100 2.67 -38.03 22.71
CA ARG H 100 3.00 -36.61 23.08
C ARG H 100 4.16 -36.11 22.27
N ASP H 101 4.91 -36.97 21.60
CA ASP H 101 6.24 -36.57 21.04
C ASP H 101 6.13 -35.82 19.65
N ALA H 102 5.24 -36.41 18.87
CA ALA H 102 4.99 -35.85 17.50
C ALA H 102 3.58 -35.45 17.30
N GLY H 103 3.19 -34.23 17.08
CA GLY H 103 1.91 -33.73 16.79
C GLY H 103 1.86 -33.38 15.33
N THR H 104 0.67 -33.21 14.79
CA THR H 104 0.50 -33.00 13.35
C THR H 104 -0.23 -31.69 13.13
N GLN H 105 -0.52 -31.41 11.87
CA GLN H 105 -1.39 -30.25 11.53
C GLN H 105 -2.85 -30.46 11.96
N GLU H 106 -3.21 -31.65 12.34
CA GLU H 106 -4.56 -32.05 12.72
C GLU H 106 -4.78 -32.39 14.18
N VAL H 107 -3.74 -32.77 14.91
CA VAL H 107 -3.92 -33.18 16.28
C VAL H 107 -2.63 -33.00 17.07
N VAL H 108 -2.78 -32.69 18.36
CA VAL H 108 -1.66 -32.67 19.29
C VAL H 108 -2.10 -33.35 20.58
N GLY H 109 -1.11 -33.90 21.28
CA GLY H 109 -1.40 -34.53 22.56
C GLY H 109 -1.42 -33.51 23.69
N ILE H 110 -1.75 -33.99 24.87
CA ILE H 110 -1.95 -33.12 26.02
C ILE H 110 -1.90 -33.95 27.30
N ASP H 111 -1.14 -33.47 28.28
CA ASP H 111 -1.04 -34.05 29.58
C ASP H 111 -2.10 -33.48 30.53
N TYR H 112 -3.34 -33.74 30.20
CA TYR H 112 -4.47 -33.29 31.04
C TYR H 112 -5.51 -34.41 31.12
N PRO H 113 -5.46 -35.24 32.17
CA PRO H 113 -6.30 -36.44 32.20
C PRO H 113 -7.80 -36.14 32.17
N ASP H 114 -8.26 -35.14 32.97
CA ASP H 114 -9.64 -34.75 32.98
C ASP H 114 -10.17 -34.03 31.75
N LEU H 115 -9.42 -33.95 30.66
CA LEU H 115 -9.78 -33.13 29.51
C LEU H 115 -11.18 -33.29 29.05
N VAL H 116 -11.59 -34.54 28.86
CA VAL H 116 -12.93 -34.82 28.29
C VAL H 116 -14.00 -34.60 29.32
N LYS H 117 -13.66 -34.77 30.60
CA LYS H 117 -14.63 -34.56 31.68
C LYS H 117 -14.93 -33.07 31.87
N ASP H 118 -13.89 -32.24 31.81
CA ASP H 118 -14.01 -30.83 32.10
C ASP H 118 -14.55 -30.00 30.95
N CYS H 119 -14.28 -30.39 29.75
CA CYS H 119 -14.69 -29.55 28.58
C CYS H 119 -15.85 -30.18 27.86
N GLY H 120 -16.59 -29.34 27.15
CA GLY H 120 -17.84 -29.73 26.50
C GLY H 120 -18.12 -28.94 25.25
N VAL H 121 -19.06 -29.42 24.45
CA VAL H 121 -19.40 -28.78 23.19
C VAL H 121 -19.78 -27.33 23.45
N GLY H 122 -19.20 -26.42 22.67
CA GLY H 122 -19.44 -24.98 22.84
C GLY H 122 -18.34 -24.25 23.58
N ASP H 123 -17.59 -24.94 24.43
CA ASP H 123 -16.50 -24.30 25.17
C ASP H 123 -15.48 -23.67 24.22
N GLU H 124 -14.96 -22.50 24.59
CA GLU H 124 -13.89 -21.86 23.83
C GLU H 124 -12.57 -22.12 24.55
N LEU H 125 -11.56 -22.55 23.81
CA LEU H 125 -10.23 -22.79 24.33
C LEU H 125 -9.28 -21.73 23.80
N LEU H 126 -8.42 -21.21 24.65
CA LEU H 126 -7.49 -20.14 24.32
C LEU H 126 -6.08 -20.64 24.52
N LEU H 127 -5.25 -20.53 23.49
CA LEU H 127 -3.89 -21.02 23.50
C LEU H 127 -2.93 -19.85 23.31
N ASP H 128 -1.72 -19.98 23.88
CA ASP H 128 -0.67 -18.98 23.76
C ASP H 128 -1.18 -17.60 24.21
N ASP H 129 -1.64 -17.54 25.46
CA ASP H 129 -2.13 -16.30 26.08
C ASP H 129 -3.27 -15.63 25.30
N GLY H 130 -4.10 -16.44 24.65
CA GLY H 130 -5.21 -15.94 23.87
C GLY H 130 -4.98 -15.71 22.38
N ARG H 131 -3.77 -15.95 21.91
CA ARG H 131 -3.39 -15.68 20.50
C ARG H 131 -4.17 -16.52 19.51
N VAL H 132 -4.40 -17.77 19.88
CA VAL H 132 -5.21 -18.71 19.08
C VAL H 132 -6.45 -19.06 19.91
N VAL H 133 -7.59 -19.13 19.24
CA VAL H 133 -8.85 -19.45 19.91
C VAL H 133 -9.58 -20.53 19.13
N MET H 134 -10.10 -21.51 19.86
CA MET H 134 -10.87 -22.58 19.25
C MET H 134 -12.15 -22.82 20.01
N VAL H 135 -13.13 -23.41 19.34
CA VAL H 135 -14.38 -23.83 19.95
C VAL H 135 -14.52 -25.34 19.82
N VAL H 136 -14.99 -25.99 20.87
CA VAL H 136 -15.17 -27.43 20.88
C VAL H 136 -16.44 -27.79 20.11
N GLU H 137 -16.29 -28.57 19.04
CA GLU H 137 -17.42 -28.99 18.22
C GLU H 137 -17.97 -30.37 18.61
N GLU H 138 -17.06 -31.28 19.00
CA GLU H 138 -17.43 -32.64 19.36
C GLU H 138 -16.52 -33.10 20.49
N VAL H 139 -17.09 -33.94 21.35
CA VAL H 139 -16.32 -34.61 22.40
C VAL H 139 -16.40 -36.09 22.20
N ALA H 140 -15.23 -36.74 22.23
CA ALA H 140 -15.08 -38.20 22.08
C ALA H 140 -14.42 -38.73 23.37
N ALA H 141 -14.20 -40.01 23.46
CA ALA H 141 -13.82 -40.56 24.80
C ALA H 141 -12.45 -40.05 25.30
N ASP H 142 -11.56 -39.75 24.36
CA ASP H 142 -10.22 -39.34 24.65
C ASP H 142 -9.76 -38.04 24.01
N GLU H 143 -10.66 -37.29 23.38
CA GLU H 143 -10.24 -36.08 22.65
C GLU H 143 -11.33 -35.05 22.48
N LEU H 144 -10.91 -33.84 22.18
CA LEU H 144 -11.81 -32.73 21.83
C LEU H 144 -11.56 -32.37 20.38
N ARG H 145 -12.64 -32.27 19.61
CA ARG H 145 -12.57 -31.92 18.20
C ARG H 145 -13.07 -30.51 18.02
N CYS H 146 -12.19 -29.66 17.49
CA CYS H 146 -12.42 -28.22 17.54
C CYS H 146 -12.36 -27.56 16.17
N ARG H 147 -12.97 -26.38 16.12
CA ARG H 147 -12.86 -25.47 14.99
C ARG H 147 -12.09 -24.22 15.44
N VAL H 148 -11.19 -23.74 14.59
CA VAL H 148 -10.43 -22.53 14.88
C VAL H 148 -11.30 -21.29 14.67
N LEU H 149 -11.39 -20.46 15.70
CA LEU H 149 -12.07 -19.17 15.62
C LEU H 149 -11.11 -18.05 15.27
N ILE H 150 -9.91 -18.08 15.86
CA ILE H 150 -8.87 -17.11 15.58
C ILE H 150 -7.60 -17.87 15.32
N GLY H 151 -7.06 -17.67 14.11
CA GLY H 151 -5.90 -18.40 13.67
C GLY H 151 -4.60 -17.84 14.18
N GLY H 152 -3.51 -18.51 13.81
CA GLY H 152 -2.19 -18.13 14.20
C GLY H 152 -1.31 -19.36 14.34
N PRO H 153 -0.08 -19.14 14.81
CA PRO H 153 0.83 -20.26 14.96
C PRO H 153 0.63 -20.98 16.32
N LEU H 154 1.07 -22.23 16.37
CA LEU H 154 1.06 -23.02 17.58
C LEU H 154 2.39 -23.77 17.62
N SER H 155 2.95 -23.88 18.83
CA SER H 155 4.22 -24.56 18.96
C SER H 155 4.27 -25.37 20.27
N ASP H 156 5.35 -26.12 20.46
CA ASP H 156 5.50 -26.97 21.63
C ASP H 156 5.23 -26.30 22.92
N HIS H 157 4.49 -27.00 23.78
CA HIS H 157 4.26 -26.60 25.18
C HIS H 157 3.60 -25.26 25.37
N LYS H 158 2.83 -24.78 24.38
CA LYS H 158 2.08 -23.55 24.60
C LYS H 158 0.96 -23.78 25.58
N GLY H 159 0.63 -22.72 26.33
CA GLY H 159 -0.40 -22.78 27.34
C GLY H 159 -1.79 -22.85 26.73
N ILE H 160 -2.68 -23.48 27.47
CA ILE H 160 -4.08 -23.59 27.07
C ILE H 160 -4.95 -23.33 28.28
N ASN H 161 -6.06 -22.63 28.07
CA ASN H 161 -7.04 -22.40 29.10
C ASN H 161 -8.44 -22.40 28.49
N ARG H 162 -9.42 -22.53 29.34
CA ARG H 162 -10.77 -22.57 28.95
C ARG H 162 -11.49 -21.31 29.37
N ARG H 163 -12.25 -20.70 28.43
CA ARG H 163 -13.08 -19.57 28.77
C ARG H 163 -14.06 -19.99 29.90
N GLY H 164 -14.03 -19.27 30.98
CA GLY H 164 -14.81 -19.54 32.14
C GLY H 164 -14.03 -20.18 33.25
N GLY H 165 -12.84 -20.75 32.95
CA GLY H 165 -12.07 -21.49 33.92
C GLY H 165 -12.68 -22.85 34.15
N GLY H 166 -12.57 -23.35 35.39
CA GLY H 166 -13.02 -24.69 35.75
C GLY H 166 -12.12 -25.86 35.32
N LEU H 167 -10.89 -25.56 34.93
CA LEU H 167 -9.85 -26.55 34.76
C LEU H 167 -9.24 -26.83 36.11
N THR H 168 -9.01 -28.11 36.38
CA THR H 168 -8.52 -28.51 37.70
C THR H 168 -7.02 -28.24 37.70
N ALA H 169 -6.55 -27.57 38.75
CA ALA H 169 -5.14 -27.46 39.02
C ALA H 169 -4.97 -26.88 40.40
N PRO H 170 -3.92 -27.32 41.14
CA PRO H 170 -3.64 -26.64 42.41
C PRO H 170 -2.95 -25.28 42.17
N ALA H 171 -3.20 -24.32 43.05
CA ALA H 171 -2.52 -23.03 43.02
C ALA H 171 -0.99 -23.15 43.20
N LEU H 172 -0.58 -23.98 44.15
CA LEU H 172 0.87 -24.23 44.37
C LEU H 172 1.35 -25.55 43.79
N THR H 173 2.27 -25.51 42.87
CA THR H 173 2.95 -26.64 42.31
C THR H 173 4.20 -26.97 43.11
N ASP H 174 4.90 -28.02 42.73
CA ASP H 174 6.13 -28.40 43.38
C ASP H 174 7.24 -27.37 43.07
N LYS H 175 7.26 -26.90 41.81
CA LYS H 175 8.16 -25.82 41.46
C LYS H 175 7.94 -24.61 42.37
N ASP H 176 6.69 -24.24 42.60
CA ASP H 176 6.37 -23.07 43.40
C ASP H 176 6.85 -23.22 44.85
N LYS H 177 6.69 -24.41 45.41
CA LYS H 177 7.18 -24.67 46.76
C LYS H 177 8.69 -24.46 46.83
N ALA H 178 9.41 -24.90 45.81
CA ALA H 178 10.84 -24.67 45.72
C ALA H 178 11.16 -23.18 45.57
N ASP H 179 10.38 -22.49 44.74
CA ASP H 179 10.59 -21.07 44.52
C ASP H 179 10.24 -20.24 45.76
N ILE H 180 9.28 -20.68 46.57
CA ILE H 180 8.99 -20.00 47.82
C ILE H 180 10.23 -20.01 48.71
N LYS H 181 10.90 -21.16 48.79
CA LYS H 181 12.15 -21.28 49.55
C LYS H 181 13.22 -20.39 48.97
N LEU H 182 13.31 -20.37 47.65
CA LEU H 182 14.28 -19.50 46.99
C LEU H 182 14.00 -18.03 47.32
N ALA H 183 12.73 -17.65 47.33
CA ALA H 183 12.36 -16.27 47.63
C ALA H 183 12.74 -15.90 49.05
N ALA H 184 12.41 -16.77 49.99
CA ALA H 184 12.80 -16.57 51.39
C ALA H 184 14.32 -16.44 51.53
N ASP H 185 15.05 -17.29 50.82
CA ASP H 185 16.51 -17.29 50.87
C ASP H 185 17.10 -16.00 50.33
N MET H 186 16.45 -15.40 49.34
CA MET H 186 16.90 -14.14 48.75
C MET H 186 16.41 -12.90 49.51
N ASP H 187 15.61 -13.09 50.56
CA ASP H 187 14.99 -11.98 51.32
C ASP H 187 14.14 -11.08 50.45
N LEU H 188 13.31 -11.67 49.60
CA LEU H 188 12.44 -10.91 48.73
C LEU H 188 11.38 -10.19 49.57
N ASP H 189 11.05 -8.98 49.13
CA ASP H 189 10.10 -8.12 49.83
C ASP H 189 8.64 -8.53 49.57
N TYR H 190 8.36 -8.98 48.34
CA TYR H 190 7.02 -9.43 47.97
C TYR H 190 7.10 -10.75 47.23
N VAL H 191 6.11 -11.61 47.44
CA VAL H 191 5.96 -12.83 46.69
C VAL H 191 4.53 -12.88 46.15
N ALA H 192 4.40 -13.14 44.86
CA ALA H 192 3.09 -13.18 44.21
C ALA H 192 2.68 -14.59 43.89
N VAL H 193 1.46 -14.94 44.28
CA VAL H 193 0.90 -16.26 44.03
C VAL H 193 0.04 -16.23 42.78
N SER H 194 0.27 -17.16 41.86
CA SER H 194 -0.51 -17.23 40.62
C SER H 194 -1.69 -18.18 40.77
N PHE H 195 -2.78 -17.82 40.10
CA PHE H 195 -4.00 -18.61 40.01
C PHE H 195 -4.59 -19.08 41.35
N PRO H 196 -4.51 -18.27 42.40
CA PRO H 196 -5.24 -18.67 43.59
C PRO H 196 -6.75 -18.57 43.38
N ARG H 197 -7.49 -19.44 44.08
CA ARG H 197 -8.94 -19.46 43.97
C ARG H 197 -9.64 -18.88 45.19
N ASP H 198 -9.07 -19.01 46.37
CA ASP H 198 -9.72 -18.56 47.59
C ASP H 198 -8.68 -18.37 48.67
N ALA H 199 -9.13 -17.85 49.81
CA ALA H 199 -8.25 -17.58 50.94
C ALA H 199 -7.38 -18.78 51.31
N LYS H 200 -7.88 -20.01 51.16
CA LYS H 200 -7.09 -21.18 51.54
C LYS H 200 -5.75 -21.24 50.79
N ASP H 201 -5.80 -20.98 49.48
CA ASP H 201 -4.59 -21.01 48.67
C ASP H 201 -3.53 -20.02 49.15
N MET H 202 -3.99 -18.86 49.60
CA MET H 202 -3.08 -17.84 50.11
C MET H 202 -2.58 -18.17 51.52
N GLU H 203 -3.42 -18.77 52.34
CA GLU H 203 -2.99 -19.19 53.68
C GLU H 203 -1.94 -20.29 53.60
N TYR H 204 -2.13 -21.22 52.68
CA TYR H 204 -1.13 -22.26 52.43
C TYR H 204 0.20 -21.66 52.02
N ALA H 205 0.16 -20.71 51.09
CA ALA H 205 1.39 -20.05 50.65
C ALA H 205 2.06 -19.30 51.79
N ARG H 206 1.27 -18.70 52.66
CA ARG H 206 1.80 -17.98 53.82
C ARG H 206 2.49 -18.93 54.80
N ARG H 207 1.88 -20.09 55.02
CA ARG H 207 2.46 -21.13 55.85
C ARG H 207 3.85 -21.51 55.33
N LEU H 208 3.91 -21.88 54.06
CA LEU H 208 5.17 -22.31 53.44
C LEU H 208 6.23 -21.20 53.50
N LEU H 209 5.81 -19.96 53.34
CA LEU H 209 6.76 -18.87 53.35
C LEU H 209 7.33 -18.65 54.76
N THR H 210 6.46 -18.68 55.77
CA THR H 210 6.94 -18.53 57.15
C THR H 210 7.81 -19.73 57.56
N GLU H 211 7.36 -20.93 57.22
CA GLU H 211 8.17 -22.16 57.44
C GLU H 211 9.58 -22.03 56.85
N ALA H 212 9.72 -21.37 55.71
CA ALA H 212 11.05 -21.14 55.13
C ALA H 212 11.73 -19.89 55.69
N GLY H 213 11.17 -19.28 56.72
CA GLY H 213 11.75 -18.08 57.32
C GLY H 213 11.63 -16.80 56.52
N GLY H 214 10.67 -16.74 55.60
CA GLY H 214 10.49 -15.58 54.73
C GLY H 214 9.66 -14.49 55.40
N LYS H 215 10.11 -13.24 55.25
CA LYS H 215 9.40 -12.09 55.76
C LYS H 215 8.59 -11.35 54.70
N ALA H 216 8.55 -11.88 53.47
CA ALA H 216 7.87 -11.19 52.39
C ALA H 216 6.37 -11.06 52.63
N TRP H 217 5.81 -10.00 52.06
CA TRP H 217 4.37 -9.83 51.97
C TRP H 217 3.86 -10.53 50.73
N LEU H 218 2.63 -11.02 50.84
CA LEU H 218 2.04 -11.85 49.80
C LEU H 218 1.11 -11.08 48.87
N VAL H 219 1.28 -11.30 47.56
CA VAL H 219 0.43 -10.69 46.57
C VAL H 219 -0.44 -11.74 45.92
N ALA H 220 -1.76 -11.56 46.02
CA ALA H 220 -2.69 -12.44 45.32
C ALA H 220 -2.97 -11.92 43.93
N LYS H 221 -2.63 -12.74 42.92
CA LYS H 221 -2.92 -12.38 41.55
C LYS H 221 -4.35 -12.81 41.21
N ILE H 222 -5.19 -11.85 40.85
CA ILE H 222 -6.58 -12.14 40.52
C ILE H 222 -6.64 -12.50 39.04
N GLU H 223 -6.58 -13.80 38.76
CA GLU H 223 -6.56 -14.34 37.43
C GLU H 223 -7.60 -15.40 37.11
N ARG H 224 -8.35 -15.85 38.09
CA ARG H 224 -9.27 -16.95 37.95
C ARG H 224 -10.67 -16.51 37.93
N ALA H 225 -11.51 -17.09 37.08
CA ALA H 225 -12.92 -16.70 37.06
C ALA H 225 -13.57 -16.90 38.44
N GLU H 226 -13.16 -17.90 39.15
CA GLU H 226 -13.69 -18.27 40.46
C GLU H 226 -13.38 -17.20 41.49
N ALA H 227 -12.25 -16.52 41.35
CA ALA H 227 -11.83 -15.47 42.27
C ALA H 227 -12.71 -14.20 42.21
N VAL H 228 -13.41 -14.00 41.10
CA VAL H 228 -14.26 -12.81 40.91
C VAL H 228 -15.73 -13.19 40.69
N ALA H 229 -16.07 -14.44 40.96
CA ALA H 229 -17.44 -14.92 40.76
C ALA H 229 -18.46 -14.13 41.58
N ASP H 230 -18.05 -13.64 42.76
CA ASP H 230 -18.93 -12.81 43.56
C ASP H 230 -18.07 -12.07 44.58
N ASP H 231 -18.68 -11.12 45.27
CA ASP H 231 -17.97 -10.31 46.24
C ASP H 231 -17.33 -11.11 47.38
N ASP H 232 -17.98 -12.16 47.84
CA ASP H 232 -17.42 -12.96 48.94
C ASP H 232 -16.16 -13.67 48.51
N ALA H 233 -16.17 -14.25 47.30
CA ALA H 233 -14.98 -14.90 46.76
C ALA H 233 -13.80 -13.89 46.71
N LEU H 234 -14.04 -12.75 46.10
CA LEU H 234 -13.00 -11.74 45.93
C LEU H 234 -12.53 -11.19 47.28
N ASP H 235 -13.46 -10.76 48.10
CA ASP H 235 -13.11 -10.16 49.39
C ASP H 235 -12.37 -11.15 50.32
N GLY H 236 -12.75 -12.42 50.24
CA GLY H 236 -12.05 -13.46 50.99
C GLY H 236 -10.61 -13.56 50.58
N LEU H 237 -10.39 -13.60 49.28
CA LEU H 237 -9.04 -13.68 48.73
C LEU H 237 -8.22 -12.43 49.06
N ILE H 238 -8.85 -11.26 49.00
CA ILE H 238 -8.16 -10.02 49.32
C ILE H 238 -7.75 -9.99 50.79
N ARG H 239 -8.66 -10.41 51.67
CA ARG H 239 -8.38 -10.30 53.11
C ARG H 239 -7.26 -11.21 53.56
N ALA H 240 -7.07 -12.32 52.83
CA ALA H 240 -5.99 -13.24 53.11
C ALA H 240 -4.65 -12.80 52.56
N SER H 241 -4.57 -11.63 51.93
CA SER H 241 -3.33 -11.20 51.30
C SER H 241 -2.89 -9.87 51.88
N ASP H 242 -1.71 -9.45 51.48
CA ASP H 242 -1.23 -8.12 51.79
C ASP H 242 -1.42 -7.19 50.62
N ALA H 243 -1.45 -7.76 49.42
CA ALA H 243 -1.58 -6.98 48.20
C ALA H 243 -2.25 -7.85 47.15
N VAL H 244 -2.83 -7.19 46.15
CA VAL H 244 -3.44 -7.92 45.04
C VAL H 244 -2.98 -7.32 43.72
N MET H 245 -3.06 -8.13 42.69
CA MET H 245 -2.69 -7.75 41.37
C MET H 245 -3.80 -8.00 40.39
N VAL H 246 -4.17 -6.99 39.64
CA VAL H 246 -5.18 -7.16 38.59
C VAL H 246 -4.41 -7.72 37.38
N ALA H 247 -4.48 -9.03 37.24
CA ALA H 247 -3.68 -9.74 36.27
C ALA H 247 -4.49 -9.90 34.99
N ARG H 248 -4.44 -8.87 34.14
CA ARG H 248 -5.46 -8.75 33.11
C ARG H 248 -5.27 -9.72 31.97
N GLY H 249 -4.06 -10.23 31.77
CA GLY H 249 -3.79 -11.25 30.76
C GLY H 249 -4.62 -12.49 31.01
N ASP H 250 -4.29 -13.22 32.08
CA ASP H 250 -5.03 -14.45 32.34
C ASP H 250 -6.48 -14.16 32.72
N LEU H 251 -6.74 -13.08 33.45
CA LEU H 251 -8.10 -12.79 33.87
C LEU H 251 -8.99 -12.52 32.66
N GLY H 252 -8.47 -11.80 31.67
CA GLY H 252 -9.24 -11.53 30.44
C GLY H 252 -9.60 -12.77 29.68
N VAL H 253 -8.68 -13.74 29.64
CA VAL H 253 -8.99 -15.02 29.04
C VAL H 253 -10.11 -15.71 29.81
N GLU H 254 -10.06 -15.67 31.14
CA GLU H 254 -11.00 -16.42 31.95
C GLU H 254 -12.39 -15.81 31.99
N ILE H 255 -12.51 -14.48 31.98
CA ILE H 255 -13.84 -13.85 32.07
C ILE H 255 -14.23 -13.09 30.84
N GLY H 256 -13.31 -12.93 29.88
CA GLY H 256 -13.56 -12.16 28.66
C GLY H 256 -13.15 -10.70 28.77
N ASP H 257 -12.49 -10.18 27.74
CA ASP H 257 -12.06 -8.79 27.76
C ASP H 257 -13.15 -7.76 28.04
N ALA H 258 -14.38 -8.03 27.57
CA ALA H 258 -15.48 -7.08 27.78
C ALA H 258 -15.89 -6.89 29.24
N GLU H 259 -15.46 -7.78 30.13
CA GLU H 259 -15.76 -7.65 31.53
C GLU H 259 -14.65 -7.01 32.35
N LEU H 260 -13.49 -6.78 31.74
CA LEU H 260 -12.33 -6.32 32.50
C LEU H 260 -12.53 -4.96 33.16
N VAL H 261 -13.09 -4.01 32.44
CA VAL H 261 -13.12 -2.65 32.93
C VAL H 261 -13.81 -2.55 34.30
N GLY H 262 -14.93 -3.24 34.45
CA GLY H 262 -15.70 -3.19 35.69
C GLY H 262 -14.98 -3.88 36.82
N ILE H 263 -14.34 -5.00 36.51
CA ILE H 263 -13.67 -5.80 37.51
C ILE H 263 -12.36 -5.16 37.95
N GLN H 264 -11.61 -4.57 37.02
CA GLN H 264 -10.43 -3.82 37.41
C GLN H 264 -10.80 -2.79 38.47
N LYS H 265 -11.87 -2.06 38.23
CA LYS H 265 -12.27 -1.00 39.16
C LYS H 265 -12.75 -1.58 40.48
N LYS H 266 -13.47 -2.69 40.44
CA LYS H 266 -13.94 -3.33 41.66
C LYS H 266 -12.77 -3.83 42.50
N ILE H 267 -11.83 -4.52 41.86
CA ILE H 267 -10.69 -5.09 42.58
C ILE H 267 -9.90 -3.96 43.29
N ILE H 268 -9.61 -2.88 42.57
CA ILE H 268 -8.85 -1.80 43.16
C ILE H 268 -9.59 -1.23 44.36
N LEU H 269 -10.87 -0.96 44.19
CA LEU H 269 -11.65 -0.37 45.27
C LEU H 269 -11.76 -1.31 46.47
N HIS H 270 -12.08 -2.57 46.25
CA HIS H 270 -12.21 -3.51 47.36
C HIS H 270 -10.87 -3.71 48.07
N ALA H 271 -9.78 -3.74 47.32
CA ALA H 271 -8.47 -3.82 47.92
C ALA H 271 -8.23 -2.63 48.88
N ARG H 272 -8.45 -1.42 48.39
CA ARG H 272 -8.23 -0.24 49.21
C ARG H 272 -9.13 -0.24 50.45
N ARG H 273 -10.38 -0.65 50.28
CA ARG H 273 -11.29 -0.68 51.41
C ARG H 273 -10.82 -1.62 52.51
N ASN H 274 -10.23 -2.74 52.12
CA ASN H 274 -9.66 -3.68 53.06
C ASN H 274 -8.20 -3.37 53.43
N ASN H 275 -7.73 -2.17 53.14
CA ASN H 275 -6.40 -1.72 53.54
C ASN H 275 -5.27 -2.59 52.96
N LYS H 276 -5.41 -2.97 51.70
CA LYS H 276 -4.39 -3.69 50.95
C LYS H 276 -3.87 -2.87 49.81
N VAL H 277 -2.68 -3.26 49.33
CA VAL H 277 -2.03 -2.61 48.20
C VAL H 277 -2.54 -3.26 46.93
N VAL H 278 -2.63 -2.49 45.84
CA VAL H 278 -3.09 -3.07 44.58
C VAL H 278 -2.25 -2.63 43.40
N ILE H 279 -1.94 -3.61 42.54
CA ILE H 279 -1.16 -3.40 41.33
C ILE H 279 -2.04 -3.67 40.10
N THR H 280 -1.95 -2.81 39.08
CA THR H 280 -2.61 -3.06 37.79
C THR H 280 -1.57 -3.49 36.79
N ALA H 281 -1.85 -4.55 36.02
CA ALA H 281 -0.82 -5.17 35.17
C ALA H 281 -1.28 -5.60 33.79
N THR H 282 -0.29 -5.84 32.93
CA THR H 282 -0.40 -6.54 31.67
C THR H 282 -0.82 -5.72 30.44
N GLN H 283 0.12 -5.56 29.53
CA GLN H 283 -0.07 -4.90 28.25
C GLN H 283 -0.39 -3.43 28.37
N MET H 284 0.03 -2.81 29.46
CA MET H 284 -0.24 -1.41 29.66
C MET H 284 0.44 -0.56 28.58
N MET H 285 1.60 -0.97 28.11
CA MET H 285 2.32 -0.24 27.06
C MET H 285 2.93 -1.17 26.02
N GLU H 286 2.18 -2.20 25.65
CA GLU H 286 2.68 -3.28 24.81
C GLU H 286 3.36 -2.83 23.53
N SER H 287 2.84 -1.79 22.88
CA SER H 287 3.43 -1.36 21.63
C SER H 287 4.90 -0.97 21.79
N MET H 288 5.30 -0.60 23.01
CA MET H 288 6.68 -0.20 23.27
C MET H 288 7.68 -1.34 23.31
N ILE H 289 7.21 -2.58 23.22
CA ILE H 289 8.10 -3.66 22.90
C ILE H 289 8.91 -3.37 21.63
N HIS H 290 8.24 -2.83 20.61
CA HIS H 290 8.89 -2.57 19.31
C HIS H 290 8.92 -1.09 18.93
N SER H 291 8.43 -0.20 19.78
CA SER H 291 8.37 1.21 19.41
C SER H 291 8.83 2.10 20.57
N PRO H 292 9.49 3.21 20.25
CA PRO H 292 10.00 4.05 21.31
C PRO H 292 8.96 5.03 21.94
N MET H 293 7.70 4.98 21.49
CA MET H 293 6.65 5.75 22.09
C MET H 293 5.38 4.92 22.22
N PRO H 294 4.56 5.22 23.24
CA PRO H 294 3.32 4.49 23.39
C PRO H 294 2.20 5.03 22.50
N THR H 295 1.18 4.21 22.30
CA THR H 295 -0.03 4.65 21.61
C THR H 295 -0.91 5.46 22.57
N ARG H 296 -1.88 6.16 22.00
CA ARG H 296 -2.80 6.94 22.84
C ARG H 296 -3.65 6.03 23.72
N ALA H 297 -3.97 4.85 23.24
CA ALA H 297 -4.71 3.90 24.08
C ALA H 297 -3.91 3.49 25.28
N GLU H 298 -2.61 3.30 25.10
CA GLU H 298 -1.72 2.92 26.19
C GLU H 298 -1.59 4.05 27.20
N VAL H 299 -1.42 5.28 26.73
CA VAL H 299 -1.42 6.42 27.62
C VAL H 299 -2.72 6.48 28.44
N SER H 300 -3.84 6.31 27.75
CA SER H 300 -5.15 6.33 28.41
C SER H 300 -5.29 5.23 29.44
N ASP H 301 -4.80 4.03 29.12
CA ASP H 301 -4.93 2.87 30.01
C ASP H 301 -4.22 3.15 31.33
N VAL H 302 -3.01 3.67 31.25
CA VAL H 302 -2.20 3.92 32.42
C VAL H 302 -2.86 5.04 33.23
N ALA H 303 -3.20 6.12 32.56
CA ALA H 303 -3.79 7.26 33.24
C ALA H 303 -5.08 6.87 33.96
N ASN H 304 -5.89 6.06 33.31
CA ASN H 304 -7.13 5.65 33.93
C ASN H 304 -6.90 4.77 35.12
N ALA H 305 -5.85 3.95 35.10
CA ALA H 305 -5.50 3.16 36.27
C ALA H 305 -5.10 4.09 37.44
N VAL H 306 -4.41 5.17 37.13
CA VAL H 306 -4.03 6.13 38.14
C VAL H 306 -5.27 6.80 38.73
N LEU H 307 -6.23 7.16 37.90
CA LEU H 307 -7.47 7.75 38.40
C LEU H 307 -8.33 6.74 39.15
N ASP H 308 -8.28 5.45 38.78
CA ASP H 308 -8.92 4.41 39.61
C ASP H 308 -8.26 4.30 41.01
N TYR H 309 -7.11 4.95 41.19
CA TYR H 309 -6.35 4.95 42.45
C TYR H 309 -5.65 3.61 42.74
N THR H 310 -5.08 3.04 41.70
CA THR H 310 -4.16 1.93 41.85
C THR H 310 -2.91 2.41 42.59
N ASP H 311 -2.28 1.50 43.32
CA ASP H 311 -1.00 1.82 43.96
C ASP H 311 0.11 1.83 42.95
N ALA H 312 0.10 0.83 42.07
CA ALA H 312 1.17 0.70 41.09
C ALA H 312 0.67 0.19 39.78
N VAL H 313 1.45 0.49 38.75
CA VAL H 313 1.24 -0.01 37.41
C VAL H 313 2.49 -0.82 37.05
N MET H 314 2.31 -1.84 36.22
CA MET H 314 3.35 -2.82 35.93
C MET H 314 3.71 -2.87 34.45
N LEU H 315 4.97 -3.19 34.19
CA LEU H 315 5.47 -3.54 32.86
C LEU H 315 5.92 -4.98 32.88
N SER H 316 5.63 -5.74 31.82
CA SER H 316 6.13 -7.12 31.73
C SER H 316 7.12 -7.40 30.62
N ALA H 317 6.67 -7.42 29.36
CA ALA H 317 7.59 -7.70 28.28
C ALA H 317 8.21 -6.37 27.90
N GLU H 318 7.49 -5.27 28.13
CA GLU H 318 7.98 -3.95 27.77
C GLU H 318 9.36 -3.70 28.39
N SER H 319 9.53 -4.13 29.65
CA SER H 319 10.80 -3.94 30.34
C SER H 319 11.71 -5.18 30.34
N ALA H 320 11.12 -6.37 30.23
CA ALA H 320 11.87 -7.62 30.32
C ALA H 320 12.49 -8.09 28.99
N ALA H 321 11.74 -7.96 27.90
CA ALA H 321 12.18 -8.46 26.60
C ALA H 321 12.26 -7.46 25.47
N GLY H 322 11.71 -6.28 25.63
CA GLY H 322 11.48 -5.37 24.49
C GLY H 322 12.69 -4.57 24.11
N GLU H 323 12.55 -3.79 23.07
CA GLU H 323 13.64 -2.99 22.54
C GLU H 323 13.82 -1.67 23.27
N TYR H 324 12.87 -1.24 24.08
CA TYR H 324 12.92 0.09 24.70
C TYR H 324 12.51 0.07 26.18
N PRO H 325 13.13 -0.79 26.98
CA PRO H 325 12.74 -0.87 28.39
C PRO H 325 12.87 0.44 29.18
N VAL H 326 13.91 1.21 28.93
CA VAL H 326 14.09 2.45 29.68
C VAL H 326 13.06 3.48 29.26
N GLU H 327 12.83 3.59 27.96
CA GLU H 327 11.88 4.56 27.44
C GLU H 327 10.44 4.24 27.90
N ALA H 328 10.13 2.95 28.04
CA ALA H 328 8.83 2.55 28.57
C ALA H 328 8.63 3.04 30.01
N VAL H 329 9.61 2.81 30.86
CA VAL H 329 9.53 3.28 32.25
C VAL H 329 9.39 4.81 32.27
N LYS H 330 10.20 5.51 31.50
CA LYS H 330 10.12 6.97 31.45
C LYS H 330 8.73 7.43 31.04
N ALA H 331 8.17 6.80 30.00
CA ALA H 331 6.86 7.19 29.50
C ALA H 331 5.79 6.93 30.55
N MET H 332 5.82 5.75 31.14
CA MET H 332 4.86 5.38 32.15
C MET H 332 4.91 6.37 33.31
N ALA H 333 6.11 6.72 33.76
CA ALA H 333 6.28 7.67 34.86
C ALA H 333 5.70 9.04 34.52
N ARG H 334 5.86 9.47 33.29
CA ARG H 334 5.39 10.79 32.86
C ARG H 334 3.86 10.81 32.83
N VAL H 335 3.25 9.72 32.39
CA VAL H 335 1.80 9.66 32.31
C VAL H 335 1.20 9.65 33.71
N CYS H 336 1.85 8.95 34.62
CA CYS H 336 1.41 8.95 36.02
C CYS H 336 1.41 10.36 36.60
N GLN H 337 2.51 11.08 36.39
CA GLN H 337 2.59 12.45 36.89
C GLN H 337 1.47 13.32 36.38
N GLY H 338 1.14 13.16 35.11
CA GLY H 338 0.08 13.98 34.49
C GLY H 338 -1.28 13.67 35.06
N ALA H 339 -1.60 12.39 35.19
CA ALA H 339 -2.88 11.99 35.74
C ALA H 339 -3.04 12.41 37.21
N GLU H 340 -1.94 12.48 37.93
CA GLU H 340 -1.99 12.86 39.35
C GLU H 340 -2.35 14.35 39.57
N LYS H 341 -2.22 15.18 38.55
CA LYS H 341 -2.66 16.57 38.64
C LYS H 341 -4.18 16.74 38.61
N HIS H 342 -4.90 15.72 38.15
CA HIS H 342 -6.37 15.78 38.11
C HIS H 342 -6.94 16.07 39.50
N PRO H 343 -8.01 16.87 39.58
CA PRO H 343 -8.65 17.15 40.89
C PRO H 343 -9.14 15.93 41.68
N THR H 344 -9.60 14.89 41.00
CA THR H 344 -10.06 13.68 41.71
C THR H 344 -8.93 12.87 42.38
N SER H 345 -7.67 13.11 41.99
CA SER H 345 -6.53 12.42 42.62
C SER H 345 -6.20 12.91 44.04
N GLN H 346 -6.70 14.10 44.41
CA GLN H 346 -6.31 14.75 45.66
C GLN H 346 -7.48 14.98 46.66
N LYS H 347 -8.72 14.74 46.25
CA LYS H 347 -9.89 14.98 47.10
C LYS H 347 -10.46 13.66 47.60
N SER H 348 -10.74 13.61 48.90
CA SER H 348 -11.23 12.41 49.58
C SER H 348 -12.50 12.73 50.37
N SER H 349 -13.37 11.72 50.50
CA SER H 349 -14.49 11.78 51.46
C SER H 349 -14.07 11.42 52.90
N HIS H 350 -12.86 10.89 53.07
CA HIS H 350 -12.27 10.58 54.37
C HIS H 350 -13.03 9.54 55.20
N ARG H 351 -13.69 8.62 54.50
CA ARG H 351 -14.47 7.56 55.12
C ARG H 351 -15.53 8.09 56.12
N LEU H 352 -16.10 9.27 55.84
CA LEU H 352 -17.15 9.86 56.65
C LEU H 352 -18.33 8.91 56.81
N GLY H 353 -18.86 8.87 58.05
CA GLY H 353 -19.95 7.99 58.39
C GLY H 353 -19.56 6.57 58.73
N GLN H 354 -18.32 6.17 58.49
CA GLN H 354 -17.88 4.80 58.74
C GLN H 354 -17.35 4.67 60.17
N THR H 355 -17.11 3.41 60.56
CA THR H 355 -16.71 3.07 61.90
C THR H 355 -15.27 2.56 61.86
N PHE H 356 -14.42 3.14 62.70
CA PHE H 356 -13.03 2.74 62.77
C PHE H 356 -12.87 1.61 63.78
N ASP H 357 -11.85 0.78 63.55
CA ASP H 357 -11.64 -0.39 64.38
C ASP H 357 -10.53 -0.22 65.39
N ARG H 358 -9.44 0.39 64.97
CA ARG H 358 -8.22 0.41 65.77
C ARG H 358 -7.82 1.83 66.04
N CYS H 359 -6.90 1.97 66.98
CA CYS H 359 -6.38 3.26 67.37
C CYS H 359 -5.35 3.77 66.35
N ASP H 360 -4.45 2.90 65.88
CA ASP H 360 -3.44 3.36 64.93
C ASP H 360 -4.07 3.69 63.58
N GLU H 361 -5.08 2.90 63.19
CA GLU H 361 -5.93 3.25 62.06
C GLU H 361 -6.45 4.70 62.21
N SER H 362 -6.94 5.03 63.41
CA SER H 362 -7.51 6.34 63.65
C SER H 362 -6.55 7.50 63.48
N ILE H 363 -5.32 7.32 63.94
CA ILE H 363 -4.31 8.37 63.80
C ILE H 363 -3.93 8.55 62.34
N ALA H 364 -3.83 7.44 61.61
CA ALA H 364 -3.55 7.54 60.18
C ALA H 364 -4.66 8.34 59.47
N LEU H 365 -5.89 7.95 59.70
CA LEU H 365 -7.02 8.63 59.06
C LEU H 365 -7.09 10.10 59.49
N ALA H 366 -6.84 10.36 60.77
CA ALA H 366 -6.90 11.72 61.27
C ALA H 366 -5.84 12.61 60.64
N SER H 367 -4.69 12.02 60.33
CA SER H 367 -3.61 12.77 59.68
C SER H 367 -3.94 13.10 58.26
N MET H 368 -4.51 12.15 57.53
CA MET H 368 -4.91 12.45 56.15
C MET H 368 -5.99 13.50 56.09
N TYR H 369 -6.96 13.41 56.99
CA TYR H 369 -7.95 14.47 57.14
C TYR H 369 -7.29 15.83 57.40
N THR H 370 -6.39 15.86 58.37
CA THR H 370 -5.76 17.12 58.71
C THR H 370 -4.95 17.68 57.54
N ALA H 371 -4.14 16.83 56.91
CA ALA H 371 -3.28 17.27 55.81
C ALA H 371 -4.08 17.74 54.60
N ASN H 372 -5.17 17.05 54.30
CA ASN H 372 -6.01 17.46 53.17
C ASN H 372 -6.72 18.78 53.39
N HIS H 373 -6.82 19.27 54.62
CA HIS H 373 -7.54 20.52 54.88
C HIS H 373 -6.69 21.70 55.33
N PHE H 374 -5.52 21.44 55.92
CA PHE H 374 -4.61 22.52 56.31
C PHE H 374 -3.49 22.56 55.25
N PRO H 375 -3.61 23.41 54.24
CA PRO H 375 -2.66 23.36 53.11
C PRO H 375 -1.24 23.81 53.46
N GLY H 376 -1.05 24.46 54.60
CA GLY H 376 0.27 24.73 55.13
C GLY H 376 1.12 23.48 55.38
N ILE H 377 0.44 22.34 55.55
CA ILE H 377 1.12 21.06 55.73
C ILE H 377 1.70 20.59 54.41
N LYS H 378 3.01 20.38 54.38
CA LYS H 378 3.71 20.01 53.17
C LYS H 378 4.23 18.58 53.21
N ALA H 379 4.14 17.91 54.35
CA ALA H 379 4.58 16.53 54.45
C ALA H 379 4.04 15.86 55.70
N ILE H 380 4.06 14.53 55.68
CA ILE H 380 3.72 13.73 56.83
C ILE H 380 4.93 12.86 57.17
N ILE H 381 5.45 13.05 58.39
CA ILE H 381 6.53 12.28 58.95
C ILE H 381 5.91 11.16 59.74
N CYS H 382 5.94 9.96 59.21
CA CYS H 382 5.31 8.83 59.85
C CYS H 382 6.40 7.88 60.37
N LEU H 383 6.66 7.92 61.66
CA LEU H 383 7.61 7.00 62.28
C LEU H 383 6.95 5.66 62.36
N THR H 384 7.51 4.67 61.67
CA THR H 384 6.90 3.36 61.61
C THR H 384 7.92 2.26 61.70
N GLU H 385 7.52 1.16 62.30
CA GLU H 385 8.33 -0.01 62.48
C GLU H 385 8.19 -0.94 61.29
N SER H 386 6.95 -1.30 60.94
CA SER H 386 6.68 -2.30 59.92
C SER H 386 6.06 -1.72 58.65
N GLY H 387 5.78 -0.42 58.63
CA GLY H 387 5.09 0.21 57.50
C GLY H 387 3.57 0.17 57.54
N PHE H 388 2.98 -0.40 58.57
CA PHE H 388 1.52 -0.46 58.68
C PHE H 388 0.84 0.90 58.75
N THR H 389 1.39 1.81 59.53
CA THR H 389 0.76 3.11 59.64
C THR H 389 0.69 3.85 58.29
N PRO H 390 1.79 3.94 57.54
CA PRO H 390 1.69 4.61 56.23
C PRO H 390 0.91 3.79 55.18
N LEU H 391 0.75 2.49 55.37
CA LEU H 391 -0.17 1.74 54.55
C LEU H 391 -1.59 2.32 54.66
N ILE H 392 -2.05 2.55 55.88
CA ILE H 392 -3.38 3.09 56.10
C ILE H 392 -3.47 4.52 55.58
N MET H 393 -2.47 5.35 55.89
CA MET H 393 -2.51 6.71 55.39
C MET H 393 -2.71 6.73 53.86
N SER H 394 -2.03 5.84 53.16
CA SER H 394 -2.00 5.89 51.71
C SER H 394 -3.24 5.27 51.05
N ARG H 395 -4.13 4.67 51.83
CA ARG H 395 -5.46 4.29 51.33
C ARG H 395 -6.37 5.51 51.08
N ILE H 396 -6.01 6.68 51.57
CA ILE H 396 -6.85 7.85 51.46
C ILE H 396 -6.35 8.74 50.35
N ARG H 397 -7.24 9.19 49.49
CA ARG H 397 -6.84 10.03 48.39
C ARG H 397 -6.25 11.31 48.94
N SER H 398 -5.09 11.67 48.41
CA SER H 398 -4.43 12.90 48.80
C SER H 398 -3.32 13.22 47.82
N SER H 399 -2.80 14.43 47.88
CA SER H 399 -1.54 14.73 47.19
C SER H 399 -0.39 15.08 48.14
N VAL H 400 -0.59 14.93 49.45
CA VAL H 400 0.46 15.27 50.42
C VAL H 400 1.49 14.14 50.50
N PRO H 401 2.78 14.46 50.46
CA PRO H 401 3.80 13.39 50.58
C PRO H 401 3.79 12.70 51.92
N ILE H 402 3.76 11.38 51.90
CA ILE H 402 3.85 10.55 53.09
C ILE H 402 5.27 9.95 53.17
N TYR H 403 5.99 10.29 54.23
CA TYR H 403 7.35 9.76 54.44
C TYR H 403 7.36 8.70 55.52
N ALA H 404 7.74 7.48 55.16
CA ALA H 404 7.86 6.37 56.10
C ALA H 404 9.30 6.36 56.67
N TYR H 405 9.41 6.80 57.93
CA TYR H 405 10.65 6.80 58.69
C TYR H 405 10.79 5.45 59.39
N SER H 406 11.80 4.68 58.99
CA SER H 406 12.00 3.38 59.60
C SER H 406 13.48 3.05 59.65
N PRO H 407 13.89 2.31 60.68
CA PRO H 407 15.26 1.86 60.72
C PRO H 407 15.48 0.57 59.93
N HIS H 408 14.42 -0.22 59.73
CA HIS H 408 14.56 -1.56 59.17
C HIS H 408 14.57 -1.52 57.63
N ARG H 409 15.37 -2.41 57.03
CA ARG H 409 15.47 -2.53 55.58
C ARG H 409 14.20 -3.15 55.01
N GLU H 410 13.67 -4.17 55.68
CA GLU H 410 12.41 -4.81 55.30
C GLU H 410 11.33 -3.77 55.06
N THR H 411 11.22 -2.81 55.98
CA THR H 411 10.21 -1.78 55.88
C THR H 411 10.57 -0.75 54.84
N GLN H 412 11.84 -0.35 54.81
CA GLN H 412 12.28 0.65 53.82
C GLN H 412 11.95 0.23 52.38
N ALA H 413 12.01 -1.06 52.10
CA ALA H 413 11.69 -1.58 50.78
C ALA H 413 10.19 -1.79 50.58
N ARG H 414 9.55 -2.35 51.57
CA ARG H 414 8.12 -2.64 51.52
C ARG H 414 7.31 -1.45 51.01
N VAL H 415 7.55 -0.29 51.59
CA VAL H 415 6.72 0.87 51.29
C VAL H 415 6.97 1.41 49.88
N ALA H 416 7.97 0.90 49.17
CA ALA H 416 8.22 1.33 47.81
C ALA H 416 7.02 1.08 46.88
N MET H 417 6.21 0.08 47.18
CA MET H 417 5.00 -0.16 46.42
C MET H 417 3.77 0.63 46.88
N PHE H 418 3.85 1.40 47.95
CA PHE H 418 2.71 2.14 48.50
C PHE H 418 2.58 3.47 47.76
N ARG H 419 1.40 3.76 47.22
CA ARG H 419 1.22 5.00 46.51
C ARG H 419 1.45 6.20 47.41
N GLY H 420 2.28 7.14 46.94
CA GLY H 420 2.52 8.39 47.62
C GLY H 420 3.51 8.33 48.80
N VAL H 421 4.08 7.18 49.09
CA VAL H 421 4.97 6.99 50.23
C VAL H 421 6.44 6.95 49.78
N GLU H 422 7.29 7.70 50.45
CA GLU H 422 8.74 7.67 50.24
C GLU H 422 9.42 7.19 51.53
N THR H 423 10.50 6.46 51.39
CA THR H 423 11.27 5.99 52.53
C THR H 423 12.29 7.03 52.96
N ILE H 424 12.37 7.24 54.28
CA ILE H 424 13.45 7.99 54.90
C ILE H 424 14.07 7.10 55.98
N PRO H 425 15.30 6.58 55.77
CA PRO H 425 15.90 5.74 56.82
C PRO H 425 16.18 6.59 58.07
N PHE H 426 15.83 6.03 59.23
CA PHE H 426 15.78 6.80 60.46
C PHE H 426 15.59 5.85 61.63
N ASP H 427 16.36 6.09 62.70
CA ASP H 427 16.29 5.27 63.90
C ASP H 427 16.04 6.15 65.11
N PRO H 428 14.77 6.30 65.51
CA PRO H 428 14.48 7.19 66.63
C PRO H 428 15.01 6.64 67.99
N ALA H 429 15.02 5.31 68.18
CA ALA H 429 15.47 4.69 69.43
C ALA H 429 16.93 5.01 69.77
N ALA H 430 17.76 5.23 68.75
CA ALA H 430 19.17 5.55 68.94
C ALA H 430 19.41 7.04 69.07
N LEU H 431 18.41 7.80 69.51
CA LEU H 431 18.57 9.24 69.69
C LEU H 431 18.05 9.64 71.06
N PRO H 432 18.55 10.78 71.60
CA PRO H 432 17.90 11.32 72.80
C PRO H 432 16.45 11.74 72.50
N ALA H 433 15.51 11.13 73.22
CA ALA H 433 14.07 11.32 72.96
C ALA H 433 13.67 12.76 72.60
N GLU H 434 14.19 13.74 73.32
CA GLU H 434 13.81 15.14 73.08
C GLU H 434 14.30 15.72 71.77
N LYS H 435 15.25 15.04 71.11
CA LYS H 435 15.82 15.52 69.84
C LYS H 435 15.21 14.86 68.58
N VAL H 436 14.36 13.85 68.75
CA VAL H 436 13.78 13.10 67.64
C VAL H 436 13.02 13.99 66.64
N SER H 437 12.11 14.83 67.12
CA SER H 437 11.31 15.66 66.24
C SER H 437 12.18 16.49 65.29
N GLN H 438 13.14 17.22 65.84
CA GLN H 438 13.95 18.09 64.98
C GLN H 438 14.88 17.26 64.09
N ALA H 439 15.24 16.07 64.54
CA ALA H 439 16.06 15.18 63.73
C ALA H 439 15.29 14.74 62.48
N ALA H 440 14.04 14.32 62.68
CA ALA H 440 13.16 13.97 61.57
C ALA H 440 12.94 15.14 60.62
N VAL H 441 12.67 16.30 61.16
CA VAL H 441 12.48 17.46 60.31
C VAL H 441 13.75 17.80 59.53
N ASP H 442 14.91 17.52 60.13
CA ASP H 442 16.18 17.79 59.44
C ASP H 442 16.32 16.98 58.16
N GLU H 443 15.93 15.71 58.22
CA GLU H 443 15.95 14.83 57.06
C GLU H 443 15.18 15.41 55.86
N LEU H 444 14.07 16.09 56.10
CA LEU H 444 13.34 16.72 55.01
C LEU H 444 13.99 18.03 54.57
N LEU H 445 14.55 18.77 55.52
CA LEU H 445 15.29 19.99 55.16
C LEU H 445 16.53 19.69 54.31
N LYS H 446 17.26 18.63 54.65
CA LYS H 446 18.40 18.16 53.83
C LYS H 446 17.98 17.98 52.38
N ARG H 447 16.83 17.35 52.17
CA ARG H 447 16.39 17.00 50.83
C ARG H 447 15.66 18.11 50.12
N GLY H 448 15.44 19.24 50.78
CA GLY H 448 14.77 20.37 50.16
C GLY H 448 13.26 20.16 49.95
N VAL H 449 12.66 19.20 50.66
CA VAL H 449 11.23 18.96 50.58
C VAL H 449 10.43 20.03 51.33
N VAL H 450 10.97 20.52 52.44
CA VAL H 450 10.31 21.52 53.22
C VAL H 450 11.30 22.60 53.60
N THR H 451 10.80 23.81 53.84
CA THR H 451 11.64 24.94 54.23
C THR H 451 11.07 25.60 55.48
N LYS H 452 11.82 26.55 56.03
CA LYS H 452 11.37 27.28 57.19
C LYS H 452 10.03 27.98 56.86
N GLY H 453 9.04 27.83 57.72
CA GLY H 453 7.72 28.41 57.48
C GLY H 453 6.66 27.40 57.10
N ASP H 454 7.06 26.30 56.47
CA ASP H 454 6.15 25.21 56.20
C ASP H 454 5.78 24.47 57.50
N TRP H 455 4.66 23.79 57.45
CA TRP H 455 4.20 22.94 58.55
C TRP H 455 4.31 21.46 58.15
N VAL H 456 4.25 20.59 59.16
CA VAL H 456 4.36 19.20 58.94
C VAL H 456 3.60 18.42 59.99
N ILE H 457 3.22 17.19 59.66
CA ILE H 457 2.58 16.31 60.62
C ILE H 457 3.58 15.23 61.01
N LEU H 458 3.68 14.93 62.29
CA LEU H 458 4.47 13.82 62.77
C LEU H 458 3.57 12.86 63.50
N THR H 459 3.69 11.58 63.20
CA THR H 459 2.96 10.55 63.92
C THR H 459 3.92 9.57 64.53
N LYS H 460 3.55 9.05 65.70
CA LYS H 460 4.37 8.09 66.41
C LYS H 460 3.56 7.46 67.51
N GLY H 461 4.21 6.57 68.25
CA GLY H 461 3.64 5.97 69.46
C GLY H 461 4.47 6.38 70.67
N ASP H 462 4.27 5.66 71.77
CA ASP H 462 4.91 6.02 73.04
C ASP H 462 6.35 5.55 73.11
N SER H 463 6.59 4.26 72.84
CA SER H 463 7.94 3.71 72.79
C SER H 463 8.47 3.79 71.36
N TYR H 464 9.75 3.47 71.18
CA TYR H 464 10.34 3.38 69.86
C TYR H 464 10.79 1.96 69.50
N THR H 465 10.22 0.96 70.19
CA THR H 465 10.65 -0.42 70.07
C THR H 465 9.52 -1.36 69.61
N ALA H 466 8.32 -1.23 70.18
CA ALA H 466 7.18 -2.10 69.84
C ALA H 466 6.51 -1.62 68.55
N GLN H 467 5.78 -2.53 67.91
CA GLN H 467 5.01 -2.22 66.70
C GLN H 467 3.52 -2.19 67.06
N GLY H 468 2.73 -1.58 66.18
CA GLY H 468 1.27 -1.51 66.34
C GLY H 468 0.74 -0.53 67.39
N GLY H 469 1.58 0.38 67.87
CA GLY H 469 1.17 1.36 68.87
C GLY H 469 1.23 2.81 68.43
N THR H 470 1.05 3.12 67.15
CA THR H 470 0.94 4.54 66.75
C THR H 470 -0.29 5.12 67.44
N ASN H 471 -0.11 6.21 68.18
CA ASN H 471 -1.20 6.83 68.90
C ASN H 471 -1.13 8.34 69.05
N THR H 472 -0.26 9.02 68.29
CA THR H 472 -0.03 10.43 68.51
C THR H 472 0.10 11.13 67.18
N MET H 473 -0.44 12.34 67.09
CA MET H 473 -0.32 13.15 65.90
C MET H 473 0.08 14.52 66.34
N LYS H 474 1.14 15.06 65.79
CA LYS H 474 1.63 16.40 66.13
C LYS H 474 1.69 17.23 64.88
N VAL H 475 1.42 18.50 65.00
CA VAL H 475 1.53 19.43 63.88
C VAL H 475 2.61 20.43 64.25
N LEU H 476 3.69 20.45 63.47
CA LEU H 476 4.90 21.19 63.82
C LEU H 476 5.22 22.22 62.78
N HIS H 477 5.73 23.36 63.24
CA HIS H 477 6.09 24.47 62.36
C HIS H 477 7.61 24.42 62.15
N VAL H 478 8.02 24.26 60.90
CA VAL H 478 9.43 24.12 60.58
C VAL H 478 10.10 25.48 60.77
N GLY H 479 11.03 25.53 61.71
CA GLY H 479 11.61 26.78 62.19
C GLY H 479 11.48 26.99 63.69
N ASP H 480 10.44 26.46 64.29
CA ASP H 480 10.26 26.55 65.74
C ASP H 480 11.20 25.58 66.47
N LEU H 481 11.31 25.78 67.77
CA LEU H 481 12.10 24.89 68.61
C LEU H 481 11.23 23.67 68.92
N LEU H 482 11.59 22.51 68.39
CA LEU H 482 10.77 21.33 68.51
C LEU H 482 11.27 20.47 69.67
N VAL H 483 10.35 20.10 70.54
CA VAL H 483 10.68 19.32 71.70
C VAL H 483 10.89 17.86 71.29
N MET I 1 70.69 -46.17 21.68
CA MET I 1 70.06 -45.55 20.40
C MET I 1 71.05 -45.55 19.24
N SER I 2 71.14 -44.48 18.44
CA SER I 2 72.29 -44.26 17.56
C SER I 2 73.45 -43.59 18.25
N VAL I 3 74.61 -43.70 17.67
CA VAL I 3 75.79 -43.05 18.25
C VAL I 3 75.55 -41.53 18.28
N ARG I 4 75.82 -40.94 19.44
CA ARG I 4 75.67 -39.51 19.62
C ARG I 4 76.52 -38.74 18.64
N ARG I 5 75.96 -37.69 18.06
CA ARG I 5 76.64 -36.83 17.12
C ARG I 5 77.10 -35.52 17.71
N THR I 6 76.33 -34.94 18.61
CA THR I 6 76.69 -33.66 19.21
C THR I 6 77.83 -33.89 20.18
N LYS I 7 78.81 -32.98 20.17
CA LYS I 7 80.02 -33.19 20.94
C LYS I 7 79.96 -32.48 22.28
N ILE I 8 80.68 -33.01 23.26
CA ILE I 8 80.64 -32.50 24.63
C ILE I 8 82.00 -31.94 25.03
N VAL I 9 82.01 -30.67 25.42
CA VAL I 9 83.18 -30.03 25.97
C VAL I 9 83.06 -29.98 27.49
N ALA I 10 84.06 -30.52 28.18
CA ALA I 10 84.05 -30.59 29.65
C ALA I 10 85.23 -29.79 30.18
N THR I 11 84.94 -28.80 31.01
CA THR I 11 86.00 -28.02 31.64
C THR I 11 86.58 -28.81 32.80
N LEU I 12 87.91 -28.80 32.89
CA LEU I 12 88.60 -29.47 33.99
C LEU I 12 88.89 -28.53 35.14
N GLY I 13 89.00 -29.12 36.32
CA GLY I 13 89.29 -28.36 37.54
C GLY I 13 89.47 -29.27 38.74
N PRO I 14 89.44 -28.71 39.95
CA PRO I 14 89.63 -29.49 41.19
C PRO I 14 88.81 -30.79 41.26
N ALA I 15 87.57 -30.77 40.79
CA ALA I 15 86.72 -31.96 40.84
C ALA I 15 87.07 -33.00 39.79
N SER I 16 87.89 -32.62 38.81
CA SER I 16 88.21 -33.49 37.67
C SER I 16 89.71 -33.44 37.40
N ASN I 17 90.47 -33.61 38.46
CA ASN I 17 91.93 -33.48 38.40
C ASN I 17 92.65 -34.82 38.55
N SER I 18 92.01 -35.78 39.20
CA SER I 18 92.61 -37.06 39.44
C SER I 18 92.51 -37.98 38.22
N PRO I 19 93.43 -38.95 38.12
CA PRO I 19 93.31 -39.95 37.06
C PRO I 19 92.03 -40.77 37.11
N GLU I 20 91.50 -41.04 38.30
CA GLU I 20 90.29 -41.85 38.39
C GLU I 20 89.08 -41.14 37.78
N VAL I 21 88.97 -39.83 38.00
CA VAL I 21 87.82 -39.10 37.50
C VAL I 21 87.98 -38.84 36.01
N LEU I 22 89.17 -38.44 35.58
CA LEU I 22 89.42 -38.24 34.17
C LEU I 22 89.16 -39.50 33.36
N GLU I 23 89.59 -40.64 33.86
CA GLU I 23 89.28 -41.89 33.18
C GLU I 23 87.76 -42.06 33.05
N GLN I 24 87.03 -41.77 34.10
CA GLN I 24 85.57 -41.89 34.06
C GLN I 24 84.89 -40.91 33.12
N LEU I 25 85.44 -39.69 33.00
CA LEU I 25 84.95 -38.71 32.06
C LEU I 25 85.19 -39.14 30.61
N ILE I 26 86.38 -39.70 30.34
CA ILE I 26 86.70 -40.23 29.04
C ILE I 26 85.70 -41.34 28.68
N LEU I 27 85.44 -42.24 29.62
CA LEU I 27 84.52 -43.34 29.37
C LEU I 27 83.09 -42.86 29.25
N ALA I 28 82.75 -41.76 29.92
CA ALA I 28 81.39 -41.23 29.84
C ALA I 28 81.12 -40.53 28.51
N GLY I 29 82.19 -40.20 27.79
CA GLY I 29 82.10 -39.72 26.44
C GLY I 29 82.56 -38.31 26.14
N ILE I 30 83.37 -37.67 26.99
CA ILE I 30 83.78 -36.32 26.64
C ILE I 30 84.56 -36.31 25.32
N ASP I 31 84.33 -35.30 24.52
CA ASP I 31 85.03 -35.17 23.25
C ASP I 31 86.12 -34.07 23.29
N VAL I 32 86.00 -33.12 24.20
CA VAL I 32 86.96 -32.03 24.32
C VAL I 32 87.12 -31.68 25.81
N ALA I 33 88.36 -31.52 26.24
CA ALA I 33 88.66 -31.07 27.58
C ALA I 33 89.09 -29.61 27.48
N ARG I 34 88.45 -28.75 28.27
CA ARG I 34 88.75 -27.33 28.28
C ARG I 34 89.61 -27.03 29.49
N LEU I 35 90.71 -26.31 29.24
CA LEU I 35 91.63 -25.93 30.28
C LEU I 35 91.48 -24.44 30.42
N ASN I 36 90.87 -24.00 31.53
CA ASN I 36 90.53 -22.61 31.70
C ASN I 36 91.73 -21.94 32.34
N PHE I 37 92.41 -21.07 31.60
CA PHE I 37 93.61 -20.44 32.12
C PHE I 37 93.32 -19.37 33.18
N SER I 38 92.06 -18.99 33.37
CA SER I 38 91.70 -18.11 34.49
C SER I 38 92.14 -18.65 35.85
N HIS I 39 92.20 -19.96 36.01
CA HIS I 39 92.58 -20.60 37.26
C HIS I 39 93.64 -21.67 36.99
N GLY I 40 94.30 -22.09 38.06
CA GLY I 40 95.31 -23.11 38.01
C GLY I 40 96.69 -22.65 37.61
N THR I 41 97.69 -23.46 37.93
CA THR I 41 99.07 -23.17 37.56
C THR I 41 99.43 -23.85 36.25
N PRO I 42 100.40 -23.31 35.51
CA PRO I 42 100.89 -23.98 34.32
C PRO I 42 101.13 -25.50 34.47
N ASP I 43 101.71 -25.93 35.58
CA ASP I 43 101.96 -27.34 35.81
C ASP I 43 100.70 -28.14 35.97
N GLU I 44 99.72 -27.58 36.68
CA GLU I 44 98.43 -28.24 36.83
C GLU I 44 97.79 -28.52 35.46
N HIS I 45 97.89 -27.56 34.55
CA HIS I 45 97.35 -27.74 33.21
C HIS I 45 98.14 -28.83 32.47
N ARG I 46 99.47 -28.72 32.49
CA ARG I 46 100.32 -29.72 31.84
C ARG I 46 99.99 -31.14 32.29
N ALA I 47 99.81 -31.31 33.60
CA ALA I 47 99.56 -32.63 34.15
C ALA I 47 98.23 -33.19 33.66
N ARG I 48 97.19 -32.34 33.68
CA ARG I 48 95.88 -32.73 33.18
C ARG I 48 95.94 -33.01 31.66
N ALA I 49 96.61 -32.16 30.91
CA ALA I 49 96.73 -32.35 29.47
C ALA I 49 97.34 -33.71 29.12
N ARG I 50 98.43 -34.06 29.82
CA ARG I 50 99.10 -35.33 29.59
C ARG I 50 98.18 -36.49 29.96
N LEU I 51 97.43 -36.34 31.04
CA LEU I 51 96.62 -37.41 31.56
C LEU I 51 95.42 -37.69 30.65
N VAL I 52 94.81 -36.64 30.11
CA VAL I 52 93.65 -36.85 29.25
C VAL I 52 94.08 -37.53 27.97
N ARG I 53 95.19 -37.08 27.40
CA ARG I 53 95.69 -37.72 26.16
C ARG I 53 96.07 -39.17 26.36
N GLU I 54 96.67 -39.48 27.51
CA GLU I 54 97.04 -40.85 27.84
C GLU I 54 95.81 -41.73 27.99
N LEU I 55 94.86 -41.25 28.77
CA LEU I 55 93.65 -42.01 29.06
C LEU I 55 92.73 -42.14 27.84
N ALA I 56 92.69 -41.11 27.01
CA ALA I 56 91.95 -41.21 25.75
C ALA I 56 92.54 -42.33 24.87
N ALA I 57 93.85 -42.27 24.64
CA ALA I 57 94.53 -43.32 23.87
C ALA I 57 94.30 -44.71 24.49
N LYS I 58 94.35 -44.80 25.80
CA LYS I 58 94.09 -46.07 26.47
C LYS I 58 92.75 -46.69 26.07
N HIS I 59 91.75 -45.84 25.81
CA HIS I 59 90.42 -46.34 25.46
C HIS I 59 90.01 -46.06 24.02
N GLY I 60 90.98 -45.80 23.15
CA GLY I 60 90.69 -45.67 21.72
C GLY I 60 89.76 -44.52 21.39
N ARG I 61 89.97 -43.40 22.07
CA ARG I 61 89.15 -42.21 21.91
C ARG I 61 90.06 -41.06 21.51
N PHE I 62 89.44 -40.08 20.88
CA PHE I 62 90.14 -38.91 20.39
C PHE I 62 89.54 -37.71 21.02
N VAL I 63 90.24 -37.18 22.03
CA VAL I 63 89.79 -36.03 22.79
C VAL I 63 90.67 -34.83 22.48
N ALA I 64 90.08 -33.76 22.01
CA ALA I 64 90.82 -32.52 21.77
C ALA I 64 91.04 -31.80 23.09
N LEU I 65 92.04 -30.91 23.09
CA LEU I 65 92.31 -30.04 24.19
C LEU I 65 92.11 -28.62 23.75
N LEU I 66 91.29 -27.90 24.51
CA LEU I 66 90.98 -26.52 24.25
C LEU I 66 91.52 -25.71 25.41
N GLY I 67 92.27 -24.65 25.09
CA GLY I 67 92.83 -23.76 26.08
C GLY I 67 92.12 -22.43 25.99
N ASP I 68 91.55 -22.00 27.13
CA ASP I 68 90.70 -20.85 27.18
C ASP I 68 91.43 -19.70 27.84
N LEU I 69 91.74 -18.67 27.04
CA LEU I 69 92.44 -17.49 27.55
C LEU I 69 91.50 -16.66 28.46
N GLN I 70 92.04 -16.16 29.55
CA GLN I 70 91.23 -15.47 30.54
C GLN I 70 90.65 -14.17 30.01
N GLY I 71 91.44 -13.41 29.27
CA GLY I 71 90.98 -12.15 28.76
C GLY I 71 90.85 -11.04 29.77
N PRO I 72 90.26 -9.91 29.37
CA PRO I 72 90.24 -8.68 30.15
C PRO I 72 89.15 -8.52 31.17
N LYS I 73 89.42 -8.92 32.41
CA LYS I 73 88.48 -8.66 33.51
C LYS I 73 88.76 -7.31 34.16
N ILE I 74 87.72 -6.55 34.48
CA ILE I 74 87.87 -5.30 35.17
C ILE I 74 87.46 -5.46 36.62
N ARG I 75 88.35 -5.15 37.56
CA ARG I 75 88.10 -5.34 38.95
C ARG I 75 88.21 -4.11 39.80
N ILE I 76 87.63 -4.17 40.98
CA ILE I 76 87.69 -3.10 41.94
C ILE I 76 88.96 -3.25 42.76
N ALA I 77 89.27 -2.29 43.61
CA ALA I 77 90.48 -2.34 44.40
C ALA I 77 90.31 -3.11 45.73
N LYS I 78 91.22 -3.00 46.68
CA LYS I 78 91.08 -3.74 47.92
C LYS I 78 90.32 -3.04 49.05
N PHE I 79 89.88 -3.83 50.01
CA PHE I 79 89.21 -3.37 51.23
C PHE I 79 90.18 -3.38 52.42
N ALA I 80 89.84 -2.57 53.41
CA ALA I 80 90.62 -2.51 54.68
C ALA I 80 90.54 -3.83 55.41
N ASN I 81 89.35 -4.40 55.53
CA ASN I 81 89.11 -5.72 56.14
C ASN I 81 89.30 -6.34 54.82
N LYS I 82 89.84 -7.57 54.63
CA LYS I 82 89.90 -8.17 53.25
C LYS I 82 88.56 -8.21 52.46
N ARG I 83 87.41 -7.95 53.11
CA ARG I 83 86.14 -8.18 52.54
C ARG I 83 85.02 -7.72 53.43
N ILE I 84 83.85 -7.50 52.88
CA ILE I 84 82.70 -6.84 53.54
C ILE I 84 81.41 -7.47 53.05
N GLU I 85 80.32 -7.12 53.72
CA GLU I 85 79.00 -7.68 53.42
C GLU I 85 78.03 -6.55 53.18
N LEU I 86 77.22 -6.68 52.12
CA LEU I 86 76.23 -5.68 51.78
C LEU I 86 74.84 -6.27 51.76
N GLN I 87 73.88 -5.46 52.18
CA GLN I 87 72.48 -5.84 52.22
C GLN I 87 71.65 -5.05 51.27
N VAL I 88 70.53 -5.61 50.85
CA VAL I 88 69.63 -4.94 49.92
C VAL I 88 69.26 -3.58 50.50
N GLY I 89 69.31 -2.54 49.66
CA GLY I 89 68.99 -1.18 50.07
C GLY I 89 70.16 -0.35 50.54
N ASP I 90 71.27 -0.99 50.88
CA ASP I 90 72.48 -0.27 51.29
C ASP I 90 72.99 0.63 50.17
N LYS I 91 73.73 1.66 50.57
CA LYS I 91 74.38 2.57 49.65
C LYS I 91 75.84 2.24 49.55
N PHE I 92 76.39 2.38 48.34
CA PHE I 92 77.77 2.02 48.10
C PHE I 92 78.32 2.81 46.92
N ARG I 93 79.62 3.07 46.96
CA ARG I 93 80.28 3.92 46.01
C ARG I 93 81.51 3.28 45.41
N PHE I 94 81.69 3.53 44.11
CA PHE I 94 82.90 3.18 43.41
C PHE I 94 83.63 4.45 43.02
N SER I 95 84.86 4.63 43.50
CA SER I 95 85.59 5.88 43.31
C SER I 95 86.94 5.68 42.65
N THR I 96 87.20 6.49 41.64
CA THR I 96 88.51 6.49 40.98
C THR I 96 89.56 7.16 41.87
N SER I 97 89.15 8.00 42.82
CA SER I 97 90.11 8.69 43.65
C SER I 97 90.37 8.01 45.01
N HIS I 98 89.46 7.20 45.48
CA HIS I 98 89.58 6.61 46.81
C HIS I 98 90.80 5.65 46.93
N ALA I 99 91.43 5.64 48.09
CA ALA I 99 92.58 4.83 48.36
C ALA I 99 92.35 3.36 48.12
N ARG I 100 93.31 2.77 47.37
CA ARG I 100 93.09 1.41 46.81
C ARG I 100 93.15 0.33 47.88
N ASP I 101 93.76 0.62 49.00
CA ASP I 101 93.86 -0.35 50.09
C ASP I 101 92.86 -0.12 51.21
N ALA I 102 92.12 0.99 51.20
CA ALA I 102 91.28 1.40 52.32
C ALA I 102 89.78 1.32 52.00
N GLY I 103 89.36 0.26 51.30
CA GLY I 103 87.96 0.08 51.02
C GLY I 103 87.17 -0.10 52.32
N THR I 104 85.98 0.42 52.36
CA THR I 104 85.17 0.41 53.56
C THR I 104 83.81 -0.17 53.24
N GLN I 105 82.91 -0.11 54.24
CA GLN I 105 81.54 -0.55 54.04
C GLN I 105 80.74 0.37 53.13
N GLU I 106 81.27 1.53 52.83
CA GLU I 106 80.57 2.56 52.01
C GLU I 106 81.21 2.84 50.68
N VAL I 107 82.50 2.53 50.50
CA VAL I 107 83.19 2.86 49.26
C VAL I 107 84.37 1.94 49.02
N VAL I 108 84.66 1.68 47.75
CA VAL I 108 85.90 1.04 47.33
C VAL I 108 86.45 1.78 46.12
N GLY I 109 87.76 1.73 45.96
CA GLY I 109 88.44 2.32 44.83
C GLY I 109 88.40 1.42 43.61
N ILE I 110 88.86 1.93 42.48
CA ILE I 110 88.83 1.22 41.23
C ILE I 110 89.80 1.86 40.24
N ASP I 111 90.57 1.04 39.53
CA ASP I 111 91.46 1.44 38.48
C ASP I 111 90.75 1.45 37.14
N TYR I 112 89.79 2.31 37.00
CA TYR I 112 89.06 2.47 35.73
C TYR I 112 88.80 3.93 35.43
N PRO I 113 89.67 4.56 34.64
CA PRO I 113 89.55 6.02 34.46
C PRO I 113 88.25 6.47 33.82
N ASP I 114 87.80 5.75 32.76
CA ASP I 114 86.54 6.11 32.11
C ASP I 114 85.27 5.78 32.89
N LEU I 115 85.35 5.42 34.16
CA LEU I 115 84.20 4.95 34.94
C LEU I 115 83.02 5.86 34.83
N VAL I 116 83.22 7.15 35.03
CA VAL I 116 82.10 8.09 35.05
C VAL I 116 81.56 8.35 33.66
N LYS I 117 82.44 8.23 32.66
CA LYS I 117 82.03 8.42 31.27
C LYS I 117 81.15 7.26 30.78
N ASP I 118 81.56 6.04 31.12
CA ASP I 118 80.92 4.84 30.60
C ASP I 118 79.63 4.46 31.30
N CYS I 119 79.49 4.79 32.56
CA CYS I 119 78.25 4.50 33.31
C CYS I 119 77.38 5.73 33.49
N GLY I 120 76.11 5.50 33.75
CA GLY I 120 75.12 6.54 33.98
C GLY I 120 74.01 6.12 34.91
N VAL I 121 73.24 7.10 35.34
CA VAL I 121 72.13 6.86 36.27
C VAL I 121 71.20 5.83 35.68
N GLY I 122 70.84 4.83 36.47
CA GLY I 122 69.97 3.75 36.01
C GLY I 122 70.69 2.47 35.64
N ASP I 123 71.97 2.57 35.25
CA ASP I 123 72.75 1.38 34.91
C ASP I 123 72.82 0.43 36.09
N GLU I 124 72.76 -0.88 35.78
CA GLU I 124 72.99 -1.92 36.76
C GLU I 124 74.42 -2.41 36.69
N LEU I 125 75.08 -2.52 37.83
CA LEU I 125 76.44 -3.02 37.93
C LEU I 125 76.41 -4.39 38.58
N LEU I 126 77.22 -5.30 38.04
CA LEU I 126 77.27 -6.69 38.53
C LEU I 126 78.69 -6.94 39.02
N LEU I 127 78.79 -7.48 40.23
CA LEU I 127 80.09 -7.80 40.78
C LEU I 127 80.14 -9.24 41.13
N ASP I 128 81.35 -9.78 41.05
CA ASP I 128 81.60 -11.20 41.29
C ASP I 128 80.67 -12.10 40.48
N ASP I 129 80.66 -11.90 39.18
CA ASP I 129 79.85 -12.69 38.23
C ASP I 129 78.36 -12.68 38.56
N GLY I 130 77.88 -11.54 39.05
CA GLY I 130 76.46 -11.39 39.40
C GLY I 130 76.08 -11.71 40.84
N ARG I 131 77.04 -12.06 41.70
CA ARG I 131 76.74 -12.34 43.11
C ARG I 131 76.17 -11.10 43.85
N VAL I 132 76.68 -9.92 43.51
CA VAL I 132 76.16 -8.66 43.98
C VAL I 132 75.67 -7.86 42.78
N VAL I 133 74.52 -7.20 42.92
CA VAL I 133 74.00 -6.34 41.88
C VAL I 133 73.61 -4.99 42.47
N MET I 134 73.99 -3.92 41.77
CA MET I 134 73.70 -2.57 42.20
C MET I 134 73.14 -1.75 41.05
N VAL I 135 72.44 -0.67 41.41
CA VAL I 135 71.99 0.30 40.43
C VAL I 135 72.61 1.66 40.73
N VAL I 136 73.03 2.37 39.70
CA VAL I 136 73.65 3.68 39.82
C VAL I 136 72.57 4.73 40.08
N GLU I 137 72.65 5.39 41.23
CA GLU I 137 71.69 6.44 41.60
C GLU I 137 72.19 7.86 41.23
N GLU I 138 73.49 8.09 41.37
CA GLU I 138 74.10 9.38 41.08
C GLU I 138 75.47 9.19 40.47
N VAL I 139 75.85 10.09 39.58
CA VAL I 139 77.19 10.13 39.03
C VAL I 139 77.81 11.47 39.38
N ALA I 140 79.05 11.43 39.88
CA ALA I 140 79.85 12.61 40.16
C ALA I 140 81.16 12.52 39.37
N ALA I 141 82.02 13.51 39.47
CA ALA I 141 83.20 13.55 38.59
C ALA I 141 84.15 12.37 38.79
N ASP I 142 84.20 11.83 40.00
CA ASP I 142 85.16 10.74 40.31
C ASP I 142 84.51 9.49 40.87
N GLU I 143 83.19 9.39 40.93
CA GLU I 143 82.57 8.23 41.57
C GLU I 143 81.15 7.96 41.11
N LEU I 144 80.73 6.72 41.35
CA LEU I 144 79.35 6.29 41.12
C LEU I 144 78.73 5.96 42.45
N ARG I 145 77.54 6.50 42.69
CA ARG I 145 76.84 6.31 43.96
C ARG I 145 75.67 5.38 43.70
N CYS I 146 75.66 4.24 44.39
CA CYS I 146 74.77 3.15 44.04
C CYS I 146 73.93 2.65 45.20
N ARG I 147 72.85 1.97 44.85
CA ARG I 147 72.01 1.24 45.79
C ARG I 147 72.13 -0.26 45.49
N VAL I 148 72.24 -1.07 46.53
CA VAL I 148 72.33 -2.52 46.34
C VAL I 148 70.95 -3.11 46.06
N LEU I 149 70.84 -3.83 44.95
CA LEU I 149 69.62 -4.58 44.61
C LEU I 149 69.67 -6.01 45.15
N ILE I 150 70.83 -6.64 44.99
CA ILE I 150 71.03 -8.01 45.47
C ILE I 150 72.32 -8.02 46.29
N GLY I 151 72.19 -8.41 47.54
CA GLY I 151 73.25 -8.35 48.51
C GLY I 151 74.21 -9.53 48.38
N GLY I 152 75.21 -9.50 49.24
CA GLY I 152 76.22 -10.51 49.26
C GLY I 152 77.55 -9.97 49.74
N PRO I 153 78.57 -10.83 49.73
CA PRO I 153 79.89 -10.37 50.09
C PRO I 153 80.64 -9.72 48.91
N LEU I 154 81.59 -8.86 49.23
CA LEU I 154 82.48 -8.24 48.28
C LEU I 154 83.87 -8.24 48.86
N SER I 155 84.86 -8.59 48.06
CA SER I 155 86.19 -8.75 48.54
C SER I 155 87.16 -8.04 47.62
N ASP I 156 88.44 -8.13 47.91
CA ASP I 156 89.43 -7.52 47.07
C ASP I 156 89.41 -8.05 45.66
N HIS I 157 89.71 -7.19 44.70
CA HIS I 157 89.76 -7.53 43.27
C HIS I 157 88.56 -8.25 42.62
N LYS I 158 87.36 -8.11 43.14
CA LYS I 158 86.24 -8.79 42.54
C LYS I 158 85.91 -8.12 41.22
N GLY I 159 85.41 -8.89 40.27
CA GLY I 159 85.16 -8.35 38.97
C GLY I 159 83.94 -7.49 38.96
N ILE I 160 83.88 -6.57 38.04
CA ILE I 160 82.76 -5.66 37.90
C ILE I 160 82.44 -5.54 36.39
N ASN I 161 81.14 -5.51 36.08
CA ASN I 161 80.72 -5.22 34.74
C ASN I 161 79.43 -4.45 34.78
N ARG I 162 79.16 -3.77 33.68
CA ARG I 162 77.93 -3.04 33.50
C ARG I 162 76.95 -3.82 32.65
N ARG I 163 75.72 -3.80 33.04
CA ARG I 163 74.61 -4.32 32.21
C ARG I 163 74.57 -3.54 30.94
N GLY I 164 74.73 -4.16 29.79
CA GLY I 164 74.85 -3.39 28.54
C GLY I 164 76.25 -3.35 28.01
N GLY I 165 77.25 -3.55 28.87
CA GLY I 165 78.63 -3.72 28.43
C GLY I 165 79.24 -2.37 28.09
N GLY I 166 80.11 -2.37 27.08
CA GLY I 166 80.73 -1.14 26.59
C GLY I 166 81.93 -0.62 27.36
N LEU I 167 82.46 -1.42 28.27
CA LEU I 167 83.62 -0.99 29.06
C LEU I 167 84.89 -1.24 28.26
N THR I 168 85.80 -0.28 28.29
CA THR I 168 87.01 -0.35 27.50
C THR I 168 87.98 -1.35 28.10
N ALA I 169 88.51 -2.22 27.27
CA ALA I 169 89.58 -3.13 27.65
C ALA I 169 90.17 -3.76 26.41
N PRO I 170 91.45 -4.11 26.43
CA PRO I 170 91.99 -4.86 25.28
C PRO I 170 91.58 -6.34 25.30
N ALA I 171 91.40 -6.93 24.13
CA ALA I 171 91.00 -8.35 24.01
C ALA I 171 92.08 -9.30 24.60
N LEU I 172 93.32 -9.03 24.20
CA LEU I 172 94.47 -9.81 24.70
C LEU I 172 95.27 -9.02 25.73
N THR I 173 95.39 -9.57 26.91
CA THR I 173 96.19 -9.07 27.99
C THR I 173 97.60 -9.66 27.92
N ASP I 174 98.47 -9.22 28.82
CA ASP I 174 99.82 -9.77 28.92
C ASP I 174 99.78 -11.21 29.41
N LYS I 175 98.92 -11.49 30.37
CA LYS I 175 98.69 -12.87 30.78
C LYS I 175 98.35 -13.75 29.56
N ASP I 176 97.44 -13.27 28.72
CA ASP I 176 97.00 -14.05 27.57
C ASP I 176 98.14 -14.35 26.59
N LYS I 177 98.99 -13.35 26.36
CA LYS I 177 100.17 -13.54 25.51
C LYS I 177 101.07 -14.66 26.06
N ALA I 178 101.24 -14.68 27.38
CA ALA I 178 101.99 -15.75 28.04
C ALA I 178 101.29 -17.10 27.90
N ASP I 179 99.96 -17.09 28.06
CA ASP I 179 99.18 -18.32 27.94
C ASP I 179 99.13 -18.84 26.50
N ILE I 180 99.20 -17.94 25.51
CA ILE I 180 99.29 -18.38 24.12
C ILE I 180 100.55 -19.22 23.93
N LYS I 181 101.66 -18.74 24.49
CA LYS I 181 102.92 -19.49 24.43
C LYS I 181 102.79 -20.82 25.16
N LEU I 182 102.15 -20.79 26.32
CA LEU I 182 101.92 -22.02 27.06
C LEU I 182 101.10 -23.02 26.22
N ALA I 183 100.07 -22.51 25.54
CA ALA I 183 99.21 -23.37 24.73
C ALA I 183 99.99 -24.00 23.58
N ALA I 184 100.77 -23.18 22.88
CA ALA I 184 101.64 -23.68 21.82
C ALA I 184 102.60 -24.74 22.34
N ASP I 185 103.18 -24.50 23.52
CA ASP I 185 104.13 -25.42 24.11
C ASP I 185 103.47 -26.76 24.47
N MET I 186 102.20 -26.74 24.85
CA MET I 186 101.48 -27.96 25.17
C MET I 186 100.86 -28.65 23.96
N ASP I 187 101.02 -28.07 22.76
CA ASP I 187 100.40 -28.60 21.52
C ASP I 187 98.88 -28.70 21.61
N LEU I 188 98.26 -27.65 22.12
CA LEU I 188 96.81 -27.65 22.26
C LEU I 188 96.14 -27.62 20.88
N ASP I 189 95.02 -28.32 20.77
CA ASP I 189 94.28 -28.42 19.52
C ASP I 189 93.44 -27.17 19.24
N TYR I 190 92.89 -26.56 20.28
CA TYR I 190 92.09 -25.34 20.15
C TYR I 190 92.51 -24.32 21.19
N VAL I 191 92.47 -23.05 20.80
CA VAL I 191 92.69 -21.95 21.72
C VAL I 191 91.51 -20.97 21.57
N ALA I 192 90.92 -20.59 22.70
CA ALA I 192 89.77 -19.69 22.70
C ALA I 192 90.15 -18.32 23.19
N VAL I 193 89.78 -17.31 22.41
CA VAL I 193 90.03 -15.92 22.74
C VAL I 193 88.81 -15.33 23.44
N SER I 194 89.02 -14.67 24.58
CA SER I 194 87.93 -14.04 25.33
C SER I 194 87.77 -12.57 24.94
N PHE I 195 86.53 -12.11 24.92
CA PHE I 195 86.11 -10.75 24.63
C PHE I 195 86.69 -10.14 23.34
N PRO I 196 86.84 -10.91 22.28
CA PRO I 196 87.23 -10.25 21.05
C PRO I 196 86.09 -9.37 20.50
N ARG I 197 86.45 -8.34 19.78
CA ARG I 197 85.51 -7.38 19.24
C ARG I 197 85.32 -7.48 17.73
N ASP I 198 86.36 -7.87 17.01
CA ASP I 198 86.35 -7.77 15.55
C ASP I 198 87.46 -8.66 15.03
N ALA I 199 87.48 -8.78 13.70
CA ALA I 199 88.45 -9.65 13.06
C ALA I 199 89.90 -9.35 13.48
N LYS I 200 90.20 -8.08 13.75
CA LYS I 200 91.56 -7.68 14.10
C LYS I 200 92.06 -8.44 15.35
N ASP I 201 91.20 -8.52 16.38
CA ASP I 201 91.56 -9.15 17.62
C ASP I 201 91.95 -10.63 17.39
N MET I 202 91.23 -11.29 16.49
CA MET I 202 91.49 -12.68 16.18
C MET I 202 92.73 -12.86 15.30
N GLU I 203 92.96 -11.92 14.38
CA GLU I 203 94.16 -11.97 13.54
C GLU I 203 95.42 -11.77 14.39
N TYR I 204 95.35 -10.85 15.35
CA TYR I 204 96.44 -10.66 16.30
C TYR I 204 96.75 -11.92 17.07
N ALA I 205 95.70 -12.56 17.58
CA ALA I 205 95.88 -13.81 18.34
C ALA I 205 96.48 -14.90 17.46
N ARG I 206 96.09 -14.93 16.19
CA ARG I 206 96.61 -15.92 15.26
C ARG I 206 98.10 -15.69 14.99
N ARG I 207 98.51 -14.43 14.90
CA ARG I 207 99.89 -14.05 14.69
C ARG I 207 100.76 -14.48 15.84
N LEU I 208 100.30 -14.22 17.05
CA LEU I 208 101.03 -14.64 18.27
C LEU I 208 101.12 -16.16 18.38
N LEU I 209 100.06 -16.85 17.99
CA LEU I 209 100.06 -18.28 18.12
C LEU I 209 101.03 -18.92 17.12
N THR I 210 101.01 -18.45 15.86
CA THR I 210 101.94 -18.98 14.86
C THR I 210 103.39 -18.61 15.24
N GLU I 211 103.61 -17.37 15.64
CA GLU I 211 104.94 -16.93 16.14
C GLU I 211 105.48 -17.86 17.24
N ALA I 212 104.61 -18.37 18.10
CA ALA I 212 105.02 -19.34 19.12
C ALA I 212 105.05 -20.78 18.62
N GLY I 213 104.86 -20.99 17.33
CA GLY I 213 104.87 -22.33 16.76
C GLY I 213 103.65 -23.19 17.05
N GLY I 214 102.53 -22.56 17.37
CA GLY I 214 101.29 -23.27 17.70
C GLY I 214 100.50 -23.65 16.47
N LYS I 215 99.99 -24.87 16.45
CA LYS I 215 99.17 -25.36 15.33
C LYS I 215 97.65 -25.30 15.63
N ALA I 216 97.27 -24.78 16.79
CA ALA I 216 95.90 -24.82 17.23
C ALA I 216 94.97 -24.00 16.31
N TRP I 217 93.72 -24.43 16.26
CA TRP I 217 92.64 -23.66 15.66
C TRP I 217 92.07 -22.69 16.70
N LEU I 218 91.62 -21.55 16.22
CA LEU I 218 91.18 -20.47 17.09
C LEU I 218 89.67 -20.41 17.27
N VAL I 219 89.23 -20.26 18.52
CA VAL I 219 87.83 -20.12 18.85
C VAL I 219 87.55 -18.70 19.30
N ALA I 220 86.64 -18.03 18.62
CA ALA I 220 86.19 -16.70 19.05
C ALA I 220 85.01 -16.84 20.00
N LYS I 221 85.18 -16.35 21.22
CA LYS I 221 84.09 -16.34 22.18
C LYS I 221 83.25 -15.11 21.96
N ILE I 222 81.97 -15.30 21.66
CA ILE I 222 81.04 -14.20 21.42
C ILE I 222 80.47 -13.77 22.77
N GLU I 223 81.14 -12.80 23.40
CA GLU I 223 80.71 -12.26 24.69
C GLU I 223 80.62 -10.72 24.77
N ARG I 224 80.89 -10.00 23.68
CA ARG I 224 80.87 -8.55 23.74
C ARG I 224 79.66 -8.03 22.95
N ALA I 225 79.03 -7.00 23.48
CA ALA I 225 77.92 -6.37 22.81
C ALA I 225 78.31 -5.91 21.38
N GLU I 226 79.56 -5.44 21.22
CA GLU I 226 80.03 -4.92 19.96
C GLU I 226 80.13 -6.01 18.90
N ALA I 227 80.41 -7.24 19.34
CA ALA I 227 80.51 -8.39 18.43
C ALA I 227 79.20 -8.79 17.76
N VAL I 228 78.07 -8.43 18.35
CA VAL I 228 76.75 -8.78 17.82
C VAL I 228 75.91 -7.56 17.48
N ALA I 229 76.55 -6.38 17.44
CA ALA I 229 75.86 -5.12 17.15
C ALA I 229 75.14 -5.16 15.80
N ASP I 230 75.69 -5.88 14.83
CA ASP I 230 75.03 -6.04 13.54
C ASP I 230 75.65 -7.26 12.85
N ASP I 231 75.05 -7.67 11.75
CA ASP I 231 75.52 -8.84 11.01
C ASP I 231 76.97 -8.71 10.51
N ASP I 232 77.38 -7.53 10.09
CA ASP I 232 78.75 -7.33 9.60
C ASP I 232 79.78 -7.52 10.71
N ALA I 233 79.49 -6.97 11.89
CA ALA I 233 80.37 -7.17 13.04
C ALA I 233 80.54 -8.67 13.34
N LEU I 234 79.41 -9.37 13.47
CA LEU I 234 79.42 -10.77 13.81
C LEU I 234 80.10 -11.61 12.72
N ASP I 235 79.66 -11.43 11.48
CA ASP I 235 80.20 -12.23 10.37
C ASP I 235 81.70 -11.98 10.17
N GLY I 236 82.14 -10.75 10.41
CA GLY I 236 83.56 -10.43 10.33
C GLY I 236 84.36 -11.24 11.34
N LEU I 237 83.86 -11.24 12.57
CA LEU I 237 84.51 -11.98 13.64
C LEU I 237 84.49 -13.48 13.39
N ILE I 238 83.39 -13.99 12.87
CA ILE I 238 83.27 -15.41 12.56
C ILE I 238 84.27 -15.81 11.46
N ARG I 239 84.36 -14.99 10.43
CA ARG I 239 85.20 -15.36 9.27
C ARG I 239 86.68 -15.40 9.61
N ALA I 240 87.07 -14.61 10.61
CA ALA I 240 88.43 -14.58 11.10
C ALA I 240 88.77 -15.72 12.05
N SER I 241 87.83 -16.63 12.31
CA SER I 241 88.06 -17.69 13.28
C SER I 241 87.89 -19.03 12.62
N ASP I 242 88.22 -20.07 13.36
CA ASP I 242 87.93 -21.43 12.94
C ASP I 242 86.68 -21.94 13.62
N ALA I 243 86.37 -21.39 14.79
CA ALA I 243 85.22 -21.81 15.57
C ALA I 243 84.76 -20.66 16.42
N VAL I 244 83.52 -20.73 16.88
CA VAL I 244 82.97 -19.73 17.77
C VAL I 244 82.28 -20.39 18.94
N MET I 245 82.20 -19.65 20.04
CA MET I 245 81.54 -20.11 21.25
C MET I 245 80.46 -19.11 21.64
N VAL I 246 79.26 -19.60 21.87
CA VAL I 246 78.18 -18.77 22.39
C VAL I 246 78.38 -18.73 23.91
N ALA I 247 79.02 -17.67 24.36
CA ALA I 247 79.45 -17.54 25.75
C ALA I 247 78.37 -16.82 26.54
N ARG I 248 77.38 -17.56 26.99
CA ARG I 248 76.14 -16.95 27.42
C ARG I 248 76.23 -16.22 28.74
N GLY I 249 77.22 -16.57 29.58
CA GLY I 249 77.45 -15.86 30.83
C GLY I 249 77.75 -14.39 30.57
N ASP I 250 78.92 -14.12 29.99
CA ASP I 250 79.27 -12.73 29.74
C ASP I 250 78.37 -12.07 28.70
N LEU I 251 77.95 -12.82 27.69
CA LEU I 251 77.10 -12.25 26.64
C LEU I 251 75.77 -11.79 27.22
N GLY I 252 75.20 -12.57 28.13
CA GLY I 252 73.94 -12.20 28.77
C GLY I 252 74.03 -10.90 29.56
N VAL I 253 75.15 -10.73 30.25
CA VAL I 253 75.40 -9.46 30.93
C VAL I 253 75.47 -8.31 29.94
N GLU I 254 76.16 -8.52 28.84
CA GLU I 254 76.42 -7.43 27.87
C GLU I 254 75.20 -7.05 27.06
N ILE I 255 74.35 -8.00 26.68
CA ILE I 255 73.16 -7.67 25.86
C ILE I 255 71.84 -7.89 26.55
N GLY I 256 71.86 -8.48 27.75
CA GLY I 256 70.63 -8.80 28.50
C GLY I 256 70.10 -10.18 28.23
N ASP I 257 69.71 -10.90 29.28
CA ASP I 257 69.20 -12.26 29.14
C ASP I 257 68.03 -12.41 28.15
N ALA I 258 67.15 -11.40 28.10
CA ALA I 258 65.99 -11.49 27.20
C ALA I 258 66.36 -11.49 25.69
N GLU I 259 67.59 -11.15 25.35
CA GLU I 259 68.02 -11.17 23.96
C GLU I 259 68.79 -12.44 23.59
N LEU I 260 69.11 -13.29 24.57
CA LEU I 260 69.97 -14.43 24.31
C LEU I 260 69.42 -15.43 23.31
N VAL I 261 68.15 -15.75 23.44
CA VAL I 261 67.60 -16.82 22.63
C VAL I 261 67.78 -16.57 21.13
N GLY I 262 67.53 -15.35 20.70
CA GLY I 262 67.63 -14.99 19.30
C GLY I 262 69.05 -14.98 18.81
N ILE I 263 69.95 -14.50 19.66
CA ILE I 263 71.35 -14.37 19.30
C ILE I 263 72.06 -15.72 19.32
N GLN I 264 71.73 -16.58 20.28
CA GLN I 264 72.27 -17.94 20.24
C GLN I 264 71.96 -18.58 18.89
N LYS I 265 70.73 -18.45 18.44
CA LYS I 265 70.33 -19.06 17.17
C LYS I 265 71.02 -18.40 15.99
N LYS I 266 71.18 -17.09 16.03
CA LYS I 266 71.86 -16.38 14.95
C LYS I 266 73.32 -16.80 14.87
N ILE I 267 74.00 -16.83 16.01
CA ILE I 267 75.41 -17.17 16.03
C ILE I 267 75.62 -18.58 15.45
N ILE I 268 74.84 -19.54 15.89
CA ILE I 268 74.99 -20.91 15.43
C ILE I 268 74.81 -20.96 13.91
N LEU I 269 73.72 -20.34 13.42
CA LEU I 269 73.43 -20.37 12.01
C LEU I 269 74.51 -19.65 11.19
N HIS I 270 74.91 -18.46 11.60
CA HIS I 270 75.94 -17.74 10.84
C HIS I 270 77.27 -18.47 10.86
N ALA I 271 77.60 -19.09 11.99
CA ALA I 271 78.82 -19.90 12.04
C ALA I 271 78.76 -21.02 11.00
N ARG I 272 77.68 -21.78 10.99
CA ARG I 272 77.57 -22.89 10.04
C ARG I 272 77.60 -22.39 8.59
N ARG I 273 76.94 -21.28 8.31
CA ARG I 273 76.94 -20.74 6.95
C ARG I 273 78.33 -20.38 6.48
N ASN I 274 79.16 -19.87 7.39
CA ASN I 274 80.54 -19.56 7.07
C ASN I 274 81.50 -20.74 7.30
N ASN I 275 80.97 -21.95 7.40
CA ASN I 275 81.77 -23.16 7.51
C ASN I 275 82.70 -23.19 8.72
N LYS I 276 82.19 -22.73 9.85
CA LYS I 276 82.89 -22.78 11.13
C LYS I 276 82.20 -23.68 12.13
N VAL I 277 82.94 -24.09 13.13
CA VAL I 277 82.42 -24.92 14.22
C VAL I 277 81.82 -24.01 15.29
N VAL I 278 80.78 -24.46 15.97
CA VAL I 278 80.18 -23.65 17.02
C VAL I 278 79.88 -24.43 18.28
N ILE I 279 80.21 -23.82 19.41
CA ILE I 279 79.98 -24.39 20.74
C ILE I 279 78.95 -23.53 21.50
N THR I 280 78.01 -24.19 22.18
CA THR I 280 77.06 -23.49 23.07
C THR I 280 77.49 -23.75 24.51
N ALA I 281 77.53 -22.69 25.33
CA ALA I 281 78.12 -22.80 26.67
C ALA I 281 77.38 -22.07 27.77
N THR I 282 77.73 -22.45 29.01
CA THR I 282 77.43 -21.72 30.24
C THR I 282 76.07 -22.01 30.89
N GLN I 283 76.15 -22.68 32.04
CA GLN I 283 75.01 -22.99 32.90
C GLN I 283 74.02 -23.93 32.25
N MET I 284 74.49 -24.75 31.33
CA MET I 284 73.59 -25.67 30.66
C MET I 284 73.02 -26.69 31.65
N MET I 285 73.79 -27.07 32.66
CA MET I 285 73.30 -28.02 33.67
C MET I 285 73.71 -27.63 35.07
N GLU I 286 73.62 -26.33 35.36
CA GLU I 286 74.16 -25.74 36.60
C GLU I 286 73.71 -26.47 37.88
N SER I 287 72.46 -26.89 37.93
CA SER I 287 71.98 -27.53 39.14
C SER I 287 72.79 -28.78 39.51
N MET I 288 73.44 -29.38 38.52
CA MET I 288 74.26 -30.58 38.77
C MET I 288 75.58 -30.32 39.46
N ILE I 289 75.93 -29.07 39.69
CA ILE I 289 76.98 -28.78 40.63
C ILE I 289 76.70 -29.43 41.99
N HIS I 290 75.45 -29.38 42.45
CA HIS I 290 75.07 -29.91 43.75
C HIS I 290 74.05 -31.03 43.70
N SER I 291 73.66 -31.48 42.52
CA SER I 291 72.64 -32.51 42.42
C SER I 291 73.03 -33.55 41.37
N PRO I 292 72.67 -34.83 41.61
CA PRO I 292 73.03 -35.83 40.63
C PRO I 292 72.11 -35.96 39.42
N MET I 293 71.10 -35.11 39.31
CA MET I 293 70.25 -35.06 38.13
C MET I 293 69.96 -33.63 37.73
N PRO I 294 69.75 -33.39 36.42
CA PRO I 294 69.43 -32.05 35.97
C PRO I 294 67.95 -31.71 36.12
N THR I 295 67.65 -30.42 36.10
CA THR I 295 66.26 -29.95 36.06
C THR I 295 65.70 -30.08 34.64
N ARG I 296 64.39 -29.96 34.54
CA ARG I 296 63.74 -30.05 33.23
C ARG I 296 64.16 -28.87 32.35
N ALA I 297 64.39 -27.71 32.95
CA ALA I 297 64.87 -26.57 32.17
C ALA I 297 66.23 -26.85 31.56
N GLU I 298 67.08 -27.52 32.32
CA GLU I 298 68.42 -27.86 31.85
C GLU I 298 68.36 -28.88 30.72
N VAL I 299 67.53 -29.89 30.86
CA VAL I 299 67.31 -30.84 29.79
C VAL I 299 66.84 -30.13 28.52
N SER I 300 65.87 -29.23 28.68
CA SER I 300 65.34 -28.49 27.56
C SER I 300 66.40 -27.60 26.89
N ASP I 301 67.24 -26.97 27.71
CA ASP I 301 68.25 -26.07 27.19
C ASP I 301 69.23 -26.82 26.27
N VAL I 302 69.68 -27.98 26.73
CA VAL I 302 70.64 -28.76 25.99
C VAL I 302 69.99 -29.27 24.71
N ALA I 303 68.81 -29.84 24.85
CA ALA I 303 68.11 -30.40 23.70
C ALA I 303 67.85 -29.33 22.63
N ASN I 304 67.46 -28.14 23.06
CA ASN I 304 67.21 -27.10 22.10
C ASN I 304 68.46 -26.64 21.40
N ALA I 305 69.60 -26.66 22.12
CA ALA I 305 70.88 -26.35 21.46
C ALA I 305 71.19 -27.40 20.38
N VAL I 306 70.85 -28.66 20.65
CA VAL I 306 71.06 -29.71 19.67
C VAL I 306 70.17 -29.49 18.45
N LEU I 307 68.92 -29.09 18.66
CA LEU I 307 68.03 -28.81 17.53
C LEU I 307 68.43 -27.53 16.80
N ASP I 308 69.01 -26.56 17.48
CA ASP I 308 69.61 -25.39 16.78
C ASP I 308 70.81 -25.82 15.89
N TYR I 309 71.27 -27.07 16.04
CA TYR I 309 72.39 -27.62 15.28
C TYR I 309 73.76 -27.04 15.70
N THR I 310 73.94 -26.91 17.00
CA THR I 310 75.25 -26.64 17.56
C THR I 310 76.15 -27.84 17.32
N ASP I 311 77.45 -27.60 17.21
CA ASP I 311 78.41 -28.69 17.10
C ASP I 311 78.62 -29.34 18.45
N ALA I 312 78.75 -28.51 19.48
CA ALA I 312 79.02 -29.00 20.82
C ALA I 312 78.32 -28.21 21.87
N VAL I 313 78.15 -28.86 23.00
CA VAL I 313 77.63 -28.24 24.22
C VAL I 313 78.71 -28.39 25.28
N MET I 314 78.76 -27.43 26.20
CA MET I 314 79.84 -27.32 27.16
C MET I 314 79.36 -27.40 28.60
N LEU I 315 80.24 -27.93 29.45
CA LEU I 315 80.10 -27.89 30.91
C LEU I 315 81.22 -27.06 31.48
N SER I 316 80.95 -26.23 32.47
CA SER I 316 82.03 -25.47 33.18
C SER I 316 82.23 -25.84 34.59
N ALA I 317 81.40 -25.34 35.50
CA ALA I 317 81.61 -25.70 36.94
C ALA I 317 81.04 -27.08 37.13
N GLU I 318 80.06 -27.49 36.33
CA GLU I 318 79.42 -28.80 36.51
C GLU I 318 80.50 -29.91 36.50
N SER I 319 81.47 -29.77 35.59
CA SER I 319 82.54 -30.76 35.47
C SER I 319 83.84 -30.37 36.18
N ALA I 320 84.08 -29.08 36.36
CA ALA I 320 85.34 -28.59 36.93
C ALA I 320 85.36 -28.53 38.46
N ALA I 321 84.25 -28.08 39.07
CA ALA I 321 84.20 -27.86 40.51
C ALA I 321 83.11 -28.62 41.26
N GLY I 322 82.14 -29.19 40.56
CA GLY I 322 80.95 -29.69 41.21
C GLY I 322 81.09 -31.06 41.82
N GLU I 323 80.02 -31.51 42.44
CA GLU I 323 80.02 -32.79 43.13
C GLU I 323 79.76 -33.97 42.21
N TYR I 324 79.28 -33.75 40.98
CA TYR I 324 78.87 -34.86 40.12
C TYR I 324 79.32 -34.68 38.66
N PRO I 325 80.62 -34.46 38.46
CA PRO I 325 81.11 -34.23 37.09
C PRO I 325 80.82 -35.40 36.12
N VAL I 326 80.94 -36.63 36.56
CA VAL I 326 80.72 -37.75 35.66
C VAL I 326 79.23 -37.86 35.31
N GLU I 327 78.39 -37.71 36.31
CA GLU I 327 76.94 -37.82 36.10
C GLU I 327 76.43 -36.71 35.17
N ALA I 328 77.05 -35.52 35.26
CA ALA I 328 76.71 -34.43 34.36
C ALA I 328 76.99 -34.78 32.90
N VAL I 329 78.19 -35.29 32.64
CA VAL I 329 78.55 -35.69 31.29
C VAL I 329 77.59 -36.78 30.78
N LYS I 330 77.32 -37.78 31.61
CA LYS I 330 76.40 -38.85 31.22
C LYS I 330 75.02 -38.29 30.87
N ALA I 331 74.53 -37.38 31.70
CA ALA I 331 73.20 -36.81 31.49
C ALA I 331 73.17 -36.01 30.19
N MET I 332 74.17 -35.15 30.00
CA MET I 332 74.26 -34.34 28.83
C MET I 332 74.28 -35.23 27.57
N ALA I 333 75.09 -36.28 27.61
CA ALA I 333 75.19 -37.20 26.46
C ALA I 333 73.86 -37.88 26.15
N ARG I 334 73.09 -38.23 27.18
CA ARG I 334 71.83 -38.89 26.98
C ARG I 334 70.81 -37.94 26.33
N VAL I 335 70.82 -36.69 26.76
CA VAL I 335 69.88 -35.72 26.22
C VAL I 335 70.20 -35.43 24.76
N CYS I 336 71.48 -35.35 24.43
CA CYS I 336 71.88 -35.17 23.04
C CYS I 336 71.37 -36.30 22.15
N GLN I 337 71.54 -37.54 22.60
CA GLN I 337 71.08 -38.69 21.83
C GLN I 337 69.58 -38.61 21.57
N GLY I 338 68.82 -38.18 22.57
CA GLY I 338 67.37 -38.11 22.44
C GLY I 338 66.95 -37.04 21.43
N ALA I 339 67.55 -35.86 21.54
CA ALA I 339 67.23 -34.79 20.63
C ALA I 339 67.62 -35.10 19.17
N GLU I 340 68.65 -35.91 19.00
CA GLU I 340 69.11 -36.27 17.65
C GLU I 340 68.14 -37.19 16.89
N LYS I 341 67.22 -37.84 17.60
CA LYS I 341 66.17 -38.64 16.93
C LYS I 341 65.10 -37.79 16.25
N HIS I 342 64.98 -36.52 16.63
CA HIS I 342 64.01 -35.62 16.03
C HIS I 342 64.16 -35.58 14.49
N PRO I 343 63.04 -35.50 13.75
CA PRO I 343 63.13 -35.40 12.28
C PRO I 343 63.91 -34.20 11.72
N THR I 344 63.89 -33.06 12.41
CA THR I 344 64.64 -31.90 11.94
C THR I 344 66.19 -32.06 12.06
N SER I 345 66.65 -33.01 12.82
CA SER I 345 68.09 -33.25 13.00
C SER I 345 68.72 -33.95 11.78
N GLN I 346 67.92 -34.55 10.88
CA GLN I 346 68.42 -35.36 9.78
C GLN I 346 68.04 -34.85 8.39
N LYS I 347 67.18 -33.84 8.27
CA LYS I 347 66.72 -33.35 6.96
C LYS I 347 67.36 -32.00 6.66
N SER I 348 67.86 -31.85 5.43
CA SER I 348 68.56 -30.62 5.01
C SER I 348 67.95 -30.07 3.72
N SER I 349 68.04 -28.75 3.56
CA SER I 349 67.75 -28.09 2.28
C SER I 349 68.94 -28.13 1.29
N HIS I 350 70.13 -28.54 1.77
CA HIS I 350 71.31 -28.74 0.94
C HIS I 350 71.81 -27.49 0.20
N ARG I 351 71.59 -26.34 0.83
CA ARG I 351 72.00 -25.05 0.31
C ARG I 351 71.53 -24.79 -1.15
N LEU I 352 70.30 -25.28 -1.45
CA LEU I 352 69.69 -25.05 -2.76
C LEU I 352 69.63 -23.57 -3.13
N GLY I 353 69.93 -23.28 -4.39
CA GLY I 353 69.97 -21.94 -4.91
C GLY I 353 71.25 -21.16 -4.65
N GLN I 354 72.15 -21.69 -3.83
CA GLN I 354 73.37 -20.95 -3.46
C GLN I 354 74.50 -21.17 -4.45
N THR I 355 75.57 -20.40 -4.29
CA THR I 355 76.73 -20.48 -5.17
C THR I 355 77.90 -21.03 -4.37
N PHE I 356 78.52 -22.08 -4.88
CA PHE I 356 79.71 -22.64 -4.23
C PHE I 356 80.97 -21.96 -4.72
N ASP I 357 81.99 -21.94 -3.87
CA ASP I 357 83.23 -21.22 -4.16
C ASP I 357 84.34 -22.16 -4.61
N ARG I 358 84.46 -23.31 -3.94
CA ARG I 358 85.62 -24.16 -4.14
C ARG I 358 85.19 -25.52 -4.62
N CYS I 359 86.16 -26.25 -5.11
CA CYS I 359 85.94 -27.58 -5.61
C CYS I 359 85.79 -28.60 -4.47
N ASP I 360 86.63 -28.50 -3.43
CA ASP I 360 86.56 -29.46 -2.34
C ASP I 360 85.27 -29.25 -1.54
N GLU I 361 84.79 -28.03 -1.45
CA GLU I 361 83.52 -27.78 -0.81
C GLU I 361 82.46 -28.48 -1.62
N SER I 362 82.57 -28.39 -2.94
CA SER I 362 81.55 -29.04 -3.81
C SER I 362 81.44 -30.53 -3.61
N ILE I 363 82.57 -31.21 -3.45
CA ILE I 363 82.53 -32.65 -3.23
C ILE I 363 81.93 -32.97 -1.87
N ALA I 364 82.26 -32.17 -0.87
CA ALA I 364 81.66 -32.36 0.46
C ALA I 364 80.15 -32.22 0.37
N LEU I 365 79.69 -31.13 -0.21
CA LEU I 365 78.24 -30.89 -0.32
C LEU I 365 77.58 -31.98 -1.14
N ALA I 366 78.22 -32.40 -2.23
CA ALA I 366 77.67 -33.42 -3.08
C ALA I 366 77.52 -34.75 -2.36
N SER I 367 78.44 -35.03 -1.44
CA SER I 367 78.38 -36.27 -0.67
C SER I 367 77.25 -36.24 0.32
N MET I 368 77.07 -35.11 0.99
CA MET I 368 75.95 -35.00 1.94
C MET I 368 74.61 -35.12 1.22
N TYR I 369 74.49 -34.47 0.07
CA TYR I 369 73.31 -34.66 -0.78
C TYR I 369 73.12 -36.13 -1.12
N THR I 370 74.16 -36.78 -1.58
CA THR I 370 74.02 -38.17 -1.98
C THR I 370 73.63 -39.05 -0.81
N ALA I 371 74.31 -38.89 0.32
CA ALA I 371 74.06 -39.72 1.50
C ALA I 371 72.65 -39.52 2.06
N ASN I 372 72.20 -38.27 2.07
CA ASN I 372 70.85 -38.00 2.58
C ASN I 372 69.75 -38.55 1.70
N HIS I 373 70.03 -38.92 0.44
CA HIS I 373 68.99 -39.43 -0.45
C HIS I 373 69.10 -40.89 -0.84
N PHE I 374 70.29 -41.49 -0.79
CA PHE I 374 70.46 -42.90 -1.08
C PHE I 374 70.65 -43.60 0.27
N PRO I 375 69.54 -44.15 0.84
CA PRO I 375 69.61 -44.64 2.21
C PRO I 375 70.45 -45.91 2.39
N GLY I 376 70.79 -46.60 1.29
CA GLY I 376 71.77 -47.67 1.33
C GLY I 376 73.13 -47.25 1.85
N ILE I 377 73.45 -45.95 1.76
CA ILE I 377 74.70 -45.43 2.27
C ILE I 377 74.67 -45.36 3.78
N LYS I 378 75.62 -46.05 4.42
CA LYS I 378 75.66 -46.15 5.87
C LYS I 378 76.82 -45.40 6.48
N ALA I 379 77.73 -44.89 5.67
CA ALA I 379 78.87 -44.14 6.20
C ALA I 379 79.56 -43.36 5.11
N ILE I 380 80.32 -42.35 5.52
CA ILE I 380 81.14 -41.57 4.61
C ILE I 380 82.59 -41.69 5.06
N ILE I 381 83.43 -42.23 4.17
CA ILE I 381 84.86 -42.36 4.37
C ILE I 381 85.49 -41.14 3.74
N CYS I 382 85.93 -40.21 4.57
CA CYS I 382 86.51 -38.97 4.07
C CYS I 382 88.01 -38.99 4.37
N LEU I 383 88.81 -39.26 3.34
CA LEU I 383 90.25 -39.21 3.47
C LEU I 383 90.65 -37.76 3.50
N THR I 384 91.23 -37.32 4.61
CA THR I 384 91.55 -35.92 4.79
C THR I 384 92.89 -35.74 5.46
N GLU I 385 93.58 -34.68 5.09
CA GLU I 385 94.86 -34.31 5.61
C GLU I 385 94.69 -33.44 6.84
N SER I 386 93.94 -32.35 6.71
CA SER I 386 93.80 -31.35 7.76
C SER I 386 92.43 -31.33 8.44
N GLY I 387 91.49 -32.13 7.95
CA GLY I 387 90.12 -32.13 8.48
C GLY I 387 89.17 -31.15 7.82
N PHE I 388 89.63 -30.38 6.84
CA PHE I 388 88.78 -29.41 6.18
C PHE I 388 87.59 -30.02 5.43
N THR I 389 87.81 -31.11 4.73
CA THR I 389 86.72 -31.72 4.00
C THR I 389 85.56 -32.17 4.91
N PRO I 390 85.85 -32.90 5.99
CA PRO I 390 84.75 -33.29 6.89
C PRO I 390 84.17 -32.11 7.70
N LEU I 391 84.91 -31.02 7.84
CA LEU I 391 84.33 -29.81 8.38
C LEU I 391 83.14 -29.35 7.52
N ILE I 392 83.33 -29.31 6.21
CA ILE I 392 82.28 -28.88 5.31
C ILE I 392 81.14 -29.89 5.32
N MET I 393 81.44 -31.17 5.24
CA MET I 393 80.40 -32.16 5.27
C MET I 393 79.48 -31.97 6.48
N SER I 394 80.08 -31.69 7.63
CA SER I 394 79.33 -31.66 8.88
C SER I 394 78.55 -30.37 9.10
N ARG I 395 78.71 -29.38 8.22
CA ARG I 395 77.81 -28.22 8.22
C ARG I 395 76.40 -28.55 7.70
N ILE I 396 76.21 -29.70 7.10
CA ILE I 396 74.93 -30.05 6.49
C ILE I 396 74.19 -31.00 7.42
N ARG I 397 72.92 -30.71 7.66
CA ARG I 397 72.14 -31.55 8.53
C ARG I 397 72.07 -32.94 7.94
N SER I 398 72.34 -33.93 8.77
CA SER I 398 72.27 -35.32 8.37
C SER I 398 72.33 -36.21 9.60
N SER I 399 71.99 -37.47 9.43
CA SER I 399 72.30 -38.46 10.47
C SER I 399 73.32 -39.53 10.01
N VAL I 400 73.93 -39.35 8.85
CA VAL I 400 74.90 -40.32 8.34
C VAL I 400 76.26 -40.10 9.03
N PRO I 401 76.90 -41.18 9.52
CA PRO I 401 78.22 -41.03 10.15
C PRO I 401 79.30 -40.57 9.17
N ILE I 402 80.02 -39.53 9.56
CA ILE I 402 81.14 -39.01 8.81
C ILE I 402 82.44 -39.45 9.49
N TYR I 403 83.26 -40.23 8.78
CA TYR I 403 84.54 -40.70 9.32
C TYR I 403 85.69 -39.94 8.70
N ALA I 404 86.46 -39.23 9.53
CA ALA I 404 87.65 -38.53 9.08
C ALA I 404 88.86 -39.47 9.19
N TYR I 405 89.32 -39.95 8.03
CA TYR I 405 90.52 -40.78 7.90
C TYR I 405 91.72 -39.87 7.75
N SER I 406 92.62 -39.91 8.71
CA SER I 406 93.80 -39.08 8.65
C SER I 406 94.98 -39.78 9.32
N PRO I 407 96.18 -39.53 8.80
CA PRO I 407 97.35 -40.06 9.47
C PRO I 407 97.84 -39.14 10.59
N HIS I 408 97.51 -37.87 10.55
CA HIS I 408 98.06 -36.90 11.49
C HIS I 408 97.28 -36.85 12.83
N ARG I 409 98.01 -36.66 13.92
CA ARG I 409 97.41 -36.55 15.25
C ARG I 409 96.66 -35.22 15.39
N GLU I 410 97.23 -34.15 14.88
CA GLU I 410 96.62 -32.83 14.86
C GLU I 410 95.19 -32.91 14.31
N THR I 411 95.02 -33.63 13.21
CA THR I 411 93.73 -33.77 12.57
C THR I 411 92.85 -34.72 13.33
N GLN I 412 93.41 -35.84 13.77
CA GLN I 412 92.64 -36.84 14.54
C GLN I 412 91.95 -36.22 15.76
N ALA I 413 92.59 -35.25 16.39
CA ALA I 413 92.02 -34.56 17.55
C ALA I 413 91.07 -33.44 17.15
N ARG I 414 91.47 -32.65 16.17
CA ARG I 414 90.68 -31.53 15.71
C ARG I 414 89.22 -31.89 15.48
N VAL I 415 89.00 -32.97 14.75
CA VAL I 415 87.65 -33.31 14.33
C VAL I 415 86.79 -33.81 15.50
N ALA I 416 87.38 -34.00 16.67
CA ALA I 416 86.59 -34.41 17.84
C ALA I 416 85.49 -33.39 18.19
N MET I 417 85.69 -32.13 17.87
CA MET I 417 84.67 -31.13 18.08
C MET I 417 83.64 -30.98 16.95
N PHE I 418 83.80 -31.70 15.83
CA PHE I 418 82.90 -31.58 14.69
C PHE I 418 81.70 -32.48 14.89
N ARG I 419 80.50 -31.91 14.79
CA ARG I 419 79.30 -32.70 14.99
C ARG I 419 79.22 -33.84 13.97
N GLY I 420 78.99 -35.06 14.46
CA GLY I 420 78.77 -36.22 13.64
C GLY I 420 80.02 -36.87 13.01
N VAL I 421 81.21 -36.36 13.34
CA VAL I 421 82.45 -36.85 12.77
C VAL I 421 83.20 -37.73 13.78
N GLU I 422 83.66 -38.88 13.33
CA GLU I 422 84.52 -39.75 14.13
C GLU I 422 85.88 -39.88 13.45
N THR I 423 86.93 -40.01 14.23
CA THR I 423 88.27 -40.21 13.69
C THR I 423 88.56 -41.68 13.46
N ILE I 424 89.14 -41.96 12.29
CA ILE I 424 89.72 -43.27 12.00
C ILE I 424 91.17 -43.04 11.57
N PRO I 425 92.16 -43.41 12.42
CA PRO I 425 93.56 -43.21 12.00
C PRO I 425 93.89 -44.13 10.81
N PHE I 426 94.56 -43.55 9.82
CA PHE I 426 94.72 -44.18 8.52
C PHE I 426 95.72 -43.39 7.70
N ASP I 427 96.63 -44.13 7.03
CA ASP I 427 97.67 -43.53 6.20
C ASP I 427 97.60 -44.12 4.80
N PRO I 428 96.88 -43.43 3.88
CA PRO I 428 96.77 -43.99 2.54
C PRO I 428 98.09 -43.98 1.74
N ALA I 429 98.95 -42.97 1.96
CA ALA I 429 100.24 -42.87 1.24
C ALA I 429 101.16 -44.07 1.45
N ALA I 430 101.07 -44.70 2.62
CA ALA I 430 101.90 -45.86 2.94
C ALA I 430 101.26 -47.17 2.51
N LEU I 431 100.39 -47.14 1.50
CA LEU I 431 99.77 -48.35 0.99
C LEU I 431 99.90 -48.40 -0.53
N PRO I 432 99.85 -49.62 -1.10
CA PRO I 432 99.70 -49.71 -2.55
C PRO I 432 98.37 -49.08 -3.01
N ALA I 433 98.46 -48.07 -3.87
CA ALA I 433 97.30 -47.30 -4.31
C ALA I 433 96.03 -48.14 -4.56
N GLU I 434 96.17 -49.28 -5.21
CA GLU I 434 95.00 -50.10 -5.55
C GLU I 434 94.33 -50.76 -4.35
N LYS I 435 95.01 -50.79 -3.20
CA LYS I 435 94.45 -51.43 -1.99
C LYS I 435 93.82 -50.44 -0.99
N VAL I 436 93.94 -49.13 -1.22
CA VAL I 436 93.44 -48.11 -0.30
C VAL I 436 91.94 -48.25 0.00
N SER I 437 91.11 -48.33 -1.03
CA SER I 437 89.67 -48.39 -0.83
C SER I 437 89.27 -49.54 0.09
N GLN I 438 89.74 -50.74 -0.20
CA GLN I 438 89.32 -51.88 0.62
C GLN I 438 89.94 -51.82 2.03
N ALA I 439 91.10 -51.16 2.13
CA ALA I 439 91.73 -50.97 3.43
C ALA I 439 90.86 -50.07 4.31
N ALA I 440 90.40 -48.95 3.75
CA ALA I 440 89.48 -48.05 4.43
C ALA I 440 88.17 -48.76 4.81
N VAL I 441 87.61 -49.50 3.89
CA VAL I 441 86.37 -50.21 4.21
C VAL I 441 86.61 -51.25 5.31
N ASP I 442 87.82 -51.81 5.37
CA ASP I 442 88.13 -52.79 6.42
C ASP I 442 88.02 -52.18 7.82
N GLU I 443 88.54 -50.97 7.96
CA GLU I 443 88.47 -50.24 9.23
C GLU I 443 87.03 -50.12 9.76
N LEU I 444 86.05 -49.94 8.89
CA LEU I 444 84.67 -49.89 9.34
C LEU I 444 84.09 -51.28 9.60
N LEU I 445 84.51 -52.26 8.81
CA LEU I 445 84.09 -53.64 9.07
C LEU I 445 84.61 -54.16 10.42
N LYS I 446 85.88 -53.84 10.75
CA LYS I 446 86.43 -54.17 12.07
C LYS I 446 85.51 -53.67 13.19
N ARG I 447 85.04 -52.44 13.06
CA ARG I 447 84.29 -51.79 14.12
C ARG I 447 82.81 -52.12 14.09
N GLY I 448 82.36 -52.89 13.11
CA GLY I 448 80.97 -53.29 13.04
C GLY I 448 80.02 -52.19 12.60
N VAL I 449 80.55 -51.11 12.02
CA VAL I 449 79.74 -49.97 11.57
C VAL I 449 79.00 -50.31 10.27
N VAL I 450 79.64 -51.10 9.41
CA VAL I 450 79.01 -51.49 8.15
C VAL I 450 79.23 -52.98 7.95
N THR I 451 78.34 -53.60 7.19
CA THR I 451 78.46 -55.02 6.85
C THR I 451 78.39 -55.21 5.33
N LYS I 452 78.65 -56.42 4.90
CA LYS I 452 78.55 -56.76 3.47
C LYS I 452 77.13 -56.49 2.99
N GLY I 453 77.00 -55.76 1.87
CA GLY I 453 75.69 -55.37 1.34
C GLY I 453 75.37 -53.90 1.53
N ASP I 454 75.92 -53.28 2.57
CA ASP I 454 75.83 -51.84 2.75
C ASP I 454 76.66 -51.11 1.70
N TRP I 455 76.30 -49.86 1.46
CA TRP I 455 77.04 -48.97 0.58
C TRP I 455 77.75 -47.89 1.39
N VAL I 456 78.72 -47.26 0.77
CA VAL I 456 79.56 -46.29 1.44
C VAL I 456 80.01 -45.23 0.45
N ILE I 457 80.29 -44.03 0.94
CA ILE I 457 80.85 -42.99 0.11
C ILE I 457 82.30 -42.81 0.49
N LEU I 458 83.19 -42.71 -0.49
CA LEU I 458 84.58 -42.39 -0.24
C LEU I 458 84.90 -41.12 -0.97
N THR I 459 85.57 -40.21 -0.28
CA THR I 459 86.06 -38.98 -0.92
C THR I 459 87.56 -38.87 -0.75
N LYS I 460 88.20 -38.30 -1.76
CA LYS I 460 89.64 -38.12 -1.75
C LYS I 460 90.04 -37.16 -2.85
N GLY I 461 91.34 -36.94 -2.96
CA GLY I 461 91.94 -36.18 -4.04
C GLY I 461 92.85 -37.09 -4.85
N ASP I 462 93.70 -36.49 -5.68
CA ASP I 462 94.54 -37.26 -6.61
C ASP I 462 95.79 -37.81 -5.91
N SER I 463 96.53 -36.95 -5.22
CA SER I 463 97.69 -37.40 -4.44
C SER I 463 97.26 -37.70 -3.01
N TYR I 464 98.16 -38.28 -2.23
CA TYR I 464 97.92 -38.52 -0.81
C TYR I 464 98.89 -37.72 0.08
N THR I 465 99.41 -36.63 -0.44
CA THR I 465 100.42 -35.82 0.24
C THR I 465 99.96 -34.35 0.46
N ALA I 466 99.39 -33.72 -0.56
CA ALA I 466 98.95 -32.33 -0.49
C ALA I 466 97.60 -32.21 0.22
N GLN I 467 97.29 -31.01 0.68
CA GLN I 467 96.04 -30.71 1.38
C GLN I 467 95.27 -29.73 0.52
N GLY I 468 93.96 -29.66 0.68
CA GLY I 468 93.10 -28.79 -0.10
C GLY I 468 92.76 -29.27 -1.51
N GLY I 469 93.03 -30.54 -1.84
CA GLY I 469 92.71 -31.04 -3.18
C GLY I 469 91.69 -32.16 -3.22
N THR I 470 90.72 -32.22 -2.28
CA THR I 470 89.64 -33.22 -2.43
C THR I 470 88.88 -32.90 -3.72
N ASN I 471 88.75 -33.88 -4.60
CA ASN I 471 88.06 -33.69 -5.86
C ASN I 471 87.31 -34.91 -6.39
N THR I 472 87.09 -35.93 -5.57
CA THR I 472 86.54 -37.18 -6.08
C THR I 472 85.55 -37.74 -5.09
N MET I 473 84.46 -38.31 -5.59
CA MET I 473 83.47 -38.95 -4.74
C MET I 473 83.17 -40.28 -5.38
N LYS I 474 83.27 -41.35 -4.60
CA LYS I 474 82.96 -42.69 -5.09
C LYS I 474 81.88 -43.27 -4.22
N VAL I 475 81.00 -44.06 -4.81
CA VAL I 475 80.00 -44.80 -4.07
C VAL I 475 80.30 -46.29 -4.26
N LEU I 476 80.60 -46.96 -3.15
CA LEU I 476 81.14 -48.32 -3.17
C LEU I 476 80.24 -49.26 -2.44
N HIS I 477 80.15 -50.48 -2.95
CA HIS I 477 79.31 -51.53 -2.37
C HIS I 477 80.20 -52.45 -1.57
N VAL I 478 79.94 -52.55 -0.27
CA VAL I 478 80.79 -53.32 0.64
C VAL I 478 80.56 -54.80 0.35
N GLY I 479 81.62 -55.47 -0.11
CA GLY I 479 81.53 -56.81 -0.64
C GLY I 479 82.08 -56.96 -2.04
N ASP I 480 82.01 -55.90 -2.84
CA ASP I 480 82.56 -55.93 -4.20
C ASP I 480 84.07 -55.83 -4.16
N LEU I 481 84.68 -56.08 -5.31
CA LEU I 481 86.11 -55.87 -5.50
C LEU I 481 86.34 -54.39 -5.74
N LEU I 482 87.00 -53.73 -4.79
CA LEU I 482 87.16 -52.29 -4.84
C LEU I 482 88.52 -51.96 -5.42
N VAL I 483 88.54 -51.10 -6.42
CA VAL I 483 89.83 -50.66 -6.99
C VAL I 483 90.31 -49.56 -6.09
N MET J 1 -50.76 30.67 -72.11
CA MET J 1 -50.86 29.24 -71.65
C MET J 1 -50.26 28.27 -72.68
N SER J 2 -49.80 27.12 -72.20
CA SER J 2 -49.21 26.09 -73.10
C SER J 2 -50.26 25.15 -73.69
N VAL J 3 -49.89 24.49 -74.74
CA VAL J 3 -50.87 23.71 -75.49
C VAL J 3 -51.40 22.58 -74.61
N ARG J 4 -52.73 22.47 -74.57
CA ARG J 4 -53.39 21.50 -73.71
C ARG J 4 -52.93 20.09 -74.05
N ARG J 5 -52.67 19.29 -73.02
CA ARG J 5 -52.25 17.92 -73.17
C ARG J 5 -53.34 16.90 -72.94
N THR J 6 -54.24 17.16 -72.00
CA THR J 6 -55.31 16.22 -71.70
C THR J 6 -56.34 16.30 -72.82
N LYS J 7 -56.84 15.13 -73.22
CA LYS J 7 -57.70 15.08 -74.39
C LYS J 7 -59.16 15.07 -74.00
N ILE J 8 -60.01 15.57 -74.90
CA ILE J 8 -61.45 15.75 -74.63
C ILE J 8 -62.27 14.86 -75.55
N VAL J 9 -63.08 14.00 -74.95
CA VAL J 9 -64.03 13.18 -75.66
C VAL J 9 -65.41 13.82 -75.56
N ALA J 10 -66.04 14.08 -76.70
CA ALA J 10 -67.35 14.73 -76.74
C ALA J 10 -68.35 13.79 -77.39
N THR J 11 -69.41 13.48 -76.67
CA THR J 11 -70.47 12.65 -77.22
C THR J 11 -71.34 13.49 -78.13
N LEU J 12 -71.69 12.92 -79.29
CA LEU J 12 -72.59 13.61 -80.23
C LEU J 12 -74.04 13.20 -80.03
N GLY J 13 -74.92 14.11 -80.41
CA GLY J 13 -76.37 13.88 -80.30
C GLY J 13 -77.17 15.02 -80.92
N PRO J 14 -78.46 15.09 -80.63
CA PRO J 14 -79.34 16.13 -81.18
C PRO J 14 -78.78 17.55 -81.10
N ALA J 15 -78.12 17.90 -80.00
CA ALA J 15 -77.57 19.26 -79.83
C ALA J 15 -76.30 19.48 -80.62
N SER J 16 -75.70 18.42 -81.15
CA SER J 16 -74.42 18.50 -81.85
C SER J 16 -74.48 17.68 -83.14
N ASN J 17 -75.54 17.90 -83.90
CA ASN J 17 -75.82 17.11 -85.09
C ASN J 17 -75.63 17.91 -86.37
N SER J 18 -75.76 19.24 -86.29
CA SER J 18 -75.62 20.06 -87.47
C SER J 18 -74.16 20.35 -87.81
N PRO J 19 -73.88 20.65 -89.08
CA PRO J 19 -72.52 21.04 -89.45
C PRO J 19 -72.03 22.31 -88.73
N GLU J 20 -72.92 23.25 -88.41
CA GLU J 20 -72.46 24.46 -87.76
C GLU J 20 -71.94 24.20 -86.34
N VAL J 21 -72.60 23.31 -85.61
CA VAL J 21 -72.20 23.03 -84.24
C VAL J 21 -70.96 22.14 -84.23
N LEU J 22 -70.95 21.12 -85.08
CA LEU J 22 -69.77 20.26 -85.18
C LEU J 22 -68.53 21.06 -85.55
N GLU J 23 -68.66 21.97 -86.50
CA GLU J 23 -67.52 22.83 -86.81
C GLU J 23 -67.05 23.60 -85.56
N GLN J 24 -67.99 24.13 -84.79
CA GLN J 24 -67.64 24.86 -83.58
C GLN J 24 -66.98 23.99 -82.50
N LEU J 25 -67.41 22.73 -82.40
CA LEU J 25 -66.82 21.79 -81.47
C LEU J 25 -65.38 21.43 -81.89
N ILE J 26 -65.17 21.23 -83.19
CA ILE J 26 -63.85 20.98 -83.73
C ILE J 26 -62.93 22.17 -83.39
N LEU J 27 -63.41 23.38 -83.62
CA LEU J 27 -62.61 24.56 -83.34
C LEU J 27 -62.40 24.78 -81.86
N ALA J 28 -63.35 24.34 -81.03
CA ALA J 28 -63.20 24.49 -79.59
C ALA J 28 -62.18 23.51 -78.99
N GLY J 29 -61.85 22.47 -79.76
CA GLY J 29 -60.75 21.59 -79.46
C GLY J 29 -61.09 20.13 -79.17
N ILE J 30 -62.24 19.62 -79.56
CA ILE J 30 -62.49 18.22 -79.25
C ILE J 30 -61.45 17.32 -79.90
N ASP J 31 -61.03 16.29 -79.21
CA ASP J 31 -60.05 15.36 -79.75
C ASP J 31 -60.68 14.01 -80.16
N VAL J 32 -61.84 13.68 -79.60
CA VAL J 32 -62.52 12.42 -79.92
C VAL J 32 -64.03 12.66 -79.90
N ALA J 33 -64.72 12.17 -80.92
CA ALA J 33 -66.17 12.21 -80.97
C ALA J 33 -66.68 10.82 -80.64
N ARG J 34 -67.60 10.75 -79.68
CA ARG J 34 -68.18 9.48 -79.25
C ARG J 34 -69.55 9.35 -79.88
N LEU J 35 -69.79 8.20 -80.50
CA LEU J 35 -71.06 7.89 -81.12
C LEU J 35 -71.69 6.83 -80.28
N ASN J 36 -72.76 7.20 -79.58
CA ASN J 36 -73.37 6.29 -78.63
C ASN J 36 -74.41 5.47 -79.38
N PHE J 37 -74.15 4.19 -79.54
CA PHE J 37 -75.06 3.33 -80.28
C PHE J 37 -76.36 3.03 -79.54
N SER J 38 -76.45 3.37 -78.26
CA SER J 38 -77.73 3.30 -77.55
C SER J 38 -78.86 4.06 -78.22
N HIS J 39 -78.55 5.14 -78.92
CA HIS J 39 -79.55 5.95 -79.63
C HIS J 39 -79.11 6.18 -81.05
N GLY J 40 -80.07 6.60 -81.87
CA GLY J 40 -79.82 6.94 -83.27
C GLY J 40 -79.82 5.76 -84.22
N THR J 41 -79.98 6.07 -85.49
CA THR J 41 -80.02 5.08 -86.55
C THR J 41 -78.63 4.96 -87.18
N PRO J 42 -78.33 3.81 -87.78
CA PRO J 42 -77.06 3.66 -88.49
C PRO J 42 -76.69 4.82 -89.41
N ASP J 43 -77.67 5.37 -90.14
CA ASP J 43 -77.32 6.44 -91.09
C ASP J 43 -77.07 7.76 -90.39
N GLU J 44 -77.72 7.99 -89.25
CA GLU J 44 -77.42 9.17 -88.43
C GLU J 44 -75.95 9.14 -87.97
N HIS J 45 -75.48 7.97 -87.58
CA HIS J 45 -74.10 7.82 -87.16
C HIS J 45 -73.16 8.03 -88.34
N ARG J 46 -73.44 7.36 -89.46
CA ARG J 46 -72.62 7.51 -90.66
C ARG J 46 -72.48 8.99 -91.08
N ALA J 47 -73.59 9.71 -91.02
CA ALA J 47 -73.59 11.11 -91.44
C ALA J 47 -72.71 11.95 -90.52
N ARG J 48 -72.85 11.74 -89.21
CA ARG J 48 -72.02 12.43 -88.23
C ARG J 48 -70.54 12.06 -88.40
N ALA J 49 -70.26 10.76 -88.56
CA ALA J 49 -68.89 10.30 -88.74
C ALA J 49 -68.20 10.99 -89.92
N ARG J 50 -68.91 11.04 -91.04
CA ARG J 50 -68.38 11.68 -92.25
C ARG J 50 -68.15 13.17 -92.01
N LEU J 51 -69.06 13.80 -91.29
CA LEU J 51 -69.02 15.25 -91.08
C LEU J 51 -67.87 15.64 -90.16
N VAL J 52 -67.62 14.85 -89.12
CA VAL J 52 -66.55 15.17 -88.18
C VAL J 52 -65.21 15.04 -88.88
N ARG J 53 -65.05 13.97 -89.66
CA ARG J 53 -63.79 13.77 -90.37
C ARG J 53 -63.54 14.84 -91.41
N GLU J 54 -64.58 15.28 -92.09
CA GLU J 54 -64.48 16.35 -93.09
C GLU J 54 -64.08 17.66 -92.41
N LEU J 55 -64.80 18.01 -91.36
CA LEU J 55 -64.56 19.27 -90.68
C LEU J 55 -63.23 19.30 -89.93
N ALA J 56 -62.82 18.16 -89.38
CA ALA J 56 -61.49 18.08 -88.77
C ALA J 56 -60.41 18.36 -89.81
N ALA J 57 -60.47 17.64 -90.94
CA ALA J 57 -59.51 17.85 -92.03
C ALA J 57 -59.52 19.31 -92.52
N LYS J 58 -60.71 19.89 -92.61
CA LYS J 58 -60.82 21.29 -93.02
C LYS J 58 -59.99 22.21 -92.15
N HIS J 59 -59.86 21.90 -90.85
CA HIS J 59 -59.11 22.74 -89.92
C HIS J 59 -57.82 22.13 -89.42
N GLY J 60 -57.29 21.13 -90.12
CA GLY J 60 -55.98 20.58 -89.79
C GLY J 60 -55.92 19.94 -88.42
N ARG J 61 -56.98 19.25 -88.06
CA ARG J 61 -57.10 18.60 -86.77
C ARG J 61 -57.32 17.12 -86.99
N PHE J 62 -56.98 16.36 -85.96
CA PHE J 62 -57.06 14.91 -86.02
C PHE J 62 -57.96 14.48 -84.89
N VAL J 63 -59.20 14.16 -85.25
CA VAL J 63 -60.21 13.75 -84.31
C VAL J 63 -60.54 12.27 -84.51
N ALA J 64 -60.37 11.49 -83.45
CA ALA J 64 -60.75 10.09 -83.49
C ALA J 64 -62.24 9.94 -83.37
N LEU J 65 -62.73 8.77 -83.80
CA LEU J 65 -64.12 8.40 -83.63
C LEU J 65 -64.20 7.18 -82.78
N LEU J 66 -65.00 7.28 -81.72
CA LEU J 66 -65.20 6.21 -80.78
C LEU J 66 -66.66 5.80 -80.87
N GLY J 67 -66.88 4.49 -81.01
CA GLY J 67 -68.21 3.92 -81.07
C GLY J 67 -68.49 3.16 -79.80
N ASP J 68 -69.58 3.52 -79.13
CA ASP J 68 -69.89 3.01 -77.81
C ASP J 68 -71.04 2.01 -77.94
N LEU J 69 -70.74 0.74 -77.70
CA LEU J 69 -71.75 -0.33 -77.76
C LEU J 69 -72.72 -0.20 -76.58
N GLN J 70 -74.00 -0.41 -76.84
CA GLN J 70 -75.01 -0.22 -75.81
C GLN J 70 -74.87 -1.22 -74.68
N GLY J 71 -74.60 -2.46 -75.01
CA GLY J 71 -74.46 -3.48 -74.00
C GLY J 71 -75.79 -3.95 -73.41
N PRO J 72 -75.73 -4.77 -72.36
CA PRO J 72 -76.90 -5.40 -71.77
C PRO J 72 -77.65 -4.57 -70.74
N LYS J 73 -78.39 -3.62 -71.25
CA LYS J 73 -79.17 -2.75 -70.31
C LYS J 73 -80.50 -3.39 -69.97
N ILE J 74 -80.81 -3.51 -68.70
CA ILE J 74 -82.06 -4.08 -68.24
C ILE J 74 -83.06 -2.97 -68.03
N ARG J 75 -84.22 -3.06 -68.64
CA ARG J 75 -85.24 -1.99 -68.52
C ARG J 75 -86.56 -2.61 -68.07
N ILE J 76 -87.34 -1.75 -67.43
CA ILE J 76 -88.62 -2.20 -66.92
C ILE J 76 -89.37 -2.07 -68.26
N ALA J 77 -90.57 -2.39 -68.93
CA ALA J 77 -91.14 -2.43 -70.31
C ALA J 77 -92.02 -1.14 -70.20
N HIS J 157 -89.39 2.37 -69.67
CA HIS J 157 -88.27 1.89 -69.72
C HIS J 157 -86.93 2.29 -69.13
N LYS J 158 -87.02 2.96 -68.05
CA LYS J 158 -85.81 3.27 -67.23
C LYS J 158 -84.93 2.08 -66.85
N GLY J 159 -83.61 2.34 -66.74
CA GLY J 159 -82.64 1.34 -66.50
C GLY J 159 -82.59 0.86 -65.10
N ILE J 160 -82.46 -0.46 -64.83
CA ILE J 160 -82.66 -0.91 -63.47
C ILE J 160 -81.43 -1.78 -63.05
N ASN J 161 -80.99 -1.64 -61.83
CA ASN J 161 -79.75 -2.27 -61.43
C ASN J 161 -79.74 -2.56 -59.94
N ARG J 162 -78.86 -3.50 -59.57
CA ARG J 162 -78.69 -3.81 -58.18
C ARG J 162 -77.32 -3.38 -57.69
N ARG J 163 -77.27 -2.70 -56.55
CA ARG J 163 -76.01 -2.42 -55.89
C ARG J 163 -75.33 -3.75 -55.57
N GLY J 164 -74.13 -3.92 -56.03
CA GLY J 164 -73.37 -5.12 -55.94
C GLY J 164 -73.27 -5.84 -57.23
N GLY J 165 -74.12 -5.50 -58.20
CA GLY J 165 -74.06 -6.12 -59.55
C GLY J 165 -74.62 -7.48 -59.51
N GLY J 166 -74.02 -8.49 -60.17
CA GLY J 166 -74.44 -9.90 -59.94
C GLY J 166 -75.54 -10.34 -60.90
N LEU J 167 -76.38 -9.41 -61.35
CA LEU J 167 -77.43 -9.57 -62.28
C LEU J 167 -77.02 -10.15 -63.62
N THR J 168 -77.78 -11.13 -64.07
CA THR J 168 -77.26 -11.99 -65.18
C THR J 168 -77.54 -11.24 -66.45
N ALA J 169 -76.54 -11.15 -67.31
CA ALA J 169 -76.72 -10.66 -68.67
C ALA J 169 -75.42 -10.89 -69.40
N PRO J 170 -75.48 -11.17 -70.72
CA PRO J 170 -74.23 -11.27 -71.47
C PRO J 170 -73.65 -9.88 -71.80
N ALA J 171 -72.33 -9.78 -71.84
CA ALA J 171 -71.66 -8.50 -72.15
C ALA J 171 -71.98 -8.01 -73.57
N LEU J 172 -71.93 -8.92 -74.52
CA LEU J 172 -72.35 -8.60 -75.91
C LEU J 172 -73.73 -9.16 -76.24
N THR J 173 -74.61 -8.28 -76.63
CA THR J 173 -75.93 -8.59 -77.13
C THR J 173 -75.89 -8.75 -78.65
N ASP J 174 -77.03 -9.13 -79.23
CA ASP J 174 -77.13 -9.24 -80.67
C ASP J 174 -77.05 -7.88 -81.34
N LYS J 175 -77.66 -6.88 -80.73
CA LYS J 175 -77.49 -5.50 -81.20
C LYS J 175 -76.00 -5.14 -81.27
N ASP J 176 -75.26 -5.46 -80.24
CA ASP J 176 -73.84 -5.10 -80.17
C ASP J 176 -73.03 -5.79 -81.28
N LYS J 177 -73.33 -7.05 -81.55
CA LYS J 177 -72.67 -7.76 -82.66
C LYS J 177 -72.92 -7.06 -83.99
N ALA J 178 -74.14 -6.58 -84.18
CA ALA J 178 -74.48 -5.79 -85.37
C ALA J 178 -73.72 -4.46 -85.39
N ASP J 179 -73.65 -3.81 -84.24
CA ASP J 179 -72.96 -2.53 -84.13
C ASP J 179 -71.45 -2.68 -84.30
N ILE J 180 -70.88 -3.82 -83.89
CA ILE J 180 -69.47 -4.07 -84.13
C ILE J 180 -69.19 -4.06 -85.64
N LYS J 181 -70.06 -4.71 -86.40
CA LYS J 181 -69.95 -4.71 -87.87
C LYS J 181 -70.10 -3.31 -88.41
N LEU J 182 -71.07 -2.57 -87.88
CA LEU J 182 -71.25 -1.19 -88.30
C LEU J 182 -70.00 -0.35 -88.01
N ALA J 183 -69.38 -0.57 -86.87
CA ALA J 183 -68.18 0.16 -86.50
C ALA J 183 -67.04 -0.15 -87.44
N ALA J 184 -66.83 -1.43 -87.71
CA ALA J 184 -65.82 -1.85 -88.70
C ALA J 184 -66.07 -1.23 -90.06
N ASP J 185 -67.34 -1.21 -90.48
CA ASP J 185 -67.73 -0.66 -91.78
C ASP J 185 -67.44 0.84 -91.86
N MET J 186 -67.58 1.54 -90.73
CA MET J 186 -67.32 2.99 -90.69
C MET J 186 -65.85 3.32 -90.47
N ASP J 187 -64.99 2.31 -90.29
CA ASP J 187 -63.55 2.51 -89.95
C ASP J 187 -63.36 3.32 -88.68
N LEU J 188 -64.11 2.98 -87.65
CA LEU J 188 -64.00 3.69 -86.38
C LEU J 188 -62.64 3.41 -85.75
N ASP J 189 -62.09 4.43 -85.10
CA ASP J 189 -60.78 4.35 -84.48
C ASP J 189 -60.81 3.61 -83.12
N TYR J 190 -61.91 3.79 -82.37
CA TYR J 190 -62.08 3.14 -81.08
C TYR J 190 -63.48 2.55 -80.99
N VAL J 191 -63.58 1.40 -80.31
CA VAL J 191 -64.86 0.81 -79.98
C VAL J 191 -64.87 0.50 -78.49
N ALA J 192 -65.93 0.90 -77.81
CA ALA J 192 -66.05 0.71 -76.38
C ALA J 192 -67.06 -0.36 -76.05
N VAL J 193 -66.65 -1.31 -75.21
CA VAL J 193 -67.51 -2.40 -74.77
C VAL J 193 -68.14 -2.05 -73.42
N SER J 194 -69.45 -2.18 -73.31
CA SER J 194 -70.17 -1.90 -72.08
C SER J 194 -70.34 -3.15 -71.24
N PHE J 195 -70.29 -2.95 -69.91
CA PHE J 195 -70.49 -4.00 -68.92
C PHE J 195 -69.65 -5.26 -69.06
N PRO J 196 -68.39 -5.14 -69.52
CA PRO J 196 -67.59 -6.35 -69.49
C PRO J 196 -67.24 -6.76 -68.06
N ARG J 197 -67.05 -8.06 -67.87
CA ARG J 197 -66.68 -8.59 -66.56
C ARG J 197 -65.26 -9.04 -66.43
N ASP J 198 -64.65 -9.50 -67.52
CA ASP J 198 -63.31 -10.10 -67.44
C ASP J 198 -62.71 -10.11 -68.81
N ALA J 199 -61.45 -10.52 -68.87
CA ALA J 199 -60.73 -10.55 -70.13
C ALA J 199 -61.47 -11.28 -71.24
N LYS J 200 -62.22 -12.34 -70.89
CA LYS J 200 -62.92 -13.12 -71.91
C LYS J 200 -63.88 -12.25 -72.73
N ASP J 201 -64.64 -11.39 -72.05
CA ASP J 201 -65.60 -10.52 -72.74
C ASP J 201 -64.93 -9.63 -73.76
N MET J 202 -63.74 -9.14 -73.43
CA MET J 202 -62.98 -8.28 -74.33
C MET J 202 -62.33 -9.06 -75.47
N GLU J 203 -61.87 -10.28 -75.18
CA GLU J 203 -61.29 -11.13 -76.24
C GLU J 203 -62.36 -11.51 -77.27
N TYR J 204 -63.56 -11.83 -76.79
CA TYR J 204 -64.68 -12.12 -77.67
C TYR J 204 -64.98 -10.91 -78.57
N ALA J 205 -65.03 -9.73 -77.98
CA ALA J 205 -65.29 -8.52 -78.77
C ALA J 205 -64.20 -8.27 -79.79
N ARG J 206 -62.96 -8.59 -79.43
CA ARG J 206 -61.83 -8.43 -80.36
C ARG J 206 -61.93 -9.38 -81.53
N ARG J 207 -62.33 -10.62 -81.24
CA ARG J 207 -62.56 -11.63 -82.28
C ARG J 207 -63.58 -11.11 -83.29
N LEU J 208 -64.75 -10.71 -82.81
CA LEU J 208 -65.81 -10.22 -83.67
C LEU J 208 -65.38 -9.00 -84.49
N LEU J 209 -64.58 -8.14 -83.89
CA LEU J 209 -64.16 -6.95 -84.59
C LEU J 209 -63.16 -7.29 -85.71
N THR J 210 -62.21 -8.16 -85.42
CA THR J 210 -61.26 -8.58 -86.46
C THR J 210 -61.97 -9.38 -87.57
N GLU J 211 -62.86 -10.30 -87.18
CA GLU J 211 -63.70 -11.03 -88.15
C GLU J 211 -64.43 -10.08 -89.10
N ALA J 212 -64.88 -8.92 -88.61
CA ALA J 212 -65.52 -7.94 -89.48
C ALA J 212 -64.52 -7.01 -90.17
N GLY J 213 -63.23 -7.29 -90.07
CA GLY J 213 -62.21 -6.47 -90.70
C GLY J 213 -61.95 -5.12 -90.06
N GLY J 214 -62.30 -4.97 -88.78
CA GLY J 214 -62.15 -3.71 -88.07
C GLY J 214 -60.76 -3.53 -87.50
N LYS J 215 -60.20 -2.33 -87.67
CA LYS J 215 -58.87 -2.00 -87.14
C LYS J 215 -58.93 -1.20 -85.83
N ALA J 216 -60.11 -0.99 -85.29
CA ALA J 216 -60.26 -0.18 -84.10
C ALA J 216 -59.59 -0.78 -82.88
N TRP J 217 -59.16 0.10 -81.98
CA TRP J 217 -58.70 -0.29 -80.66
C TRP J 217 -59.89 -0.38 -79.72
N LEU J 218 -59.80 -1.29 -78.76
CA LEU J 218 -60.90 -1.59 -77.87
C LEU J 218 -60.81 -0.87 -76.53
N VAL J 219 -61.93 -0.29 -76.09
CA VAL J 219 -62.02 0.36 -74.81
C VAL J 219 -62.91 -0.44 -73.88
N ALA J 220 -62.36 -0.86 -72.74
CA ALA J 220 -63.15 -1.53 -71.72
C ALA J 220 -63.75 -0.51 -70.77
N LYS J 221 -65.08 -0.50 -70.70
CA LYS J 221 -65.76 0.36 -69.75
C LYS J 221 -65.84 -0.32 -68.39
N ILE J 222 -65.24 0.28 -67.37
CA ILE J 222 -65.25 -0.29 -66.02
C ILE J 222 -66.52 0.21 -65.34
N GLU J 223 -67.59 -0.59 -65.40
CA GLU J 223 -68.86 -0.26 -64.79
C GLU J 223 -69.52 -1.40 -64.02
N ARG J 224 -68.83 -2.50 -63.82
CA ARG J 224 -69.38 -3.63 -63.07
C ARG J 224 -68.65 -3.84 -61.81
N ALA J 225 -69.36 -4.12 -60.73
CA ALA J 225 -68.74 -4.44 -59.45
C ALA J 225 -67.71 -5.55 -59.56
N GLU J 226 -67.96 -6.53 -60.40
CA GLU J 226 -67.07 -7.69 -60.56
C GLU J 226 -65.74 -7.29 -61.18
N ALA J 227 -65.76 -6.25 -62.02
CA ALA J 227 -64.53 -5.76 -62.65
C ALA J 227 -63.53 -5.11 -61.69
N VAL J 228 -64.01 -4.65 -60.54
CA VAL J 228 -63.15 -3.98 -59.55
C VAL J 228 -63.13 -4.72 -58.21
N ALA J 229 -63.63 -5.95 -58.20
CA ALA J 229 -63.68 -6.77 -56.98
C ALA J 229 -62.29 -6.96 -56.37
N ASP J 230 -61.26 -7.05 -57.20
CA ASP J 230 -59.90 -7.17 -56.70
C ASP J 230 -58.93 -6.80 -57.81
N ASP J 231 -57.66 -6.68 -57.48
CA ASP J 231 -56.66 -6.27 -58.45
C ASP J 231 -56.54 -7.22 -59.65
N ASP J 232 -56.67 -8.51 -59.42
CA ASP J 232 -56.57 -9.49 -60.52
C ASP J 232 -57.71 -9.32 -61.52
N ALA J 233 -58.92 -9.15 -61.02
CA ALA J 233 -60.07 -8.90 -61.89
C ALA J 233 -59.82 -7.66 -62.76
N LEU J 234 -59.46 -6.55 -62.13
CA LEU J 234 -59.25 -5.30 -62.83
C LEU J 234 -58.08 -5.39 -63.82
N ASP J 235 -56.93 -5.86 -63.33
CA ASP J 235 -55.74 -5.94 -64.18
C ASP J 235 -55.94 -6.88 -65.37
N GLY J 236 -56.70 -7.96 -65.16
CA GLY J 236 -57.02 -8.88 -66.25
C GLY J 236 -57.80 -8.19 -67.34
N LEU J 237 -58.81 -7.45 -66.92
CA LEU J 237 -59.66 -6.72 -67.86
C LEU J 237 -58.86 -5.63 -68.59
N ILE J 238 -57.99 -4.94 -67.85
CA ILE J 238 -57.17 -3.89 -68.45
C ILE J 238 -56.22 -4.48 -69.50
N ARG J 239 -55.58 -5.60 -69.17
CA ARG J 239 -54.56 -6.15 -70.06
C ARG J 239 -55.13 -6.65 -71.37
N ALA J 240 -56.41 -7.04 -71.34
CA ALA J 240 -57.11 -7.48 -72.52
C ALA J 240 -57.63 -6.34 -73.39
N SER J 241 -57.35 -5.09 -73.03
CA SER J 241 -57.88 -3.96 -73.75
C SER J 241 -56.76 -3.07 -74.23
N ASP J 242 -57.11 -2.09 -75.04
CA ASP J 242 -56.18 -1.06 -75.43
C ASP J 242 -56.37 0.18 -74.61
N ALA J 243 -57.59 0.37 -74.09
CA ALA J 243 -57.93 1.54 -73.32
C ALA J 243 -59.04 1.16 -72.35
N VAL J 244 -59.19 1.97 -71.30
CA VAL J 244 -60.28 1.77 -70.35
C VAL J 244 -60.95 3.08 -70.08
N MET J 245 -62.22 2.99 -69.67
CA MET J 245 -63.03 4.14 -69.34
C MET J 245 -63.55 3.97 -67.91
N VAL J 246 -63.35 5.01 -67.10
CA VAL J 246 -63.93 5.04 -65.77
C VAL J 246 -65.36 5.53 -65.94
N ALA J 247 -66.28 4.59 -65.98
CA ALA J 247 -67.67 4.86 -66.29
C ALA J 247 -68.41 5.08 -64.97
N ARG J 248 -68.38 6.32 -64.51
CA ARG J 248 -68.75 6.55 -63.12
C ARG J 248 -70.22 6.49 -62.85
N GLY J 249 -71.05 6.68 -63.90
CA GLY J 249 -72.50 6.53 -63.76
C GLY J 249 -72.87 5.11 -63.30
N ASP J 250 -72.67 4.15 -64.16
CA ASP J 250 -73.02 2.79 -63.84
C ASP J 250 -72.17 2.23 -62.71
N LEU J 251 -70.88 2.57 -62.69
CA LEU J 251 -70.00 2.05 -61.67
C LEU J 251 -70.43 2.52 -60.27
N GLY J 252 -70.83 3.79 -60.18
CA GLY J 252 -71.29 4.33 -58.90
C GLY J 252 -72.52 3.66 -58.37
N VAL J 253 -73.43 3.32 -59.26
CA VAL J 253 -74.62 2.55 -58.88
C VAL J 253 -74.20 1.20 -58.32
N GLU J 254 -73.26 0.55 -58.99
CA GLU J 254 -72.90 -0.84 -58.64
C GLU J 254 -72.06 -0.90 -57.36
N ILE J 255 -71.17 0.03 -57.10
CA ILE J 255 -70.31 -0.04 -55.91
C ILE J 255 -70.58 1.05 -54.89
N GLY J 256 -71.42 2.02 -55.23
CA GLY J 256 -71.73 3.14 -54.34
C GLY J 256 -70.85 4.36 -54.56
N ASP J 257 -71.45 5.54 -54.61
CA ASP J 257 -70.67 6.74 -54.91
C ASP J 257 -69.51 7.00 -53.94
N ALA J 258 -69.66 6.62 -52.67
CA ALA J 258 -68.60 6.81 -51.69
C ALA J 258 -67.31 6.01 -51.96
N GLU J 259 -67.37 5.03 -52.84
CA GLU J 259 -66.18 4.27 -53.20
C GLU J 259 -65.51 4.73 -54.50
N LEU J 260 -66.13 5.66 -55.21
CA LEU J 260 -65.63 6.07 -56.52
C LEU J 260 -64.25 6.70 -56.47
N VAL J 261 -64.01 7.59 -55.51
CA VAL J 261 -62.78 8.35 -55.53
C VAL J 261 -61.53 7.47 -55.57
N GLY J 262 -61.53 6.43 -54.74
CA GLY J 262 -60.39 5.54 -54.63
C GLY J 262 -60.23 4.69 -55.88
N ILE J 263 -61.34 4.24 -56.43
CA ILE J 263 -61.35 3.38 -57.58
C ILE J 263 -61.00 4.13 -58.87
N GLN J 264 -61.51 5.34 -59.01
CA GLN J 264 -61.10 6.17 -60.15
C GLN J 264 -59.58 6.26 -60.18
N LYS J 265 -58.97 6.54 -59.04
CA LYS J 265 -57.52 6.69 -58.98
C LYS J 265 -56.81 5.37 -59.25
N LYS J 266 -57.34 4.28 -58.74
CA LYS J 266 -56.74 2.97 -58.98
C LYS J 266 -56.80 2.60 -60.46
N ILE J 267 -57.96 2.77 -61.07
CA ILE J 267 -58.13 2.41 -62.47
C ILE J 267 -57.13 3.20 -63.34
N ILE J 268 -57.05 4.51 -63.14
CA ILE J 268 -56.17 5.32 -63.94
C ILE J 268 -54.72 4.84 -63.79
N LEU J 269 -54.30 4.64 -62.54
CA LEU J 269 -52.94 4.22 -62.28
C LEU J 269 -52.64 2.83 -62.88
N HIS J 270 -53.51 1.87 -62.63
CA HIS J 270 -53.27 0.53 -63.16
C HIS J 270 -53.29 0.52 -64.68
N ALA J 271 -54.15 1.32 -65.30
CA ALA J 271 -54.16 1.44 -66.74
C ALA J 271 -52.79 1.93 -67.24
N ARG J 272 -52.30 3.02 -66.68
CA ARG J 272 -51.01 3.57 -67.11
C ARG J 272 -49.87 2.57 -66.88
N ARG J 273 -49.89 1.87 -65.76
CA ARG J 273 -48.84 0.89 -65.49
C ARG J 273 -48.81 -0.22 -66.53
N ASN J 274 -49.98 -0.62 -67.00
CA ASN J 274 -50.06 -1.62 -68.05
C ASN J 274 -50.02 -1.03 -69.47
N ASN J 275 -49.58 0.23 -69.60
CA ASN J 275 -49.41 0.87 -70.89
C ASN J 275 -50.69 0.95 -71.73
N LYS J 276 -51.78 1.28 -71.06
CA LYS J 276 -53.06 1.51 -71.70
C LYS J 276 -53.51 2.95 -71.53
N VAL J 277 -54.43 3.35 -72.40
CA VAL J 277 -55.02 4.69 -72.37
C VAL J 277 -56.20 4.66 -71.41
N VAL J 278 -56.46 5.79 -70.73
CA VAL J 278 -57.60 5.82 -69.82
C VAL J 278 -58.42 7.10 -69.97
N ILE J 279 -59.73 6.93 -69.98
CA ILE J 279 -60.70 8.01 -70.06
C ILE J 279 -61.51 8.12 -68.76
N THR J 280 -61.71 9.33 -68.26
CA THR J 280 -62.59 9.56 -67.10
C THR J 280 -63.90 10.16 -67.62
N ALA J 281 -65.03 9.65 -67.14
CA ALA J 281 -66.33 10.01 -67.72
C ALA J 281 -67.46 10.22 -66.73
N THR J 282 -68.52 10.87 -67.22
CA THR J 282 -69.85 10.93 -66.64
C THR J 282 -70.07 12.04 -65.61
N GLN J 283 -70.90 13.01 -66.00
CA GLN J 283 -71.33 14.11 -65.17
C GLN J 283 -70.22 15.04 -64.76
N MET J 284 -69.18 15.10 -65.55
CA MET J 284 -68.06 15.97 -65.22
C MET J 284 -68.49 17.44 -65.21
N MET J 285 -69.42 17.82 -66.07
CA MET J 285 -69.91 19.19 -66.11
C MET J 285 -71.42 19.26 -66.29
N GLU J 286 -72.13 18.38 -65.60
CA GLU J 286 -73.57 18.18 -65.79
C GLU J 286 -74.40 19.47 -65.75
N SER J 287 -74.04 20.40 -64.86
CA SER J 287 -74.82 21.61 -64.74
C SER J 287 -74.89 22.39 -66.07
N MET J 288 -73.89 22.19 -66.93
CA MET J 288 -73.83 22.90 -68.21
C MET J 288 -74.82 22.38 -69.25
N ILE J 289 -75.53 21.31 -68.96
CA ILE J 289 -76.71 21.01 -69.74
C ILE J 289 -77.66 22.20 -69.83
N HIS J 290 -77.86 22.89 -68.71
CA HIS J 290 -78.81 24.00 -68.65
C HIS J 290 -78.15 25.34 -68.28
N SER J 291 -76.84 25.39 -68.14
CA SER J 291 -76.18 26.63 -67.73
C SER J 291 -74.92 26.88 -68.56
N PRO J 292 -74.64 28.14 -68.87
CA PRO J 292 -73.48 28.41 -69.69
C PRO J 292 -72.12 28.41 -68.96
N MET J 293 -72.12 28.14 -67.64
CA MET J 293 -70.90 28.00 -66.89
C MET J 293 -70.97 26.83 -65.93
N PRO J 294 -69.83 26.20 -65.64
CA PRO J 294 -69.83 25.09 -64.71
C PRO J 294 -69.81 25.54 -63.25
N THR J 295 -70.19 24.63 -62.36
CA THR J 295 -70.05 24.86 -60.92
C THR J 295 -68.60 24.65 -60.49
N ARG J 296 -68.29 25.10 -59.28
CA ARG J 296 -66.91 24.93 -58.78
C ARG J 296 -66.62 23.44 -58.56
N ALA J 297 -67.62 22.65 -58.19
CA ALA J 297 -67.41 21.22 -58.05
C ALA J 297 -67.03 20.58 -59.37
N GLU J 298 -67.66 21.04 -60.45
CA GLU J 298 -67.36 20.52 -61.77
C GLU J 298 -65.96 20.90 -62.22
N VAL J 299 -65.56 22.14 -61.99
CA VAL J 299 -64.20 22.56 -62.26
C VAL J 299 -63.21 21.67 -61.50
N SER J 300 -63.48 21.46 -60.21
CA SER J 300 -62.62 20.65 -59.38
C SER J 300 -62.54 19.20 -59.87
N ASP J 301 -63.67 18.65 -60.29
CA ASP J 301 -63.72 17.26 -60.73
C ASP J 301 -62.81 17.05 -61.93
N VAL J 302 -62.88 17.96 -62.90
CA VAL J 302 -62.12 17.85 -64.10
C VAL J 302 -60.64 18.02 -63.78
N ALA J 303 -60.33 19.06 -63.04
CA ALA J 303 -58.95 19.34 -62.68
C ALA J 303 -58.32 18.17 -61.93
N ASN J 304 -59.07 17.58 -61.02
CA ASN J 304 -58.52 16.47 -60.27
C ASN J 304 -58.29 15.26 -61.13
N ALA J 305 -59.13 15.06 -62.14
CA ALA J 305 -58.90 13.96 -63.10
C ALA J 305 -57.59 14.21 -63.86
N VAL J 306 -57.32 15.48 -64.19
CA VAL J 306 -56.09 15.82 -64.87
C VAL J 306 -54.88 15.53 -63.96
N LEU J 307 -54.98 15.88 -62.68
CA LEU J 307 -53.90 15.59 -61.76
C LEU J 307 -53.76 14.09 -61.47
N ASP J 308 -54.85 13.32 -61.51
CA ASP J 308 -54.74 11.86 -61.45
C ASP J 308 -54.00 11.29 -62.69
N TYR J 309 -53.76 12.14 -63.70
CA TYR J 309 -53.08 11.76 -64.94
C TYR J 309 -53.93 10.87 -65.86
N THR J 310 -55.20 11.20 -65.97
CA THR J 310 -56.06 10.63 -66.99
C THR J 310 -55.59 11.08 -68.36
N ASP J 311 -55.82 10.26 -69.36
CA ASP J 311 -55.51 10.66 -70.73
C ASP J 311 -56.55 11.62 -71.26
N ALA J 312 -57.81 11.33 -70.97
CA ALA J 312 -58.90 12.13 -71.48
C ALA J 312 -60.03 12.26 -70.49
N VAL J 313 -60.79 13.31 -70.67
CA VAL J 313 -62.02 13.55 -69.93
C VAL J 313 -63.15 13.61 -70.96
N MET J 314 -64.34 13.20 -70.54
CA MET J 314 -65.47 13.01 -71.45
C MET J 314 -66.66 13.89 -71.08
N LEU J 315 -67.41 14.27 -72.11
CA LEU J 315 -68.74 14.90 -71.99
C LEU J 315 -69.77 13.96 -72.58
N SER J 316 -70.92 13.83 -71.94
CA SER J 316 -72.01 13.02 -72.51
C SER J 316 -73.25 13.79 -72.90
N ALA J 317 -74.07 14.21 -71.94
CA ALA J 317 -75.27 14.94 -72.28
C ALA J 317 -74.85 16.40 -72.47
N GLU J 318 -73.79 16.83 -71.80
CA GLU J 318 -73.35 18.21 -71.90
C GLU J 318 -73.14 18.61 -73.36
N SER J 319 -72.55 17.70 -74.15
CA SER J 319 -72.30 17.97 -75.57
C SER J 319 -73.34 17.38 -76.52
N ALA J 320 -74.02 16.31 -76.11
CA ALA J 320 -74.96 15.59 -76.97
C ALA J 320 -76.38 16.16 -76.96
N ALA J 321 -76.87 16.54 -75.79
CA ALA J 321 -78.26 16.98 -75.65
C ALA J 321 -78.46 18.38 -75.06
N GLY J 322 -77.44 18.98 -74.49
CA GLY J 322 -77.62 20.18 -73.67
C GLY J 322 -77.72 21.45 -74.45
N GLU J 323 -77.94 22.54 -73.74
CA GLU J 323 -78.11 23.84 -74.37
C GLU J 323 -76.79 24.52 -74.68
N TYR J 324 -75.66 24.06 -74.16
CA TYR J 324 -74.40 24.78 -74.31
C TYR J 324 -73.22 23.83 -74.63
N PRO J 325 -73.36 23.00 -75.66
CA PRO J 325 -72.29 22.06 -75.98
C PRO J 325 -70.94 22.71 -76.27
N VAL J 326 -70.91 23.82 -76.98
CA VAL J 326 -69.64 24.44 -77.32
C VAL J 326 -68.99 25.05 -76.08
N GLU J 327 -69.80 25.71 -75.27
CA GLU J 327 -69.28 26.36 -74.06
C GLU J 327 -68.75 25.31 -73.06
N ALA J 328 -69.37 24.13 -73.02
CA ALA J 328 -68.89 23.05 -72.19
C ALA J 328 -67.48 22.60 -72.61
N VAL J 329 -67.29 22.37 -73.89
CA VAL J 329 -65.98 21.97 -74.40
C VAL J 329 -64.94 23.06 -74.08
N LYS J 330 -65.28 24.31 -74.35
CA LYS J 330 -64.36 25.41 -74.07
C LYS J 330 -63.97 25.45 -72.59
N ALA J 331 -64.96 25.29 -71.71
CA ALA J 331 -64.70 25.34 -70.28
C ALA J 331 -63.79 24.18 -69.85
N MET J 332 -64.15 22.98 -70.31
CA MET J 332 -63.38 21.81 -69.97
C MET J 332 -61.92 21.97 -70.44
N ALA J 333 -61.73 22.47 -71.64
CA ALA J 333 -60.39 22.68 -72.18
C ALA J 333 -59.58 23.68 -71.36
N ARG J 334 -60.24 24.72 -70.88
CA ARG J 334 -59.56 25.75 -70.09
C ARG J 334 -59.12 25.19 -68.74
N VAL J 335 -59.96 24.36 -68.13
CA VAL J 335 -59.65 23.79 -66.84
C VAL J 335 -58.48 22.81 -66.96
N CYS J 336 -58.46 22.05 -68.05
CA CYS J 336 -57.33 21.15 -68.31
C CYS J 336 -56.03 21.91 -68.40
N GLN J 337 -56.03 22.99 -69.16
CA GLN J 337 -54.81 23.79 -69.30
C GLN J 337 -54.31 24.28 -67.97
N GLY J 338 -55.22 24.70 -67.10
CA GLY J 338 -54.84 25.26 -65.80
C GLY J 338 -54.23 24.19 -64.91
N ALA J 339 -54.87 23.03 -64.85
CA ALA J 339 -54.38 21.95 -64.02
C ALA J 339 -53.02 21.43 -64.50
N GLU J 340 -52.75 21.52 -65.79
CA GLU J 340 -51.48 21.05 -66.35
C GLU J 340 -50.27 21.91 -65.95
N LYS J 341 -50.50 23.13 -65.49
CA LYS J 341 -49.42 23.98 -64.95
C LYS J 341 -48.91 23.52 -63.58
N HIS J 342 -49.68 22.71 -62.87
CA HIS J 342 -49.26 22.20 -61.56
C HIS J 342 -47.91 21.47 -61.67
N PRO J 343 -47.04 21.63 -60.65
CA PRO J 343 -45.74 20.92 -60.67
C PRO J 343 -45.80 19.38 -60.75
N THR J 344 -46.84 18.77 -60.16
CA THR J 344 -46.96 17.31 -60.24
C THR J 344 -47.31 16.77 -61.65
N SER J 345 -47.79 17.65 -62.54
CA SER J 345 -48.09 17.23 -63.92
C SER J 345 -46.85 16.98 -64.79
N GLN J 346 -45.68 17.46 -64.38
CA GLN J 346 -44.47 17.44 -65.20
C GLN J 346 -43.30 16.63 -64.62
N LYS J 347 -43.40 16.20 -63.35
CA LYS J 347 -42.30 15.48 -62.68
C LYS J 347 -42.63 14.00 -62.57
N SER J 348 -41.66 13.16 -62.93
CA SER J 348 -41.82 11.70 -62.95
C SER J 348 -40.72 11.01 -62.15
N SER J 349 -41.02 9.86 -61.59
CA SER J 349 -39.99 8.95 -61.03
C SER J 349 -39.31 8.06 -62.11
N HIS J 350 -39.86 8.05 -63.32
CA HIS J 350 -39.31 7.33 -64.46
C HIS J 350 -39.16 5.81 -64.30
N ARG J 351 -40.08 5.25 -63.53
CA ARG J 351 -40.13 3.80 -63.27
C ARG J 351 -38.80 3.24 -62.73
N LEU J 352 -38.10 4.06 -61.92
CA LEU J 352 -36.82 3.66 -61.30
C LEU J 352 -36.98 2.37 -60.50
N GLY J 353 -35.98 1.50 -60.61
CA GLY J 353 -35.97 0.20 -59.97
C GLY J 353 -36.75 -0.88 -60.67
N GLN J 354 -37.49 -0.56 -61.72
CA GLN J 354 -38.35 -1.54 -62.38
C GLN J 354 -37.60 -2.28 -63.49
N THR J 355 -38.25 -3.28 -64.06
CA THR J 355 -37.69 -4.12 -65.09
C THR J 355 -38.42 -3.85 -66.41
N PHE J 356 -37.67 -3.57 -67.45
CA PHE J 356 -38.26 -3.34 -68.76
C PHE J 356 -38.38 -4.67 -69.53
N ASP J 357 -39.37 -4.68 -70.43
CA ASP J 357 -39.69 -5.89 -71.18
C ASP J 357 -39.12 -5.92 -72.59
N ARG J 358 -39.08 -4.86 -73.25
CA ARG J 358 -38.67 -4.85 -74.67
C ARG J 358 -37.87 -3.71 -74.99
N CYS J 359 -37.33 -3.73 -76.19
CA CYS J 359 -36.38 -2.71 -76.69
C CYS J 359 -37.10 -1.44 -77.04
N ASP J 360 -38.26 -1.50 -77.73
CA ASP J 360 -38.93 -0.27 -78.12
C ASP J 360 -39.49 0.46 -76.89
N GLU J 361 -39.99 -0.32 -75.93
CA GLU J 361 -40.33 0.21 -74.60
C GLU J 361 -39.15 1.00 -74.04
N SER J 362 -37.96 0.42 -74.11
CA SER J 362 -36.77 1.05 -73.55
C SER J 362 -36.41 2.39 -74.16
N ILE J 363 -36.55 2.51 -75.48
CA ILE J 363 -36.24 3.75 -76.15
C ILE J 363 -37.27 4.81 -75.78
N ALA J 364 -38.52 4.42 -75.68
CA ALA J 364 -39.55 5.37 -75.25
C ALA J 364 -39.23 5.90 -73.85
N LEU J 365 -38.98 4.99 -72.91
CA LEU J 365 -38.68 5.41 -71.55
C LEU J 365 -37.42 6.25 -71.49
N ALA J 366 -36.42 5.86 -72.26
CA ALA J 366 -35.16 6.59 -72.26
C ALA J 366 -35.32 8.01 -72.79
N SER J 367 -36.24 8.19 -73.73
CA SER J 367 -36.50 9.51 -74.29
C SER J 367 -37.20 10.40 -73.28
N MET J 368 -38.18 9.85 -72.58
CA MET J 368 -38.87 10.65 -71.55
C MET J 368 -37.90 11.04 -70.43
N TYR J 369 -37.05 10.11 -70.01
CA TYR J 369 -35.97 10.43 -69.08
C TYR J 369 -35.11 11.57 -69.61
N THR J 370 -34.66 11.44 -70.84
CA THR J 370 -33.78 12.46 -71.39
C THR J 370 -34.46 13.82 -71.47
N ALA J 371 -35.69 13.82 -71.98
CA ALA J 371 -36.42 15.08 -72.17
C ALA J 371 -36.73 15.78 -70.85
N ASN J 372 -37.10 14.98 -69.84
CA ASN J 372 -37.40 15.55 -68.53
C ASN J 372 -36.19 16.14 -67.82
N HIS J 373 -34.96 15.80 -68.24
CA HIS J 373 -33.77 16.32 -67.57
C HIS J 373 -32.91 17.27 -68.36
N PHE J 374 -32.98 17.24 -69.69
CA PHE J 374 -32.29 18.22 -70.53
C PHE J 374 -33.33 19.23 -71.00
N PRO J 375 -33.49 20.37 -70.30
CA PRO J 375 -34.60 21.28 -70.61
C PRO J 375 -34.47 21.98 -71.96
N GLY J 376 -33.29 21.98 -72.57
CA GLY J 376 -33.11 22.41 -73.93
C GLY J 376 -33.95 21.66 -74.95
N ILE J 377 -34.39 20.45 -74.60
CA ILE J 377 -35.26 19.68 -75.46
C ILE J 377 -36.67 20.24 -75.43
N LYS J 378 -37.18 20.63 -76.60
CA LYS J 378 -38.48 21.27 -76.70
C LYS J 378 -39.52 20.39 -77.36
N ALA J 379 -39.12 19.25 -77.90
CA ALA J 379 -40.08 18.36 -78.55
C ALA J 379 -39.49 16.99 -78.76
N ILE J 380 -40.36 16.02 -78.94
CA ILE J 380 -39.96 14.67 -79.26
C ILE J 380 -40.60 14.29 -80.60
N ILE J 381 -39.76 13.99 -81.59
CA ILE J 381 -40.18 13.55 -82.91
C ILE J 381 -40.15 12.04 -82.88
N CYS J 382 -41.32 11.43 -82.82
CA CYS J 382 -41.41 9.99 -82.74
C CYS J 382 -41.96 9.45 -84.06
N LEU J 383 -41.08 8.88 -84.88
CA LEU J 383 -41.49 8.26 -86.12
C LEU J 383 -42.12 6.93 -85.75
N THR J 384 -43.40 6.78 -86.05
CA THR J 384 -44.13 5.60 -85.65
C THR J 384 -45.06 5.12 -86.74
N GLU J 385 -45.22 3.81 -86.80
CA GLU J 385 -46.06 3.15 -87.76
C GLU J 385 -47.49 3.03 -87.20
N SER J 386 -47.62 2.45 -86.00
CA SER J 386 -48.90 2.14 -85.42
C SER J 386 -49.27 3.00 -84.22
N GLY J 387 -48.36 3.88 -83.79
CA GLY J 387 -48.58 4.69 -82.58
C GLY J 387 -48.15 4.06 -81.27
N PHE J 388 -47.61 2.84 -81.30
CA PHE J 388 -47.18 2.17 -80.07
C PHE J 388 -46.07 2.89 -79.33
N THR J 389 -45.07 3.37 -80.04
CA THR J 389 -43.98 4.05 -79.38
C THR J 389 -44.44 5.29 -78.60
N PRO J 390 -45.23 6.18 -79.20
CA PRO J 390 -45.68 7.34 -78.43
C PRO J 390 -46.74 6.99 -77.36
N LEU J 391 -47.41 5.84 -77.49
CA LEU J 391 -48.22 5.36 -76.39
C LEU J 391 -47.38 5.18 -75.13
N ILE J 392 -46.22 4.52 -75.26
CA ILE J 392 -45.36 4.28 -74.12
C ILE J 392 -44.79 5.60 -73.62
N MET J 393 -44.31 6.45 -74.51
CA MET J 393 -43.77 7.73 -74.06
C MET J 393 -44.78 8.48 -73.19
N SER J 394 -46.05 8.44 -73.57
CA SER J 394 -47.06 9.28 -72.92
C SER J 394 -47.58 8.69 -71.62
N ARG J 395 -47.18 7.47 -71.27
CA ARG J 395 -47.41 6.93 -69.92
C ARG J 395 -46.56 7.62 -68.85
N ILE J 396 -45.54 8.38 -69.23
CA ILE J 396 -44.63 8.97 -68.29
C ILE J 396 -44.98 10.43 -68.10
N ARG J 397 -45.06 10.86 -66.84
CA ARG J 397 -45.42 12.25 -66.58
C ARG J 397 -44.37 13.15 -67.19
N SER J 398 -44.83 14.15 -67.93
CA SER J 398 -43.93 15.12 -68.53
C SER J 398 -44.77 16.30 -69.03
N SER J 399 -44.12 17.40 -69.34
CA SER J 399 -44.76 18.47 -70.09
C SER J 399 -44.16 18.69 -71.49
N VAL J 400 -43.28 17.81 -71.94
CA VAL J 400 -42.67 17.95 -73.26
C VAL J 400 -43.64 17.47 -74.35
N PRO J 401 -43.82 18.23 -75.43
CA PRO J 401 -44.70 17.77 -76.52
C PRO J 401 -44.16 16.52 -77.23
N ILE J 402 -45.02 15.53 -77.35
CA ILE J 402 -44.72 14.31 -78.08
C ILE J 402 -45.44 14.35 -79.44
N TYR J 403 -44.67 14.33 -80.52
CA TYR J 403 -45.23 14.36 -81.88
C TYR J 403 -45.15 12.99 -82.52
N ALA J 404 -46.30 12.41 -82.85
CA ALA J 404 -46.38 11.14 -83.56
C ALA J 404 -46.37 11.41 -85.08
N TYR J 405 -45.23 11.12 -85.70
CA TYR J 405 -45.03 11.21 -87.14
C TYR J 405 -45.45 9.86 -87.76
N SER J 406 -46.50 9.89 -88.57
CA SER J 406 -46.95 8.67 -89.19
C SER J 406 -47.54 8.98 -90.57
N PRO J 407 -47.39 8.05 -91.50
CA PRO J 407 -48.03 8.21 -92.79
C PRO J 407 -49.48 7.71 -92.77
N HIS J 408 -49.83 6.81 -91.88
CA HIS J 408 -51.15 6.18 -91.90
C HIS J 408 -52.22 7.01 -91.19
N ARG J 409 -53.44 6.98 -91.72
CA ARG J 409 -54.57 7.68 -91.15
C ARG J 409 -55.03 7.03 -89.87
N GLU J 410 -55.06 5.69 -89.85
CA GLU J 410 -55.40 4.91 -88.66
C GLU J 410 -54.60 5.41 -87.45
N THR J 411 -53.30 5.61 -87.64
CA THR J 411 -52.43 6.03 -86.58
C THR J 411 -52.61 7.50 -86.28
N GLN J 412 -52.72 8.32 -87.32
CA GLN J 412 -52.90 9.77 -87.13
C GLN J 412 -54.11 10.08 -86.23
N ALA J 413 -55.16 9.27 -86.33
CA ALA J 413 -56.36 9.46 -85.52
C ALA J 413 -56.22 8.84 -84.13
N ARG J 414 -55.68 7.61 -84.09
CA ARG J 414 -55.54 6.89 -82.85
C ARG J 414 -54.91 7.74 -81.75
N VAL J 415 -53.80 8.39 -82.07
CA VAL J 415 -53.05 9.09 -81.05
C VAL J 415 -53.77 10.35 -80.54
N ALA J 416 -54.88 10.72 -81.15
CA ALA J 416 -55.65 11.85 -80.68
C ALA J 416 -56.14 11.68 -79.23
N MET J 417 -56.33 10.45 -78.79
CA MET J 417 -56.70 10.19 -77.41
C MET J 417 -55.52 10.06 -76.43
N PHE J 418 -54.28 10.12 -76.91
CA PHE J 418 -53.10 9.95 -76.04
C PHE J 418 -52.74 11.30 -75.42
N ARG J 419 -52.62 11.34 -74.10
CA ARG J 419 -52.28 12.58 -73.45
C ARG J 419 -50.92 13.11 -73.92
N GLY J 420 -50.89 14.38 -74.32
CA GLY J 420 -49.67 15.07 -74.68
C GLY J 420 -49.13 14.78 -76.10
N VAL J 421 -49.83 13.97 -76.88
CA VAL J 421 -49.37 13.58 -78.20
C VAL J 421 -50.12 14.36 -79.30
N GLU J 422 -49.38 14.91 -80.25
CA GLU J 422 -49.97 15.55 -81.44
C GLU J 422 -49.54 14.77 -82.69
N THR J 423 -50.42 14.72 -83.68
CA THR J 423 -50.11 14.07 -84.94
C THR J 423 -49.42 15.03 -85.90
N ILE J 424 -48.37 14.53 -86.54
CA ILE J 424 -47.74 15.19 -87.68
C ILE J 424 -47.71 14.20 -88.84
N PRO J 425 -48.53 14.40 -89.89
CA PRO J 425 -48.52 13.43 -91.00
C PRO J 425 -47.16 13.53 -91.74
N PHE J 426 -46.59 12.38 -92.03
CA PHE J 426 -45.19 12.29 -92.47
C PHE J 426 -44.91 10.88 -92.94
N ASP J 427 -44.20 10.79 -94.07
CA ASP J 427 -43.83 9.51 -94.67
C ASP J 427 -42.33 9.44 -94.88
N PRO J 428 -41.61 8.85 -93.92
CA PRO J 428 -40.15 8.82 -94.06
C PRO J 428 -39.67 7.91 -95.22
N ALA J 429 -40.39 6.81 -95.50
CA ALA J 429 -39.99 5.87 -96.57
C ALA J 429 -39.93 6.53 -97.95
N ALA J 430 -40.77 7.53 -98.19
CA ALA J 430 -40.79 8.24 -99.47
C ALA J 430 -39.82 9.41 -99.52
N LEU J 431 -38.76 9.36 -98.74
CA LEU J 431 -37.74 10.41 -98.76
C LEU J 431 -36.34 9.81 -98.86
N PRO J 432 -35.39 10.59 -99.38
CA PRO J 432 -34.00 10.12 -99.32
C PRO J 432 -33.52 9.99 -97.87
N ALA J 433 -33.13 8.78 -97.47
CA ALA J 433 -32.76 8.48 -96.09
C ALA J 433 -31.99 9.59 -95.37
N GLU J 434 -30.98 10.20 -96.04
CA GLU J 434 -30.16 11.20 -95.38
C GLU J 434 -30.89 12.52 -95.08
N LYS J 435 -32.05 12.72 -95.70
CA LYS J 435 -32.82 13.97 -95.53
C LYS J 435 -33.99 13.88 -94.53
N VAL J 436 -34.27 12.67 -94.02
CA VAL J 436 -35.38 12.45 -93.08
C VAL J 436 -35.33 13.36 -91.85
N SER J 437 -34.22 13.37 -91.16
CA SER J 437 -34.10 14.15 -89.93
C SER J 437 -34.46 15.61 -90.14
N GLN J 438 -33.86 16.25 -91.14
CA GLN J 438 -34.13 17.69 -91.33
C GLN J 438 -35.55 17.90 -91.85
N ALA J 439 -36.10 16.91 -92.55
CA ALA J 439 -37.47 16.99 -93.02
C ALA J 439 -38.44 17.01 -91.85
N ALA J 440 -38.23 16.10 -90.90
CA ALA J 440 -39.02 16.07 -89.67
C ALA J 440 -38.87 17.37 -88.87
N VAL J 441 -37.66 17.85 -88.72
CA VAL J 441 -37.47 19.10 -88.00
C VAL J 441 -38.16 20.27 -88.71
N ASP J 442 -38.22 20.20 -90.04
CA ASP J 442 -38.89 21.26 -90.82
C ASP J 442 -40.37 21.38 -90.45
N GLU J 443 -41.04 20.23 -90.32
CA GLU J 443 -42.44 20.19 -89.92
C GLU J 443 -42.70 20.96 -88.61
N LEU J 444 -41.79 20.90 -87.66
CA LEU J 444 -41.96 21.66 -86.43
C LEU J 444 -41.60 23.13 -86.60
N LEU J 445 -40.61 23.41 -87.43
CA LEU J 445 -40.27 24.81 -87.74
C LEU J 445 -41.41 25.54 -88.45
N LYS J 446 -42.06 24.85 -89.41
CA LYS J 446 -43.25 25.40 -90.08
C LYS J 446 -44.29 25.86 -89.05
N ARG J 447 -44.52 25.04 -88.04
CA ARG J 447 -45.58 25.29 -87.09
C ARG J 447 -45.15 26.19 -85.95
N GLY J 448 -43.89 26.61 -85.93
CA GLY J 448 -43.42 27.52 -84.89
C GLY J 448 -43.24 26.89 -83.52
N VAL J 449 -43.20 25.55 -83.46
CA VAL J 449 -43.02 24.83 -82.20
C VAL J 449 -41.56 24.89 -81.73
N VAL J 450 -40.62 24.90 -82.66
CA VAL J 450 -39.22 25.00 -82.33
C VAL J 450 -38.56 26.07 -83.20
N THR J 451 -37.47 26.64 -82.71
CA THR J 451 -36.68 27.60 -83.47
C THR J 451 -35.22 27.19 -83.44
N LYS J 452 -34.40 27.91 -84.22
CA LYS J 452 -32.97 27.65 -84.25
C LYS J 452 -32.41 27.84 -82.83
N GLY J 453 -31.62 26.87 -82.39
CA GLY J 453 -31.07 26.88 -81.02
C GLY J 453 -31.69 25.89 -80.07
N ASP J 454 -32.97 25.56 -80.31
CA ASP J 454 -33.62 24.52 -79.56
C ASP J 454 -33.07 23.14 -79.89
N TRP J 455 -33.24 22.21 -78.97
CA TRP J 455 -32.88 20.80 -79.18
C TRP J 455 -34.12 19.94 -79.30
N VAL J 456 -33.96 18.75 -79.84
CA VAL J 456 -35.08 17.90 -80.13
C VAL J 456 -34.64 16.44 -80.03
N ILE J 457 -35.56 15.54 -79.71
CA ILE J 457 -35.28 14.12 -79.69
C ILE J 457 -35.98 13.50 -80.88
N LEU J 458 -35.26 12.62 -81.61
CA LEU J 458 -35.88 11.85 -82.66
C LEU J 458 -35.73 10.39 -82.33
N THR J 459 -36.81 9.63 -82.48
CA THR J 459 -36.75 8.19 -82.32
C THR J 459 -37.22 7.50 -83.57
N LYS J 460 -36.64 6.35 -83.85
CA LYS J 460 -36.98 5.57 -85.03
C LYS J 460 -36.37 4.18 -84.90
N GLY J 461 -36.58 3.38 -85.92
CA GLY J 461 -35.97 2.06 -86.06
C GLY J 461 -35.06 2.06 -87.29
N ASP J 462 -34.67 0.86 -87.73
CA ASP J 462 -33.69 0.72 -88.82
C ASP J 462 -34.32 0.93 -90.19
N SER J 463 -35.38 0.18 -90.47
CA SER J 463 -36.15 0.33 -91.71
C SER J 463 -37.29 1.34 -91.50
N TYR J 464 -37.99 1.69 -92.57
CA TYR J 464 -39.17 2.52 -92.49
C TYR J 464 -40.44 1.79 -92.94
N THR J 465 -40.42 0.47 -92.86
CA THR J 465 -41.51 -0.37 -93.34
C THR J 465 -42.11 -1.25 -92.23
N ALA J 466 -41.28 -1.89 -91.41
CA ALA J 466 -41.76 -2.81 -90.37
C ALA J 466 -42.26 -2.08 -89.13
N GLN J 467 -43.09 -2.76 -88.34
CA GLN J 467 -43.60 -2.22 -87.07
C GLN J 467 -42.89 -2.93 -85.91
N GLY J 468 -42.92 -2.28 -84.74
CA GLY J 468 -42.38 -2.85 -83.50
C GLY J 468 -40.85 -2.85 -83.37
N GLY J 469 -40.15 -2.11 -84.22
CA GLY J 469 -38.70 -2.08 -84.22
C GLY J 469 -38.10 -0.71 -83.89
N THR J 470 -38.76 0.15 -83.10
CA THR J 470 -38.09 1.37 -82.64
C THR J 470 -36.87 0.95 -81.81
N ASN J 471 -35.69 1.45 -82.16
CA ASN J 471 -34.48 1.11 -81.44
C ASN J 471 -33.43 2.20 -81.38
N THR J 472 -33.76 3.44 -81.70
CA THR J 472 -32.76 4.47 -81.82
C THR J 472 -33.29 5.77 -81.23
N MET J 473 -32.42 6.51 -80.57
CA MET J 473 -32.77 7.80 -80.00
C MET J 473 -31.67 8.74 -80.37
N LYS J 474 -32.01 9.86 -80.98
CA LYS J 474 -31.03 10.88 -81.36
C LYS J 474 -31.41 12.19 -80.71
N VAL J 475 -30.42 12.96 -80.34
CA VAL J 475 -30.64 14.29 -79.79
C VAL J 475 -30.01 15.29 -80.73
N LEU J 476 -30.83 16.14 -81.35
CA LEU J 476 -30.42 16.98 -82.47
C LEU J 476 -30.60 18.44 -82.15
N HIS J 477 -29.68 19.26 -82.64
CA HIS J 477 -29.68 20.70 -82.39
C HIS J 477 -30.28 21.38 -83.63
N VAL J 478 -31.39 22.09 -83.45
CA VAL J 478 -32.08 22.73 -84.54
C VAL J 478 -31.24 23.91 -85.02
N GLY J 479 -30.79 23.81 -86.27
CA GLY J 479 -29.80 24.72 -86.84
C GLY J 479 -28.57 24.02 -87.37
N ASP J 480 -28.20 22.89 -86.82
CA ASP J 480 -27.06 22.13 -87.31
C ASP J 480 -27.42 21.39 -88.60
N LEU J 481 -26.39 20.89 -89.26
CA LEU J 481 -26.55 20.04 -90.41
C LEU J 481 -26.89 18.63 -89.92
N LEU J 482 -28.11 18.18 -90.18
CA LEU J 482 -28.59 16.91 -89.66
C LEU J 482 -28.42 15.85 -90.74
N VAL J 483 -27.77 14.75 -90.39
CA VAL J 483 -27.62 13.64 -91.33
C VAL J 483 -28.96 12.89 -91.21
N MET K 1 30.12 -29.19 -16.30
CA MET K 1 31.18 -28.14 -16.35
C MET K 1 30.78 -26.86 -15.61
N SER K 2 31.76 -26.13 -15.10
CA SER K 2 31.50 -24.84 -14.44
C SER K 2 31.48 -23.69 -15.44
N VAL K 3 30.89 -22.59 -15.00
CA VAL K 3 30.81 -21.42 -15.86
C VAL K 3 32.23 -20.95 -16.17
N ARG K 4 32.49 -20.69 -17.45
CA ARG K 4 33.79 -20.22 -17.88
C ARG K 4 34.15 -18.93 -17.19
N ARG K 5 35.41 -18.81 -16.78
CA ARG K 5 35.91 -17.63 -16.12
C ARG K 5 36.74 -16.73 -17.00
N THR K 6 37.52 -17.30 -17.92
CA THR K 6 38.36 -16.49 -18.80
C THR K 6 37.48 -15.83 -19.83
N LYS K 7 37.75 -14.56 -20.11
CA LYS K 7 36.85 -13.77 -20.96
C LYS K 7 37.35 -13.75 -22.39
N ILE K 8 36.40 -13.59 -23.32
CA ILE K 8 36.69 -13.66 -24.76
C ILE K 8 36.43 -12.32 -25.42
N VAL K 9 37.45 -11.78 -26.05
CA VAL K 9 37.34 -10.57 -26.85
C VAL K 9 37.25 -10.96 -28.32
N ALA K 10 36.21 -10.51 -29.00
CA ALA K 10 35.97 -10.83 -30.41
C ALA K 10 35.99 -9.56 -31.23
N THR K 11 36.88 -9.50 -32.22
CA THR K 11 36.92 -8.36 -33.11
C THR K 11 35.81 -8.48 -34.13
N LEU K 12 35.11 -7.37 -34.40
CA LEU K 12 34.07 -7.34 -35.42
C LEU K 12 34.58 -6.91 -36.77
N GLY K 13 33.89 -7.34 -37.81
CA GLY K 13 34.25 -7.01 -39.18
C GLY K 13 33.23 -7.54 -40.19
N PRO K 14 33.59 -7.57 -41.47
CA PRO K 14 32.67 -8.05 -42.52
C PRO K 14 31.98 -9.37 -42.24
N ALA K 15 32.68 -10.33 -41.63
CA ALA K 15 32.10 -11.62 -41.33
C ALA K 15 31.17 -11.60 -40.12
N SER K 16 31.18 -10.51 -39.35
CA SER K 16 30.40 -10.42 -38.12
C SER K 16 29.71 -9.06 -38.06
N ASN K 17 29.05 -8.71 -39.15
CA ASN K 17 28.45 -7.39 -39.30
C ASN K 17 26.93 -7.45 -39.30
N SER K 18 26.36 -8.60 -39.65
CA SER K 18 24.92 -8.74 -39.68
C SER K 18 24.34 -9.00 -38.29
N PRO K 19 23.06 -8.63 -38.09
CA PRO K 19 22.41 -8.99 -36.82
C PRO K 19 22.34 -10.48 -36.54
N GLU K 20 22.23 -11.31 -37.57
CA GLU K 20 22.14 -12.76 -37.33
C GLU K 20 23.43 -13.32 -36.74
N VAL K 21 24.57 -12.86 -37.23
CA VAL K 21 25.85 -13.38 -36.77
C VAL K 21 26.18 -12.80 -35.39
N LEU K 22 25.97 -11.50 -35.21
CA LEU K 22 26.19 -10.88 -33.92
C LEU K 22 25.35 -11.54 -32.82
N GLU K 23 24.10 -11.81 -33.12
CA GLU K 23 23.28 -12.54 -32.16
C GLU K 23 23.91 -13.89 -31.81
N GLN K 24 24.40 -14.60 -32.81
CA GLN K 24 25.04 -15.90 -32.58
C GLN K 24 26.34 -15.81 -31.78
N LEU K 25 27.10 -14.74 -31.99
CA LEU K 25 28.31 -14.49 -31.21
C LEU K 25 27.99 -14.19 -29.75
N ILE K 26 26.95 -13.39 -29.52
CA ILE K 26 26.47 -13.09 -28.17
C ILE K 26 26.07 -14.40 -27.48
N LEU K 27 25.32 -15.25 -28.18
CA LEU K 27 24.89 -16.51 -27.61
C LEU K 27 26.05 -17.49 -27.42
N ALA K 28 27.07 -17.39 -28.26
CA ALA K 28 28.22 -18.28 -28.12
C ALA K 28 29.12 -17.89 -26.94
N GLY K 29 28.94 -16.67 -26.43
CA GLY K 29 29.54 -16.26 -25.19
C GLY K 29 30.55 -15.11 -25.25
N ILE K 30 30.57 -14.29 -26.30
CA ILE K 30 31.57 -13.24 -26.28
C ILE K 30 31.35 -12.30 -25.09
N ASP K 31 32.43 -11.85 -24.50
CA ASP K 31 32.35 -10.93 -23.37
C ASP K 31 32.72 -9.50 -23.75
N VAL K 32 33.49 -9.33 -24.83
CA VAL K 32 33.91 -7.99 -25.28
C VAL K 32 33.96 -7.98 -26.80
N ALA K 33 33.39 -6.94 -27.40
CA ALA K 33 33.47 -6.73 -28.83
C ALA K 33 34.49 -5.64 -29.09
N ARG K 34 35.45 -5.94 -29.97
CA ARG K 34 36.51 -4.98 -30.30
C ARG K 34 36.17 -4.34 -31.64
N LEU K 35 36.24 -3.02 -31.67
CA LEU K 35 35.98 -2.26 -32.86
C LEU K 35 37.32 -1.69 -33.27
N ASN K 36 37.84 -2.17 -34.38
CA ASN K 36 39.14 -1.73 -34.86
C ASN K 36 38.97 -0.47 -35.69
N PHE K 37 39.45 0.66 -35.16
CA PHE K 37 39.30 1.92 -35.88
C PHE K 37 40.17 2.05 -37.11
N SER K 38 41.12 1.14 -37.31
CA SER K 38 41.91 1.15 -38.55
C SER K 38 41.01 1.00 -39.80
N HIS K 39 39.86 0.34 -39.68
CA HIS K 39 38.93 0.19 -40.79
C HIS K 39 37.53 0.64 -40.38
N GLY K 40 36.71 0.89 -41.38
CA GLY K 40 35.33 1.30 -41.18
C GLY K 40 35.14 2.79 -40.93
N THR K 41 33.93 3.25 -41.16
CA THR K 41 33.54 4.64 -40.99
C THR K 41 32.88 4.81 -39.60
N PRO K 42 32.91 6.04 -39.09
CA PRO K 42 32.25 6.32 -37.84
C PRO K 42 30.84 5.76 -37.67
N ASP K 43 30.03 5.85 -38.73
CA ASP K 43 28.65 5.37 -38.61
C ASP K 43 28.56 3.85 -38.63
N GLU K 44 29.48 3.21 -39.33
CA GLU K 44 29.56 1.74 -39.28
C GLU K 44 29.84 1.25 -37.85
N HIS K 45 30.73 1.96 -37.14
CA HIS K 45 31.03 1.61 -35.76
C HIS K 45 29.82 1.87 -34.88
N ARG K 46 29.22 3.05 -35.01
CA ARG K 46 28.03 3.37 -34.21
C ARG K 46 26.92 2.31 -34.38
N ALA K 47 26.70 1.89 -35.61
CA ALA K 47 25.65 0.93 -35.89
C ALA K 47 25.94 -0.41 -35.21
N ARG K 48 27.17 -0.87 -35.33
CA ARG K 48 27.59 -2.11 -34.69
C ARG K 48 27.52 -1.99 -33.16
N ALA K 49 28.01 -0.87 -32.62
CA ALA K 49 27.96 -0.65 -31.17
C ALA K 49 26.54 -0.75 -30.62
N ARG K 50 25.60 -0.10 -31.30
CA ARG K 50 24.21 -0.12 -30.88
C ARG K 50 23.64 -1.55 -30.97
N LEU K 51 24.02 -2.27 -32.01
CA LEU K 51 23.50 -3.58 -32.26
C LEU K 51 23.98 -4.62 -31.23
N VAL K 52 25.24 -4.52 -30.84
CA VAL K 52 25.79 -5.45 -29.87
C VAL K 52 25.13 -5.22 -28.52
N ARG K 53 25.00 -3.96 -28.14
CA ARG K 53 24.36 -3.63 -26.86
C ARG K 53 22.91 -4.05 -26.81
N GLU K 54 22.20 -3.89 -27.91
CA GLU K 54 20.79 -4.31 -28.03
C GLU K 54 20.68 -5.82 -27.89
N LEU K 55 21.48 -6.54 -28.65
CA LEU K 55 21.42 -7.99 -28.66
C LEU K 55 21.92 -8.61 -27.35
N ALA K 56 22.92 -7.98 -26.73
CA ALA K 56 23.35 -8.42 -25.40
C ALA K 56 22.20 -8.31 -24.40
N ALA K 57 21.60 -7.13 -24.32
CA ALA K 57 20.44 -6.89 -23.43
C ALA K 57 19.31 -7.87 -23.73
N LYS K 58 19.05 -8.13 -25.00
CA LYS K 58 18.03 -9.10 -25.37
C LYS K 58 18.24 -10.45 -24.71
N HIS K 59 19.49 -10.86 -24.51
CA HIS K 59 19.79 -12.16 -23.91
C HIS K 59 20.41 -12.08 -22.52
N GLY K 60 20.24 -10.96 -21.83
CA GLY K 60 20.67 -10.85 -20.44
C GLY K 60 22.15 -11.02 -20.24
N ARG K 61 22.93 -10.45 -21.17
CA ARG K 61 24.37 -10.55 -21.16
C ARG K 61 24.95 -9.15 -21.10
N PHE K 62 26.17 -9.07 -20.61
CA PHE K 62 26.85 -7.82 -20.43
C PHE K 62 28.14 -7.90 -21.22
N VAL K 63 28.12 -7.25 -22.38
CA VAL K 63 29.24 -7.24 -23.29
C VAL K 63 29.83 -5.83 -23.35
N ALA K 64 31.12 -5.73 -23.03
CA ALA K 64 31.80 -4.46 -23.13
C ALA K 64 32.14 -4.17 -24.58
N LEU K 65 32.39 -2.88 -24.85
CA LEU K 65 32.87 -2.45 -26.14
C LEU K 65 34.22 -1.83 -25.99
N LEU K 66 35.16 -2.34 -26.79
CA LEU K 66 36.52 -1.88 -26.77
C LEU K 66 36.79 -1.26 -28.14
N GLY K 67 37.35 -0.05 -28.12
CA GLY K 67 37.70 0.67 -29.32
C GLY K 67 39.21 0.70 -29.43
N ASP K 68 39.72 0.22 -30.57
CA ASP K 68 41.15 0.06 -30.76
C ASP K 68 41.65 1.15 -31.71
N LEU K 69 42.45 2.07 -31.16
CA LEU K 69 43.03 3.14 -31.96
C LEU K 69 44.08 2.62 -32.92
N GLN K 70 44.08 3.15 -34.14
CA GLN K 70 45.00 2.65 -35.16
C GLN K 70 46.46 2.93 -34.78
N GLY K 71 46.73 4.13 -34.25
CA GLY K 71 48.05 4.42 -33.84
C GLY K 71 49.02 4.78 -34.95
N PRO K 72 50.29 4.98 -34.57
CA PRO K 72 51.33 5.42 -35.44
C PRO K 72 52.04 4.35 -36.21
N LYS K 73 51.46 3.17 -36.38
CA LYS K 73 51.97 2.16 -37.24
C LYS K 73 51.97 2.67 -38.69
N ILE K 74 52.99 2.35 -39.42
CA ILE K 74 53.19 2.84 -40.77
C ILE K 74 52.55 1.83 -41.75
N ARG K 75 51.65 2.33 -42.59
CA ARG K 75 50.80 1.50 -43.40
C ARG K 75 50.91 1.92 -44.85
N ILE K 76 50.62 0.99 -45.75
CA ILE K 76 50.44 1.30 -47.15
C ILE K 76 49.07 1.95 -47.40
N ALA K 77 48.91 2.49 -48.59
CA ALA K 77 47.67 3.12 -49.02
C ALA K 77 46.66 2.08 -49.56
N LYS K 78 45.62 2.56 -50.29
CA LYS K 78 44.62 1.64 -50.81
C LYS K 78 44.98 1.16 -52.22
N PHE K 79 44.35 0.04 -52.59
CA PHE K 79 44.41 -0.53 -53.93
C PHE K 79 43.11 -0.23 -54.69
N ALA K 80 43.20 -0.11 -56.02
CA ALA K 80 42.00 0.22 -56.78
C ALA K 80 41.05 -0.91 -56.52
N ASN K 81 41.55 -2.11 -56.71
CA ASN K 81 40.82 -3.28 -56.28
C ASN K 81 41.20 -3.37 -54.81
N LYS K 82 40.35 -3.96 -53.99
CA LYS K 82 40.69 -3.95 -52.57
C LYS K 82 41.96 -4.71 -52.21
N ARG K 83 42.34 -5.73 -52.97
CA ARG K 83 43.48 -6.51 -52.61
C ARG K 83 44.14 -7.16 -53.79
N ILE K 84 45.40 -7.57 -53.63
CA ILE K 84 46.15 -8.22 -54.70
C ILE K 84 46.93 -9.43 -54.18
N GLU K 85 47.45 -10.25 -55.08
CA GLU K 85 48.19 -11.42 -54.70
C GLU K 85 49.57 -11.39 -55.32
N LEU K 86 50.57 -11.63 -54.50
CA LEU K 86 51.96 -11.55 -54.98
C LEU K 86 52.63 -12.90 -54.82
N GLN K 87 53.45 -13.23 -55.81
CA GLN K 87 54.20 -14.48 -55.85
C GLN K 87 55.70 -14.19 -55.69
N VAL K 88 56.40 -15.21 -55.19
CA VAL K 88 57.84 -15.09 -55.00
C VAL K 88 58.49 -14.72 -56.34
N GLY K 89 59.40 -13.74 -56.30
CA GLY K 89 60.10 -13.27 -57.49
C GLY K 89 59.45 -12.09 -58.19
N ASP K 90 58.18 -11.82 -57.88
CA ASP K 90 57.49 -10.66 -58.46
C ASP K 90 58.17 -9.35 -58.06
N LYS K 91 57.96 -8.34 -58.88
CA LYS K 91 58.46 -7.00 -58.63
C LYS K 91 57.33 -6.12 -58.10
N PHE K 92 57.67 -5.25 -57.17
CA PHE K 92 56.65 -4.40 -56.56
C PHE K 92 57.28 -3.13 -56.02
N ARG K 93 56.51 -2.06 -56.02
CA ARG K 93 57.01 -0.72 -55.71
C ARG K 93 56.15 -0.06 -54.64
N PHE K 94 56.83 0.66 -53.75
CA PHE K 94 56.19 1.53 -52.78
C PHE K 94 56.55 2.98 -53.15
N SER K 95 55.55 3.80 -53.46
CA SER K 95 55.80 5.16 -53.94
C SER K 95 55.11 6.22 -53.11
N THR K 96 55.88 7.24 -52.74
CA THR K 96 55.34 8.41 -52.06
C THR K 96 54.49 9.27 -52.97
N SER K 97 54.71 9.17 -54.28
CA SER K 97 53.96 10.01 -55.21
C SER K 97 52.72 9.32 -55.82
N HIS K 98 52.69 8.02 -55.82
CA HIS K 98 51.58 7.28 -56.41
C HIS K 98 50.24 7.55 -55.69
N ALA K 99 49.15 7.60 -56.48
CA ALA K 99 47.84 7.89 -55.95
C ALA K 99 47.40 6.92 -54.89
N ARG K 100 46.91 7.48 -53.76
CA ARG K 100 46.61 6.71 -52.58
C ARG K 100 45.35 5.80 -52.76
N ASP K 101 44.57 6.02 -53.80
CA ASP K 101 43.41 5.22 -54.10
C ASP K 101 43.66 4.19 -55.20
N ALA K 102 44.75 4.32 -55.97
CA ALA K 102 44.92 3.61 -57.22
C ALA K 102 46.04 2.58 -57.19
N GLY K 103 46.12 1.82 -56.10
CA GLY K 103 47.14 0.79 -56.01
C GLY K 103 46.89 -0.29 -57.05
N THR K 104 47.95 -0.83 -57.61
CA THR K 104 47.84 -1.83 -58.66
C THR K 104 48.63 -3.07 -58.28
N GLN K 105 48.72 -4.02 -59.20
CA GLN K 105 49.53 -5.20 -59.04
C GLN K 105 51.04 -4.91 -59.00
N GLU K 106 51.44 -3.71 -59.41
CA GLU K 106 52.85 -3.36 -59.49
C GLU K 106 53.31 -2.28 -58.51
N VAL K 107 52.39 -1.49 -57.98
CA VAL K 107 52.77 -0.40 -57.11
C VAL K 107 51.62 -0.03 -56.19
N VAL K 108 51.98 0.44 -54.99
CA VAL K 108 51.03 1.06 -54.07
C VAL K 108 51.66 2.30 -53.49
N GLY K 109 50.81 3.25 -53.12
CA GLY K 109 51.25 4.48 -52.49
C GLY K 109 51.47 4.29 -51.00
N ILE K 110 52.07 5.30 -50.39
CA ILE K 110 52.42 5.24 -48.97
C ILE K 110 52.64 6.65 -48.45
N ASP K 111 52.05 6.94 -47.31
CA ASP K 111 52.17 8.24 -46.66
C ASP K 111 53.32 8.18 -45.65
N TYR K 112 54.52 8.02 -46.17
CA TYR K 112 55.73 8.01 -45.34
C TYR K 112 56.82 8.84 -46.01
N PRO K 113 56.95 10.11 -45.60
CA PRO K 113 57.90 10.99 -46.30
C PRO K 113 59.36 10.54 -46.23
N ASP K 114 59.82 10.08 -45.08
CA ASP K 114 61.16 9.57 -44.92
C ASP K 114 61.51 8.27 -45.64
N LEU K 115 60.59 7.71 -46.44
CA LEU K 115 60.74 6.36 -46.98
C LEU K 115 62.09 6.12 -47.63
N VAL K 116 62.50 7.03 -48.50
CA VAL K 116 63.73 6.85 -49.24
C VAL K 116 64.95 7.09 -48.37
N LYS K 117 64.81 7.92 -47.36
CA LYS K 117 65.91 8.20 -46.43
C LYS K 117 66.17 7.00 -45.51
N ASP K 118 65.11 6.38 -45.03
CA ASP K 118 65.23 5.30 -44.06
C ASP K 118 65.60 3.95 -44.66
N CYS K 119 65.18 3.69 -45.85
CA CYS K 119 65.40 2.34 -46.45
C CYS K 119 66.42 2.41 -47.53
N GLY K 120 67.06 1.26 -47.79
CA GLY K 120 68.23 1.18 -48.69
C GLY K 120 68.32 -0.17 -49.35
N VAL K 121 69.10 -0.25 -50.41
CA VAL K 121 69.24 -1.49 -51.18
C VAL K 121 69.69 -2.61 -50.24
N GLY K 122 69.00 -3.75 -50.30
CA GLY K 122 69.31 -4.88 -49.44
C GLY K 122 68.37 -5.04 -48.27
N ASP K 123 67.77 -3.95 -47.80
CA ASP K 123 66.86 -4.00 -46.67
C ASP K 123 65.68 -4.93 -46.99
N GLU K 124 65.17 -5.58 -45.95
CA GLU K 124 64.02 -6.47 -46.07
C GLU K 124 62.83 -5.78 -45.42
N LEU K 125 61.73 -5.69 -46.16
CA LEU K 125 60.52 -5.07 -45.69
C LEU K 125 59.50 -6.16 -45.36
N LEU K 126 58.81 -6.00 -44.24
CA LEU K 126 57.83 -6.96 -43.79
C LEU K 126 56.47 -6.33 -43.74
N LEU K 127 55.50 -6.94 -44.39
CA LEU K 127 54.13 -6.43 -44.46
C LEU K 127 53.18 -7.41 -43.79
N ASP K 128 52.12 -6.88 -43.18
CA ASP K 128 51.12 -7.66 -42.47
C ASP K 128 51.76 -8.55 -41.41
N ASP K 129 52.48 -7.93 -40.50
CA ASP K 129 53.15 -8.63 -39.38
C ASP K 129 54.10 -9.74 -39.84
N GLY K 130 54.75 -9.54 -40.98
CA GLY K 130 55.67 -10.53 -41.51
C GLY K 130 55.13 -11.53 -42.50
N ARG K 131 53.83 -11.47 -42.81
CA ARG K 131 53.20 -12.44 -43.71
C ARG K 131 53.76 -12.38 -45.13
N VAL K 132 54.08 -11.15 -45.59
CA VAL K 132 54.72 -10.91 -46.87
C VAL K 132 56.07 -10.28 -46.61
N VAL K 133 57.07 -10.68 -47.36
CA VAL K 133 58.42 -10.17 -47.19
C VAL K 133 58.99 -9.77 -48.55
N MET K 134 59.64 -8.60 -48.58
CA MET K 134 60.27 -8.10 -49.78
C MET K 134 61.67 -7.61 -49.48
N VAL K 135 62.50 -7.56 -50.52
CA VAL K 135 63.82 -7.00 -50.43
C VAL K 135 63.92 -5.81 -51.40
N VAL K 136 64.56 -4.74 -50.94
CA VAL K 136 64.70 -3.52 -51.74
C VAL K 136 65.83 -3.74 -52.75
N GLU K 137 65.49 -3.65 -54.04
CA GLU K 137 66.47 -3.82 -55.13
C GLU K 137 67.03 -2.48 -55.62
N GLU K 138 66.18 -1.44 -55.65
CA GLU K 138 66.58 -0.12 -56.11
C GLU K 138 65.87 0.94 -55.30
N VAL K 139 66.56 2.06 -55.09
CA VAL K 139 65.96 3.23 -54.45
C VAL K 139 66.02 4.39 -55.41
N ALA K 140 64.89 5.10 -55.56
CA ALA K 140 64.80 6.32 -56.35
C ALA K 140 64.29 7.43 -55.43
N ALA K 141 64.18 8.64 -55.95
CA ALA K 141 63.81 9.77 -55.10
C ALA K 141 62.44 9.64 -54.46
N ASP K 142 61.51 8.94 -55.10
CA ASP K 142 60.15 8.84 -54.56
C ASP K 142 59.65 7.42 -54.37
N GLU K 143 60.47 6.40 -54.55
CA GLU K 143 59.97 5.03 -54.41
C GLU K 143 61.04 4.01 -54.10
N LEU K 144 60.58 2.87 -53.61
CA LEU K 144 61.42 1.70 -53.40
C LEU K 144 60.96 0.61 -54.35
N ARG K 145 61.91 0.03 -55.08
CA ARG K 145 61.63 -1.02 -56.03
C ARG K 145 62.11 -2.34 -55.47
N CYS K 146 61.17 -3.27 -55.30
CA CYS K 146 61.42 -4.46 -54.52
C CYS K 146 61.14 -5.75 -55.28
N ARG K 147 61.72 -6.82 -54.76
CA ARG K 147 61.43 -8.17 -55.17
C ARG K 147 60.77 -8.91 -54.01
N VAL K 148 59.74 -9.70 -54.31
CA VAL K 148 59.04 -10.45 -53.28
C VAL K 148 59.86 -11.70 -52.91
N LEU K 149 60.15 -11.84 -51.62
CA LEU K 149 60.82 -13.01 -51.07
C LEU K 149 59.82 -14.06 -50.60
N ILE K 150 58.76 -13.61 -49.94
CA ILE K 150 57.71 -14.48 -49.44
C ILE K 150 56.39 -13.86 -49.89
N GLY K 151 55.63 -14.64 -50.66
CA GLY K 151 54.41 -14.16 -51.26
C GLY K 151 53.23 -14.18 -50.32
N GLY K 152 52.11 -13.71 -50.84
CA GLY K 152 50.87 -13.71 -50.10
C GLY K 152 49.98 -12.58 -50.57
N PRO K 153 48.88 -12.37 -49.85
CA PRO K 153 47.97 -11.29 -50.25
C PRO K 153 48.40 -9.95 -49.65
N LEU K 154 47.96 -8.87 -50.30
CA LEU K 154 48.16 -7.53 -49.79
C LEU K 154 46.86 -6.78 -50.00
N SER K 155 46.48 -5.98 -49.02
CA SER K 155 45.22 -5.25 -49.09
C SER K 155 45.39 -3.86 -48.47
N ASP K 156 44.33 -3.05 -48.56
CA ASP K 156 44.36 -1.66 -48.13
C ASP K 156 44.88 -1.54 -46.69
N HIS K 157 45.72 -0.55 -46.47
CA HIS K 157 46.19 -0.15 -45.16
C HIS K 157 46.92 -1.22 -44.36
N LYS K 158 47.51 -2.24 -45.01
CA LYS K 158 48.31 -3.20 -44.28
C LYS K 158 49.61 -2.56 -43.77
N GLY K 159 50.06 -3.05 -42.64
CA GLY K 159 51.25 -2.51 -41.99
C GLY K 159 52.52 -2.90 -42.70
N ILE K 160 53.51 -2.05 -42.59
CA ILE K 160 54.84 -2.31 -43.15
C ILE K 160 55.90 -1.90 -42.14
N ASN K 161 56.97 -2.66 -42.07
CA ASN K 161 58.12 -2.35 -41.22
C ASN K 161 59.37 -2.79 -41.91
N ARG K 162 60.46 -2.21 -41.43
CA ARG K 162 61.79 -2.52 -42.00
C ARG K 162 62.51 -3.46 -40.99
N ARG K 163 63.18 -4.45 -41.52
CA ARG K 163 63.67 -5.56 -40.74
C ARG K 163 64.34 -5.25 -39.45
N GLY K 164 65.32 -4.36 -39.47
CA GLY K 164 65.98 -3.98 -38.24
C GLY K 164 65.24 -2.86 -37.57
N GLY K 165 63.98 -2.63 -37.95
CA GLY K 165 63.20 -1.59 -37.34
C GLY K 165 63.82 -0.22 -37.50
N GLY K 166 63.88 0.24 -38.72
CA GLY K 166 64.46 1.54 -38.97
C GLY K 166 63.42 2.56 -39.40
N LEU K 167 62.16 2.27 -39.15
CA LEU K 167 61.07 3.16 -39.51
C LEU K 167 60.82 4.05 -38.34
N THR K 168 60.38 5.26 -38.59
CA THR K 168 60.12 6.15 -37.48
C THR K 168 58.66 6.25 -37.27
N ALA K 169 58.22 6.05 -36.04
CA ALA K 169 56.77 6.20 -35.77
C ALA K 169 56.56 7.55 -35.12
N PRO K 170 55.48 8.27 -35.47
CA PRO K 170 55.26 9.56 -34.85
C PRO K 170 54.61 9.40 -33.46
N ALA K 171 54.16 10.50 -32.89
CA ALA K 171 53.30 10.49 -31.69
C ALA K 171 51.95 9.86 -32.00
N LEU K 172 50.95 9.86 -31.10
CA LEU K 172 49.55 9.78 -31.34
C LEU K 172 49.05 10.67 -32.51
N THR K 173 48.23 10.00 -33.36
CA THR K 173 48.00 10.62 -34.67
C THR K 173 46.78 11.53 -34.64
N ASP K 174 46.55 12.26 -35.69
CA ASP K 174 45.34 13.09 -35.77
C ASP K 174 44.10 12.22 -35.90
N LYS K 175 44.21 11.13 -36.67
CA LYS K 175 43.14 10.15 -36.71
C LYS K 175 42.77 9.70 -35.30
N ASP K 176 43.76 9.37 -34.48
CA ASP K 176 43.51 8.85 -33.14
C ASP K 176 42.78 9.86 -32.26
N LYS K 177 43.18 11.13 -32.36
CA LYS K 177 42.50 12.19 -31.61
C LYS K 177 41.03 12.27 -32.00
N ALA K 178 40.74 12.13 -33.28
CA ALA K 178 39.35 12.08 -33.75
C ALA K 178 38.62 10.84 -33.24
N ASP K 179 39.30 9.71 -33.27
CA ASP K 179 38.70 8.46 -32.80
C ASP K 179 38.49 8.46 -31.29
N ILE K 180 39.35 9.15 -30.53
CA ILE K 180 39.12 9.29 -29.09
C ILE K 180 37.79 9.98 -28.85
N LYS K 181 37.54 11.04 -29.60
CA LYS K 181 36.25 11.77 -29.50
C LYS K 181 35.10 10.86 -29.91
N LEU K 182 35.29 10.10 -30.96
CA LEU K 182 34.27 9.17 -31.39
C LEU K 182 33.99 8.13 -30.32
N ALA K 183 35.03 7.65 -29.66
CA ALA K 183 34.87 6.65 -28.60
C ALA K 183 34.09 7.21 -27.43
N ALA K 184 34.47 8.42 -27.00
CA ALA K 184 33.73 9.12 -25.95
C ALA K 184 32.26 9.31 -26.33
N ASP K 185 32.01 9.69 -27.56
CA ASP K 185 30.67 9.94 -28.05
C ASP K 185 29.82 8.67 -28.06
N MET K 186 30.46 7.52 -28.31
CA MET K 186 29.76 6.23 -28.31
C MET K 186 29.64 5.60 -26.93
N ASP K 187 30.21 6.24 -25.90
CA ASP K 187 30.26 5.69 -24.52
C ASP K 187 30.95 4.32 -24.48
N LEU K 188 32.08 4.19 -25.14
CA LEU K 188 32.81 2.95 -25.15
C LEU K 188 33.37 2.65 -23.77
N ASP K 189 33.38 1.36 -23.42
CA ASP K 189 33.82 0.92 -22.11
C ASP K 189 35.36 0.87 -22.01
N TYR K 190 36.02 0.49 -23.11
CA TYR K 190 37.48 0.42 -23.15
C TYR K 190 38.00 1.07 -24.41
N VAL K 191 39.15 1.71 -24.30
CA VAL K 191 39.86 2.25 -25.44
C VAL K 191 41.30 1.75 -25.37
N ALA K 192 41.80 1.20 -26.49
CA ALA K 192 43.14 0.66 -26.54
C ALA K 192 44.07 1.57 -27.33
N VAL K 193 45.21 1.88 -26.74
CA VAL K 193 46.22 2.71 -27.39
C VAL K 193 47.27 1.82 -28.06
N SER K 194 47.56 2.09 -29.32
CA SER K 194 48.57 1.33 -30.06
C SER K 194 49.94 1.98 -29.97
N PHE K 195 50.97 1.13 -29.92
CA PHE K 195 52.37 1.51 -29.92
C PHE K 195 52.79 2.53 -28.85
N PRO K 196 52.21 2.49 -27.66
CA PRO K 196 52.76 3.34 -26.64
C PRO K 196 54.15 2.90 -26.20
N ARG K 197 54.95 3.86 -25.76
CA ARG K 197 56.31 3.64 -25.32
C ARG K 197 56.47 3.69 -23.80
N ASP K 198 55.70 4.53 -23.12
CA ASP K 198 55.94 4.82 -21.73
C ASP K 198 54.69 5.46 -21.17
N ALA K 199 54.72 5.68 -19.85
CA ALA K 199 53.58 6.25 -19.18
C ALA K 199 53.06 7.55 -19.82
N LYS K 200 53.96 8.35 -20.38
CA LYS K 200 53.56 9.63 -20.95
C LYS K 200 52.53 9.46 -22.06
N MET K 202 50.37 7.17 -22.48
CA MET K 202 49.09 6.80 -21.90
C MET K 202 48.43 7.94 -21.15
N GLU K 203 49.23 8.76 -20.47
CA GLU K 203 48.68 9.94 -19.77
C GLU K 203 48.11 10.94 -20.76
N TYR K 204 48.79 11.14 -21.88
CA TYR K 204 48.29 12.02 -22.94
C TYR K 204 46.95 11.49 -23.46
N ALA K 205 46.87 10.20 -23.72
CA ALA K 205 45.62 9.61 -24.21
C ALA K 205 44.49 9.77 -23.19
N ARG K 206 44.84 9.65 -21.90
CA ARG K 206 43.85 9.81 -20.84
C ARG K 206 43.34 11.24 -20.76
N ARG K 207 44.23 12.19 -20.92
CA ARG K 207 43.88 13.62 -20.97
C ARG K 207 42.86 13.87 -22.06
N LEU K 208 43.19 13.46 -23.28
CA LEU K 208 42.29 13.65 -24.43
C LEU K 208 40.93 12.98 -24.21
N LEU K 209 40.95 11.81 -23.58
CA LEU K 209 39.71 11.09 -23.37
C LEU K 209 38.83 11.80 -22.35
N THR K 210 39.41 12.25 -21.26
CA THR K 210 38.64 12.98 -20.25
C THR K 210 38.16 14.32 -20.80
N GLU K 211 39.04 15.05 -21.50
CA GLU K 211 38.65 16.29 -22.20
C GLU K 211 37.43 16.09 -23.11
N ALA K 212 37.32 14.93 -23.75
CA ALA K 212 36.13 14.63 -24.56
C ALA K 212 34.97 14.06 -23.76
N GLY K 213 35.08 14.05 -22.44
CA GLY K 213 34.03 13.50 -21.58
C GLY K 213 33.88 12.00 -21.58
N GLY K 214 34.94 11.28 -21.94
CA GLY K 214 34.90 9.82 -22.02
C GLY K 214 35.16 9.15 -20.70
N LYS K 215 34.36 8.12 -20.41
CA LYS K 215 34.50 7.38 -19.14
C LYS K 215 35.26 6.06 -19.31
N ALA K 216 35.75 5.78 -20.51
CA ALA K 216 36.36 4.49 -20.80
C ALA K 216 37.65 4.27 -20.01
N TRP K 217 37.93 3.01 -19.73
CA TRP K 217 39.21 2.58 -19.20
C TRP K 217 40.18 2.35 -20.34
N LEU K 218 41.45 2.62 -20.08
CA LEU K 218 42.48 2.60 -21.09
C LEU K 218 43.28 1.29 -21.11
N VAL K 219 43.47 0.75 -22.31
CA VAL K 219 44.26 -0.45 -22.50
C VAL K 219 45.56 -0.10 -23.21
N ALA K 220 46.69 -0.40 -22.57
CA ALA K 220 47.99 -0.24 -23.22
C ALA K 220 48.36 -1.50 -23.99
N LYS K 221 48.53 -1.36 -25.30
CA LYS K 221 48.96 -2.47 -26.12
C LYS K 221 50.50 -2.55 -26.07
N ILE K 222 51.02 -3.67 -25.59
CA ILE K 222 52.46 -3.86 -25.49
C ILE K 222 52.94 -4.42 -26.83
N GLU K 223 53.35 -3.52 -27.72
CA GLU K 223 53.86 -3.89 -29.05
C GLU K 223 55.23 -3.31 -29.44
N ARG K 224 55.86 -2.54 -28.55
CA ARG K 224 57.10 -1.92 -28.87
C ARG K 224 58.24 -2.50 -28.08
N ALA K 225 59.39 -2.61 -28.74
CA ALA K 225 60.58 -3.09 -28.04
C ALA K 225 60.91 -2.24 -26.84
N GLU K 226 60.67 -0.93 -26.92
CA GLU K 226 61.03 -0.03 -25.81
C GLU K 226 60.16 -0.30 -24.57
N ALA K 227 58.93 -0.75 -24.80
CA ALA K 227 58.00 -1.03 -23.70
C ALA K 227 58.41 -2.22 -22.83
N VAL K 228 59.24 -3.13 -23.36
CA VAL K 228 59.66 -4.32 -22.63
C VAL K 228 61.17 -4.38 -22.45
N ALA K 229 61.85 -3.26 -22.70
CA ALA K 229 63.30 -3.19 -22.57
C ALA K 229 63.79 -3.58 -21.18
N ASP K 230 63.02 -3.26 -20.15
CA ASP K 230 63.36 -3.66 -18.79
C ASP K 230 62.11 -3.53 -17.92
N ASP K 231 62.20 -4.00 -16.70
CA ASP K 231 61.05 -3.99 -15.80
C ASP K 231 60.50 -2.59 -15.51
N ASP K 232 61.38 -1.58 -15.39
CA ASP K 232 60.90 -0.21 -15.14
C ASP K 232 60.08 0.33 -16.29
N ALA K 233 60.55 0.11 -17.51
CA ALA K 233 59.80 0.52 -18.70
C ALA K 233 58.40 -0.11 -18.69
N LEU K 234 58.35 -1.42 -18.54
CA LEU K 234 57.09 -2.14 -18.57
C LEU K 234 56.17 -1.75 -17.42
N ASP K 235 56.70 -1.78 -16.20
CA ASP K 235 55.88 -1.47 -15.02
C ASP K 235 55.36 -0.01 -15.05
N GLY K 236 56.16 0.90 -15.60
CA GLY K 236 55.73 2.27 -15.76
C GLY K 236 54.51 2.37 -16.66
N LEU K 237 54.61 1.68 -17.79
CA LEU K 237 53.53 1.67 -18.77
C LEU K 237 52.28 1.00 -18.19
N ILE K 238 52.47 -0.08 -17.45
CA ILE K 238 51.36 -0.80 -16.84
C ILE K 238 50.65 0.08 -15.82
N ARG K 239 51.42 0.77 -14.99
CA ARG K 239 50.82 1.55 -13.89
C ARG K 239 50.00 2.71 -14.38
N ALA K 240 50.36 3.22 -15.56
CA ALA K 240 49.62 4.30 -16.20
C ALA K 240 48.36 3.85 -16.91
N SER K 241 48.04 2.56 -16.87
CA SER K 241 46.90 2.04 -17.62
C SER K 241 45.93 1.38 -16.67
N ASP K 242 44.79 1.01 -17.22
CA ASP K 242 43.83 0.19 -16.50
C ASP K 242 43.95 -1.26 -16.91
N ALA K 243 44.42 -1.49 -18.13
CA ALA K 243 44.56 -2.82 -18.68
C ALA K 243 45.68 -2.82 -19.69
N VAL K 244 46.19 -4.02 -19.96
CA VAL K 244 47.23 -4.17 -20.99
C VAL K 244 46.89 -5.32 -21.91
N MET K 245 47.48 -5.28 -23.07
CA MET K 245 47.27 -6.29 -24.04
C MET K 245 48.57 -6.81 -24.61
N VAL K 246 48.73 -8.11 -24.59
CA VAL K 246 49.91 -8.74 -25.16
C VAL K 246 49.65 -8.85 -26.65
N ALA K 247 50.17 -7.87 -27.39
CA ALA K 247 49.89 -7.73 -28.80
C ALA K 247 50.96 -8.47 -29.60
N ARG K 248 50.77 -9.76 -29.78
CA ARG K 248 51.87 -10.60 -30.20
C ARG K 248 52.28 -10.43 -31.65
N GLY K 249 51.37 -9.93 -32.48
CA GLY K 249 51.68 -9.62 -33.88
C GLY K 249 52.81 -8.59 -33.97
N ASP K 250 52.52 -7.37 -33.58
CA ASP K 250 53.54 -6.35 -33.67
C ASP K 250 54.70 -6.58 -32.72
N LEU K 251 54.42 -7.11 -31.54
CA LEU K 251 55.49 -7.34 -30.56
C LEU K 251 56.48 -8.37 -31.08
N GLY K 252 55.98 -9.41 -31.73
CA GLY K 252 56.85 -10.44 -32.30
C GLY K 252 57.77 -9.89 -33.38
N VAL K 253 57.26 -8.98 -34.19
CA VAL K 253 58.10 -8.31 -35.17
C VAL K 253 59.19 -7.49 -34.48
N GLU K 254 58.84 -6.80 -33.41
CA GLU K 254 59.77 -5.89 -32.78
C GLU K 254 60.85 -6.59 -31.95
N ILE K 255 60.52 -7.68 -31.28
CA ILE K 255 61.50 -8.38 -30.43
C ILE K 255 61.86 -9.77 -30.90
N GLY K 256 61.18 -10.26 -31.93
CA GLY K 256 61.41 -11.62 -32.47
C GLY K 256 60.50 -12.67 -31.83
N ASP K 257 59.92 -13.54 -32.64
CA ASP K 257 58.97 -14.51 -32.12
C ASP K 257 59.56 -15.45 -31.03
N ALA K 258 60.83 -15.75 -31.11
CA ALA K 258 61.49 -16.61 -30.12
C ALA K 258 61.55 -16.02 -28.71
N GLU K 259 61.29 -14.72 -28.55
CA GLU K 259 61.27 -14.10 -27.25
C GLU K 259 59.86 -13.93 -26.68
N LEU K 260 58.83 -14.26 -27.45
CA LEU K 260 57.47 -14.00 -27.02
C LEU K 260 57.07 -14.76 -25.75
N VAL K 261 57.44 -16.05 -25.68
CA VAL K 261 56.94 -16.86 -24.60
C VAL K 261 57.24 -16.28 -23.22
N GLY K 262 58.47 -15.81 -23.04
CA GLY K 262 58.89 -15.29 -21.74
C GLY K 262 58.23 -13.97 -21.43
N ILE K 263 58.08 -13.14 -22.45
CA ILE K 263 57.53 -11.81 -22.28
C ILE K 263 56.00 -11.86 -22.08
N GLN K 264 55.32 -12.75 -22.80
CA GLN K 264 53.90 -12.94 -22.56
C GLN K 264 53.66 -13.23 -21.07
N LYS K 265 54.46 -14.14 -20.53
CA LYS K 265 54.29 -14.53 -19.13
C LYS K 265 54.64 -13.39 -18.18
N LYS K 266 55.68 -12.62 -18.51
CA LYS K 266 56.07 -11.50 -17.67
C LYS K 266 54.97 -10.43 -17.66
N ILE K 267 54.47 -10.09 -18.84
CA ILE K 267 53.46 -9.05 -18.95
C ILE K 267 52.21 -9.41 -18.13
N ILE K 268 51.74 -10.65 -18.28
CA ILE K 268 50.55 -11.07 -17.56
C ILE K 268 50.78 -10.97 -16.05
N LEU K 269 51.91 -11.49 -15.59
CA LEU K 269 52.21 -11.48 -14.17
C LEU K 269 52.35 -10.05 -13.64
N HIS K 270 53.12 -9.20 -14.33
CA HIS K 270 53.31 -7.86 -13.84
C HIS K 270 52.00 -7.07 -13.86
N ALA K 271 51.17 -7.31 -14.86
CA ALA K 271 49.86 -6.67 -14.91
C ALA K 271 49.05 -7.04 -13.65
N ARG K 272 48.95 -8.33 -13.37
CA ARG K 272 48.18 -8.76 -12.21
C ARG K 272 48.74 -8.22 -10.90
N ARG K 273 50.06 -8.19 -10.79
CA ARG K 273 50.68 -7.66 -9.57
C ARG K 273 50.36 -6.21 -9.34
N ASN K 274 50.26 -5.44 -10.42
CA ASN K 274 49.86 -4.04 -10.31
C ASN K 274 48.33 -3.84 -10.40
N ASN K 275 47.56 -4.89 -10.20
CA ASN K 275 46.10 -4.80 -10.15
C ASN K 275 45.47 -4.26 -11.42
N LYS K 276 45.98 -4.70 -12.56
CA LYS K 276 45.44 -4.36 -13.86
C LYS K 276 44.92 -5.60 -14.57
N VAL K 277 44.07 -5.36 -15.56
CA VAL K 277 43.49 -6.42 -16.38
C VAL K 277 44.45 -6.69 -17.54
N VAL K 278 44.50 -7.95 -18.00
CA VAL K 278 45.37 -8.28 -19.11
C VAL K 278 44.70 -9.16 -20.15
N ILE K 279 44.92 -8.81 -21.42
CA ILE K 279 44.41 -9.54 -22.57
C ILE K 279 45.56 -10.16 -23.36
N THR K 280 45.41 -11.42 -23.78
CA THR K 280 46.37 -12.07 -24.68
C THR K 280 45.77 -12.13 -26.08
N ALA K 281 46.54 -11.76 -27.10
CA ALA K 281 45.99 -11.57 -28.45
C ALA K 281 46.85 -12.11 -29.59
N THR K 282 46.21 -12.25 -30.74
CA THR K 282 46.83 -12.41 -32.06
C THR K 282 47.17 -13.84 -32.47
N GLN K 283 46.43 -14.34 -33.47
CA GLN K 283 46.63 -15.63 -34.09
C GLN K 283 46.42 -16.79 -33.16
N MET K 284 45.61 -16.60 -32.13
CA MET K 284 45.36 -17.66 -31.18
C MET K 284 44.67 -18.86 -31.86
N MET K 285 43.83 -18.60 -32.85
CA MET K 285 43.15 -19.68 -33.57
C MET K 285 43.11 -19.44 -35.07
N GLU K 286 44.21 -18.95 -35.60
CA GLU K 286 44.28 -18.47 -37.00
C GLU K 286 43.76 -19.47 -38.03
N SER K 287 44.02 -20.76 -37.85
CA SER K 287 43.58 -21.72 -38.82
C SER K 287 42.06 -21.71 -39.01
N MET K 288 41.33 -21.23 -38.01
CA MET K 288 39.86 -21.17 -38.09
C MET K 288 39.33 -20.07 -38.98
N ILE K 289 40.18 -19.22 -39.52
CA ILE K 289 39.79 -18.39 -40.63
C ILE K 289 39.20 -19.22 -41.76
N HIS K 290 39.84 -20.36 -42.07
CA HIS K 290 39.43 -21.21 -43.19
C HIS K 290 38.99 -22.61 -42.76
N SER K 291 38.95 -22.91 -41.47
CA SER K 291 38.60 -24.25 -41.03
C SER K 291 37.65 -24.20 -39.85
N PRO K 292 36.71 -25.15 -39.77
CA PRO K 292 35.77 -25.11 -38.65
C PRO K 292 36.28 -25.71 -37.34
N MET K 293 37.54 -26.14 -37.28
CA MET K 293 38.14 -26.61 -36.03
C MET K 293 39.57 -26.08 -35.92
N PRO K 294 40.03 -25.87 -34.68
CA PRO K 294 41.39 -25.41 -34.49
C PRO K 294 42.42 -26.55 -34.53
N THR K 295 43.67 -26.18 -34.74
CA THR K 295 44.78 -27.12 -34.64
C THR K 295 45.13 -27.37 -33.17
N ARG K 296 45.89 -28.41 -32.92
CA ARG K 296 46.33 -28.70 -31.54
C ARG K 296 47.24 -27.60 -31.01
N ALA K 297 48.02 -26.98 -31.86
CA ALA K 297 48.84 -25.86 -31.41
C ALA K 297 47.98 -24.71 -30.94
N GLU K 298 46.89 -24.46 -31.64
CA GLU K 298 45.97 -23.38 -31.27
C GLU K 298 45.27 -23.68 -29.95
N VAL K 299 44.82 -24.92 -29.78
CA VAL K 299 44.25 -25.32 -28.51
C VAL K 299 45.26 -25.11 -27.38
N SER K 300 46.49 -25.54 -27.60
CA SER K 300 47.54 -25.40 -26.60
C SER K 300 47.83 -23.94 -26.28
N ASP K 301 47.84 -23.09 -27.31
CA ASP K 301 48.16 -21.67 -27.12
C ASP K 301 47.15 -21.02 -26.19
N VAL K 302 45.87 -21.28 -26.44
CA VAL K 302 44.81 -20.69 -25.66
C VAL K 302 44.87 -21.22 -24.24
N ALA K 303 44.96 -22.53 -24.12
CA ALA K 303 44.98 -23.16 -22.81
C ALA K 303 46.14 -22.65 -21.97
N ASN K 304 47.30 -22.50 -22.59
CA ASN K 304 48.46 -22.01 -21.84
C ASN K 304 48.28 -20.59 -21.42
N ALA K 305 47.60 -19.78 -22.22
CA ALA K 305 47.29 -18.40 -21.80
C ALA K 305 46.37 -18.41 -20.57
N VAL K 306 45.44 -19.36 -20.54
CA VAL K 306 44.56 -19.49 -19.40
C VAL K 306 45.35 -19.90 -18.15
N LEU K 307 46.29 -20.82 -18.28
CA LEU K 307 47.14 -21.21 -17.15
C LEU K 307 48.11 -20.11 -16.75
N ASP K 308 48.56 -19.27 -17.70
CA ASP K 308 49.33 -18.06 -17.33
C ASP K 308 48.46 -17.07 -16.52
N TYR K 309 47.15 -17.31 -16.44
CA TYR K 309 46.19 -16.47 -15.72
C TYR K 309 45.92 -15.13 -16.40
N THR K 310 45.79 -15.16 -17.71
CA THR K 310 45.29 -14.02 -18.46
C THR K 310 43.82 -13.78 -18.09
N ASP K 311 43.39 -12.54 -18.18
CA ASP K 311 41.97 -12.23 -17.96
C ASP K 311 41.16 -12.63 -19.16
N ALA K 312 41.68 -12.33 -20.35
CA ALA K 312 40.95 -12.59 -21.56
C ALA K 312 41.86 -13.01 -22.69
N VAL K 313 41.26 -13.71 -23.63
CA VAL K 313 41.89 -14.10 -24.88
C VAL K 313 41.10 -13.46 -26.01
N MET K 314 41.78 -13.16 -27.10
CA MET K 314 41.20 -12.35 -28.17
C MET K 314 41.20 -13.10 -29.51
N LEU K 315 40.20 -12.79 -30.32
CA LEU K 315 40.12 -13.20 -31.72
C LEU K 315 40.20 -11.94 -32.58
N SER K 316 40.93 -12.00 -33.69
CA SER K 316 40.94 -10.85 -34.62
C SER K 316 40.34 -11.14 -35.99
N ALA K 317 41.05 -11.87 -36.86
CA ALA K 317 40.51 -12.14 -38.17
C ALA K 317 39.58 -13.33 -38.02
N GLU K 318 39.82 -14.20 -37.04
CA GLU K 318 39.01 -15.38 -36.86
C GLU K 318 37.53 -15.01 -36.74
N SER K 319 37.25 -13.91 -36.02
CA SER K 319 35.88 -13.46 -35.82
C SER K 319 35.46 -12.31 -36.75
N ALA K 320 36.41 -11.52 -37.23
CA ALA K 320 36.13 -10.34 -38.04
C ALA K 320 35.99 -10.63 -39.55
N ALA K 321 36.86 -11.48 -40.08
CA ALA K 321 36.90 -11.73 -41.53
C ALA K 321 36.73 -13.18 -41.96
N GLY K 322 36.81 -14.13 -41.04
CA GLY K 322 36.94 -15.54 -41.43
C GLY K 322 35.63 -16.20 -41.79
N GLU K 323 35.71 -17.45 -42.18
CA GLU K 323 34.54 -18.22 -42.56
C GLU K 323 33.78 -18.81 -41.40
N TYR K 324 34.35 -18.84 -40.19
CA TYR K 324 33.73 -19.56 -39.07
C TYR K 324 33.82 -18.76 -37.76
N PRO K 325 33.36 -17.51 -37.76
CA PRO K 325 33.46 -16.70 -36.54
C PRO K 325 32.74 -17.31 -35.33
N VAL K 326 31.57 -17.89 -35.52
CA VAL K 326 30.85 -18.43 -34.38
C VAL K 326 31.53 -19.68 -33.83
N GLU K 327 31.98 -20.53 -34.72
CA GLU K 327 32.65 -21.77 -34.31
C GLU K 327 33.98 -21.47 -33.59
N ALA K 328 34.66 -20.40 -34.00
CA ALA K 328 35.87 -19.98 -33.32
C ALA K 328 35.60 -19.59 -31.88
N VAL K 329 34.59 -18.77 -31.65
CA VAL K 329 34.22 -18.37 -30.29
C VAL K 329 33.85 -19.60 -29.47
N LYS K 330 33.03 -20.47 -30.03
CA LYS K 330 32.64 -21.70 -29.32
C LYS K 330 33.85 -22.52 -28.93
N ALA K 331 34.78 -22.70 -29.86
CA ALA K 331 35.97 -23.50 -29.61
C ALA K 331 36.83 -22.87 -28.53
N MET K 332 37.07 -21.58 -28.65
CA MET K 332 37.86 -20.86 -27.68
C MET K 332 37.24 -21.00 -26.28
N ALA K 333 35.93 -20.83 -26.19
CA ALA K 333 35.24 -20.94 -24.92
C ALA K 333 35.38 -22.34 -24.30
N ARG K 334 35.34 -23.36 -25.13
CA ARG K 334 35.44 -24.75 -24.67
C ARG K 334 36.84 -25.02 -24.12
N VAL K 335 37.86 -24.49 -24.78
CA VAL K 335 39.23 -24.71 -24.36
C VAL K 335 39.49 -24.00 -23.05
N CYS K 336 38.93 -22.81 -22.89
CA CYS K 336 39.05 -22.08 -21.62
C CYS K 336 38.45 -22.90 -20.48
N GLN K 337 37.26 -23.43 -20.67
CA GLN K 337 36.62 -24.23 -19.63
C GLN K 337 37.48 -25.40 -19.22
N GLY K 338 38.09 -26.05 -20.19
CA GLY K 338 38.92 -27.23 -19.91
C GLY K 338 40.16 -26.87 -19.11
N ALA K 339 40.85 -25.81 -19.52
CA ALA K 339 42.04 -25.38 -18.83
C ALA K 339 41.75 -24.91 -17.41
N GLU K 340 40.55 -24.39 -17.18
CA GLU K 340 40.17 -23.90 -15.84
C GLU K 340 39.98 -25.02 -14.81
N LYS K 341 39.80 -26.27 -15.26
CA LYS K 341 39.75 -27.42 -14.36
C LYS K 341 41.10 -27.79 -13.76
N HIS K 342 42.19 -27.35 -14.37
CA HIS K 342 43.54 -27.64 -13.85
C HIS K 342 43.67 -27.17 -12.40
N PRO K 343 44.39 -27.95 -11.56
CA PRO K 343 44.59 -27.53 -10.16
C PRO K 343 45.29 -26.18 -9.96
N THR K 344 46.20 -25.78 -10.84
CA THR K 344 46.86 -24.48 -10.72
C THR K 344 45.94 -23.27 -10.97
N SER K 345 44.79 -23.49 -11.61
CA SER K 345 43.82 -22.39 -11.86
C SER K 345 43.06 -21.94 -10.60
N GLN K 346 43.05 -22.76 -9.55
CA GLN K 346 42.23 -22.51 -8.36
C GLN K 346 43.01 -22.30 -7.06
N LYS K 347 44.32 -22.55 -7.05
CA LYS K 347 45.14 -22.47 -5.83
C LYS K 347 46.01 -21.21 -5.88
N SER K 348 46.03 -20.47 -4.77
CA SER K 348 46.73 -19.20 -4.66
C SER K 348 47.64 -19.21 -3.43
N SER K 349 48.75 -18.47 -3.54
CA SER K 349 49.60 -18.15 -2.37
C SER K 349 49.06 -16.95 -1.54
N HIS K 350 48.06 -16.24 -2.07
CA HIS K 350 47.37 -15.16 -1.39
C HIS K 350 48.24 -13.97 -0.98
N ARG K 351 49.27 -13.73 -1.77
CA ARG K 351 50.21 -12.65 -1.56
C ARG K 351 50.84 -12.65 -0.15
N LEU K 352 51.07 -13.86 0.39
CA LEU K 352 51.72 -14.02 1.70
C LEU K 352 53.05 -13.31 1.76
N GLY K 353 53.31 -12.66 2.89
CA GLY K 353 54.52 -11.90 3.12
C GLY K 353 54.51 -10.49 2.56
N GLN K 354 53.51 -10.13 1.75
CA GLN K 354 53.50 -8.82 1.11
C GLN K 354 52.81 -7.77 1.99
N THR K 355 52.90 -6.51 1.56
CA THR K 355 52.35 -5.39 2.29
C THR K 355 51.19 -4.80 1.52
N PHE K 356 50.05 -4.67 2.17
CA PHE K 356 48.87 -4.06 1.54
C PHE K 356 48.89 -2.55 1.76
N ASP K 357 48.29 -1.81 0.83
CA ASP K 357 48.27 -0.36 0.93
C ASP K 357 46.96 0.19 1.44
N ARG K 358 45.85 -0.39 0.96
CA ARG K 358 44.55 0.22 1.17
C ARG K 358 43.65 -0.72 1.94
N CYS K 359 42.57 -0.14 2.44
CA CYS K 359 41.58 -0.86 3.18
C CYS K 359 40.68 -1.70 2.28
N ASP K 360 40.24 -1.13 1.16
CA ASP K 360 39.34 -1.87 0.26
C ASP K 360 40.07 -3.02 -0.41
N GLU K 361 41.35 -2.78 -0.76
CA GLU K 361 42.26 -3.85 -1.18
C GLU K 361 42.23 -4.98 -0.17
N SER K 362 42.34 -4.64 1.12
CA SER K 362 42.39 -5.65 2.19
C SER K 362 41.16 -6.52 2.28
N ILE K 363 39.99 -5.92 2.11
CA ILE K 363 38.75 -6.68 2.17
C ILE K 363 38.64 -7.61 0.96
N ALA K 364 39.06 -7.13 -0.19
CA ALA K 364 39.07 -8.00 -1.38
C ALA K 364 39.96 -9.20 -1.16
N LEU K 365 41.19 -8.95 -0.74
CA LEU K 365 42.14 -10.05 -0.50
C LEU K 365 41.63 -10.99 0.58
N ALA K 366 41.05 -10.43 1.64
CA ALA K 366 40.55 -11.24 2.73
C ALA K 366 39.41 -12.15 2.29
N SER K 367 38.61 -11.68 1.35
CA SER K 367 37.51 -12.48 0.82
C SER K 367 38.00 -13.63 -0.02
N MET K 368 38.99 -13.36 -0.87
CA MET K 368 39.54 -14.46 -1.68
C MET K 368 40.21 -15.50 -0.81
N TYR K 369 40.95 -15.07 0.22
CA TYR K 369 41.48 -15.99 1.21
C TYR K 369 40.38 -16.82 1.84
N THR K 370 39.33 -16.16 2.31
CA THR K 370 38.27 -16.88 2.98
C THR K 370 37.59 -17.88 2.05
N ALA K 371 37.26 -17.43 0.84
CA ALA K 371 36.55 -18.29 -0.11
C ALA K 371 37.37 -19.48 -0.55
N ASN K 372 38.67 -19.27 -0.76
CA ASN K 372 39.54 -20.36 -1.15
C ASN K 372 39.73 -21.42 -0.08
N HIS K 373 39.42 -21.13 1.18
CA HIS K 373 39.61 -22.10 2.26
C HIS K 373 38.35 -22.65 2.89
N PHE K 374 37.23 -21.93 2.83
CA PHE K 374 35.97 -22.43 3.37
C PHE K 374 35.12 -22.86 2.14
N PRO K 375 35.17 -24.15 1.79
CA PRO K 375 34.57 -24.59 0.53
C PRO K 375 33.03 -24.54 0.51
N GLY K 376 32.39 -24.40 1.68
CA GLY K 376 30.98 -24.11 1.76
C GLY K 376 30.57 -22.83 1.06
N ILE K 377 31.51 -21.91 0.86
CA ILE K 377 31.25 -20.68 0.13
C ILE K 377 31.14 -20.95 -1.35
N LYS K 378 30.01 -20.59 -1.94
CA LYS K 378 29.73 -20.87 -3.34
C LYS K 378 29.70 -19.63 -4.20
N ALA K 379 29.78 -18.45 -3.59
CA ALA K 379 29.81 -17.22 -4.37
C ALA K 379 30.24 -16.03 -3.53
N ILE K 380 30.66 -14.98 -4.19
CA ILE K 380 31.01 -13.73 -3.55
C ILE K 380 30.10 -12.64 -4.13
N ILE K 381 29.31 -12.01 -3.26
CA ILE K 381 28.45 -10.90 -3.59
C ILE K 381 29.24 -9.64 -3.28
N CYS K 382 29.72 -8.98 -4.32
CA CYS K 382 30.51 -7.78 -4.14
C CYS K 382 29.70 -6.57 -4.59
N LEU K 383 29.19 -5.81 -3.62
CA LEU K 383 28.48 -4.58 -3.93
C LEU K 383 29.51 -3.55 -4.28
N THR K 384 29.46 -3.06 -5.52
CA THR K 384 30.49 -2.16 -6.01
C THR K 384 29.88 -1.05 -6.85
N GLU K 385 30.50 0.12 -6.77
CA GLU K 385 30.08 1.30 -7.48
C GLU K 385 30.76 1.34 -8.85
N SER K 386 32.09 1.23 -8.86
CA SER K 386 32.89 1.41 -10.07
C SER K 386 33.52 0.12 -10.56
N GLY K 387 33.37 -0.99 -9.83
CA GLY K 387 34.03 -2.24 -10.17
C GLY K 387 35.43 -2.43 -9.63
N PHE K 388 35.95 -1.47 -8.87
CA PHE K 388 37.29 -1.58 -8.32
C PHE K 388 37.47 -2.76 -7.35
N THR K 389 36.51 -2.96 -6.47
CA THR K 389 36.64 -4.03 -5.51
C THR K 389 36.74 -5.41 -6.19
N PRO K 390 35.85 -5.74 -7.14
CA PRO K 390 36.00 -7.04 -7.81
C PRO K 390 37.20 -7.11 -8.77
N LEU K 391 37.73 -5.98 -9.20
CA LEU K 391 39.00 -5.99 -9.90
C LEU K 391 40.09 -6.62 -9.03
N ILE K 392 40.18 -6.17 -7.77
CA ILE K 392 41.19 -6.70 -6.85
C ILE K 392 40.89 -8.16 -6.54
N MET K 393 39.66 -8.50 -6.25
CA MET K 393 39.32 -9.89 -5.96
C MET K 393 39.83 -10.81 -7.08
N SER K 394 39.65 -10.39 -8.33
CA SER K 394 39.90 -11.26 -9.46
C SER K 394 41.39 -11.33 -9.84
N ARG K 395 42.25 -10.54 -9.20
CA ARG K 395 43.69 -10.74 -9.31
C ARG K 395 44.19 -12.00 -8.58
N ILE K 396 43.38 -12.60 -7.75
CA ILE K 396 43.79 -13.74 -6.95
C ILE K 396 43.28 -15.01 -7.58
N ARG K 397 44.15 -16.00 -7.72
CA ARG K 397 43.73 -17.26 -8.32
C ARG K 397 42.64 -17.86 -7.47
N SER K 398 41.56 -18.27 -8.12
CA SER K 398 40.46 -18.93 -7.45
C SER K 398 39.54 -19.55 -8.48
N SER K 399 38.65 -20.42 -8.03
CA SER K 399 37.54 -20.85 -8.86
C SER K 399 36.15 -20.41 -8.32
N VAL K 400 36.11 -19.57 -7.30
CA VAL K 400 34.86 -19.12 -6.73
C VAL K 400 34.24 -18.00 -7.61
N PRO K 401 32.96 -18.08 -7.92
CA PRO K 401 32.33 -17.00 -8.72
C PRO K 401 32.28 -15.67 -8.01
N ILE K 402 32.75 -14.64 -8.66
CA ILE K 402 32.70 -13.27 -8.15
C ILE K 402 31.57 -12.53 -8.88
N TYR K 403 30.57 -12.08 -8.13
CA TYR K 403 29.46 -11.31 -8.70
C TYR K 403 29.58 -9.84 -8.36
N ALA K 404 29.71 -9.01 -9.40
CA ALA K 404 29.75 -7.55 -9.23
C ALA K 404 28.31 -7.01 -9.30
N TYR K 405 27.80 -6.62 -8.12
CA TYR K 405 26.49 -5.99 -7.96
C TYR K 405 26.68 -4.49 -8.12
N SER K 406 26.07 -3.93 -9.17
CA SER K 406 26.19 -2.50 -9.40
C SER K 406 24.92 -1.97 -10.04
N PRO K 407 24.56 -0.73 -9.74
CA PRO K 407 23.43 -0.12 -10.42
C PRO K 407 23.84 0.50 -11.76
N HIS K 408 25.11 0.87 -11.92
CA HIS K 408 25.54 1.56 -13.11
C HIS K 408 25.81 0.70 -14.33
N ARG K 409 25.48 1.18 -15.50
CA ARG K 409 25.74 0.47 -16.75
C ARG K 409 27.24 0.44 -17.06
N GLU K 410 27.91 1.59 -16.84
CA GLU K 410 29.34 1.72 -17.03
C GLU K 410 30.08 0.56 -16.30
N THR K 411 29.68 0.31 -15.06
CA THR K 411 30.30 -0.72 -14.26
C THR K 411 29.86 -2.11 -14.70
N GLN K 412 28.58 -2.27 -14.98
CA GLN K 412 28.05 -3.57 -15.42
C GLN K 412 28.80 -4.11 -16.65
N ALA K 413 29.23 -3.21 -17.54
CA ALA K 413 29.97 -3.59 -18.73
C ALA K 413 31.45 -3.75 -18.46
N ARG K 414 32.02 -2.83 -17.70
CA ARG K 414 33.45 -2.85 -17.39
C ARG K 414 33.91 -4.24 -16.93
N VAL K 415 33.18 -4.80 -15.98
CA VAL K 415 33.64 -6.04 -15.36
C VAL K 415 33.52 -7.24 -16.30
N ALA K 416 32.92 -7.06 -17.47
CA ALA K 416 32.85 -8.15 -18.44
C ALA K 416 34.22 -8.68 -18.87
N MET K 417 35.23 -7.83 -18.82
CA MET K 417 36.58 -8.25 -19.12
C MET K 417 37.36 -8.83 -17.92
N PHE K 418 36.80 -8.82 -16.72
CA PHE K 418 37.50 -9.31 -15.52
C PHE K 418 37.34 -10.80 -15.41
N ARG K 419 38.45 -11.53 -15.28
CA ARG K 419 38.35 -12.98 -15.17
C ARG K 419 37.54 -13.39 -13.93
N GLY K 420 36.57 -14.26 -14.15
CA GLY K 420 35.78 -14.85 -13.07
C GLY K 420 34.65 -13.99 -12.53
N VAL K 421 34.44 -12.80 -13.07
CA VAL K 421 33.44 -11.87 -12.57
C VAL K 421 32.20 -11.84 -13.46
N GLU K 422 31.04 -11.94 -12.87
CA GLU K 422 29.75 -11.81 -13.56
C GLU K 422 29.01 -10.60 -13.02
N THR K 423 28.26 -9.92 -13.88
CA THR K 423 27.47 -8.77 -13.46
C THR K 423 26.10 -9.18 -12.97
N ILE K 424 25.69 -8.60 -11.86
CA ILE K 424 24.32 -8.67 -11.38
C ILE K 424 23.81 -7.24 -11.17
N PRO K 425 22.90 -6.76 -12.02
CA PRO K 425 22.40 -5.39 -11.82
C PRO K 425 21.60 -5.30 -10.52
N PHE K 426 21.87 -4.25 -9.75
CA PHE K 426 21.39 -4.17 -8.37
C PHE K 426 21.65 -2.78 -7.83
N ASP K 427 20.64 -2.23 -7.14
CA ASP K 427 20.71 -0.90 -6.57
C ASP K 427 20.41 -0.97 -5.07
N PRO K 428 21.45 -1.06 -4.23
CA PRO K 428 21.19 -1.18 -2.81
C PRO K 428 20.60 0.11 -2.18
N ALA K 429 20.99 1.30 -2.69
CA ALA K 429 20.51 2.57 -2.14
C ALA K 429 18.97 2.73 -2.22
N ALA K 430 18.37 2.12 -3.23
CA ALA K 430 16.91 2.19 -3.42
C ALA K 430 16.17 1.09 -2.68
N LEU K 431 16.75 0.56 -1.59
CA LEU K 431 16.09 -0.45 -0.79
C LEU K 431 16.15 -0.07 0.69
N PRO K 432 15.22 -0.60 1.49
CA PRO K 432 15.38 -0.48 2.95
C PRO K 432 16.65 -1.21 3.43
N ALA K 433 17.56 -0.46 4.04
CA ALA K 433 18.87 -0.98 4.44
C ALA K 433 18.84 -2.41 5.00
N GLU K 434 17.88 -2.73 5.87
CA GLU K 434 17.84 -4.04 6.50
C GLU K 434 17.49 -5.18 5.54
N LYS K 435 16.97 -4.86 4.35
CA LYS K 435 16.59 -5.87 3.37
C LYS K 435 17.62 -6.15 2.26
N VAL K 436 18.69 -5.34 2.21
CA VAL K 436 19.71 -5.47 1.16
C VAL K 436 20.33 -6.87 1.08
N SER K 437 20.80 -7.41 2.19
CA SER K 437 21.46 -8.71 2.17
C SER K 437 20.59 -9.79 1.56
N GLN K 438 19.35 -9.92 2.02
CA GLN K 438 18.50 -10.98 1.48
C GLN K 438 18.09 -10.70 0.04
N ALA K 439 18.04 -9.42 -0.32
CA ALA K 439 17.73 -9.04 -1.69
C ALA K 439 18.84 -9.52 -2.64
N ALA K 440 20.09 -9.26 -2.25
CA ALA K 440 21.24 -9.74 -3.00
C ALA K 440 21.28 -11.27 -3.08
N VAL K 441 21.03 -11.93 -1.98
CA VAL K 441 21.01 -13.39 -2.01
C VAL K 441 19.89 -13.91 -2.91
N ASP K 442 18.78 -13.16 -2.98
CA ASP K 442 17.67 -13.58 -3.84
C ASP K 442 18.07 -13.64 -5.31
N GLU K 443 18.83 -12.63 -5.75
CA GLU K 443 19.33 -12.58 -7.12
C GLU K 443 20.10 -13.85 -7.51
N LEU K 444 20.85 -14.43 -6.59
CA LEU K 444 21.55 -15.66 -6.89
C LEU K 444 20.63 -16.89 -6.81
N LEU K 445 19.68 -16.86 -5.89
CA LEU K 445 18.68 -17.93 -5.83
C LEU K 445 17.82 -18.00 -7.10
N LYS K 446 17.40 -16.83 -7.61
CA LYS K 446 16.68 -16.76 -8.89
C LYS K 446 17.43 -17.51 -9.99
N ARG K 447 18.74 -17.29 -10.06
CA ARG K 447 19.54 -17.83 -11.15
C ARG K 447 20.02 -19.24 -10.90
N GLY K 448 19.70 -19.81 -9.73
CA GLY K 448 20.09 -21.18 -9.44
C GLY K 448 21.57 -21.37 -9.16
N VAL K 449 22.29 -20.29 -8.85
CA VAL K 449 23.72 -20.35 -8.51
C VAL K 449 23.93 -20.89 -7.10
N VAL K 450 23.02 -20.58 -6.19
CA VAL K 450 23.11 -21.05 -4.83
C VAL K 450 21.76 -21.59 -4.37
N THR K 451 21.79 -22.49 -3.41
CA THR K 451 20.56 -23.03 -2.81
C THR K 451 20.62 -22.90 -1.29
N LYS K 452 19.52 -23.22 -0.64
CA LYS K 452 19.48 -23.20 0.82
C LYS K 452 20.52 -24.16 1.36
N GLY K 453 21.33 -23.71 2.31
CA GLY K 453 22.41 -24.52 2.88
C GLY K 453 23.80 -24.10 2.44
N ASP K 454 23.90 -23.53 1.25
CA ASP K 454 25.16 -22.94 0.81
C ASP K 454 25.49 -21.67 1.60
N TRP K 455 26.77 -21.33 1.62
CA TRP K 455 27.24 -20.09 2.23
C TRP K 455 27.71 -19.12 1.16
N VAL K 456 27.86 -17.87 1.54
CA VAL K 456 28.18 -16.80 0.61
C VAL K 456 28.95 -15.71 1.32
N ILE K 457 29.72 -14.96 0.58
CA ILE K 457 30.44 -13.81 1.12
C ILE K 457 29.80 -12.55 0.55
N LEU K 458 29.54 -11.57 1.40
CA LEU K 458 29.08 -10.28 0.94
C LEU K 458 30.07 -9.23 1.37
N THR K 459 30.43 -8.34 0.46
CA THR K 459 31.29 -7.21 0.78
C THR K 459 30.61 -5.93 0.43
N LYS K 460 30.88 -4.89 1.21
CA LYS K 460 30.29 -3.58 1.00
C LYS K 460 31.03 -2.57 1.85
N GLY K 461 30.57 -1.33 1.78
CA GLY K 461 31.05 -0.24 2.63
C GLY K 461 29.90 0.27 3.48
N ASP K 462 30.09 1.45 4.08
CA ASP K 462 29.10 1.96 5.04
C ASP K 462 27.91 2.61 4.35
N SER K 463 28.18 3.55 3.44
CA SER K 463 27.13 4.17 2.63
C SER K 463 26.92 3.38 1.34
N TYR K 464 25.88 3.74 0.60
CA TYR K 464 25.64 3.16 -0.72
C TYR K 464 25.73 4.22 -1.83
N THR K 465 26.46 5.30 -1.58
CA THR K 465 26.57 6.43 -2.49
C THR K 465 28.01 6.71 -2.93
N ALA K 466 28.95 6.72 -1.99
CA ALA K 466 30.37 7.01 -2.28
C ALA K 466 31.08 5.77 -2.86
N GLN K 467 32.18 6.01 -3.55
CA GLN K 467 33.02 4.94 -4.08
C GLN K 467 34.32 4.91 -3.31
N GLY K 468 35.05 3.78 -3.40
CA GLY K 468 36.33 3.61 -2.73
C GLY K 468 36.26 3.34 -1.22
N GLY K 469 35.08 3.00 -0.68
CA GLY K 469 34.93 2.74 0.73
C GLY K 469 34.50 1.34 1.10
N THR K 470 34.83 0.31 0.31
CA THR K 470 34.56 -1.07 0.74
C THR K 470 35.36 -1.32 2.02
N ASN K 471 34.67 -1.75 3.07
CA ASN K 471 35.34 -2.00 4.35
C ASN K 471 34.73 -3.14 5.17
N THR K 472 33.87 -3.96 4.60
CA THR K 472 33.15 -4.95 5.38
C THR K 472 33.08 -6.25 4.63
N MET K 473 33.18 -7.36 5.36
CA MET K 473 33.07 -8.68 4.78
C MET K 473 32.16 -9.47 5.68
N LYS K 474 31.11 -10.07 5.13
CA LYS K 474 30.19 -10.89 5.89
C LYS K 474 30.15 -12.27 5.27
N VAL K 475 29.98 -13.28 6.10
CA VAL K 475 29.80 -14.64 5.63
C VAL K 475 28.40 -15.07 6.07
N LEU K 476 27.55 -15.35 5.09
CA LEU K 476 26.13 -15.55 5.31
C LEU K 476 25.69 -16.92 4.87
N HIS K 477 24.74 -17.49 5.63
CA HIS K 477 24.23 -18.84 5.35
C HIS K 477 22.89 -18.67 4.64
N VAL K 478 22.80 -19.20 3.42
CA VAL K 478 21.62 -19.05 2.59
C VAL K 478 20.51 -19.92 3.20
N GLY K 479 19.45 -19.24 3.64
CA GLY K 479 18.39 -19.84 4.43
C GLY K 479 18.14 -19.14 5.75
N ASP K 480 19.17 -18.54 6.33
CA ASP K 480 19.00 -17.85 7.61
C ASP K 480 18.31 -16.51 7.43
N LEU K 481 17.92 -15.91 8.55
CA LEU K 481 17.38 -14.56 8.56
C LEU K 481 18.54 -13.59 8.46
N LEU K 482 18.66 -12.89 7.36
CA LEU K 482 19.80 -12.01 7.11
C LEU K 482 19.38 -10.58 7.47
N VAL K 483 20.17 -9.93 8.31
CA VAL K 483 19.94 -8.51 8.56
C VAL K 483 20.50 -7.73 7.35
N MET L 1 60.00 -2.07 23.54
CA MET L 1 59.35 -3.43 23.47
C MET L 1 57.80 -3.28 23.55
N SER L 2 57.10 -4.24 22.96
CA SER L 2 55.65 -4.29 22.96
C SER L 2 55.11 -5.01 24.22
N VAL L 3 53.81 -4.88 24.41
CA VAL L 3 53.16 -5.58 25.47
C VAL L 3 53.34 -7.09 25.31
N ARG L 4 53.74 -7.73 26.40
CA ARG L 4 53.91 -9.17 26.43
C ARG L 4 52.66 -9.91 25.98
N ARG L 5 52.85 -10.92 25.17
CA ARG L 5 51.77 -11.76 24.67
C ARG L 5 51.65 -13.09 25.36
N THR L 6 52.76 -13.70 25.72
CA THR L 6 52.74 -15.02 26.36
C THR L 6 52.28 -14.84 27.81
N LYS L 7 51.42 -15.73 28.26
CA LYS L 7 50.78 -15.56 29.56
C LYS L 7 51.51 -16.34 30.64
N ILE L 8 51.41 -15.86 31.87
CA ILE L 8 52.14 -16.41 33.01
C ILE L 8 51.17 -17.01 34.03
N VAL L 9 51.33 -18.29 34.32
CA VAL L 9 50.59 -18.96 35.37
C VAL L 9 51.48 -19.07 36.60
N ALA L 10 51.00 -18.57 37.73
CA ALA L 10 51.77 -18.57 38.98
C ALA L 10 51.01 -19.39 40.01
N THR L 11 51.67 -20.42 40.54
CA THR L 11 51.08 -21.23 41.59
C THR L 11 51.19 -20.48 42.92
N LEU L 12 50.11 -20.50 43.69
CA LEU L 12 50.10 -19.87 45.00
C LEU L 12 50.45 -20.83 46.11
N GLY L 13 51.01 -20.25 47.19
CA GLY L 13 51.37 -21.05 48.35
C GLY L 13 51.86 -20.17 49.50
N PRO L 14 52.48 -20.79 50.50
CA PRO L 14 52.98 -20.07 51.67
C PRO L 14 53.77 -18.80 51.37
N ALA L 15 54.59 -18.81 50.32
CA ALA L 15 55.39 -17.62 49.98
C ALA L 15 54.58 -16.52 49.31
N SER L 16 53.37 -16.85 48.87
CA SER L 16 52.54 -15.92 48.11
C SER L 16 51.10 -15.96 48.64
N ASN L 17 51.00 -15.83 49.96
CA ASN L 17 49.71 -15.96 50.63
C ASN L 17 49.19 -14.64 51.14
N SER L 18 50.08 -13.70 51.45
CA SER L 18 49.68 -12.42 52.01
C SER L 18 49.16 -11.46 50.97
N PRO L 19 48.34 -10.50 51.38
CA PRO L 19 47.92 -9.44 50.44
C PRO L 19 49.07 -8.61 49.87
N GLU L 20 50.14 -8.41 50.62
CA GLU L 20 51.25 -7.60 50.10
C GLU L 20 51.95 -8.30 48.92
N VAL L 21 52.13 -9.61 49.01
CA VAL L 21 52.84 -10.32 47.97
C VAL L 21 51.93 -10.52 46.76
N LEU L 22 50.68 -10.90 47.01
CA LEU L 22 49.72 -11.02 45.91
C LEU L 22 49.57 -9.73 45.14
N GLU L 23 49.47 -8.62 45.83
CA GLU L 23 49.42 -7.34 45.12
C GLU L 23 50.67 -7.18 44.22
N GLN L 24 51.83 -7.52 44.74
CA GLN L 24 53.07 -7.40 43.97
C GLN L 24 53.11 -8.35 42.75
N LEU L 25 52.56 -9.55 42.90
CA LEU L 25 52.45 -10.50 41.81
C LEU L 25 51.50 -10.00 40.71
N ILE L 26 50.37 -9.44 41.12
CA ILE L 26 49.42 -8.83 40.20
C ILE L 26 50.12 -7.72 39.42
N LEU L 27 50.85 -6.86 40.12
CA LEU L 27 51.54 -5.76 39.44
C LEU L 27 52.69 -6.25 38.58
N ALA L 28 53.30 -7.38 38.94
CA ALA L 28 54.39 -7.91 38.14
C ALA L 28 53.90 -8.57 36.85
N GLY L 29 52.60 -8.86 36.78
CA GLY L 29 51.95 -9.27 35.56
C GLY L 29 51.38 -10.66 35.51
N ILE L 30 51.11 -11.33 36.63
CA ILE L 30 50.56 -12.68 36.50
C ILE L 30 49.21 -12.64 35.79
N ASP L 31 48.98 -13.62 34.95
CA ASP L 31 47.72 -13.70 34.22
C ASP L 31 46.80 -14.80 34.76
N VAL L 32 47.36 -15.79 35.45
CA VAL L 32 46.57 -16.90 36.01
C VAL L 32 47.18 -17.32 37.33
N ALA L 33 46.34 -17.50 38.35
CA ALA L 33 46.77 -18.02 39.63
C ALA L 33 46.32 -19.47 39.71
N ARG L 34 47.26 -20.36 40.02
CA ARG L 34 46.97 -21.79 40.12
C ARG L 34 46.85 -22.16 41.59
N LEU L 35 45.77 -22.85 41.93
CA LEU L 35 45.51 -23.28 43.29
C LEU L 35 45.67 -24.78 43.26
N ASN L 36 46.74 -25.26 43.89
CA ASN L 36 47.08 -26.67 43.83
C ASN L 36 46.35 -27.37 44.96
N PHE L 37 45.36 -28.19 44.64
CA PHE L 37 44.59 -28.87 45.67
C PHE L 37 45.35 -29.96 46.41
N SER L 38 46.51 -30.36 45.91
CA SER L 38 47.37 -31.28 46.67
C SER L 38 47.73 -30.78 48.06
N HIS L 39 47.79 -29.47 48.26
CA HIS L 39 48.11 -28.89 49.56
C HIS L 39 47.06 -27.82 49.92
N GLY L 40 47.05 -27.46 51.19
CA GLY L 40 46.20 -26.40 51.69
C GLY L 40 44.78 -26.88 52.03
N THR L 41 44.11 -26.05 52.82
CA THR L 41 42.75 -26.26 53.25
C THR L 41 41.79 -25.53 52.33
N PRO L 42 40.56 -26.03 52.22
CA PRO L 42 39.55 -25.32 51.42
C PRO L 42 39.47 -23.80 51.73
N ASP L 43 39.58 -23.40 52.98
CA ASP L 43 39.46 -22.02 53.35
C ASP L 43 40.70 -21.21 52.95
N GLU L 44 41.87 -21.84 52.98
CA GLU L 44 43.09 -21.19 52.48
C GLU L 44 42.96 -20.86 51.01
N HIS L 45 42.37 -21.77 50.23
CA HIS L 45 42.17 -21.50 48.81
C HIS L 45 41.13 -20.38 48.62
N ARG L 46 40.02 -20.47 49.31
CA ARG L 46 38.99 -19.43 49.23
C ARG L 46 39.51 -18.06 49.54
N ALA L 47 40.34 -17.97 50.56
CA ALA L 47 40.89 -16.66 50.96
C ALA L 47 41.77 -16.09 49.87
N ARG L 48 42.65 -16.94 49.34
CA ARG L 48 43.52 -16.54 48.23
C ARG L 48 42.72 -16.19 46.97
N ALA L 49 41.73 -17.00 46.65
CA ALA L 49 40.89 -16.78 45.47
C ALA L 49 40.23 -15.40 45.53
N ARG L 50 39.65 -15.09 46.68
CA ARG L 50 38.99 -13.80 46.86
C ARG L 50 39.98 -12.66 46.76
N LEU L 51 41.16 -12.87 47.31
CA LEU L 51 42.16 -11.81 47.40
C LEU L 51 42.74 -11.48 46.02
N VAL L 52 42.97 -12.51 45.19
CA VAL L 52 43.52 -12.26 43.88
C VAL L 52 42.50 -11.52 43.03
N ARG L 53 41.26 -11.95 43.08
CA ARG L 53 40.21 -11.28 42.30
C ARG L 53 40.01 -9.84 42.72
N GLU L 54 40.08 -9.57 44.02
CA GLU L 54 39.95 -8.23 44.56
C GLU L 54 41.11 -7.34 44.09
N LEU L 55 42.32 -7.85 44.27
CA LEU L 55 43.50 -7.09 43.91
C LEU L 55 43.68 -6.91 42.41
N ALA L 56 43.27 -7.91 41.63
CA ALA L 56 43.26 -7.75 40.17
C ALA L 56 42.33 -6.59 39.78
N ALA L 57 41.09 -6.65 40.25
CA ALA L 57 40.13 -5.57 39.98
C ALA L 57 40.65 -4.21 40.43
N LYS L 58 41.29 -4.17 41.60
CA LYS L 58 41.87 -2.93 42.09
C LYS L 58 42.83 -2.30 41.07
N HIS L 59 43.55 -3.12 40.31
CA HIS L 59 44.52 -2.62 39.33
C HIS L 59 44.12 -2.83 37.88
N GLY L 60 42.85 -3.06 37.63
CA GLY L 60 42.35 -3.15 36.24
C GLY L 60 42.95 -4.27 35.45
N ARG L 61 43.12 -5.41 36.10
CA ARG L 61 43.70 -6.59 35.50
C ARG L 61 42.71 -7.73 35.58
N PHE L 62 42.87 -8.69 34.68
CA PHE L 62 41.98 -9.82 34.58
C PHE L 62 42.79 -11.07 34.75
N VAL L 63 42.70 -11.64 35.95
CA VAL L 63 43.45 -12.84 36.31
C VAL L 63 42.50 -14.02 36.46
N ALA L 64 42.75 -15.07 35.71
CA ALA L 64 41.97 -16.30 35.85
C ALA L 64 42.42 -17.07 37.07
N LEU L 65 41.55 -17.97 37.53
CA LEU L 65 41.87 -18.89 38.60
C LEU L 65 41.78 -20.30 38.05
N LEU L 66 42.86 -21.04 38.25
CA LEU L 66 42.96 -22.42 37.82
C LEU L 66 43.08 -23.27 39.05
N GLY L 67 42.25 -24.32 39.12
CA GLY L 67 42.25 -25.26 40.24
C GLY L 67 42.80 -26.58 39.75
N ASP L 68 43.84 -27.06 40.41
CA ASP L 68 44.58 -28.23 39.97
C ASP L 68 44.23 -29.41 40.88
N LEU L 69 43.53 -30.39 40.32
CA LEU L 69 43.16 -31.61 41.06
C LEU L 69 44.37 -32.48 41.36
N GLN L 70 44.44 -33.03 42.55
CA GLN L 70 45.60 -33.81 42.97
C GLN L 70 45.80 -35.06 42.15
N GLY L 71 44.74 -35.76 41.89
CA GLY L 71 44.83 -37.03 41.12
C GLY L 71 45.38 -38.18 41.99
N PRO L 72 45.63 -39.32 41.35
CA PRO L 72 46.03 -40.54 42.01
C PRO L 72 47.52 -40.70 42.31
N LYS L 73 47.93 -39.99 43.32
CA LYS L 73 49.40 -39.97 43.66
C LYS L 73 49.74 -41.12 44.60
N ILE L 74 50.70 -41.94 44.26
CA ILE L 74 51.13 -43.02 45.14
C ILE L 74 52.29 -42.56 45.99
N ARG L 75 52.15 -42.66 47.33
CA ARG L 75 53.23 -42.29 48.22
C ARG L 75 53.66 -43.41 49.13
N ILE L 76 54.88 -43.31 49.64
CA ILE L 76 55.35 -44.19 50.71
C ILE L 76 54.78 -43.75 52.06
N ALA L 77 54.97 -44.59 53.06
CA ALA L 77 54.50 -44.34 54.43
C ALA L 77 55.54 -43.52 55.23
N LYS L 78 55.40 -43.48 56.55
CA LYS L 78 56.29 -42.73 57.41
C LYS L 78 57.51 -43.53 57.88
N PHE L 79 58.53 -42.79 58.28
CA PHE L 79 59.74 -43.33 58.91
C PHE L 79 59.73 -43.07 60.41
N ALA L 80 60.47 -43.92 61.15
CA ALA L 80 60.61 -43.76 62.60
C ALA L 80 61.29 -42.45 62.96
N ASN L 81 62.45 -42.22 62.41
CA ASN L 81 63.02 -40.89 62.50
C ASN L 81 62.30 -40.09 61.38
N LYS L 82 62.47 -38.78 61.33
CA LYS L 82 61.74 -38.03 60.31
C LYS L 82 62.15 -38.45 58.90
N ARG L 83 63.46 -38.64 58.70
CA ARG L 83 64.03 -38.96 57.39
C ARG L 83 65.24 -39.88 57.41
N ILE L 84 65.65 -40.36 56.24
CA ILE L 84 66.80 -41.22 56.15
C ILE L 84 67.63 -40.79 54.92
N GLU L 85 68.86 -41.27 54.86
CA GLU L 85 69.76 -40.96 53.74
C GLU L 85 70.26 -42.28 53.15
N LEU L 86 70.22 -42.37 51.82
CA LEU L 86 70.63 -43.58 51.13
C LEU L 86 71.73 -43.28 50.14
N GLN L 87 72.65 -44.25 50.02
CA GLN L 87 73.85 -44.12 49.19
C GLN L 87 73.78 -45.11 48.03
N VAL L 88 74.50 -44.77 46.97
CA VAL L 88 74.45 -45.60 45.77
C VAL L 88 74.85 -47.02 46.11
N GLY L 89 74.11 -48.01 45.64
CA GLY L 89 74.45 -49.42 45.94
C GLY L 89 73.75 -50.01 47.16
N ASP L 90 73.20 -49.14 48.03
CA ASP L 90 72.44 -49.62 49.20
C ASP L 90 71.22 -50.42 48.76
N LYS L 91 70.80 -51.32 49.65
CA LYS L 91 69.60 -52.11 49.47
C LYS L 91 68.47 -51.55 50.28
N PHE L 92 67.26 -51.64 49.77
CA PHE L 92 66.09 -51.03 50.40
C PHE L 92 64.83 -51.74 49.95
N ARG L 93 63.82 -51.74 50.81
CA ARG L 93 62.59 -52.47 50.58
C ARG L 93 61.34 -51.66 50.76
N PHE L 94 60.37 -51.92 49.91
CA PHE L 94 59.03 -51.36 50.01
C PHE L 94 58.07 -52.49 50.34
N SER L 95 57.39 -52.41 51.48
CA SER L 95 56.53 -53.50 51.96
C SER L 95 55.13 -53.06 52.25
N THR L 96 54.17 -53.86 51.73
CA THR L 96 52.76 -53.63 52.00
C THR L 96 52.42 -53.94 53.48
N SER L 97 53.20 -54.80 54.11
CA SER L 97 52.87 -55.25 55.46
C SER L 97 53.61 -54.52 56.57
N HIS L 98 54.76 -53.91 56.25
CA HIS L 98 55.56 -53.25 57.29
C HIS L 98 54.79 -52.02 57.90
N ALA L 99 55.04 -51.79 59.18
CA ALA L 99 54.39 -50.75 59.93
C ALA L 99 54.53 -49.39 59.32
N ARG L 100 53.40 -48.68 59.24
CA ARG L 100 53.38 -47.42 58.43
C ARG L 100 54.08 -46.29 59.16
N ASP L 101 54.30 -46.39 60.42
CA ASP L 101 55.04 -45.38 61.19
C ASP L 101 56.44 -45.77 61.54
N ALA L 102 56.85 -46.99 61.28
CA ALA L 102 58.16 -47.52 61.72
C ALA L 102 59.12 -47.78 60.56
N GLY L 103 59.17 -46.86 59.60
CA GLY L 103 60.14 -46.97 58.50
C GLY L 103 61.56 -46.89 59.05
N THR L 104 62.45 -47.67 58.47
CA THR L 104 63.82 -47.72 58.94
C THR L 104 64.77 -47.44 57.78
N GLN L 105 66.06 -47.57 58.04
CA GLN L 105 67.08 -47.43 57.02
C GLN L 105 67.03 -48.53 55.95
N GLU L 106 66.30 -49.63 56.23
CA GLU L 106 66.25 -50.76 55.33
C GLU L 106 64.90 -51.01 54.66
N VAL L 107 63.82 -50.49 55.22
CA VAL L 107 62.50 -50.75 54.70
C VAL L 107 61.53 -49.65 55.09
N VAL L 108 60.55 -49.39 54.23
CA VAL L 108 59.42 -48.53 54.54
C VAL L 108 58.16 -49.20 54.04
N GLY L 109 57.05 -48.88 54.70
CA GLY L 109 55.75 -49.35 54.29
C GLY L 109 55.16 -48.53 53.16
N ILE L 110 54.03 -48.99 52.64
CA ILE L 110 53.33 -48.30 51.59
C ILE L 110 51.87 -48.67 51.60
N ASP L 111 50.98 -47.69 51.46
CA ASP L 111 49.56 -47.89 51.27
C ASP L 111 49.37 -47.89 49.72
N TYR L 112 49.78 -49.01 49.13
CA TYR L 112 49.58 -49.31 47.76
C TYR L 112 49.08 -50.75 47.64
N PRO L 113 47.79 -50.94 47.50
CA PRO L 113 47.68 -52.34 47.07
C PRO L 113 48.26 -52.44 45.63
N ASP L 114 48.59 -53.66 45.19
CA ASP L 114 49.15 -54.06 43.86
C ASP L 114 50.66 -53.82 43.76
N LEU L 115 51.30 -53.40 44.82
CA LEU L 115 52.75 -53.20 44.71
C LEU L 115 53.47 -54.34 44.00
N VAL L 116 53.19 -55.57 44.52
CA VAL L 116 53.94 -56.71 43.97
C VAL L 116 53.40 -57.13 42.63
N LYS L 117 52.10 -56.83 42.42
CA LYS L 117 51.39 -57.22 41.20
C LYS L 117 51.89 -56.40 40.01
N ASP L 118 52.11 -55.06 40.22
CA ASP L 118 52.45 -54.27 39.05
C ASP L 118 53.93 -54.26 38.76
N CYS L 119 54.76 -54.33 39.83
CA CYS L 119 56.23 -54.16 39.61
C CYS L 119 56.92 -55.52 39.45
N GLY L 120 58.03 -55.48 38.74
CA GLY L 120 58.80 -56.68 38.42
C GLY L 120 60.29 -56.41 38.40
N VAL L 121 61.06 -57.49 38.43
CA VAL L 121 62.51 -57.39 38.46
C VAL L 121 62.98 -56.57 37.26
N GLY L 122 63.86 -55.60 37.51
CA GLY L 122 64.35 -54.71 36.46
C GLY L 122 63.69 -53.35 36.43
N ASP L 123 62.46 -53.24 36.92
CA ASP L 123 61.76 -51.95 36.94
C ASP L 123 62.55 -50.88 37.69
N GLU L 124 62.53 -49.66 37.20
CA GLU L 124 63.18 -48.55 37.92
C GLU L 124 62.10 -47.71 38.58
N LEU L 125 62.26 -47.43 39.88
CA LEU L 125 61.29 -46.68 40.64
C LEU L 125 61.90 -45.33 41.01
N LEU L 126 61.10 -44.28 40.88
CA LEU L 126 61.57 -42.91 41.04
C LEU L 126 60.78 -42.26 42.18
N LEU L 127 61.51 -41.75 43.16
CA LEU L 127 60.91 -41.19 44.37
C LEU L 127 61.26 -39.73 44.48
N ASP L 128 60.36 -38.94 45.07
CA ASP L 128 60.52 -37.49 45.20
C ASP L 128 60.79 -36.84 43.83
N ASP L 129 59.89 -37.07 42.90
CA ASP L 129 59.96 -36.52 41.52
C ASP L 129 61.25 -36.88 40.79
N GLY L 130 61.79 -38.05 41.06
CA GLY L 130 63.06 -38.48 40.44
C GLY L 130 64.32 -38.22 41.19
N ARG L 131 64.25 -37.60 42.35
CA ARG L 131 65.46 -37.26 43.16
C ARG L 131 66.24 -38.52 43.61
N VAL L 132 65.49 -39.56 43.96
CA VAL L 132 66.06 -40.86 44.28
C VAL L 132 65.56 -41.88 43.26
N VAL L 133 66.43 -42.78 42.84
CA VAL L 133 66.08 -43.79 41.85
C VAL L 133 66.55 -45.15 42.33
N MET L 134 65.68 -46.14 42.20
CA MET L 134 65.99 -47.51 42.59
C MET L 134 65.59 -48.48 41.48
N VAL L 135 66.22 -49.63 41.48
CA VAL L 135 65.87 -50.73 40.59
C VAL L 135 65.43 -51.93 41.41
N VAL L 136 64.39 -52.62 40.94
CA VAL L 136 63.83 -53.76 41.65
C VAL L 136 64.73 -54.98 41.37
N GLU L 137 65.31 -55.56 42.42
CA GLU L 137 66.16 -56.75 42.31
C GLU L 137 65.38 -58.06 42.53
N GLU L 138 64.43 -58.05 43.47
CA GLU L 138 63.65 -59.23 43.84
C GLU L 138 62.24 -58.81 44.16
N VAL L 139 61.28 -59.69 43.84
CA VAL L 139 59.89 -59.51 44.23
C VAL L 139 59.48 -60.67 45.09
N ALA L 140 58.84 -60.38 46.21
CA ALA L 140 58.27 -61.38 47.13
C ALA L 140 56.78 -61.08 47.29
N ALA L 141 56.08 -61.87 48.06
CA ALA L 141 54.61 -61.76 48.09
C ALA L 141 54.11 -60.40 48.61
N ASP L 142 54.87 -59.79 49.50
CA ASP L 142 54.44 -58.52 50.11
C ASP L 142 55.42 -57.37 49.97
N GLU L 143 56.50 -57.52 49.21
CA GLU L 143 57.49 -56.46 49.14
C GLU L 143 58.33 -56.49 47.89
N LEU L 144 58.97 -55.36 47.62
CA LEU L 144 59.95 -55.21 46.56
C LEU L 144 61.30 -54.94 47.18
N ARG L 145 62.31 -55.68 46.75
CA ARG L 145 63.67 -55.54 47.24
C ARG L 145 64.50 -54.85 46.17
N CYS L 146 65.05 -53.69 46.52
CA CYS L 146 65.64 -52.80 45.55
C CYS L 146 67.07 -52.42 45.86
N ARG L 147 67.77 -52.00 44.82
CA ARG L 147 69.10 -51.40 44.92
C ARG L 147 69.00 -49.94 44.48
N VAL L 148 69.63 -49.06 45.25
CA VAL L 148 69.63 -47.64 44.94
C VAL L 148 70.61 -47.34 43.81
N LEU L 149 70.09 -46.71 42.75
CA LEU L 149 70.89 -46.27 41.62
C LEU L 149 71.37 -44.84 41.81
N ILE L 150 70.48 -43.97 42.32
CA ILE L 150 70.81 -42.59 42.62
C ILE L 150 70.35 -42.31 44.02
N GLY L 151 71.31 -41.93 44.86
CA GLY L 151 71.06 -41.79 46.31
C GLY L 151 70.50 -40.42 46.60
N GLY L 152 70.24 -40.22 47.88
CA GLY L 152 69.67 -38.98 48.36
C GLY L 152 68.82 -39.24 49.60
N PRO L 153 68.11 -38.21 50.05
CA PRO L 153 67.29 -38.37 51.23
C PRO L 153 65.89 -38.91 50.89
N LEU L 154 65.25 -39.51 51.88
CA LEU L 154 63.90 -40.00 51.75
C LEU L 154 63.18 -39.64 53.03
N SER L 155 61.92 -39.21 52.92
CA SER L 155 61.18 -38.79 54.09
C SER L 155 59.70 -39.20 53.94
N ASP L 156 58.94 -38.96 55.00
CA ASP L 156 57.55 -39.40 55.10
C ASP L 156 56.75 -38.93 53.88
N HIS L 157 55.92 -39.84 53.37
CA HIS L 157 54.96 -39.55 52.32
C HIS L 157 55.51 -39.02 51.01
N LYS L 158 56.77 -39.31 50.71
CA LYS L 158 57.31 -38.89 49.40
C LYS L 158 56.64 -39.75 48.29
N GLY L 159 56.51 -39.12 47.13
CA GLY L 159 55.85 -39.76 46.00
C GLY L 159 56.75 -40.79 45.36
N ILE L 160 56.11 -41.78 44.76
CA ILE L 160 56.83 -42.86 44.06
C ILE L 160 56.12 -43.12 42.74
N ASN L 161 56.89 -43.38 41.70
CA ASN L 161 56.33 -43.79 40.41
C ASN L 161 57.29 -44.77 39.74
N ARG L 162 56.80 -45.44 38.71
CA ARG L 162 57.60 -46.33 37.93
C ARG L 162 57.98 -45.66 36.61
N ARG L 163 59.28 -45.76 36.24
CA ARG L 163 59.68 -45.36 34.92
C ARG L 163 58.94 -46.21 33.90
N GLY L 164 58.21 -45.61 32.99
CA GLY L 164 57.38 -46.24 32.04
C GLY L 164 55.91 -46.28 32.40
N GLY L 165 55.57 -45.95 33.65
CA GLY L 165 54.19 -45.76 34.06
C GLY L 165 53.51 -47.11 34.25
N GLY L 166 52.23 -47.18 33.90
CA GLY L 166 51.48 -48.42 33.86
C GLY L 166 50.92 -48.92 35.19
N LEU L 167 50.87 -48.05 36.16
CA LEU L 167 50.42 -48.43 37.52
C LEU L 167 48.91 -48.29 37.53
N THR L 168 48.22 -49.24 38.13
CA THR L 168 46.80 -49.16 38.34
C THR L 168 46.42 -48.05 39.31
N ALA L 169 45.46 -47.25 38.86
CA ALA L 169 44.93 -46.16 39.66
C ALA L 169 43.82 -45.54 38.84
N PRO L 170 42.72 -45.08 39.51
CA PRO L 170 41.76 -44.27 38.79
C PRO L 170 42.27 -42.82 38.58
N ALA L 171 41.85 -42.21 37.48
CA ALA L 171 42.15 -40.81 37.19
C ALA L 171 41.57 -39.84 38.27
N LEU L 172 40.31 -40.08 38.59
CA LEU L 172 39.64 -39.29 39.64
C LEU L 172 39.50 -40.07 40.93
N THR L 173 40.05 -39.51 42.00
CA THR L 173 39.90 -40.01 43.34
C THR L 173 38.68 -39.40 44.01
N ASP L 174 38.38 -39.83 45.22
CA ASP L 174 37.27 -39.26 45.98
C ASP L 174 37.58 -37.83 46.40
N LYS L 175 38.83 -37.58 46.78
CA LYS L 175 39.26 -36.21 47.03
C LYS L 175 38.96 -35.32 45.81
N ASP L 176 39.31 -35.79 44.62
CA ASP L 176 39.16 -35.00 43.40
C ASP L 176 37.67 -34.68 43.13
N LYS L 177 36.79 -35.65 43.36
CA LYS L 177 35.36 -35.42 43.21
C LYS L 177 34.88 -34.31 44.14
N ALA L 178 35.38 -34.31 45.37
CA ALA L 178 35.08 -33.24 46.33
C ALA L 178 35.67 -31.91 45.87
N ASP L 179 36.88 -31.93 45.35
CA ASP L 179 37.53 -30.70 44.88
C ASP L 179 36.86 -30.15 43.62
N ILE L 180 36.29 -31.02 42.77
CA ILE L 180 35.55 -30.54 41.63
C ILE L 180 34.36 -29.69 42.11
N LYS L 181 33.66 -30.17 43.13
CA LYS L 181 32.55 -29.42 43.72
C LYS L 181 33.04 -28.12 44.32
N LEU L 182 34.18 -28.19 45.01
CA LEU L 182 34.76 -26.98 45.58
C LEU L 182 35.07 -25.96 44.48
N ALA L 183 35.62 -26.44 43.37
CA ALA L 183 36.00 -25.56 42.27
C ALA L 183 34.76 -24.89 41.67
N ALA L 184 33.72 -25.69 41.43
CA ALA L 184 32.46 -25.15 40.93
C ALA L 184 31.88 -24.09 41.90
N ASP L 185 31.96 -24.39 43.19
CA ASP L 185 31.45 -23.49 44.20
C ASP L 185 32.20 -22.16 44.26
N MET L 186 33.49 -22.19 43.97
CA MET L 186 34.32 -20.98 43.95
C MET L 186 34.26 -20.24 42.60
N ASP L 187 33.54 -20.77 41.62
CA ASP L 187 33.49 -20.19 40.25
C ASP L 187 34.87 -20.09 39.62
N LEU L 188 35.63 -21.15 39.71
CA LEU L 188 36.96 -21.17 39.11
C LEU L 188 36.83 -21.17 37.58
N ASP L 189 37.76 -20.47 36.94
CA ASP L 189 37.76 -20.32 35.49
C ASP L 189 38.31 -21.55 34.77
N TYR L 190 39.30 -22.21 35.38
CA TYR L 190 39.90 -23.42 34.80
C TYR L 190 40.03 -24.48 35.89
N VAL L 191 39.84 -25.73 35.50
CA VAL L 191 40.12 -26.88 36.34
C VAL L 191 41.03 -27.84 35.59
N ALA L 192 42.09 -28.28 36.25
CA ALA L 192 43.07 -29.17 35.63
C ALA L 192 42.95 -30.58 36.17
N VAL L 193 42.87 -31.54 35.28
CA VAL L 193 42.79 -32.95 35.65
C VAL L 193 44.18 -33.58 35.59
N SER L 194 44.57 -34.26 36.67
CA SER L 194 45.87 -34.91 36.75
C SER L 194 45.76 -36.37 36.31
N PHE L 195 46.86 -36.82 35.67
CA PHE L 195 47.02 -38.23 35.26
C PHE L 195 45.91 -38.81 34.39
N PRO L 196 45.26 -38.01 33.54
CA PRO L 196 44.29 -38.63 32.66
C PRO L 196 44.96 -39.53 31.63
N ARG L 197 44.27 -40.58 31.21
CA ARG L 197 44.80 -41.55 30.26
C ARG L 197 44.15 -41.45 28.90
N ASP L 198 42.86 -41.11 28.84
CA ASP L 198 42.21 -40.97 27.53
C ASP L 198 41.04 -40.05 27.62
N ALA L 199 40.40 -39.82 26.50
CA ALA L 199 39.25 -38.90 26.45
C ALA L 199 38.18 -39.24 27.50
N LYS L 200 38.00 -40.52 27.82
CA LYS L 200 36.98 -40.92 28.78
C LYS L 200 37.20 -40.24 30.15
N ASP L 201 38.44 -40.22 30.62
CA ASP L 201 38.77 -39.60 31.90
C ASP L 201 38.37 -38.12 31.94
N MET L 202 38.57 -37.44 30.82
CA MET L 202 38.21 -36.03 30.73
C MET L 202 36.71 -35.82 30.59
N GLU L 203 36.03 -36.71 29.87
CA GLU L 203 34.57 -36.62 29.75
C GLU L 203 33.89 -36.84 31.10
N TYR L 204 34.40 -37.79 31.86
CA TYR L 204 33.90 -38.04 33.22
C TYR L 204 34.06 -36.79 34.08
N ALA L 205 35.23 -36.18 34.03
CA ALA L 205 35.47 -34.97 34.81
C ALA L 205 34.55 -33.84 34.38
N ARG L 206 34.27 -33.75 33.09
CA ARG L 206 33.38 -32.72 32.55
C ARG L 206 31.95 -32.93 33.05
N ARG L 207 31.51 -34.20 33.07
CA ARG L 207 30.19 -34.56 33.59
C ARG L 207 30.06 -34.05 35.03
N LEU L 208 30.99 -34.45 35.88
CA LEU L 208 30.95 -34.05 37.28
C LEU L 208 30.98 -32.56 37.48
N LEU L 209 31.74 -31.86 36.64
CA LEU L 209 31.83 -30.42 36.79
C LEU L 209 30.51 -29.75 36.40
N THR L 210 29.90 -30.18 35.30
CA THR L 210 28.61 -29.59 34.92
C THR L 210 27.52 -29.96 35.95
N GLU L 211 27.49 -31.22 36.36
CA GLU L 211 26.59 -31.66 37.45
C GLU L 211 26.68 -30.78 38.69
N ALA L 212 27.88 -30.30 39.02
CA ALA L 212 28.03 -29.38 40.16
C ALA L 212 27.81 -27.93 39.78
N GLY L 213 27.32 -27.65 38.57
CA GLY L 213 27.06 -26.31 38.13
C GLY L 213 28.29 -25.46 37.81
N GLY L 214 29.41 -26.11 37.50
CA GLY L 214 30.65 -25.40 37.19
C GLY L 214 30.71 -24.96 35.74
N LYS L 215 31.17 -23.74 35.52
CA LYS L 215 31.36 -23.23 34.16
C LYS L 215 32.81 -23.24 33.71
N ALA L 216 33.70 -23.82 34.52
CA ALA L 216 35.12 -23.81 34.20
C ALA L 216 35.44 -24.59 32.94
N TRP L 217 36.50 -24.17 32.27
CA TRP L 217 37.12 -24.95 31.21
C TRP L 217 38.08 -25.96 31.77
N LEU L 218 38.20 -27.09 31.07
CA LEU L 218 39.01 -28.19 31.56
C LEU L 218 40.40 -28.23 30.93
N VAL L 219 41.42 -28.43 31.78
CA VAL L 219 42.78 -28.58 31.34
C VAL L 219 43.24 -30.01 31.53
N ALA L 220 43.65 -30.66 30.45
CA ALA L 220 44.23 -31.99 30.54
C ALA L 220 45.73 -31.89 30.75
N LYS L 221 46.21 -32.44 31.87
CA LYS L 221 47.64 -32.47 32.14
C LYS L 221 48.24 -33.70 31.45
N ILE L 222 49.16 -33.49 30.54
CA ILE L 222 49.79 -34.59 29.82
C ILE L 222 50.99 -35.04 30.66
N GLU L 223 50.73 -35.97 31.58
CA GLU L 223 51.76 -36.55 32.44
C GLU L 223 51.90 -38.07 32.47
N ARG L 224 51.20 -38.79 31.60
CA ARG L 224 51.26 -40.23 31.53
C ARG L 224 51.89 -40.75 30.26
N ALA L 225 52.63 -41.82 30.35
CA ALA L 225 53.20 -42.43 29.17
C ALA L 225 52.13 -42.80 28.14
N GLU L 226 51.01 -43.26 28.62
CA GLU L 226 49.88 -43.71 27.82
C GLU L 226 49.28 -42.56 27.01
N ALA L 227 49.32 -41.35 27.56
CA ALA L 227 48.79 -40.18 26.89
C ALA L 227 49.55 -39.76 25.63
N VAL L 228 50.82 -40.17 25.53
CA VAL L 228 51.68 -39.79 24.40
C VAL L 228 52.18 -41.01 23.63
N ALA L 229 51.58 -42.17 23.89
CA ALA L 229 51.96 -43.42 23.24
C ALA L 229 51.90 -43.34 21.73
N ASP L 230 50.94 -42.59 21.19
CA ASP L 230 50.89 -42.36 19.73
C ASP L 230 49.97 -41.13 19.53
N ASP L 231 49.91 -40.68 18.29
CA ASP L 231 49.13 -39.51 17.95
C ASP L 231 47.64 -39.63 18.27
N ASP L 232 47.05 -40.80 18.09
CA ASP L 232 45.63 -41.00 18.40
C ASP L 232 45.35 -40.85 19.88
N ALA L 233 46.20 -41.44 20.71
CA ALA L 233 46.04 -41.25 22.18
C ALA L 233 46.08 -39.76 22.55
N LEU L 234 47.09 -39.07 22.09
CA LEU L 234 47.28 -37.66 22.41
C LEU L 234 46.15 -36.81 21.85
N ASP L 235 45.87 -36.95 20.57
CA ASP L 235 44.84 -36.14 19.92
C ASP L 235 43.45 -36.38 20.52
N GLY L 236 43.19 -37.62 20.92
CA GLY L 236 41.93 -37.95 21.58
C GLY L 236 41.78 -37.19 22.88
N LEU L 237 42.84 -37.21 23.67
CA LEU L 237 42.87 -36.52 24.95
C LEU L 237 42.76 -35.02 24.76
N ILE L 238 43.43 -34.46 23.76
CA ILE L 238 43.38 -33.04 23.49
C ILE L 238 41.98 -32.62 23.09
N ARG L 239 41.34 -33.40 22.22
CA ARG L 239 40.02 -33.00 21.70
C ARG L 239 38.95 -33.00 22.74
N ALA L 240 39.13 -33.82 23.78
CA ALA L 240 38.21 -33.87 24.90
C ALA L 240 38.42 -32.75 25.91
N SER L 241 39.34 -31.85 25.68
CA SER L 241 39.60 -30.79 26.64
C SER L 241 39.61 -29.44 26.02
N ASP L 242 39.62 -28.42 26.84
CA ASP L 242 39.68 -27.06 26.37
C ASP L 242 41.10 -26.56 26.33
N ALA L 243 41.96 -27.14 27.16
CA ALA L 243 43.35 -26.74 27.26
C ALA L 243 44.17 -27.92 27.71
N VAL L 244 45.46 -27.86 27.44
CA VAL L 244 46.38 -28.91 27.89
C VAL L 244 47.59 -28.29 28.55
N MET L 245 48.20 -29.07 29.42
CA MET L 245 49.41 -28.65 30.13
C MET L 245 50.50 -29.67 29.85
N VAL L 246 51.68 -29.19 29.45
CA VAL L 246 52.85 -30.04 29.33
C VAL L 246 53.46 -30.16 30.72
N ALA L 247 53.12 -31.24 31.39
CA ALA L 247 53.47 -31.42 32.79
C ALA L 247 54.79 -32.17 32.88
N ARG L 248 55.88 -31.43 32.80
CA ARG L 248 57.15 -32.06 32.49
C ARG L 248 57.75 -32.82 33.64
N GLY L 249 57.35 -32.51 34.87
CA GLY L 249 57.79 -33.25 36.05
C GLY L 249 57.37 -34.70 35.96
N ASP L 250 56.08 -34.96 36.06
CA ASP L 250 55.61 -36.33 36.02
C ASP L 250 55.85 -36.97 34.65
N LEU L 251 55.70 -36.20 33.58
CA LEU L 251 55.89 -36.75 32.24
C LEU L 251 57.32 -37.24 32.04
N GLY L 252 58.28 -36.46 32.53
CA GLY L 252 59.69 -36.84 32.42
C GLY L 252 60.01 -38.13 33.14
N VAL L 253 59.41 -38.32 34.30
CA VAL L 253 59.55 -39.59 35.01
C VAL L 253 58.98 -40.73 34.18
N GLU L 254 57.83 -40.53 33.56
CA GLU L 254 57.14 -41.61 32.87
C GLU L 254 57.78 -41.96 31.53
N ILE L 255 58.30 -41.00 30.78
CA ILE L 255 58.87 -41.30 29.46
C ILE L 255 60.38 -41.06 29.38
N GLY L 256 60.97 -40.48 30.43
CA GLY L 256 62.40 -40.14 30.43
C GLY L 256 62.69 -38.72 29.95
N ASP L 257 63.55 -38.01 30.66
CA ASP L 257 63.90 -36.66 30.31
C ASP L 257 64.40 -36.46 28.87
N ALA L 258 65.12 -37.44 28.34
CA ALA L 258 65.65 -37.34 26.97
C ALA L 258 64.59 -37.30 25.88
N GLU L 259 63.35 -37.65 26.20
CA GLU L 259 62.27 -37.60 25.23
C GLU L 259 61.41 -36.34 25.35
N LEU L 260 61.65 -35.51 26.36
CA LEU L 260 60.78 -34.37 26.60
C LEU L 260 60.76 -33.34 25.46
N VAL L 261 61.92 -33.02 24.92
CA VAL L 261 61.99 -31.94 23.97
C VAL L 261 61.06 -32.14 22.78
N GLY L 262 61.02 -33.36 22.24
CA GLY L 262 60.21 -33.65 21.08
C GLY L 262 58.73 -33.63 21.39
N ILE L 263 58.41 -34.16 22.58
CA ILE L 263 57.02 -34.28 22.98
C ILE L 263 56.44 -32.92 23.41
N GLN L 264 57.23 -32.09 24.08
CA GLN L 264 56.77 -30.75 24.39
C GLN L 264 56.35 -30.06 23.09
N LYS L 265 57.17 -30.15 22.06
CA LYS L 265 56.86 -29.49 20.80
C LYS L 265 55.65 -30.09 20.12
N LYS L 266 55.51 -31.41 20.19
CA LYS L 266 54.36 -32.06 19.58
C LYS L 266 53.06 -31.65 20.29
N ILE L 267 53.08 -31.69 21.61
CA ILE L 267 51.88 -31.36 22.37
C ILE L 267 51.42 -29.92 22.05
N ILE L 268 52.34 -28.97 22.06
CA ILE L 268 51.99 -27.60 21.80
C ILE L 268 51.37 -27.48 20.41
N LEU L 269 52.02 -28.05 19.42
CA LEU L 269 51.55 -27.97 18.05
C LEU L 269 50.19 -28.66 17.87
N HIS L 270 50.04 -29.86 18.38
CA HIS L 270 48.76 -30.56 18.23
C HIS L 270 47.63 -29.83 18.98
N ALA L 271 47.94 -29.27 20.14
CA ALA L 271 46.96 -28.47 20.84
C ALA L 271 46.47 -27.30 19.97
N ARG L 272 47.41 -26.52 19.43
CA ARG L 272 47.05 -25.37 18.62
C ARG L 272 46.25 -25.80 17.37
N ARG L 273 46.64 -26.91 16.74
CA ARG L 273 45.93 -27.36 15.57
C ARG L 273 44.49 -27.72 15.87
N ASN L 274 44.24 -28.27 17.04
CA ASN L 274 42.88 -28.57 17.49
C ASN L 274 42.20 -27.39 18.21
N ASN L 275 42.74 -26.19 18.07
CA ASN L 275 42.13 -24.99 18.64
C ASN L 275 41.96 -25.04 20.16
N LYS L 276 42.98 -25.55 20.84
CA LYS L 276 43.03 -25.57 22.28
C LYS L 276 44.18 -24.72 22.79
N VAL L 277 44.08 -24.34 24.07
CA VAL L 277 45.08 -23.54 24.76
C VAL L 277 46.12 -24.50 25.32
N VAL L 278 47.38 -24.06 25.39
CA VAL L 278 48.42 -24.92 25.93
C VAL L 278 49.35 -24.19 26.89
N ILE L 279 49.64 -24.86 28.01
CA ILE L 279 50.54 -24.35 29.04
C ILE L 279 51.80 -25.23 29.11
N THR L 280 52.97 -24.60 29.23
CA THR L 280 54.22 -25.33 29.48
C THR L 280 54.61 -25.16 30.94
N ALA L 281 54.98 -26.24 31.61
CA ALA L 281 55.17 -26.19 33.07
C ALA L 281 56.37 -26.96 33.60
N THR L 282 56.72 -26.62 34.85
CA THR L 282 57.59 -27.40 35.73
C THR L 282 59.10 -27.12 35.58
N GLN L 283 59.66 -26.50 36.62
CA GLN L 283 61.07 -26.22 36.77
C GLN L 283 61.60 -25.25 35.73
N MET L 284 60.73 -24.41 35.21
CA MET L 284 61.17 -23.46 34.22
C MET L 284 62.19 -22.47 34.79
N MET L 285 62.07 -22.13 36.06
CA MET L 285 63.03 -21.23 36.71
C MET L 285 63.40 -21.69 38.11
N GLU L 286 63.59 -23.00 38.26
CA GLU L 286 63.77 -23.63 39.57
C GLU L 286 64.83 -22.97 40.45
N SER L 287 65.94 -22.53 39.86
CA SER L 287 66.99 -21.94 40.67
C SER L 287 66.51 -20.73 41.45
N MET L 288 65.45 -20.08 40.97
CA MET L 288 64.91 -18.89 41.64
C MET L 288 64.13 -19.18 42.91
N ILE L 289 63.92 -20.45 43.24
CA ILE L 289 63.51 -20.78 44.58
C ILE L 289 64.47 -20.18 45.63
N HIS L 290 65.77 -20.26 45.36
CA HIS L 290 66.79 -19.79 46.31
C HIS L 290 67.67 -18.65 45.77
N SER L 291 67.39 -18.16 44.58
CA SER L 291 68.25 -17.13 44.00
C SER L 291 67.40 -16.04 43.33
N PRO L 292 67.86 -14.79 43.40
CA PRO L 292 67.06 -13.73 42.81
C PRO L 292 67.21 -13.54 41.29
N MET L 293 68.00 -14.40 40.63
CA MET L 293 68.12 -14.37 39.18
C MET L 293 68.12 -15.79 38.64
N PRO L 294 67.61 -15.97 37.41
CA PRO L 294 67.61 -17.28 36.80
C PRO L 294 68.96 -17.63 36.16
N THR L 295 69.17 -18.91 35.93
CA THR L 295 70.32 -19.38 35.16
C THR L 295 70.07 -19.18 33.66
N ARG L 296 71.14 -19.28 32.87
CA ARG L 296 70.99 -19.15 31.43
C ARG L 296 70.16 -20.29 30.85
N ALA L 297 70.25 -21.47 31.43
CA ALA L 297 69.42 -22.57 30.98
C ALA L 297 67.95 -22.27 31.18
N GLU L 298 67.63 -21.64 32.31
CA GLU L 298 66.24 -21.29 32.63
C GLU L 298 65.73 -20.22 31.66
N VAL L 299 66.53 -19.21 31.39
CA VAL L 299 66.17 -18.21 30.40
C VAL L 299 65.89 -18.89 29.05
N SER L 300 66.79 -19.78 28.64
CA SER L 300 66.64 -20.47 27.38
C SER L 300 65.38 -21.33 27.34
N ASP L 301 65.08 -22.00 28.44
CA ASP L 301 63.93 -22.90 28.51
C ASP L 301 62.64 -22.12 28.26
N VAL L 302 62.51 -20.98 28.92
CA VAL L 302 61.31 -20.19 28.81
C VAL L 302 61.21 -19.62 27.40
N ALA L 303 62.30 -19.03 26.94
CA ALA L 303 62.32 -18.43 25.61
C ALA L 303 61.97 -19.46 24.52
N ASN L 304 62.51 -20.66 24.65
CA ASN L 304 62.21 -21.66 23.66
C ASN L 304 60.76 -22.09 23.70
N ALA L 305 60.16 -22.10 24.89
CA ALA L 305 58.73 -22.39 24.98
C ALA L 305 57.91 -21.30 24.26
N VAL L 306 58.37 -20.05 24.36
CA VAL L 306 57.71 -18.96 23.67
C VAL L 306 57.83 -19.13 22.16
N LEU L 307 59.00 -19.52 21.67
CA LEU L 307 59.17 -19.77 20.25
C LEU L 307 58.43 -21.01 19.77
N ASP L 308 58.26 -22.03 20.64
CA ASP L 308 57.35 -23.15 20.30
C ASP L 308 55.90 -22.70 20.19
N TYR L 309 55.60 -21.45 20.58
CA TYR L 309 54.25 -20.86 20.54
C TYR L 309 53.29 -21.45 21.58
N THR L 310 53.81 -21.65 22.79
CA THR L 310 52.98 -21.96 23.93
C THR L 310 52.11 -20.74 24.24
N ASP L 311 50.94 -20.98 24.81
CA ASP L 311 50.08 -19.89 25.26
C ASP L 311 50.62 -19.30 26.54
N ALA L 312 51.02 -20.17 27.46
CA ALA L 312 51.48 -19.74 28.76
C ALA L 312 52.61 -20.58 29.28
N VAL L 313 53.37 -19.98 30.18
CA VAL L 313 54.42 -20.64 30.92
C VAL L 313 54.03 -20.56 32.39
N MET L 314 54.46 -21.55 33.16
CA MET L 314 54.00 -21.72 34.55
C MET L 314 55.17 -21.69 35.53
N LEU L 315 54.88 -21.19 36.74
CA LEU L 315 55.76 -21.30 37.89
C LEU L 315 55.06 -22.17 38.93
N SER L 316 55.81 -23.04 39.61
CA SER L 316 55.23 -23.82 40.72
C SER L 316 55.77 -23.55 42.11
N ALA L 317 57.01 -23.95 42.38
CA ALA L 317 57.56 -23.72 43.72
C ALA L 317 58.18 -22.34 43.65
N GLU L 318 58.61 -21.90 42.47
CA GLU L 318 59.26 -20.61 42.35
C GLU L 318 58.36 -19.51 42.92
N SER L 319 57.05 -19.60 42.66
CA SER L 319 56.10 -18.60 43.13
C SER L 319 55.36 -19.02 44.42
N ALA L 320 55.22 -20.32 44.65
CA ALA L 320 54.42 -20.83 45.78
C ALA L 320 55.21 -20.93 47.10
N ALA L 321 56.46 -21.41 47.02
CA ALA L 321 57.25 -21.68 48.22
C ALA L 321 58.60 -20.96 48.30
N GLY L 322 59.06 -20.35 47.22
CA GLY L 322 60.44 -19.88 47.17
C GLY L 322 60.67 -18.55 47.82
N GLU L 323 61.91 -18.14 47.82
CA GLU L 323 62.31 -16.88 48.45
C GLU L 323 62.08 -15.67 47.57
N TYR L 324 61.83 -15.84 46.26
CA TYR L 324 61.76 -14.71 45.35
C TYR L 324 60.60 -14.83 44.34
N PRO L 325 59.38 -15.04 44.84
CA PRO L 325 58.25 -15.20 43.91
C PRO L 325 58.01 -14.00 42.99
N VAL L 326 58.16 -12.79 43.48
CA VAL L 326 57.91 -11.64 42.62
C VAL L 326 58.99 -11.50 41.56
N GLU L 327 60.23 -11.68 41.97
CA GLU L 327 61.35 -11.56 41.03
C GLU L 327 61.29 -12.63 39.94
N ALA L 328 60.80 -13.82 40.29
CA ALA L 328 60.61 -14.88 39.30
C ALA L 328 59.61 -14.47 38.23
N VAL L 329 58.45 -13.96 38.64
CA VAL L 329 57.45 -13.51 37.69
C VAL L 329 58.03 -12.40 36.80
N LYS L 330 58.69 -11.42 37.41
CA LYS L 330 59.29 -10.34 36.64
C LYS L 330 60.28 -10.86 35.60
N ALA L 331 61.13 -11.80 36.02
CA ALA L 331 62.14 -12.34 35.11
C ALA L 331 61.47 -13.09 33.96
N MET L 332 60.53 -13.95 34.30
CA MET L 332 59.83 -14.72 33.31
C MET L 332 59.15 -13.79 32.29
N ALA L 333 58.51 -12.74 32.77
CA ALA L 333 57.83 -11.79 31.89
C ALA L 333 58.81 -11.08 30.95
N ARG L 334 59.99 -10.77 31.44
CA ARG L 334 61.00 -10.08 30.64
C ARG L 334 61.52 -11.00 29.54
N VAL L 335 61.70 -12.27 29.85
CA VAL L 335 62.22 -13.22 28.88
C VAL L 335 61.18 -13.45 27.79
N CYS L 336 59.90 -13.51 28.17
CA CYS L 336 58.83 -13.64 27.19
C CYS L 336 58.85 -12.47 26.22
N GLN L 337 58.94 -11.26 26.73
CA GLN L 337 58.98 -10.08 25.86
C GLN L 337 60.10 -10.15 24.86
N GLY L 338 61.26 -10.60 25.30
CA GLY L 338 62.44 -10.68 24.42
C GLY L 338 62.24 -11.69 23.31
N ALA L 339 61.78 -12.87 23.67
CA ALA L 339 61.55 -13.92 22.69
C ALA L 339 60.48 -13.55 21.67
N GLU L 340 59.51 -12.74 22.08
CA GLU L 340 58.43 -12.32 21.18
C GLU L 340 58.88 -11.37 20.07
N LYS L 341 60.05 -10.72 20.22
CA LYS L 341 60.61 -9.90 19.17
C LYS L 341 61.18 -10.71 17.99
N HIS L 342 61.44 -11.99 18.19
CA HIS L 342 61.96 -12.84 17.13
C HIS L 342 61.03 -12.82 15.89
N PRO L 343 61.60 -12.85 14.68
CA PRO L 343 60.77 -12.87 13.47
C PRO L 343 59.79 -14.06 13.34
N THR L 344 60.15 -15.22 13.85
CA THR L 344 59.24 -16.38 13.80
C THR L 344 57.99 -16.26 14.70
N SER L 345 58.02 -15.33 15.67
CA SER L 345 56.85 -15.11 16.54
C SER L 345 55.68 -14.38 15.86
N GLN L 346 55.95 -13.72 14.73
CA GLN L 346 54.98 -12.84 14.08
C GLN L 346 54.55 -13.27 12.65
N LYS L 347 55.22 -14.27 12.06
CA LYS L 347 54.94 -14.70 10.70
C LYS L 347 54.19 -16.03 10.70
N SER L 348 53.12 -16.10 9.92
CA SER L 348 52.25 -17.28 9.85
C SER L 348 52.09 -17.73 8.38
N SER L 349 51.90 -19.04 8.21
CA SER L 349 51.46 -19.58 6.92
C SER L 349 49.93 -19.50 6.71
N HIS L 350 49.19 -19.15 7.77
CA HIS L 350 47.74 -18.91 7.72
C HIS L 350 46.90 -20.10 7.28
N ARG L 351 47.40 -21.30 7.62
CA ARG L 351 46.72 -22.55 7.30
C ARG L 351 46.39 -22.70 5.81
N LEU L 352 47.25 -22.17 4.94
CA LEU L 352 47.09 -22.28 3.48
C LEU L 352 46.95 -23.74 3.05
N GLY L 353 46.04 -23.97 2.12
CA GLY L 353 45.74 -25.31 1.62
C GLY L 353 44.81 -26.14 2.47
N GLN L 354 44.48 -25.68 3.67
CA GLN L 354 43.61 -26.45 4.56
C GLN L 354 42.13 -26.11 4.32
N THR L 355 41.26 -26.87 4.96
CA THR L 355 39.82 -26.75 4.84
C THR L 355 39.25 -26.23 6.15
N PHE L 356 38.47 -25.17 6.06
CA PHE L 356 37.80 -24.61 7.24
C PHE L 356 36.46 -25.30 7.47
N ASP L 357 36.04 -25.34 8.72
CA ASP L 357 34.84 -26.06 9.12
C ASP L 357 33.66 -25.15 9.35
N ARG L 358 33.88 -24.04 10.01
CA ARG L 358 32.81 -23.18 10.46
C ARG L 358 32.94 -21.81 9.94
N CYS L 359 31.88 -21.05 10.10
CA CYS L 359 31.82 -19.67 9.64
C CYS L 359 32.59 -18.75 10.59
N ASP L 360 32.41 -18.93 11.90
CA ASP L 360 33.09 -18.02 12.84
C ASP L 360 34.59 -18.30 12.85
N GLU L 361 34.96 -19.58 12.71
CA GLU L 361 36.36 -19.94 12.44
C GLU L 361 36.90 -19.12 11.26
N SER L 362 36.13 -19.04 10.18
CA SER L 362 36.56 -18.34 8.98
C SER L 362 36.82 -16.86 9.18
N ILE L 363 35.97 -16.20 9.94
CA ILE L 363 36.14 -14.78 10.20
C ILE L 363 37.37 -14.55 11.06
N ALA L 364 37.59 -15.42 12.04
CA ALA L 364 38.80 -15.30 12.86
C ALA L 364 40.04 -15.43 12.00
N LEU L 365 40.10 -16.48 11.20
CA LEU L 365 41.26 -16.69 10.33
C LEU L 365 41.44 -15.55 9.35
N ALA L 366 40.33 -15.06 8.79
CA ALA L 366 40.40 -13.98 7.82
C ALA L 366 40.93 -12.70 8.43
N SER L 367 40.63 -12.48 9.72
CA SER L 367 41.12 -11.30 10.41
C SER L 367 42.61 -11.39 10.68
N MET L 368 43.08 -12.55 11.09
CA MET L 368 44.53 -12.71 11.31
C MET L 368 45.29 -12.55 10.01
N TYR L 369 44.78 -13.13 8.92
CA TYR L 369 45.34 -12.89 7.60
C TYR L 369 45.39 -11.41 7.27
N THR L 370 44.28 -10.72 7.46
CA THR L 370 44.23 -9.31 7.11
C THR L 370 45.22 -8.50 7.96
N ALA L 371 45.21 -8.73 9.27
CA ALA L 371 46.07 -7.98 10.18
C ALA L 371 47.56 -8.22 9.92
N ASN L 372 47.91 -9.47 9.63
CA ASN L 372 49.30 -9.78 9.34
C ASN L 372 49.82 -9.19 8.05
N HIS L 373 48.95 -8.73 7.15
CA HIS L 373 49.40 -8.17 5.87
C HIS L 373 49.16 -6.67 5.69
N PHE L 374 48.19 -6.09 6.38
CA PHE L 374 47.95 -4.65 6.31
C PHE L 374 48.52 -4.05 7.60
N PRO L 375 49.78 -3.57 7.58
CA PRO L 375 50.42 -3.14 8.82
C PRO L 375 49.83 -1.87 9.46
N GLY L 376 49.03 -1.13 8.71
CA GLY L 376 48.23 -0.05 9.26
C GLY L 376 47.27 -0.48 10.37
N ILE L 377 46.92 -1.77 10.40
CA ILE L 377 46.07 -2.31 11.45
C ILE L 377 46.87 -2.46 12.74
N LYS L 378 46.41 -1.81 13.79
CA LYS L 378 47.11 -1.79 15.07
C LYS L 378 46.40 -2.57 16.15
N ALA L 379 45.19 -3.05 15.89
CA ALA L 379 44.49 -3.86 16.88
C ALA L 379 43.31 -4.58 16.26
N ILE L 380 42.85 -5.62 16.94
CA ILE L 380 41.66 -6.33 16.56
C ILE L 380 40.65 -6.26 17.70
N ILE L 381 39.49 -5.69 17.40
CA ILE L 381 38.37 -5.56 18.33
C ILE L 381 37.48 -6.74 18.05
N CYS L 382 37.51 -7.72 18.94
CA CYS L 382 36.71 -8.91 18.77
C CYS L 382 35.58 -8.92 19.80
N LEU L 383 34.37 -8.59 19.35
CA LEU L 383 33.21 -8.66 20.22
C LEU L 383 32.83 -10.10 20.39
N THR L 384 32.90 -10.60 21.61
CA THR L 384 32.69 -12.01 21.86
C THR L 384 31.88 -12.23 23.12
N GLU L 385 31.08 -13.28 23.09
CA GLU L 385 30.23 -13.66 24.19
C GLU L 385 30.99 -14.61 25.13
N SER L 386 31.55 -15.69 24.56
CA SER L 386 32.17 -16.74 25.35
C SER L 386 33.69 -16.80 25.22
N GLY L 387 34.27 -15.96 24.36
CA GLY L 387 35.71 -16.00 24.08
C GLY L 387 36.14 -16.96 22.98
N PHE L 388 35.21 -17.67 22.36
CA PHE L 388 35.56 -18.61 21.30
C PHE L 388 36.22 -17.95 20.08
N THR L 389 35.70 -16.82 19.64
CA THR L 389 36.27 -16.18 18.49
C THR L 389 37.74 -15.78 18.69
N PRO L 390 38.07 -15.12 19.80
CA PRO L 390 39.50 -14.79 19.99
C PRO L 390 40.37 -16.01 20.34
N LEU L 391 39.79 -17.10 20.80
CA LEU L 391 40.52 -18.34 20.90
C LEU L 391 41.10 -18.75 19.54
N ILE L 392 40.25 -18.72 18.50
CA ILE L 392 40.67 -19.11 17.17
C ILE L 392 41.68 -18.09 16.64
N MET L 393 41.40 -16.81 16.79
CA MET L 393 42.35 -15.80 16.31
C MET L 393 43.74 -16.07 16.86
N SER L 394 43.83 -16.42 18.14
CA SER L 394 45.11 -16.51 18.83
C SER L 394 45.86 -17.82 18.55
N ARG L 395 45.24 -18.76 17.84
CA ARG L 395 45.97 -19.92 17.31
C ARG L 395 46.90 -19.56 16.16
N ILE L 396 46.79 -18.38 15.58
CA ILE L 396 47.56 -17.99 14.43
C ILE L 396 48.70 -17.09 14.86
N ARG L 397 49.91 -17.38 14.39
CA ARG L 397 51.05 -16.59 14.78
C ARG L 397 50.84 -15.17 14.31
N SER L 398 51.06 -14.23 15.20
CA SER L 398 50.96 -12.82 14.89
C SER L 398 51.57 -12.00 16.00
N SER L 399 51.81 -10.73 15.74
CA SER L 399 52.11 -9.79 16.82
C SER L 399 51.03 -8.70 17.00
N VAL L 400 49.89 -8.82 16.32
CA VAL L 400 48.83 -7.82 16.44
C VAL L 400 48.04 -8.06 17.74
N PRO L 401 47.77 -7.00 18.51
CA PRO L 401 46.97 -7.18 19.75
C PRO L 401 45.55 -7.60 19.47
N ILE L 402 45.11 -8.66 20.13
CA ILE L 402 43.74 -9.14 20.05
C ILE L 402 43.00 -8.71 21.33
N TYR L 403 41.96 -7.91 21.19
CA TYR L 403 41.15 -7.46 22.33
C TYR L 403 39.82 -8.19 22.35
N ALA L 404 39.57 -8.96 23.41
CA ALA L 404 38.31 -9.64 23.63
C ALA L 404 37.35 -8.70 24.39
N TYR L 405 36.37 -8.15 23.66
CA TYR L 405 35.31 -7.32 24.21
C TYR L 405 34.17 -8.22 24.66
N SER L 406 33.91 -8.25 25.97
CA SER L 406 32.85 -9.07 26.49
C SER L 406 32.22 -8.41 27.70
N PRO L 407 30.92 -8.63 27.90
CA PRO L 407 30.28 -8.13 29.10
C PRO L 407 30.44 -9.08 30.28
N HIS L 408 30.66 -10.37 30.01
CA HIS L 408 30.63 -11.39 31.06
C HIS L 408 31.97 -11.52 31.77
N ARG L 409 31.93 -11.77 33.07
CA ARG L 409 33.13 -11.98 33.89
C ARG L 409 33.78 -13.31 33.55
N GLU L 410 32.99 -14.34 33.37
CA GLU L 410 33.45 -15.67 32.96
C GLU L 410 34.40 -15.55 31.76
N THR L 411 33.99 -14.78 30.76
CA THR L 411 34.76 -14.61 29.55
C THR L 411 35.95 -13.68 29.78
N GLN L 412 35.73 -12.60 30.51
CA GLN L 412 36.82 -11.65 30.79
C GLN L 412 38.03 -12.33 31.44
N ALA L 413 37.77 -13.34 32.27
CA ALA L 413 38.85 -14.09 32.92
C ALA L 413 39.41 -15.19 32.05
N ARG L 414 38.54 -15.92 31.38
CA ARG L 414 38.94 -17.03 30.52
C ARG L 414 40.08 -16.64 29.57
N VAL L 415 39.91 -15.52 28.90
CA VAL L 415 40.86 -15.16 27.86
C VAL L 415 42.21 -14.71 28.44
N ALA L 416 42.32 -14.58 29.75
CA ALA L 416 43.60 -14.24 30.36
C ALA L 416 44.70 -15.25 30.05
N MET L 417 44.33 -16.50 29.83
CA MET L 417 45.30 -17.51 29.43
C MET L 417 45.57 -17.60 27.93
N PHE L 418 44.88 -16.83 27.09
CA PHE L 418 45.05 -16.90 25.64
C PHE L 418 46.22 -16.01 25.23
N ARG L 419 47.17 -16.57 24.49
CA ARG L 419 48.31 -15.77 24.06
C ARG L 419 47.88 -14.60 23.19
N GLY L 420 48.35 -13.41 23.54
CA GLY L 420 48.15 -12.20 22.76
C GLY L 420 46.79 -11.52 22.94
N VAL L 421 45.93 -12.06 23.81
CA VAL L 421 44.59 -11.52 24.01
C VAL L 421 44.50 -10.70 25.29
N GLU L 422 43.92 -9.51 25.21
CA GLU L 422 43.61 -8.69 26.38
C GLU L 422 42.10 -8.52 26.49
N THR L 423 41.62 -8.44 27.71
CA THR L 423 40.20 -8.22 27.95
C THR L 423 39.88 -6.73 27.98
N ILE L 424 38.79 -6.38 27.31
CA ILE L 424 38.18 -5.07 27.42
C ILE L 424 36.71 -5.27 27.80
N PRO L 425 36.33 -4.93 29.03
CA PRO L 425 34.90 -5.11 29.41
C PRO L 425 34.03 -4.15 28.60
N PHE L 426 32.92 -4.69 28.07
CA PHE L 426 32.14 -3.99 27.07
C PHE L 426 30.83 -4.73 26.86
N ASP L 427 29.73 -3.98 26.79
CA ASP L 427 28.40 -4.53 26.58
C ASP L 427 27.75 -3.88 25.38
N PRO L 428 27.87 -4.52 24.19
CA PRO L 428 27.30 -3.89 23.01
C PRO L 428 25.76 -3.84 23.02
N ALA L 429 25.10 -4.87 23.61
CA ALA L 429 23.63 -4.95 23.61
C ALA L 429 22.98 -3.74 24.34
N ALA L 430 23.68 -3.17 25.33
CA ALA L 430 23.17 -2.04 26.06
C ALA L 430 23.53 -0.70 25.42
N LEU L 431 23.75 -0.67 24.11
CA LEU L 431 24.04 0.56 23.40
C LEU L 431 23.18 0.68 22.15
N PRO L 432 22.95 1.92 21.68
CA PRO L 432 22.30 2.06 20.36
C PRO L 432 23.18 1.47 19.25
N ALA L 433 22.63 0.48 18.54
CA ALA L 433 23.38 -0.27 17.52
C ALA L 433 24.35 0.57 16.68
N GLU L 434 23.92 1.73 16.22
CA GLU L 434 24.77 2.56 15.34
C GLU L 434 25.97 3.17 16.04
N LYS L 435 25.99 3.16 17.37
CA LYS L 435 27.09 3.77 18.15
C LYS L 435 28.13 2.76 18.67
N VAL L 436 27.88 1.45 18.49
CA VAL L 436 28.76 0.40 18.99
C VAL L 436 30.20 0.53 18.47
N SER L 437 30.38 0.66 17.16
CA SER L 437 31.71 0.73 16.59
C SER L 437 32.56 1.82 17.23
N GLN L 438 32.05 3.03 17.29
CA GLN L 438 32.86 4.13 17.85
C GLN L 438 33.03 3.98 19.34
N ALA L 439 32.09 3.32 19.99
CA ALA L 439 32.20 3.05 21.43
C ALA L 439 33.39 2.11 21.70
N ALA L 440 33.46 1.03 20.92
CA ALA L 440 34.58 0.10 21.00
C ALA L 440 35.91 0.79 20.67
N VAL L 441 35.95 1.59 19.63
CA VAL L 441 37.18 2.30 19.31
C VAL L 441 37.56 3.27 20.42
N ASP L 442 36.57 3.82 21.12
CA ASP L 442 36.86 4.75 22.23
C ASP L 442 37.66 4.07 23.34
N GLU L 443 37.26 2.84 23.68
CA GLU L 443 37.96 2.06 24.69
C GLU L 443 39.47 1.93 24.40
N LEU L 444 39.85 1.79 23.13
CA LEU L 444 41.26 1.73 22.79
C LEU L 444 41.92 3.11 22.79
N LEU L 445 41.18 4.13 22.38
CA LEU L 445 41.68 5.50 22.46
C LEU L 445 41.95 5.94 23.88
N LYS L 446 41.04 5.61 24.79
CA LYS L 446 41.23 5.88 26.25
C LYS L 446 42.58 5.33 26.70
N ARG L 447 42.89 4.11 26.31
CA ARG L 447 44.07 3.42 26.80
C ARG L 447 45.33 3.75 26.02
N GLY L 448 45.22 4.58 24.99
CA GLY L 448 46.39 5.00 24.23
C GLY L 448 46.96 3.92 23.33
N VAL L 449 46.20 2.84 23.05
CA VAL L 449 46.65 1.76 22.19
C VAL L 449 46.62 2.17 20.71
N VAL L 450 45.64 2.98 20.34
CA VAL L 450 45.51 3.44 18.98
C VAL L 450 45.24 4.94 18.97
N THR L 451 45.63 5.61 17.90
CA THR L 451 45.43 7.05 17.75
C THR L 451 44.76 7.34 16.41
N LYS L 452 44.39 8.60 16.20
CA LYS L 452 43.77 9.01 14.95
C LYS L 452 44.75 8.71 13.81
N GLY L 453 44.25 8.07 12.76
CA GLY L 453 45.08 7.67 11.61
C GLY L 453 45.39 6.18 11.54
N ASP L 454 45.41 5.52 12.69
CA ASP L 454 45.55 4.08 12.72
C ASP L 454 44.27 3.40 12.23
N TRP L 455 44.44 2.16 11.78
CA TRP L 455 43.32 1.31 11.37
C TRP L 455 43.09 0.19 12.36
N VAL L 456 41.91 -0.42 12.30
CA VAL L 456 41.53 -1.42 13.27
C VAL L 456 40.59 -2.41 12.62
N ILE L 457 40.55 -3.64 13.12
CA ILE L 457 39.61 -4.64 12.64
C ILE L 457 38.57 -4.85 13.72
N LEU L 458 37.30 -4.89 13.33
CA LEU L 458 36.24 -5.23 14.25
C LEU L 458 35.54 -6.45 13.74
N THR L 459 35.29 -7.42 14.62
CA THR L 459 34.51 -8.60 14.26
C THR L 459 33.31 -8.71 15.18
N LYS L 460 32.23 -9.22 14.63
CA LYS L 460 30.99 -9.39 15.37
C LYS L 460 30.06 -10.29 14.59
N GLY L 461 28.89 -10.51 15.17
CA GLY L 461 27.78 -11.21 14.50
C GLY L 461 26.61 -10.25 14.33
N ASP L 462 25.45 -10.78 14.03
CA ASP L 462 24.27 -9.96 13.71
C ASP L 462 23.57 -9.54 15.00
N SER L 463 23.26 -10.49 15.91
CA SER L 463 22.69 -10.11 17.20
C SER L 463 23.81 -9.94 18.22
N TYR L 464 23.46 -9.35 19.37
CA TYR L 464 24.41 -9.24 20.48
C TYR L 464 23.96 -10.05 21.69
N THR L 465 23.18 -11.11 21.46
CA THR L 465 22.62 -11.93 22.54
C THR L 465 23.07 -13.39 22.51
N ALA L 466 23.03 -14.02 21.32
CA ALA L 466 23.42 -15.43 21.18
C ALA L 466 24.94 -15.54 21.04
N GLN L 467 25.44 -16.76 21.21
CA GLN L 467 26.86 -17.07 21.07
C GLN L 467 27.05 -17.99 19.86
N GLY L 468 28.26 -17.99 19.29
CA GLY L 468 28.57 -18.81 18.13
C GLY L 468 28.15 -18.24 16.77
N GLY L 469 27.81 -16.94 16.70
CA GLY L 469 27.41 -16.35 15.43
C GLY L 469 28.31 -15.26 14.89
N THR L 470 29.62 -15.26 15.19
CA THR L 470 30.51 -14.25 14.56
C THR L 470 30.48 -14.49 13.05
N ASN L 471 30.17 -13.45 12.28
CA ASN L 471 30.11 -13.58 10.83
C ASN L 471 30.50 -12.33 10.06
N THR L 472 31.14 -11.36 10.69
CA THR L 472 31.38 -10.09 10.04
C THR L 472 32.76 -9.59 10.39
N MET L 473 33.46 -8.99 9.44
CA MET L 473 34.76 -8.40 9.68
C MET L 473 34.73 -7.04 9.04
N LYS L 474 35.08 -6.00 9.80
CA LYS L 474 35.12 -4.64 9.29
C LYS L 474 36.49 -4.08 9.51
N VAL L 475 36.94 -3.25 8.59
CA VAL L 475 38.22 -2.56 8.72
C VAL L 475 37.92 -1.07 8.81
N LEU L 476 38.26 -0.46 9.95
CA LEU L 476 37.82 0.88 10.28
C LEU L 476 39.01 1.79 10.48
N HIS L 477 38.86 3.05 10.05
CA HIS L 477 39.91 4.06 10.15
C HIS L 477 39.60 4.93 11.36
N VAL L 478 40.51 4.95 12.33
CA VAL L 478 40.30 5.68 13.57
C VAL L 478 40.40 7.17 13.27
N GLY L 479 39.29 7.86 13.47
CA GLY L 479 39.12 9.25 13.03
C GLY L 479 37.91 9.45 12.16
N ASP L 480 37.52 8.45 11.39
CA ASP L 480 36.34 8.56 10.53
C ASP L 480 35.05 8.46 11.34
N LEU L 481 33.95 8.80 10.69
CA LEU L 481 32.62 8.60 11.27
C LEU L 481 32.25 7.13 11.10
N LEU L 482 32.16 6.40 12.20
CA LEU L 482 31.94 4.96 12.13
C LEU L 482 30.47 4.66 12.34
N VAL L 483 29.89 3.88 11.44
CA VAL L 483 28.50 3.45 11.61
C VAL L 483 28.55 2.28 12.62
C1 G6P M . -58.30 14.26 34.16
C2 G6P M . -59.49 13.72 33.40
C3 G6P M . -59.13 12.25 33.20
C4 G6P M . -58.32 11.63 34.31
C5 G6P M . -58.73 12.39 35.56
C6 G6P M . -58.17 11.71 36.80
O1 G6P M . -58.43 15.67 33.99
O2 G6P M . -60.75 13.96 34.06
O3 G6P M . -58.29 12.33 32.07
O4 G6P M . -58.47 10.19 34.36
O5 G6P M . -58.32 13.75 35.49
O6 G6P M . -57.90 12.58 37.88
P G6P M . -57.45 11.97 39.35
O1P G6P M . -58.70 11.77 40.16
O2P G6P M . -56.64 13.23 39.56
O3P G6P M . -56.81 10.55 39.30
MG MG N . -56.21 14.76 71.14
C1 MLI O . -55.33 17.19 69.15
C2 MLI O . -54.48 16.77 70.35
C3 MLI O . -56.80 16.96 69.37
O6 MLI O . -54.79 15.80 71.08
O7 MLI O . -53.44 17.40 70.56
O8 MLI O . -57.13 15.79 69.66
O9 MLI O . -57.58 17.94 69.31
C1 G6P P . -37.52 3.33 -13.66
C2 G6P P . -38.84 3.95 -13.83
C3 G6P P . -39.85 2.86 -13.56
C4 G6P P . -39.84 1.91 -14.72
C5 G6P P . -38.44 1.37 -14.80
C6 G6P P . -38.17 0.62 -16.13
O1 G6P P . -37.46 2.84 -12.31
O2 G6P P . -38.87 4.97 -12.85
O3 G6P P . -41.08 3.50 -13.35
O4 G6P P . -40.72 0.77 -14.57
O5 G6P P . -37.52 2.43 -14.76
O6 G6P P . -36.78 0.33 -16.36
P G6P P . -36.28 -0.55 -17.61
O1P G6P P . -35.31 -1.47 -16.93
O2P G6P P . -35.73 0.58 -18.43
O3P G6P P . -37.43 -1.28 -18.22
MG MG Q . -12.88 -15.79 -32.68
C1 GOL R . -31.53 -7.60 -24.69
O1 GOL R . -31.56 -8.99 -24.93
C2 GOL R . -32.97 -7.15 -24.35
O2 GOL R . -33.77 -7.22 -25.54
C3 GOL R . -33.68 -7.96 -23.26
O3 GOL R . -33.25 -7.49 -21.97
C1 MLI S . -12.72 -12.58 -32.63
C2 MLI S . -11.90 -13.21 -31.53
C3 MLI S . -12.42 -13.09 -34.02
O6 MLI S . -12.40 -14.29 -31.08
O7 MLI S . -10.85 -12.58 -31.12
O8 MLI S . -12.32 -14.33 -34.28
O9 MLI S . -12.41 -12.19 -34.87
C1 G6P T . 81.82 -45.75 -18.12
C2 G6P T . 82.64 -46.98 -18.20
C3 G6P T . 82.15 -47.81 -17.01
C4 G6P T . 80.70 -47.60 -16.64
C5 G6P T . 79.90 -47.19 -17.87
C6 G6P T . 78.47 -46.81 -17.46
O1 G6P T . 82.54 -44.87 -18.97
O2 G6P T . 82.50 -47.60 -19.51
O3 G6P T . 82.95 -47.50 -15.87
O4 G6P T . 80.26 -48.85 -16.11
O5 G6P T . 80.52 -46.12 -18.60
O6 G6P T . 77.56 -47.16 -18.50
P G6P T . 76.00 -46.67 -18.48
O1P G6P T . 76.19 -45.18 -18.16
O2P G6P T . 75.50 -46.87 -19.88
O3P G6P T . 75.41 -47.62 -17.44
MG MG U . 48.26 -42.10 -34.12
C1 MLI V . 50.61 -39.26 -33.21
C2 MLI V . 50.87 -39.90 -34.53
C3 MLI V . 49.17 -38.90 -33.01
O6 MLI V . 50.45 -41.05 -34.63
O7 MLI V . 51.49 -39.27 -35.44
O8 MLI V . 48.37 -39.90 -33.10
O9 MLI V . 48.92 -37.67 -32.74
C1 G6P W . -54.54 20.74 -19.43
C2 G6P W . -53.18 20.49 -18.90
C3 G6P W . -52.59 21.82 -18.49
C4 G6P W . -52.22 22.58 -19.73
C5 G6P W . -53.50 22.68 -20.57
C6 G6P W . -53.11 23.13 -21.98
O1 G6P W . -55.33 21.43 -18.40
O2 G6P W . -53.27 19.70 -17.73
O3 G6P W . -51.48 21.63 -17.65
O4 G6P W . -51.56 23.86 -19.41
O5 G6P W . -54.19 21.43 -20.65
O6 G6P W . -54.20 23.43 -22.80
P G6P W . -53.96 23.88 -24.31
O1P G6P W . -55.18 24.76 -24.54
O2P G6P W . -52.68 24.71 -24.38
O3P G6P W . -53.89 22.57 -25.03
MG MG X . -67.46 35.53 -50.73
C1 GOL Y . -52.90 29.38 -31.83
O1 GOL Y . -54.23 29.53 -31.30
C2 GOL Y . -53.12 28.53 -33.10
O2 GOL Y . -52.09 28.70 -34.07
C3 GOL Y . -54.43 28.85 -33.84
O3 GOL Y . -54.65 30.25 -33.80
C1 MLI Z . -67.74 32.04 -50.19
C2 MLI Z . -67.50 32.44 -51.60
C3 MLI Z . -68.57 32.95 -49.37
O6 MLI Z . -67.49 31.45 -52.32
O7 MLI Z . -67.23 33.64 -51.93
O8 MLI Z . -69.53 32.37 -48.83
O9 MLI Z . -68.24 34.16 -49.26
C1 G6P AA . -42.27 16.23 15.31
C2 G6P AA . -43.13 16.69 16.43
C3 G6P AA . -43.46 18.14 16.14
C4 G6P AA . -42.29 18.91 16.66
C5 G6P AA . -41.09 18.39 15.90
C6 G6P AA . -39.93 17.95 16.79
O1 G6P AA . -43.10 15.74 14.19
O2 G6P AA . -44.28 15.92 16.37
O3 G6P AA . -44.67 18.56 16.69
O4 G6P AA . -42.43 20.31 16.42
O5 G6P AA . -41.49 17.36 14.95
O6 G6P AA . -38.76 18.02 16.01
P G6P AA . -37.38 18.49 16.62
O1P G6P AA . -36.37 18.39 15.51
O2P G6P AA . -37.61 19.92 17.00
O3P G6P AA . -37.17 17.43 17.67
MG MG BA . -5.34 15.65 13.13
C1 GOL CA . -27.34 21.19 16.89
O1 GOL CA . -26.29 21.71 17.67
C2 GOL CA . -28.70 21.29 17.57
O2 GOL CA . -28.70 22.19 18.69
C3 GOL CA . -29.76 21.66 16.53
O3 GOL CA . -29.46 22.94 15.99
C1 MLI DA . -7.59 13.15 14.65
C2 MLI DA . -6.28 13.26 15.38
C3 MLI DA . -7.39 13.24 13.18
O6 MLI DA . -6.13 12.48 16.35
O7 MLI DA . -5.42 14.12 15.01
O8 MLI DA . -7.63 12.20 12.54
O9 MLI DA . -6.99 14.34 12.71
C1 G6P EA . -18.11 9.22 -81.71
C2 G6P EA . -18.79 10.03 -82.80
C3 G6P EA . -18.21 11.42 -83.03
C4 G6P EA . -17.95 11.87 -81.61
C5 G6P EA . -16.83 11.02 -81.01
C6 G6P EA . -16.97 10.94 -79.49
O1 G6P EA . -18.03 7.85 -82.07
O2 G6P EA . -18.81 9.26 -84.00
O3 G6P EA . -19.12 12.33 -83.66
O4 G6P EA . -17.70 13.29 -81.66
O5 G6P EA . -16.79 9.69 -81.51
O6 G6P EA . -16.10 11.89 -78.92
P G6P EA . -15.94 11.92 -77.33
O1P G6P EA . -16.48 13.32 -76.99
O2P G6P EA . -14.45 11.81 -77.10
O3P G6P EA . -16.77 10.71 -76.90
MG MG FA . 2.15 13.01 -50.57
C1 MLI GA . -0.05 10.64 -51.54
C2 MLI GA . 1.23 10.78 -52.27
C3 MLI GA . 0.02 11.02 -50.08
O6 MLI GA . 1.35 9.96 -53.21
O7 MLI GA . 2.05 11.67 -51.94
O8 MLI GA . -0.66 10.31 -49.31
O9 MLI GA . 0.70 12.01 -49.74
C1 G6P HA . -2.76 24.02 77.47
C2 G6P HA . -1.81 23.14 76.74
C3 G6P HA . -0.77 24.10 76.20
C4 G6P HA . -1.43 25.07 75.25
C5 G6P HA . -2.73 25.68 75.73
C6 G6P HA . -3.55 26.18 74.55
O1 G6P HA . -1.98 24.84 78.37
O2 G6P HA . -1.30 22.19 77.65
O3 G6P HA . 0.21 23.38 75.51
O4 G6P HA . -0.58 26.19 74.98
O5 G6P HA . -3.48 24.72 76.44
O6 G6P HA . -4.26 27.38 74.87
P G6P HA . -5.75 27.62 74.28
O1P G6P HA . -6.28 28.76 75.11
O2P G6P HA . -5.40 28.04 72.87
O3P G6P HA . -6.45 26.29 74.53
MG MG IA . -33.23 44.16 73.63
C1 MLI JA . -33.42 40.54 74.20
C2 MLI JA . -32.95 41.56 75.19
C3 MLI JA . -34.47 40.94 73.19
O6 MLI JA . -32.73 41.10 76.30
O7 MLI JA . -32.75 42.75 74.87
O8 MLI JA . -34.96 39.97 72.57
O9 MLI JA . -34.82 42.13 72.95
C1 G6P KA . 6.56 4.45 65.88
C2 G6P KA . 7.31 3.76 66.96
C3 G6P KA . 6.24 3.06 67.78
C4 G6P KA . 5.09 2.56 66.95
C5 G6P KA . 5.50 2.31 65.51
C6 G6P KA . 4.29 1.92 64.65
O1 G6P KA . 7.58 5.26 65.35
O2 G6P KA . 8.28 2.90 66.33
O3 G6P KA . 5.72 4.01 68.70
O4 G6P KA . 4.65 1.36 67.55
O5 G6P KA . 6.08 3.48 64.95
O6 G6P KA . 4.63 0.77 63.87
P G6P KA . 3.66 0.30 62.67
O1P G6P KA . 4.32 -0.79 61.90
O2P G6P KA . 3.52 1.59 61.87
O3P G6P KA . 2.47 -0.25 63.42
MG MG LA . -0.59 -15.19 35.00
C1 MLI MA . -0.28 -11.54 34.94
C2 MLI MA . 0.98 -12.38 34.88
C3 MLI MA . -1.39 -11.82 33.92
O6 MLI MA . 0.93 -13.62 34.89
O7 MLI MA . 2.07 -11.75 34.85
O8 MLI MA . -1.78 -13.01 33.67
O9 MLI MA . -1.90 -10.80 33.41
C1 G6P NA . 93.49 -36.79 1.77
C2 G6P NA . 93.09 -37.15 0.36
C3 G6P NA . 93.92 -36.21 -0.50
C4 G6P NA . 93.40 -34.80 -0.29
C5 G6P NA . 93.52 -34.42 1.17
C6 G6P NA . 92.78 -33.10 1.45
O1 G6P NA . 94.92 -37.04 1.88
O2 G6P NA . 93.37 -38.54 0.22
O3 G6P NA . 93.84 -36.54 -1.87
O4 G6P NA . 94.06 -33.82 -1.10
O5 G6P NA . 92.98 -35.46 1.96
O6 G6P NA . 92.52 -32.86 2.85
P G6P NA . 91.69 -31.55 3.40
O1P G6P NA . 91.37 -30.67 2.23
O2P G6P NA . 92.62 -30.75 4.27
O3P G6P NA . 90.59 -32.26 4.09
MG MG OA . 83.37 -15.28 29.74
C1 MLI PA . 81.86 -18.29 28.95
C2 MLI PA . 83.21 -18.27 29.63
C3 MLI PA . 80.80 -17.27 29.42
O6 MLI PA . 83.41 -19.08 30.57
O7 MLI PA . 84.07 -17.46 29.24
O8 MLI PA . 79.63 -17.71 29.63
O9 MLI PA . 81.13 -16.03 29.55
C1 G6P QA . -40.68 3.93 -87.70
C2 G6P QA . -39.48 3.04 -87.57
C3 G6P QA . -39.89 1.59 -87.60
C4 G6P QA . -40.77 1.40 -86.42
C5 G6P QA . -41.84 2.45 -86.27
C6 G6P QA . -42.42 2.40 -84.88
O1 G6P QA . -41.43 3.56 -88.87
O2 G6P QA . -38.62 3.27 -88.65
O3 G6P QA . -38.75 0.77 -87.47
O4 G6P QA . -41.41 0.15 -86.55
O5 G6P QA . -41.38 3.77 -86.49
O6 G6P QA . -43.61 1.64 -84.98
P G6P QA . -44.52 1.52 -83.69
O1P G6P QA . -45.89 1.37 -84.27
O2P G6P QA . -44.25 2.84 -83.06
O3P G6P QA . -43.95 0.28 -82.99
MG MG RA . -72.98 2.86 -68.95
C1 MLI SA . -70.98 5.20 -69.07
C2 MLI SA . -71.56 5.34 -67.65
C3 MLI SA . -71.97 5.41 -70.24
O6 MLI SA . -72.70 4.88 -67.37
O7 MLI SA . -70.88 5.91 -66.77
O8 MLI SA . -73.04 4.72 -70.30
O9 MLI SA . -71.63 6.25 -71.11
C1 G6P TA . 29.14 -0.28 -3.09
C2 G6P TA . 29.19 -0.38 -1.60
C3 G6P TA . 29.72 0.92 -1.10
C4 G6P TA . 31.14 1.10 -1.56
C5 G6P TA . 31.28 0.88 -3.06
C6 G6P TA . 32.77 0.69 -3.40
O1 G6P TA . 28.30 0.86 -3.39
O2 G6P TA . 27.87 -0.55 -1.20
O3 G6P TA . 29.69 0.87 0.30
O4 G6P TA . 31.64 2.41 -1.30
O5 G6P TA . 30.53 -0.24 -3.48
O6 G6P TA . 33.00 0.93 -4.78
P G6P TA . 34.28 0.36 -5.58
O1P G6P TA . 33.93 0.57 -7.05
O2P G6P TA . 35.36 1.33 -5.06
O3P G6P TA . 34.24 -1.11 -5.18
MG MG UA . 49.15 -4.28 -33.66
C1 MLI VA . 47.80 -6.44 -31.84
C2 MLI VA . 49.00 -7.01 -32.56
C3 MLI VA . 46.77 -5.68 -32.65
O6 MLI VA . 49.23 -8.25 -32.46
O7 MLI VA . 49.73 -6.20 -33.19
O8 MLI VA . 45.66 -6.26 -32.73
O9 MLI VA . 47.02 -4.53 -33.14
C1 G6P WA . 29.22 -11.04 19.82
C2 G6P WA . 28.58 -11.08 18.46
C3 G6P WA . 27.64 -12.28 18.37
C4 G6P WA . 28.50 -13.53 18.39
C5 G6P WA . 29.36 -13.48 19.67
C6 G6P WA . 30.54 -14.39 19.63
O1 G6P WA . 28.27 -11.14 20.88
O2 G6P WA . 27.95 -9.82 18.23
O3 G6P WA . 26.79 -12.30 17.21
O4 G6P WA . 27.68 -14.73 18.22
O5 G6P WA . 30.01 -12.21 19.88
O6 G6P WA . 30.53 -15.38 20.63
P G6P WA . 31.69 -16.47 20.44
O1P G6P WA . 32.89 -15.55 20.58
O2P G6P WA . 31.40 -17.05 19.08
O3P G6P WA . 31.48 -17.52 21.47
MG MG XA . 51.50 -34.06 38.69
C1 MLI YA . 52.71 -31.11 37.04
C2 MLI YA . 54.03 -31.87 36.83
C3 MLI YA . 52.37 -30.74 38.48
O6 MLI YA . 54.31 -32.79 37.63
O7 MLI YA . 54.79 -31.56 35.87
O8 MLI YA . 51.77 -31.66 39.10
O9 MLI YA . 52.66 -29.58 38.95
#